data_6H5I
#
_entry.id   6H5I
#
_cell.length_a   1.0
_cell.length_b   1.0
_cell.length_c   1.0
_cell.angle_alpha   90.00
_cell.angle_beta   90.00
_cell.angle_gamma   90.00
#
_symmetry.space_group_name_H-M   'P 1'
#
loop_
_entity.id
_entity.type
_entity.pdbx_description
1 polymer 'Ferritin heavy chain'
2 polymer 'Transferrin receptor protein 1'
#
loop_
_entity_poly.entity_id
_entity_poly.type
_entity_poly.pdbx_seq_one_letter_code
_entity_poly.pdbx_strand_id
1 'polypeptide(L)'
;TSQVRQNYHQDSEAAINRQINLELYASYVYLSMSYYFDRDDVALKNFAKYFLHQSHEEREHAEKLMKLQNQRGGRIFLQD
IKKPDCDDWESGLNAMECALHLEKNVNQSLLELHKLATDKNDPHLCDFIETHYLNEQVKAIKELGDHVTNLRKMGAPESG
LAEYLFDKHTLG
;
Aa,Ac,Ad,Ae,Af,Ag,Ah,Ai,Aj,Ak,Al,Am,An,Ao,Ap,Ar,As,At,Au,Av,Aw,Ax,Ay,Az
2 'polypeptide(L)'
;RLYWDDLKRKLSEKLDSTDFTSTIKLLNENSYVPREAGSQKDENLALYVENQFREFKLSKVWRDQHFVKIQVKDSAQNSV
IIVDKNGRLVYLVENPGGYVAYSKAATVTGKLVHANFGTKKDFEDLYTPVNGSIVIVRAGKITFAEKVANAESLNAIGVL
IYMDQTKFPIVNAELSFFGHAHLGTGDPYTPGFPSFNHTQFPPSRSSGLPNIPVQTISRAAAEKLFGNMEGDCPSDWKTD
STCRMVTSESKNVKLTVSNVLKEIKILNIFGVIKGFVEPDHYVVVGAQRDAWGPGAAKSGVGTALLLKLAQMFSDMVLKD
GFQPSRSIIFASWSAGDFGSVGATEWLEGYLSSLHLKAFTYINLDKAVLGTSNFKVSASPLLYTLIEKTMQNVKHPVTGQ
FLYQDSNWASKVEKLTLDNAAFPFLAYSGIPAVSFCFCEDTDYPYLGTTMDTYKELIERIPELNKVARAAAEVAGQFVIK
LTHDVELNLDYERYNSQLLSFVRDLNQYRADIKEMGLSLQWLYSARGDFFRATSRLTTDFGNAEKTDRFVMKKLNDRVMR
VEYHFLSPYVSPKESPFRHVFWGSGSHTLPALLENLKLRKQNNGAFNETLFRNQLALATWTIQGAANALSGDVWDIDNEF
;
Ab,Aq
#
# COMPACT_ATOMS: atom_id res chain seq x y z
N THR A 1 71.40 -9.44 -7.79
CA THR A 1 70.66 -10.52 -8.42
C THR A 1 69.20 -10.50 -8.03
N SER A 2 68.39 -11.21 -8.80
CA SER A 2 67.00 -11.41 -8.44
C SER A 2 66.82 -12.73 -7.71
N GLN A 3 65.63 -12.94 -7.16
CA GLN A 3 65.35 -14.11 -6.34
C GLN A 3 64.68 -15.23 -7.12
N VAL A 4 64.30 -15.01 -8.37
CA VAL A 4 63.59 -16.00 -9.16
C VAL A 4 64.36 -16.42 -10.39
N ARG A 5 65.54 -15.84 -10.63
CA ARG A 5 66.26 -16.10 -11.86
C ARG A 5 66.99 -17.43 -11.79
N GLN A 6 66.54 -18.37 -12.62
CA GLN A 6 67.12 -19.71 -12.64
C GLN A 6 67.24 -20.16 -14.09
N ASN A 7 68.47 -20.44 -14.53
CA ASN A 7 68.78 -20.92 -15.87
C ASN A 7 68.27 -19.97 -16.95
N TYR A 8 68.63 -18.70 -16.83
CA TYR A 8 68.20 -17.67 -17.76
C TYR A 8 69.40 -16.80 -18.11
N HIS A 9 70.03 -17.10 -19.24
CA HIS A 9 71.29 -16.45 -19.62
C HIS A 9 71.04 -15.05 -20.17
N GLN A 10 72.04 -14.17 -20.00
CA GLN A 10 71.89 -12.75 -20.28
C GLN A 10 71.74 -12.44 -21.78
N ASP A 11 72.37 -13.26 -22.63
CA ASP A 11 72.24 -13.08 -24.08
C ASP A 11 70.79 -13.24 -24.53
N SER A 12 70.06 -14.15 -23.88
CA SER A 12 68.63 -14.26 -24.13
C SER A 12 67.89 -13.01 -23.72
N GLU A 13 68.32 -12.35 -22.64
CA GLU A 13 67.66 -11.12 -22.20
C GLU A 13 67.86 -10.00 -23.19
N ALA A 14 69.08 -9.88 -23.74
CA ALA A 14 69.31 -8.87 -24.78
C ALA A 14 68.57 -9.22 -26.07
N ALA A 15 68.42 -10.50 -26.38
CA ALA A 15 67.68 -10.90 -27.58
C ALA A 15 66.19 -10.57 -27.43
N ILE A 16 65.63 -10.82 -26.25
CA ILE A 16 64.23 -10.46 -26.01
C ILE A 16 64.05 -8.95 -26.04
N ASN A 17 65.05 -8.17 -25.58
CA ASN A 17 64.90 -6.71 -25.66
C ASN A 17 64.95 -6.21 -27.09
N ARG A 18 65.81 -6.82 -27.93
CA ARG A 18 65.79 -6.48 -29.35
C ARG A 18 64.47 -6.86 -30.00
N GLN A 19 63.89 -8.00 -29.61
CA GLN A 19 62.62 -8.40 -30.20
C GLN A 19 61.48 -7.51 -29.72
N ILE A 20 61.57 -6.97 -28.51
CA ILE A 20 60.60 -6.00 -28.02
C ILE A 20 60.65 -4.73 -28.86
N ASN A 21 61.87 -4.25 -29.12
CA ASN A 21 62.03 -3.06 -29.98
C ASN A 21 61.49 -3.32 -31.38
N LEU A 22 61.69 -4.54 -31.90
CA LEU A 22 61.20 -4.87 -33.24
C LEU A 22 59.68 -4.90 -33.30
N GLU A 23 59.03 -5.52 -32.30
CA GLU A 23 57.58 -5.59 -32.30
C GLU A 23 56.95 -4.21 -32.15
N LEU A 24 57.55 -3.35 -31.33
CA LEU A 24 57.02 -1.99 -31.19
C LEU A 24 57.21 -1.19 -32.48
N TYR A 25 58.35 -1.36 -33.14
CA TYR A 25 58.58 -0.74 -34.44
C TYR A 25 57.58 -1.23 -35.48
N ALA A 26 57.22 -2.51 -35.42
CA ALA A 26 56.26 -3.07 -36.37
C ALA A 26 54.87 -2.47 -36.17
N SER A 27 54.43 -2.36 -34.91
CA SER A 27 53.12 -1.76 -34.67
C SER A 27 53.12 -0.27 -35.02
N TYR A 28 54.26 0.40 -34.88
CA TYR A 28 54.33 1.81 -35.24
C TYR A 28 54.24 2.00 -36.75
N VAL A 29 54.89 1.13 -37.50
CA VAL A 29 54.79 1.15 -38.97
C VAL A 29 53.36 0.86 -39.41
N TYR A 30 52.69 -0.09 -38.75
CA TYR A 30 51.31 -0.38 -39.14
C TYR A 30 50.37 0.76 -38.79
N LEU A 31 50.63 1.49 -37.69
CA LEU A 31 49.84 2.68 -37.41
C LEU A 31 50.04 3.75 -38.48
N SER A 32 51.28 3.90 -38.95
CA SER A 32 51.57 4.82 -40.06
C SER A 32 50.81 4.44 -41.32
N MET A 33 50.82 3.14 -41.66
CA MET A 33 50.10 2.68 -42.84
C MET A 33 48.59 2.82 -42.66
N SER A 34 48.09 2.63 -41.44
CA SER A 34 46.65 2.70 -41.23
C SER A 34 46.14 4.12 -41.33
N TYR A 35 46.85 5.08 -40.76
CA TYR A 35 46.46 6.47 -40.93
C TYR A 35 47.05 7.12 -42.17
N TYR A 36 47.65 6.33 -43.07
CA TYR A 36 47.89 6.81 -44.42
C TYR A 36 46.63 6.78 -45.26
N PHE A 37 45.90 5.67 -45.22
CA PHE A 37 44.77 5.47 -46.12
C PHE A 37 43.50 6.17 -45.66
N ASP A 38 43.55 6.90 -44.55
CA ASP A 38 42.38 7.67 -44.12
C ASP A 38 42.36 9.06 -44.72
N ARG A 39 43.41 9.44 -45.44
CA ARG A 39 43.48 10.71 -46.15
C ARG A 39 42.40 10.82 -47.22
N ASP A 40 42.18 12.05 -47.67
CA ASP A 40 41.08 12.30 -48.61
C ASP A 40 41.41 11.81 -50.01
N ASP A 41 42.69 11.77 -50.37
CA ASP A 41 43.08 11.40 -51.73
C ASP A 41 43.26 9.90 -51.91
N VAL A 42 42.82 9.08 -50.95
CA VAL A 42 42.86 7.64 -51.12
C VAL A 42 41.47 7.05 -50.93
N ALA A 43 40.92 7.23 -49.72
CA ALA A 43 39.57 6.80 -49.33
C ALA A 43 39.37 5.30 -49.52
N LEU A 44 40.13 4.51 -48.75
CA LEU A 44 39.99 3.06 -48.70
C LEU A 44 39.92 2.69 -47.22
N LYS A 45 38.69 2.66 -46.68
CA LYS A 45 38.54 2.67 -45.23
C LYS A 45 38.83 1.31 -44.58
N ASN A 46 38.53 0.21 -45.29
CA ASN A 46 38.78 -1.09 -44.69
C ASN A 46 40.28 -1.41 -44.64
N PHE A 47 41.09 -0.78 -45.49
CA PHE A 47 42.53 -0.88 -45.34
C PHE A 47 42.99 -0.25 -44.02
N ALA A 48 42.44 0.91 -43.69
CA ALA A 48 42.76 1.56 -42.42
C ALA A 48 42.31 0.71 -41.24
N LYS A 49 41.11 0.13 -41.34
CA LYS A 49 40.60 -0.71 -40.26
C LYS A 49 41.45 -1.98 -40.11
N TYR A 50 41.86 -2.57 -41.22
CA TYR A 50 42.66 -3.79 -41.21
C TYR A 50 44.03 -3.54 -40.60
N PHE A 51 44.73 -2.50 -41.07
CA PHE A 51 46.04 -2.20 -40.51
C PHE A 51 45.97 -1.72 -39.08
N LEU A 52 44.86 -1.09 -38.68
CA LEU A 52 44.75 -0.63 -37.30
C LEU A 52 44.55 -1.80 -36.35
N HIS A 53 43.70 -2.75 -36.74
CA HIS A 53 43.54 -3.99 -35.98
C HIS A 53 44.84 -4.78 -35.92
N GLN A 54 45.58 -4.78 -37.03
CA GLN A 54 46.85 -5.49 -37.04
C GLN A 54 47.89 -4.81 -36.15
N SER A 55 47.84 -3.48 -36.06
CA SER A 55 48.77 -2.77 -35.19
C SER A 55 48.45 -3.03 -33.73
N HIS A 56 47.17 -3.16 -33.40
CA HIS A 56 46.81 -3.53 -32.03
C HIS A 56 47.27 -4.95 -31.70
N GLU A 57 47.20 -5.85 -32.68
CA GLU A 57 47.71 -7.21 -32.43
C GLU A 57 49.22 -7.23 -32.26
N GLU A 58 49.94 -6.37 -32.98
CA GLU A 58 51.39 -6.30 -32.82
C GLU A 58 51.75 -5.68 -31.46
N ARG A 59 50.98 -4.69 -31.02
CA ARG A 59 51.18 -4.12 -29.69
C ARG A 59 50.95 -5.17 -28.60
N GLU A 60 49.95 -6.03 -28.79
CA GLU A 60 49.71 -7.10 -27.82
C GLU A 60 50.84 -8.13 -27.84
N HIS A 61 51.44 -8.38 -29.02
CA HIS A 61 52.60 -9.27 -29.08
C HIS A 61 53.77 -8.68 -28.31
N ALA A 62 53.97 -7.37 -28.42
CA ALA A 62 55.04 -6.72 -27.67
C ALA A 62 54.79 -6.76 -26.17
N GLU A 63 53.53 -6.58 -25.75
CA GLU A 63 53.22 -6.64 -24.33
C GLU A 63 53.35 -8.06 -23.78
N LYS A 64 53.08 -9.07 -24.61
CA LYS A 64 53.33 -10.44 -24.17
C LYS A 64 54.81 -10.72 -24.04
N LEU A 65 55.63 -10.12 -24.90
CA LEU A 65 57.08 -10.17 -24.69
C LEU A 65 57.49 -9.47 -23.39
N MET A 66 56.83 -8.37 -23.04
CA MET A 66 57.14 -7.67 -21.78
C MET A 66 56.82 -8.57 -20.59
N LYS A 67 55.70 -9.30 -20.66
CA LYS A 67 55.35 -10.20 -19.57
C LYS A 67 56.31 -11.38 -19.49
N LEU A 68 56.75 -11.88 -20.64
CA LEU A 68 57.77 -12.95 -20.66
C LEU A 68 59.08 -12.46 -20.08
N GLN A 69 59.42 -11.20 -20.30
CA GLN A 69 60.70 -10.69 -19.81
C GLN A 69 60.66 -10.46 -18.30
N ASN A 70 59.55 -9.93 -17.79
CA ASN A 70 59.42 -9.79 -16.34
C ASN A 70 59.26 -11.13 -15.64
N GLN A 71 58.77 -12.14 -16.34
CA GLN A 71 58.38 -13.37 -15.67
C GLN A 71 59.58 -14.24 -15.32
N ARG A 72 60.59 -14.29 -16.18
CA ARG A 72 61.77 -15.12 -15.91
C ARG A 72 62.81 -14.40 -15.08
N GLY A 73 62.59 -13.16 -14.70
CA GLY A 73 63.45 -12.49 -13.75
C GLY A 73 64.39 -11.47 -14.34
N GLY A 74 64.42 -11.32 -15.65
CA GLY A 74 65.26 -10.34 -16.28
C GLY A 74 64.70 -8.93 -16.15
N ARG A 75 65.42 -7.99 -16.75
CA ARG A 75 65.03 -6.60 -16.70
C ARG A 75 64.83 -6.08 -18.11
N ILE A 76 64.22 -4.91 -18.22
CA ILE A 76 63.80 -4.34 -19.49
C ILE A 76 64.59 -3.08 -19.76
N PHE A 77 65.31 -3.04 -20.86
CA PHE A 77 66.02 -1.85 -21.32
C PHE A 77 65.38 -1.39 -22.62
N LEU A 78 64.44 -0.46 -22.53
CA LEU A 78 63.74 0.00 -23.71
C LEU A 78 64.62 0.94 -24.53
N GLN A 79 64.66 0.68 -25.83
CA GLN A 79 65.40 1.48 -26.79
C GLN A 79 64.43 2.48 -27.42
N ASP A 80 64.91 3.17 -28.45
CA ASP A 80 64.07 4.11 -29.17
C ASP A 80 63.14 3.37 -30.12
N ILE A 81 62.35 4.13 -30.86
CA ILE A 81 61.54 3.59 -31.94
C ILE A 81 61.82 4.41 -33.19
N LYS A 82 62.39 3.78 -34.19
CA LYS A 82 62.72 4.49 -35.41
C LYS A 82 61.49 4.70 -36.27
N LYS A 83 61.52 5.75 -37.08
CA LYS A 83 60.42 6.09 -37.95
C LYS A 83 60.29 5.07 -39.08
N PRO A 84 59.09 4.95 -39.68
CA PRO A 84 58.88 3.92 -40.71
C PRO A 84 59.66 4.07 -42.01
N ASP A 85 59.40 3.17 -42.96
CA ASP A 85 60.28 2.99 -44.10
C ASP A 85 60.08 4.07 -45.16
N CYS A 86 58.89 4.15 -45.74
CA CYS A 86 58.67 4.98 -46.93
C CYS A 86 57.47 5.89 -46.71
N ASP A 87 57.48 7.02 -47.41
CA ASP A 87 56.49 8.06 -47.19
C ASP A 87 55.19 7.79 -47.95
N ASP A 88 55.26 7.77 -49.27
CA ASP A 88 54.07 7.62 -50.09
C ASP A 88 54.04 6.19 -50.62
N TRP A 89 53.12 5.39 -50.08
CA TRP A 89 53.01 3.99 -50.43
C TRP A 89 52.32 3.78 -51.78
N GLU A 90 51.62 4.80 -52.28
CA GLU A 90 51.25 4.99 -53.69
C GLU A 90 50.15 4.05 -54.17
N SER A 91 49.81 3.02 -53.38
CA SER A 91 48.86 2.00 -53.80
C SER A 91 48.48 1.11 -52.63
N GLY A 92 47.70 0.07 -52.91
CA GLY A 92 47.44 -0.96 -51.93
C GLY A 92 48.39 -2.12 -52.08
N LEU A 93 48.79 -2.40 -53.33
CA LEU A 93 49.68 -3.52 -53.60
C LEU A 93 51.07 -3.29 -53.02
N ASN A 94 51.56 -2.06 -53.09
CA ASN A 94 52.87 -1.76 -52.51
C ASN A 94 52.81 -1.84 -50.99
N ALA A 95 51.68 -1.43 -50.41
CA ALA A 95 51.50 -1.54 -48.96
C ALA A 95 51.47 -2.99 -48.52
N MET A 96 50.79 -3.85 -49.27
CA MET A 96 50.74 -5.26 -48.93
C MET A 96 52.11 -5.93 -49.12
N GLU A 97 52.86 -5.52 -50.14
CA GLU A 97 54.20 -6.09 -50.32
C GLU A 97 55.15 -5.67 -49.21
N CYS A 98 55.05 -4.41 -48.76
CA CYS A 98 55.92 -3.98 -47.67
C CYS A 98 55.50 -4.59 -46.35
N ALA A 99 54.20 -4.87 -46.18
CA ALA A 99 53.77 -5.60 -45.00
C ALA A 99 54.27 -7.04 -45.02
N LEU A 100 54.26 -7.67 -46.19
CA LEU A 100 54.79 -9.03 -46.33
C LEU A 100 56.29 -9.07 -46.04
N HIS A 101 57.01 -8.07 -46.54
CA HIS A 101 58.46 -8.00 -46.31
C HIS A 101 58.77 -7.77 -44.83
N LEU A 102 57.98 -6.94 -44.17
CA LEU A 102 58.17 -6.69 -42.75
C LEU A 102 57.87 -7.93 -41.92
N GLU A 103 56.80 -8.66 -42.26
CA GLU A 103 56.46 -9.87 -41.52
C GLU A 103 57.50 -10.96 -41.71
N LYS A 104 58.08 -11.06 -42.91
CA LYS A 104 59.13 -12.05 -43.09
C LYS A 104 60.43 -11.66 -42.39
N ASN A 105 60.72 -10.37 -42.26
CA ASN A 105 61.86 -9.97 -41.44
C ASN A 105 61.63 -10.29 -39.96
N VAL A 106 60.40 -10.14 -39.49
CA VAL A 106 60.08 -10.51 -38.10
C VAL A 106 60.24 -12.01 -37.92
N ASN A 107 59.84 -12.80 -38.92
CA ASN A 107 60.04 -14.25 -38.87
C ASN A 107 61.53 -14.61 -38.83
N GLN A 108 62.34 -13.87 -39.59
CA GLN A 108 63.78 -14.08 -39.57
C GLN A 108 64.38 -13.78 -38.20
N SER A 109 63.91 -12.70 -37.56
CA SER A 109 64.42 -12.37 -36.23
C SER A 109 63.98 -13.40 -35.19
N LEU A 110 62.78 -13.96 -35.36
CA LEU A 110 62.33 -14.98 -34.42
C LEU A 110 63.11 -16.28 -34.59
N LEU A 111 63.48 -16.62 -35.83
CA LEU A 111 64.31 -17.80 -36.05
C LEU A 111 65.70 -17.63 -35.44
N GLU A 112 66.26 -16.42 -35.55
CA GLU A 112 67.55 -16.15 -34.91
C GLU A 112 67.46 -16.23 -33.40
N LEU A 113 66.36 -15.72 -32.83
CA LEU A 113 66.17 -15.79 -31.39
C LEU A 113 65.97 -17.21 -30.91
N HIS A 114 65.27 -18.04 -31.70
CA HIS A 114 65.10 -19.43 -31.33
C HIS A 114 66.42 -20.19 -31.37
N LYS A 115 67.27 -19.90 -32.36
CA LYS A 115 68.55 -20.61 -32.40
C LYS A 115 69.47 -20.14 -31.27
N LEU A 116 69.42 -18.86 -30.92
CA LEU A 116 70.19 -18.36 -29.79
C LEU A 116 69.69 -18.93 -28.46
N ALA A 117 68.39 -19.18 -28.34
CA ALA A 117 67.88 -19.81 -27.13
C ALA A 117 68.22 -21.29 -27.08
N THR A 118 68.25 -21.96 -28.23
CA THR A 118 68.57 -23.39 -28.23
C THR A 118 70.05 -23.62 -27.97
N ASP A 119 70.91 -22.65 -28.33
CA ASP A 119 72.34 -22.82 -28.06
C ASP A 119 72.68 -22.76 -26.58
N LYS A 120 71.84 -22.12 -25.76
CA LYS A 120 72.13 -21.96 -24.35
C LYS A 120 71.39 -22.94 -23.46
N ASN A 121 70.73 -23.95 -24.05
CA ASN A 121 70.00 -25.02 -23.35
C ASN A 121 68.91 -24.46 -22.44
N ASP A 122 68.12 -23.54 -22.99
CA ASP A 122 66.99 -22.96 -22.28
C ASP A 122 65.71 -23.49 -22.91
N PRO A 123 65.05 -24.48 -22.33
CA PRO A 123 63.91 -25.09 -23.00
C PRO A 123 62.61 -24.33 -22.87
N HIS A 124 62.43 -23.58 -21.76
CA HIS A 124 61.21 -22.82 -21.58
C HIS A 124 61.10 -21.69 -22.58
N LEU A 125 62.22 -21.06 -22.92
CA LEU A 125 62.21 -20.00 -23.91
C LEU A 125 61.95 -20.56 -25.31
N CYS A 126 62.51 -21.74 -25.59
CA CYS A 126 62.24 -22.43 -26.85
C CYS A 126 60.76 -22.79 -26.98
N ASP A 127 60.15 -23.30 -25.91
CA ASP A 127 58.76 -23.68 -26.00
C ASP A 127 57.84 -22.47 -26.03
N PHE A 128 58.24 -21.36 -25.42
CA PHE A 128 57.46 -20.14 -25.54
C PHE A 128 57.46 -19.61 -26.97
N ILE A 129 58.63 -19.61 -27.61
CA ILE A 129 58.71 -19.14 -28.99
C ILE A 129 57.96 -20.09 -29.93
N GLU A 130 58.08 -21.40 -29.70
CA GLU A 130 57.33 -22.37 -30.50
C GLU A 130 55.83 -22.30 -30.25
N THR A 131 55.40 -21.84 -29.08
CA THR A 131 53.98 -21.81 -28.76
C THR A 131 53.29 -20.57 -29.29
N HIS A 132 53.82 -19.39 -29.00
CA HIS A 132 53.01 -18.18 -29.17
C HIS A 132 53.25 -17.41 -30.45
N TYR A 133 54.35 -17.63 -31.16
CA TYR A 133 54.74 -16.69 -32.20
C TYR A 133 54.85 -17.27 -33.60
N LEU A 134 55.25 -18.52 -33.74
CA LEU A 134 55.59 -19.01 -35.09
C LEU A 134 54.35 -19.32 -35.90
N ASN A 135 53.35 -19.96 -35.29
CA ASN A 135 52.12 -20.30 -36.01
C ASN A 135 51.37 -19.05 -36.46
N GLU A 136 51.39 -18.01 -35.62
CA GLU A 136 50.70 -16.77 -35.96
C GLU A 136 51.38 -16.07 -37.13
N GLN A 137 52.72 -16.07 -37.13
CA GLN A 137 53.46 -15.50 -38.25
C GLN A 137 53.24 -16.27 -39.54
N VAL A 138 53.17 -17.60 -39.46
CA VAL A 138 52.97 -18.39 -40.68
C VAL A 138 51.59 -18.15 -41.26
N LYS A 139 50.55 -18.11 -40.40
CA LYS A 139 49.21 -17.84 -40.91
C LYS A 139 49.08 -16.42 -41.46
N ALA A 140 49.74 -15.46 -40.81
CA ALA A 140 49.65 -14.07 -41.29
C ALA A 140 50.40 -13.87 -42.58
N ILE A 141 51.56 -14.52 -42.74
CA ILE A 141 52.32 -14.41 -43.98
C ILE A 141 51.57 -15.09 -45.12
N LYS A 142 50.92 -16.23 -44.84
CA LYS A 142 50.06 -16.87 -45.84
C LYS A 142 48.91 -15.97 -46.26
N GLU A 143 48.25 -15.31 -45.30
CA GLU A 143 47.14 -14.42 -45.63
C GLU A 143 47.59 -13.21 -46.43
N LEU A 144 48.74 -12.62 -46.06
CA LEU A 144 49.25 -11.48 -46.80
C LEU A 144 49.72 -11.88 -48.20
N GLY A 145 50.27 -13.09 -48.35
CA GLY A 145 50.60 -13.57 -49.68
C GLY A 145 49.38 -13.78 -50.54
N ASP A 146 48.27 -14.22 -49.93
CA ASP A 146 47.01 -14.30 -50.65
C ASP A 146 46.54 -12.93 -51.12
N HIS A 147 46.66 -11.91 -50.27
CA HIS A 147 46.20 -10.59 -50.67
C HIS A 147 47.09 -9.99 -51.76
N VAL A 148 48.40 -10.25 -51.70
CA VAL A 148 49.32 -9.77 -52.73
C VAL A 148 49.02 -10.46 -54.06
N THR A 149 48.71 -11.75 -54.03
CA THR A 149 48.38 -12.46 -55.25
C THR A 149 47.10 -11.96 -55.88
N ASN A 150 46.09 -11.67 -55.04
CA ASN A 150 44.84 -11.13 -55.57
C ASN A 150 45.01 -9.74 -56.16
N LEU A 151 45.81 -8.89 -55.50
CA LEU A 151 46.00 -7.54 -56.05
C LEU A 151 46.85 -7.55 -57.31
N ARG A 152 47.76 -8.51 -57.46
CA ARG A 152 48.51 -8.58 -58.70
C ARG A 152 47.66 -9.14 -59.82
N LYS A 153 46.78 -10.10 -59.53
CA LYS A 153 46.02 -10.70 -60.62
C LYS A 153 44.82 -9.86 -61.04
N MET A 154 44.25 -9.05 -60.15
CA MET A 154 43.02 -8.35 -60.51
C MET A 154 43.26 -7.16 -61.43
N GLY A 155 44.43 -6.54 -61.39
CA GLY A 155 44.70 -5.43 -62.30
C GLY A 155 45.30 -4.22 -61.61
N ALA A 156 45.46 -4.32 -60.30
CA ALA A 156 46.15 -3.28 -59.56
C ALA A 156 47.64 -3.33 -59.89
N PRO A 157 48.36 -2.21 -59.78
CA PRO A 157 48.00 -0.84 -59.39
C PRO A 157 47.59 0.03 -60.57
N GLU A 158 47.36 -0.59 -61.72
CA GLU A 158 47.02 0.18 -62.90
C GLU A 158 45.52 0.40 -63.04
N SER A 159 44.72 -0.26 -62.21
CA SER A 159 43.27 -0.10 -62.23
C SER A 159 42.79 0.08 -60.79
N GLY A 160 42.19 1.24 -60.50
CA GLY A 160 41.62 1.46 -59.18
C GLY A 160 40.37 0.65 -58.91
N LEU A 161 39.76 0.11 -59.96
CA LEU A 161 38.58 -0.73 -59.81
C LEU A 161 38.89 -1.98 -59.01
N ALA A 162 40.10 -2.53 -59.19
CA ALA A 162 40.52 -3.69 -58.43
C ALA A 162 40.68 -3.36 -56.96
N GLU A 163 41.28 -2.21 -56.64
CA GLU A 163 41.44 -1.82 -55.25
C GLU A 163 40.10 -1.57 -54.58
N TYR A 164 39.14 -0.99 -55.30
CA TYR A 164 37.85 -0.72 -54.68
C TYR A 164 37.05 -1.99 -54.47
N LEU A 165 37.11 -2.93 -55.41
CA LEU A 165 36.38 -4.18 -55.20
C LEU A 165 37.06 -5.04 -54.14
N PHE A 166 38.38 -4.96 -54.04
CA PHE A 166 39.09 -5.70 -53.01
C PHE A 166 38.84 -5.10 -51.64
N ASP A 167 38.62 -3.79 -51.60
CA ASP A 167 38.07 -3.13 -50.41
C ASP A 167 36.72 -3.73 -50.02
N LYS A 168 35.74 -3.62 -50.89
CA LYS A 168 34.38 -3.94 -50.45
C LYS A 168 34.08 -5.43 -50.40
N HIS A 169 34.97 -6.30 -50.88
CA HIS A 169 34.63 -7.72 -50.90
C HIS A 169 35.50 -8.59 -50.01
N THR A 170 36.82 -8.41 -50.02
CA THR A 170 37.67 -9.27 -49.21
C THR A 170 37.62 -8.87 -47.74
N LEU A 171 37.81 -7.60 -47.46
CA LEU A 171 37.94 -7.12 -46.08
C LEU A 171 36.62 -6.64 -45.49
N GLY A 172 35.51 -7.21 -45.93
CA GLY A 172 34.21 -6.85 -45.37
C GLY A 172 33.74 -7.86 -44.33
N ARG B 1 -24.24 85.41 38.89
CA ARG B 1 -25.27 84.41 38.65
C ARG B 1 -25.88 84.61 37.27
N LEU B 2 -26.12 83.51 36.55
CA LEU B 2 -26.75 83.53 35.24
C LEU B 2 -28.23 83.16 35.37
N TYR B 3 -28.87 82.99 34.22
CA TYR B 3 -30.29 82.71 34.19
C TYR B 3 -30.54 81.26 33.77
N TRP B 4 -31.66 80.70 34.25
CA TRP B 4 -31.79 79.26 34.36
C TRP B 4 -31.98 78.57 33.01
N ASP B 5 -32.96 79.01 32.23
CA ASP B 5 -33.23 78.35 30.96
C ASP B 5 -32.15 78.67 29.93
N ASP B 6 -31.38 79.73 30.15
CA ASP B 6 -30.16 79.94 29.37
C ASP B 6 -29.14 78.83 29.62
N LEU B 7 -29.03 78.40 30.89
CA LEU B 7 -28.15 77.28 31.19
C LEU B 7 -28.73 75.97 30.68
N LYS B 8 -30.07 75.88 30.61
CA LYS B 8 -30.70 74.76 29.94
C LYS B 8 -30.35 74.74 28.45
N ARG B 9 -30.30 75.92 27.82
CA ARG B 9 -29.86 76.01 26.42
C ARG B 9 -28.40 75.61 26.28
N LYS B 10 -27.56 75.98 27.26
CA LYS B 10 -26.15 75.56 27.25
C LYS B 10 -26.02 74.04 27.30
N LEU B 11 -26.79 73.39 28.19
CA LEU B 11 -26.80 71.94 28.24
C LEU B 11 -27.31 71.33 26.94
N SER B 12 -28.39 71.91 26.38
CA SER B 12 -29.00 71.36 25.17
C SER B 12 -28.10 71.53 23.95
N GLU B 13 -27.27 72.58 23.94
CA GLU B 13 -26.39 72.79 22.80
C GLU B 13 -25.04 72.10 22.96
N LYS B 14 -24.67 71.70 24.17
CA LYS B 14 -23.48 70.86 24.30
C LYS B 14 -23.82 69.37 24.22
N LEU B 15 -25.08 69.00 24.41
CA LEU B 15 -25.50 67.63 24.15
C LEU B 15 -25.57 67.33 22.66
N ASP B 16 -26.10 68.26 21.87
CA ASP B 16 -26.20 68.05 20.43
C ASP B 16 -24.86 68.21 19.71
N SER B 17 -23.84 68.73 20.39
CA SER B 17 -22.53 68.97 19.79
C SER B 17 -21.45 68.09 20.39
N THR B 18 -21.73 66.82 20.62
CA THR B 18 -20.74 65.87 21.13
C THR B 18 -21.03 64.48 20.58
N ASP B 19 -20.05 63.88 19.92
CA ASP B 19 -20.14 62.51 19.43
C ASP B 19 -20.12 61.56 20.61
N PHE B 20 -20.95 60.52 20.54
CA PHE B 20 -21.12 59.58 21.65
C PHE B 20 -20.68 58.16 21.34
N THR B 21 -20.90 57.68 20.10
CA THR B 21 -20.64 56.27 19.80
C THR B 21 -19.17 55.99 19.56
N SER B 22 -18.35 57.04 19.42
CA SER B 22 -16.93 56.85 19.11
C SER B 22 -16.18 56.24 20.28
N THR B 23 -16.53 56.63 21.51
CA THR B 23 -15.89 56.04 22.69
C THR B 23 -16.31 54.58 22.86
N ILE B 24 -17.57 54.28 22.55
CA ILE B 24 -18.07 52.91 22.62
C ILE B 24 -17.36 52.01 21.61
N LYS B 25 -17.09 52.54 20.41
CA LYS B 25 -16.29 51.79 19.45
C LYS B 25 -14.82 51.71 19.88
N LEU B 26 -14.33 52.74 20.56
CA LEU B 26 -12.92 52.77 20.96
C LEU B 26 -12.63 51.77 22.08
N LEU B 27 -13.60 51.53 22.97
CA LEU B 27 -13.38 50.54 24.02
C LEU B 27 -13.47 49.13 23.46
N ASN B 28 -14.11 48.96 22.29
CA ASN B 28 -14.25 47.67 21.64
C ASN B 28 -13.10 47.38 20.68
N GLU B 29 -12.00 48.11 20.77
CA GLU B 29 -10.86 47.89 19.90
C GLU B 29 -10.08 46.66 20.35
N ASN B 30 -9.26 46.13 19.43
CA ASN B 30 -8.61 44.83 19.61
C ASN B 30 -7.59 44.82 20.74
N SER B 31 -7.09 45.97 21.16
CA SER B 31 -6.15 46.04 22.27
C SER B 31 -6.84 46.09 23.63
N TYR B 32 -8.17 46.25 23.68
CA TYR B 32 -8.87 46.51 24.93
C TYR B 32 -10.05 45.59 25.22
N VAL B 33 -10.20 44.46 24.52
CA VAL B 33 -11.42 43.66 24.69
C VAL B 33 -11.41 42.88 26.01
N PRO B 34 -10.35 42.11 26.42
CA PRO B 34 -10.42 41.54 27.78
C PRO B 34 -9.96 42.52 28.84
N ARG B 35 -10.90 43.04 29.63
CA ARG B 35 -10.60 43.98 30.69
C ARG B 35 -11.11 43.45 32.04
N GLU B 36 -11.08 42.13 32.19
CA GLU B 36 -11.44 41.48 33.45
C GLU B 36 -10.42 41.87 34.53
N ALA B 37 -10.90 41.91 35.77
CA ALA B 37 -10.16 42.50 36.88
C ALA B 37 -8.90 41.70 37.22
N GLY B 38 -7.79 42.42 37.44
CA GLY B 38 -6.52 41.81 37.72
C GLY B 38 -5.60 41.66 36.52
N SER B 39 -6.05 42.03 35.32
CA SER B 39 -5.30 41.77 34.11
C SER B 39 -4.44 42.99 33.73
N GLN B 40 -3.66 42.81 32.66
CA GLN B 40 -2.83 43.89 32.13
C GLN B 40 -3.66 44.92 31.40
N LYS B 41 -4.61 44.47 30.58
CA LYS B 41 -5.40 45.38 29.76
C LYS B 41 -6.43 46.14 30.59
N ASP B 42 -6.82 45.61 31.74
CA ASP B 42 -7.68 46.37 32.65
C ASP B 42 -6.92 47.54 33.26
N GLU B 43 -5.64 47.32 33.61
CA GLU B 43 -4.81 48.42 34.07
C GLU B 43 -4.54 49.42 32.96
N ASN B 44 -4.37 48.94 31.72
CA ASN B 44 -4.22 49.83 30.58
C ASN B 44 -5.49 50.64 30.33
N LEU B 45 -6.66 50.04 30.54
CA LEU B 45 -7.91 50.74 30.36
C LEU B 45 -8.13 51.76 31.48
N ALA B 46 -7.66 51.45 32.69
CA ALA B 46 -7.70 52.44 33.77
C ALA B 46 -6.75 53.61 33.48
N LEU B 47 -5.62 53.32 32.85
CA LEU B 47 -4.73 54.37 32.37
C LEU B 47 -5.39 55.21 31.29
N TYR B 48 -6.20 54.58 30.42
CA TYR B 48 -6.91 55.34 29.41
C TYR B 48 -8.00 56.21 30.01
N VAL B 49 -8.69 55.70 31.04
CA VAL B 49 -9.67 56.50 31.78
C VAL B 49 -9.00 57.71 32.43
N GLU B 50 -7.83 57.49 33.06
CA GLU B 50 -7.06 58.58 33.64
C GLU B 50 -6.61 59.58 32.58
N ASN B 51 -6.24 59.09 31.39
CA ASN B 51 -5.84 59.96 30.29
C ASN B 51 -7.01 60.83 29.81
N GLN B 52 -8.20 60.23 29.66
CA GLN B 52 -9.37 60.97 29.21
C GLN B 52 -9.84 61.98 30.25
N PHE B 53 -9.70 61.67 31.54
CA PHE B 53 -10.00 62.68 32.54
C PHE B 53 -8.91 63.76 32.63
N ARG B 54 -7.69 63.46 32.20
CA ARG B 54 -6.66 64.50 32.19
C ARG B 54 -6.75 65.37 30.94
N GLU B 55 -7.45 64.92 29.91
CA GLU B 55 -7.52 65.70 28.67
C GLU B 55 -8.42 66.94 28.76
N PHE B 56 -9.22 67.09 29.81
CA PHE B 56 -10.20 68.16 29.84
C PHE B 56 -9.97 69.20 30.94
N LYS B 57 -8.76 69.25 31.52
CA LYS B 57 -8.32 70.30 32.45
C LYS B 57 -9.20 70.38 33.70
N LEU B 58 -9.31 69.26 34.41
CA LEU B 58 -10.21 69.17 35.54
C LEU B 58 -9.51 69.67 36.81
N SER B 59 -10.13 69.46 37.98
CA SER B 59 -9.52 69.91 39.22
C SER B 59 -8.58 68.86 39.79
N LYS B 60 -9.09 67.66 40.08
CA LYS B 60 -8.18 66.63 40.59
C LYS B 60 -8.68 65.23 40.27
N VAL B 61 -7.82 64.42 39.66
CA VAL B 61 -8.09 63.00 39.47
C VAL B 61 -7.07 62.20 40.28
N TRP B 62 -7.51 61.05 40.78
CA TRP B 62 -6.62 60.14 41.52
C TRP B 62 -7.15 58.72 41.41
N ARG B 63 -6.44 57.80 42.05
CA ARG B 63 -6.81 56.40 42.14
C ARG B 63 -7.25 56.07 43.55
N ASP B 64 -8.28 55.25 43.67
CA ASP B 64 -8.69 54.62 44.92
C ASP B 64 -8.18 53.18 44.84
N GLN B 65 -7.08 52.92 45.54
CA GLN B 65 -6.34 51.68 45.43
C GLN B 65 -6.73 50.73 46.55
N HIS B 66 -7.14 49.51 46.18
CA HIS B 66 -7.42 48.49 47.18
C HIS B 66 -6.86 47.15 46.74
N PHE B 67 -6.52 46.32 47.71
CA PHE B 67 -5.92 45.01 47.50
C PHE B 67 -6.93 43.94 47.89
N VAL B 68 -7.70 43.46 46.92
CA VAL B 68 -8.86 42.62 47.22
C VAL B 68 -8.66 41.21 46.72
N LYS B 69 -9.35 40.27 47.38
CA LYS B 69 -9.34 38.86 47.02
C LYS B 69 -10.53 38.59 46.13
N ILE B 70 -10.28 38.21 44.87
CA ILE B 70 -11.35 37.75 44.00
C ILE B 70 -11.10 36.28 43.70
N GLN B 71 -11.98 35.67 42.91
CA GLN B 71 -11.89 34.24 42.65
C GLN B 71 -11.96 34.01 41.14
N VAL B 72 -10.85 33.55 40.56
CA VAL B 72 -10.69 33.34 39.13
C VAL B 72 -10.44 31.85 38.93
N LYS B 73 -10.89 31.32 37.78
CA LYS B 73 -10.75 29.89 37.49
C LYS B 73 -9.28 29.48 37.38
N ASP B 74 -9.03 28.22 37.67
CA ASP B 74 -7.69 27.65 37.63
C ASP B 74 -7.41 27.15 36.20
N SER B 75 -6.36 26.36 36.05
CA SER B 75 -6.15 25.64 34.79
C SER B 75 -7.26 24.62 34.57
N ALA B 76 -7.72 23.97 35.64
CA ALA B 76 -8.87 23.09 35.55
C ALA B 76 -10.13 23.92 35.32
N GLN B 77 -10.94 23.53 34.35
CA GLN B 77 -12.10 24.32 33.96
C GLN B 77 -13.39 23.60 34.34
N ASN B 78 -14.50 24.34 34.32
CA ASN B 78 -15.77 23.86 34.86
C ASN B 78 -16.36 22.77 33.98
N SER B 79 -17.09 21.83 34.60
CA SER B 79 -17.67 20.72 33.86
C SER B 79 -19.08 20.42 34.33
N VAL B 80 -19.98 20.23 33.37
CA VAL B 80 -21.33 19.76 33.60
C VAL B 80 -21.46 18.43 32.89
N ILE B 81 -21.84 17.39 33.63
CA ILE B 81 -21.72 16.00 33.23
C ILE B 81 -23.03 15.27 33.52
N ILE B 82 -23.51 14.48 32.57
CA ILE B 82 -24.62 13.56 32.79
C ILE B 82 -24.05 12.23 33.30
N VAL B 83 -24.44 11.83 34.51
CA VAL B 83 -23.97 10.61 35.13
C VAL B 83 -25.13 9.62 35.16
N ASP B 84 -24.85 8.35 34.90
CA ASP B 84 -25.85 7.30 35.01
C ASP B 84 -25.37 6.26 36.01
N LYS B 85 -26.32 5.72 36.78
CA LYS B 85 -25.99 4.75 37.81
C LYS B 85 -25.75 3.35 37.25
N ASN B 86 -26.60 2.91 36.32
CA ASN B 86 -26.66 1.50 35.95
C ASN B 86 -25.40 1.04 35.22
N GLY B 87 -24.81 1.92 34.43
CA GLY B 87 -23.52 1.63 33.81
C GLY B 87 -22.34 2.31 34.45
N ARG B 88 -22.57 3.01 35.56
CA ARG B 88 -21.58 3.64 36.44
C ARG B 88 -20.83 4.78 35.79
N LEU B 89 -21.06 5.10 34.52
CA LEU B 89 -20.19 6.07 33.88
C LEU B 89 -20.95 7.22 33.26
N VAL B 90 -20.24 8.08 32.52
CA VAL B 90 -20.57 9.48 32.43
C VAL B 90 -20.67 9.95 30.99
N TYR B 91 -20.93 11.25 30.85
CA TYR B 91 -20.97 11.96 29.58
C TYR B 91 -20.81 13.44 29.88
N LEU B 92 -19.77 14.07 29.34
CA LEU B 92 -19.65 15.52 29.46
C LEU B 92 -20.64 16.17 28.51
N VAL B 93 -21.49 17.04 29.05
CA VAL B 93 -22.37 17.84 28.20
C VAL B 93 -21.82 19.23 27.98
N GLU B 94 -21.18 19.85 28.98
CA GLU B 94 -20.62 21.18 28.67
C GLU B 94 -19.45 21.52 29.58
N ASN B 95 -18.35 21.95 28.96
CA ASN B 95 -17.32 22.76 29.60
C ASN B 95 -17.55 24.22 29.22
N PRO B 96 -18.24 25.01 30.05
CA PRO B 96 -18.71 26.32 29.61
C PRO B 96 -17.59 27.35 29.51
N GLY B 97 -17.76 28.31 28.61
CA GLY B 97 -16.78 29.37 28.46
C GLY B 97 -16.90 30.42 29.55
N GLY B 98 -18.11 30.66 30.05
CA GLY B 98 -18.33 31.58 31.14
C GLY B 98 -18.46 30.86 32.47
N TYR B 99 -18.50 31.65 33.54
CA TYR B 99 -18.61 31.08 34.87
C TYR B 99 -19.38 32.03 35.77
N VAL B 100 -20.08 31.44 36.75
CA VAL B 100 -20.67 32.20 37.85
C VAL B 100 -19.55 32.53 38.83
N ALA B 101 -19.37 33.82 39.12
CA ALA B 101 -18.30 34.22 40.03
C ALA B 101 -18.66 33.87 41.46
N TYR B 102 -17.61 33.61 42.24
CA TYR B 102 -17.66 33.42 43.70
C TYR B 102 -18.51 32.21 44.10
N SER B 103 -18.44 31.13 43.33
CA SER B 103 -19.10 29.89 43.69
C SER B 103 -18.13 28.97 44.42
N LYS B 104 -18.70 27.97 45.10
CA LYS B 104 -17.90 27.05 45.89
C LYS B 104 -17.16 26.08 44.98
N ALA B 105 -15.84 26.02 45.12
CA ALA B 105 -15.00 25.13 44.32
C ALA B 105 -15.16 23.71 44.84
N ALA B 106 -16.21 23.03 44.40
CA ALA B 106 -16.50 21.68 44.84
C ALA B 106 -17.17 20.92 43.71
N THR B 107 -17.56 19.68 44.00
CA THR B 107 -18.18 18.80 43.03
C THR B 107 -19.44 18.21 43.64
N VAL B 108 -20.58 18.45 42.99
CA VAL B 108 -21.86 17.95 43.49
C VAL B 108 -22.48 17.03 42.45
N THR B 109 -23.31 16.11 42.94
CA THR B 109 -23.97 15.14 42.09
C THR B 109 -25.37 14.92 42.64
N GLY B 110 -26.38 15.14 41.81
CA GLY B 110 -27.73 14.95 42.32
C GLY B 110 -28.74 14.86 41.19
N LYS B 111 -29.95 14.46 41.58
CA LYS B 111 -31.07 14.45 40.65
C LYS B 111 -31.42 15.87 40.23
N LEU B 112 -31.67 16.05 38.94
CA LEU B 112 -31.91 17.37 38.38
C LEU B 112 -33.42 17.59 38.28
N VAL B 113 -33.87 18.71 38.84
CA VAL B 113 -35.28 19.10 38.82
C VAL B 113 -35.37 20.49 38.22
N HIS B 114 -36.29 20.68 37.28
CA HIS B 114 -36.39 21.94 36.57
C HIS B 114 -37.42 22.86 37.19
N ALA B 115 -37.01 24.10 37.45
CA ALA B 115 -37.89 25.16 37.92
C ALA B 115 -37.88 26.28 36.89
N ASN B 116 -38.88 27.16 36.99
CA ASN B 116 -39.04 28.28 36.06
C ASN B 116 -37.88 29.26 36.14
N PHE B 117 -37.77 29.97 37.26
CA PHE B 117 -36.80 31.04 37.42
C PHE B 117 -35.89 30.84 38.63
N GLY B 118 -36.34 30.15 39.67
CA GLY B 118 -35.58 30.03 40.89
C GLY B 118 -36.12 30.83 42.06
N THR B 119 -37.41 31.17 42.06
CA THR B 119 -38.00 31.93 43.15
C THR B 119 -38.63 30.98 44.17
N LYS B 120 -39.17 31.57 45.24
CA LYS B 120 -39.84 30.78 46.27
C LYS B 120 -41.17 30.22 45.77
N LYS B 121 -41.99 31.06 45.13
CA LYS B 121 -43.30 30.64 44.68
C LYS B 121 -43.21 29.63 43.55
N ASP B 122 -42.14 29.70 42.73
CA ASP B 122 -41.94 28.69 41.70
C ASP B 122 -41.39 27.40 42.28
N PHE B 123 -40.78 27.45 43.47
CA PHE B 123 -40.42 26.21 44.16
C PHE B 123 -41.62 25.60 44.87
N GLU B 124 -42.58 26.43 45.30
CA GLU B 124 -43.77 25.92 45.95
C GLU B 124 -44.82 25.40 44.97
N ASP B 125 -44.58 25.56 43.67
CA ASP B 125 -45.45 25.00 42.65
C ASP B 125 -44.92 23.69 42.08
N LEU B 126 -43.83 23.16 42.63
CA LEU B 126 -43.17 22.00 42.05
C LEU B 126 -43.93 20.72 42.37
N TYR B 127 -43.52 19.63 41.73
CA TYR B 127 -44.07 18.31 41.98
C TYR B 127 -43.13 17.43 42.81
N THR B 128 -41.84 17.53 42.61
CA THR B 128 -40.68 16.76 43.05
C THR B 128 -39.99 17.45 44.21
N PRO B 129 -39.52 16.70 45.22
CA PRO B 129 -38.74 17.32 46.32
C PRO B 129 -37.43 17.96 45.85
N VAL B 130 -36.96 18.92 46.63
CA VAL B 130 -35.82 19.73 46.25
C VAL B 130 -34.57 19.34 47.04
N ASN B 131 -34.75 18.78 48.24
CA ASN B 131 -33.65 18.58 49.19
C ASN B 131 -32.64 17.56 48.70
N GLY B 132 -31.37 17.97 48.72
CA GLY B 132 -30.28 17.13 48.22
C GLY B 132 -30.28 16.92 46.73
N SER B 133 -30.86 17.85 45.97
CA SER B 133 -31.00 17.70 44.53
C SER B 133 -30.62 19.00 43.83
N ILE B 134 -30.17 18.88 42.59
CA ILE B 134 -29.75 20.04 41.80
C ILE B 134 -30.93 20.53 40.98
N VAL B 135 -31.18 21.84 41.03
CA VAL B 135 -32.32 22.44 40.35
C VAL B 135 -31.79 23.28 39.20
N ILE B 136 -32.30 23.00 37.99
CA ILE B 136 -31.97 23.80 36.82
C ILE B 136 -33.07 24.84 36.60
N VAL B 137 -32.66 26.09 36.44
CA VAL B 137 -33.59 27.22 36.32
C VAL B 137 -33.21 28.04 35.10
N ARG B 138 -33.99 29.09 34.88
CA ARG B 138 -33.70 30.07 33.84
C ARG B 138 -33.39 31.42 34.48
N ALA B 139 -32.47 32.16 33.86
CA ALA B 139 -32.24 33.53 34.26
C ALA B 139 -33.43 34.39 33.83
N GLY B 140 -33.71 35.41 34.63
CA GLY B 140 -34.81 36.31 34.32
C GLY B 140 -35.51 36.80 35.58
N LYS B 141 -35.67 38.13 35.66
CA LYS B 141 -36.50 38.87 36.62
C LYS B 141 -35.95 38.89 38.05
N ILE B 142 -34.90 38.11 38.33
CA ILE B 142 -34.23 38.09 39.62
C ILE B 142 -32.73 37.96 39.36
N THR B 143 -31.95 37.98 40.43
CA THR B 143 -30.50 37.84 40.31
C THR B 143 -30.10 36.38 40.36
N PHE B 144 -28.80 36.15 40.24
CA PHE B 144 -28.26 34.81 40.47
C PHE B 144 -28.20 34.48 41.95
N ALA B 145 -27.97 35.51 42.78
CA ALA B 145 -27.81 35.29 44.21
C ALA B 145 -29.12 34.93 44.88
N GLU B 146 -30.24 35.43 44.35
CA GLU B 146 -31.53 35.04 44.90
C GLU B 146 -31.87 33.61 44.52
N LYS B 147 -31.40 33.15 43.36
CA LYS B 147 -31.52 31.74 42.99
C LYS B 147 -30.70 30.87 43.95
N VAL B 148 -29.48 31.31 44.27
CA VAL B 148 -28.63 30.55 45.19
C VAL B 148 -29.21 30.54 46.59
N ALA B 149 -29.80 31.66 47.03
CA ALA B 149 -30.43 31.70 48.36
C ALA B 149 -31.69 30.84 48.41
N ASN B 150 -32.46 30.80 47.32
CA ASN B 150 -33.62 29.93 47.27
C ASN B 150 -33.22 28.45 47.24
N ALA B 151 -32.08 28.14 46.62
CA ALA B 151 -31.58 26.78 46.65
C ALA B 151 -31.02 26.42 48.02
N GLU B 152 -30.48 27.41 48.73
CA GLU B 152 -30.07 27.20 50.11
C GLU B 152 -31.26 27.02 51.02
N SER B 153 -32.42 27.59 50.64
CA SER B 153 -33.62 27.49 51.45
C SER B 153 -34.18 26.07 51.52
N LEU B 154 -34.13 25.33 50.41
CA LEU B 154 -34.72 23.98 50.36
C LEU B 154 -33.68 22.89 50.16
N ASN B 155 -32.49 23.04 50.77
CA ASN B 155 -31.41 22.04 50.78
C ASN B 155 -30.94 21.62 49.40
N ALA B 156 -31.08 22.50 48.41
CA ALA B 156 -30.56 22.18 47.09
C ALA B 156 -29.07 22.47 47.04
N ILE B 157 -28.35 21.63 46.30
CA ILE B 157 -26.89 21.66 46.30
C ILE B 157 -26.31 22.15 44.98
N GLY B 158 -27.14 22.50 44.00
CA GLY B 158 -26.62 22.98 42.74
C GLY B 158 -27.66 23.71 41.92
N VAL B 159 -27.22 24.72 41.17
CA VAL B 159 -28.09 25.51 40.31
C VAL B 159 -27.46 25.57 38.92
N LEU B 160 -28.23 25.16 37.91
CA LEU B 160 -27.85 25.32 36.52
C LEU B 160 -28.79 26.34 35.86
N ILE B 161 -28.22 27.26 35.10
CA ILE B 161 -28.95 28.40 34.58
C ILE B 161 -28.74 28.46 33.07
N TYR B 162 -29.82 28.40 32.31
CA TYR B 162 -29.72 28.40 30.85
C TYR B 162 -30.58 29.51 30.27
N MET B 163 -30.08 30.11 29.20
CA MET B 163 -30.80 31.12 28.45
C MET B 163 -31.73 30.42 27.46
N ASP B 164 -33.01 30.77 27.52
CA ASP B 164 -33.99 30.25 26.59
C ASP B 164 -34.01 31.08 25.31
N GLN B 165 -34.75 30.57 24.31
CA GLN B 165 -34.95 31.29 23.06
C GLN B 165 -36.08 32.30 23.16
N THR B 166 -37.08 32.03 23.99
CA THR B 166 -38.26 32.88 24.08
C THR B 166 -37.94 34.22 24.74
N LYS B 167 -37.38 34.18 25.96
CA LYS B 167 -37.03 35.42 26.64
C LYS B 167 -35.84 36.10 26.00
N PHE B 168 -34.81 35.34 25.63
CA PHE B 168 -33.60 35.92 25.04
C PHE B 168 -33.51 35.53 23.57
N PRO B 169 -33.75 36.46 22.64
CA PRO B 169 -33.76 36.11 21.21
C PRO B 169 -32.36 36.04 20.62
N ILE B 170 -31.62 34.99 20.94
CA ILE B 170 -30.24 34.84 20.51
C ILE B 170 -30.16 33.63 19.58
N VAL B 171 -29.57 33.81 18.40
CA VAL B 171 -29.44 32.73 17.44
C VAL B 171 -28.36 31.75 17.90
N ASN B 172 -27.35 32.25 18.61
CA ASN B 172 -26.26 31.41 19.11
C ASN B 172 -26.79 30.52 20.24
N ALA B 173 -26.89 29.22 19.97
CA ALA B 173 -27.33 28.24 20.97
C ALA B 173 -26.21 27.77 21.88
N GLU B 174 -24.99 28.31 21.73
CA GLU B 174 -23.84 27.87 22.50
C GLU B 174 -23.16 29.02 23.25
N LEU B 175 -23.74 30.21 23.21
CA LEU B 175 -23.14 31.35 23.89
C LEU B 175 -23.26 31.23 25.40
N SER B 176 -22.14 31.33 26.09
CA SER B 176 -22.10 31.30 27.54
C SER B 176 -22.06 32.73 28.07
N PHE B 177 -22.61 32.92 29.26
CA PHE B 177 -22.69 34.25 29.86
C PHE B 177 -21.92 34.26 31.18
N PHE B 178 -21.99 35.40 31.86
CA PHE B 178 -21.22 35.66 33.08
C PHE B 178 -22.19 35.94 34.21
N GLY B 179 -21.78 35.61 35.43
CA GLY B 179 -22.68 35.80 36.56
C GLY B 179 -21.94 35.92 37.87
N HIS B 180 -22.65 36.49 38.85
CA HIS B 180 -22.17 36.58 40.21
C HIS B 180 -23.34 36.35 41.17
N ALA B 181 -23.06 35.69 42.29
CA ALA B 181 -24.10 35.23 43.21
C ALA B 181 -23.73 35.52 44.65
N HIS B 182 -23.38 36.76 44.94
CA HIS B 182 -23.09 37.18 46.31
C HIS B 182 -24.44 37.46 46.93
N LEU B 183 -24.74 36.80 48.04
CA LEU B 183 -25.93 37.09 48.83
C LEU B 183 -25.64 38.36 49.64
N GLY B 184 -25.86 39.50 48.99
CA GLY B 184 -25.40 40.79 49.47
C GLY B 184 -24.47 41.42 48.46
N THR B 185 -23.94 42.57 48.85
CA THR B 185 -23.05 43.31 47.97
C THR B 185 -21.68 43.47 48.60
N GLY B 186 -20.65 43.20 47.80
CA GLY B 186 -19.28 43.33 48.24
C GLY B 186 -18.47 42.07 48.06
N ASP B 187 -17.33 42.03 48.74
CA ASP B 187 -16.46 40.86 48.74
C ASP B 187 -17.02 39.83 49.71
N PRO B 188 -17.38 38.62 49.26
CA PRO B 188 -17.81 37.57 50.20
C PRO B 188 -16.62 37.04 50.99
N TYR B 189 -15.44 37.14 50.39
CA TYR B 189 -14.20 36.72 51.04
C TYR B 189 -13.65 37.90 51.85
N THR B 190 -14.38 38.25 52.92
CA THR B 190 -14.03 39.37 53.79
C THR B 190 -13.81 38.91 55.23
N PRO B 191 -12.64 38.28 55.54
CA PRO B 191 -12.06 38.51 56.88
C PRO B 191 -11.07 39.67 56.82
N GLY B 192 -11.61 40.87 56.64
CA GLY B 192 -10.86 42.00 56.11
C GLY B 192 -9.80 42.63 56.97
N PHE B 193 -8.88 41.84 57.50
CA PHE B 193 -7.67 42.36 58.12
C PHE B 193 -6.45 41.92 57.33
N PRO B 194 -5.47 42.79 57.11
CA PRO B 194 -4.28 42.40 56.35
C PRO B 194 -3.32 41.58 57.19
N SER B 195 -2.65 40.63 56.52
CA SER B 195 -1.65 39.79 57.15
C SER B 195 -0.67 39.25 56.11
N THR B 199 -0.58 35.19 58.12
CA THR B 199 -0.90 34.19 57.11
C THR B 199 -2.03 33.27 57.55
N GLN B 200 -2.76 33.68 58.59
CA GLN B 200 -3.79 32.84 59.16
C GLN B 200 -5.03 32.79 58.25
N PHE B 201 -5.84 31.74 58.46
CA PHE B 201 -7.02 31.47 57.66
C PHE B 201 -8.26 31.45 58.56
N PRO B 202 -8.93 32.58 58.74
CA PRO B 202 -10.19 32.59 59.48
C PRO B 202 -11.38 32.44 58.56
N PRO B 203 -12.48 31.88 59.04
CA PRO B 203 -13.72 31.87 58.25
C PRO B 203 -14.35 33.27 58.20
N SER B 204 -15.25 33.44 57.25
CA SER B 204 -15.97 34.72 57.14
C SER B 204 -17.31 34.67 57.86
N ARG B 205 -18.22 33.80 57.41
CA ARG B 205 -19.47 33.39 58.06
C ARG B 205 -20.53 34.50 58.14
N SER B 206 -20.20 35.73 57.78
CA SER B 206 -21.16 36.83 57.81
C SER B 206 -20.95 37.77 56.64
N SER B 207 -20.71 37.22 55.45
CA SER B 207 -20.44 38.04 54.28
C SER B 207 -20.98 37.42 53.01
N GLY B 208 -22.03 36.61 53.10
CA GLY B 208 -22.62 36.01 51.92
C GLY B 208 -21.90 34.96 51.13
N LEU B 209 -21.45 33.89 51.77
CA LEU B 209 -20.73 32.83 51.08
C LEU B 209 -21.69 31.78 50.54
N PRO B 210 -21.72 31.56 49.22
CA PRO B 210 -22.50 30.46 48.67
C PRO B 210 -21.84 29.14 49.00
N ASN B 211 -22.44 28.39 49.93
CA ASN B 211 -21.93 27.08 50.33
C ASN B 211 -22.46 25.96 49.44
N ILE B 212 -22.97 26.29 48.27
CA ILE B 212 -23.41 25.33 47.26
C ILE B 212 -22.87 25.79 45.91
N PRO B 213 -22.49 24.87 45.02
CA PRO B 213 -21.98 25.30 43.71
C PRO B 213 -23.08 25.79 42.79
N VAL B 214 -22.70 26.65 41.84
CA VAL B 214 -23.61 27.24 40.86
C VAL B 214 -22.79 27.62 39.63
N GLN B 215 -23.31 27.31 38.44
CA GLN B 215 -22.54 27.43 37.21
C GLN B 215 -23.46 27.62 36.02
N THR B 216 -23.08 28.53 35.12
CA THR B 216 -23.83 28.79 33.91
C THR B 216 -23.69 27.65 32.90
N ILE B 217 -24.71 27.51 32.05
CA ILE B 217 -24.68 26.60 30.91
C ILE B 217 -25.26 27.33 29.70
N SER B 218 -25.01 26.78 28.52
CA SER B 218 -25.50 27.37 27.28
C SER B 218 -26.87 26.78 26.92
N ARG B 219 -27.30 27.00 25.67
CA ARG B 219 -28.63 26.54 25.26
C ARG B 219 -28.59 25.16 24.62
N ALA B 220 -27.58 24.89 23.80
CA ALA B 220 -27.50 23.58 23.13
C ALA B 220 -27.21 22.47 24.14
N ALA B 221 -26.33 22.73 25.10
CA ALA B 221 -26.10 21.76 26.17
C ALA B 221 -27.30 21.65 27.09
N ALA B 222 -28.09 22.71 27.22
CA ALA B 222 -29.34 22.61 27.95
C ALA B 222 -30.33 21.69 27.26
N GLU B 223 -30.41 21.77 25.94
CA GLU B 223 -31.27 20.87 25.18
C GLU B 223 -30.78 19.44 25.25
N LYS B 224 -29.46 19.25 25.27
CA LYS B 224 -28.89 17.92 25.49
C LYS B 224 -29.16 17.41 26.91
N LEU B 225 -29.30 18.31 27.88
CA LEU B 225 -29.71 17.90 29.22
C LEU B 225 -31.17 17.50 29.24
N PHE B 226 -32.04 18.29 28.61
CA PHE B 226 -33.47 17.96 28.55
C PHE B 226 -33.76 16.69 27.77
N GLY B 227 -32.83 16.28 26.89
CA GLY B 227 -32.96 14.99 26.20
C GLY B 227 -33.00 13.79 27.12
N ASN B 228 -32.51 13.89 28.36
CA ASN B 228 -32.57 12.81 29.33
C ASN B 228 -33.57 13.07 30.45
N MET B 229 -34.34 14.15 30.36
CA MET B 229 -35.24 14.54 31.44
C MET B 229 -36.68 14.21 31.04
N GLU B 230 -37.52 13.99 32.05
CA GLU B 230 -38.91 13.61 31.85
C GLU B 230 -39.83 14.54 32.60
N GLY B 231 -41.13 14.40 32.34
CA GLY B 231 -42.12 15.25 32.96
C GLY B 231 -42.30 16.54 32.19
N ASP B 232 -43.52 16.85 31.79
CA ASP B 232 -43.75 18.02 30.94
C ASP B 232 -43.73 19.30 31.75
N CYS B 233 -43.01 20.31 31.23
CA CYS B 233 -43.04 21.63 31.82
C CYS B 233 -44.42 22.26 31.65
N PRO B 234 -44.82 23.14 32.57
CA PRO B 234 -46.13 23.76 32.47
C PRO B 234 -46.21 24.76 31.32
N SER B 235 -47.43 24.99 30.85
CA SER B 235 -47.71 26.09 29.95
C SER B 235 -47.71 27.43 30.66
N ASP B 236 -47.69 27.43 32.00
CA ASP B 236 -47.59 28.65 32.78
C ASP B 236 -46.22 29.31 32.67
N TRP B 237 -45.17 28.52 32.43
CA TRP B 237 -43.81 29.04 32.50
C TRP B 237 -43.34 29.68 31.20
N LYS B 238 -44.11 29.52 30.12
CA LYS B 238 -43.93 30.21 28.84
C LYS B 238 -42.55 29.91 28.24
N THR B 239 -42.35 28.63 27.91
CA THR B 239 -41.07 28.10 27.47
C THR B 239 -41.19 27.57 26.05
N ASP B 240 -40.12 26.94 25.57
CA ASP B 240 -40.10 26.30 24.28
C ASP B 240 -40.76 24.92 24.37
N SER B 241 -40.71 24.19 23.26
CA SER B 241 -41.19 22.82 23.26
C SER B 241 -40.17 21.83 23.82
N THR B 242 -38.95 22.28 24.06
CA THR B 242 -37.86 21.44 24.54
C THR B 242 -38.05 20.97 25.98
N CYS B 243 -38.76 21.76 26.79
CA CYS B 243 -38.62 21.72 28.24
C CYS B 243 -39.13 20.43 28.85
N ARG B 244 -38.38 19.93 29.83
CA ARG B 244 -38.77 18.80 30.67
C ARG B 244 -38.46 19.14 32.12
N MET B 245 -38.92 18.31 33.04
CA MET B 245 -38.92 18.66 34.46
C MET B 245 -37.83 17.96 35.27
N VAL B 246 -37.81 16.63 35.26
CA VAL B 246 -36.97 15.85 36.16
C VAL B 246 -36.29 14.75 35.35
N THR B 247 -35.04 14.44 35.68
CA THR B 247 -34.32 13.33 35.07
C THR B 247 -34.96 11.98 35.43
N SER B 248 -34.40 10.92 34.86
CA SER B 248 -34.98 9.58 34.96
C SER B 248 -34.65 8.95 36.31
N GLU B 249 -34.87 7.64 36.40
CA GLU B 249 -34.75 6.92 37.66
C GLU B 249 -33.29 6.82 38.12
N SER B 250 -32.39 6.41 37.23
CA SER B 250 -31.00 6.16 37.59
C SER B 250 -30.03 7.19 37.05
N LYS B 251 -30.51 8.23 36.37
CA LYS B 251 -29.64 9.27 35.82
C LYS B 251 -29.68 10.50 36.71
N ASN B 252 -28.55 11.22 36.74
CA ASN B 252 -28.43 12.42 37.54
C ASN B 252 -27.36 13.30 36.91
N VAL B 253 -27.13 14.47 37.52
CA VAL B 253 -26.30 15.52 36.95
C VAL B 253 -25.18 15.84 37.93
N LYS B 254 -23.96 15.97 37.41
CA LYS B 254 -22.76 16.25 38.19
C LYS B 254 -22.16 17.57 37.73
N LEU B 255 -21.88 18.44 38.70
CA LEU B 255 -21.33 19.77 38.44
C LEU B 255 -20.01 19.92 39.18
N THR B 256 -18.99 20.39 38.47
CA THR B 256 -17.68 20.64 39.03
C THR B 256 -17.24 22.05 38.69
N VAL B 257 -17.05 22.87 39.73
CA VAL B 257 -16.61 24.25 39.59
C VAL B 257 -15.21 24.33 40.20
N SER B 258 -14.28 25.00 39.49
CA SER B 258 -12.86 24.97 39.83
C SER B 258 -12.28 26.38 39.91
N ASN B 259 -12.94 27.27 40.65
CA ASN B 259 -12.43 28.63 40.82
C ASN B 259 -11.58 28.73 42.09
N VAL B 260 -10.42 29.39 41.98
CA VAL B 260 -9.48 29.54 43.08
C VAL B 260 -9.25 31.03 43.35
N LEU B 261 -8.60 31.30 44.49
CA LEU B 261 -8.35 32.66 44.95
C LEU B 261 -7.37 33.39 44.03
N LYS B 262 -7.41 34.73 44.13
CA LYS B 262 -6.48 35.59 43.41
C LYS B 262 -6.45 36.93 44.11
N GLU B 263 -5.24 37.38 44.49
CA GLU B 263 -5.05 38.68 45.11
C GLU B 263 -4.80 39.73 44.03
N ILE B 264 -5.79 40.58 43.78
CA ILE B 264 -5.68 41.59 42.75
C ILE B 264 -5.70 42.98 43.38
N LYS B 265 -5.40 43.98 42.56
CA LYS B 265 -5.52 45.38 42.92
C LYS B 265 -6.63 46.01 42.09
N ILE B 266 -7.55 46.70 42.77
CA ILE B 266 -8.58 47.49 42.10
C ILE B 266 -8.25 48.97 42.26
N LEU B 267 -8.53 49.73 41.20
CA LEU B 267 -8.17 51.14 41.10
C LEU B 267 -9.40 51.92 40.64
N ASN B 268 -10.19 52.39 41.60
CA ASN B 268 -11.37 53.19 41.27
C ASN B 268 -10.91 54.59 40.88
N ILE B 269 -11.08 54.96 39.63
CA ILE B 269 -10.58 56.24 39.14
C ILE B 269 -11.56 57.33 39.54
N PHE B 270 -11.09 58.30 40.32
CA PHE B 270 -11.94 59.37 40.82
C PHE B 270 -11.52 60.69 40.19
N GLY B 271 -12.50 61.47 39.75
CA GLY B 271 -12.24 62.81 39.25
C GLY B 271 -13.18 63.84 39.84
N VAL B 272 -12.64 64.82 40.55
CA VAL B 272 -13.45 65.84 41.19
C VAL B 272 -13.23 67.17 40.47
N ILE B 273 -14.33 67.92 40.37
CA ILE B 273 -14.38 69.29 39.88
C ILE B 273 -14.98 70.13 41.00
N LYS B 274 -14.34 71.25 41.31
CA LYS B 274 -14.86 72.14 42.34
C LYS B 274 -16.06 72.92 41.82
N GLY B 275 -16.65 73.72 42.71
CA GLY B 275 -17.77 74.58 42.39
C GLY B 275 -17.37 76.04 42.55
N PHE B 276 -18.30 76.82 43.07
CA PHE B 276 -18.05 78.23 43.32
C PHE B 276 -18.34 78.64 44.77
N VAL B 277 -19.39 78.09 45.36
CA VAL B 277 -19.86 78.50 46.69
C VAL B 277 -19.70 77.38 47.71
N GLU B 278 -20.30 76.22 47.45
CA GLU B 278 -20.38 75.14 48.44
C GLU B 278 -19.31 74.10 48.13
N PRO B 279 -18.28 73.95 48.97
CA PRO B 279 -17.13 73.12 48.58
C PRO B 279 -17.26 71.63 48.86
N ASP B 280 -18.05 71.26 49.88
CA ASP B 280 -17.96 69.91 50.40
C ASP B 280 -19.07 68.95 49.96
N HIS B 281 -20.21 69.45 49.49
CA HIS B 281 -21.34 68.60 49.14
C HIS B 281 -21.32 68.32 47.65
N TYR B 282 -21.79 67.14 47.26
CA TYR B 282 -21.76 66.80 45.83
C TYR B 282 -22.77 65.72 45.48
N VAL B 283 -23.02 65.63 44.16
CA VAL B 283 -23.79 64.57 43.54
C VAL B 283 -22.84 63.50 43.03
N VAL B 284 -23.12 62.23 43.36
CA VAL B 284 -22.27 61.13 42.93
C VAL B 284 -22.66 60.71 41.52
N VAL B 285 -21.68 60.68 40.63
CA VAL B 285 -21.86 60.23 39.25
C VAL B 285 -20.87 59.10 39.05
N GLY B 286 -21.35 57.86 39.09
CA GLY B 286 -20.48 56.71 39.03
C GLY B 286 -20.82 55.84 37.83
N ALA B 287 -19.87 54.96 37.49
CA ALA B 287 -20.01 54.11 36.32
C ALA B 287 -19.14 52.86 36.45
N GLN B 288 -19.77 51.71 36.27
CA GLN B 288 -19.05 50.46 36.17
C GLN B 288 -18.15 50.59 34.94
N ARG B 289 -17.04 49.86 34.93
CA ARG B 289 -16.06 50.04 33.86
C ARG B 289 -15.54 48.74 33.26
N ASP B 290 -15.33 47.70 34.06
CA ASP B 290 -14.73 46.48 33.53
C ASP B 290 -15.78 45.60 32.85
N ALA B 291 -15.30 44.56 32.18
CA ALA B 291 -16.17 43.57 31.55
C ALA B 291 -15.44 42.25 31.45
N TRP B 292 -16.18 41.16 31.67
CA TRP B 292 -15.68 39.82 31.36
C TRP B 292 -15.39 39.69 29.87
N GLY B 293 -16.34 40.10 29.04
CA GLY B 293 -16.16 40.08 27.61
C GLY B 293 -15.83 41.45 27.07
N PRO B 294 -16.36 41.77 25.88
CA PRO B 294 -16.09 43.08 25.26
C PRO B 294 -16.70 44.25 26.04
N GLY B 295 -17.98 44.12 26.38
CA GLY B 295 -18.66 45.14 27.14
C GLY B 295 -19.10 46.45 26.52
N ALA B 296 -19.72 46.37 25.33
CA ALA B 296 -20.35 47.55 24.75
C ALA B 296 -21.44 48.22 25.57
N ALA B 297 -22.33 47.41 26.13
CA ALA B 297 -23.43 47.93 26.94
C ALA B 297 -23.10 47.86 28.42
N LYS B 298 -22.31 46.86 28.82
CA LYS B 298 -21.92 46.70 30.21
C LYS B 298 -20.79 47.65 30.58
N SER B 299 -19.96 48.01 29.59
CA SER B 299 -18.84 48.90 29.80
C SER B 299 -18.77 49.96 28.71
N GLY B 300 -19.32 49.64 27.54
CA GLY B 300 -19.31 50.56 26.42
C GLY B 300 -20.32 51.67 26.57
N VAL B 301 -21.06 51.66 27.69
CA VAL B 301 -22.07 52.67 27.96
C VAL B 301 -21.78 53.51 29.20
N GLY B 302 -21.48 52.86 30.33
CA GLY B 302 -21.25 53.60 31.56
C GLY B 302 -20.00 54.46 31.52
N THR B 303 -18.88 53.87 31.08
CA THR B 303 -17.63 54.62 30.94
C THR B 303 -17.77 55.71 29.88
N ALA B 304 -18.48 55.42 28.79
CA ALA B 304 -18.66 56.39 27.72
C ALA B 304 -19.47 57.59 28.18
N LEU B 305 -20.62 57.35 28.83
CA LEU B 305 -21.44 58.44 29.33
C LEU B 305 -20.74 59.21 30.44
N LEU B 306 -19.91 58.52 31.24
CA LEU B 306 -19.11 59.19 32.25
C LEU B 306 -18.12 60.16 31.62
N LEU B 307 -17.43 59.71 30.56
CA LEU B 307 -16.45 60.56 29.90
C LEU B 307 -17.11 61.72 29.15
N LYS B 308 -18.30 61.47 28.56
CA LYS B 308 -18.96 62.56 27.84
C LYS B 308 -19.58 63.58 28.78
N LEU B 309 -20.07 63.14 29.95
CA LEU B 309 -20.52 64.10 30.96
C LEU B 309 -19.33 64.88 31.53
N ALA B 310 -18.17 64.25 31.66
CA ALA B 310 -16.96 64.97 32.04
C ALA B 310 -16.58 66.01 30.98
N GLN B 311 -16.73 65.64 29.71
CA GLN B 311 -16.46 66.56 28.60
C GLN B 311 -17.38 67.77 28.63
N MET B 312 -18.69 67.54 28.75
CA MET B 312 -19.65 68.63 28.70
C MET B 312 -19.59 69.51 29.95
N PHE B 313 -19.32 68.91 31.11
CA PHE B 313 -19.22 69.70 32.32
C PHE B 313 -17.90 70.46 32.40
N SER B 314 -16.82 69.91 31.84
CA SER B 314 -15.59 70.68 31.71
C SER B 314 -15.73 71.80 30.69
N ASP B 315 -16.55 71.59 29.66
CA ASP B 315 -16.85 72.67 28.72
C ASP B 315 -17.65 73.79 29.39
N MET B 316 -18.67 73.44 30.19
CA MET B 316 -19.45 74.48 30.84
C MET B 316 -18.71 75.14 32.00
N VAL B 317 -17.69 74.48 32.57
CA VAL B 317 -16.84 75.15 33.53
C VAL B 317 -15.87 76.10 32.83
N LEU B 318 -15.15 75.59 31.82
CA LEU B 318 -14.03 76.35 31.28
C LEU B 318 -14.45 77.36 30.22
N LYS B 319 -15.38 77.02 29.33
CA LYS B 319 -15.69 77.87 28.19
C LYS B 319 -16.73 78.93 28.50
N ASP B 320 -17.95 78.53 28.86
CA ASP B 320 -19.08 79.45 28.87
C ASP B 320 -19.37 80.05 30.23
N GLY B 321 -18.89 79.46 31.31
CA GLY B 321 -19.09 80.05 32.62
C GLY B 321 -20.35 79.63 33.35
N PHE B 322 -20.76 78.35 33.24
CA PHE B 322 -21.78 77.80 34.12
C PHE B 322 -21.30 77.83 35.57
N GLN B 323 -22.21 78.08 36.50
CA GLN B 323 -21.83 78.19 37.90
C GLN B 323 -22.45 77.04 38.70
N PRO B 324 -21.71 75.96 38.96
CA PRO B 324 -22.21 74.96 39.91
C PRO B 324 -22.24 75.50 41.32
N SER B 325 -23.33 75.22 42.03
CA SER B 325 -23.46 75.63 43.41
C SER B 325 -22.51 74.79 44.26
N ARG B 326 -22.39 73.51 43.93
CA ARG B 326 -21.52 72.60 44.65
C ARG B 326 -20.72 71.74 43.68
N SER B 327 -19.79 70.96 44.25
CA SER B 327 -18.80 70.22 43.49
C SER B 327 -19.42 69.05 42.73
N ILE B 328 -18.66 68.52 41.76
CA ILE B 328 -19.10 67.42 40.92
C ILE B 328 -18.03 66.34 40.95
N ILE B 329 -18.45 65.07 41.02
CA ILE B 329 -17.53 63.94 41.04
C ILE B 329 -17.84 63.04 39.85
N PHE B 330 -16.84 62.26 39.44
CA PHE B 330 -16.98 61.24 38.40
C PHE B 330 -16.16 60.03 38.82
N ALA B 331 -16.83 58.92 39.08
CA ALA B 331 -16.18 57.71 39.59
C ALA B 331 -16.29 56.61 38.55
N SER B 332 -15.15 56.03 38.18
CA SER B 332 -15.10 54.87 37.32
C SER B 332 -14.65 53.67 38.17
N TRP B 333 -15.51 52.67 38.27
CA TRP B 333 -15.40 51.62 39.28
C TRP B 333 -14.69 50.39 38.74
N SER B 334 -13.98 49.70 39.62
CA SER B 334 -13.46 48.38 39.31
C SER B 334 -14.23 47.33 40.11
N ALA B 335 -14.16 46.07 39.62
CA ALA B 335 -14.81 44.90 40.22
C ALA B 335 -16.30 45.08 40.39
N GLY B 336 -16.96 45.61 39.35
CA GLY B 336 -18.38 45.87 39.42
C GLY B 336 -19.21 44.71 38.90
N ASP B 337 -18.61 43.86 38.07
CA ASP B 337 -19.28 42.69 37.54
C ASP B 337 -19.55 41.64 38.62
N PHE B 338 -18.80 41.66 39.71
CA PHE B 338 -18.93 40.70 40.79
C PHE B 338 -20.05 41.05 41.76
N GLY B 339 -20.69 42.20 41.57
CA GLY B 339 -21.72 42.66 42.48
C GLY B 339 -21.38 43.99 43.12
N SER B 340 -20.62 44.81 42.39
CA SER B 340 -20.06 46.08 42.86
C SER B 340 -19.27 45.90 44.14
N VAL B 341 -18.18 45.12 44.04
CA VAL B 341 -17.33 44.85 45.20
C VAL B 341 -16.54 46.10 45.59
N GLY B 342 -15.92 46.76 44.62
CA GLY B 342 -15.12 47.95 44.86
C GLY B 342 -15.90 49.12 45.42
N ALA B 343 -17.14 49.27 44.96
CA ALA B 343 -18.01 50.30 45.51
C ALA B 343 -18.36 50.03 46.97
N THR B 344 -18.61 48.77 47.32
CA THR B 344 -18.90 48.40 48.69
C THR B 344 -17.69 48.57 49.60
N GLU B 345 -16.51 48.16 49.14
CA GLU B 345 -15.30 48.34 49.91
C GLU B 345 -14.90 49.81 50.02
N TRP B 346 -15.33 50.64 49.06
CA TRP B 346 -15.19 52.09 49.21
C TRP B 346 -16.20 52.62 50.23
N LEU B 347 -17.38 52.00 50.30
CA LEU B 347 -18.42 52.43 51.23
C LEU B 347 -18.33 51.75 52.59
N GLU B 348 -17.46 50.74 52.76
CA GLU B 348 -17.17 50.27 54.10
C GLU B 348 -16.32 51.26 54.87
N GLY B 349 -15.43 51.99 54.20
CA GLY B 349 -14.73 53.09 54.85
C GLY B 349 -15.57 54.35 54.96
N TYR B 350 -16.66 54.42 54.20
CA TYR B 350 -17.56 55.57 54.13
C TYR B 350 -19.01 55.18 54.44
N LEU B 351 -19.24 54.50 55.57
CA LEU B 351 -20.57 54.00 55.89
C LEU B 351 -21.53 55.12 56.23
N SER B 352 -21.24 55.87 57.30
CA SER B 352 -22.09 56.97 57.74
C SER B 352 -21.34 58.29 57.84
N SER B 353 -20.24 58.42 57.10
CA SER B 353 -19.49 59.68 57.06
C SER B 353 -19.48 60.28 55.65
N LEU B 354 -20.49 59.97 54.84
CA LEU B 354 -20.57 60.47 53.48
C LEU B 354 -21.95 61.02 53.12
N HIS B 355 -23.01 60.58 53.80
CA HIS B 355 -24.36 61.03 53.48
C HIS B 355 -24.61 62.48 53.88
N LEU B 356 -23.75 63.06 54.72
CA LEU B 356 -23.88 64.47 55.05
C LEU B 356 -23.41 65.35 53.91
N LYS B 357 -22.49 64.84 53.08
CA LYS B 357 -21.94 65.59 51.96
C LYS B 357 -22.49 65.13 50.61
N ALA B 358 -22.29 63.87 50.27
CA ALA B 358 -22.75 63.33 48.99
C ALA B 358 -24.22 62.97 49.13
N PHE B 359 -25.07 63.50 48.25
CA PHE B 359 -26.51 63.36 48.47
C PHE B 359 -27.30 62.77 47.30
N THR B 360 -26.66 62.44 46.18
CA THR B 360 -27.39 61.82 45.08
C THR B 360 -26.45 60.95 44.27
N TYR B 361 -26.79 59.66 44.11
CA TYR B 361 -26.14 58.79 43.15
C TYR B 361 -26.98 58.76 41.88
N ILE B 362 -26.33 58.99 40.73
CA ILE B 362 -26.97 58.85 39.42
C ILE B 362 -26.41 57.59 38.78
N ASN B 363 -27.28 56.75 38.24
CA ASN B 363 -26.89 55.44 37.73
C ASN B 363 -26.67 55.56 36.23
N LEU B 364 -25.41 55.65 35.83
CA LEU B 364 -25.03 55.57 34.42
C LEU B 364 -24.98 54.13 33.93
N ASP B 365 -24.94 53.15 34.84
CA ASP B 365 -24.88 51.75 34.47
C ASP B 365 -26.26 51.28 34.02
N LYS B 366 -26.31 50.61 32.87
CA LYS B 366 -27.53 50.06 32.27
C LYS B 366 -28.58 51.14 32.01
N ALA B 367 -28.13 52.30 31.53
CA ALA B 367 -29.05 53.35 31.12
C ALA B 367 -29.40 53.25 29.64
N VAL B 368 -28.52 52.67 28.83
CA VAL B 368 -28.75 52.48 27.41
C VAL B 368 -28.87 50.99 27.16
N LEU B 369 -30.11 50.51 27.00
CA LEU B 369 -30.38 49.10 26.73
C LEU B 369 -31.36 48.88 25.59
N GLY B 370 -32.15 49.89 25.24
CA GLY B 370 -33.15 49.73 24.20
C GLY B 370 -33.54 51.07 23.62
N THR B 371 -34.78 51.14 23.16
CA THR B 371 -35.22 52.35 22.46
C THR B 371 -36.47 52.99 23.05
N SER B 372 -37.49 52.20 23.39
CA SER B 372 -38.82 52.75 23.58
C SER B 372 -39.11 53.09 25.04
N ASN B 373 -39.09 52.09 25.92
CA ASN B 373 -39.55 52.24 27.28
C ASN B 373 -38.53 52.99 28.14
N PHE B 374 -39.02 53.97 28.88
CA PHE B 374 -38.24 54.73 29.85
C PHE B 374 -38.74 54.35 31.24
N LYS B 375 -38.01 53.45 31.90
CA LYS B 375 -38.38 52.96 33.22
C LYS B 375 -37.44 53.52 34.28
N VAL B 376 -37.99 53.88 35.43
CA VAL B 376 -37.26 54.53 36.51
C VAL B 376 -37.40 53.71 37.77
N SER B 377 -36.27 53.38 38.40
CA SER B 377 -36.25 52.81 39.74
C SER B 377 -35.28 53.65 40.57
N ALA B 378 -35.79 54.28 41.62
CA ALA B 378 -35.02 55.31 42.28
C ALA B 378 -35.39 55.43 43.74
N SER B 379 -34.56 56.18 44.47
CA SER B 379 -34.93 56.65 45.79
C SER B 379 -36.09 57.63 45.67
N PRO B 380 -37.02 57.62 46.62
CA PRO B 380 -38.25 58.42 46.46
C PRO B 380 -38.04 59.93 46.56
N LEU B 381 -36.99 60.39 47.28
CA LEU B 381 -36.70 61.82 47.37
C LEU B 381 -36.37 62.42 46.00
N LEU B 382 -35.81 61.61 45.11
CA LEU B 382 -35.51 62.08 43.77
C LEU B 382 -36.73 62.14 42.86
N TYR B 383 -37.85 61.49 43.25
CA TYR B 383 -38.94 61.16 42.32
C TYR B 383 -39.54 62.38 41.64
N THR B 384 -39.96 63.38 42.42
CA THR B 384 -40.59 64.57 41.85
C THR B 384 -39.59 65.37 41.02
N LEU B 385 -38.31 65.32 41.39
CA LEU B 385 -37.24 65.83 40.53
C LEU B 385 -37.27 65.17 39.17
N ILE B 386 -37.33 63.83 39.17
CA ILE B 386 -37.51 63.02 37.96
C ILE B 386 -38.76 63.44 37.22
N GLU B 387 -39.83 63.79 37.97
CA GLU B 387 -41.06 64.27 37.36
C GLU B 387 -40.83 65.55 36.58
N LYS B 388 -40.12 66.50 37.19
CA LYS B 388 -39.79 67.74 36.46
C LYS B 388 -38.69 67.52 35.43
N THR B 389 -38.08 66.33 35.41
CA THR B 389 -37.22 65.92 34.32
C THR B 389 -38.02 65.32 33.17
N MET B 390 -39.11 64.60 33.45
CA MET B 390 -39.79 63.84 32.40
C MET B 390 -40.68 64.70 31.51
N GLN B 391 -40.87 65.97 31.85
CA GLN B 391 -41.85 66.79 31.15
C GLN B 391 -41.26 67.64 30.04
N ASN B 392 -39.94 67.84 30.01
CA ASN B 392 -39.35 68.67 28.97
C ASN B 392 -38.09 68.05 28.37
N VAL B 393 -38.08 66.73 28.18
CA VAL B 393 -37.02 66.01 27.48
C VAL B 393 -37.68 65.16 26.40
N LYS B 394 -37.15 65.22 25.18
CA LYS B 394 -37.78 64.59 24.04
C LYS B 394 -37.59 63.08 24.04
N HIS B 395 -38.61 62.38 23.55
CA HIS B 395 -38.47 60.97 23.23
C HIS B 395 -37.70 60.85 21.91
N PRO B 396 -36.80 59.87 21.79
CA PRO B 396 -35.93 59.82 20.60
C PRO B 396 -36.64 59.56 19.28
N VAL B 397 -37.38 58.46 19.16
CA VAL B 397 -37.90 58.05 17.87
C VAL B 397 -39.34 58.52 17.66
N THR B 398 -40.18 58.40 18.70
CA THR B 398 -41.58 58.80 18.57
C THR B 398 -41.73 60.31 18.45
N GLY B 399 -41.02 61.05 19.30
CA GLY B 399 -41.04 62.50 19.26
C GLY B 399 -41.89 63.16 20.33
N GLN B 400 -42.62 62.37 21.11
CA GLN B 400 -43.49 62.94 22.13
C GLN B 400 -42.72 63.17 23.43
N PHE B 401 -43.46 63.41 24.50
CA PHE B 401 -42.84 63.66 25.79
C PHE B 401 -42.56 62.36 26.52
N LEU B 402 -41.68 62.44 27.51
CA LEU B 402 -41.37 61.29 28.35
C LEU B 402 -42.40 61.08 29.45
N TYR B 403 -43.06 62.14 29.91
CA TYR B 403 -44.06 62.04 30.97
C TYR B 403 -45.39 61.67 30.32
N GLN B 404 -45.54 60.39 29.99
CA GLN B 404 -46.76 59.88 29.38
C GLN B 404 -47.71 59.23 30.37
N ASP B 405 -47.22 58.84 31.56
CA ASP B 405 -48.02 58.12 32.53
C ASP B 405 -47.94 58.85 33.86
N SER B 406 -49.10 59.26 34.39
CA SER B 406 -49.17 59.89 35.69
C SER B 406 -49.18 58.88 36.84
N ASN B 407 -49.11 57.59 36.54
CA ASN B 407 -49.06 56.52 37.53
C ASN B 407 -47.68 55.88 37.55
N TRP B 408 -46.64 56.72 37.44
CA TRP B 408 -45.27 56.25 37.28
C TRP B 408 -44.60 55.93 38.61
N ALA B 409 -45.02 56.59 39.70
CA ALA B 409 -44.33 56.45 40.98
C ALA B 409 -44.86 55.30 41.82
N SER B 410 -46.05 54.79 41.51
CA SER B 410 -46.63 53.72 42.32
C SER B 410 -46.30 52.32 41.82
N LYS B 411 -46.04 52.16 40.52
CA LYS B 411 -45.69 50.87 39.94
C LYS B 411 -44.20 50.75 39.68
N VAL B 412 -43.39 51.35 40.55
CA VAL B 412 -41.93 51.30 40.42
C VAL B 412 -41.45 49.89 40.76
N GLU B 413 -40.84 49.23 39.79
CA GLU B 413 -40.20 47.95 40.05
C GLU B 413 -38.96 48.16 40.90
N LYS B 414 -38.82 47.35 41.95
CA LYS B 414 -37.80 47.60 42.95
C LYS B 414 -36.42 47.20 42.42
N LEU B 415 -35.40 47.85 42.99
CA LEU B 415 -34.02 47.54 42.63
C LEU B 415 -33.62 46.17 43.14
N THR B 416 -32.90 45.43 42.30
CA THR B 416 -32.40 44.11 42.66
C THR B 416 -30.99 44.23 43.24
N LEU B 417 -30.39 43.06 43.47
CA LEU B 417 -29.05 42.99 44.04
C LEU B 417 -27.99 43.39 43.03
N ASP B 418 -28.17 43.06 41.76
CA ASP B 418 -27.12 43.17 40.75
C ASP B 418 -27.00 44.55 40.12
N ASN B 419 -27.57 45.58 40.73
CA ASN B 419 -27.46 46.93 40.20
C ASN B 419 -26.50 47.75 41.07
N ALA B 420 -26.05 48.88 40.54
CA ALA B 420 -25.04 49.69 41.22
C ALA B 420 -25.65 50.75 42.14
N ALA B 421 -26.92 51.09 41.96
CA ALA B 421 -27.55 52.10 42.81
C ALA B 421 -28.12 51.53 44.09
N PHE B 422 -28.40 50.24 44.13
CA PHE B 422 -28.95 49.57 45.30
C PHE B 422 -28.04 49.54 46.53
N PRO B 423 -26.69 49.36 46.43
CA PRO B 423 -25.89 49.53 47.66
C PRO B 423 -25.89 50.96 48.20
N PHE B 424 -25.96 51.96 47.34
CA PHE B 424 -26.10 53.34 47.81
C PHE B 424 -27.45 53.56 48.46
N LEU B 425 -28.48 52.89 47.94
CA LEU B 425 -29.83 53.06 48.48
C LEU B 425 -30.00 52.35 49.83
N ALA B 426 -29.43 51.16 49.98
CA ALA B 426 -29.75 50.33 51.12
C ALA B 426 -28.64 50.20 52.16
N TYR B 427 -27.38 50.47 51.80
CA TYR B 427 -26.27 50.27 52.72
C TYR B 427 -25.76 51.56 53.34
N SER B 428 -25.44 52.56 52.53
CA SER B 428 -24.83 53.80 53.02
C SER B 428 -25.84 54.93 53.19
N GLY B 429 -27.05 54.79 52.67
CA GLY B 429 -28.06 55.82 52.87
C GLY B 429 -27.90 57.05 52.01
N ILE B 430 -27.46 56.88 50.76
CA ILE B 430 -27.41 57.98 49.81
C ILE B 430 -28.55 57.79 48.82
N PRO B 431 -29.33 58.82 48.51
CA PRO B 431 -30.37 58.70 47.48
C PRO B 431 -29.78 58.39 46.11
N ALA B 432 -30.48 57.53 45.37
CA ALA B 432 -29.94 57.02 44.13
C ALA B 432 -31.05 56.89 43.10
N VAL B 433 -30.69 57.08 41.83
CA VAL B 433 -31.63 57.04 40.73
C VAL B 433 -31.09 56.12 39.65
N SER B 434 -31.96 55.31 39.05
CA SER B 434 -31.62 54.46 37.91
C SER B 434 -32.69 54.65 36.84
N PHE B 435 -32.28 55.16 35.70
CA PHE B 435 -33.17 55.36 34.55
C PHE B 435 -32.69 54.46 33.42
N CYS B 436 -33.64 53.83 32.73
CA CYS B 436 -33.25 52.88 31.70
C CYS B 436 -34.16 52.99 30.49
N PHE B 437 -33.53 53.03 29.32
CA PHE B 437 -34.17 52.90 28.01
C PHE B 437 -34.10 51.39 27.86
N CYS B 438 -35.25 50.76 27.65
CA CYS B 438 -35.31 49.32 27.36
C CYS B 438 -36.73 48.98 26.92
N GLU B 439 -36.95 47.71 26.60
CA GLU B 439 -38.24 47.23 26.13
C GLU B 439 -38.72 46.09 27.02
N ASP B 440 -39.77 45.39 26.59
CA ASP B 440 -40.29 44.24 27.32
C ASP B 440 -39.27 43.10 27.41
N THR B 441 -38.44 42.93 26.38
CA THR B 441 -37.35 41.97 26.39
C THR B 441 -36.12 42.65 27.00
N ASP B 442 -35.40 41.91 27.85
CA ASP B 442 -34.17 42.42 28.45
C ASP B 442 -33.08 42.58 27.38
N TYR B 443 -31.98 43.19 27.79
CA TYR B 443 -30.83 43.33 26.91
C TYR B 443 -30.22 41.94 26.70
N PRO B 444 -30.11 41.46 25.45
CA PRO B 444 -29.76 40.05 25.24
C PRO B 444 -28.30 39.72 25.53
N TYR B 445 -27.43 40.71 25.64
CA TYR B 445 -25.99 40.49 25.75
C TYR B 445 -25.41 41.07 27.03
N LEU B 446 -26.07 40.83 28.16
CA LEU B 446 -25.53 41.24 29.46
C LEU B 446 -24.64 40.14 30.01
N GLY B 447 -23.33 40.27 29.81
CA GLY B 447 -22.38 39.32 30.34
C GLY B 447 -21.92 38.26 29.36
N THR B 448 -22.17 38.45 28.07
CA THR B 448 -21.75 37.50 27.05
C THR B 448 -20.56 38.06 26.29
N THR B 449 -20.03 37.24 25.39
CA THR B 449 -18.91 37.65 24.54
C THR B 449 -19.36 38.42 23.31
N MET B 450 -20.66 38.59 23.09
CA MET B 450 -21.16 39.29 21.92
C MET B 450 -21.75 40.65 22.28
N ASP B 451 -21.43 41.20 23.45
CA ASP B 451 -21.76 42.59 23.78
C ASP B 451 -20.76 43.49 23.05
N THR B 452 -20.98 43.61 21.75
CA THR B 452 -20.04 44.24 20.84
C THR B 452 -20.63 45.54 20.30
N TYR B 453 -19.74 46.35 19.72
CA TYR B 453 -20.17 47.61 19.12
C TYR B 453 -21.05 47.38 17.90
N LYS B 454 -20.83 46.27 17.19
CA LYS B 454 -21.53 46.02 15.92
C LYS B 454 -23.01 45.75 16.14
N GLU B 455 -23.34 44.82 17.02
CA GLU B 455 -24.75 44.51 17.29
C GLU B 455 -25.45 45.66 18.01
N LEU B 456 -24.72 46.39 18.85
CA LEU B 456 -25.31 47.51 19.57
C LEU B 456 -25.63 48.67 18.64
N ILE B 457 -24.75 48.95 17.67
CA ILE B 457 -25.03 49.99 16.70
C ILE B 457 -26.00 49.48 15.62
N GLU B 458 -26.14 48.17 15.47
CA GLU B 458 -27.02 47.61 14.45
C GLU B 458 -28.47 47.60 14.92
N ARG B 459 -28.69 47.30 16.20
CA ARG B 459 -30.06 47.24 16.71
C ARG B 459 -30.66 48.64 16.83
N ILE B 460 -29.89 49.60 17.29
CA ILE B 460 -30.33 50.97 17.48
C ILE B 460 -29.51 51.88 16.58
N PRO B 461 -30.04 52.30 15.43
CA PRO B 461 -29.31 53.25 14.58
C PRO B 461 -29.21 54.64 15.18
N GLU B 462 -30.08 54.98 16.12
CA GLU B 462 -30.05 56.25 16.83
C GLU B 462 -29.48 56.09 18.24
N LEU B 463 -28.42 55.28 18.35
CA LEU B 463 -27.70 55.09 19.62
C LEU B 463 -27.15 56.42 20.14
N ASN B 464 -26.71 57.29 19.23
CA ASN B 464 -26.32 58.66 19.60
C ASN B 464 -27.51 59.42 20.19
N LYS B 465 -28.71 59.20 19.66
CA LYS B 465 -29.89 59.91 20.15
C LYS B 465 -30.39 59.33 21.46
N VAL B 466 -30.31 58.00 21.63
CA VAL B 466 -30.70 57.36 22.88
C VAL B 466 -29.74 57.76 24.01
N ALA B 467 -28.44 57.75 23.71
CA ALA B 467 -27.44 58.25 24.66
C ALA B 467 -27.59 59.75 24.89
N ARG B 468 -28.09 60.50 23.89
CA ARG B 468 -28.37 61.91 24.08
C ARG B 468 -29.50 62.13 25.07
N ALA B 469 -30.55 61.31 24.97
CA ALA B 469 -31.67 61.47 25.90
C ALA B 469 -31.30 61.03 27.32
N ALA B 470 -30.51 59.95 27.43
CA ALA B 470 -30.04 59.50 28.74
C ALA B 470 -29.08 60.51 29.37
N ALA B 471 -28.15 61.05 28.58
CA ALA B 471 -27.26 62.07 29.09
C ALA B 471 -27.99 63.38 29.33
N GLU B 472 -29.12 63.60 28.66
CA GLU B 472 -29.91 64.80 28.92
C GLU B 472 -30.63 64.73 30.25
N VAL B 473 -31.22 63.56 30.57
CA VAL B 473 -31.87 63.47 31.88
C VAL B 473 -30.82 63.42 33.00
N ALA B 474 -29.62 62.87 32.72
CA ALA B 474 -28.55 62.90 33.71
C ALA B 474 -28.00 64.30 33.92
N GLY B 475 -27.80 65.06 32.83
CA GLY B 475 -27.29 66.41 32.94
C GLY B 475 -28.30 67.36 33.55
N GLN B 476 -29.59 67.13 33.31
CA GLN B 476 -30.60 67.96 33.95
C GLN B 476 -30.72 67.61 35.43
N PHE B 477 -30.51 66.32 35.79
CA PHE B 477 -30.35 65.94 37.19
C PHE B 477 -29.22 66.74 37.87
N VAL B 478 -28.05 66.77 37.22
CA VAL B 478 -26.88 67.44 37.79
C VAL B 478 -27.11 68.94 37.90
N ILE B 479 -27.67 69.57 36.87
CA ILE B 479 -27.84 71.02 36.89
C ILE B 479 -28.97 71.45 37.83
N LYS B 480 -30.10 70.72 37.86
CA LYS B 480 -31.16 70.97 38.85
C LYS B 480 -30.65 70.81 40.28
N LEU B 481 -29.80 69.83 40.55
CA LEU B 481 -29.30 69.66 41.90
C LEU B 481 -28.17 70.59 42.27
N THR B 482 -27.39 71.10 41.30
CA THR B 482 -26.17 71.82 41.61
C THR B 482 -26.19 73.27 41.12
N HIS B 483 -27.34 73.81 40.74
CA HIS B 483 -27.36 75.26 40.50
C HIS B 483 -28.56 75.94 41.15
N ASP B 484 -29.64 75.19 41.39
CA ASP B 484 -30.85 75.74 41.99
C ASP B 484 -30.61 76.15 43.44
N VAL B 485 -31.36 77.16 43.88
CA VAL B 485 -31.19 77.70 45.22
C VAL B 485 -31.75 76.77 46.28
N GLU B 486 -32.73 75.95 45.94
CA GLU B 486 -33.26 74.93 46.83
C GLU B 486 -32.75 73.55 46.42
N LEU B 487 -33.31 72.53 47.06
CA LEU B 487 -33.21 71.16 46.58
C LEU B 487 -34.59 70.71 46.10
N ASN B 488 -34.60 70.00 44.97
CA ASN B 488 -35.84 69.53 44.37
C ASN B 488 -36.19 68.12 44.87
N LEU B 489 -36.20 67.96 46.18
CA LEU B 489 -36.37 66.66 46.83
C LEU B 489 -37.74 66.63 47.50
N ASP B 490 -38.48 65.55 47.27
CA ASP B 490 -39.86 65.45 47.73
C ASP B 490 -39.92 64.55 48.96
N TYR B 491 -40.19 65.17 50.12
CA TYR B 491 -40.45 64.44 51.35
C TYR B 491 -41.92 64.08 51.51
N GLU B 492 -42.77 64.49 50.58
CA GLU B 492 -44.21 64.22 50.71
C GLU B 492 -44.61 62.93 49.99
N ARG B 493 -43.68 62.31 49.25
CA ARG B 493 -43.91 60.96 48.77
C ARG B 493 -43.78 59.95 49.91
N TYR B 494 -42.96 60.29 50.90
CA TYR B 494 -42.82 59.47 52.11
C TYR B 494 -44.09 59.45 52.93
N ASN B 495 -44.93 60.48 52.82
CA ASN B 495 -46.29 60.42 53.35
C ASN B 495 -47.04 59.24 52.74
N SER B 496 -46.94 59.08 51.42
CA SER B 496 -47.58 57.95 50.75
C SER B 496 -46.91 56.63 51.09
N GLN B 497 -45.60 56.66 51.38
CA GLN B 497 -44.89 55.42 51.75
C GLN B 497 -45.33 54.92 53.12
N LEU B 498 -45.27 55.79 54.14
CA LEU B 498 -45.70 55.41 55.47
C LEU B 498 -47.21 55.16 55.52
N LEU B 499 -47.98 55.89 54.71
CA LEU B 499 -49.40 55.64 54.63
C LEU B 499 -49.70 54.34 53.89
N SER B 500 -48.78 53.89 53.02
CA SER B 500 -48.91 52.58 52.40
C SER B 500 -48.62 51.48 53.40
N PHE B 501 -47.68 51.70 54.31
CA PHE B 501 -47.44 50.74 55.39
C PHE B 501 -48.64 50.67 56.34
N VAL B 502 -49.20 51.83 56.68
CA VAL B 502 -50.40 51.86 57.52
C VAL B 502 -51.60 51.28 56.76
N ARG B 503 -51.63 51.43 55.43
CA ARG B 503 -52.66 50.81 54.61
C ARG B 503 -52.54 49.29 54.59
N ASP B 504 -51.31 48.77 54.58
CA ASP B 504 -51.10 47.33 54.77
C ASP B 504 -51.57 46.89 56.14
N LEU B 505 -51.43 47.75 57.15
CA LEU B 505 -51.86 47.38 58.49
C LEU B 505 -53.37 47.46 58.68
N ASN B 506 -54.03 48.44 58.03
CA ASN B 506 -55.47 48.64 58.20
C ASN B 506 -56.29 47.50 57.61
N GLN B 507 -55.80 46.87 56.53
CA GLN B 507 -56.50 45.75 55.93
C GLN B 507 -56.33 44.46 56.74
N TYR B 508 -55.36 44.45 57.66
CA TYR B 508 -54.99 43.26 58.41
C TYR B 508 -55.21 43.48 59.92
N ARG B 509 -55.86 44.60 60.28
CA ARG B 509 -56.19 44.92 61.68
C ARG B 509 -57.00 43.86 62.41
N ALA B 510 -57.72 42.97 61.71
CA ALA B 510 -58.40 41.89 62.41
C ALA B 510 -57.39 40.91 63.03
N ASP B 511 -56.29 40.65 62.33
CA ASP B 511 -55.22 39.84 62.90
C ASP B 511 -54.48 40.57 64.01
N ILE B 512 -54.52 41.90 64.02
CA ILE B 512 -53.93 42.66 65.12
C ILE B 512 -54.84 42.63 66.34
N LYS B 513 -56.14 42.77 66.13
CA LYS B 513 -57.11 42.69 67.21
C LYS B 513 -57.29 41.27 67.75
N GLU B 514 -56.86 40.25 67.00
CA GLU B 514 -56.69 38.94 67.61
C GLU B 514 -55.58 38.94 68.65
N MET B 515 -54.56 39.77 68.48
CA MET B 515 -53.50 39.92 69.47
C MET B 515 -53.86 40.90 70.58
N GLY B 516 -54.83 41.78 70.34
CA GLY B 516 -55.28 42.70 71.36
C GLY B 516 -54.36 43.88 71.60
N LEU B 517 -54.03 44.60 70.53
CA LEU B 517 -53.15 45.76 70.61
C LEU B 517 -53.93 47.04 70.39
N SER B 518 -53.62 48.04 71.22
CA SER B 518 -53.98 49.42 70.96
C SER B 518 -52.75 50.09 70.34
N LEU B 519 -52.88 50.52 69.09
CA LEU B 519 -51.75 50.94 68.27
C LEU B 519 -51.53 52.44 68.30
N GLN B 520 -51.76 53.07 69.46
CA GLN B 520 -51.88 54.53 69.54
C GLN B 520 -50.54 55.23 69.33
N TRP B 521 -49.42 54.63 69.76
CA TRP B 521 -48.14 55.31 69.61
C TRP B 521 -47.66 55.25 68.16
N LEU B 522 -48.11 54.26 67.39
CA LEU B 522 -47.79 54.22 65.97
C LEU B 522 -48.48 55.34 65.21
N TYR B 523 -49.76 55.56 65.48
CA TYR B 523 -50.47 56.69 64.89
C TYR B 523 -49.96 58.02 65.43
N SER B 524 -49.44 58.02 66.67
CA SER B 524 -48.76 59.20 67.19
C SER B 524 -47.49 59.51 66.40
N ALA B 525 -46.73 58.47 66.03
CA ALA B 525 -45.54 58.66 65.21
C ALA B 525 -45.90 59.12 63.81
N ARG B 526 -46.98 58.59 63.24
CA ARG B 526 -47.43 59.03 61.92
C ARG B 526 -47.94 60.47 61.96
N GLY B 527 -48.58 60.87 63.08
CA GLY B 527 -48.96 62.26 63.24
C GLY B 527 -47.77 63.19 63.44
N ASP B 528 -46.73 62.70 64.12
CA ASP B 528 -45.48 63.45 64.24
C ASP B 528 -44.83 63.66 62.88
N PHE B 529 -44.85 62.62 62.04
CA PHE B 529 -44.32 62.71 60.69
C PHE B 529 -45.12 63.70 59.84
N PHE B 530 -46.45 63.63 59.94
CA PHE B 530 -47.31 64.52 59.15
C PHE B 530 -47.17 65.97 59.59
N ARG B 531 -47.10 66.22 60.91
CA ARG B 531 -46.88 67.57 61.41
C ARG B 531 -45.48 68.07 61.07
N ALA B 532 -44.49 67.17 61.01
CA ALA B 532 -43.15 67.58 60.61
C ALA B 532 -43.12 68.00 59.15
N THR B 533 -43.84 67.27 58.29
CA THR B 533 -43.92 67.66 56.88
C THR B 533 -44.68 68.98 56.71
N SER B 534 -45.78 69.15 57.45
CA SER B 534 -46.56 70.38 57.35
C SER B 534 -45.78 71.59 57.87
N ARG B 535 -45.07 71.43 58.99
CA ARG B 535 -44.28 72.52 59.54
C ARG B 535 -43.04 72.82 58.71
N LEU B 536 -42.45 71.80 58.07
CA LEU B 536 -41.35 72.05 57.14
C LEU B 536 -41.84 72.78 55.89
N THR B 537 -43.06 72.48 55.44
CA THR B 537 -43.64 73.23 54.31
C THR B 537 -43.92 74.68 54.72
N THR B 538 -44.38 74.89 55.95
CA THR B 538 -44.61 76.25 56.44
C THR B 538 -43.30 77.01 56.60
N ASP B 539 -42.24 76.33 57.04
CA ASP B 539 -40.91 76.94 57.10
C ASP B 539 -40.38 77.24 55.71
N PHE B 540 -40.72 76.42 54.71
CA PHE B 540 -40.36 76.73 53.34
C PHE B 540 -41.17 77.90 52.80
N GLY B 541 -42.34 78.15 53.39
CA GLY B 541 -43.09 79.36 53.11
C GLY B 541 -42.43 80.62 53.63
N ASN B 542 -41.51 80.51 54.58
CA ASN B 542 -40.73 81.65 55.09
C ASN B 542 -39.24 81.35 55.08
N ALA B 543 -38.72 80.80 53.99
CA ALA B 543 -37.30 80.58 53.83
C ALA B 543 -36.80 81.41 52.65
N GLU B 544 -35.56 81.85 52.74
CA GLU B 544 -34.96 82.70 51.72
C GLU B 544 -34.39 81.83 50.61
N LYS B 545 -33.74 82.43 49.62
CA LYS B 545 -33.25 81.69 48.47
C LYS B 545 -31.74 81.75 48.30
N THR B 546 -31.14 82.94 48.34
CA THR B 546 -29.73 83.13 48.02
C THR B 546 -28.97 83.58 49.28
N ASP B 547 -29.28 82.94 50.40
CA ASP B 547 -28.59 83.22 51.66
C ASP B 547 -28.03 81.94 52.27
N PHE B 549 -26.11 79.52 56.99
CA PHE B 549 -26.84 79.65 58.26
C PHE B 549 -28.09 78.78 58.26
N VAL B 550 -29.16 79.26 57.61
CA VAL B 550 -30.42 78.55 57.63
C VAL B 550 -30.67 77.75 56.34
N MET B 551 -30.20 78.24 55.19
CA MET B 551 -30.60 77.64 53.92
C MET B 551 -29.89 76.31 53.65
N LYS B 552 -28.57 76.27 53.82
CA LYS B 552 -27.81 75.03 53.73
C LYS B 552 -28.20 74.04 54.82
N LYS B 553 -28.62 74.54 55.99
CA LYS B 553 -29.08 73.65 57.06
C LYS B 553 -30.41 73.00 56.71
N LEU B 554 -31.34 73.77 56.15
CA LEU B 554 -32.61 73.20 55.69
C LEU B 554 -32.38 72.22 54.55
N ASN B 555 -31.47 72.55 53.62
CA ASN B 555 -31.09 71.63 52.56
C ASN B 555 -30.48 70.33 53.08
N ASP B 556 -29.63 70.39 54.09
CA ASP B 556 -29.05 69.17 54.64
C ASP B 556 -30.07 68.37 55.43
N ARG B 557 -31.02 69.04 56.09
CA ARG B 557 -32.12 68.33 56.74
C ARG B 557 -33.00 67.61 55.72
N VAL B 558 -33.19 68.21 54.54
CA VAL B 558 -33.89 67.52 53.47
C VAL B 558 -33.06 66.36 52.92
N MET B 559 -31.72 66.51 52.91
CA MET B 559 -30.84 65.43 52.47
C MET B 559 -30.89 64.23 53.42
N ARG B 560 -31.05 64.47 54.71
CA ARG B 560 -30.93 63.39 55.69
C ARG B 560 -32.13 62.45 55.76
N VAL B 561 -33.21 62.71 55.02
CA VAL B 561 -34.47 62.00 55.28
C VAL B 561 -34.40 60.55 54.80
N GLU B 562 -33.67 60.28 53.71
CA GLU B 562 -33.44 58.91 53.27
C GLU B 562 -32.54 58.15 54.26
N TYR B 563 -31.58 58.84 54.88
CA TYR B 563 -30.68 58.19 55.83
C TYR B 563 -31.39 57.74 57.10
N HIS B 564 -32.42 58.47 57.54
CA HIS B 564 -33.16 58.08 58.72
C HIS B 564 -34.11 56.92 58.49
N PHE B 565 -34.32 56.50 57.23
CA PHE B 565 -35.11 55.31 56.94
C PHE B 565 -34.27 54.04 56.90
N LEU B 566 -32.98 54.14 57.26
CA LEU B 566 -32.23 52.95 57.63
C LEU B 566 -32.64 52.50 59.03
N SER B 567 -32.29 51.28 59.38
CA SER B 567 -32.55 50.79 60.73
C SER B 567 -31.31 50.99 61.60
N PRO B 568 -31.37 51.79 62.67
CA PRO B 568 -30.22 51.89 63.58
C PRO B 568 -30.26 50.84 64.68
N TYR B 569 -31.10 49.83 64.51
CA TYR B 569 -31.40 48.87 65.57
C TYR B 569 -30.70 47.52 65.35
N VAL B 570 -29.87 47.41 64.31
CA VAL B 570 -29.13 46.20 64.02
C VAL B 570 -27.68 46.57 63.76
N SER B 571 -26.82 45.55 63.77
CA SER B 571 -25.40 45.75 63.46
C SER B 571 -25.17 45.56 61.97
N PRO B 572 -24.32 46.39 61.34
CA PRO B 572 -24.12 46.26 59.89
C PRO B 572 -23.33 45.02 59.48
N LYS B 573 -22.48 44.48 60.36
CA LYS B 573 -21.68 43.31 60.00
C LYS B 573 -22.54 42.05 59.91
N GLU B 574 -23.60 41.99 60.72
CA GLU B 574 -24.55 40.88 60.63
C GLU B 574 -25.54 41.09 59.49
N SER B 575 -25.96 42.33 59.29
CA SER B 575 -26.95 42.67 58.25
C SER B 575 -26.56 43.99 57.61
N PRO B 576 -25.93 43.96 56.43
CA PRO B 576 -25.61 45.23 55.74
C PRO B 576 -26.83 45.92 55.14
N PHE B 577 -27.92 45.21 54.92
CA PHE B 577 -29.15 45.80 54.38
C PHE B 577 -30.03 46.23 55.55
N ARG B 578 -30.20 47.55 55.70
CA ARG B 578 -30.89 48.11 56.85
C ARG B 578 -32.05 49.02 56.48
N HIS B 579 -32.31 49.26 55.19
CA HIS B 579 -33.35 50.18 54.78
C HIS B 579 -34.70 49.45 54.79
N VAL B 580 -35.69 50.05 55.45
CA VAL B 580 -36.93 49.34 55.70
C VAL B 580 -37.87 49.34 54.50
N PHE B 581 -37.67 50.25 53.54
CA PHE B 581 -38.55 50.32 52.37
C PHE B 581 -38.01 49.50 51.21
N TRP B 582 -36.68 49.41 51.08
CA TRP B 582 -36.07 48.83 49.89
C TRP B 582 -35.11 47.69 50.19
N GLY B 583 -34.54 47.63 51.39
CA GLY B 583 -33.51 46.66 51.71
C GLY B 583 -34.05 45.28 52.01
N SER B 584 -33.23 44.51 52.72
CA SER B 584 -33.55 43.13 53.06
C SER B 584 -33.18 42.85 54.51
N GLY B 585 -33.76 41.79 55.05
CA GLY B 585 -33.52 41.42 56.44
C GLY B 585 -34.81 41.34 57.22
N SER B 586 -34.78 40.66 58.38
CA SER B 586 -35.99 40.46 59.16
C SER B 586 -36.51 41.76 59.78
N HIS B 587 -35.62 42.67 60.16
CA HIS B 587 -36.01 43.96 60.72
C HIS B 587 -36.69 44.88 59.72
N THR B 588 -36.58 44.59 58.42
CA THR B 588 -37.22 45.40 57.39
C THR B 588 -38.71 45.09 57.30
N LEU B 589 -39.42 45.93 56.57
CA LEU B 589 -40.88 45.89 56.43
C LEU B 589 -41.46 44.84 55.47
N PRO B 590 -40.85 44.53 54.30
CA PRO B 590 -41.39 43.39 53.53
C PRO B 590 -41.26 42.04 54.22
N ALA B 591 -40.25 41.87 55.08
CA ALA B 591 -40.18 40.67 55.90
C ALA B 591 -41.34 40.62 56.90
N LEU B 592 -41.75 41.78 57.42
CA LEU B 592 -42.92 41.84 58.29
C LEU B 592 -44.19 41.55 57.52
N LEU B 593 -44.27 42.01 56.26
CA LEU B 593 -45.43 41.73 55.42
C LEU B 593 -45.55 40.24 55.12
N GLU B 594 -44.43 39.58 54.83
CA GLU B 594 -44.47 38.15 54.54
C GLU B 594 -44.67 37.32 55.81
N ASN B 595 -44.15 37.80 56.95
CA ASN B 595 -44.36 37.11 58.21
C ASN B 595 -45.80 37.26 58.69
N LEU B 596 -46.46 38.38 58.36
CA LEU B 596 -47.88 38.54 58.66
C LEU B 596 -48.75 37.79 57.65
N LYS B 597 -48.24 37.57 56.43
CA LYS B 597 -48.91 36.68 55.51
C LYS B 597 -48.79 35.23 55.97
N LEU B 598 -47.72 34.91 56.71
CA LEU B 598 -47.62 33.62 57.39
C LEU B 598 -48.58 33.48 58.57
N ARG B 599 -49.15 34.59 59.06
CA ARG B 599 -50.01 34.51 60.24
C ARG B 599 -51.41 33.99 59.89
N LYS B 600 -51.85 34.17 58.64
CA LYS B 600 -53.22 33.82 58.26
C LYS B 600 -53.47 32.32 58.26
N GLN B 601 -52.41 31.51 58.22
CA GLN B 601 -52.51 30.08 58.43
C GLN B 601 -51.78 29.70 59.72
N ASN B 602 -52.05 28.48 60.19
CA ASN B 602 -51.44 27.95 61.40
C ASN B 602 -50.13 27.24 61.14
N ASN B 603 -49.40 27.63 60.10
CA ASN B 603 -48.10 27.06 59.76
C ASN B 603 -47.09 27.35 60.87
N GLY B 604 -46.24 26.35 61.12
CA GLY B 604 -45.16 26.47 62.07
C GLY B 604 -44.01 27.35 61.63
N ALA B 605 -43.98 27.74 60.34
CA ALA B 605 -42.98 28.69 59.87
C ALA B 605 -43.19 30.08 60.46
N PHE B 606 -44.43 30.40 60.85
CA PHE B 606 -44.73 31.65 61.53
C PHE B 606 -44.11 31.69 62.91
N ASN B 607 -43.07 32.49 63.08
CA ASN B 607 -42.42 32.70 64.37
C ASN B 607 -43.04 33.95 64.97
N GLU B 608 -43.74 33.79 66.10
CA GLU B 608 -44.57 34.87 66.62
C GLU B 608 -43.77 35.86 67.46
N THR B 609 -42.81 35.34 68.24
CA THR B 609 -41.94 36.23 69.02
C THR B 609 -41.04 37.04 68.10
N LEU B 610 -40.57 36.44 67.01
CA LEU B 610 -39.78 37.17 66.03
C LEU B 610 -40.63 38.21 65.30
N PHE B 611 -41.91 37.90 65.05
CA PHE B 611 -42.81 38.86 64.43
C PHE B 611 -43.10 40.04 65.38
N ARG B 612 -43.21 39.77 66.67
CA ARG B 612 -43.39 40.84 67.65
C ARG B 612 -42.14 41.72 67.73
N ASN B 613 -40.96 41.10 67.63
CA ASN B 613 -39.72 41.85 67.60
C ASN B 613 -39.64 42.74 66.35
N GLN B 614 -40.05 42.18 65.19
CA GLN B 614 -40.16 42.95 63.95
C GLN B 614 -41.09 44.15 64.10
N LEU B 615 -42.27 43.93 64.69
CA LEU B 615 -43.27 44.99 64.78
C LEU B 615 -42.83 46.08 65.76
N ALA B 616 -42.21 45.68 66.87
CA ALA B 616 -41.75 46.66 67.85
C ALA B 616 -40.59 47.48 67.31
N LEU B 617 -39.61 46.83 66.67
CA LEU B 617 -38.50 47.58 66.07
C LEU B 617 -38.97 48.45 64.90
N ALA B 618 -39.99 48.01 64.17
CA ALA B 618 -40.52 48.82 63.07
C ALA B 618 -41.24 50.06 63.60
N THR B 619 -42.04 49.89 64.65
CA THR B 619 -42.72 51.04 65.26
C THR B 619 -41.72 52.01 65.88
N TRP B 620 -40.65 51.48 66.48
CA TRP B 620 -39.64 52.36 67.06
C TRP B 620 -38.83 53.07 65.96
N THR B 621 -38.62 52.40 64.82
CA THR B 621 -37.94 53.04 63.70
C THR B 621 -38.78 54.15 63.09
N ILE B 622 -40.10 53.92 62.97
CA ILE B 622 -41.02 54.95 62.51
C ILE B 622 -41.05 56.13 63.48
N GLN B 623 -41.06 55.85 64.80
CA GLN B 623 -41.02 56.91 65.81
C GLN B 623 -39.74 57.72 65.72
N GLY B 624 -38.59 57.04 65.60
CA GLY B 624 -37.32 57.73 65.54
C GLY B 624 -37.13 58.55 64.29
N ALA B 625 -37.54 58.03 63.13
CA ALA B 625 -37.42 58.79 61.89
C ALA B 625 -38.41 59.95 61.84
N ALA B 626 -39.61 59.75 62.39
CA ALA B 626 -40.61 60.81 62.41
C ALA B 626 -40.23 61.92 63.37
N ASN B 627 -39.50 61.59 64.43
CA ASN B 627 -38.92 62.61 65.29
C ASN B 627 -37.65 63.22 64.69
N ALA B 628 -36.92 62.48 63.87
CA ALA B 628 -35.71 62.99 63.24
C ALA B 628 -36.03 63.99 62.14
N LEU B 629 -37.18 63.85 61.48
CA LEU B 629 -37.63 64.87 60.54
C LEU B 629 -38.01 66.18 61.23
N SER B 630 -38.43 66.12 62.50
CA SER B 630 -38.84 67.32 63.23
C SER B 630 -37.69 68.26 63.52
N GLY B 631 -36.49 67.74 63.75
CA GLY B 631 -35.35 68.59 64.00
C GLY B 631 -35.29 69.14 65.41
N ASP B 632 -35.64 70.42 65.58
CA ASP B 632 -35.59 71.05 66.88
C ASP B 632 -36.69 70.51 67.78
N VAL B 633 -36.46 70.57 69.10
CA VAL B 633 -37.37 69.97 70.08
C VAL B 633 -38.66 70.74 70.25
N TRP B 634 -38.73 71.97 69.74
CA TRP B 634 -39.95 72.76 69.83
C TRP B 634 -41.01 72.27 68.85
N ASP B 635 -40.58 71.57 67.80
CA ASP B 635 -41.44 71.20 66.67
C ASP B 635 -42.08 69.85 66.95
N ILE B 636 -43.02 69.84 67.90
CA ILE B 636 -43.83 68.64 68.17
C ILE B 636 -45.31 69.00 68.18
N THR C 1 -24.56 32.44 -45.83
CA THR C 1 -23.69 31.54 -46.56
C THR C 1 -22.65 30.93 -45.62
N SER C 2 -21.92 29.93 -46.12
CA SER C 2 -20.82 29.37 -45.37
C SER C 2 -19.48 29.83 -45.96
N GLN C 3 -18.41 29.52 -45.26
CA GLN C 3 -17.09 29.98 -45.69
C GLN C 3 -16.21 28.88 -46.28
N VAL C 4 -16.65 27.63 -46.26
CA VAL C 4 -15.87 26.54 -46.84
C VAL C 4 -16.50 25.98 -48.09
N ARG C 5 -17.58 26.58 -48.59
CA ARG C 5 -18.15 26.16 -49.86
C ARG C 5 -17.28 26.69 -50.99
N GLN C 6 -16.86 25.78 -51.89
CA GLN C 6 -16.01 26.15 -53.00
C GLN C 6 -16.29 25.18 -54.15
N ASN C 7 -16.82 25.72 -55.25
CA ASN C 7 -17.21 24.97 -56.45
C ASN C 7 -18.20 23.86 -56.08
N TYR C 8 -19.37 24.28 -55.59
CA TYR C 8 -20.34 23.33 -55.06
C TYR C 8 -21.72 23.86 -55.40
N HIS C 9 -22.28 23.36 -56.49
CA HIS C 9 -23.58 23.81 -56.96
C HIS C 9 -24.67 23.17 -56.11
N GLN C 10 -25.68 23.98 -55.76
CA GLN C 10 -26.65 23.58 -54.73
C GLN C 10 -27.60 22.48 -55.17
N ASP C 11 -27.70 22.20 -56.46
CA ASP C 11 -28.57 21.11 -56.89
C ASP C 11 -27.91 19.76 -56.62
N SER C 12 -26.57 19.73 -56.61
CA SER C 12 -25.87 18.56 -56.11
C SER C 12 -26.17 18.34 -54.62
N GLU C 13 -26.26 19.43 -53.86
CA GLU C 13 -26.63 19.34 -52.45
C GLU C 13 -28.04 18.77 -52.27
N ALA C 14 -28.97 19.20 -53.12
CA ALA C 14 -30.32 18.63 -53.07
C ALA C 14 -30.32 17.15 -53.46
N ALA C 15 -29.45 16.77 -54.41
CA ALA C 15 -29.33 15.36 -54.78
C ALA C 15 -28.79 14.52 -53.64
N ILE C 16 -27.80 15.05 -52.92
CA ILE C 16 -27.26 14.37 -51.75
C ILE C 16 -28.34 14.20 -50.68
N ASN C 17 -29.19 15.21 -50.50
CA ASN C 17 -30.27 15.12 -49.52
C ASN C 17 -31.28 14.04 -49.89
N ARG C 18 -31.64 13.96 -51.18
CA ARG C 18 -32.54 12.90 -51.62
C ARG C 18 -31.92 11.52 -51.44
N GLN C 19 -30.60 11.42 -51.65
CA GLN C 19 -29.93 10.14 -51.47
C GLN C 19 -29.85 9.75 -50.00
N ILE C 20 -29.69 10.72 -49.09
CA ILE C 20 -29.73 10.45 -47.66
C ILE C 20 -31.10 9.93 -47.25
N ASN C 21 -32.16 10.53 -47.79
CA ASN C 21 -33.52 10.05 -47.52
C ASN C 21 -33.71 8.63 -48.03
N LEU C 22 -33.18 8.33 -49.22
CA LEU C 22 -33.32 7.00 -49.79
C LEU C 22 -32.56 5.95 -48.98
N GLU C 23 -31.39 6.33 -48.45
CA GLU C 23 -30.62 5.38 -47.66
C GLU C 23 -31.24 5.11 -46.30
N LEU C 24 -31.82 6.14 -45.66
CA LEU C 24 -32.52 5.89 -44.40
C LEU C 24 -33.78 5.05 -44.63
N TYR C 25 -34.46 5.27 -45.75
CA TYR C 25 -35.55 4.40 -46.17
C TYR C 25 -35.10 2.96 -46.32
N ALA C 26 -33.94 2.76 -46.94
CA ALA C 26 -33.44 1.40 -47.17
C ALA C 26 -33.07 0.72 -45.86
N SER C 27 -32.49 1.46 -44.92
CA SER C 27 -32.20 0.89 -43.60
C SER C 27 -33.47 0.49 -42.88
N TYR C 28 -34.52 1.31 -43.00
CA TYR C 28 -35.80 0.99 -42.35
C TYR C 28 -36.44 -0.24 -42.98
N VAL C 29 -36.31 -0.39 -44.30
CA VAL C 29 -36.85 -1.56 -44.99
C VAL C 29 -36.11 -2.83 -44.58
N TYR C 30 -34.77 -2.77 -44.50
CA TYR C 30 -34.04 -3.96 -44.06
C TYR C 30 -34.31 -4.30 -42.59
N LEU C 31 -34.58 -3.30 -41.76
CA LEU C 31 -35.00 -3.60 -40.39
C LEU C 31 -36.35 -4.31 -40.36
N SER C 32 -37.29 -3.88 -41.21
CA SER C 32 -38.58 -4.53 -41.30
C SER C 32 -38.44 -5.98 -41.78
N MET C 33 -37.58 -6.20 -42.78
CA MET C 33 -37.32 -7.56 -43.25
C MET C 33 -36.68 -8.40 -42.17
N SER C 34 -35.79 -7.80 -41.37
CA SER C 34 -35.10 -8.59 -40.34
C SER C 34 -36.04 -8.99 -39.23
N TYR C 35 -36.89 -8.08 -38.79
CA TYR C 35 -37.82 -8.44 -37.73
C TYR C 35 -39.10 -9.09 -38.25
N TYR C 36 -39.22 -9.33 -39.55
CA TYR C 36 -40.24 -10.27 -39.99
C TYR C 36 -39.83 -11.71 -39.75
N PHE C 37 -38.59 -12.07 -40.05
CA PHE C 37 -38.18 -13.46 -39.93
C PHE C 37 -37.88 -13.88 -38.51
N ASP C 38 -38.06 -12.99 -37.54
CA ASP C 38 -37.93 -13.33 -36.13
C ASP C 38 -39.30 -13.66 -35.52
N ARG C 39 -40.32 -13.80 -36.35
CA ARG C 39 -41.63 -14.27 -35.90
C ARG C 39 -41.56 -15.72 -35.45
N ASP C 40 -42.63 -16.17 -34.80
CA ASP C 40 -42.74 -17.55 -34.35
C ASP C 40 -43.23 -18.49 -35.46
N ASP C 41 -43.92 -17.94 -36.45
CA ASP C 41 -44.46 -18.75 -37.54
C ASP C 41 -43.64 -18.66 -38.80
N VAL C 42 -42.39 -18.20 -38.71
CA VAL C 42 -41.43 -18.33 -39.81
C VAL C 42 -40.20 -19.03 -39.27
N ALA C 43 -39.60 -18.44 -38.22
CA ALA C 43 -38.56 -19.04 -37.39
C ALA C 43 -37.30 -19.40 -38.17
N LEU C 44 -36.73 -18.41 -38.86
CA LEU C 44 -35.47 -18.56 -39.57
C LEU C 44 -34.57 -17.43 -39.08
N LYS C 45 -33.78 -17.70 -38.05
CA LYS C 45 -33.13 -16.62 -37.32
C LYS C 45 -31.89 -16.07 -38.03
N ASN C 46 -31.22 -16.87 -38.85
CA ASN C 46 -30.02 -16.37 -39.51
C ASN C 46 -30.34 -15.41 -40.65
N PHE C 47 -31.51 -15.57 -41.28
CA PHE C 47 -32.03 -14.53 -42.17
C PHE C 47 -32.18 -13.21 -41.45
N ALA C 48 -32.71 -13.24 -40.22
CA ALA C 48 -32.89 -12.03 -39.43
C ALA C 48 -31.55 -11.39 -39.10
N LYS C 49 -30.56 -12.22 -38.75
CA LYS C 49 -29.23 -11.72 -38.44
C LYS C 49 -28.59 -11.06 -39.66
N TYR C 50 -28.76 -11.68 -40.84
CA TYR C 50 -28.18 -11.14 -42.07
C TYR C 50 -28.82 -9.82 -42.46
N PHE C 51 -30.17 -9.76 -42.45
CA PHE C 51 -30.83 -8.51 -42.81
C PHE C 51 -30.58 -7.40 -41.80
N LEU C 52 -30.40 -7.75 -40.52
CA LEU C 52 -30.08 -6.72 -39.54
C LEU C 52 -28.68 -6.14 -39.76
N HIS C 53 -27.72 -6.99 -40.11
CA HIS C 53 -26.39 -6.49 -40.42
C HIS C 53 -26.38 -5.65 -41.70
N GLN C 54 -27.21 -6.03 -42.69
CA GLN C 54 -27.37 -5.17 -43.86
C GLN C 54 -27.99 -3.83 -43.51
N SER C 55 -28.92 -3.81 -42.55
CA SER C 55 -29.51 -2.54 -42.13
C SER C 55 -28.48 -1.64 -41.47
N HIS C 56 -27.59 -2.24 -40.67
CA HIS C 56 -26.50 -1.46 -40.07
C HIS C 56 -25.56 -0.89 -41.13
N GLU C 57 -25.27 -1.66 -42.18
CA GLU C 57 -24.41 -1.14 -43.24
C GLU C 57 -25.06 0.00 -44.01
N GLU C 58 -26.36 -0.11 -44.30
CA GLU C 58 -27.02 0.99 -45.03
C GLU C 58 -27.15 2.23 -44.16
N ARG C 59 -27.32 2.05 -42.85
CA ARG C 59 -27.28 3.17 -41.91
C ARG C 59 -25.93 3.87 -41.91
N GLU C 60 -24.85 3.08 -41.97
CA GLU C 60 -23.51 3.67 -42.03
C GLU C 60 -23.29 4.44 -43.34
N HIS C 61 -23.84 3.93 -44.44
CA HIS C 61 -23.78 4.65 -45.71
C HIS C 61 -24.47 6.01 -45.62
N ALA C 62 -25.67 6.03 -45.00
CA ALA C 62 -26.39 7.29 -44.81
C ALA C 62 -25.60 8.26 -43.94
N GLU C 63 -24.95 7.75 -42.88
CA GLU C 63 -24.12 8.60 -42.04
C GLU C 63 -22.94 9.16 -42.81
N LYS C 64 -22.38 8.38 -43.74
CA LYS C 64 -21.22 8.85 -44.49
C LYS C 64 -21.59 9.94 -45.47
N LEU C 65 -22.79 9.84 -46.07
CA LEU C 65 -23.25 10.93 -46.93
C LEU C 65 -23.56 12.20 -46.14
N MET C 66 -24.11 12.06 -44.93
CA MET C 66 -24.35 13.24 -44.12
C MET C 66 -23.04 13.90 -43.70
N LYS C 67 -22.01 13.11 -43.42
CA LYS C 67 -20.71 13.69 -43.09
C LYS C 67 -20.07 14.35 -44.31
N LEU C 68 -20.32 13.81 -45.51
CA LEU C 68 -19.85 14.47 -46.74
C LEU C 68 -20.50 15.82 -46.92
N GLN C 69 -21.81 15.88 -46.69
CA GLN C 69 -22.53 17.15 -46.83
C GLN C 69 -22.05 18.17 -45.80
N ASN C 70 -21.66 17.70 -44.61
CA ASN C 70 -21.08 18.64 -43.67
C ASN C 70 -19.66 19.04 -44.04
N GLN C 71 -18.89 18.17 -44.69
CA GLN C 71 -17.53 18.55 -45.08
C GLN C 71 -17.53 19.59 -46.19
N ARG C 72 -18.40 19.44 -47.17
CA ARG C 72 -18.38 20.43 -48.25
C ARG C 72 -19.03 21.74 -47.87
N GLY C 73 -19.73 21.81 -46.75
CA GLY C 73 -20.29 23.05 -46.28
C GLY C 73 -21.70 23.35 -46.77
N GLY C 74 -22.51 22.33 -46.98
CA GLY C 74 -23.89 22.53 -47.34
C GLY C 74 -24.79 22.56 -46.13
N ARG C 75 -26.05 22.20 -46.34
CA ARG C 75 -27.05 22.18 -45.29
C ARG C 75 -27.87 20.90 -45.42
N ILE C 76 -27.82 20.06 -44.40
CA ILE C 76 -28.65 18.87 -44.37
C ILE C 76 -30.09 19.28 -44.15
N PHE C 77 -30.98 18.82 -45.03
CA PHE C 77 -32.41 19.11 -44.91
C PHE C 77 -33.13 17.77 -44.96
N LEU C 78 -33.54 17.28 -43.79
CA LEU C 78 -34.12 15.95 -43.71
C LEU C 78 -35.53 15.94 -44.27
N GLN C 79 -36.05 14.72 -44.47
CA GLN C 79 -37.38 14.51 -45.00
C GLN C 79 -38.09 13.48 -44.16
N ASP C 80 -39.31 13.15 -44.55
CA ASP C 80 -40.02 12.04 -43.96
C ASP C 80 -39.39 10.73 -44.40
N ILE C 81 -39.62 9.68 -43.63
CA ILE C 81 -39.21 8.33 -44.02
C ILE C 81 -40.47 7.49 -44.18
N LYS C 82 -40.63 6.88 -45.35
CA LYS C 82 -41.86 6.16 -45.62
C LYS C 82 -41.76 4.72 -45.10
N LYS C 83 -42.92 4.11 -44.93
CA LYS C 83 -42.99 2.74 -44.47
C LYS C 83 -42.58 1.78 -45.58
N PRO C 84 -42.23 0.54 -45.26
CA PRO C 84 -41.99 -0.46 -46.30
C PRO C 84 -43.25 -0.79 -47.09
N ASP C 85 -43.04 -1.43 -48.24
CA ASP C 85 -44.14 -1.62 -49.18
C ASP C 85 -44.87 -2.94 -48.94
N CYS C 86 -44.15 -3.99 -48.58
CA CYS C 86 -44.72 -5.33 -48.48
C CYS C 86 -44.53 -5.87 -47.08
N ASP C 87 -45.60 -5.91 -46.30
CA ASP C 87 -45.51 -6.53 -44.98
C ASP C 87 -45.54 -8.05 -45.06
N ASP C 88 -46.03 -8.60 -46.17
CA ASP C 88 -46.15 -10.04 -46.36
C ASP C 88 -45.09 -10.45 -47.38
N TRP C 89 -44.02 -11.08 -46.90
CA TRP C 89 -43.00 -11.58 -47.80
C TRP C 89 -43.26 -13.03 -48.23
N GLU C 90 -44.00 -13.79 -47.40
CA GLU C 90 -44.57 -15.11 -47.67
C GLU C 90 -43.53 -16.23 -47.69
N SER C 91 -42.24 -15.89 -47.76
CA SER C 91 -41.13 -16.83 -47.87
C SER C 91 -39.82 -16.05 -47.80
N GLY C 92 -38.70 -16.74 -47.89
CA GLY C 92 -37.43 -16.04 -47.91
C GLY C 92 -37.12 -15.47 -49.27
N LEU C 93 -37.55 -16.17 -50.32
CA LEU C 93 -37.14 -15.86 -51.68
C LEU C 93 -37.74 -14.54 -52.16
N ASN C 94 -38.99 -14.26 -51.80
CA ASN C 94 -39.59 -12.99 -52.20
C ASN C 94 -38.94 -11.82 -51.46
N ALA C 95 -38.48 -12.06 -50.22
CA ALA C 95 -37.73 -11.02 -49.51
C ALA C 95 -36.38 -10.78 -50.16
N MET C 96 -35.73 -11.85 -50.64
CA MET C 96 -34.50 -11.70 -51.39
C MET C 96 -34.71 -10.92 -52.68
N GLU C 97 -35.80 -11.19 -53.39
CA GLU C 97 -36.08 -10.48 -54.64
C GLU C 97 -36.39 -9.01 -54.40
N CYS C 98 -37.11 -8.72 -53.31
CA CYS C 98 -37.39 -7.32 -53.04
C CYS C 98 -36.16 -6.58 -52.54
N ALA C 99 -35.26 -7.27 -51.83
CA ALA C 99 -33.99 -6.66 -51.44
C ALA C 99 -33.14 -6.38 -52.67
N LEU C 100 -33.15 -7.29 -53.63
CA LEU C 100 -32.40 -7.09 -54.86
C LEU C 100 -32.98 -5.94 -55.69
N HIS C 101 -34.30 -5.84 -55.73
CA HIS C 101 -34.95 -4.73 -56.42
C HIS C 101 -34.65 -3.40 -55.74
N LEU C 102 -34.58 -3.41 -54.42
CA LEU C 102 -34.22 -2.21 -53.66
C LEU C 102 -32.79 -1.79 -53.94
N GLU C 103 -31.86 -2.75 -53.97
CA GLU C 103 -30.47 -2.43 -54.26
C GLU C 103 -30.29 -1.94 -55.69
N LYS C 104 -31.07 -2.47 -56.64
CA LYS C 104 -31.03 -1.95 -58.00
C LYS C 104 -31.52 -0.52 -58.06
N ASN C 105 -32.56 -0.18 -57.29
CA ASN C 105 -33.06 1.19 -57.28
C ASN C 105 -32.04 2.15 -56.67
N VAL C 106 -31.35 1.71 -55.61
CA VAL C 106 -30.29 2.50 -54.98
C VAL C 106 -29.15 2.74 -55.95
N ASN C 107 -28.72 1.69 -56.66
CA ASN C 107 -27.65 1.83 -57.64
C ASN C 107 -28.06 2.72 -58.80
N GLN C 108 -29.33 2.68 -59.18
CA GLN C 108 -29.84 3.55 -60.25
C GLN C 108 -29.78 5.01 -59.84
N SER C 109 -30.17 5.31 -58.59
CA SER C 109 -30.09 6.68 -58.10
C SER C 109 -28.64 7.14 -58.00
N LEU C 110 -27.73 6.24 -57.63
CA LEU C 110 -26.32 6.63 -57.56
C LEU C 110 -25.72 6.88 -58.94
N LEU C 111 -26.12 6.11 -59.96
CA LEU C 111 -25.63 6.39 -61.30
C LEU C 111 -26.17 7.71 -61.83
N GLU C 112 -27.43 8.02 -61.53
CA GLU C 112 -27.95 9.32 -61.96
C GLU C 112 -27.29 10.46 -61.19
N LEU C 113 -26.89 10.22 -59.95
CA LEU C 113 -26.16 11.23 -59.21
C LEU C 113 -24.76 11.42 -59.75
N HIS C 114 -24.13 10.34 -60.23
CA HIS C 114 -22.83 10.50 -60.87
C HIS C 114 -22.94 11.25 -62.18
N LYS C 115 -24.03 11.02 -62.93
CA LYS C 115 -24.31 11.80 -64.13
C LYS C 115 -24.46 13.29 -63.79
N LEU C 116 -25.14 13.58 -62.68
CA LEU C 116 -25.27 14.96 -62.23
C LEU C 116 -23.92 15.55 -61.81
N ALA C 117 -23.09 14.77 -61.13
CA ALA C 117 -21.83 15.30 -60.61
C ALA C 117 -20.83 15.56 -61.72
N THR C 118 -20.77 14.67 -62.71
CA THR C 118 -19.93 14.94 -63.87
C THR C 118 -20.47 16.10 -64.68
N ASP C 119 -21.80 16.24 -64.78
CA ASP C 119 -22.36 17.31 -65.59
C ASP C 119 -22.29 18.68 -64.91
N LYS C 120 -21.89 18.75 -63.65
CA LYS C 120 -21.89 20.01 -62.93
C LYS C 120 -20.52 20.44 -62.45
N ASN C 121 -19.44 19.86 -62.99
CA ASN C 121 -18.05 20.20 -62.66
C ASN C 121 -17.76 20.06 -61.16
N ASP C 122 -17.84 18.82 -60.67
CA ASP C 122 -17.49 18.50 -59.30
C ASP C 122 -16.67 17.22 -59.31
N PRO C 123 -15.34 17.33 -59.41
CA PRO C 123 -14.53 16.11 -59.40
C PRO C 123 -14.46 15.46 -58.04
N HIS C 124 -14.66 16.23 -56.97
CA HIS C 124 -14.63 15.66 -55.63
C HIS C 124 -15.80 14.72 -55.40
N LEU C 125 -17.00 15.12 -55.83
CA LEU C 125 -18.17 14.26 -55.66
C LEU C 125 -18.09 13.05 -56.58
N CYS C 126 -17.51 13.22 -57.77
CA CYS C 126 -17.31 12.09 -58.68
C CYS C 126 -16.35 11.08 -58.08
N ASP C 127 -15.23 11.55 -57.54
CA ASP C 127 -14.30 10.64 -56.85
C ASP C 127 -14.93 9.99 -55.63
N PHE C 128 -15.79 10.72 -54.92
CA PHE C 128 -16.43 10.20 -53.72
C PHE C 128 -17.37 9.05 -54.07
N ILE C 129 -18.23 9.25 -55.06
CA ILE C 129 -19.17 8.22 -55.48
C ILE C 129 -18.45 7.02 -56.10
N GLU C 130 -17.48 7.32 -56.95
CA GLU C 130 -16.69 6.27 -57.61
C GLU C 130 -15.91 5.43 -56.60
N THR C 131 -15.44 6.05 -55.52
CA THR C 131 -14.64 5.34 -54.54
C THR C 131 -15.51 4.50 -53.61
N HIS C 132 -16.47 5.11 -52.93
CA HIS C 132 -17.09 4.43 -51.79
C HIS C 132 -18.32 3.60 -52.13
N TYR C 133 -19.07 3.93 -53.18
CA TYR C 133 -20.42 3.41 -53.28
C TYR C 133 -20.69 2.47 -54.45
N LEU C 134 -20.17 2.76 -55.64
CA LEU C 134 -20.52 1.98 -56.82
C LEU C 134 -19.99 0.57 -56.74
N ASN C 135 -18.75 0.40 -56.27
CA ASN C 135 -18.17 -0.92 -56.06
C ASN C 135 -18.95 -1.69 -55.00
N GLU C 136 -19.38 -1.00 -53.94
CA GLU C 136 -20.14 -1.61 -52.87
C GLU C 136 -21.47 -2.16 -53.37
N GLN C 137 -22.20 -1.36 -54.16
CA GLN C 137 -23.48 -1.80 -54.66
C GLN C 137 -23.34 -2.89 -55.71
N VAL C 138 -22.25 -2.88 -56.48
CA VAL C 138 -22.01 -3.97 -57.43
C VAL C 138 -21.79 -5.29 -56.71
N LYS C 139 -20.96 -5.28 -55.66
CA LYS C 139 -20.72 -6.51 -54.89
C LYS C 139 -21.99 -6.99 -54.19
N ALA C 140 -22.80 -6.05 -53.70
CA ALA C 140 -24.04 -6.43 -53.02
C ALA C 140 -25.06 -7.02 -53.99
N ILE C 141 -25.16 -6.47 -55.19
CA ILE C 141 -26.13 -6.98 -56.16
C ILE C 141 -25.70 -8.35 -56.67
N LYS C 142 -24.39 -8.56 -56.85
CA LYS C 142 -23.89 -9.89 -57.22
C LYS C 142 -24.18 -10.92 -56.12
N GLU C 143 -24.01 -10.52 -54.86
CA GLU C 143 -24.31 -11.41 -53.75
C GLU C 143 -25.78 -11.79 -53.68
N LEU C 144 -26.68 -10.81 -53.83
CA LEU C 144 -28.11 -11.10 -53.77
C LEU C 144 -28.58 -11.92 -54.96
N GLY C 145 -27.97 -11.71 -56.13
CA GLY C 145 -28.27 -12.55 -57.28
C GLY C 145 -27.84 -14.00 -57.06
N ASP C 146 -26.69 -14.18 -56.39
CA ASP C 146 -26.26 -15.53 -56.03
C ASP C 146 -27.24 -16.20 -55.09
N HIS C 147 -27.77 -15.45 -54.11
CA HIS C 147 -28.67 -16.08 -53.16
C HIS C 147 -30.02 -16.41 -53.78
N VAL C 148 -30.53 -15.53 -54.66
CA VAL C 148 -31.79 -15.82 -55.36
C VAL C 148 -31.61 -17.02 -56.27
N THR C 149 -30.46 -17.14 -56.91
CA THR C 149 -30.21 -18.28 -57.78
C THR C 149 -30.08 -19.58 -57.00
N ASN C 150 -29.47 -19.52 -55.82
CA ASN C 150 -29.39 -20.71 -54.97
C ASN C 150 -30.77 -21.15 -54.50
N LEU C 151 -31.64 -20.20 -54.14
CA LEU C 151 -32.98 -20.60 -53.70
C LEU C 151 -33.82 -21.12 -54.85
N ARG C 152 -33.63 -20.61 -56.07
CA ARG C 152 -34.43 -21.15 -57.16
C ARG C 152 -33.91 -22.50 -57.64
N LYS C 153 -32.61 -22.76 -57.51
CA LYS C 153 -32.10 -24.10 -57.73
C LYS C 153 -32.65 -25.08 -56.69
N MET C 154 -32.55 -24.71 -55.41
CA MET C 154 -32.79 -25.67 -54.34
C MET C 154 -34.26 -26.04 -54.17
N GLY C 155 -35.18 -25.21 -54.65
CA GLY C 155 -36.59 -25.58 -54.61
C GLY C 155 -37.47 -24.63 -53.82
N ALA C 156 -36.94 -23.45 -53.49
CA ALA C 156 -37.76 -22.43 -52.86
C ALA C 156 -38.72 -21.86 -53.89
N PRO C 157 -39.88 -21.33 -53.46
CA PRO C 157 -40.46 -21.15 -52.12
C PRO C 157 -41.18 -22.37 -51.56
N GLU C 158 -41.18 -23.49 -52.28
CA GLU C 158 -42.15 -24.52 -51.99
C GLU C 158 -41.60 -25.65 -51.13
N SER C 159 -40.35 -26.05 -51.32
CA SER C 159 -39.76 -27.11 -50.50
C SER C 159 -39.01 -26.44 -49.36
N GLY C 160 -39.59 -26.50 -48.16
CA GLY C 160 -39.06 -25.77 -47.02
C GLY C 160 -37.73 -26.29 -46.52
N LEU C 161 -37.38 -27.53 -46.86
CA LEU C 161 -36.07 -28.08 -46.54
C LEU C 161 -34.96 -27.28 -47.22
N ALA C 162 -35.26 -26.72 -48.39
CA ALA C 162 -34.30 -25.83 -49.05
C ALA C 162 -34.10 -24.56 -48.25
N GLU C 163 -35.18 -23.99 -47.71
CA GLU C 163 -35.05 -22.81 -46.86
C GLU C 163 -34.26 -23.10 -45.61
N TYR C 164 -34.47 -24.28 -45.03
CA TYR C 164 -33.76 -24.61 -43.79
C TYR C 164 -32.28 -24.87 -44.03
N LEU C 165 -31.94 -25.58 -45.11
CA LEU C 165 -30.54 -25.85 -45.35
C LEU C 165 -29.81 -24.63 -45.87
N PHE C 166 -30.49 -23.74 -46.60
CA PHE C 166 -29.90 -22.47 -46.95
C PHE C 166 -29.79 -21.57 -45.72
N ASP C 167 -30.65 -21.80 -44.74
CA ASP C 167 -30.58 -21.05 -43.49
C ASP C 167 -29.35 -21.44 -42.68
N LYS C 168 -29.03 -22.73 -42.64
CA LYS C 168 -27.93 -23.14 -41.76
C LYS C 168 -26.57 -23.03 -42.42
N HIS C 169 -26.38 -23.57 -43.62
CA HIS C 169 -25.04 -23.71 -44.16
C HIS C 169 -24.47 -22.39 -44.70
N THR C 170 -25.22 -21.70 -45.56
CA THR C 170 -24.65 -20.54 -46.24
C THR C 170 -24.50 -19.35 -45.29
N LEU C 171 -25.62 -18.86 -44.75
CA LEU C 171 -25.56 -17.66 -43.93
C LEU C 171 -25.09 -17.92 -42.52
N GLY C 172 -24.97 -19.19 -42.11
CA GLY C 172 -24.47 -19.50 -40.79
C GLY C 172 -22.95 -19.51 -40.72
N THR D 1 60.86 -19.43 -57.47
CA THR D 1 60.29 -19.89 -56.22
C THR D 1 59.00 -19.16 -55.90
N SER D 2 58.34 -19.57 -54.83
CA SER D 2 57.14 -18.89 -54.38
C SER D 2 57.51 -17.71 -53.49
N GLN D 3 56.56 -16.78 -53.37
CA GLN D 3 56.80 -15.50 -52.71
C GLN D 3 56.88 -15.61 -51.19
N VAL D 4 56.18 -16.56 -50.57
CA VAL D 4 56.00 -16.56 -49.13
C VAL D 4 56.89 -17.57 -48.43
N ARG D 5 57.72 -18.31 -49.16
CA ARG D 5 58.50 -19.39 -48.58
C ARG D 5 59.68 -18.82 -47.78
N GLN D 6 59.96 -19.43 -46.63
CA GLN D 6 61.09 -19.02 -45.80
C GLN D 6 61.47 -20.16 -44.87
N ASN D 7 62.72 -20.62 -45.00
CA ASN D 7 63.31 -21.68 -44.16
C ASN D 7 62.48 -22.97 -44.23
N TYR D 8 62.46 -23.55 -45.43
CA TYR D 8 61.66 -24.75 -45.67
C TYR D 8 62.39 -25.58 -46.71
N HIS D 9 63.18 -26.54 -46.26
CA HIS D 9 64.01 -27.35 -47.14
C HIS D 9 63.15 -28.33 -47.93
N GLN D 10 63.67 -28.75 -49.10
CA GLN D 10 62.90 -29.59 -50.00
C GLN D 10 62.69 -31.00 -49.47
N ASP D 11 63.64 -31.51 -48.67
CA ASP D 11 63.50 -32.85 -48.12
C ASP D 11 62.36 -32.91 -47.11
N SER D 12 62.13 -31.80 -46.39
CA SER D 12 60.94 -31.67 -45.55
C SER D 12 59.67 -31.78 -46.39
N GLU D 13 59.67 -31.18 -47.57
CA GLU D 13 58.49 -31.20 -48.43
C GLU D 13 58.21 -32.60 -48.96
N ALA D 14 59.26 -33.32 -49.35
CA ALA D 14 59.08 -34.71 -49.78
C ALA D 14 58.64 -35.61 -48.63
N ALA D 15 59.13 -35.33 -47.42
CA ALA D 15 58.69 -36.10 -46.25
C ALA D 15 57.22 -35.87 -45.94
N ILE D 16 56.78 -34.61 -46.04
CA ILE D 16 55.36 -34.29 -45.84
C ILE D 16 54.52 -34.97 -46.91
N ASN D 17 55.01 -35.03 -48.15
CA ASN D 17 54.27 -35.70 -49.22
C ASN D 17 54.11 -37.19 -48.95
N ARG D 18 55.19 -37.86 -48.51
CA ARG D 18 55.07 -39.27 -48.18
C ARG D 18 54.18 -39.50 -46.96
N GLN D 19 54.19 -38.56 -46.00
CA GLN D 19 53.31 -38.71 -44.84
C GLN D 19 51.85 -38.51 -45.21
N ILE D 20 51.58 -37.62 -46.17
CA ILE D 20 50.22 -37.44 -46.68
C ILE D 20 49.73 -38.72 -47.36
N ASN D 21 50.62 -39.33 -48.14
CA ASN D 21 50.33 -40.59 -48.80
C ASN D 21 50.04 -41.71 -47.80
N LEU D 22 50.75 -41.72 -46.68
CA LEU D 22 50.56 -42.76 -45.68
C LEU D 22 49.27 -42.54 -44.89
N GLU D 23 48.91 -41.27 -44.63
CA GLU D 23 47.66 -41.01 -43.91
C GLU D 23 46.45 -41.33 -44.78
N LEU D 24 46.54 -41.05 -46.09
CA LEU D 24 45.44 -41.42 -46.97
C LEU D 24 45.32 -42.94 -47.12
N TYR D 25 46.46 -43.64 -47.14
CA TYR D 25 46.43 -45.11 -47.12
C TYR D 25 45.77 -45.64 -45.85
N ALA D 26 46.05 -44.99 -44.71
CA ALA D 26 45.44 -45.41 -43.45
C ALA D 26 43.94 -45.19 -43.46
N SER D 27 43.48 -44.06 -44.02
CA SER D 27 42.05 -43.82 -44.16
C SER D 27 41.38 -44.87 -45.02
N TYR D 28 42.04 -45.29 -46.10
CA TYR D 28 41.47 -46.31 -46.98
C TYR D 28 41.36 -47.66 -46.26
N VAL D 29 42.38 -48.01 -45.47
CA VAL D 29 42.37 -49.27 -44.74
C VAL D 29 41.28 -49.28 -43.68
N TYR D 30 41.09 -48.15 -42.98
CA TYR D 30 40.03 -48.12 -41.98
C TYR D 30 38.64 -48.13 -42.60
N LEU D 31 38.48 -47.57 -43.81
CA LEU D 31 37.19 -47.72 -44.49
C LEU D 31 36.92 -49.17 -44.88
N SER D 32 37.96 -49.89 -45.30
CA SER D 32 37.81 -51.31 -45.61
C SER D 32 37.44 -52.11 -44.37
N MET D 33 38.11 -51.84 -43.24
CA MET D 33 37.77 -52.51 -42.01
C MET D 33 36.37 -52.15 -41.52
N SER D 34 35.92 -50.93 -41.81
CA SER D 34 34.59 -50.52 -41.35
C SER D 34 33.50 -51.23 -42.13
N TYR D 35 33.61 -51.27 -43.45
CA TYR D 35 32.61 -51.98 -44.22
C TYR D 35 32.92 -53.44 -44.42
N TYR D 36 33.86 -54.01 -43.66
CA TYR D 36 33.90 -55.46 -43.53
C TYR D 36 32.81 -55.95 -42.59
N PHE D 37 32.74 -55.39 -41.38
CA PHE D 37 31.90 -55.89 -40.30
C PHE D 37 30.41 -55.64 -40.52
N ASP D 38 30.01 -55.02 -41.61
CA ASP D 38 28.59 -54.86 -41.90
C ASP D 38 28.06 -56.01 -42.76
N ARG D 39 28.95 -56.92 -43.19
CA ARG D 39 28.53 -58.13 -43.88
C ARG D 39 27.63 -58.99 -43.02
N ASP D 40 26.80 -59.78 -43.69
CA ASP D 40 25.75 -60.53 -43.00
C ASP D 40 26.31 -61.64 -42.13
N ASP D 41 27.45 -62.19 -42.51
CA ASP D 41 28.04 -63.27 -41.72
C ASP D 41 28.91 -62.78 -40.58
N VAL D 42 28.84 -61.49 -40.23
CA VAL D 42 29.53 -60.98 -39.05
C VAL D 42 28.54 -60.27 -38.15
N ALA D 43 27.93 -59.19 -38.66
CA ALA D 43 26.86 -58.43 -38.02
C ALA D 43 27.26 -57.88 -36.65
N LEU D 44 28.30 -57.05 -36.64
CA LEU D 44 28.79 -56.38 -35.43
C LEU D 44 28.88 -54.89 -35.78
N LYS D 45 27.80 -54.16 -35.55
CA LYS D 45 27.66 -52.84 -36.16
C LYS D 45 28.48 -51.76 -35.47
N ASN D 46 28.74 -51.90 -34.18
CA ASN D 46 29.50 -50.87 -33.48
C ASN D 46 30.96 -50.86 -33.89
N PHE D 47 31.50 -52.02 -34.28
CA PHE D 47 32.83 -52.06 -34.89
C PHE D 47 32.86 -51.23 -36.17
N ALA D 48 31.81 -51.35 -36.99
CA ALA D 48 31.73 -50.58 -38.23
C ALA D 48 31.68 -49.08 -37.94
N LYS D 49 30.89 -48.69 -36.93
CA LYS D 49 30.81 -47.28 -36.58
C LYS D 49 32.14 -46.76 -36.03
N TYR D 50 32.85 -47.59 -35.26
CA TYR D 50 34.12 -47.17 -34.69
C TYR D 50 35.20 -47.02 -35.75
N PHE D 51 35.33 -48.00 -36.66
CA PHE D 51 36.34 -47.88 -37.70
C PHE D 51 35.97 -46.81 -38.71
N LEU D 52 34.68 -46.52 -38.91
CA LEU D 52 34.30 -45.43 -39.79
C LEU D 52 34.67 -44.09 -39.18
N HIS D 53 34.50 -43.97 -37.86
CA HIS D 53 34.90 -42.74 -37.16
C HIS D 53 36.41 -42.56 -37.22
N GLN D 54 37.16 -43.66 -37.09
CA GLN D 54 38.61 -43.61 -37.28
C GLN D 54 38.98 -43.17 -38.69
N SER D 55 38.23 -43.64 -39.70
CA SER D 55 38.54 -43.27 -41.06
C SER D 55 38.31 -41.78 -41.31
N HIS D 56 37.25 -41.23 -40.72
CA HIS D 56 37.00 -39.80 -40.85
C HIS D 56 38.06 -38.98 -40.13
N GLU D 57 38.56 -39.48 -38.99
CA GLU D 57 39.62 -38.74 -38.29
C GLU D 57 40.94 -38.78 -39.06
N GLU D 58 41.25 -39.91 -39.70
CA GLU D 58 42.49 -39.95 -40.48
C GLU D 58 42.38 -39.10 -41.73
N ARG D 59 41.18 -38.99 -42.30
CA ARG D 59 40.93 -38.03 -43.37
C ARG D 59 41.18 -36.60 -42.91
N GLU D 60 40.75 -36.28 -41.68
CA GLU D 60 41.04 -34.96 -41.12
C GLU D 60 42.53 -34.73 -40.94
N HIS D 61 43.28 -35.77 -40.54
CA HIS D 61 44.73 -35.67 -40.43
C HIS D 61 45.37 -35.35 -41.78
N ALA D 62 44.89 -36.01 -42.84
CA ALA D 62 45.46 -35.79 -44.16
C ALA D 62 45.15 -34.38 -44.66
N GLU D 63 43.94 -33.89 -44.42
CA GLU D 63 43.62 -32.53 -44.84
C GLU D 63 44.42 -31.49 -44.05
N LYS D 64 44.68 -31.77 -42.77
CA LYS D 64 45.50 -30.86 -41.96
C LYS D 64 46.93 -30.82 -42.46
N LEU D 65 47.47 -31.97 -42.88
CA LEU D 65 48.81 -31.97 -43.46
C LEU D 65 48.88 -31.23 -44.78
N MET D 66 47.87 -31.39 -45.64
CA MET D 66 47.92 -30.69 -46.91
C MET D 66 47.76 -29.18 -46.73
N LYS D 67 47.00 -28.76 -45.71
CA LYS D 67 46.94 -27.35 -45.38
C LYS D 67 48.28 -26.84 -44.85
N LEU D 68 48.98 -27.66 -44.07
CA LEU D 68 50.31 -27.25 -43.59
C LEU D 68 51.29 -27.16 -44.73
N GLN D 69 51.13 -28.02 -45.74
CA GLN D 69 51.97 -27.93 -46.93
C GLN D 69 51.70 -26.64 -47.68
N ASN D 70 50.43 -26.24 -47.78
CA ASN D 70 50.12 -25.02 -48.52
C ASN D 70 50.46 -23.74 -47.73
N GLN D 71 50.52 -23.81 -46.40
CA GLN D 71 50.88 -22.61 -45.64
C GLN D 71 52.36 -22.28 -45.78
N ARG D 72 53.22 -23.29 -45.89
CA ARG D 72 54.65 -23.09 -45.92
C ARG D 72 55.20 -22.96 -47.33
N GLY D 73 54.34 -22.69 -48.31
CA GLY D 73 54.82 -22.37 -49.64
C GLY D 73 55.40 -23.52 -50.43
N GLY D 74 54.98 -24.74 -50.18
CA GLY D 74 55.46 -25.88 -50.93
C GLY D 74 54.58 -26.20 -52.11
N ARG D 75 54.69 -27.44 -52.57
CA ARG D 75 53.82 -27.95 -53.63
C ARG D 75 53.38 -29.36 -53.28
N ILE D 76 52.08 -29.60 -53.34
CA ILE D 76 51.54 -30.92 -53.08
C ILE D 76 51.78 -31.81 -54.30
N PHE D 77 52.34 -32.99 -54.06
CA PHE D 77 52.51 -33.98 -55.11
C PHE D 77 51.91 -35.29 -54.63
N LEU D 78 50.83 -35.72 -55.25
CA LEU D 78 50.11 -36.88 -54.78
C LEU D 78 50.58 -38.15 -55.48
N GLN D 79 50.41 -39.28 -54.78
CA GLN D 79 50.86 -40.56 -55.28
C GLN D 79 49.66 -41.50 -55.41
N ASP D 80 49.93 -42.76 -55.73
CA ASP D 80 48.87 -43.76 -55.73
C ASP D 80 48.54 -44.18 -54.31
N ILE D 81 47.37 -44.80 -54.17
CA ILE D 81 46.92 -45.30 -52.88
C ILE D 81 46.83 -46.81 -52.99
N LYS D 82 47.77 -47.51 -52.37
CA LYS D 82 47.85 -48.95 -52.46
C LYS D 82 46.66 -49.60 -51.78
N LYS D 83 46.29 -50.79 -52.27
CA LYS D 83 45.21 -51.54 -51.65
C LYS D 83 45.67 -52.07 -50.30
N PRO D 84 44.74 -52.37 -49.39
CA PRO D 84 45.11 -53.01 -48.13
C PRO D 84 45.71 -54.39 -48.33
N ASP D 85 46.49 -54.81 -47.33
CA ASP D 85 47.31 -56.00 -47.49
C ASP D 85 46.49 -57.28 -47.36
N CYS D 86 45.79 -57.44 -46.25
CA CYS D 86 44.83 -58.54 -46.09
C CYS D 86 43.43 -57.95 -46.17
N ASP D 87 42.44 -58.79 -46.47
CA ASP D 87 41.06 -58.34 -46.56
C ASP D 87 40.14 -59.05 -45.58
N ASP D 88 40.12 -60.38 -45.60
CA ASP D 88 39.22 -61.13 -44.74
C ASP D 88 39.89 -61.30 -43.37
N TRP D 89 39.48 -60.48 -42.41
CA TRP D 89 40.13 -60.45 -41.10
C TRP D 89 39.62 -61.55 -40.17
N GLU D 90 38.45 -62.13 -40.49
CA GLU D 90 37.86 -63.35 -39.93
C GLU D 90 37.33 -63.17 -38.50
N SER D 91 37.66 -62.06 -37.84
CA SER D 91 37.26 -61.90 -36.45
C SER D 91 37.30 -60.44 -35.99
N GLY D 92 37.22 -60.23 -34.69
CA GLY D 92 37.33 -58.89 -34.13
C GLY D 92 38.69 -58.64 -33.52
N LEU D 93 39.32 -59.70 -32.98
CA LEU D 93 40.63 -59.54 -32.36
C LEU D 93 41.71 -59.31 -33.40
N ASN D 94 41.62 -60.02 -34.53
CA ASN D 94 42.62 -59.90 -35.59
C ASN D 94 42.59 -58.51 -36.21
N ALA D 95 41.40 -57.93 -36.34
CA ALA D 95 41.27 -56.59 -36.92
C ALA D 95 41.82 -55.54 -35.97
N MET D 96 41.59 -55.70 -34.67
CA MET D 96 42.15 -54.77 -33.70
C MET D 96 43.67 -54.86 -33.64
N GLU D 97 44.22 -56.08 -33.71
CA GLU D 97 45.68 -56.22 -33.71
C GLU D 97 46.30 -55.63 -34.96
N CYS D 98 45.65 -55.81 -36.11
CA CYS D 98 46.17 -55.24 -37.34
C CYS D 98 46.07 -53.72 -37.34
N ALA D 99 45.00 -53.17 -36.76
CA ALA D 99 44.90 -51.71 -36.67
C ALA D 99 45.93 -51.16 -35.69
N LEU D 100 46.24 -51.93 -34.65
CA LEU D 100 47.31 -51.55 -33.73
C LEU D 100 48.66 -51.54 -34.43
N HIS D 101 48.89 -52.54 -35.29
CA HIS D 101 50.12 -52.59 -36.07
C HIS D 101 50.22 -51.42 -37.03
N LEU D 102 49.08 -51.04 -37.63
CA LEU D 102 49.03 -49.86 -38.50
C LEU D 102 49.35 -48.58 -37.74
N GLU D 103 48.75 -48.40 -36.56
CA GLU D 103 48.98 -47.18 -35.80
C GLU D 103 50.41 -47.10 -35.28
N LYS D 104 51.00 -48.25 -34.93
CA LYS D 104 52.41 -48.25 -34.55
C LYS D 104 53.32 -47.88 -35.72
N ASN D 105 53.02 -48.33 -36.94
CA ASN D 105 53.87 -47.95 -38.06
C ASN D 105 53.68 -46.47 -38.43
N VAL D 106 52.48 -45.94 -38.21
CA VAL D 106 52.28 -44.51 -38.43
C VAL D 106 53.06 -43.69 -37.40
N ASN D 107 53.11 -44.17 -36.15
CA ASN D 107 53.94 -43.52 -35.14
C ASN D 107 55.42 -43.60 -35.50
N GLN D 108 55.84 -44.72 -36.08
CA GLN D 108 57.22 -44.88 -36.54
C GLN D 108 57.58 -43.86 -37.62
N SER D 109 56.68 -43.67 -38.58
CA SER D 109 56.91 -42.69 -39.63
C SER D 109 56.93 -41.27 -39.07
N LEU D 110 56.08 -40.98 -38.08
CA LEU D 110 56.08 -39.65 -37.49
C LEU D 110 57.36 -39.38 -36.72
N LEU D 111 57.92 -40.40 -36.08
CA LEU D 111 59.21 -40.21 -35.40
C LEU D 111 60.34 -39.99 -36.38
N GLU D 112 60.32 -40.71 -37.51
CA GLU D 112 61.37 -40.48 -38.51
C GLU D 112 61.24 -39.10 -39.14
N LEU D 113 60.02 -38.61 -39.33
CA LEU D 113 59.86 -37.27 -39.89
C LEU D 113 60.26 -36.21 -38.89
N HIS D 114 60.01 -36.44 -37.60
CA HIS D 114 60.50 -35.49 -36.60
C HIS D 114 62.02 -35.49 -36.52
N LYS D 115 62.64 -36.65 -36.72
CA LYS D 115 64.10 -36.73 -36.76
C LYS D 115 64.66 -35.95 -37.94
N LEU D 116 64.00 -36.06 -39.11
CA LEU D 116 64.40 -35.29 -40.28
C LEU D 116 64.20 -33.79 -40.08
N ALA D 117 63.10 -33.41 -39.43
CA ALA D 117 62.85 -31.99 -39.19
C ALA D 117 63.84 -31.41 -38.18
N THR D 118 64.26 -32.21 -37.20
CA THR D 118 65.27 -31.76 -36.26
C THR D 118 66.63 -31.64 -36.95
N ASP D 119 66.94 -32.53 -37.89
CA ASP D 119 68.22 -32.45 -38.59
C ASP D 119 68.30 -31.25 -39.52
N LYS D 120 67.20 -30.86 -40.16
CA LYS D 120 67.22 -29.78 -41.14
C LYS D 120 66.91 -28.42 -40.56
N ASN D 121 66.85 -28.29 -39.24
CA ASN D 121 66.73 -27.03 -38.50
C ASN D 121 65.48 -26.25 -38.89
N ASP D 122 64.32 -26.83 -38.57
CA ASP D 122 63.03 -26.16 -38.72
C ASP D 122 62.28 -26.28 -37.41
N PRO D 123 62.14 -25.20 -36.65
CA PRO D 123 61.42 -25.30 -35.38
C PRO D 123 59.91 -25.29 -35.55
N HIS D 124 59.40 -24.65 -36.60
CA HIS D 124 57.96 -24.59 -36.82
C HIS D 124 57.40 -25.96 -37.17
N LEU D 125 58.15 -26.74 -37.95
CA LEU D 125 57.71 -28.08 -38.30
C LEU D 125 57.78 -29.01 -37.09
N CYS D 126 58.83 -28.85 -36.28
CA CYS D 126 58.93 -29.60 -35.02
C CYS D 126 57.77 -29.28 -34.09
N ASP D 127 57.41 -28.00 -34.00
CA ASP D 127 56.28 -27.61 -33.15
C ASP D 127 54.97 -28.13 -33.70
N PHE D 128 54.83 -28.17 -35.03
CA PHE D 128 53.60 -28.67 -35.63
C PHE D 128 53.41 -30.16 -35.35
N ILE D 129 54.50 -30.93 -35.42
CA ILE D 129 54.40 -32.36 -35.18
C ILE D 129 54.25 -32.65 -33.68
N GLU D 130 54.96 -31.89 -32.83
CA GLU D 130 54.79 -32.03 -31.38
C GLU D 130 53.39 -31.65 -30.94
N THR D 131 52.75 -30.72 -31.64
CA THR D 131 51.40 -30.33 -31.29
C THR D 131 50.39 -31.39 -31.73
N HIS D 132 50.29 -31.63 -33.04
CA HIS D 132 49.06 -32.26 -33.51
C HIS D 132 49.11 -33.77 -33.58
N TYR D 133 50.27 -34.38 -33.80
CA TYR D 133 50.25 -35.78 -34.22
C TYR D 133 50.91 -36.75 -33.27
N LEU D 134 51.75 -36.30 -32.35
CA LEU D 134 52.42 -37.26 -31.48
C LEU D 134 51.51 -37.74 -30.37
N ASN D 135 50.85 -36.81 -29.67
CA ASN D 135 50.01 -37.17 -28.54
C ASN D 135 48.77 -37.93 -29.01
N GLU D 136 48.25 -37.58 -30.18
CA GLU D 136 47.09 -38.27 -30.74
C GLU D 136 47.42 -39.72 -31.07
N GLN D 137 48.59 -39.97 -31.65
CA GLN D 137 48.98 -41.34 -31.95
C GLN D 137 49.32 -42.14 -30.70
N VAL D 138 49.90 -41.50 -29.69
CA VAL D 138 50.17 -42.22 -28.44
C VAL D 138 48.87 -42.64 -27.76
N LYS D 139 47.87 -41.75 -27.74
CA LYS D 139 46.57 -42.10 -27.19
C LYS D 139 45.86 -43.17 -28.02
N ALA D 140 46.05 -43.14 -29.34
CA ALA D 140 45.43 -44.15 -30.18
C ALA D 140 46.03 -45.53 -29.96
N ILE D 141 47.36 -45.60 -29.79
CA ILE D 141 48.01 -46.87 -29.51
C ILE D 141 47.60 -47.38 -28.14
N LYS D 142 47.46 -46.47 -27.16
CA LYS D 142 46.99 -46.85 -25.83
C LYS D 142 45.58 -47.44 -25.85
N GLU D 143 44.68 -46.78 -26.56
CA GLU D 143 43.29 -47.22 -26.61
C GLU D 143 43.17 -48.56 -27.33
N LEU D 144 43.89 -48.72 -28.44
CA LEU D 144 43.83 -49.99 -29.15
C LEU D 144 44.50 -51.11 -28.38
N GLY D 145 45.55 -50.81 -27.60
CA GLY D 145 46.15 -51.83 -26.76
C GLY D 145 45.21 -52.27 -25.65
N ASP D 146 44.41 -51.32 -25.13
CA ASP D 146 43.37 -51.67 -24.15
C ASP D 146 42.35 -52.62 -24.76
N HIS D 147 41.89 -52.32 -25.98
CA HIS D 147 40.86 -53.17 -26.57
C HIS D 147 41.41 -54.56 -26.94
N VAL D 148 42.67 -54.63 -27.38
CA VAL D 148 43.26 -55.92 -27.70
C VAL D 148 43.45 -56.75 -26.44
N THR D 149 43.85 -56.12 -25.33
CA THR D 149 44.03 -56.86 -24.09
C THR D 149 42.71 -57.37 -23.54
N ASN D 150 41.65 -56.55 -23.62
CA ASN D 150 40.33 -57.04 -23.20
C ASN D 150 39.84 -58.19 -24.08
N LEU D 151 40.04 -58.09 -25.39
CA LEU D 151 39.58 -59.20 -26.25
C LEU D 151 40.46 -60.43 -26.12
N ARG D 152 41.68 -60.27 -25.62
CA ARG D 152 42.46 -61.46 -25.28
C ARG D 152 41.97 -62.10 -23.99
N LYS D 153 41.62 -61.27 -23.01
CA LYS D 153 41.24 -61.82 -21.71
C LYS D 153 39.86 -62.46 -21.72
N MET D 154 38.93 -61.92 -22.53
CA MET D 154 37.57 -62.40 -22.47
C MET D 154 37.36 -63.74 -23.16
N GLY D 155 38.35 -64.24 -23.89
CA GLY D 155 38.25 -65.56 -24.51
C GLY D 155 38.22 -65.56 -26.03
N ALA D 156 38.19 -64.41 -26.69
CA ALA D 156 38.29 -64.37 -28.13
C ALA D 156 39.69 -64.80 -28.56
N PRO D 157 39.85 -65.36 -29.78
CA PRO D 157 38.94 -65.63 -30.89
C PRO D 157 38.11 -66.89 -30.75
N GLU D 158 38.13 -67.53 -29.58
CA GLU D 158 37.37 -68.76 -29.43
C GLU D 158 35.89 -68.47 -29.21
N SER D 159 35.55 -67.81 -28.11
CA SER D 159 34.16 -67.58 -27.75
C SER D 159 33.66 -66.29 -28.38
N GLY D 160 32.68 -66.41 -29.28
CA GLY D 160 32.08 -65.23 -29.88
C GLY D 160 31.21 -64.44 -28.95
N LEU D 161 30.84 -65.04 -27.80
CA LEU D 161 30.13 -64.31 -26.76
C LEU D 161 30.96 -63.14 -26.23
N ALA D 162 32.28 -63.32 -26.22
CA ALA D 162 33.19 -62.23 -25.86
C ALA D 162 33.07 -61.06 -26.83
N GLU D 163 33.10 -61.34 -28.13
CA GLU D 163 32.98 -60.27 -29.12
C GLU D 163 31.62 -59.62 -29.08
N TYR D 164 30.56 -60.37 -28.79
CA TYR D 164 29.24 -59.78 -28.74
C TYR D 164 29.07 -58.87 -27.50
N LEU D 165 29.59 -59.31 -26.36
CA LEU D 165 29.51 -58.46 -25.17
C LEU D 165 30.40 -57.24 -25.30
N PHE D 166 31.57 -57.38 -25.94
CA PHE D 166 32.42 -56.24 -26.21
C PHE D 166 31.80 -55.32 -27.26
N ASP D 167 30.97 -55.89 -28.14
CA ASP D 167 30.20 -55.10 -29.10
C ASP D 167 29.18 -54.24 -28.39
N LYS D 168 28.50 -54.78 -27.38
CA LYS D 168 27.37 -54.02 -26.83
C LYS D 168 27.68 -53.27 -25.54
N HIS D 169 28.83 -53.48 -24.91
CA HIS D 169 29.12 -52.81 -23.65
C HIS D 169 30.15 -51.69 -23.77
N THR D 170 31.34 -51.98 -24.32
CA THR D 170 32.39 -50.96 -24.35
C THR D 170 32.07 -49.87 -25.37
N LEU D 171 31.69 -50.26 -26.57
CA LEU D 171 31.62 -49.32 -27.68
C LEU D 171 30.24 -48.68 -27.85
N GLY D 172 29.37 -48.79 -26.84
CA GLY D 172 28.07 -48.15 -26.90
C GLY D 172 28.11 -46.64 -26.75
N THR E 1 49.17 20.09 -52.62
CA THR E 1 48.01 20.52 -51.85
C THR E 1 46.80 19.66 -52.16
N SER E 2 45.75 19.76 -51.35
CA SER E 2 44.57 18.92 -51.51
C SER E 2 43.31 19.76 -51.73
N GLN E 3 42.19 19.06 -51.73
CA GLN E 3 40.94 19.65 -52.15
C GLN E 3 39.99 19.97 -51.01
N VAL E 4 40.26 19.48 -49.79
CA VAL E 4 39.42 19.78 -48.65
C VAL E 4 40.06 20.79 -47.73
N ARG E 5 41.29 21.19 -48.00
CA ARG E 5 42.00 22.17 -47.21
C ARG E 5 41.34 23.55 -47.37
N GLN E 6 40.99 24.16 -46.25
CA GLN E 6 40.30 25.46 -46.32
C GLN E 6 40.56 26.21 -45.03
N ASN E 7 41.37 27.28 -45.13
CA ASN E 7 41.83 28.09 -44.01
C ASN E 7 42.52 27.23 -42.96
N TYR E 8 43.64 26.65 -43.37
CA TYR E 8 44.45 25.78 -42.50
C TYR E 8 45.91 26.16 -42.76
N HIS E 9 46.43 27.09 -41.96
CA HIS E 9 47.80 27.54 -42.12
C HIS E 9 48.76 26.44 -41.68
N GLN E 10 49.96 26.43 -42.28
CA GLN E 10 50.87 25.31 -42.11
C GLN E 10 51.49 25.23 -40.70
N ASP E 11 51.49 26.34 -39.96
CA ASP E 11 52.03 26.31 -38.60
C ASP E 11 51.18 25.45 -37.68
N SER E 12 49.86 25.43 -37.92
CA SER E 12 48.98 24.52 -37.20
C SER E 12 49.33 23.07 -37.50
N GLU E 13 49.66 22.78 -38.77
CA GLU E 13 50.02 21.42 -39.15
C GLU E 13 51.32 20.97 -38.47
N ALA E 14 52.30 21.88 -38.41
CA ALA E 14 53.55 21.57 -37.70
C ALA E 14 53.30 21.37 -36.21
N ALA E 15 52.42 22.18 -35.63
CA ALA E 15 52.09 22.04 -34.22
C ALA E 15 51.40 20.71 -33.92
N ILE E 16 50.48 20.29 -34.81
CA ILE E 16 49.81 19.00 -34.63
C ILE E 16 50.80 17.86 -34.77
N ASN E 17 51.77 17.97 -35.68
CA ASN E 17 52.75 16.89 -35.82
C ASN E 17 53.62 16.75 -34.57
N ARG E 18 54.09 17.89 -34.02
CA ARG E 18 54.82 17.84 -32.76
C ARG E 18 53.96 17.30 -31.63
N GLN E 19 52.68 17.61 -31.63
CA GLN E 19 51.82 17.15 -30.54
C GLN E 19 51.57 15.65 -30.64
N ILE E 20 51.47 15.11 -31.86
CA ILE E 20 51.32 13.67 -32.04
C ILE E 20 52.57 12.95 -31.54
N ASN E 21 53.75 13.52 -31.85
CA ASN E 21 54.99 12.94 -31.35
C ASN E 21 55.05 12.95 -29.82
N LEU E 22 54.56 14.03 -29.22
CA LEU E 22 54.64 14.15 -27.76
C LEU E 22 53.64 13.23 -27.06
N GLU E 23 52.45 13.05 -27.64
CA GLU E 23 51.48 12.14 -27.06
C GLU E 23 51.92 10.69 -27.17
N LEU E 24 52.56 10.32 -28.30
CA LEU E 24 53.07 8.96 -28.43
C LEU E 24 54.23 8.71 -27.47
N TYR E 25 55.10 9.72 -27.29
CA TYR E 25 56.16 9.64 -26.29
C TYR E 25 55.60 9.45 -24.88
N ALA E 26 54.51 10.17 -24.57
CA ALA E 26 53.86 10.02 -23.27
C ALA E 26 53.31 8.62 -23.07
N SER E 27 52.69 8.06 -24.11
CA SER E 27 52.20 6.68 -24.03
C SER E 27 53.33 5.68 -23.84
N TYR E 28 54.50 5.96 -24.44
CA TYR E 28 55.63 5.07 -24.27
C TYR E 28 56.15 5.12 -22.83
N VAL E 29 56.18 6.32 -22.24
CA VAL E 29 56.60 6.47 -20.84
C VAL E 29 55.63 5.75 -19.92
N TYR E 30 54.32 5.84 -20.19
CA TYR E 30 53.35 5.11 -19.37
C TYR E 30 53.49 3.60 -19.53
N LEU E 31 53.85 3.11 -20.72
CA LEU E 31 54.08 1.67 -20.87
C LEU E 31 55.30 1.21 -20.08
N SER E 32 56.35 2.02 -20.04
CA SER E 32 57.52 1.67 -19.26
C SER E 32 57.21 1.67 -17.76
N MET E 33 56.44 2.66 -17.31
CA MET E 33 56.01 2.67 -15.91
C MET E 33 55.12 1.50 -15.58
N SER E 34 54.28 1.07 -16.53
CA SER E 34 53.36 -0.03 -16.26
C SER E 34 54.09 -1.35 -16.11
N TYR E 35 55.01 -1.65 -17.02
CA TYR E 35 55.78 -2.88 -16.82
C TYR E 35 57.01 -2.68 -15.94
N TYR E 36 57.13 -1.55 -15.27
CA TYR E 36 58.09 -1.49 -14.17
C TYR E 36 57.56 -2.15 -12.91
N PHE E 37 56.32 -1.88 -12.55
CA PHE E 37 55.76 -2.36 -11.30
C PHE E 37 55.31 -3.82 -11.35
N ASP E 38 55.49 -4.51 -12.46
CA ASP E 38 55.21 -5.93 -12.53
C ASP E 38 56.45 -6.76 -12.24
N ARG E 39 57.58 -6.11 -11.98
CA ARG E 39 58.80 -6.79 -11.60
C ARG E 39 58.64 -7.49 -10.25
N ASP E 40 59.49 -8.49 -10.01
CA ASP E 40 59.37 -9.27 -8.81
C ASP E 40 59.81 -8.53 -7.56
N ASP E 41 60.77 -7.61 -7.67
CA ASP E 41 61.25 -6.89 -6.51
C ASP E 41 60.43 -5.64 -6.20
N VAL E 42 59.27 -5.47 -6.83
CA VAL E 42 58.32 -4.44 -6.44
C VAL E 42 56.97 -5.08 -6.16
N ALA E 43 56.39 -5.71 -7.20
CA ALA E 43 55.16 -6.50 -7.14
C ALA E 43 53.98 -5.68 -6.62
N LEU E 44 53.59 -4.68 -7.41
CA LEU E 44 52.41 -3.85 -7.12
C LEU E 44 51.56 -3.86 -8.38
N LYS E 45 50.59 -4.77 -8.44
CA LYS E 45 49.95 -5.06 -9.72
C LYS E 45 48.91 -4.02 -10.14
N ASN E 46 48.28 -3.33 -9.19
CA ASN E 46 47.28 -2.34 -9.58
C ASN E 46 47.93 -1.07 -10.12
N PHE E 47 49.15 -0.77 -9.70
CA PHE E 47 49.93 0.27 -10.38
C PHE E 47 50.18 -0.08 -11.85
N ALA E 48 50.52 -1.34 -12.11
CA ALA E 48 50.73 -1.79 -13.48
C ALA E 48 49.46 -1.65 -14.31
N LYS E 49 48.33 -2.03 -13.73
CA LYS E 49 47.04 -1.88 -14.41
C LYS E 49 46.71 -0.41 -14.66
N TYR E 50 47.00 0.46 -13.68
CA TYR E 50 46.68 1.87 -13.80
C TYR E 50 47.51 2.55 -14.89
N PHE E 51 48.81 2.30 -14.90
CA PHE E 51 49.64 2.93 -15.92
C PHE E 51 49.41 2.30 -17.28
N LEU E 52 49.00 1.03 -17.35
CA LEU E 52 48.64 0.46 -18.63
C LEU E 52 47.38 1.08 -19.20
N HIS E 53 46.41 1.35 -18.32
CA HIS E 53 45.19 2.03 -18.70
C HIS E 53 45.49 3.39 -19.24
N GLN E 54 46.29 4.16 -18.51
CA GLN E 54 46.66 5.50 -18.96
C GLN E 54 47.48 5.47 -20.25
N SER E 55 48.27 4.40 -20.47
CA SER E 55 48.98 4.25 -21.72
C SER E 55 48.04 4.11 -22.90
N HIS E 56 47.03 3.24 -22.76
CA HIS E 56 46.05 3.08 -23.82
C HIS E 56 45.25 4.36 -24.05
N GLU E 57 44.97 5.12 -23.00
CA GLU E 57 44.21 6.35 -23.19
C GLU E 57 45.03 7.44 -23.87
N GLU E 58 46.33 7.52 -23.59
CA GLU E 58 47.13 8.51 -24.32
C GLU E 58 47.37 8.09 -25.76
N ARG E 59 47.44 6.78 -26.03
CA ARG E 59 47.50 6.29 -27.40
C ARG E 59 46.23 6.66 -28.16
N GLU E 60 45.07 6.56 -27.51
CA GLU E 60 43.83 6.95 -28.14
C GLU E 60 43.76 8.47 -28.37
N HIS E 61 44.38 9.25 -27.47
CA HIS E 61 44.49 10.69 -27.72
C HIS E 61 45.30 10.98 -28.96
N ALA E 62 46.39 10.24 -29.16
CA ALA E 62 47.20 10.41 -30.37
C ALA E 62 46.43 10.02 -31.62
N GLU E 63 45.59 8.99 -31.51
CA GLU E 63 44.79 8.59 -32.67
C GLU E 63 43.70 9.62 -32.99
N LYS E 64 43.12 10.27 -31.96
CA LYS E 64 42.18 11.37 -32.21
C LYS E 64 42.87 12.54 -32.90
N LEU E 65 44.10 12.85 -32.50
CA LEU E 65 44.89 13.88 -33.18
C LEU E 65 45.12 13.54 -34.64
N MET E 66 45.47 12.28 -34.93
CA MET E 66 45.75 11.91 -36.31
C MET E 66 44.50 11.91 -37.16
N LYS E 67 43.35 11.56 -36.58
CA LYS E 67 42.09 11.65 -37.32
C LYS E 67 41.71 13.10 -37.59
N LEU E 68 42.03 14.01 -36.66
CA LEU E 68 41.81 15.43 -36.91
C LEU E 68 42.70 15.94 -38.04
N GLN E 69 43.96 15.49 -38.06
CA GLN E 69 44.88 15.90 -39.11
C GLN E 69 44.43 15.40 -40.48
N ASN E 70 43.84 14.21 -40.53
CA ASN E 70 43.33 13.75 -41.82
C ASN E 70 41.98 14.38 -42.17
N GLN E 71 41.22 14.86 -41.18
CA GLN E 71 39.99 15.55 -41.52
C GLN E 71 40.25 16.92 -42.12
N ARG E 72 41.23 17.65 -41.57
CA ARG E 72 41.51 18.95 -42.17
C ARG E 72 42.33 18.85 -43.44
N GLY E 73 42.85 17.68 -43.77
CA GLY E 73 43.50 17.47 -45.04
C GLY E 73 44.98 17.83 -45.11
N GLY E 74 45.70 17.70 -44.00
CA GLY E 74 47.13 17.98 -44.01
C GLY E 74 47.93 16.77 -44.42
N ARG E 75 49.14 16.67 -43.85
CA ARG E 75 50.03 15.55 -44.10
C ARG E 75 50.63 15.09 -42.79
N ILE E 76 50.38 13.83 -42.45
CA ILE E 76 50.97 13.23 -41.25
C ILE E 76 52.46 13.01 -41.51
N PHE E 77 53.30 13.59 -40.65
CA PHE E 77 54.75 13.53 -40.81
C PHE E 77 55.35 13.03 -39.51
N LEU E 78 55.57 11.73 -39.40
CA LEU E 78 55.99 11.12 -38.15
C LEU E 78 57.46 11.41 -37.86
N GLN E 79 57.88 11.03 -36.66
CA GLN E 79 59.24 11.27 -36.19
C GLN E 79 59.69 10.05 -35.40
N ASP E 80 60.79 10.21 -34.67
CA ASP E 80 61.29 9.20 -33.75
C ASP E 80 60.69 9.43 -32.37
N ILE E 81 60.66 8.36 -31.59
CA ILE E 81 60.23 8.42 -30.20
C ILE E 81 61.44 8.12 -29.33
N LYS E 82 61.90 9.11 -28.60
CA LYS E 82 63.05 8.90 -27.73
C LYS E 82 62.65 8.04 -26.56
N LYS E 83 63.62 7.29 -26.02
CA LYS E 83 63.37 6.44 -24.88
C LYS E 83 63.15 7.31 -23.63
N PRO E 84 62.42 6.80 -22.64
CA PRO E 84 62.08 7.64 -21.48
C PRO E 84 63.29 7.99 -20.64
N ASP E 85 63.10 8.96 -19.75
CA ASP E 85 64.22 9.61 -19.09
C ASP E 85 64.84 8.72 -18.03
N CYS E 86 64.03 8.18 -17.13
CA CYS E 86 64.52 7.28 -16.09
C CYS E 86 63.94 5.89 -16.32
N ASP E 87 64.84 4.90 -16.41
CA ASP E 87 64.41 3.51 -16.56
C ASP E 87 64.05 2.88 -15.23
N ASP E 88 64.55 3.44 -14.13
CA ASP E 88 64.25 2.95 -12.80
C ASP E 88 63.58 4.08 -12.02
N TRP E 89 62.39 3.83 -11.48
CA TRP E 89 61.65 4.85 -10.76
C TRP E 89 61.67 4.65 -9.25
N GLU E 90 62.09 3.46 -8.79
CA GLU E 90 62.48 3.12 -7.41
C GLU E 90 61.35 3.13 -6.38
N SER E 91 60.15 3.57 -6.74
CA SER E 91 59.07 3.69 -5.77
C SER E 91 57.76 4.14 -6.41
N GLY E 92 56.65 3.91 -5.72
CA GLY E 92 55.35 4.31 -6.25
C GLY E 92 55.09 5.79 -6.15
N LEU E 93 55.72 6.45 -5.18
CA LEU E 93 55.50 7.88 -5.00
C LEU E 93 56.25 8.70 -6.02
N ASN E 94 57.50 8.33 -6.31
CA ASN E 94 58.31 9.06 -7.27
C ASN E 94 57.76 8.90 -8.68
N ALA E 95 57.17 7.72 -8.98
CA ALA E 95 56.51 7.50 -10.26
C ALA E 95 55.29 8.40 -10.41
N MET E 96 54.51 8.56 -9.36
CA MET E 96 53.35 9.46 -9.42
C MET E 96 53.79 10.91 -9.56
N GLU E 97 54.88 11.30 -8.91
CA GLU E 97 55.39 12.66 -9.06
C GLU E 97 55.87 12.92 -10.48
N CYS E 98 56.56 11.95 -11.09
CA CYS E 98 57.03 12.15 -12.45
C CYS E 98 55.89 12.08 -13.46
N ALA E 99 54.84 11.31 -13.16
CA ALA E 99 53.66 11.33 -14.02
C ALA E 99 52.94 12.67 -13.94
N LEU E 100 52.90 13.25 -12.75
CA LEU E 100 52.32 14.60 -12.59
C LEU E 100 53.14 15.63 -13.35
N HIS E 101 54.46 15.51 -13.31
CA HIS E 101 55.34 16.40 -14.06
C HIS E 101 55.12 16.25 -15.56
N LEU E 102 54.91 15.01 -16.01
CA LEU E 102 54.63 14.74 -17.42
C LEU E 102 53.31 15.38 -17.86
N GLU E 103 52.26 15.23 -17.06
CA GLU E 103 50.98 15.79 -17.45
C GLU E 103 50.98 17.31 -17.38
N LYS E 104 51.79 17.89 -16.50
CA LYS E 104 51.97 19.35 -16.52
C LYS E 104 52.67 19.81 -17.80
N ASN E 105 53.68 19.05 -18.26
CA ASN E 105 54.30 19.41 -19.54
C ASN E 105 53.34 19.26 -20.71
N VAL E 106 52.49 18.24 -20.69
CA VAL E 106 51.54 18.05 -21.79
C VAL E 106 50.49 19.16 -21.79
N ASN E 107 50.05 19.59 -20.61
CA ASN E 107 49.11 20.70 -20.52
C ASN E 107 49.74 22.00 -21.03
N GLN E 108 51.01 22.23 -20.67
CA GLN E 108 51.73 23.40 -21.19
C GLN E 108 51.83 23.39 -22.71
N SER E 109 52.06 22.21 -23.28
CA SER E 109 52.15 22.08 -24.73
C SER E 109 50.79 22.35 -25.39
N LEU E 110 49.71 21.88 -24.78
CA LEU E 110 48.39 22.14 -25.37
C LEU E 110 48.02 23.62 -25.28
N LEU E 111 48.49 24.31 -24.24
CA LEU E 111 48.25 25.74 -24.16
C LEU E 111 49.05 26.50 -25.23
N GLU E 112 50.28 26.05 -25.49
CA GLU E 112 51.06 26.65 -26.57
C GLU E 112 50.39 26.42 -27.92
N LEU E 113 49.80 25.25 -28.11
CA LEU E 113 49.12 24.97 -29.37
C LEU E 113 47.83 25.78 -29.50
N HIS E 114 47.13 26.03 -28.39
CA HIS E 114 45.93 26.85 -28.45
C HIS E 114 46.27 28.31 -28.74
N LYS E 115 47.38 28.80 -28.19
CA LYS E 115 47.81 30.17 -28.49
C LYS E 115 48.19 30.30 -29.97
N LEU E 116 48.94 29.33 -30.48
CA LEU E 116 49.32 29.34 -31.89
C LEU E 116 48.12 29.19 -32.81
N ALA E 117 47.09 28.47 -32.36
CA ALA E 117 45.90 28.32 -33.18
C ALA E 117 45.03 29.57 -33.15
N THR E 118 44.95 30.24 -32.00
CA THR E 118 44.16 31.46 -31.92
C THR E 118 44.82 32.59 -32.70
N ASP E 119 46.15 32.60 -32.79
CA ASP E 119 46.80 33.66 -33.55
C ASP E 119 46.65 33.50 -35.07
N LYS E 120 46.14 32.37 -35.54
CA LYS E 120 46.00 32.12 -36.96
C LYS E 120 44.57 32.26 -37.45
N ASN E 121 43.63 32.65 -36.58
CA ASN E 121 42.20 32.74 -36.87
C ASN E 121 41.65 31.40 -37.39
N ASP E 122 41.71 30.39 -36.53
CA ASP E 122 41.29 29.03 -36.86
C ASP E 122 40.32 28.57 -35.78
N PRO E 123 39.02 28.85 -35.93
CA PRO E 123 38.08 28.53 -34.86
C PRO E 123 37.78 27.05 -34.73
N HIS E 124 37.93 26.27 -35.80
CA HIS E 124 37.68 24.84 -35.70
C HIS E 124 38.72 24.16 -34.82
N LEU E 125 39.99 24.51 -35.00
CA LEU E 125 41.05 23.90 -34.19
C LEU E 125 40.98 24.38 -32.75
N CYS E 126 40.62 25.65 -32.55
CA CYS E 126 40.40 26.18 -31.21
C CYS E 126 39.28 25.46 -30.50
N ASP E 127 38.15 25.25 -31.19
CA ASP E 127 37.04 24.52 -30.57
C ASP E 127 37.38 23.05 -30.35
N PHE E 128 38.22 22.47 -31.21
CA PHE E 128 38.61 21.08 -31.03
C PHE E 128 39.46 20.90 -29.78
N ILE E 129 40.39 21.83 -29.55
CA ILE E 129 41.19 21.80 -28.33
C ILE E 129 40.34 22.15 -27.11
N GLU E 130 39.33 23.02 -27.28
CA GLU E 130 38.40 23.31 -26.18
C GLU E 130 37.63 22.07 -25.76
N THR E 131 37.12 21.32 -26.73
CA THR E 131 36.26 20.20 -26.39
C THR E 131 37.04 19.00 -25.89
N HIS E 132 38.02 18.52 -26.66
CA HIS E 132 38.47 17.16 -26.43
C HIS E 132 39.68 17.03 -25.52
N TYR E 133 40.53 18.04 -25.37
CA TYR E 133 41.82 17.80 -24.74
C TYR E 133 42.08 18.56 -23.46
N LEU E 134 41.52 19.76 -23.29
CA LEU E 134 41.90 20.56 -22.13
C LEU E 134 41.28 20.02 -20.84
N ASN E 135 40.00 19.65 -20.89
CA ASN E 135 39.30 19.21 -19.68
C ASN E 135 39.84 17.87 -19.19
N GLU E 136 40.24 16.99 -20.11
CA GLU E 136 40.83 15.71 -19.74
C GLU E 136 42.17 15.90 -19.03
N GLN E 137 42.97 16.85 -19.50
CA GLN E 137 44.27 17.08 -18.86
C GLN E 137 44.10 17.72 -17.49
N VAL E 138 43.10 18.58 -17.34
CA VAL E 138 42.82 19.17 -16.02
C VAL E 138 42.40 18.09 -15.03
N LYS E 139 41.51 17.19 -15.46
CA LYS E 139 41.09 16.10 -14.57
C LYS E 139 42.22 15.13 -14.28
N ALA E 140 43.14 14.94 -15.24
CA ALA E 140 44.27 14.05 -15.01
C ALA E 140 45.24 14.64 -13.99
N ILE E 141 45.51 15.94 -14.07
CA ILE E 141 46.40 16.57 -13.10
C ILE E 141 45.75 16.57 -11.72
N LYS E 142 44.43 16.77 -11.65
CA LYS E 142 43.73 16.72 -10.36
C LYS E 142 43.80 15.33 -9.73
N GLU E 143 43.59 14.28 -10.53
CA GLU E 143 43.60 12.93 -9.98
C GLU E 143 45.00 12.53 -9.53
N LEU E 144 46.02 12.86 -10.33
CA LEU E 144 47.38 12.56 -9.92
C LEU E 144 47.81 13.33 -8.68
N GLY E 145 47.33 14.58 -8.54
CA GLY E 145 47.61 15.32 -7.32
C GLY E 145 46.96 14.70 -6.10
N ASP E 146 45.75 14.16 -6.27
CA ASP E 146 45.10 13.43 -5.18
C ASP E 146 45.89 12.20 -4.77
N HIS E 147 46.41 11.45 -5.74
CA HIS E 147 47.15 10.24 -5.38
C HIS E 147 48.50 10.58 -4.73
N VAL E 148 49.16 11.64 -5.19
CA VAL E 148 50.43 12.05 -4.58
C VAL E 148 50.19 12.54 -3.15
N THR E 149 49.07 13.23 -2.92
CA THR E 149 48.76 13.71 -1.57
C THR E 149 48.47 12.57 -0.62
N ASN E 150 47.70 11.58 -1.08
CA ASN E 150 47.41 10.41 -0.22
C ASN E 150 48.67 9.63 0.10
N LEU E 151 49.56 9.46 -0.88
CA LEU E 151 50.79 8.71 -0.57
C LEU E 151 51.75 9.49 0.31
N ARG E 152 51.77 10.83 0.20
CA ARG E 152 52.63 11.58 1.10
C ARG E 152 52.07 11.64 2.51
N LYS E 153 50.75 11.67 2.65
CA LYS E 153 50.19 11.67 3.99
C LYS E 153 50.26 10.31 4.66
N MET E 154 50.21 9.24 3.88
CA MET E 154 50.24 7.92 4.51
C MET E 154 51.62 7.49 4.96
N GLY E 155 52.67 8.19 4.57
CA GLY E 155 54.00 7.91 5.06
C GLY E 155 54.98 7.32 4.07
N ALA E 156 54.58 7.18 2.81
CA ALA E 156 55.49 6.71 1.77
C ALA E 156 56.61 7.72 1.56
N PRO E 157 57.80 7.29 1.08
CA PRO E 157 58.29 5.96 0.67
C PRO E 157 58.93 5.12 1.77
N GLU E 158 58.90 5.56 3.03
CA GLU E 158 59.51 4.77 4.08
C GLU E 158 58.68 3.53 4.40
N SER E 159 57.45 3.73 4.85
CA SER E 159 56.59 2.64 5.26
C SER E 159 55.96 2.02 4.02
N GLY E 160 56.43 0.82 3.65
CA GLY E 160 55.88 0.12 2.50
C GLY E 160 54.45 -0.35 2.71
N LEU E 161 54.01 -0.47 3.97
CA LEU E 161 52.62 -0.72 4.31
C LEU E 161 51.69 0.31 3.70
N ALA E 162 52.14 1.57 3.65
CA ALA E 162 51.34 2.62 3.02
C ALA E 162 51.19 2.38 1.53
N GLU E 163 52.28 1.99 0.85
CA GLU E 163 52.20 1.71 -0.58
C GLU E 163 51.30 0.52 -0.86
N TYR E 164 51.36 -0.51 -0.03
CA TYR E 164 50.52 -1.68 -0.25
C TYR E 164 49.05 -1.38 0.01
N LEU E 165 48.73 -0.63 1.06
CA LEU E 165 47.34 -0.33 1.32
C LEU E 165 46.78 0.68 0.33
N PHE E 166 47.64 1.54 -0.23
CA PHE E 166 47.18 2.37 -1.33
C PHE E 166 47.03 1.55 -2.60
N ASP E 167 47.78 0.46 -2.71
CA ASP E 167 47.68 -0.40 -3.87
C ASP E 167 46.37 -1.17 -3.87
N LYS E 168 45.89 -1.56 -2.68
CA LYS E 168 44.69 -2.38 -2.63
C LYS E 168 43.40 -1.59 -2.42
N HIS E 169 43.46 -0.42 -1.81
CA HIS E 169 42.22 0.28 -1.48
C HIS E 169 41.79 1.29 -2.53
N THR E 170 42.66 2.24 -2.87
CA THR E 170 42.27 3.30 -3.80
C THR E 170 42.12 2.76 -5.21
N LEU E 171 43.05 1.93 -5.65
CA LEU E 171 43.09 1.49 -7.04
C LEU E 171 42.47 0.11 -7.24
N GLY E 172 41.49 -0.24 -6.43
CA GLY E 172 40.77 -1.49 -6.62
C GLY E 172 39.55 -1.28 -7.48
N THR F 1 -26.33 -57.09 18.15
CA THR F 1 -25.61 -57.20 16.89
C THR F 1 -25.37 -55.82 16.29
N SER F 2 -24.71 -55.79 15.13
CA SER F 2 -24.39 -54.53 14.47
C SER F 2 -25.62 -53.91 13.82
N GLN F 3 -25.48 -52.65 13.43
CA GLN F 3 -26.55 -51.95 12.72
C GLN F 3 -26.25 -51.75 11.24
N VAL F 4 -25.12 -52.23 10.76
CA VAL F 4 -24.81 -52.19 9.34
C VAL F 4 -24.68 -53.57 8.75
N ARG F 5 -24.85 -54.63 9.55
CA ARG F 5 -24.68 -55.98 9.06
C ARG F 5 -25.96 -56.45 8.41
N GLN F 6 -25.87 -56.90 7.16
CA GLN F 6 -27.04 -57.30 6.40
C GLN F 6 -26.61 -58.31 5.35
N ASN F 7 -27.14 -59.53 5.46
CA ASN F 7 -26.83 -60.65 4.57
C ASN F 7 -25.33 -60.99 4.60
N TYR F 8 -24.88 -61.44 5.76
CA TYR F 8 -23.46 -61.76 5.95
C TYR F 8 -23.35 -62.83 7.02
N HIS F 9 -23.18 -64.08 6.59
CA HIS F 9 -23.13 -65.23 7.47
C HIS F 9 -21.77 -65.29 8.19
N GLN F 10 -21.75 -66.01 9.33
CA GLN F 10 -20.55 -66.02 10.18
C GLN F 10 -19.41 -66.85 9.60
N ASP F 11 -19.73 -67.87 8.79
CA ASP F 11 -18.68 -68.69 8.19
C ASP F 11 -17.83 -67.89 7.21
N SER F 12 -18.46 -66.92 6.54
CA SER F 12 -17.72 -65.98 5.72
C SER F 12 -16.78 -65.14 6.58
N GLU F 13 -17.20 -64.76 7.78
CA GLU F 13 -16.35 -63.96 8.65
C GLU F 13 -15.15 -64.76 9.12
N ALA F 14 -15.36 -66.05 9.42
CA ALA F 14 -14.25 -66.91 9.80
C ALA F 14 -13.28 -67.11 8.64
N ALA F 15 -13.80 -67.25 7.42
CA ALA F 15 -12.94 -67.43 6.26
C ALA F 15 -12.14 -66.17 5.96
N ILE F 16 -12.76 -64.99 6.11
CA ILE F 16 -12.04 -63.73 5.91
C ILE F 16 -10.94 -63.57 6.94
N ASN F 17 -11.19 -63.94 8.19
CA ASN F 17 -10.16 -63.80 9.22
C ASN F 17 -8.99 -64.76 8.98
N ARG F 18 -9.29 -65.99 8.55
CA ARG F 18 -8.21 -66.91 8.17
C ARG F 18 -7.43 -66.39 6.97
N GLN F 19 -8.11 -65.74 6.04
CA GLN F 19 -7.42 -65.22 4.86
C GLN F 19 -6.54 -64.03 5.21
N ILE F 20 -6.95 -63.21 6.18
CA ILE F 20 -6.10 -62.12 6.65
C ILE F 20 -4.84 -62.68 7.31
N ASN F 21 -5.01 -63.73 8.12
CA ASN F 21 -3.87 -64.41 8.73
C ASN F 21 -2.92 -64.97 7.67
N LEU F 22 -3.47 -65.53 6.60
CA LEU F 22 -2.62 -66.15 5.58
C LEU F 22 -1.91 -65.11 4.73
N GLU F 23 -2.56 -63.98 4.44
CA GLU F 23 -1.90 -62.90 3.72
C GLU F 23 -0.76 -62.29 4.52
N LEU F 24 -0.97 -62.12 5.84
CA LEU F 24 0.13 -61.60 6.66
C LEU F 24 1.26 -62.61 6.79
N TYR F 25 0.94 -63.90 6.83
CA TYR F 25 1.97 -64.93 6.82
C TYR F 25 2.78 -64.90 5.53
N ALA F 26 2.10 -64.67 4.40
CA ALA F 26 2.79 -64.50 3.12
C ALA F 26 3.73 -63.30 3.15
N SER F 27 3.25 -62.15 3.64
CA SER F 27 4.09 -60.96 3.71
C SER F 27 5.29 -61.15 4.62
N TYR F 28 5.11 -61.94 5.68
CA TYR F 28 6.22 -62.17 6.61
C TYR F 28 7.29 -63.06 5.99
N VAL F 29 6.86 -64.09 5.25
CA VAL F 29 7.83 -64.95 4.55
C VAL F 29 8.58 -64.16 3.48
N TYR F 30 7.87 -63.28 2.77
CA TYR F 30 8.55 -62.42 1.80
C TYR F 30 9.54 -61.47 2.45
N LEU F 31 9.26 -60.99 3.67
CA LEU F 31 10.24 -60.17 4.39
C LEU F 31 11.48 -60.98 4.73
N SER F 32 11.29 -62.24 5.12
CA SER F 32 12.42 -63.12 5.42
C SER F 32 13.27 -63.37 4.19
N MET F 33 12.64 -63.60 3.05
CA MET F 33 13.38 -63.75 1.80
C MET F 33 14.10 -62.47 1.42
N SER F 34 13.46 -61.32 1.66
CA SER F 34 14.01 -60.05 1.23
C SER F 34 15.25 -59.68 2.02
N TYR F 35 15.34 -60.10 3.27
CA TYR F 35 16.58 -59.90 3.99
C TYR F 35 17.43 -61.15 4.10
N TYR F 36 17.09 -62.22 3.38
CA TYR F 36 18.06 -63.28 3.18
C TYR F 36 19.11 -62.86 2.16
N PHE F 37 18.69 -62.25 1.06
CA PHE F 37 19.59 -61.87 -0.01
C PHE F 37 20.39 -60.60 0.27
N ASP F 38 20.08 -59.89 1.36
CA ASP F 38 20.82 -58.69 1.71
C ASP F 38 22.14 -59.02 2.38
N ARG F 39 22.37 -60.28 2.75
CA ARG F 39 23.60 -60.71 3.38
C ARG F 39 24.79 -60.56 2.43
N ASP F 40 25.98 -60.49 3.01
CA ASP F 40 27.17 -60.33 2.21
C ASP F 40 27.51 -61.60 1.43
N ASP F 41 27.24 -62.77 2.00
CA ASP F 41 27.68 -64.00 1.37
C ASP F 41 26.72 -64.52 0.31
N VAL F 42 25.74 -63.71 -0.11
CA VAL F 42 24.96 -64.01 -1.30
C VAL F 42 25.00 -62.80 -2.22
N ALA F 43 24.57 -61.64 -1.70
CA ALA F 43 24.76 -60.31 -2.30
C ALA F 43 24.10 -60.17 -3.66
N LEU F 44 22.77 -60.28 -3.67
CA LEU F 44 21.94 -60.02 -4.84
C LEU F 44 20.90 -58.99 -4.40
N LYS F 45 21.14 -57.71 -4.69
CA LYS F 45 20.38 -56.67 -4.01
C LYS F 45 19.04 -56.38 -4.69
N ASN F 46 18.92 -56.59 -5.99
CA ASN F 46 17.62 -56.38 -6.61
C ASN F 46 16.64 -57.49 -6.26
N PHE F 47 17.13 -58.69 -5.92
CA PHE F 47 16.29 -59.68 -5.27
C PHE F 47 15.72 -59.13 -3.97
N ALA F 48 16.54 -58.46 -3.16
CA ALA F 48 16.08 -57.91 -1.90
C ALA F 48 15.01 -56.84 -2.12
N LYS F 49 15.24 -55.95 -3.10
CA LYS F 49 14.25 -54.91 -3.37
C LYS F 49 12.96 -55.50 -3.95
N TYR F 50 13.08 -56.53 -4.78
CA TYR F 50 11.91 -57.17 -5.37
C TYR F 50 11.05 -57.87 -4.32
N PHE F 51 11.68 -58.68 -3.46
CA PHE F 51 10.92 -59.35 -2.41
C PHE F 51 10.40 -58.36 -1.38
N LEU F 52 11.08 -57.22 -1.17
CA LEU F 52 10.57 -56.21 -0.27
C LEU F 52 9.31 -55.55 -0.83
N HIS F 53 9.32 -55.27 -2.14
CA HIS F 53 8.13 -54.72 -2.81
C HIS F 53 6.97 -55.69 -2.76
N GLN F 54 7.25 -56.99 -2.93
CA GLN F 54 6.19 -57.99 -2.84
C GLN F 54 5.64 -58.08 -1.41
N SER F 55 6.51 -57.91 -0.41
CA SER F 55 6.05 -57.94 0.97
C SER F 55 5.12 -56.78 1.29
N HIS F 56 5.46 -55.59 0.78
CA HIS F 56 4.58 -54.44 0.96
C HIS F 56 3.25 -54.63 0.24
N GLU F 57 3.25 -55.27 -0.92
CA GLU F 57 1.98 -55.46 -1.62
C GLU F 57 1.11 -56.51 -0.93
N GLU F 58 1.73 -57.52 -0.31
CA GLU F 58 0.92 -58.47 0.47
C GLU F 58 0.36 -57.83 1.73
N ARG F 59 1.12 -56.89 2.33
CA ARG F 59 0.59 -56.07 3.41
C ARG F 59 -0.63 -55.27 2.96
N GLU F 60 -0.57 -54.66 1.77
CA GLU F 60 -1.71 -53.89 1.30
C GLU F 60 -2.93 -54.77 1.01
N HIS F 61 -2.70 -55.99 0.53
CA HIS F 61 -3.81 -56.92 0.31
C HIS F 61 -4.47 -57.32 1.62
N ALA F 62 -3.67 -57.56 2.65
CA ALA F 62 -4.24 -57.91 3.95
C ALA F 62 -5.02 -56.74 4.54
N GLU F 63 -4.51 -55.52 4.38
CA GLU F 63 -5.23 -54.34 4.87
C GLU F 63 -6.54 -54.13 4.13
N LYS F 64 -6.56 -54.42 2.82
CA LYS F 64 -7.81 -54.32 2.07
C LYS F 64 -8.82 -55.36 2.54
N LEU F 65 -8.33 -56.55 2.91
CA LEU F 65 -9.22 -57.55 3.51
C LEU F 65 -9.78 -57.09 4.85
N MET F 66 -8.97 -56.40 5.65
CA MET F 66 -9.47 -55.93 6.94
C MET F 66 -10.48 -54.81 6.78
N LYS F 67 -10.30 -53.97 5.76
CA LYS F 67 -11.32 -52.97 5.45
C LYS F 67 -12.62 -53.62 4.99
N LEU F 68 -12.52 -54.67 4.17
CA LEU F 68 -13.70 -55.44 3.77
C LEU F 68 -14.39 -56.07 4.97
N GLN F 69 -13.61 -56.49 5.97
CA GLN F 69 -14.21 -57.08 7.15
C GLN F 69 -14.96 -56.04 7.97
N ASN F 70 -14.41 -54.85 8.11
CA ASN F 70 -15.10 -53.82 8.91
C ASN F 70 -16.31 -53.24 8.19
N GLN F 71 -16.32 -53.22 6.87
CA GLN F 71 -17.46 -52.63 6.17
C GLN F 71 -18.72 -53.48 6.28
N ARG F 72 -18.57 -54.79 6.45
CA ARG F 72 -19.74 -55.65 6.53
C ARG F 72 -20.14 -55.93 7.97
N GLY F 73 -19.51 -55.29 8.93
CA GLY F 73 -19.95 -55.36 10.31
C GLY F 73 -19.47 -56.53 11.12
N GLY F 74 -18.63 -57.39 10.56
CA GLY F 74 -18.00 -58.44 11.32
C GLY F 74 -16.86 -57.91 12.16
N ARG F 75 -16.28 -58.78 12.96
CA ARG F 75 -15.16 -58.43 13.80
C ARG F 75 -13.91 -59.10 13.26
N ILE F 76 -12.79 -58.90 13.96
CA ILE F 76 -11.48 -59.37 13.51
C ILE F 76 -10.83 -60.15 14.65
N PHE F 77 -10.58 -61.44 14.43
CA PHE F 77 -9.79 -62.26 15.36
C PHE F 77 -8.41 -62.47 14.76
N LEU F 78 -7.51 -61.53 15.00
CA LEU F 78 -6.12 -61.71 14.61
C LEU F 78 -5.49 -62.83 15.43
N GLN F 79 -4.96 -63.81 14.73
CA GLN F 79 -4.30 -64.93 15.37
C GLN F 79 -2.80 -64.75 15.21
N ASP F 80 -2.04 -65.75 15.63
CA ASP F 80 -0.59 -65.66 15.61
C ASP F 80 -0.06 -65.78 14.19
N ILE F 81 1.25 -65.59 14.07
CA ILE F 81 1.96 -65.76 12.81
C ILE F 81 3.02 -66.81 13.04
N LYS F 82 2.85 -67.97 12.41
CA LYS F 82 3.88 -68.99 12.44
C LYS F 82 5.13 -68.49 11.71
N LYS F 83 6.28 -68.98 12.15
CA LYS F 83 7.53 -68.55 11.56
C LYS F 83 7.66 -69.12 10.16
N PRO F 84 8.47 -68.51 9.30
CA PRO F 84 8.76 -69.11 8.00
C PRO F 84 9.56 -70.40 8.17
N ASP F 85 9.47 -71.24 7.14
CA ASP F 85 9.89 -72.63 7.29
C ASP F 85 11.40 -72.79 7.39
N CYS F 86 12.19 -72.20 6.49
CA CYS F 86 13.63 -72.33 6.59
C CYS F 86 14.28 -71.03 6.13
N ASP F 87 15.55 -70.87 6.53
CA ASP F 87 16.29 -69.64 6.29
C ASP F 87 17.22 -69.72 5.08
N ASP F 88 18.15 -70.67 5.08
CA ASP F 88 19.09 -70.84 3.98
C ASP F 88 18.34 -71.44 2.80
N TRP F 89 18.23 -70.69 1.72
CA TRP F 89 17.58 -71.19 0.53
C TRP F 89 18.56 -71.79 -0.47
N GLU F 90 19.87 -71.68 -0.19
CA GLU F 90 21.00 -72.37 -0.84
C GLU F 90 21.31 -71.82 -2.23
N SER F 91 20.45 -70.96 -2.77
CA SER F 91 20.61 -70.42 -4.11
C SER F 91 19.76 -69.15 -4.20
N GLY F 92 19.52 -68.70 -5.43
CA GLY F 92 18.60 -67.61 -5.66
C GLY F 92 17.37 -68.08 -6.40
N LEU F 93 17.49 -69.23 -7.04
CA LEU F 93 16.38 -69.82 -7.78
C LEU F 93 15.36 -70.45 -6.85
N ASN F 94 15.84 -71.08 -5.78
CA ASN F 94 14.97 -71.81 -4.86
C ASN F 94 14.01 -70.86 -4.14
N ALA F 95 14.44 -69.62 -3.91
CA ALA F 95 13.56 -68.60 -3.37
C ALA F 95 12.43 -68.28 -4.34
N MET F 96 12.72 -68.21 -5.64
CA MET F 96 11.66 -68.00 -6.62
C MET F 96 10.71 -69.18 -6.68
N GLU F 97 11.22 -70.40 -6.49
CA GLU F 97 10.32 -71.55 -6.50
C GLU F 97 9.44 -71.58 -5.26
N CYS F 98 9.97 -71.16 -4.12
CA CYS F 98 9.13 -71.07 -2.94
C CYS F 98 8.11 -69.95 -3.07
N ALA F 99 8.45 -68.87 -3.78
CA ALA F 99 7.48 -67.81 -4.05
C ALA F 99 6.36 -68.30 -4.96
N LEU F 100 6.71 -69.09 -5.97
CA LEU F 100 5.69 -69.67 -6.86
C LEU F 100 4.77 -70.61 -6.10
N HIS F 101 5.34 -71.44 -5.23
CA HIS F 101 4.54 -72.38 -4.44
C HIS F 101 3.61 -71.63 -3.48
N LEU F 102 4.10 -70.56 -2.87
CA LEU F 102 3.29 -69.77 -1.95
C LEU F 102 2.16 -69.06 -2.66
N GLU F 103 2.43 -68.50 -3.85
CA GLU F 103 1.37 -67.83 -4.58
C GLU F 103 0.32 -68.80 -5.10
N LYS F 104 0.73 -70.02 -5.47
CA LYS F 104 -0.27 -71.01 -5.86
C LYS F 104 -1.13 -71.42 -4.68
N ASN F 105 -0.54 -71.51 -3.48
CA ASN F 105 -1.34 -71.84 -2.30
C ASN F 105 -2.30 -70.72 -1.93
N VAL F 106 -1.88 -69.46 -2.12
CA VAL F 106 -2.78 -68.34 -1.85
C VAL F 106 -3.92 -68.31 -2.87
N ASN F 107 -3.63 -68.67 -4.12
CA ASN F 107 -4.69 -68.81 -5.12
C ASN F 107 -5.68 -69.91 -4.75
N GLN F 108 -5.18 -71.04 -4.23
CA GLN F 108 -6.05 -72.12 -3.79
C GLN F 108 -6.94 -71.68 -2.64
N SER F 109 -6.38 -70.94 -1.67
CA SER F 109 -7.16 -70.45 -0.54
C SER F 109 -8.22 -69.47 -0.98
N LEU F 110 -7.89 -68.58 -1.93
CA LEU F 110 -8.88 -67.60 -2.40
C LEU F 110 -9.99 -68.26 -3.20
N LEU F 111 -9.67 -69.28 -3.99
CA LEU F 111 -10.73 -69.99 -4.72
C LEU F 111 -11.65 -70.74 -3.77
N GLU F 112 -11.09 -71.33 -2.72
CA GLU F 112 -11.95 -72.03 -1.76
C GLU F 112 -12.81 -71.04 -0.96
N LEU F 113 -12.29 -69.84 -0.71
CA LEU F 113 -13.10 -68.83 -0.04
C LEU F 113 -14.20 -68.33 -0.96
N HIS F 114 -13.92 -68.22 -2.26
CA HIS F 114 -14.96 -67.84 -3.21
C HIS F 114 -16.03 -68.91 -3.32
N LYS F 115 -15.65 -70.18 -3.25
CA LYS F 115 -16.64 -71.26 -3.25
C LYS F 115 -17.51 -71.21 -2.00
N LEU F 116 -16.88 -70.93 -0.85
CA LEU F 116 -17.65 -70.80 0.39
C LEU F 116 -18.57 -69.59 0.37
N ALA F 117 -18.15 -68.51 -0.28
CA ALA F 117 -19.01 -67.34 -0.42
C ALA F 117 -20.18 -67.62 -1.34
N THR F 118 -19.97 -68.41 -2.39
CA THR F 118 -21.07 -68.83 -3.24
C THR F 118 -22.02 -69.76 -2.51
N ASP F 119 -21.50 -70.55 -1.57
CA ASP F 119 -22.35 -71.51 -0.85
C ASP F 119 -23.32 -70.84 0.12
N LYS F 120 -23.16 -69.55 0.41
CA LYS F 120 -24.03 -68.88 1.36
C LYS F 120 -24.81 -67.72 0.77
N ASN F 121 -24.83 -67.60 -0.56
CA ASN F 121 -25.61 -66.61 -1.31
C ASN F 121 -25.27 -65.17 -0.88
N ASP F 122 -24.03 -64.78 -1.11
CA ASP F 122 -23.61 -63.41 -0.92
C ASP F 122 -22.91 -62.94 -2.18
N PRO F 123 -23.48 -61.99 -2.91
CA PRO F 123 -22.86 -61.58 -4.16
C PRO F 123 -21.71 -60.62 -3.97
N HIS F 124 -21.75 -59.83 -2.90
CA HIS F 124 -20.77 -58.76 -2.74
C HIS F 124 -19.38 -59.31 -2.40
N LEU F 125 -19.32 -60.38 -1.61
CA LEU F 125 -18.04 -61.00 -1.30
C LEU F 125 -17.44 -61.66 -2.54
N CYS F 126 -18.30 -62.29 -3.36
CA CYS F 126 -17.87 -62.85 -4.63
C CYS F 126 -17.31 -61.79 -5.55
N ASP F 127 -18.02 -60.67 -5.69
CA ASP F 127 -17.57 -59.58 -6.53
C ASP F 127 -16.29 -58.95 -6.02
N PHE F 128 -16.13 -58.88 -4.69
CA PHE F 128 -14.91 -58.31 -4.14
C PHE F 128 -13.69 -59.20 -4.43
N ILE F 129 -13.83 -60.51 -4.23
CA ILE F 129 -12.73 -61.43 -4.52
C ILE F 129 -12.40 -61.42 -6.01
N GLU F 130 -13.41 -61.52 -6.87
CA GLU F 130 -13.18 -61.58 -8.31
C GLU F 130 -12.64 -60.25 -8.83
N THR F 131 -12.94 -59.14 -8.16
CA THR F 131 -12.42 -57.86 -8.60
C THR F 131 -10.96 -57.68 -8.21
N HIS F 132 -10.64 -57.84 -6.94
CA HIS F 132 -9.36 -57.32 -6.46
C HIS F 132 -8.22 -58.34 -6.44
N TYR F 133 -8.49 -59.63 -6.32
CA TYR F 133 -7.42 -60.56 -5.96
C TYR F 133 -7.04 -61.56 -7.03
N LEU F 134 -8.01 -62.14 -7.75
CA LEU F 134 -7.72 -63.28 -8.62
C LEU F 134 -6.86 -62.89 -9.80
N ASN F 135 -7.15 -61.75 -10.42
CA ASN F 135 -6.34 -61.26 -11.54
C ASN F 135 -4.92 -60.96 -11.08
N GLU F 136 -4.78 -60.44 -9.85
CA GLU F 136 -3.47 -60.16 -9.31
C GLU F 136 -2.68 -61.44 -9.08
N GLN F 137 -3.36 -62.48 -8.60
CA GLN F 137 -2.71 -63.78 -8.43
C GLN F 137 -2.30 -64.39 -9.75
N VAL F 138 -3.12 -64.23 -10.80
CA VAL F 138 -2.78 -64.77 -12.11
C VAL F 138 -1.54 -64.07 -12.68
N LYS F 139 -1.50 -62.73 -12.62
CA LYS F 139 -0.35 -62.00 -13.13
C LYS F 139 0.91 -62.29 -12.32
N ALA F 140 0.76 -62.47 -11.00
CA ALA F 140 1.93 -62.74 -10.17
C ALA F 140 2.48 -64.15 -10.41
N ILE F 141 1.59 -65.15 -10.50
CA ILE F 141 2.01 -66.52 -10.78
C ILE F 141 2.68 -66.62 -12.15
N LYS F 142 2.13 -65.94 -13.15
CA LYS F 142 2.73 -65.95 -14.48
C LYS F 142 4.10 -65.29 -14.49
N GLU F 143 4.26 -64.18 -13.76
CA GLU F 143 5.54 -63.51 -13.71
C GLU F 143 6.59 -64.34 -12.98
N LEU F 144 6.21 -65.00 -11.88
CA LEU F 144 7.16 -65.84 -11.16
C LEU F 144 7.54 -67.08 -11.96
N GLY F 145 6.59 -67.64 -12.72
CA GLY F 145 6.92 -68.75 -13.59
C GLY F 145 7.87 -68.33 -14.71
N ASP F 146 7.72 -67.09 -15.19
CA ASP F 146 8.65 -66.60 -16.20
C ASP F 146 10.05 -66.40 -15.64
N HIS F 147 10.15 -65.92 -14.38
CA HIS F 147 11.48 -65.79 -13.78
C HIS F 147 12.14 -67.16 -13.58
N VAL F 148 11.37 -68.15 -13.13
CA VAL F 148 11.88 -69.51 -12.95
C VAL F 148 12.33 -70.10 -14.29
N THR F 149 11.58 -69.81 -15.35
CA THR F 149 11.94 -70.32 -16.67
C THR F 149 13.22 -69.68 -17.20
N ASN F 150 13.38 -68.37 -16.99
CA ASN F 150 14.60 -67.70 -17.42
C ASN F 150 15.82 -68.19 -16.65
N LEU F 151 15.67 -68.43 -15.34
CA LEU F 151 16.81 -68.94 -14.58
C LEU F 151 17.14 -70.38 -14.91
N ARG F 152 16.13 -71.20 -15.24
CA ARG F 152 16.46 -72.57 -15.62
C ARG F 152 17.01 -72.66 -17.04
N LYS F 153 16.69 -71.69 -17.90
CA LYS F 153 17.43 -71.58 -19.15
C LYS F 153 18.88 -71.19 -18.92
N MET F 154 19.11 -70.12 -18.16
CA MET F 154 20.44 -69.54 -18.06
C MET F 154 21.42 -70.39 -17.27
N GLY F 155 20.96 -71.44 -16.59
CA GLY F 155 21.88 -72.40 -16.00
C GLY F 155 22.02 -72.32 -14.50
N ALA F 156 20.97 -71.87 -13.82
CA ALA F 156 20.97 -71.85 -12.37
C ALA F 156 20.92 -73.28 -11.82
N PRO F 157 21.51 -73.54 -10.65
CA PRO F 157 22.30 -72.69 -9.76
C PRO F 157 23.80 -72.76 -10.02
N GLU F 158 24.21 -73.54 -11.01
CA GLU F 158 25.62 -73.82 -11.24
C GLU F 158 26.38 -72.56 -11.64
N SER F 159 25.94 -71.92 -12.71
CA SER F 159 26.50 -70.64 -13.12
C SER F 159 25.93 -69.56 -12.22
N GLY F 160 26.74 -69.03 -11.31
CA GLY F 160 26.35 -67.83 -10.60
C GLY F 160 26.28 -66.61 -11.49
N LEU F 161 27.01 -66.64 -12.62
CA LEU F 161 26.90 -65.61 -13.63
C LEU F 161 25.48 -65.49 -14.18
N ALA F 162 24.74 -66.60 -14.19
CA ALA F 162 23.34 -66.56 -14.59
C ALA F 162 22.51 -65.72 -13.61
N GLU F 163 22.69 -65.94 -12.31
CA GLU F 163 21.98 -65.13 -11.33
C GLU F 163 22.45 -63.68 -11.34
N TYR F 164 23.71 -63.43 -11.69
CA TYR F 164 24.21 -62.07 -11.73
C TYR F 164 23.63 -61.30 -12.92
N LEU F 165 23.54 -61.95 -14.08
CA LEU F 165 22.95 -61.27 -15.23
C LEU F 165 21.44 -61.16 -15.08
N PHE F 166 20.81 -62.10 -14.38
CA PHE F 166 19.38 -61.99 -14.10
C PHE F 166 19.11 -60.91 -13.07
N ASP F 167 20.07 -60.68 -12.18
CA ASP F 167 20.05 -59.51 -11.30
C ASP F 167 20.06 -58.23 -12.12
N LYS F 168 21.12 -58.02 -12.90
CA LYS F 168 21.35 -56.68 -13.43
C LYS F 168 20.46 -56.32 -14.61
N HIS F 169 19.77 -57.27 -15.22
CA HIS F 169 18.99 -56.98 -16.42
C HIS F 169 17.48 -56.99 -16.18
N THR F 170 16.94 -58.09 -15.66
CA THR F 170 15.49 -58.21 -15.56
C THR F 170 14.95 -57.33 -14.43
N LEU F 171 15.70 -57.22 -13.34
CA LEU F 171 15.21 -56.57 -12.14
C LEU F 171 15.78 -55.17 -11.95
N GLY F 172 15.89 -54.39 -13.03
CA GLY F 172 16.32 -53.02 -12.92
C GLY F 172 15.18 -52.05 -13.14
N THR G 1 32.51 -69.84 9.42
CA THR G 1 32.59 -68.44 9.82
C THR G 1 32.15 -67.51 8.71
N SER G 2 32.12 -66.23 9.00
CA SER G 2 31.84 -65.22 8.00
C SER G 2 33.12 -64.47 7.63
N GLN G 3 32.99 -63.47 6.76
CA GLN G 3 34.15 -62.73 6.30
C GLN G 3 34.25 -61.31 6.83
N VAL G 4 33.14 -60.62 7.06
CA VAL G 4 33.17 -59.24 7.50
C VAL G 4 33.00 -59.11 9.00
N ARG G 5 32.77 -60.22 9.70
CA ARG G 5 32.46 -60.16 11.12
C ARG G 5 33.73 -59.94 11.94
N GLN G 6 33.89 -58.73 12.45
CA GLN G 6 35.04 -58.39 13.29
C GLN G 6 34.54 -57.75 14.56
N ASN G 7 34.84 -58.39 15.70
CA ASN G 7 34.49 -57.92 17.05
C ASN G 7 32.97 -57.75 17.19
N TYR G 8 32.27 -58.88 17.12
CA TYR G 8 30.82 -58.88 17.25
C TYR G 8 30.43 -60.16 17.99
N HIS G 9 30.16 -60.02 19.29
CA HIS G 9 29.85 -61.18 20.11
C HIS G 9 28.44 -61.67 19.85
N GLN G 10 28.25 -62.98 19.97
CA GLN G 10 27.02 -63.63 19.53
C GLN G 10 25.83 -63.38 20.45
N ASP G 11 26.08 -62.99 21.71
CA ASP G 11 24.96 -62.65 22.58
C ASP G 11 24.31 -61.34 22.18
N SER G 12 25.11 -60.42 21.61
CA SER G 12 24.54 -59.23 21.01
C SER G 12 23.68 -59.58 19.82
N GLU G 13 24.08 -60.61 19.06
CA GLU G 13 23.28 -61.07 17.92
C GLU G 13 21.95 -61.63 18.39
N ALA G 14 21.96 -62.43 19.44
CA ALA G 14 20.71 -62.97 19.99
C ALA G 14 19.82 -61.87 20.55
N ALA G 15 20.43 -60.85 21.17
CA ALA G 15 19.65 -59.75 21.72
C ALA G 15 19.01 -58.90 20.63
N ILE G 16 19.75 -58.67 19.53
CA ILE G 16 19.18 -57.92 18.40
C ILE G 16 18.05 -58.71 17.75
N ASN G 17 18.20 -60.04 17.64
CA ASN G 17 17.13 -60.84 17.03
C ASN G 17 15.87 -60.84 17.88
N ARG G 18 16.01 -60.95 19.20
CA ARG G 18 14.84 -60.85 20.07
C ARG G 18 14.24 -59.45 20.04
N GLN G 19 15.06 -58.42 19.85
CA GLN G 19 14.52 -57.07 19.71
C GLN G 19 13.76 -56.90 18.41
N ILE G 20 14.17 -57.60 17.35
CA ILE G 20 13.43 -57.59 16.09
C ILE G 20 12.06 -58.24 16.25
N ASN G 21 12.02 -59.37 16.98
CA ASN G 21 10.74 -59.99 17.33
C ASN G 21 9.84 -59.03 18.11
N LEU G 22 10.44 -58.27 19.04
CA LEU G 22 9.67 -57.29 19.81
C LEU G 22 9.14 -56.17 18.94
N GLU G 23 9.93 -55.69 17.99
CA GLU G 23 9.49 -54.62 17.09
C GLU G 23 8.33 -55.07 16.21
N LEU G 24 8.40 -56.30 15.69
CA LEU G 24 7.32 -56.78 14.85
C LEU G 24 6.04 -57.01 15.66
N TYR G 25 6.19 -57.49 16.90
CA TYR G 25 5.05 -57.60 17.82
C TYR G 25 4.40 -56.24 18.05
N ALA G 26 5.24 -55.20 18.23
CA ALA G 26 4.71 -53.87 18.48
C ALA G 26 3.96 -53.32 17.27
N SER G 27 4.50 -53.52 16.07
CA SER G 27 3.79 -53.04 14.89
C SER G 27 2.49 -53.80 14.65
N TYR G 28 2.45 -55.07 15.03
CA TYR G 28 1.22 -55.84 14.87
C TYR G 28 0.15 -55.38 15.85
N VAL G 29 0.56 -55.03 17.07
CA VAL G 29 -0.39 -54.48 18.05
C VAL G 29 -0.90 -53.11 17.60
N TYR G 30 -0.02 -52.28 17.01
CA TYR G 30 -0.49 -51.00 16.49
C TYR G 30 -1.44 -51.16 15.30
N LEU G 31 -1.25 -52.20 14.48
CA LEU G 31 -2.20 -52.46 13.39
C LEU G 31 -3.55 -52.88 13.94
N SER G 32 -3.55 -53.68 15.00
CA SER G 32 -4.80 -54.08 15.64
C SER G 32 -5.54 -52.87 16.23
N MET G 33 -4.81 -52.00 16.92
CA MET G 33 -5.40 -50.78 17.45
C MET G 33 -5.88 -49.85 16.33
N SER G 34 -5.19 -49.87 15.19
CA SER G 34 -5.58 -48.99 14.10
C SER G 34 -6.89 -49.41 13.47
N TYR G 35 -7.03 -50.68 13.12
CA TYR G 35 -8.30 -51.10 12.54
C TYR G 35 -9.36 -51.43 13.58
N TYR G 36 -9.09 -51.26 14.87
CA TYR G 36 -10.19 -51.30 15.83
C TYR G 36 -11.05 -50.06 15.75
N PHE G 37 -10.44 -48.89 15.55
CA PHE G 37 -11.18 -47.63 15.49
C PHE G 37 -11.77 -47.36 14.13
N ASP G 38 -11.81 -48.35 13.24
CA ASP G 38 -12.41 -48.20 11.93
C ASP G 38 -13.81 -48.81 11.87
N ARG G 39 -14.29 -49.36 12.98
CA ARG G 39 -15.55 -50.08 12.99
C ARG G 39 -16.74 -49.12 12.88
N ASP G 40 -17.92 -49.72 12.82
CA ASP G 40 -19.15 -48.95 12.74
C ASP G 40 -19.49 -48.31 14.07
N ASP G 41 -19.24 -49.00 15.18
CA ASP G 41 -19.70 -48.52 16.47
C ASP G 41 -18.62 -47.82 17.27
N VAL G 42 -17.56 -47.33 16.62
CA VAL G 42 -16.62 -46.43 17.28
C VAL G 42 -16.48 -45.17 16.44
N ALA G 43 -16.09 -45.37 15.16
CA ALA G 43 -16.09 -44.35 14.11
C ALA G 43 -15.25 -43.13 14.46
N LEU G 44 -13.95 -43.37 14.64
CA LEU G 44 -12.97 -42.31 14.88
C LEU G 44 -11.86 -42.51 13.86
N LYS G 45 -11.90 -41.74 12.78
CA LYS G 45 -11.04 -41.99 11.62
C LYS G 45 -9.58 -41.67 11.93
N ASN G 46 -9.35 -40.58 12.65
CA ASN G 46 -7.98 -40.12 12.79
C ASN G 46 -7.20 -40.92 13.81
N PHE G 47 -7.87 -41.59 14.75
CA PHE G 47 -7.18 -42.57 15.58
C PHE G 47 -6.68 -43.73 14.72
N ALA G 48 -7.47 -44.16 13.74
CA ALA G 48 -7.04 -45.21 12.83
C ALA G 48 -5.84 -44.77 12.00
N LYS G 49 -5.88 -43.53 11.49
CA LYS G 49 -4.75 -42.97 10.76
C LYS G 49 -3.50 -42.90 11.62
N TYR G 50 -3.66 -42.49 12.88
CA TYR G 50 -2.53 -42.27 13.77
C TYR G 50 -1.86 -43.59 14.14
N PHE G 51 -2.65 -44.59 14.55
CA PHE G 51 -2.05 -45.88 14.89
C PHE G 51 -1.52 -46.61 13.66
N LEU G 52 -2.09 -46.36 12.48
CA LEU G 52 -1.56 -46.98 11.26
C LEU G 52 -0.20 -46.39 10.90
N HIS G 53 -0.08 -45.08 11.06
CA HIS G 53 1.18 -44.40 10.85
C HIS G 53 2.23 -44.90 11.79
N GLN G 54 1.87 -45.04 13.06
CA GLN G 54 2.81 -45.56 14.05
C GLN G 54 3.19 -47.01 13.77
N SER G 55 2.28 -47.81 13.23
CA SER G 55 2.61 -49.18 12.86
C SER G 55 3.64 -49.20 11.73
N HIS G 56 3.48 -48.31 10.76
CA HIS G 56 4.46 -48.24 9.68
C HIS G 56 5.82 -47.79 10.19
N GLU G 57 5.85 -46.88 11.17
CA GLU G 57 7.14 -46.45 11.70
C GLU G 57 7.82 -47.55 12.52
N GLU G 58 7.05 -48.34 13.28
CA GLU G 58 7.66 -49.45 14.00
C GLU G 58 8.14 -50.55 13.04
N ARG G 59 7.46 -50.71 11.90
CA ARG G 59 7.95 -51.63 10.88
C ARG G 59 9.27 -51.15 10.28
N GLU G 60 9.38 -49.84 10.04
CA GLU G 60 10.64 -49.31 9.51
C GLU G 60 11.77 -49.44 10.53
N HIS G 61 11.44 -49.35 11.82
CA HIS G 61 12.44 -49.61 12.86
C HIS G 61 12.88 -51.08 12.86
N ALA G 62 11.93 -51.98 12.63
CA ALA G 62 12.28 -53.41 12.53
C ALA G 62 13.20 -53.68 11.35
N GLU G 63 12.93 -53.03 10.22
CA GLU G 63 13.81 -53.18 9.06
C GLU G 63 15.19 -52.59 9.30
N LYS G 64 15.27 -51.49 10.05
CA LYS G 64 16.58 -50.91 10.33
C LYS G 64 17.38 -51.81 11.26
N LEU G 65 16.71 -52.47 12.21
CA LEU G 65 17.40 -53.47 13.03
C LEU G 65 17.90 -54.65 12.21
N MET G 66 17.11 -55.10 11.23
CA MET G 66 17.56 -56.23 10.43
C MET G 66 18.73 -55.84 9.52
N LYS G 67 18.72 -54.62 8.99
CA LYS G 67 19.87 -54.13 8.24
C LYS G 67 21.10 -54.01 9.13
N LEU G 68 20.91 -53.61 10.40
CA LEU G 68 22.02 -53.56 11.34
C LEU G 68 22.54 -54.96 11.65
N GLN G 69 21.66 -55.95 11.62
CA GLN G 69 22.14 -57.32 11.86
C GLN G 69 22.92 -57.82 10.66
N ASN G 70 22.54 -57.41 9.45
CA ASN G 70 23.27 -57.87 8.27
C ASN G 70 24.58 -57.13 8.07
N GLN G 71 24.69 -55.87 8.51
CA GLN G 71 25.94 -55.13 8.30
C GLN G 71 27.08 -55.68 9.13
N ARG G 72 26.83 -56.01 10.39
CA ARG G 72 27.91 -56.48 11.26
C ARG G 72 28.27 -57.94 11.02
N GLY G 73 27.52 -58.66 10.19
CA GLY G 73 27.89 -60.01 9.83
C GLY G 73 27.30 -61.09 10.71
N GLY G 74 26.17 -60.83 11.35
CA GLY G 74 25.44 -61.85 12.06
C GLY G 74 24.46 -62.57 11.16
N ARG G 75 23.49 -63.21 11.79
CA ARG G 75 22.42 -63.88 11.09
C ARG G 75 21.08 -63.40 11.65
N ILE G 76 20.06 -63.46 10.83
CA ILE G 76 18.71 -63.11 11.27
C ILE G 76 17.94 -64.41 11.52
N PHE G 77 17.42 -64.57 12.73
CA PHE G 77 16.71 -65.78 13.11
C PHE G 77 15.32 -65.35 13.57
N LEU G 78 14.38 -65.31 12.63
CA LEU G 78 13.06 -64.78 12.90
C LEU G 78 12.22 -65.76 13.70
N GLN G 79 11.34 -65.21 14.53
CA GLN G 79 10.45 -65.98 15.38
C GLN G 79 9.03 -65.50 15.22
N ASP G 80 8.12 -66.11 15.99
CA ASP G 80 6.70 -65.88 15.83
C ASP G 80 6.29 -64.52 16.36
N ILE G 81 5.38 -63.88 15.65
CA ILE G 81 4.69 -62.70 16.15
C ILE G 81 3.49 -63.17 16.94
N LYS G 82 3.50 -62.93 18.24
CA LYS G 82 2.36 -63.30 19.07
C LYS G 82 1.18 -62.37 18.82
N LYS G 83 -0.01 -62.84 19.17
CA LYS G 83 -1.24 -62.09 18.95
C LYS G 83 -1.30 -60.90 19.90
N PRO G 84 -2.12 -59.90 19.59
CA PRO G 84 -2.28 -58.77 20.52
C PRO G 84 -2.90 -59.21 21.84
N ASP G 85 -2.53 -58.49 22.89
CA ASP G 85 -2.80 -58.93 24.25
C ASP G 85 -4.28 -58.85 24.58
N CYS G 86 -4.92 -57.74 24.24
CA CYS G 86 -6.35 -57.57 24.42
C CYS G 86 -6.99 -57.30 23.06
N ASP G 87 -8.05 -58.07 22.74
CA ASP G 87 -8.70 -57.88 21.46
C ASP G 87 -9.61 -56.65 21.46
N ASP G 88 -10.03 -56.21 22.65
CA ASP G 88 -10.87 -55.03 22.79
C ASP G 88 -10.12 -53.96 23.56
N TRP G 89 -10.55 -52.71 23.44
CA TRP G 89 -9.91 -51.62 24.16
C TRP G 89 -10.90 -50.69 24.85
N GLU G 90 -12.17 -50.72 24.46
CA GLU G 90 -13.34 -50.19 25.17
C GLU G 90 -13.44 -48.66 25.17
N SER G 91 -12.39 -47.96 24.74
CA SER G 91 -12.41 -46.50 24.77
C SER G 91 -11.33 -45.98 23.82
N GLY G 92 -11.10 -44.68 23.89
CA GLY G 92 -10.01 -44.06 23.17
C GLY G 92 -8.89 -43.66 24.12
N LEU G 93 -9.18 -43.75 25.41
CA LEU G 93 -8.19 -43.42 26.43
C LEU G 93 -7.38 -44.64 26.84
N ASN G 94 -8.06 -45.78 27.00
CA ASN G 94 -7.38 -47.02 27.38
C ASN G 94 -6.45 -47.51 26.28
N ALA G 95 -6.80 -47.22 25.02
CA ALA G 95 -5.91 -47.51 23.90
C ALA G 95 -4.63 -46.71 24.00
N MET G 96 -4.74 -45.43 24.34
CA MET G 96 -3.56 -44.59 24.50
C MET G 96 -2.71 -45.04 25.68
N GLU G 97 -3.34 -45.45 26.78
CA GLU G 97 -2.56 -45.91 27.93
C GLU G 97 -1.85 -47.23 27.63
N CYS G 98 -2.50 -48.11 26.86
CA CYS G 98 -1.84 -49.34 26.47
C CYS G 98 -0.70 -49.07 25.48
N ALA G 99 -0.87 -48.07 24.62
CA ALA G 99 0.22 -47.67 23.73
C ALA G 99 1.40 -47.13 24.51
N LEU G 100 1.12 -46.38 25.57
CA LEU G 100 2.18 -45.89 26.46
C LEU G 100 2.90 -47.03 27.15
N HIS G 101 2.13 -48.03 27.61
CA HIS G 101 2.70 -49.21 28.25
C HIS G 101 3.59 -49.98 27.28
N LEU G 102 3.16 -50.09 26.02
CA LEU G 102 3.95 -50.80 25.02
C LEU G 102 5.24 -50.06 24.69
N GLU G 103 5.17 -48.73 24.53
CA GLU G 103 6.37 -47.96 24.24
C GLU G 103 7.36 -48.01 25.40
N LYS G 104 6.86 -48.02 26.64
CA LYS G 104 7.77 -48.12 27.77
C LYS G 104 8.37 -49.51 27.89
N ASN G 105 7.66 -50.56 27.47
CA ASN G 105 8.27 -51.88 27.43
C ASN G 105 9.39 -51.94 26.41
N VAL G 106 9.17 -51.35 25.23
CA VAL G 106 10.20 -51.29 24.20
C VAL G 106 11.40 -50.48 24.69
N ASN G 107 11.14 -49.38 25.41
CA ASN G 107 12.23 -48.54 25.93
C ASN G 107 13.05 -49.27 26.98
N GLN G 108 12.39 -50.03 27.86
CA GLN G 108 13.11 -50.81 28.87
C GLN G 108 13.97 -51.89 28.23
N SER G 109 13.45 -52.52 27.17
CA SER G 109 14.24 -53.55 26.49
C SER G 109 15.42 -52.94 25.75
N LEU G 110 15.26 -51.74 25.19
CA LEU G 110 16.38 -51.08 24.53
C LEU G 110 17.45 -50.65 25.53
N LEU G 111 17.04 -50.23 26.74
CA LEU G 111 18.05 -49.86 27.73
C LEU G 111 18.80 -51.09 28.23
N GLU G 112 18.11 -52.22 28.36
CA GLU G 112 18.82 -53.45 28.72
C GLU G 112 19.77 -53.89 27.61
N LEU G 113 19.39 -53.64 26.35
CA LEU G 113 20.28 -54.02 25.26
C LEU G 113 21.47 -53.06 25.17
N HIS G 114 21.27 -51.80 25.53
CA HIS G 114 22.39 -50.87 25.62
C HIS G 114 23.36 -51.29 26.72
N LYS G 115 22.84 -51.79 27.83
CA LYS G 115 23.70 -52.32 28.88
C LYS G 115 24.49 -53.52 28.39
N LEU G 116 23.86 -54.38 27.58
CA LEU G 116 24.55 -55.54 27.04
C LEU G 116 25.62 -55.14 26.03
N ALA G 117 25.35 -54.09 25.25
CA ALA G 117 26.38 -53.57 24.35
C ALA G 117 27.48 -52.87 25.13
N THR G 118 27.18 -52.35 26.32
CA THR G 118 28.22 -51.76 27.15
C THR G 118 29.15 -52.83 27.71
N ASP G 119 28.59 -53.95 28.15
CA ASP G 119 29.42 -54.98 28.78
C ASP G 119 30.34 -55.71 27.81
N LYS G 120 29.93 -55.92 26.56
CA LYS G 120 30.67 -56.79 25.67
C LYS G 120 31.56 -56.03 24.69
N ASN G 121 31.74 -54.72 24.90
CA ASN G 121 32.67 -53.87 24.15
C ASN G 121 32.36 -53.85 22.65
N ASP G 122 31.17 -53.37 22.32
CA ASP G 122 30.75 -53.20 20.94
C ASP G 122 30.37 -51.73 20.76
N PRO G 123 31.34 -50.85 20.53
CA PRO G 123 31.04 -49.41 20.50
C PRO G 123 30.21 -48.99 19.30
N HIS G 124 30.29 -49.72 18.19
CA HIS G 124 29.40 -49.46 17.06
C HIS G 124 27.96 -49.70 17.43
N LEU G 125 27.69 -50.75 18.21
CA LEU G 125 26.33 -51.03 18.63
C LEU G 125 25.84 -49.99 19.64
N CYS G 126 26.75 -49.54 20.52
CA CYS G 126 26.43 -48.46 21.45
C CYS G 126 26.08 -47.18 20.72
N ASP G 127 26.85 -46.82 19.69
CA ASP G 127 26.53 -45.62 18.93
C ASP G 127 25.24 -45.77 18.13
N PHE G 128 24.96 -46.97 17.62
CA PHE G 128 23.74 -47.17 16.84
C PHE G 128 22.51 -47.01 17.71
N ILE G 129 22.56 -47.54 18.94
CA ILE G 129 21.44 -47.39 19.85
C ILE G 129 21.32 -45.94 20.33
N GLU G 130 22.45 -45.28 20.59
CA GLU G 130 22.42 -43.86 20.98
C GLU G 130 21.83 -42.98 19.89
N THR G 131 22.08 -43.31 18.62
CA THR G 131 21.64 -42.42 17.55
C THR G 131 20.20 -42.69 17.13
N HIS G 132 19.88 -43.95 16.83
CA HIS G 132 18.66 -44.19 16.08
C HIS G 132 17.43 -44.44 16.94
N TYR G 133 17.55 -44.97 18.14
CA TYR G 133 16.39 -45.53 18.81
C TYR G 133 15.96 -44.84 20.09
N LEU G 134 16.90 -44.34 20.90
CA LEU G 134 16.53 -43.84 22.21
C LEU G 134 15.79 -42.52 22.13
N ASN G 135 16.27 -41.60 21.30
CA ASN G 135 15.69 -40.27 21.20
C ASN G 135 14.28 -40.32 20.62
N GLU G 136 14.05 -41.22 19.66
CA GLU G 136 12.73 -41.38 19.07
C GLU G 136 11.76 -41.97 20.07
N GLN G 137 12.21 -42.93 20.88
CA GLN G 137 11.34 -43.48 21.93
C GLN G 137 11.02 -42.44 22.98
N VAL G 138 11.97 -41.57 23.32
CA VAL G 138 11.71 -40.51 24.29
C VAL G 138 10.66 -39.54 23.77
N LYS G 139 10.77 -39.12 22.50
CA LYS G 139 9.77 -38.22 21.95
C LYS G 139 8.41 -38.90 21.81
N ALA G 140 8.39 -40.19 21.50
CA ALA G 140 7.12 -40.89 21.36
C ALA G 140 6.42 -41.06 22.70
N ILE G 141 7.19 -41.34 23.76
CA ILE G 141 6.59 -41.50 25.08
C ILE G 141 6.08 -40.15 25.60
N LYS G 142 6.81 -39.07 25.31
CA LYS G 142 6.34 -37.74 25.68
C LYS G 142 5.05 -37.38 24.95
N GLU G 143 4.95 -37.72 23.67
CA GLU G 143 3.76 -37.39 22.90
C GLU G 143 2.55 -38.18 23.38
N LEU G 144 2.74 -39.48 23.64
CA LEU G 144 1.61 -40.28 24.13
C LEU G 144 1.21 -39.87 25.54
N GLY G 145 2.15 -39.40 26.36
CA GLY G 145 1.79 -38.88 27.65
C GLY G 145 0.98 -37.60 27.57
N ASP G 146 1.32 -36.74 26.59
CA ASP G 146 0.51 -35.54 26.35
C ASP G 146 -0.90 -35.88 25.93
N HIS G 147 -1.06 -36.88 25.07
CA HIS G 147 -2.41 -37.20 24.62
C HIS G 147 -3.22 -37.90 25.72
N VAL G 148 -2.55 -38.72 26.55
CA VAL G 148 -3.22 -39.31 27.71
C VAL G 148 -3.69 -38.23 28.67
N THR G 149 -2.85 -37.23 28.93
CA THR G 149 -3.22 -36.20 29.91
C THR G 149 -4.32 -35.29 29.39
N ASN G 150 -4.31 -34.99 28.08
CA ASN G 150 -5.39 -34.19 27.52
C ASN G 150 -6.71 -34.96 27.52
N LEU G 151 -6.67 -36.27 27.25
CA LEU G 151 -7.92 -37.04 27.33
C LEU G 151 -8.36 -37.27 28.77
N ARG G 152 -7.45 -37.14 29.73
CA ARG G 152 -7.89 -37.11 31.12
C ARG G 152 -8.64 -35.81 31.41
N LYS G 153 -7.97 -34.67 31.24
CA LYS G 153 -8.55 -33.41 31.70
C LYS G 153 -9.69 -32.91 30.83
N MET G 154 -9.89 -33.48 29.64
CA MET G 154 -11.07 -33.09 28.88
C MET G 154 -12.32 -33.88 29.29
N GLY G 155 -12.15 -34.92 30.09
CA GLY G 155 -13.27 -35.69 30.57
C GLY G 155 -13.63 -36.94 29.82
N ALA G 156 -12.67 -37.81 29.51
CA ALA G 156 -12.99 -39.09 28.89
C ALA G 156 -12.83 -40.21 29.91
N PRO G 157 -13.58 -41.33 29.76
CA PRO G 157 -14.61 -41.72 28.78
C PRO G 157 -16.01 -41.39 29.25
N GLU G 158 -16.12 -40.54 30.26
CA GLU G 158 -17.43 -40.12 30.75
C GLU G 158 -18.15 -39.28 29.70
N SER G 159 -17.43 -38.34 29.09
CA SER G 159 -17.97 -37.50 28.03
C SER G 159 -17.26 -37.86 26.73
N GLY G 160 -17.99 -38.52 25.82
CA GLY G 160 -17.42 -38.86 24.53
C GLY G 160 -17.23 -37.68 23.61
N LEU G 161 -17.89 -36.56 23.90
CA LEU G 161 -17.66 -35.32 23.18
C LEU G 161 -16.22 -34.85 23.30
N ALA G 162 -15.58 -35.15 24.44
CA ALA G 162 -14.15 -34.91 24.59
C ALA G 162 -13.35 -35.74 23.60
N GLU G 163 -13.70 -37.02 23.42
CA GLU G 163 -12.99 -37.85 22.45
C GLU G 163 -13.20 -37.36 21.03
N TYR G 164 -14.40 -36.90 20.70
CA TYR G 164 -14.65 -36.43 19.34
C TYR G 164 -13.93 -35.11 19.06
N LEU G 165 -13.98 -34.16 20.01
CA LEU G 165 -13.31 -32.89 19.77
C LEU G 165 -11.80 -33.00 19.90
N PHE G 166 -11.30 -33.98 20.64
CA PHE G 166 -9.89 -34.30 20.57
C PHE G 166 -9.54 -34.92 19.23
N ASP G 167 -10.48 -35.67 18.65
CA ASP G 167 -10.21 -36.34 17.39
C ASP G 167 -10.11 -35.35 16.24
N LYS G 168 -11.10 -34.46 16.11
CA LYS G 168 -11.13 -33.61 14.92
C LYS G 168 -10.19 -32.41 15.02
N HIS G 169 -9.59 -32.15 16.19
CA HIS G 169 -8.66 -31.03 16.29
C HIS G 169 -7.20 -31.46 16.27
N THR G 170 -6.80 -32.29 17.24
CA THR G 170 -5.38 -32.51 17.46
C THR G 170 -4.77 -33.47 16.45
N LEU G 171 -5.38 -34.65 16.28
CA LEU G 171 -4.78 -35.69 15.48
C LEU G 171 -5.26 -35.67 14.04
N GLY G 172 -5.64 -34.51 13.52
CA GLY G 172 -6.01 -34.36 12.13
C GLY G 172 -5.21 -33.26 11.45
N THR H 1 -54.36 -15.83 -36.39
CA THR H 1 -53.99 -16.06 -35.00
C THR H 1 -52.63 -16.71 -34.87
N SER H 2 -52.08 -16.67 -33.66
CA SER H 2 -50.79 -17.28 -33.39
C SER H 2 -50.95 -18.59 -32.65
N GLN H 3 -49.83 -19.16 -32.22
CA GLN H 3 -49.83 -20.35 -31.40
C GLN H 3 -49.15 -20.17 -30.06
N VAL H 4 -48.42 -19.07 -29.87
CA VAL H 4 -47.73 -18.80 -28.62
C VAL H 4 -48.44 -17.72 -27.83
N ARG H 5 -49.53 -17.18 -28.34
CA ARG H 5 -50.15 -16.03 -27.73
C ARG H 5 -51.01 -16.48 -26.56
N GLN H 6 -50.83 -15.82 -25.41
CA GLN H 6 -51.48 -16.24 -24.18
C GLN H 6 -51.58 -15.02 -23.28
N ASN H 7 -52.81 -14.53 -23.08
CA ASN H 7 -53.12 -13.36 -22.24
C ASN H 7 -52.39 -12.11 -22.75
N TYR H 8 -52.76 -11.70 -23.96
CA TYR H 8 -52.12 -10.54 -24.59
C TYR H 8 -53.19 -9.77 -25.37
N HIS H 9 -53.72 -8.71 -24.76
CA HIS H 9 -54.81 -7.95 -25.36
C HIS H 9 -54.28 -7.08 -26.51
N GLN H 10 -55.19 -6.71 -27.42
CA GLN H 10 -54.77 -6.03 -28.64
C GLN H 10 -54.52 -4.54 -28.44
N ASP H 11 -55.10 -3.94 -27.40
CA ASP H 11 -54.77 -2.56 -27.08
C ASP H 11 -53.31 -2.43 -26.66
N SER H 12 -52.79 -3.47 -26.02
CA SER H 12 -51.36 -3.55 -25.75
C SER H 12 -50.55 -3.59 -27.04
N GLU H 13 -51.05 -4.31 -28.06
CA GLU H 13 -50.37 -4.34 -29.36
C GLU H 13 -50.33 -2.95 -29.99
N ALA H 14 -51.42 -2.19 -29.87
CA ALA H 14 -51.45 -0.83 -30.39
C ALA H 14 -50.48 0.08 -29.64
N ALA H 15 -50.41 -0.09 -28.31
CA ALA H 15 -49.52 0.75 -27.51
C ALA H 15 -48.06 0.46 -27.82
N ILE H 16 -47.71 -0.82 -28.02
CA ILE H 16 -46.34 -1.16 -28.33
C ILE H 16 -45.95 -0.64 -29.72
N ASN H 17 -46.89 -0.69 -30.68
CA ASN H 17 -46.56 -0.18 -32.01
C ASN H 17 -46.36 1.33 -32.02
N ARG H 18 -47.20 2.07 -31.29
CA ARG H 18 -46.99 3.51 -31.18
C ARG H 18 -45.71 3.84 -30.42
N GLN H 19 -45.34 3.01 -29.45
CA GLN H 19 -44.11 3.26 -28.71
C GLN H 19 -42.87 2.98 -29.56
N ILE H 20 -42.94 2.00 -30.46
CA ILE H 20 -41.84 1.76 -31.40
C ILE H 20 -41.68 2.96 -32.32
N ASN H 21 -42.81 3.50 -32.80
CA ASN H 21 -42.77 4.71 -33.63
C ASN H 21 -42.14 5.88 -32.89
N LEU H 22 -42.45 6.02 -31.60
CA LEU H 22 -41.91 7.15 -30.84
C LEU H 22 -40.42 6.98 -30.55
N GLU H 23 -39.99 5.74 -30.27
CA GLU H 23 -38.56 5.50 -30.04
C GLU H 23 -37.74 5.72 -31.29
N LEU H 24 -38.26 5.29 -32.46
CA LEU H 24 -37.55 5.54 -33.70
C LEU H 24 -37.52 7.02 -34.05
N TYR H 25 -38.60 7.74 -33.73
CA TYR H 25 -38.60 9.19 -33.94
C TYR H 25 -37.57 9.86 -33.06
N ALA H 26 -37.41 9.38 -31.83
CA ALA H 26 -36.38 9.89 -30.93
C ALA H 26 -34.99 9.64 -31.48
N SER H 27 -34.76 8.43 -32.01
CA SER H 27 -33.48 8.10 -32.63
C SER H 27 -33.18 9.01 -33.80
N TYR H 28 -34.19 9.31 -34.61
CA TYR H 28 -33.99 10.14 -35.79
C TYR H 28 -33.67 11.58 -35.41
N VAL H 29 -34.35 12.12 -34.38
CA VAL H 29 -34.10 13.48 -33.96
C VAL H 29 -32.73 13.61 -33.31
N TYR H 30 -32.31 12.60 -32.53
CA TYR H 30 -30.94 12.61 -32.00
C TYR H 30 -29.89 12.56 -33.10
N LEU H 31 -30.14 11.80 -34.18
CA LEU H 31 -29.20 11.81 -35.30
C LEU H 31 -29.12 13.17 -35.98
N SER H 32 -30.28 13.83 -36.13
CA SER H 32 -30.31 15.18 -36.70
C SER H 32 -29.54 16.17 -35.84
N MET H 33 -29.67 16.05 -34.52
CA MET H 33 -28.90 16.91 -33.64
C MET H 33 -27.41 16.61 -33.71
N SER H 34 -27.06 15.32 -33.85
CA SER H 34 -25.65 14.96 -33.89
C SER H 34 -24.98 15.43 -35.17
N TYR H 35 -25.73 15.57 -36.25
CA TYR H 35 -25.15 16.11 -37.47
C TYR H 35 -25.48 17.58 -37.70
N TYR H 36 -26.10 18.25 -36.73
CA TYR H 36 -26.11 19.71 -36.74
C TYR H 36 -24.84 20.28 -36.10
N PHE H 37 -24.44 19.74 -34.94
CA PHE H 37 -23.27 20.22 -34.21
C PHE H 37 -21.96 19.79 -34.83
N ASP H 38 -21.99 19.10 -35.96
CA ASP H 38 -20.77 18.71 -36.66
C ASP H 38 -20.49 19.62 -37.84
N ARG H 39 -21.33 20.64 -38.05
CA ARG H 39 -21.12 21.61 -39.11
C ARG H 39 -19.91 22.50 -38.86
N ASP H 40 -19.66 23.40 -39.80
CA ASP H 40 -18.49 24.26 -39.70
C ASP H 40 -18.71 25.41 -38.73
N ASP H 41 -19.91 25.98 -38.70
CA ASP H 41 -20.12 27.19 -37.90
C ASP H 41 -20.42 26.91 -36.44
N VAL H 42 -20.31 25.65 -36.00
CA VAL H 42 -20.47 25.32 -34.59
C VAL H 42 -19.22 24.61 -34.11
N ALA H 43 -18.93 23.47 -34.74
CA ALA H 43 -17.69 22.70 -34.57
C ALA H 43 -17.46 22.29 -33.12
N LEU H 44 -18.51 21.78 -32.50
CA LEU H 44 -18.43 21.25 -31.13
C LEU H 44 -18.50 19.74 -31.25
N LYS H 45 -17.33 19.10 -31.27
CA LYS H 45 -17.25 17.74 -31.78
C LYS H 45 -17.74 16.71 -30.75
N ASN H 46 -17.48 16.96 -29.46
CA ASN H 46 -17.91 16.01 -28.46
C ASN H 46 -19.42 16.05 -28.25
N PHE H 47 -20.05 17.20 -28.50
CA PHE H 47 -21.51 17.24 -28.63
C PHE H 47 -22.01 16.28 -29.70
N ALA H 48 -21.36 16.28 -30.86
CA ALA H 48 -21.79 15.40 -31.95
C ALA H 48 -21.61 13.95 -31.59
N LYS H 49 -20.49 13.62 -30.94
CA LYS H 49 -20.26 12.23 -30.52
C LYS H 49 -21.28 11.78 -29.47
N TYR H 50 -21.63 12.69 -28.54
CA TYR H 50 -22.58 12.36 -27.49
C TYR H 50 -23.99 12.16 -28.01
N PHE H 51 -24.45 13.07 -28.89
CA PHE H 51 -25.76 12.88 -29.49
C PHE H 51 -25.82 11.67 -30.41
N LEU H 52 -24.72 11.33 -31.09
CA LEU H 52 -24.73 10.14 -31.92
C LEU H 52 -24.81 8.88 -31.06
N HIS H 53 -24.14 8.90 -29.92
CA HIS H 53 -24.20 7.81 -28.97
C HIS H 53 -25.60 7.60 -28.50
N GLN H 54 -26.27 8.68 -28.11
CA GLN H 54 -27.66 8.59 -27.66
C GLN H 54 -28.60 8.14 -28.77
N SER H 55 -28.32 8.49 -30.03
CA SER H 55 -29.12 7.99 -31.14
C SER H 55 -29.01 6.48 -31.27
N HIS H 56 -27.79 5.95 -31.15
CA HIS H 56 -27.60 4.50 -31.21
C HIS H 56 -28.29 3.81 -30.04
N GLU H 57 -28.26 4.42 -28.85
CA GLU H 57 -28.90 3.79 -27.70
C GLU H 57 -30.42 3.79 -27.83
N GLU H 58 -31.01 4.85 -28.40
CA GLU H 58 -32.46 4.84 -28.58
C GLU H 58 -32.86 3.87 -29.69
N ARG H 59 -32.00 3.69 -30.70
CA ARG H 59 -32.22 2.64 -31.69
C ARG H 59 -32.23 1.26 -31.04
N GLU H 60 -31.32 1.02 -30.09
CA GLU H 60 -31.33 -0.27 -29.39
C GLU H 60 -32.58 -0.44 -28.53
N HIS H 61 -33.09 0.66 -27.96
CA HIS H 61 -34.36 0.62 -27.23
C HIS H 61 -35.49 0.15 -28.13
N ALA H 62 -35.56 0.71 -29.34
CA ALA H 62 -36.64 0.32 -30.26
C ALA H 62 -36.49 -1.12 -30.73
N GLU H 63 -35.24 -1.58 -30.91
CA GLU H 63 -35.01 -2.98 -31.27
C GLU H 63 -35.47 -3.91 -30.16
N LYS H 64 -35.25 -3.53 -28.90
CA LYS H 64 -35.71 -4.37 -27.80
C LYS H 64 -37.23 -4.37 -27.70
N LEU H 65 -37.88 -3.25 -28.04
CA LEU H 65 -39.34 -3.25 -28.15
C LEU H 65 -39.84 -4.20 -29.21
N MET H 66 -39.19 -4.21 -30.38
CA MET H 66 -39.67 -5.10 -31.44
C MET H 66 -39.39 -6.57 -31.10
N LYS H 67 -38.33 -6.84 -30.33
CA LYS H 67 -38.09 -8.21 -29.88
C LYS H 67 -39.13 -8.66 -28.85
N LEU H 68 -39.50 -7.75 -27.93
CA LEU H 68 -40.57 -8.05 -26.99
C LEU H 68 -41.89 -8.27 -27.72
N GLN H 69 -42.12 -7.52 -28.78
CA GLN H 69 -43.33 -7.71 -29.58
C GLN H 69 -43.34 -9.07 -30.25
N ASN H 70 -42.19 -9.50 -30.78
CA ASN H 70 -42.17 -10.80 -31.45
C ASN H 70 -42.17 -11.97 -30.47
N GLN H 71 -41.81 -11.74 -29.20
CA GLN H 71 -41.85 -12.86 -28.25
C GLN H 71 -43.29 -13.22 -27.88
N ARG H 72 -44.16 -12.23 -27.75
CA ARG H 72 -45.53 -12.48 -27.32
C ARG H 72 -46.46 -12.76 -28.48
N GLY H 73 -45.92 -13.07 -29.66
CA GLY H 73 -46.72 -13.56 -30.76
C GLY H 73 -47.56 -12.53 -31.47
N GLY H 74 -47.46 -11.26 -31.12
CA GLY H 74 -48.18 -10.21 -31.82
C GLY H 74 -47.57 -9.91 -33.17
N ARG H 75 -48.21 -9.00 -33.89
CA ARG H 75 -47.77 -8.62 -35.22
C ARG H 75 -47.27 -7.18 -35.21
N ILE H 76 -46.18 -6.95 -35.91
CA ILE H 76 -45.53 -5.64 -35.97
C ILE H 76 -46.15 -4.85 -37.11
N PHE H 77 -46.54 -3.61 -36.83
CA PHE H 77 -47.19 -2.75 -37.82
C PHE H 77 -46.54 -1.38 -37.80
N LEU H 78 -45.51 -1.20 -38.63
CA LEU H 78 -44.78 0.06 -38.65
C LEU H 78 -45.55 1.13 -39.40
N GLN H 79 -45.18 2.39 -39.13
CA GLN H 79 -45.71 3.54 -39.84
C GLN H 79 -44.57 4.51 -40.11
N ASP H 80 -44.92 5.74 -40.48
CA ASP H 80 -43.92 6.70 -40.92
C ASP H 80 -43.08 7.21 -39.75
N ILE H 81 -41.95 7.81 -40.10
CA ILE H 81 -41.09 8.52 -39.16
C ILE H 81 -41.10 9.98 -39.57
N LYS H 82 -41.68 10.82 -38.73
CA LYS H 82 -41.89 12.20 -39.13
C LYS H 82 -40.59 12.98 -39.09
N LYS H 83 -40.57 14.09 -39.83
CA LYS H 83 -39.44 15.00 -39.81
C LYS H 83 -39.33 15.67 -38.45
N PRO H 84 -38.12 16.02 -38.03
CA PRO H 84 -37.96 16.66 -36.71
C PRO H 84 -38.55 18.06 -36.69
N ASP H 85 -38.70 18.59 -35.48
CA ASP H 85 -39.47 19.80 -35.28
C ASP H 85 -38.65 21.07 -35.46
N CYS H 86 -37.33 21.00 -35.41
CA CYS H 86 -36.48 22.16 -35.62
C CYS H 86 -35.20 21.76 -36.34
N ASP H 87 -34.64 22.70 -37.10
CA ASP H 87 -33.28 22.59 -37.61
C ASP H 87 -32.38 23.71 -37.09
N ASP H 88 -32.93 24.90 -36.91
CA ASP H 88 -32.25 25.98 -36.20
C ASP H 88 -32.25 25.61 -34.72
N TRP H 89 -31.07 25.40 -34.16
CA TRP H 89 -30.95 25.17 -32.73
C TRP H 89 -30.26 26.31 -32.01
N GLU H 90 -29.53 27.16 -32.74
CA GLU H 90 -29.07 28.50 -32.36
C GLU H 90 -27.97 28.50 -31.30
N SER H 91 -27.72 27.36 -30.67
CA SER H 91 -26.84 27.29 -29.50
C SER H 91 -26.55 25.83 -29.22
N GLY H 92 -25.95 25.58 -28.06
CA GLY H 92 -25.89 24.24 -27.51
C GLY H 92 -26.92 24.07 -26.43
N LEU H 93 -27.30 25.19 -25.81
CA LEU H 93 -28.24 25.18 -24.69
C LEU H 93 -29.65 24.81 -25.14
N ASN H 94 -30.10 25.37 -26.26
CA ASN H 94 -31.46 25.15 -26.72
C ASN H 94 -31.66 23.71 -27.18
N ALA H 95 -30.60 23.08 -27.70
CA ALA H 95 -30.69 21.67 -28.07
C ALA H 95 -30.87 20.79 -26.86
N MET H 96 -30.19 21.11 -25.76
CA MET H 96 -30.35 20.33 -24.54
C MET H 96 -31.73 20.55 -23.92
N GLU H 97 -32.27 21.77 -24.03
CA GLU H 97 -33.64 22.00 -23.58
C GLU H 97 -34.65 21.20 -24.40
N CYS H 98 -34.49 21.17 -25.73
CA CYS H 98 -35.38 20.39 -26.57
C CYS H 98 -35.21 18.90 -26.33
N ALA H 99 -33.99 18.44 -26.03
CA ALA H 99 -33.78 17.03 -25.72
C ALA H 99 -34.42 16.64 -24.39
N LEU H 100 -34.33 17.50 -23.39
CA LEU H 100 -34.99 17.23 -22.11
C LEU H 100 -36.51 17.21 -22.27
N HIS H 101 -37.05 18.11 -23.09
CA HIS H 101 -38.48 18.12 -23.37
C HIS H 101 -38.91 16.84 -24.09
N LEU H 102 -38.10 16.39 -25.05
CA LEU H 102 -38.36 15.15 -25.77
C LEU H 102 -38.34 13.94 -24.85
N GLU H 103 -37.37 13.88 -23.94
CA GLU H 103 -37.27 12.76 -23.03
C GLU H 103 -38.42 12.74 -22.02
N LYS H 104 -38.88 13.91 -21.57
CA LYS H 104 -40.02 13.93 -20.67
C LYS H 104 -41.29 13.47 -21.38
N ASN H 105 -41.44 13.81 -22.66
CA ASN H 105 -42.60 13.33 -23.40
C ASN H 105 -42.54 11.81 -23.62
N VAL H 106 -41.34 11.27 -23.87
CA VAL H 106 -41.21 9.83 -24.04
C VAL H 106 -41.50 9.10 -22.72
N ASN H 107 -41.07 9.68 -21.60
CA ASN H 107 -41.36 9.11 -20.30
C ASN H 107 -42.85 9.14 -19.99
N GLN H 108 -43.54 10.21 -20.42
CA GLN H 108 -44.99 10.29 -20.25
C GLN H 108 -45.70 9.22 -21.07
N SER H 109 -45.22 8.96 -22.29
CA SER H 109 -45.81 7.92 -23.10
C SER H 109 -45.59 6.53 -22.49
N LEU H 110 -44.42 6.31 -21.87
CA LEU H 110 -44.17 5.03 -21.22
C LEU H 110 -45.05 4.84 -19.99
N LEU H 111 -45.31 5.91 -19.23
CA LEU H 111 -46.19 5.79 -18.08
C LEU H 111 -47.62 5.49 -18.51
N GLU H 112 -48.07 6.10 -19.62
CA GLU H 112 -49.42 5.82 -20.10
C GLU H 112 -49.53 4.39 -20.63
N LEU H 113 -48.46 3.88 -21.25
CA LEU H 113 -48.43 2.49 -21.67
C LEU H 113 -48.44 1.54 -20.47
N HIS H 114 -47.79 1.93 -19.37
CA HIS H 114 -47.81 1.09 -18.18
C HIS H 114 -49.19 1.07 -17.54
N LYS H 115 -49.88 2.20 -17.56
CA LYS H 115 -51.26 2.23 -17.07
C LYS H 115 -52.17 1.35 -17.92
N LEU H 116 -52.00 1.41 -19.25
CA LEU H 116 -52.76 0.54 -20.13
C LEU H 116 -52.42 -0.93 -19.92
N ALA H 117 -51.17 -1.21 -19.56
CA ALA H 117 -50.79 -2.60 -19.32
C ALA H 117 -51.40 -3.12 -18.04
N THR H 118 -51.31 -2.36 -16.95
CA THR H 118 -51.79 -2.84 -15.67
C THR H 118 -53.32 -2.85 -15.60
N ASP H 119 -53.99 -1.98 -16.37
CA ASP H 119 -55.44 -2.02 -16.40
C ASP H 119 -55.99 -3.25 -17.11
N LYS H 120 -55.19 -3.91 -17.95
CA LYS H 120 -55.62 -5.10 -18.68
C LYS H 120 -55.15 -6.39 -18.03
N ASN H 121 -54.48 -6.30 -16.89
CA ASN H 121 -53.99 -7.45 -16.11
C ASN H 121 -53.04 -8.33 -16.94
N ASP H 122 -51.93 -7.73 -17.34
CA ASP H 122 -50.83 -8.46 -17.96
C ASP H 122 -49.57 -8.12 -17.19
N PRO H 123 -49.03 -9.06 -16.42
CA PRO H 123 -47.88 -8.73 -15.56
C PRO H 123 -46.55 -8.74 -16.28
N HIS H 124 -46.43 -9.49 -17.39
CA HIS H 124 -45.15 -9.57 -18.07
C HIS H 124 -44.79 -8.26 -18.75
N LEU H 125 -45.78 -7.61 -19.37
CA LEU H 125 -45.54 -6.31 -19.98
C LEU H 125 -45.25 -5.25 -18.93
N CYS H 126 -45.93 -5.33 -17.78
CA CYS H 126 -45.66 -4.42 -16.67
C CYS H 126 -44.23 -4.57 -16.16
N ASP H 127 -43.79 -5.81 -15.94
CA ASP H 127 -42.44 -6.01 -15.44
C ASP H 127 -41.39 -5.68 -16.49
N PHE H 128 -41.71 -5.84 -17.77
CA PHE H 128 -40.78 -5.46 -18.82
C PHE H 128 -40.59 -3.96 -18.87
N ILE H 129 -41.69 -3.21 -18.80
CA ILE H 129 -41.61 -1.74 -18.79
C ILE H 129 -40.93 -1.25 -17.53
N GLU H 130 -41.17 -1.90 -16.39
CA GLU H 130 -40.52 -1.48 -15.15
C GLU H 130 -39.02 -1.76 -15.16
N THR H 131 -38.60 -2.91 -15.68
CA THR H 131 -37.19 -3.25 -15.64
C THR H 131 -36.39 -2.48 -16.68
N HIS H 132 -36.74 -2.64 -17.96
CA HIS H 132 -35.80 -2.27 -19.00
C HIS H 132 -35.79 -0.78 -19.34
N TYR H 133 -36.88 -0.06 -19.11
CA TYR H 133 -36.99 1.27 -19.70
C TYR H 133 -37.06 2.41 -18.70
N LEU H 134 -37.68 2.22 -17.53
CA LEU H 134 -37.97 3.37 -16.67
C LEU H 134 -36.72 3.92 -16.01
N ASN H 135 -35.85 3.03 -15.51
CA ASN H 135 -34.70 3.46 -14.74
C ASN H 135 -33.70 4.22 -15.62
N GLU H 136 -33.54 3.79 -16.86
CA GLU H 136 -32.68 4.49 -17.79
C GLU H 136 -33.25 5.86 -18.15
N GLN H 137 -34.58 5.97 -18.22
CA GLN H 137 -35.18 7.27 -18.49
C GLN H 137 -35.01 8.22 -17.33
N VAL H 138 -35.09 7.73 -16.09
CA VAL H 138 -34.85 8.59 -14.94
C VAL H 138 -33.40 9.06 -14.90
N LYS H 139 -32.47 8.14 -15.17
CA LYS H 139 -31.05 8.50 -15.25
C LYS H 139 -30.79 9.52 -16.36
N ALA H 140 -31.47 9.37 -17.50
CA ALA H 140 -31.21 10.26 -18.62
C ALA H 140 -31.79 11.65 -18.38
N ILE H 141 -32.98 11.73 -17.78
CA ILE H 141 -33.54 13.04 -17.44
C ILE H 141 -32.68 13.73 -16.39
N LYS H 142 -32.16 12.97 -15.42
CA LYS H 142 -31.26 13.54 -14.42
C LYS H 142 -29.97 14.05 -15.04
N GLU H 143 -29.40 13.28 -15.97
CA GLU H 143 -28.19 13.68 -16.69
C GLU H 143 -28.40 14.96 -17.48
N LEU H 144 -29.50 15.01 -18.24
CA LEU H 144 -29.75 16.19 -19.06
C LEU H 144 -30.12 17.40 -18.21
N GLY H 145 -30.72 17.19 -17.04
CA GLY H 145 -30.94 18.29 -16.13
C GLY H 145 -29.63 18.84 -15.59
N ASP H 146 -28.67 17.95 -15.30
CA ASP H 146 -27.35 18.40 -14.88
C ASP H 146 -26.66 19.20 -15.98
N HIS H 147 -26.79 18.77 -17.23
CA HIS H 147 -26.14 19.50 -18.31
C HIS H 147 -26.77 20.87 -18.54
N VAL H 148 -28.11 20.94 -18.52
CA VAL H 148 -28.80 22.22 -18.68
C VAL H 148 -28.45 23.17 -17.54
N THR H 149 -28.33 22.64 -16.32
CA THR H 149 -28.01 23.50 -15.19
C THR H 149 -26.58 24.00 -15.26
N ASN H 150 -25.64 23.15 -15.70
CA ASN H 150 -24.27 23.59 -15.86
C ASN H 150 -24.14 24.65 -16.96
N LEU H 151 -24.89 24.51 -18.05
CA LEU H 151 -24.85 25.51 -19.10
C LEU H 151 -25.45 26.83 -18.64
N ARG H 152 -26.51 26.80 -17.82
CA ARG H 152 -27.09 28.06 -17.36
C ARG H 152 -26.25 28.69 -16.26
N LYS H 153 -25.50 27.90 -15.50
CA LYS H 153 -24.63 28.49 -14.49
C LYS H 153 -23.38 29.10 -15.11
N MET H 154 -22.86 28.48 -16.19
CA MET H 154 -21.58 28.95 -16.72
C MET H 154 -21.73 30.25 -17.52
N GLY H 155 -22.94 30.58 -17.95
CA GLY H 155 -23.15 31.85 -18.62
C GLY H 155 -23.57 31.70 -20.06
N ALA H 156 -23.88 30.47 -20.47
CA ALA H 156 -24.33 30.21 -21.83
C ALA H 156 -25.75 30.75 -22.02
N PRO H 157 -26.12 31.18 -23.24
CA PRO H 157 -25.40 31.21 -24.52
C PRO H 157 -24.71 32.51 -24.83
N GLU H 158 -24.54 33.39 -23.85
CA GLU H 158 -23.86 34.66 -24.11
C GLU H 158 -22.38 34.45 -24.38
N SER H 159 -21.65 33.90 -23.40
CA SER H 159 -20.24 33.65 -23.55
C SER H 159 -20.04 32.26 -24.16
N GLY H 160 -19.54 32.20 -25.39
CA GLY H 160 -19.28 30.93 -26.02
C GLY H 160 -18.09 30.19 -25.45
N LEU H 161 -17.26 30.88 -24.66
CA LEU H 161 -16.18 30.21 -23.93
C LEU H 161 -16.74 29.20 -22.94
N ALA H 162 -17.92 29.49 -22.38
CA ALA H 162 -18.62 28.50 -21.57
C ALA H 162 -19.02 27.29 -22.39
N GLU H 163 -19.46 27.50 -23.64
CA GLU H 163 -19.81 26.37 -24.50
C GLU H 163 -18.60 25.51 -24.82
N TYR H 164 -17.45 26.14 -25.07
CA TYR H 164 -16.27 25.36 -25.43
C TYR H 164 -15.69 24.63 -24.22
N LEU H 165 -15.69 25.26 -23.04
CA LEU H 165 -15.14 24.59 -21.88
C LEU H 165 -16.10 23.53 -21.36
N PHE H 166 -17.40 23.69 -21.56
CA PHE H 166 -18.33 22.61 -21.27
C PHE H 166 -18.21 21.49 -22.29
N ASP H 167 -17.79 21.84 -23.51
CA ASP H 167 -17.55 20.81 -24.52
C ASP H 167 -16.36 19.95 -24.15
N LYS H 168 -15.26 20.55 -23.75
CA LYS H 168 -14.06 19.73 -23.54
C LYS H 168 -14.04 19.01 -22.19
N HIS H 169 -14.37 19.68 -21.09
CA HIS H 169 -14.16 19.08 -19.79
C HIS H 169 -15.25 18.08 -19.38
N THR H 170 -16.51 18.40 -19.67
CA THR H 170 -17.59 17.51 -19.24
C THR H 170 -17.63 16.25 -20.09
N LEU H 171 -17.75 16.40 -21.40
CA LEU H 171 -18.07 15.29 -22.27
C LEU H 171 -16.84 14.64 -22.89
N GLY H 172 -15.71 14.65 -22.19
CA GLY H 172 -14.51 14.01 -22.68
C GLY H 172 -14.47 12.53 -22.36
N THR I 1 -31.27 -13.33 -71.22
CA THR I 1 -30.52 -12.34 -70.47
C THR I 1 -30.21 -12.83 -69.07
N SER I 2 -29.36 -12.08 -68.37
CA SER I 2 -29.04 -12.39 -66.99
C SER I 2 -29.95 -11.59 -66.06
N GLN I 3 -29.60 -11.56 -64.78
CA GLN I 3 -30.42 -10.95 -63.75
C GLN I 3 -29.85 -9.66 -63.19
N VAL I 4 -28.52 -9.54 -63.12
CA VAL I 4 -27.89 -8.43 -62.43
C VAL I 4 -27.28 -7.42 -63.38
N ARG I 5 -27.60 -7.50 -64.66
CA ARG I 5 -27.12 -6.50 -65.61
C ARG I 5 -27.81 -5.17 -65.36
N GLN I 6 -27.03 -4.11 -65.25
CA GLN I 6 -27.60 -2.77 -65.11
C GLN I 6 -26.59 -1.78 -65.66
N ASN I 7 -26.93 -1.16 -66.80
CA ASN I 7 -26.07 -0.23 -67.53
C ASN I 7 -24.72 -0.87 -67.86
N TYR I 8 -24.76 -1.92 -68.68
CA TYR I 8 -23.55 -2.65 -69.08
C TYR I 8 -23.73 -3.08 -70.53
N HIS I 9 -23.11 -2.35 -71.44
CA HIS I 9 -23.32 -2.54 -72.87
C HIS I 9 -22.40 -3.64 -73.39
N GLN I 10 -22.81 -4.24 -74.50
CA GLN I 10 -22.12 -5.44 -74.99
C GLN I 10 -20.75 -5.12 -75.59
N ASP I 11 -20.55 -3.88 -76.05
CA ASP I 11 -19.24 -3.45 -76.52
C ASP I 11 -18.20 -3.52 -75.41
N SER I 12 -18.61 -3.13 -74.20
CA SER I 12 -17.73 -3.25 -73.05
C SER I 12 -17.42 -4.71 -72.75
N GLU I 13 -18.39 -5.59 -72.97
CA GLU I 13 -18.16 -7.02 -72.74
C GLU I 13 -17.14 -7.57 -73.72
N ALA I 14 -17.21 -7.18 -74.98
CA ALA I 14 -16.21 -7.62 -75.96
C ALA I 14 -14.84 -7.00 -75.67
N ALA I 15 -14.82 -5.76 -75.19
CA ALA I 15 -13.55 -5.12 -74.84
C ALA I 15 -12.85 -5.83 -73.70
N ILE I 16 -13.61 -6.20 -72.65
CA ILE I 16 -13.02 -6.91 -71.53
C ILE I 16 -12.57 -8.30 -71.96
N ASN I 17 -13.28 -8.92 -72.91
CA ASN I 17 -12.83 -10.23 -73.41
C ASN I 17 -11.49 -10.14 -74.14
N ARG I 18 -11.34 -9.16 -75.04
CA ARG I 18 -10.06 -8.94 -75.69
C ARG I 18 -8.95 -8.59 -74.70
N GLN I 19 -9.29 -7.86 -73.63
CA GLN I 19 -8.27 -7.48 -72.67
C GLN I 19 -7.81 -8.68 -71.85
N ILE I 20 -8.72 -9.61 -71.53
CA ILE I 20 -8.33 -10.86 -70.86
C ILE I 20 -7.41 -11.67 -71.75
N ASN I 21 -7.71 -11.69 -73.06
CA ASN I 21 -6.84 -12.37 -74.02
C ASN I 21 -5.44 -11.75 -74.03
N LEU I 22 -5.37 -10.43 -73.96
CA LEU I 22 -4.07 -9.76 -73.96
C LEU I 22 -3.27 -10.05 -72.69
N GLU I 23 -3.94 -10.06 -71.52
CA GLU I 23 -3.24 -10.31 -70.27
C GLU I 23 -2.73 -11.74 -70.17
N LEU I 24 -3.52 -12.70 -70.64
CA LEU I 24 -3.06 -14.10 -70.67
C LEU I 24 -1.90 -14.28 -71.64
N TYR I 25 -1.96 -13.60 -72.80
CA TYR I 25 -0.86 -13.67 -73.76
C TYR I 25 0.42 -13.09 -73.18
N ALA I 26 0.29 -11.99 -72.43
CA ALA I 26 1.46 -11.41 -71.77
C ALA I 26 2.03 -12.36 -70.73
N SER I 27 1.17 -13.05 -69.98
CA SER I 27 1.67 -14.04 -69.02
C SER I 27 2.41 -15.17 -69.71
N TYR I 28 1.93 -15.59 -70.88
CA TYR I 28 2.61 -16.65 -71.62
C TYR I 28 3.97 -16.19 -72.14
N VAL I 29 4.04 -14.93 -72.60
CA VAL I 29 5.32 -14.38 -73.06
C VAL I 29 6.31 -14.26 -71.91
N TYR I 30 5.85 -13.82 -70.73
CA TYR I 30 6.75 -13.75 -69.58
C TYR I 30 7.20 -15.13 -69.12
N LEU I 31 6.34 -16.14 -69.26
CA LEU I 31 6.75 -17.51 -68.97
C LEU I 31 7.86 -17.97 -69.92
N SER I 32 7.73 -17.60 -71.18
CA SER I 32 8.74 -17.90 -72.18
C SER I 32 10.06 -17.24 -71.83
N MET I 33 10.01 -15.97 -71.42
CA MET I 33 11.22 -15.26 -71.03
C MET I 33 11.84 -15.84 -69.77
N SER I 34 11.00 -16.33 -68.84
CA SER I 34 11.55 -16.82 -67.59
C SER I 34 12.20 -18.17 -67.75
N TYR I 35 11.74 -18.98 -68.69
CA TYR I 35 12.43 -20.24 -68.94
C TYR I 35 13.38 -20.19 -70.12
N TYR I 36 13.54 -19.03 -70.75
CA TYR I 36 14.68 -18.84 -71.63
C TYR I 36 15.97 -18.74 -70.81
N PHE I 37 15.97 -17.92 -69.77
CA PHE I 37 17.16 -17.60 -69.00
C PHE I 37 17.55 -18.65 -67.98
N ASP I 38 17.05 -19.87 -68.07
CA ASP I 38 17.55 -20.96 -67.27
C ASP I 38 18.32 -21.97 -68.10
N ARG I 39 18.46 -21.71 -69.40
CA ARG I 39 19.20 -22.59 -70.30
C ARG I 39 20.69 -22.63 -69.94
N ASP I 40 21.34 -23.67 -70.43
CA ASP I 40 22.73 -23.92 -70.06
C ASP I 40 23.71 -22.98 -70.78
N ASP I 41 23.24 -22.23 -71.78
CA ASP I 41 24.10 -21.27 -72.45
C ASP I 41 23.94 -19.86 -71.93
N VAL I 42 23.09 -19.65 -70.92
CA VAL I 42 22.87 -18.32 -70.37
C VAL I 42 23.20 -18.30 -68.88
N ALA I 43 22.46 -19.08 -68.11
CA ALA I 43 22.63 -19.26 -66.65
C ALA I 43 22.57 -17.94 -65.88
N LEU I 44 21.38 -17.33 -65.91
CA LEU I 44 21.08 -16.13 -65.14
C LEU I 44 19.79 -16.41 -64.38
N LYS I 45 19.89 -17.03 -63.21
CA LYS I 45 18.72 -17.59 -62.55
C LYS I 45 17.82 -16.53 -61.93
N ASN I 46 18.37 -15.37 -61.59
CA ASN I 46 17.53 -14.33 -61.04
C ASN I 46 16.64 -13.68 -62.10
N PHE I 47 17.06 -13.70 -63.37
CA PHE I 47 16.15 -13.31 -64.44
C PHE I 47 14.99 -14.28 -64.57
N ALA I 48 15.26 -15.58 -64.37
CA ALA I 48 14.19 -16.56 -64.35
C ALA I 48 13.20 -16.29 -63.23
N LYS I 49 13.72 -15.97 -62.03
CA LYS I 49 12.85 -15.67 -60.90
C LYS I 49 12.05 -14.38 -61.13
N TYR I 50 12.68 -13.37 -61.69
CA TYR I 50 12.04 -12.07 -61.93
C TYR I 50 10.91 -12.20 -62.96
N PHE I 51 11.19 -12.84 -64.10
CA PHE I 51 10.14 -12.94 -65.10
C PHE I 51 9.08 -13.97 -64.72
N LEU I 52 9.43 -14.95 -63.88
CA LEU I 52 8.41 -15.86 -63.37
C LEU I 52 7.45 -15.14 -62.44
N HIS I 53 7.98 -14.24 -61.60
CA HIS I 53 7.14 -13.45 -60.70
C HIS I 53 6.25 -12.49 -61.48
N GLN I 54 6.79 -11.90 -62.55
CA GLN I 54 5.96 -11.02 -63.38
C GLN I 54 4.89 -11.79 -64.13
N SER I 55 5.17 -13.03 -64.54
CA SER I 55 4.15 -13.86 -65.18
C SER I 55 3.03 -14.19 -64.22
N HIS I 56 3.37 -14.49 -62.96
CA HIS I 56 2.33 -14.72 -61.96
C HIS I 56 1.49 -13.47 -61.72
N GLU I 57 2.11 -12.29 -61.76
CA GLU I 57 1.35 -11.06 -61.56
C GLU I 57 0.41 -10.78 -62.74
N GLU I 58 0.85 -11.09 -63.96
CA GLU I 58 -0.06 -10.92 -65.09
C GLU I 58 -1.20 -11.94 -65.06
N ARG I 59 -0.92 -13.14 -64.55
CA ARG I 59 -1.98 -14.13 -64.35
C ARG I 59 -3.01 -13.64 -63.33
N GLU I 60 -2.54 -12.98 -62.27
CA GLU I 60 -3.47 -12.39 -61.31
C GLU I 60 -4.27 -11.25 -61.92
N HIS I 61 -3.66 -10.47 -62.82
CA HIS I 61 -4.42 -9.45 -63.55
C HIS I 61 -5.54 -10.07 -64.39
N ALA I 62 -5.24 -11.20 -65.04
CA ALA I 62 -6.25 -11.86 -65.86
C ALA I 62 -7.40 -12.38 -65.01
N GLU I 63 -7.08 -12.97 -63.86
CA GLU I 63 -8.14 -13.46 -62.97
C GLU I 63 -8.98 -12.31 -62.41
N LYS I 64 -8.35 -11.16 -62.14
CA LYS I 64 -9.10 -10.02 -61.63
C LYS I 64 -10.05 -9.46 -62.69
N LEU I 65 -9.61 -9.43 -63.95
CA LEU I 65 -10.53 -9.04 -65.03
C LEU I 65 -11.67 -10.02 -65.20
N MET I 66 -11.40 -11.31 -65.05
CA MET I 66 -12.50 -12.27 -65.19
C MET I 66 -13.50 -12.16 -64.04
N LYS I 67 -13.02 -11.81 -62.84
CA LYS I 67 -13.93 -11.53 -61.73
C LYS I 67 -14.77 -10.29 -62.01
N LEU I 68 -14.15 -9.24 -62.55
CA LEU I 68 -14.88 -8.03 -62.91
C LEU I 68 -15.92 -8.31 -63.98
N GLN I 69 -15.61 -9.22 -64.89
CA GLN I 69 -16.59 -9.59 -65.92
C GLN I 69 -17.75 -10.38 -65.33
N ASN I 70 -17.46 -11.26 -64.37
CA ASN I 70 -18.53 -12.07 -63.81
C ASN I 70 -19.44 -11.29 -62.88
N GLN I 71 -18.91 -10.23 -62.23
CA GLN I 71 -19.75 -9.48 -61.30
C GLN I 71 -20.83 -8.69 -62.00
N ARG I 72 -20.55 -8.20 -63.19
CA ARG I 72 -21.50 -7.35 -63.89
C ARG I 72 -22.44 -8.12 -64.79
N GLY I 73 -22.59 -9.42 -64.58
CA GLY I 73 -23.56 -10.21 -65.31
C GLY I 73 -23.20 -10.52 -66.75
N GLY I 74 -21.99 -10.23 -67.19
CA GLY I 74 -21.56 -10.56 -68.52
C GLY I 74 -21.20 -12.02 -68.66
N ARG I 75 -20.77 -12.38 -69.87
CA ARG I 75 -20.37 -13.74 -70.19
C ARG I 75 -18.90 -13.73 -70.56
N ILE I 76 -18.12 -14.58 -69.91
CA ILE I 76 -16.71 -14.74 -70.29
C ILE I 76 -16.65 -15.51 -71.59
N PHE I 77 -16.01 -14.92 -72.60
CA PHE I 77 -15.74 -15.61 -73.85
C PHE I 77 -14.23 -15.60 -74.07
N LEU I 78 -13.67 -16.78 -74.30
CA LEU I 78 -12.23 -16.93 -74.42
C LEU I 78 -11.81 -17.00 -75.88
N GLN I 79 -10.51 -16.89 -76.11
CA GLN I 79 -9.93 -17.05 -77.43
C GLN I 79 -8.69 -17.93 -77.31
N ASP I 80 -7.99 -18.08 -78.43
CA ASP I 80 -6.73 -18.80 -78.44
C ASP I 80 -5.65 -17.93 -77.85
N ILE I 81 -4.55 -18.57 -77.44
CA ILE I 81 -3.39 -17.84 -76.97
C ILE I 81 -2.28 -18.04 -77.99
N LYS I 82 -1.74 -16.95 -78.49
CA LYS I 82 -0.72 -17.03 -79.53
C LYS I 82 0.61 -17.45 -78.93
N LYS I 83 1.42 -18.11 -79.73
CA LYS I 83 2.78 -18.38 -79.32
C LYS I 83 3.56 -17.07 -79.32
N PRO I 84 4.57 -16.94 -78.46
CA PRO I 84 5.29 -15.66 -78.35
C PRO I 84 6.03 -15.31 -79.62
N ASP I 85 6.33 -14.02 -79.77
CA ASP I 85 6.82 -13.49 -81.03
C ASP I 85 8.23 -13.94 -81.35
N CYS I 86 9.17 -13.85 -80.41
CA CYS I 86 10.57 -14.08 -80.75
C CYS I 86 11.14 -15.33 -80.10
N ASP I 87 11.06 -15.45 -78.79
CA ASP I 87 11.52 -16.65 -78.07
C ASP I 87 13.05 -16.86 -78.00
N ASP I 88 13.80 -16.06 -78.74
CA ASP I 88 15.25 -16.20 -78.80
C ASP I 88 15.83 -14.78 -78.70
N TRP I 89 16.23 -14.40 -77.49
CA TRP I 89 16.51 -13.01 -77.19
C TRP I 89 17.98 -12.65 -77.28
N GLU I 90 18.88 -13.62 -77.09
CA GLU I 90 20.32 -13.59 -77.39
C GLU I 90 21.11 -12.71 -76.40
N SER I 91 20.40 -11.95 -75.56
CA SER I 91 20.99 -11.01 -74.62
C SER I 91 19.87 -10.55 -73.70
N GLY I 92 20.24 -10.16 -72.48
CA GLY I 92 19.25 -9.72 -71.52
C GLY I 92 18.68 -8.37 -71.86
N LEU I 93 19.47 -7.52 -72.51
CA LEU I 93 19.01 -6.17 -72.84
C LEU I 93 17.93 -6.20 -73.90
N ASN I 94 18.05 -7.12 -74.86
CA ASN I 94 17.01 -7.31 -75.85
C ASN I 94 15.71 -7.79 -75.20
N ALA I 95 15.84 -8.65 -74.19
CA ALA I 95 14.65 -9.15 -73.49
C ALA I 95 13.98 -8.05 -72.68
N MET I 96 14.77 -7.19 -72.03
CA MET I 96 14.18 -6.10 -71.26
C MET I 96 13.54 -5.06 -72.16
N GLU I 97 14.15 -4.78 -73.32
CA GLU I 97 13.53 -3.84 -74.25
C GLU I 97 12.24 -4.41 -74.83
N CYS I 98 12.21 -5.71 -75.12
CA CYS I 98 10.96 -6.29 -75.62
C CYS I 98 9.90 -6.37 -74.53
N ALA I 99 10.30 -6.52 -73.27
CA ALA I 99 9.33 -6.48 -72.18
C ALA I 99 8.75 -5.08 -72.03
N LEU I 100 9.59 -4.05 -72.17
CA LEU I 100 9.10 -2.68 -72.17
C LEU I 100 8.15 -2.43 -73.33
N HIS I 101 8.44 -3.01 -74.49
CA HIS I 101 7.58 -2.87 -75.66
C HIS I 101 6.23 -3.55 -75.44
N LEU I 102 6.23 -4.72 -74.80
CA LEU I 102 4.97 -5.40 -74.50
C LEU I 102 4.14 -4.64 -73.48
N GLU I 103 4.79 -4.07 -72.46
CA GLU I 103 4.04 -3.29 -71.48
C GLU I 103 3.47 -2.00 -72.05
N LYS I 104 4.20 -1.37 -72.98
CA LYS I 104 3.64 -0.21 -73.68
C LYS I 104 2.44 -0.59 -74.54
N ASN I 105 2.48 -1.77 -75.16
CA ASN I 105 1.31 -2.24 -75.90
C ASN I 105 0.10 -2.49 -74.99
N VAL I 106 0.34 -3.08 -73.81
CA VAL I 106 -0.76 -3.35 -72.88
C VAL I 106 -1.34 -2.05 -72.33
N ASN I 107 -0.47 -1.06 -72.06
CA ASN I 107 -0.95 0.25 -71.63
C ASN I 107 -1.79 0.93 -72.71
N GLN I 108 -1.39 0.77 -73.99
CA GLN I 108 -2.16 1.38 -75.07
C GLN I 108 -3.53 0.73 -75.20
N SER I 109 -3.60 -0.59 -74.99
CA SER I 109 -4.88 -1.28 -75.03
C SER I 109 -5.78 -0.86 -73.86
N LEU I 110 -5.19 -0.63 -72.69
CA LEU I 110 -6.00 -0.16 -71.57
C LEU I 110 -6.51 1.26 -71.80
N LEU I 111 -5.73 2.10 -72.50
CA LEU I 111 -6.23 3.44 -72.80
C LEU I 111 -7.37 3.37 -73.82
N GLU I 112 -7.27 2.44 -74.78
CA GLU I 112 -8.39 2.18 -75.70
C GLU I 112 -9.64 1.76 -74.94
N LEU I 113 -9.49 0.86 -73.97
CA LEU I 113 -10.65 0.36 -73.26
C LEU I 113 -11.22 1.41 -72.30
N HIS I 114 -10.37 2.31 -71.79
CA HIS I 114 -10.89 3.41 -70.98
C HIS I 114 -11.65 4.42 -71.82
N LYS I 115 -11.18 4.68 -73.04
CA LYS I 115 -11.91 5.59 -73.92
C LYS I 115 -13.26 5.00 -74.29
N LEU I 116 -13.32 3.68 -74.49
CA LEU I 116 -14.60 3.01 -74.70
C LEU I 116 -15.47 3.05 -73.46
N ALA I 117 -14.88 2.98 -72.28
CA ALA I 117 -15.67 3.00 -71.05
C ALA I 117 -16.27 4.38 -70.80
N THR I 118 -15.50 5.43 -71.06
CA THR I 118 -16.02 6.78 -70.89
C THR I 118 -17.07 7.12 -71.96
N ASP I 119 -16.87 6.63 -73.19
CA ASP I 119 -17.82 6.96 -74.24
C ASP I 119 -19.11 6.13 -74.19
N LYS I 120 -19.28 5.26 -73.19
CA LYS I 120 -20.51 4.50 -73.04
C LYS I 120 -21.26 4.83 -71.76
N ASN I 121 -20.78 5.79 -70.98
CA ASN I 121 -21.39 6.24 -69.72
C ASN I 121 -21.53 5.08 -68.72
N ASP I 122 -20.39 4.44 -68.46
CA ASP I 122 -20.33 3.30 -67.55
C ASP I 122 -19.26 3.62 -66.51
N PRO I 123 -19.61 4.38 -65.48
CA PRO I 123 -18.58 4.90 -64.55
C PRO I 123 -17.95 3.85 -63.68
N HIS I 124 -18.60 2.70 -63.47
CA HIS I 124 -17.99 1.64 -62.69
C HIS I 124 -16.75 1.08 -63.38
N LEU I 125 -16.84 0.87 -64.70
CA LEU I 125 -15.70 0.35 -65.44
C LEU I 125 -14.58 1.37 -65.50
N CYS I 126 -14.93 2.66 -65.62
CA CYS I 126 -13.94 3.73 -65.58
C CYS I 126 -13.20 3.76 -64.27
N ASP I 127 -13.91 3.64 -63.15
CA ASP I 127 -13.21 3.69 -61.87
C ASP I 127 -12.44 2.41 -61.59
N PHE I 128 -12.88 1.28 -62.16
CA PHE I 128 -12.11 0.04 -62.01
C PHE I 128 -10.77 0.14 -62.74
N ILE I 129 -10.79 0.71 -63.95
CA ILE I 129 -9.55 0.93 -64.69
C ILE I 129 -8.65 1.93 -63.97
N GLU I 130 -9.23 3.03 -63.48
CA GLU I 130 -8.45 4.04 -62.77
C GLU I 130 -7.84 3.48 -61.48
N THR I 131 -8.54 2.55 -60.82
CA THR I 131 -8.05 2.04 -59.55
C THR I 131 -6.99 0.97 -59.73
N HIS I 132 -7.34 -0.12 -60.40
CA HIS I 132 -6.54 -1.33 -60.25
C HIS I 132 -5.42 -1.49 -61.27
N TYR I 133 -5.47 -0.83 -62.42
CA TYR I 133 -4.56 -1.19 -63.51
C TYR I 133 -3.61 -0.10 -63.96
N LEU I 134 -4.02 1.17 -63.95
CA LEU I 134 -3.22 2.21 -64.58
C LEU I 134 -1.94 2.48 -63.82
N ASN I 135 -2.05 2.64 -62.49
CA ASN I 135 -0.90 3.07 -61.70
C ASN I 135 0.13 1.95 -61.60
N GLU I 136 -0.33 0.69 -61.58
CA GLU I 136 0.57 -0.45 -61.64
C GLU I 136 1.37 -0.48 -62.93
N GLN I 137 0.71 -0.18 -64.05
CA GLN I 137 1.39 -0.19 -65.34
C GLN I 137 2.41 0.94 -65.44
N VAL I 138 2.09 2.11 -64.87
CA VAL I 138 3.04 3.22 -64.91
C VAL I 138 4.27 2.91 -64.05
N LYS I 139 4.04 2.30 -62.88
CA LYS I 139 5.17 1.88 -62.03
C LYS I 139 6.03 0.82 -62.70
N ALA I 140 5.41 -0.11 -63.43
CA ALA I 140 6.16 -1.16 -64.08
C ALA I 140 6.96 -0.63 -65.27
N ILE I 141 6.40 0.32 -66.02
CA ILE I 141 7.13 0.93 -67.12
C ILE I 141 8.30 1.76 -66.61
N LYS I 142 8.12 2.43 -65.47
CA LYS I 142 9.23 3.17 -64.85
C LYS I 142 10.34 2.23 -64.38
N GLU I 143 9.96 1.09 -63.79
CA GLU I 143 10.93 0.10 -63.36
C GLU I 143 11.73 -0.46 -64.52
N LEU I 144 11.05 -0.86 -65.60
CA LEU I 144 11.75 -1.40 -66.76
C LEU I 144 12.59 -0.34 -67.46
N GLY I 145 12.18 0.92 -67.41
CA GLY I 145 13.02 1.98 -67.93
C GLY I 145 14.31 2.13 -67.16
N ASP I 146 14.24 2.02 -65.83
CA ASP I 146 15.45 2.04 -65.01
C ASP I 146 16.37 0.87 -65.35
N HIS I 147 15.80 -0.33 -65.53
CA HIS I 147 16.62 -1.49 -65.85
C HIS I 147 17.30 -1.37 -67.22
N VAL I 148 16.57 -0.89 -68.23
CA VAL I 148 17.13 -0.78 -69.57
C VAL I 148 18.21 0.29 -69.62
N THR I 149 17.99 1.43 -68.95
CA THR I 149 19.00 2.48 -68.94
C THR I 149 20.25 2.04 -68.17
N ASN I 150 20.08 1.30 -67.07
CA ASN I 150 21.25 0.81 -66.35
C ASN I 150 22.05 -0.19 -67.17
N LEU I 151 21.36 -1.08 -67.90
CA LEU I 151 22.10 -2.03 -68.75
C LEU I 151 22.80 -1.35 -69.91
N ARG I 152 22.20 -0.31 -70.50
CA ARG I 152 22.89 0.40 -71.57
C ARG I 152 24.03 1.24 -71.05
N LYS I 153 23.98 1.64 -69.77
CA LYS I 153 25.11 2.38 -69.24
C LYS I 153 26.25 1.46 -68.80
N MET I 154 25.93 0.26 -68.34
CA MET I 154 26.99 -0.60 -67.82
C MET I 154 27.86 -1.22 -68.91
N GLY I 155 27.35 -1.36 -70.12
CA GLY I 155 28.17 -1.89 -71.19
C GLY I 155 27.53 -3.05 -71.92
N ALA I 156 26.36 -3.46 -71.47
CA ALA I 156 25.56 -4.42 -72.21
C ALA I 156 25.13 -3.80 -73.54
N PRO I 157 24.93 -4.61 -74.59
CA PRO I 157 24.98 -6.07 -74.74
C PRO I 157 26.37 -6.60 -75.07
N GLU I 158 27.41 -5.80 -74.90
CA GLU I 158 28.74 -6.28 -75.28
C GLU I 158 29.35 -7.13 -74.17
N SER I 159 29.64 -6.53 -73.02
CA SER I 159 30.32 -7.24 -71.96
C SER I 159 29.33 -8.03 -71.12
N GLY I 160 29.55 -9.34 -71.02
CA GLY I 160 28.72 -10.16 -70.16
C GLY I 160 28.94 -9.91 -68.68
N LEU I 161 30.10 -9.33 -68.33
CA LEU I 161 30.37 -8.98 -66.94
C LEU I 161 29.39 -7.93 -66.43
N ALA I 162 28.99 -7.00 -67.29
CA ALA I 162 27.98 -6.01 -66.92
C ALA I 162 26.63 -6.67 -66.67
N GLU I 163 26.27 -7.66 -67.50
CA GLU I 163 25.03 -8.40 -67.28
C GLU I 163 25.06 -9.19 -65.98
N TYR I 164 26.21 -9.78 -65.66
CA TYR I 164 26.33 -10.58 -64.44
C TYR I 164 26.27 -9.71 -63.19
N LEU I 165 26.97 -8.57 -63.21
CA LEU I 165 26.93 -7.67 -62.05
C LEU I 165 25.58 -6.99 -61.91
N PHE I 166 24.87 -6.78 -63.02
CA PHE I 166 23.49 -6.34 -62.92
C PHE I 166 22.60 -7.44 -62.36
N ASP I 167 22.92 -8.69 -62.66
CA ASP I 167 22.11 -9.80 -62.20
C ASP I 167 22.24 -9.99 -60.70
N LYS I 168 23.45 -9.84 -60.16
CA LYS I 168 23.67 -10.18 -58.76
C LYS I 168 23.36 -9.02 -57.81
N HIS I 169 23.35 -7.79 -58.30
CA HIS I 169 23.19 -6.64 -57.41
C HIS I 169 21.83 -5.97 -57.50
N THR I 170 21.33 -5.71 -58.71
CA THR I 170 20.06 -5.02 -58.82
C THR I 170 18.89 -5.93 -58.46
N LEU I 171 18.93 -7.17 -58.94
CA LEU I 171 17.83 -8.10 -58.76
C LEU I 171 18.13 -9.18 -57.73
N GLY I 172 19.00 -8.89 -56.77
CA GLY I 172 19.33 -9.85 -55.73
C GLY I 172 18.64 -9.53 -54.42
N THR J 1 -4.99 39.92 9.25
CA THR J 1 -4.72 38.62 9.83
C THR J 1 -5.05 37.50 8.85
N SER J 2 -4.69 36.28 9.23
CA SER J 2 -4.95 35.11 8.41
C SER J 2 -6.34 34.57 8.71
N GLN J 3 -6.62 33.36 8.24
CA GLN J 3 -7.88 32.70 8.47
C GLN J 3 -7.75 31.33 9.11
N VAL J 4 -6.56 30.75 9.13
CA VAL J 4 -6.32 29.45 9.72
C VAL J 4 -5.56 29.54 11.03
N ARG J 5 -5.26 30.75 11.49
CA ARG J 5 -4.45 30.92 12.68
C ARG J 5 -5.31 30.70 13.92
N GLN J 6 -4.82 29.86 14.83
CA GLN J 6 -5.61 29.45 15.99
C GLN J 6 -4.65 28.92 17.04
N ASN J 7 -4.68 29.51 18.23
CA ASN J 7 -3.81 29.17 19.36
C ASN J 7 -2.34 29.22 18.95
N TYR J 8 -1.89 30.42 18.59
CA TYR J 8 -0.56 30.57 18.01
C TYR J 8 -0.02 31.93 18.41
N HIS J 9 0.97 31.94 19.28
CA HIS J 9 1.52 33.16 19.85
C HIS J 9 2.72 33.62 19.03
N GLN J 10 3.00 34.92 19.09
CA GLN J 10 4.00 35.52 18.20
C GLN J 10 5.42 35.14 18.57
N ASP J 11 5.65 34.77 19.83
CA ASP J 11 6.96 34.27 20.23
C ASP J 11 7.29 32.97 19.51
N SER J 12 6.26 32.17 19.21
CA SER J 12 6.47 30.94 18.48
C SER J 12 6.95 31.21 17.06
N GLU J 13 6.34 32.17 16.36
CA GLU J 13 6.78 32.43 14.99
C GLU J 13 8.14 33.10 14.96
N ALA J 14 8.47 33.91 15.99
CA ALA J 14 9.82 34.47 16.07
C ALA J 14 10.86 33.37 16.29
N ALA J 15 10.54 32.39 17.12
CA ALA J 15 11.48 31.31 17.38
C ALA J 15 11.61 30.39 16.18
N ILE J 16 10.53 30.17 15.44
CA ILE J 16 10.61 29.37 14.23
C ILE J 16 11.45 30.06 13.17
N ASN J 17 11.31 31.39 13.04
CA ASN J 17 12.13 32.13 12.07
C ASN J 17 13.61 32.07 12.42
N ARG J 18 13.94 32.25 13.71
CA ARG J 18 15.33 32.15 14.13
C ARG J 18 15.87 30.73 13.98
N GLN J 19 15.02 29.73 14.14
CA GLN J 19 15.46 28.35 13.96
C GLN J 19 15.68 28.01 12.49
N ILE J 20 14.85 28.55 11.59
CA ILE J 20 15.06 28.39 10.15
C ILE J 20 16.39 29.00 9.74
N ASN J 21 16.69 30.20 10.27
CA ASN J 21 17.96 30.84 10.02
C ASN J 21 19.13 29.99 10.52
N LEU J 22 18.98 29.38 11.70
CA LEU J 22 20.05 28.54 12.24
C LEU J 22 20.24 27.27 11.43
N GLU J 23 19.15 26.70 10.91
CA GLU J 23 19.27 25.49 10.09
C GLU J 23 19.94 25.79 8.77
N LEU J 24 19.62 26.93 8.16
CA LEU J 24 20.29 27.32 6.92
C LEU J 24 21.77 27.62 7.17
N TYR J 25 22.09 28.21 8.32
CA TYR J 25 23.48 28.42 8.68
C TYR J 25 24.23 27.11 8.83
N ALA J 26 23.59 26.12 9.48
CA ALA J 26 24.24 24.82 9.64
C ALA J 26 24.43 24.13 8.30
N SER J 27 23.46 24.29 7.38
CA SER J 27 23.61 23.77 6.03
C SER J 27 24.80 24.41 5.32
N TYR J 28 24.99 25.71 5.52
CA TYR J 28 26.08 26.40 4.86
C TYR J 28 27.43 25.98 5.42
N VAL J 29 27.50 25.76 6.74
CA VAL J 29 28.73 25.29 7.36
C VAL J 29 29.09 23.89 6.88
N TYR J 30 28.10 22.99 6.83
CA TYR J 30 28.34 21.65 6.28
C TYR J 30 28.75 21.68 4.82
N LEU J 31 28.24 22.64 4.03
CA LEU J 31 28.67 22.76 2.65
C LEU J 31 30.13 23.19 2.55
N SER J 32 30.54 24.15 3.39
CA SER J 32 31.94 24.58 3.40
C SER J 32 32.86 23.45 3.83
N MET J 33 32.41 22.63 4.79
CA MET J 33 33.17 21.44 5.17
C MET J 33 33.22 20.43 4.04
N SER J 34 32.15 20.35 3.25
CA SER J 34 32.11 19.37 2.17
C SER J 34 33.05 19.74 1.03
N TYR J 35 33.18 21.02 0.75
CA TYR J 35 34.14 21.43 -0.29
C TYR J 35 35.43 21.97 0.27
N TYR J 36 35.73 21.71 1.55
CA TYR J 36 37.12 21.76 1.98
C TYR J 36 37.86 20.49 1.59
N PHE J 37 37.29 19.33 1.91
CA PHE J 37 37.96 18.04 1.79
C PHE J 37 38.06 17.53 0.36
N ASP J 38 37.72 18.34 -0.63
CA ASP J 38 37.92 17.97 -2.02
C ASP J 38 39.20 18.57 -2.59
N ARG J 39 39.86 19.45 -1.84
CA ARG J 39 41.07 20.13 -2.27
C ARG J 39 42.22 19.15 -2.50
N ASP J 40 43.24 19.62 -3.21
CA ASP J 40 44.32 18.76 -3.65
C ASP J 40 45.24 18.36 -2.51
N ASP J 41 45.41 19.21 -1.51
CA ASP J 41 46.31 18.92 -0.40
C ASP J 41 45.64 18.16 0.74
N VAL J 42 44.45 17.63 0.53
CA VAL J 42 43.81 16.77 1.52
C VAL J 42 43.45 15.44 0.87
N ALA J 43 42.59 15.49 -0.14
CA ALA J 43 42.18 14.35 -0.98
C ALA J 43 41.56 13.21 -0.16
N LEU J 44 40.43 13.51 0.46
CA LEU J 44 39.63 12.53 1.18
C LEU J 44 38.22 12.61 0.62
N LYS J 45 37.87 11.71 -0.30
CA LYS J 45 36.68 11.93 -1.10
C LYS J 45 35.41 11.50 -0.40
N ASN J 46 35.46 10.45 0.43
CA ASN J 46 34.25 10.04 1.12
C ASN J 46 33.88 10.99 2.24
N PHE J 47 34.83 11.75 2.77
CA PHE J 47 34.48 12.84 3.68
C PHE J 47 33.67 13.91 2.97
N ALA J 48 34.06 14.24 1.74
CA ALA J 48 33.29 15.21 0.95
C ALA J 48 31.89 14.67 0.66
N LYS J 49 31.79 13.37 0.38
CA LYS J 49 30.48 12.75 0.18
C LYS J 49 29.62 12.83 1.44
N TYR J 50 30.22 12.53 2.59
CA TYR J 50 29.49 12.50 3.86
C TYR J 50 28.99 13.88 4.24
N PHE J 51 29.85 14.90 4.13
CA PHE J 51 29.41 16.23 4.49
C PHE J 51 28.47 16.83 3.46
N LEU J 52 28.55 16.42 2.19
CA LEU J 52 27.57 16.90 1.22
C LEU J 52 26.19 16.33 1.51
N HIS J 53 26.13 15.06 1.93
CA HIS J 53 24.85 14.47 2.29
C HIS J 53 24.29 15.11 3.55
N GLN J 54 25.15 15.48 4.50
CA GLN J 54 24.67 16.17 5.69
C GLN J 54 24.18 17.58 5.36
N SER J 55 24.82 18.24 4.39
CA SER J 55 24.33 19.55 3.94
C SER J 55 22.95 19.45 3.32
N HIS J 56 22.73 18.41 2.52
CA HIS J 56 21.41 18.22 1.93
C HIS J 56 20.35 17.92 3.00
N GLU J 57 20.74 17.12 3.98
CA GLU J 57 19.85 16.76 5.08
C GLU J 57 19.44 17.99 5.89
N GLU J 58 20.38 18.89 6.16
CA GLU J 58 20.07 20.07 6.95
C GLU J 58 19.24 21.07 6.17
N ARG J 59 19.44 21.15 4.85
CA ARG J 59 18.53 21.99 4.06
C ARG J 59 17.13 21.40 4.03
N GLU J 60 17.02 20.06 4.08
CA GLU J 60 15.69 19.43 4.20
C GLU J 60 15.01 19.78 5.51
N HIS J 61 15.76 19.81 6.62
CA HIS J 61 15.20 20.24 7.90
C HIS J 61 14.69 21.67 7.84
N ALA J 62 15.47 22.56 7.20
CA ALA J 62 15.04 23.96 7.10
C ALA J 62 13.77 24.11 6.26
N GLU J 63 13.69 23.33 5.17
CA GLU J 63 12.48 23.37 4.33
C GLU J 63 11.26 22.84 5.07
N LYS J 64 11.46 21.83 5.91
CA LYS J 64 10.35 21.30 6.71
C LYS J 64 9.87 22.32 7.74
N LEU J 65 10.80 23.08 8.33
CA LEU J 65 10.40 24.13 9.25
C LEU J 65 9.63 25.25 8.56
N MET J 66 10.05 25.62 7.34
CA MET J 66 9.29 26.65 6.62
C MET J 66 7.90 26.14 6.23
N LYS J 67 7.78 24.84 5.96
CA LYS J 67 6.47 24.26 5.70
C LYS J 67 5.59 24.28 6.95
N LEU J 68 6.19 24.00 8.12
CA LEU J 68 5.43 24.06 9.37
C LEU J 68 4.99 25.48 9.68
N GLN J 69 5.80 26.46 9.31
CA GLN J 69 5.40 27.85 9.47
C GLN J 69 4.23 28.18 8.54
N ASN J 70 4.24 27.65 7.32
CA ASN J 70 3.15 27.98 6.41
C ASN J 70 1.86 27.23 6.74
N GLN J 71 1.94 26.11 7.47
CA GLN J 71 0.71 25.39 7.78
C GLN J 71 -0.13 26.12 8.81
N ARG J 72 0.51 26.75 9.80
CA ARG J 72 -0.21 27.39 10.89
C ARG J 72 -0.51 28.85 10.63
N GLY J 73 -0.49 29.30 9.39
CA GLY J 73 -0.95 30.64 9.08
C GLY J 73 -0.03 31.78 9.43
N GLY J 74 1.15 31.51 9.99
CA GLY J 74 2.08 32.56 10.34
C GLY J 74 2.80 33.10 9.11
N ARG J 75 3.92 33.76 9.37
CA ARG J 75 4.71 34.38 8.32
C ARG J 75 6.16 33.95 8.43
N ILE J 76 6.88 34.06 7.32
CA ILE J 76 8.31 33.82 7.28
C ILE J 76 9.00 35.16 7.13
N PHE J 77 10.03 35.40 7.93
CA PHE J 77 10.78 36.65 7.90
C PHE J 77 12.25 36.25 7.93
N LEU J 78 12.83 36.07 6.76
CA LEU J 78 14.17 35.51 6.63
C LEU J 78 15.22 36.52 7.08
N GLN J 79 16.45 36.02 7.23
CA GLN J 79 17.57 36.83 7.66
C GLN J 79 18.77 36.51 6.79
N ASP J 80 19.89 37.15 7.10
CA ASP J 80 21.15 36.79 6.47
C ASP J 80 21.62 35.43 6.97
N ILE J 81 22.45 34.78 6.20
CA ILE J 81 23.14 33.57 6.63
C ILE J 81 24.60 33.91 6.76
N LYS J 82 25.10 33.93 7.99
CA LYS J 82 26.46 34.38 8.24
C LYS J 82 27.48 33.37 7.74
N LYS J 83 28.66 33.87 7.36
CA LYS J 83 29.72 33.01 6.90
C LYS J 83 30.24 32.18 8.07
N PRO J 84 30.79 30.98 7.81
CA PRO J 84 31.14 30.08 8.91
C PRO J 84 32.30 30.60 9.76
N ASP J 85 32.29 30.15 11.01
CA ASP J 85 33.30 30.53 11.99
C ASP J 85 34.44 29.52 12.06
N CYS J 86 34.68 28.80 10.97
CA CYS J 86 35.65 27.72 10.95
C CYS J 86 36.56 27.85 9.75
N ASP J 87 37.85 28.03 10.03
CA ASP J 87 38.86 28.21 9.01
C ASP J 87 39.36 26.88 8.46
N ASP J 88 40.51 26.93 7.77
CA ASP J 88 41.14 25.74 7.22
C ASP J 88 41.48 24.74 8.31
N TRP J 89 41.08 23.49 8.07
CA TRP J 89 41.07 22.47 9.10
C TRP J 89 42.45 21.85 9.24
N GLU J 90 42.68 21.15 10.35
CA GLU J 90 43.95 20.45 10.53
C GLU J 90 43.86 19.04 9.98
N SER J 91 42.82 18.30 10.36
CA SER J 91 42.61 16.95 9.88
C SER J 91 41.11 16.68 9.87
N GLY J 92 40.73 15.41 9.77
CA GLY J 92 39.33 15.04 9.83
C GLY J 92 38.77 15.10 11.23
N LEU J 93 39.64 14.85 12.22
CA LEU J 93 39.23 14.84 13.62
C LEU J 93 38.75 16.21 14.09
N ASN J 94 39.43 17.26 13.64
CA ASN J 94 39.04 18.60 14.05
C ASN J 94 37.73 19.00 13.40
N ALA J 95 37.48 18.50 12.19
CA ALA J 95 36.21 18.72 11.51
C ALA J 95 35.07 18.01 12.21
N MET J 96 35.29 16.76 12.61
CA MET J 96 34.28 16.01 13.34
C MET J 96 33.98 16.65 14.69
N GLU J 97 35.00 17.16 15.38
CA GLU J 97 34.78 17.81 16.67
C GLU J 97 33.99 19.10 16.53
N CYS J 98 34.31 19.92 15.51
CA CYS J 98 33.54 21.13 15.32
C CYS J 98 32.12 20.83 14.85
N ALA J 99 31.91 19.75 14.10
CA ALA J 99 30.55 19.39 13.70
C ALA J 99 29.74 18.91 14.91
N LEU J 100 30.40 18.21 15.84
CA LEU J 100 29.73 17.82 17.08
C LEU J 100 29.35 19.03 17.91
N HIS J 101 30.24 20.03 17.97
CA HIS J 101 29.94 21.29 18.65
C HIS J 101 28.75 21.99 18.01
N LEU J 102 28.68 21.97 16.67
CA LEU J 102 27.58 22.60 15.97
C LEU J 102 26.25 21.89 16.23
N GLU J 103 26.25 20.56 16.21
CA GLU J 103 25.03 19.81 16.49
C GLU J 103 24.58 19.98 17.93
N LYS J 104 25.51 20.13 18.86
CA LYS J 104 25.11 20.40 20.24
C LYS J 104 24.51 21.79 20.39
N ASN J 105 25.01 22.78 19.64
CA ASN J 105 24.38 24.10 19.65
C ASN J 105 22.97 24.06 19.05
N VAL J 106 22.78 23.30 17.98
CA VAL J 106 21.46 23.20 17.36
C VAL J 106 20.49 22.46 18.28
N ASN J 107 20.99 21.44 18.99
CA ASN J 107 20.14 20.72 19.94
C ASN J 107 19.76 21.61 21.11
N GLN J 108 20.68 22.47 21.56
CA GLN J 108 20.37 23.40 22.64
C GLN J 108 19.32 24.42 22.22
N SER J 109 19.42 24.92 20.98
CA SER J 109 18.43 25.86 20.48
C SER J 109 17.07 25.21 20.32
N LEU J 110 17.04 23.94 19.90
CA LEU J 110 15.76 23.25 19.79
C LEU J 110 15.16 22.94 21.15
N LEU J 111 15.99 22.67 22.16
CA LEU J 111 15.46 22.48 23.51
C LEU J 111 14.86 23.78 24.06
N GLU J 112 15.52 24.91 23.81
CA GLU J 112 14.96 26.19 24.23
C GLU J 112 13.68 26.52 23.48
N LEU J 113 13.60 26.12 22.20
CA LEU J 113 12.36 26.31 21.46
C LEU J 113 11.25 25.40 21.96
N HIS J 114 11.59 24.19 22.42
CA HIS J 114 10.58 23.33 23.04
C HIS J 114 10.07 23.92 24.33
N LYS J 115 10.95 24.53 25.11
CA LYS J 115 10.53 25.17 26.36
C LYS J 115 9.62 26.35 26.09
N LEU J 116 9.92 27.12 25.03
CA LEU J 116 9.02 28.21 24.63
C LEU J 116 7.69 27.68 24.15
N ALA J 117 7.68 26.58 23.40
CA ALA J 117 6.43 26.04 22.89
C ALA J 117 5.60 25.41 23.99
N THR J 118 6.22 24.93 25.05
CA THR J 118 5.45 24.34 26.15
C THR J 118 4.93 25.40 27.10
N ASP J 119 5.73 26.42 27.40
CA ASP J 119 5.28 27.41 28.37
C ASP J 119 4.35 28.46 27.75
N LYS J 120 4.11 28.40 26.44
CA LYS J 120 3.03 29.15 25.82
C LYS J 120 1.86 28.26 25.44
N ASN J 121 1.95 26.97 25.78
CA ASN J 121 0.83 26.03 25.79
C ASN J 121 0.26 25.80 24.38
N ASP J 122 1.15 25.54 23.44
CA ASP J 122 0.77 25.11 22.10
C ASP J 122 1.16 23.66 21.95
N PRO J 123 0.21 22.74 21.86
CA PRO J 123 0.57 21.31 21.86
C PRO J 123 1.06 20.81 20.51
N HIS J 124 0.60 21.43 19.43
CA HIS J 124 0.96 20.96 18.09
C HIS J 124 2.42 21.25 17.76
N LEU J 125 2.89 22.45 18.10
CA LEU J 125 4.29 22.78 17.90
C LEU J 125 5.19 21.92 18.78
N CYS J 126 4.77 21.67 20.02
CA CYS J 126 5.47 20.75 20.91
C CYS J 126 5.61 19.37 20.30
N ASP J 127 4.50 18.82 19.79
CA ASP J 127 4.57 17.48 19.22
C ASP J 127 5.34 17.45 17.92
N PHE J 128 5.35 18.55 17.17
CA PHE J 128 6.15 18.60 15.95
C PHE J 128 7.64 18.54 16.28
N ILE J 129 8.06 19.28 17.30
CA ILE J 129 9.45 19.23 17.73
C ILE J 129 9.79 17.88 18.35
N GLU J 130 8.83 17.29 19.09
CA GLU J 130 9.06 15.99 19.71
C GLU J 130 9.19 14.87 18.69
N THR J 131 8.43 14.95 17.60
CA THR J 131 8.42 13.87 16.63
C THR J 131 9.54 14.03 15.61
N HIS J 132 9.61 15.18 14.95
CA HIS J 132 10.42 15.24 13.75
C HIS J 132 11.90 15.54 13.99
N TYR J 133 12.27 16.20 15.09
CA TYR J 133 13.62 16.74 15.18
C TYR J 133 14.49 16.17 16.29
N LEU J 134 13.92 15.76 17.41
CA LEU J 134 14.75 15.45 18.58
C LEU J 134 15.51 14.15 18.40
N ASN J 135 14.81 13.09 17.98
CA ASN J 135 15.42 11.76 17.87
C ASN J 135 16.52 11.74 16.81
N GLU J 136 16.32 12.51 15.74
CA GLU J 136 17.32 12.59 14.69
C GLU J 136 18.55 13.34 15.15
N GLN J 137 18.37 14.38 15.98
CA GLN J 137 19.52 15.12 16.51
C GLN J 137 20.31 14.26 17.50
N VAL J 138 19.62 13.45 18.30
CA VAL J 138 20.34 12.59 19.25
C VAL J 138 21.11 11.52 18.50
N LYS J 139 20.52 10.96 17.44
CA LYS J 139 21.25 9.97 16.63
C LYS J 139 22.43 10.60 15.90
N ALA J 140 22.29 11.85 15.46
CA ALA J 140 23.40 12.53 14.77
C ALA J 140 24.54 12.83 15.73
N ILE J 141 24.21 13.25 16.96
CA ILE J 141 25.24 13.48 17.97
C ILE J 141 25.94 12.16 18.32
N LYS J 142 25.19 11.06 18.35
CA LYS J 142 25.80 9.76 18.63
C LYS J 142 26.73 9.32 17.51
N GLU J 143 26.34 9.53 16.25
CA GLU J 143 27.20 9.21 15.12
C GLU J 143 28.47 10.03 15.30
N LEU J 144 28.36 11.35 15.24
CA LEU J 144 29.53 12.19 15.44
C LEU J 144 30.43 11.82 16.61
N GLY J 145 29.84 11.39 17.73
CA GLY J 145 30.65 10.95 18.86
C GLY J 145 31.41 9.68 18.56
N ASP J 146 30.79 8.75 17.83
CA ASP J 146 31.49 7.53 17.45
C ASP J 146 32.64 7.81 16.51
N HIS J 147 32.43 8.72 15.55
CA HIS J 147 33.46 9.11 14.63
C HIS J 147 34.63 9.74 15.35
N VAL J 148 34.32 10.68 16.24
CA VAL J 148 35.33 11.38 17.02
C VAL J 148 36.14 10.40 17.87
N THR J 149 35.46 9.43 18.48
CA THR J 149 36.16 8.47 19.34
C THR J 149 37.08 7.56 18.53
N ASN J 150 36.62 7.12 17.36
CA ASN J 150 37.47 6.25 16.55
C ASN J 150 38.66 7.01 15.98
N LEU J 151 38.49 8.28 15.59
CA LEU J 151 39.65 9.01 15.11
C LEU J 151 40.60 9.41 16.24
N ARG J 152 40.10 9.54 17.47
CA ARG J 152 41.01 9.78 18.58
C ARG J 152 41.74 8.51 19.00
N LYS J 153 41.14 7.35 18.75
CA LYS J 153 41.75 6.12 19.25
C LYS J 153 42.70 5.52 18.22
N MET J 154 42.41 5.71 16.94
CA MET J 154 43.27 5.12 15.90
C MET J 154 44.61 5.84 15.78
N GLY J 155 44.66 7.13 16.09
CA GLY J 155 45.92 7.83 16.09
C GLY J 155 45.95 9.12 15.28
N ALA J 156 44.78 9.61 14.90
CA ALA J 156 44.71 10.93 14.29
C ALA J 156 44.85 11.99 15.39
N PRO J 157 45.38 13.19 15.06
CA PRO J 157 45.90 13.72 13.81
C PRO J 157 47.40 13.55 13.64
N GLU J 158 48.01 12.62 14.37
CA GLU J 158 49.45 12.43 14.25
C GLU J 158 49.81 11.28 13.32
N SER J 159 48.83 10.65 12.68
CA SER J 159 49.08 9.63 11.67
C SER J 159 47.98 9.71 10.60
N GLY J 160 48.35 10.17 9.41
CA GLY J 160 47.39 10.26 8.32
C GLY J 160 46.96 8.91 7.77
N LEU J 161 47.73 7.86 8.04
CA LEU J 161 47.32 6.50 7.68
C LEU J 161 46.04 6.10 8.42
N ALA J 162 45.87 6.58 9.64
CA ALA J 162 44.66 6.32 10.40
C ALA J 162 43.45 6.94 9.75
N GLU J 163 43.52 8.22 9.38
CA GLU J 163 42.36 8.83 8.75
C GLU J 163 42.16 8.33 7.33
N TYR J 164 43.19 7.81 6.67
CA TYR J 164 43.00 7.15 5.39
C TYR J 164 42.20 5.86 5.53
N LEU J 165 42.62 4.99 6.45
CA LEU J 165 41.93 3.72 6.63
C LEU J 165 40.54 3.92 7.22
N PHE J 166 40.35 4.99 7.99
CA PHE J 166 39.03 5.34 8.45
C PHE J 166 38.18 5.87 7.31
N ASP J 167 38.80 6.55 6.34
CA ASP J 167 38.07 7.04 5.18
C ASP J 167 37.58 5.90 4.32
N LYS J 168 38.40 4.86 4.16
CA LYS J 168 38.02 3.81 3.21
C LYS J 168 37.09 2.76 3.79
N HIS J 169 37.01 2.61 5.11
CA HIS J 169 36.20 1.52 5.66
C HIS J 169 34.88 2.00 6.24
N THR J 170 34.91 3.00 7.13
CA THR J 170 33.69 3.37 7.84
C THR J 170 32.73 4.15 6.95
N LEU J 171 33.21 5.19 6.30
CA LEU J 171 32.35 6.07 5.52
C LEU J 171 32.34 5.72 4.03
N GLY J 172 32.47 4.45 3.68
CA GLY J 172 32.42 4.04 2.30
C GLY J 172 31.47 2.88 2.05
N THR K 1 58.25 -57.89 -21.93
CA THR K 1 58.12 -56.58 -22.56
C THR K 1 56.66 -56.18 -22.68
N SER K 2 56.42 -55.00 -23.23
CA SER K 2 55.07 -54.48 -23.39
C SER K 2 54.63 -54.64 -24.85
N GLN K 3 53.45 -54.11 -25.18
CA GLN K 3 52.98 -54.10 -26.54
C GLN K 3 52.78 -52.70 -27.11
N VAL K 4 52.83 -51.66 -26.27
CA VAL K 4 52.74 -50.28 -26.74
C VAL K 4 54.04 -49.53 -26.51
N ARG K 5 55.02 -50.13 -25.83
CA ARG K 5 56.25 -49.43 -25.51
C ARG K 5 57.09 -49.25 -26.76
N GLN K 6 57.30 -48.00 -27.14
CA GLN K 6 57.98 -47.66 -28.39
C GLN K 6 58.72 -46.35 -28.21
N ASN K 7 60.02 -46.38 -28.48
CA ASN K 7 60.94 -45.25 -28.31
C ASN K 7 60.86 -44.71 -26.90
N TYR K 8 61.12 -45.60 -25.94
CA TYR K 8 61.00 -45.26 -24.53
C TYR K 8 62.09 -46.03 -23.79
N HIS K 9 63.20 -45.35 -23.51
CA HIS K 9 64.33 -45.96 -22.83
C HIS K 9 64.10 -45.97 -21.32
N GLN K 10 64.67 -46.98 -20.66
CA GLN K 10 64.31 -47.26 -19.26
C GLN K 10 64.87 -46.23 -18.30
N ASP K 11 65.87 -45.45 -18.71
CA ASP K 11 66.31 -44.32 -17.88
C ASP K 11 65.21 -43.29 -17.73
N SER K 12 64.37 -43.12 -18.74
CA SER K 12 63.22 -42.25 -18.60
C SER K 12 62.18 -42.86 -17.66
N GLU K 13 62.07 -44.19 -17.62
CA GLU K 13 61.20 -44.84 -16.64
C GLU K 13 61.66 -44.56 -15.21
N ALA K 14 62.97 -44.64 -14.97
CA ALA K 14 63.51 -44.32 -13.66
C ALA K 14 63.31 -42.85 -13.31
N ALA K 15 63.49 -41.97 -14.30
CA ALA K 15 63.36 -40.54 -14.03
C ALA K 15 61.92 -40.14 -13.75
N ILE K 16 60.97 -40.74 -14.47
CA ILE K 16 59.56 -40.48 -14.18
C ILE K 16 59.19 -41.00 -12.79
N ASN K 17 59.75 -42.14 -12.39
CA ASN K 17 59.47 -42.65 -11.04
C ASN K 17 59.99 -41.71 -9.95
N ARG K 18 61.22 -41.22 -10.12
CA ARG K 18 61.78 -40.29 -9.13
C ARG K 18 61.04 -38.96 -9.14
N GLN K 19 60.52 -38.54 -10.29
CA GLN K 19 59.77 -37.30 -10.36
C GLN K 19 58.41 -37.41 -9.70
N ILE K 20 57.75 -38.58 -9.83
CA ILE K 20 56.51 -38.82 -9.10
C ILE K 20 56.75 -38.78 -7.60
N ASN K 21 57.88 -39.36 -7.16
CA ASN K 21 58.25 -39.33 -5.75
C ASN K 21 58.45 -37.90 -5.25
N LEU K 22 59.14 -37.07 -6.04
CA LEU K 22 59.38 -35.68 -5.64
C LEU K 22 58.09 -34.87 -5.61
N GLU K 23 57.19 -35.12 -6.55
CA GLU K 23 55.92 -34.39 -6.57
C GLU K 23 55.04 -34.76 -5.39
N LEU K 24 54.99 -36.04 -5.02
CA LEU K 24 54.21 -36.42 -3.85
C LEU K 24 54.84 -35.90 -2.57
N TYR K 25 56.17 -35.82 -2.53
CA TYR K 25 56.86 -35.19 -1.41
C TYR K 25 56.51 -33.72 -1.29
N ALA K 26 56.41 -33.03 -2.42
CA ALA K 26 56.02 -31.63 -2.39
C ALA K 26 54.59 -31.47 -1.93
N SER K 27 53.70 -32.35 -2.37
CA SER K 27 52.30 -32.33 -1.91
C SER K 27 52.21 -32.55 -0.40
N TYR K 28 53.04 -33.43 0.12
CA TYR K 28 53.03 -33.70 1.56
C TYR K 28 53.55 -32.51 2.36
N VAL K 29 54.57 -31.82 1.84
CA VAL K 29 55.10 -30.65 2.53
C VAL K 29 54.09 -29.51 2.53
N TYR K 30 53.39 -29.30 1.40
CA TYR K 30 52.35 -28.28 1.38
C TYR K 30 51.17 -28.66 2.28
N LEU K 31 50.89 -29.95 2.45
CA LEU K 31 49.85 -30.35 3.40
C LEU K 31 50.23 -30.02 4.83
N SER K 32 51.48 -30.30 5.21
CA SER K 32 51.96 -29.98 6.55
C SER K 32 51.98 -28.48 6.81
N MET K 33 52.31 -27.69 5.78
CA MET K 33 52.23 -26.24 5.94
C MET K 33 50.79 -25.78 6.07
N SER K 34 49.86 -26.40 5.33
CA SER K 34 48.48 -25.96 5.34
C SER K 34 47.81 -26.23 6.68
N TYR K 35 48.19 -27.30 7.35
CA TYR K 35 47.67 -27.52 8.69
C TYR K 35 48.62 -27.06 9.78
N TYR K 36 49.74 -26.43 9.42
CA TYR K 36 50.45 -25.63 10.41
C TYR K 36 49.68 -24.37 10.74
N PHE K 37 49.09 -23.72 9.74
CA PHE K 37 48.43 -22.43 9.95
C PHE K 37 46.99 -22.55 10.41
N ASP K 38 46.59 -23.68 10.98
CA ASP K 38 45.27 -23.80 11.57
C ASP K 38 45.33 -23.84 13.09
N ARG K 39 46.52 -23.96 13.66
CA ARG K 39 46.72 -23.94 15.11
C ARG K 39 46.32 -22.59 15.71
N ASP K 40 46.10 -22.61 17.02
CA ASP K 40 45.63 -21.40 17.69
C ASP K 40 46.70 -20.32 17.75
N ASP K 41 47.96 -20.69 17.99
CA ASP K 41 49.01 -19.70 18.23
C ASP K 41 49.51 -19.02 16.98
N VAL K 42 48.93 -19.30 15.81
CA VAL K 42 49.25 -18.55 14.61
C VAL K 42 47.97 -17.93 14.07
N ALA K 43 47.00 -18.79 13.76
CA ALA K 43 45.62 -18.41 13.40
C ALA K 43 45.57 -17.52 12.16
N LEU K 44 45.96 -18.11 11.04
CA LEU K 44 45.89 -17.46 9.73
C LEU K 44 45.16 -18.43 8.80
N LYS K 45 43.89 -18.16 8.53
CA LYS K 45 43.07 -19.18 7.87
C LYS K 45 43.21 -19.15 6.36
N ASN K 46 43.44 -17.98 5.77
CA ASN K 46 43.56 -17.94 4.32
C ASN K 46 44.89 -18.52 3.86
N PHE K 47 45.91 -18.52 4.72
CA PHE K 47 47.09 -19.33 4.47
C PHE K 47 46.74 -20.80 4.40
N ALA K 48 45.82 -21.26 5.26
CA ALA K 48 45.44 -22.66 5.23
C ALA K 48 44.71 -23.00 3.94
N LYS K 49 43.82 -22.10 3.49
CA LYS K 49 43.17 -22.25 2.18
C LYS K 49 44.19 -22.34 1.05
N TYR K 50 45.16 -21.41 1.04
CA TYR K 50 46.11 -21.29 -0.06
C TYR K 50 47.04 -22.49 -0.12
N PHE K 51 47.56 -22.93 1.02
CA PHE K 51 48.48 -24.05 0.99
C PHE K 51 47.77 -25.38 0.81
N LEU K 52 46.51 -25.51 1.25
CA LEU K 52 45.74 -26.70 0.93
C LEU K 52 45.47 -26.81 -0.56
N HIS K 53 45.18 -25.68 -1.18
CA HIS K 53 44.99 -25.61 -2.61
C HIS K 53 46.23 -26.04 -3.34
N GLN K 54 47.38 -25.51 -2.92
CA GLN K 54 48.65 -25.88 -3.56
C GLN K 54 48.97 -27.35 -3.38
N SER K 55 48.62 -27.92 -2.22
CA SER K 55 48.83 -29.35 -2.00
C SER K 55 48.00 -30.20 -2.95
N HIS K 56 46.74 -29.83 -3.14
CA HIS K 56 45.89 -30.61 -4.06
C HIS K 56 46.34 -30.45 -5.52
N GLU K 57 46.83 -29.26 -5.90
CA GLU K 57 47.31 -29.09 -7.27
C GLU K 57 48.58 -29.90 -7.53
N GLU K 58 49.48 -29.99 -6.54
CA GLU K 58 50.66 -30.81 -6.77
C GLU K 58 50.33 -32.30 -6.75
N ARG K 59 49.32 -32.69 -5.98
CA ARG K 59 48.77 -34.04 -6.07
C ARG K 59 48.28 -34.36 -7.47
N GLU K 60 47.58 -33.41 -8.10
CA GLU K 60 47.11 -33.61 -9.47
C GLU K 60 48.27 -33.69 -10.46
N HIS K 61 49.34 -32.92 -10.23
CA HIS K 61 50.54 -33.05 -11.07
C HIS K 61 51.15 -34.44 -11.00
N ALA K 62 51.25 -35.00 -9.79
CA ALA K 62 51.82 -36.34 -9.65
C ALA K 62 50.93 -37.40 -10.29
N GLU K 63 49.61 -37.24 -10.19
CA GLU K 63 48.69 -38.16 -10.86
C GLU K 63 48.82 -38.08 -12.38
N LYS K 64 49.09 -36.88 -12.90
CA LYS K 64 49.26 -36.74 -14.34
C LYS K 64 50.56 -37.37 -14.82
N LEU K 65 51.62 -37.29 -14.01
CA LEU K 65 52.84 -38.04 -14.32
C LEU K 65 52.60 -39.54 -14.36
N MET K 66 51.83 -40.06 -13.39
CA MET K 66 51.56 -41.49 -13.38
C MET K 66 50.72 -41.90 -14.59
N LYS K 67 49.82 -41.03 -15.03
CA LYS K 67 49.03 -41.33 -16.22
C LYS K 67 49.89 -41.30 -17.49
N LEU K 68 50.85 -40.37 -17.56
CA LEU K 68 51.79 -40.36 -18.68
C LEU K 68 52.67 -41.60 -18.66
N GLN K 69 53.02 -42.08 -17.47
CA GLN K 69 53.79 -43.31 -17.37
C GLN K 69 52.99 -44.49 -17.90
N ASN K 70 51.69 -44.53 -17.65
CA ASN K 70 50.92 -45.64 -18.18
C ASN K 70 50.45 -45.43 -19.61
N GLN K 71 50.64 -44.26 -20.22
CA GLN K 71 50.29 -44.15 -21.63
C GLN K 71 51.34 -44.78 -22.52
N ARG K 72 52.61 -44.65 -22.16
CA ARG K 72 53.68 -45.22 -22.99
C ARG K 72 53.89 -46.70 -22.71
N GLY K 73 53.32 -47.22 -21.63
CA GLY K 73 53.52 -48.62 -21.32
C GLY K 73 54.77 -48.93 -20.53
N GLY K 74 55.09 -48.12 -19.52
CA GLY K 74 56.12 -48.48 -18.58
C GLY K 74 55.51 -49.09 -17.34
N ARG K 75 56.24 -49.00 -16.23
CA ARG K 75 55.81 -49.55 -14.96
C ARG K 75 56.05 -48.53 -13.86
N ILE K 76 54.99 -48.15 -13.17
CA ILE K 76 55.12 -47.28 -12.02
C ILE K 76 55.78 -48.03 -10.87
N PHE K 77 56.89 -47.49 -10.38
CA PHE K 77 57.62 -48.10 -9.28
C PHE K 77 57.68 -47.07 -8.17
N LEU K 78 56.85 -47.23 -7.15
CA LEU K 78 56.73 -46.21 -6.12
C LEU K 78 57.88 -46.32 -5.12
N GLN K 79 57.93 -45.34 -4.23
CA GLN K 79 58.97 -45.25 -3.21
C GLN K 79 58.37 -44.70 -1.93
N ASP K 80 59.21 -44.58 -0.91
CA ASP K 80 58.84 -43.93 0.33
C ASP K 80 58.61 -42.44 0.09
N ILE K 81 57.83 -41.83 0.96
CA ILE K 81 57.62 -40.39 0.95
C ILE K 81 58.17 -39.87 2.27
N LYS K 82 59.06 -38.88 2.20
CA LYS K 82 59.69 -38.43 3.42
C LYS K 82 58.88 -37.31 4.07
N LYS K 83 59.11 -37.14 5.37
CA LYS K 83 58.50 -36.06 6.11
C LYS K 83 59.15 -34.74 5.72
N PRO K 84 58.49 -33.61 5.98
CA PRO K 84 59.12 -32.31 5.73
C PRO K 84 60.36 -32.10 6.57
N ASP K 85 61.34 -31.42 5.97
CA ASP K 85 62.65 -31.32 6.59
C ASP K 85 62.68 -30.30 7.73
N CYS K 86 61.64 -29.48 7.85
CA CYS K 86 61.60 -28.49 8.92
C CYS K 86 60.17 -28.29 9.38
N ASP K 87 60.02 -28.07 10.68
CA ASP K 87 58.72 -27.88 11.31
C ASP K 87 58.56 -26.51 11.96
N ASP K 88 59.66 -25.88 12.36
CA ASP K 88 59.62 -24.53 12.90
C ASP K 88 59.46 -23.57 11.72
N TRP K 89 58.37 -22.82 11.70
CA TRP K 89 58.17 -21.88 10.60
C TRP K 89 58.23 -20.43 11.04
N GLU K 90 57.79 -20.12 12.26
CA GLU K 90 58.00 -18.86 12.99
C GLU K 90 57.22 -17.67 12.43
N SER K 91 56.66 -17.80 11.23
CA SER K 91 56.00 -16.72 10.50
C SER K 91 55.40 -17.27 9.22
N GLY K 92 54.75 -16.41 8.45
CA GLY K 92 54.34 -16.81 7.12
C GLY K 92 55.43 -16.55 6.12
N LEU K 93 56.32 -15.63 6.47
CA LEU K 93 57.39 -15.21 5.57
C LEU K 93 58.39 -16.33 5.33
N ASN K 94 58.80 -17.01 6.40
CA ASN K 94 59.71 -18.14 6.27
C ASN K 94 59.04 -19.32 5.56
N ALA K 95 57.72 -19.47 5.73
CA ALA K 95 57.00 -20.51 5.00
C ALA K 95 56.97 -20.20 3.51
N MET K 96 56.76 -18.93 3.13
CA MET K 96 56.83 -18.54 1.74
C MET K 96 58.23 -18.74 1.16
N GLU K 97 59.26 -18.48 1.97
CA GLU K 97 60.63 -18.68 1.51
C GLU K 97 60.93 -20.16 1.29
N CYS K 98 60.44 -21.03 2.17
CA CYS K 98 60.64 -22.46 1.96
C CYS K 98 59.83 -22.97 0.78
N ALA K 99 58.68 -22.36 0.51
CA ALA K 99 57.91 -22.70 -0.69
C ALA K 99 58.67 -22.31 -1.95
N LEU K 100 59.29 -21.13 -1.94
CA LEU K 100 60.09 -20.69 -3.08
C LEU K 100 61.28 -21.61 -3.32
N HIS K 101 61.97 -21.99 -2.25
CA HIS K 101 63.09 -22.93 -2.33
C HIS K 101 62.65 -24.29 -2.88
N LEU K 102 61.50 -24.78 -2.44
CA LEU K 102 61.04 -26.08 -2.90
C LEU K 102 60.62 -26.05 -4.36
N GLU K 103 59.94 -24.98 -4.80
CA GLU K 103 59.54 -24.91 -6.20
C GLU K 103 60.74 -24.73 -7.12
N LYS K 104 61.79 -24.04 -6.66
CA LYS K 104 62.99 -23.96 -7.47
C LYS K 104 63.70 -25.31 -7.57
N ASN K 105 63.71 -26.10 -6.49
CA ASN K 105 64.32 -27.43 -6.59
C ASN K 105 63.52 -28.36 -7.50
N VAL K 106 62.20 -28.23 -7.49
CA VAL K 106 61.37 -29.03 -8.39
C VAL K 106 61.61 -28.63 -9.84
N ASN K 107 61.79 -27.33 -10.08
CA ASN K 107 62.05 -26.87 -11.45
C ASN K 107 63.42 -27.32 -11.93
N GLN K 108 64.40 -27.36 -11.02
CA GLN K 108 65.73 -27.88 -11.38
C GLN K 108 65.65 -29.36 -11.74
N SER K 109 64.83 -30.13 -11.00
CA SER K 109 64.69 -31.54 -11.31
C SER K 109 63.97 -31.76 -12.64
N LEU K 110 62.98 -30.91 -12.95
CA LEU K 110 62.31 -31.04 -14.24
C LEU K 110 63.22 -30.65 -15.40
N LEU K 111 64.12 -29.70 -15.20
CA LEU K 111 65.09 -29.38 -16.24
C LEU K 111 66.08 -30.53 -16.45
N GLU K 112 66.48 -31.20 -15.36
CA GLU K 112 67.33 -32.38 -15.51
C GLU K 112 66.61 -33.51 -16.22
N LEU K 113 65.31 -33.67 -15.96
CA LEU K 113 64.55 -34.70 -16.67
C LEU K 113 64.37 -34.34 -18.14
N HIS K 114 64.24 -33.05 -18.45
CA HIS K 114 64.19 -32.63 -19.85
C HIS K 114 65.50 -32.94 -20.57
N LYS K 115 66.64 -32.70 -19.90
CA LYS K 115 67.91 -32.99 -20.55
C LYS K 115 68.11 -34.49 -20.73
N LEU K 116 67.68 -35.28 -19.75
CA LEU K 116 67.76 -36.73 -19.86
C LEU K 116 66.81 -37.29 -20.91
N ALA K 117 65.70 -36.60 -21.16
CA ALA K 117 64.80 -37.03 -22.24
C ALA K 117 65.34 -36.63 -23.60
N THR K 118 65.93 -35.44 -23.72
CA THR K 118 66.51 -35.00 -24.98
C THR K 118 67.69 -35.88 -25.39
N ASP K 119 68.49 -36.34 -24.42
CA ASP K 119 69.63 -37.20 -24.76
C ASP K 119 69.21 -38.57 -25.27
N LYS K 120 67.96 -38.98 -25.06
CA LYS K 120 67.49 -40.28 -25.48
C LYS K 120 66.59 -40.24 -26.71
N ASN K 121 66.45 -39.08 -27.35
CA ASN K 121 65.67 -38.88 -28.58
C ASN K 121 64.22 -39.31 -28.43
N ASP K 122 63.54 -38.68 -27.47
CA ASP K 122 62.11 -38.89 -27.23
C ASP K 122 61.41 -37.55 -27.38
N PRO K 123 60.75 -37.30 -28.49
CA PRO K 123 60.12 -35.99 -28.68
C PRO K 123 58.84 -35.83 -27.90
N HIS K 124 58.14 -36.94 -27.67
CA HIS K 124 56.86 -36.90 -26.96
C HIS K 124 57.06 -36.51 -25.50
N LEU K 125 58.08 -37.07 -24.86
CA LEU K 125 58.34 -36.75 -23.46
C LEU K 125 58.87 -35.33 -23.30
N CYS K 126 59.69 -34.89 -24.25
CA CYS K 126 60.15 -33.50 -24.25
C CYS K 126 58.99 -32.53 -24.40
N ASP K 127 58.07 -32.83 -25.32
CA ASP K 127 56.94 -31.92 -25.52
C ASP K 127 55.95 -31.99 -24.36
N PHE K 128 55.84 -33.13 -23.71
CA PHE K 128 54.99 -33.26 -22.53
C PHE K 128 55.52 -32.41 -21.38
N ILE K 129 56.84 -32.48 -21.13
CA ILE K 129 57.47 -31.64 -20.11
C ILE K 129 57.34 -30.17 -20.47
N GLU K 130 57.66 -29.80 -21.71
CA GLU K 130 57.66 -28.40 -22.10
C GLU K 130 56.26 -27.82 -22.22
N THR K 131 55.22 -28.65 -22.29
CA THR K 131 53.87 -28.11 -22.39
C THR K 131 53.16 -28.10 -21.04
N HIS K 132 53.23 -29.19 -20.27
CA HIS K 132 52.42 -29.29 -19.08
C HIS K 132 53.06 -28.75 -17.81
N TYR K 133 54.38 -28.80 -17.67
CA TYR K 133 54.96 -28.62 -16.34
C TYR K 133 55.84 -27.40 -16.18
N LEU K 134 56.53 -26.92 -17.22
CA LEU K 134 57.50 -25.86 -17.01
C LEU K 134 56.83 -24.52 -16.76
N ASN K 135 55.83 -24.18 -17.58
CA ASN K 135 55.25 -22.84 -17.52
C ASN K 135 54.46 -22.63 -16.24
N GLU K 136 53.80 -23.68 -15.75
CA GLU K 136 53.10 -23.62 -14.47
C GLU K 136 54.07 -23.38 -13.33
N GLN K 137 55.23 -24.05 -13.37
CA GLN K 137 56.25 -23.82 -12.34
C GLN K 137 56.82 -22.41 -12.41
N VAL K 138 56.94 -21.85 -13.61
CA VAL K 138 57.46 -20.48 -13.73
C VAL K 138 56.47 -19.48 -13.16
N LYS K 139 55.17 -19.64 -13.48
CA LYS K 139 54.16 -18.76 -12.88
C LYS K 139 54.10 -18.91 -11.36
N ALA K 140 54.30 -20.14 -10.86
CA ALA K 140 54.25 -20.37 -9.42
C ALA K 140 55.42 -19.72 -8.71
N ILE K 141 56.63 -19.87 -9.26
CA ILE K 141 57.82 -19.24 -8.68
C ILE K 141 57.70 -17.72 -8.71
N LYS K 142 57.13 -17.17 -9.79
CA LYS K 142 56.93 -15.73 -9.87
C LYS K 142 55.95 -15.23 -8.82
N GLU K 143 54.85 -15.96 -8.62
CA GLU K 143 53.85 -15.52 -7.65
C GLU K 143 54.38 -15.64 -6.22
N LEU K 144 55.13 -16.70 -5.92
CA LEU K 144 55.73 -16.83 -4.59
C LEU K 144 56.77 -15.74 -4.34
N GLY K 145 57.54 -15.37 -5.37
CA GLY K 145 58.47 -14.27 -5.21
C GLY K 145 57.76 -12.95 -4.96
N ASP K 146 56.60 -12.76 -5.58
CA ASP K 146 55.82 -11.55 -5.35
C ASP K 146 55.28 -11.50 -3.92
N HIS K 147 54.83 -12.64 -3.40
CA HIS K 147 54.36 -12.68 -2.02
C HIS K 147 55.49 -12.38 -1.04
N VAL K 148 56.68 -12.96 -1.30
CA VAL K 148 57.84 -12.71 -0.45
C VAL K 148 58.24 -11.25 -0.46
N THR K 149 58.21 -10.63 -1.64
CA THR K 149 58.62 -9.23 -1.73
C THR K 149 57.61 -8.30 -1.09
N ASN K 150 56.31 -8.58 -1.24
CA ASN K 150 55.29 -7.78 -0.58
C ASN K 150 55.37 -7.91 0.94
N LEU K 151 55.60 -9.12 1.45
CA LEU K 151 55.68 -9.28 2.90
C LEU K 151 56.93 -8.65 3.48
N ARG K 152 58.06 -8.72 2.77
CA ARG K 152 59.26 -8.05 3.27
C ARG K 152 59.14 -6.54 3.17
N LYS K 153 58.36 -6.04 2.20
CA LYS K 153 58.22 -4.60 2.08
C LYS K 153 57.18 -4.08 3.08
N MET K 154 56.28 -4.94 3.54
CA MET K 154 55.32 -4.52 4.55
C MET K 154 55.90 -4.53 5.95
N GLY K 155 56.92 -5.33 6.22
CA GLY K 155 57.58 -5.25 7.50
C GLY K 155 57.64 -6.54 8.29
N ALA K 156 57.43 -7.67 7.62
CA ALA K 156 57.53 -8.96 8.27
C ALA K 156 58.97 -9.29 8.61
N PRO K 157 59.22 -10.07 9.68
CA PRO K 157 58.31 -10.65 10.69
C PRO K 157 58.15 -9.82 11.95
N GLU K 158 58.50 -8.53 11.92
CA GLU K 158 58.30 -7.70 13.11
C GLU K 158 56.83 -7.39 13.32
N SER K 159 56.24 -6.66 12.39
CA SER K 159 54.85 -6.23 12.51
C SER K 159 53.95 -7.36 12.05
N GLY K 160 53.31 -8.05 13.00
CA GLY K 160 52.33 -9.05 12.64
C GLY K 160 51.06 -8.48 12.03
N LEU K 161 50.82 -7.19 12.25
CA LEU K 161 49.76 -6.47 11.56
C LEU K 161 49.91 -6.54 10.05
N ALA K 162 51.16 -6.53 9.57
CA ALA K 162 51.40 -6.71 8.15
C ALA K 162 50.98 -8.10 7.69
N GLU K 163 51.24 -9.13 8.50
CA GLU K 163 50.81 -10.46 8.12
C GLU K 163 49.30 -10.61 8.15
N TYR K 164 48.62 -9.93 9.06
CA TYR K 164 47.16 -10.01 9.08
C TYR K 164 46.55 -9.28 7.89
N LEU K 165 47.05 -8.09 7.56
CA LEU K 165 46.54 -7.36 6.42
C LEU K 165 46.86 -8.06 5.11
N PHE K 166 48.01 -8.72 5.03
CA PHE K 166 48.33 -9.48 3.83
C PHE K 166 47.52 -10.78 3.77
N ASP K 167 47.10 -11.28 4.93
CA ASP K 167 46.27 -12.47 4.94
C ASP K 167 44.89 -12.15 4.42
N LYS K 168 44.30 -11.05 4.86
CA LYS K 168 42.91 -10.78 4.51
C LYS K 168 42.76 -10.14 3.13
N HIS K 169 43.68 -9.28 2.71
CA HIS K 169 43.49 -8.57 1.45
C HIS K 169 43.85 -9.42 0.24
N THR K 170 45.11 -9.84 0.13
CA THR K 170 45.58 -10.46 -1.10
C THR K 170 45.03 -11.86 -1.26
N LEU K 171 45.15 -12.69 -0.23
CA LEU K 171 44.81 -14.10 -0.33
C LEU K 171 43.37 -14.39 0.06
N GLY K 172 42.47 -13.43 -0.12
CA GLY K 172 41.06 -13.66 0.12
C GLY K 172 40.27 -13.64 -1.17
N THR L 1 3.95 -39.48 41.08
CA THR L 1 5.00 -39.07 40.17
C THR L 1 4.47 -38.93 38.75
N SER L 2 5.32 -38.45 37.84
CA SER L 2 4.91 -38.29 36.46
C SER L 2 5.03 -39.60 35.71
N GLN L 3 4.09 -39.84 34.79
CA GLN L 3 3.96 -41.14 34.14
C GLN L 3 4.93 -41.34 32.99
N VAL L 4 5.70 -40.33 32.59
CA VAL L 4 6.70 -40.52 31.56
C VAL L 4 8.08 -40.75 32.12
N ARG L 5 8.24 -40.67 33.43
CA ARG L 5 9.56 -40.78 34.04
C ARG L 5 9.99 -42.24 34.07
N GLN L 6 11.04 -42.57 33.31
CA GLN L 6 11.60 -43.92 33.32
C GLN L 6 13.11 -43.82 33.25
N ASN L 7 13.78 -44.41 34.25
CA ASN L 7 15.24 -44.45 34.37
C ASN L 7 15.82 -43.04 34.39
N TYR L 8 15.47 -42.30 35.43
CA TYR L 8 15.89 -40.91 35.56
C TYR L 8 16.07 -40.61 37.04
N HIS L 9 17.31 -40.40 37.47
CA HIS L 9 17.65 -40.21 38.87
C HIS L 9 17.64 -38.72 39.21
N GLN L 10 17.44 -38.44 40.50
CA GLN L 10 17.21 -37.06 40.95
C GLN L 10 18.46 -36.20 40.87
N ASP L 11 19.64 -36.80 41.04
CA ASP L 11 20.90 -36.05 40.96
C ASP L 11 21.13 -35.51 39.55
N SER L 12 20.72 -36.28 38.53
CA SER L 12 20.74 -35.80 37.15
C SER L 12 19.86 -34.57 36.99
N GLU L 13 18.69 -34.58 37.62
CA GLU L 13 17.75 -33.46 37.52
C GLU L 13 18.34 -32.20 38.16
N ALA L 14 19.00 -32.37 39.31
CA ALA L 14 19.65 -31.22 39.93
C ALA L 14 20.81 -30.70 39.09
N ALA L 15 21.53 -31.60 38.44
CA ALA L 15 22.64 -31.18 37.58
C ALA L 15 22.14 -30.41 36.37
N ILE L 16 21.03 -30.87 35.77
CA ILE L 16 20.42 -30.16 34.64
C ILE L 16 19.97 -28.77 35.06
N ASN L 17 19.41 -28.64 36.27
CA ASN L 17 18.93 -27.33 36.70
C ASN L 17 20.08 -26.36 36.98
N ARG L 18 21.18 -26.86 37.58
CA ARG L 18 22.36 -26.02 37.76
C ARG L 18 22.96 -25.62 36.42
N GLN L 19 22.92 -26.53 35.43
CA GLN L 19 23.44 -26.20 34.11
C GLN L 19 22.57 -25.17 33.39
N ILE L 20 21.27 -25.20 33.62
CA ILE L 20 20.37 -24.18 33.06
C ILE L 20 20.69 -22.82 33.65
N ASN L 21 20.91 -22.77 34.97
CA ASN L 21 21.32 -21.51 35.61
C ASN L 21 22.64 -21.00 35.05
N LEU L 22 23.57 -21.92 34.77
CA LEU L 22 24.87 -21.50 34.25
C LEU L 22 24.77 -20.94 32.84
N GLU L 23 23.99 -21.58 31.98
CA GLU L 23 23.82 -21.10 30.60
C GLU L 23 23.13 -19.74 30.58
N LEU L 24 22.14 -19.54 31.44
CA LEU L 24 21.44 -18.25 31.46
C LEU L 24 22.35 -17.15 32.00
N TYR L 25 23.19 -17.46 32.99
CA TYR L 25 24.19 -16.51 33.46
C TYR L 25 25.16 -16.13 32.35
N ALA L 26 25.55 -17.13 31.54
CA ALA L 26 26.47 -16.88 30.44
C ALA L 26 25.85 -15.94 29.41
N SER L 27 24.58 -16.17 29.07
CA SER L 27 23.92 -15.28 28.11
C SER L 27 23.74 -13.88 28.65
N TYR L 28 23.52 -13.75 29.96
CA TYR L 28 23.38 -12.41 30.54
C TYR L 28 24.71 -11.65 30.52
N VAL L 29 25.81 -12.36 30.77
CA VAL L 29 27.13 -11.73 30.70
C VAL L 29 27.47 -11.34 29.26
N TYR L 30 27.07 -12.17 28.29
CA TYR L 30 27.28 -11.77 26.89
C TYR L 30 26.43 -10.56 26.49
N LEU L 31 25.23 -10.42 27.07
CA LEU L 31 24.44 -9.22 26.79
C LEU L 31 25.12 -7.98 27.37
N SER L 32 25.70 -8.11 28.57
CA SER L 32 26.47 -7.01 29.16
C SER L 32 27.69 -6.65 28.31
N MET L 33 28.42 -7.67 27.82
CA MET L 33 29.56 -7.42 26.94
C MET L 33 29.13 -6.76 25.64
N SER L 34 27.99 -7.18 25.10
CA SER L 34 27.55 -6.65 23.82
C SER L 34 27.14 -5.19 23.92
N TYR L 35 26.43 -4.82 24.97
CA TYR L 35 26.04 -3.43 25.11
C TYR L 35 27.06 -2.60 25.87
N TYR L 36 28.22 -3.16 26.22
CA TYR L 36 29.33 -2.32 26.61
C TYR L 36 30.01 -1.69 25.40
N PHE L 37 30.27 -2.48 24.37
CA PHE L 37 31.01 -2.03 23.20
C PHE L 37 30.21 -1.12 22.27
N ASP L 38 28.93 -0.89 22.54
CA ASP L 38 28.17 0.07 21.77
C ASP L 38 28.16 1.45 22.43
N ARG L 39 28.85 1.60 23.56
CA ARG L 39 28.94 2.89 24.22
C ARG L 39 29.70 3.89 23.35
N ASP L 40 29.49 5.17 23.65
CA ASP L 40 30.01 6.23 22.79
C ASP L 40 31.52 6.39 22.86
N ASP L 41 32.17 5.84 23.88
CA ASP L 41 33.60 5.99 24.03
C ASP L 41 34.38 4.72 23.72
N VAL L 42 33.76 3.76 23.03
CA VAL L 42 34.47 2.60 22.49
C VAL L 42 34.21 2.51 21.00
N ALA L 43 32.92 2.37 20.64
CA ALA L 43 32.41 2.44 19.27
C ALA L 43 33.05 1.40 18.36
N LEU L 44 32.79 0.13 18.67
CA LEU L 44 33.24 -1.01 17.87
C LEU L 44 32.00 -1.87 17.65
N LYS L 45 31.24 -1.56 16.59
CA LYS L 45 29.86 -2.04 16.52
C LYS L 45 29.78 -3.53 16.18
N ASN L 46 30.76 -4.05 15.46
CA ASN L 46 30.72 -5.47 15.13
C ASN L 46 31.03 -6.32 16.33
N PHE L 47 31.77 -5.80 17.31
CA PHE L 47 31.91 -6.50 18.59
C PHE L 47 30.57 -6.61 19.29
N ALA L 48 29.77 -5.54 19.26
CA ALA L 48 28.44 -5.57 19.85
C ALA L 48 27.56 -6.60 19.15
N LYS L 49 27.60 -6.63 17.82
CA LYS L 49 26.77 -7.57 17.07
C LYS L 49 27.22 -9.02 17.29
N TYR L 50 28.52 -9.24 17.42
CA TYR L 50 29.04 -10.59 17.64
C TYR L 50 28.68 -11.11 19.03
N PHE L 51 28.88 -10.31 20.07
CA PHE L 51 28.50 -10.75 21.41
C PHE L 51 26.99 -10.87 21.56
N LEU L 52 26.22 -10.05 20.82
CA LEU L 52 24.77 -10.18 20.85
C LEU L 52 24.31 -11.49 20.21
N HIS L 53 24.94 -11.88 19.11
CA HIS L 53 24.61 -13.15 18.47
C HIS L 53 25.02 -14.33 19.35
N GLN L 54 26.16 -14.23 20.03
CA GLN L 54 26.54 -15.27 20.98
C GLN L 54 25.60 -15.34 22.17
N SER L 55 25.05 -14.20 22.59
CA SER L 55 24.08 -14.20 23.68
C SER L 55 22.79 -14.91 23.27
N HIS L 56 22.33 -14.67 22.04
CA HIS L 56 21.15 -15.37 21.53
C HIS L 56 21.40 -16.87 21.43
N GLU L 57 22.60 -17.27 21.01
CA GLU L 57 22.89 -18.70 20.90
C GLU L 57 22.95 -19.37 22.27
N GLU L 58 23.53 -18.71 23.28
CA GLU L 58 23.56 -19.30 24.62
C GLU L 58 22.16 -19.38 25.23
N ARG L 59 21.30 -18.39 24.94
CA ARG L 59 19.90 -18.45 25.38
C ARG L 59 19.17 -19.62 24.76
N GLU L 60 19.38 -19.87 23.47
CA GLU L 60 18.72 -21.01 22.84
C GLU L 60 19.30 -22.34 23.33
N HIS L 61 20.57 -22.35 23.75
CA HIS L 61 21.12 -23.55 24.38
C HIS L 61 20.42 -23.86 25.69
N ALA L 62 20.21 -22.83 26.52
CA ALA L 62 19.47 -23.03 27.77
C ALA L 62 18.05 -23.49 27.51
N GLU L 63 17.41 -22.96 26.47
CA GLU L 63 16.07 -23.42 26.11
C GLU L 63 16.08 -24.88 25.63
N LYS L 64 17.17 -25.30 24.97
CA LYS L 64 17.29 -26.71 24.58
C LYS L 64 17.40 -27.61 25.81
N LEU L 65 18.13 -27.17 26.83
CA LEU L 65 18.17 -27.90 28.09
C LEU L 65 16.82 -27.96 28.77
N MET L 66 16.05 -26.88 28.68
CA MET L 66 14.74 -26.87 29.34
C MET L 66 13.76 -27.81 28.64
N LYS L 67 13.82 -27.87 27.30
CA LYS L 67 13.05 -28.85 26.56
C LYS L 67 13.47 -30.28 26.92
N LEU L 68 14.77 -30.51 27.09
CA LEU L 68 15.24 -31.83 27.50
C LEU L 68 14.75 -32.19 28.88
N GLN L 69 14.66 -31.22 29.77
CA GLN L 69 14.16 -31.51 31.11
C GLN L 69 12.68 -31.86 31.07
N ASN L 70 11.89 -31.14 30.28
CA ASN L 70 10.46 -31.43 30.23
C ASN L 70 10.15 -32.74 29.50
N GLN L 71 11.03 -33.19 28.60
CA GLN L 71 10.75 -34.45 27.91
C GLN L 71 10.92 -35.65 28.82
N ARG L 72 11.85 -35.58 29.76
CA ARG L 72 12.12 -36.71 30.65
C ARG L 72 11.36 -36.62 31.96
N GLY L 73 10.35 -35.76 32.05
CA GLY L 73 9.43 -35.77 33.18
C GLY L 73 9.99 -35.25 34.48
N GLY L 74 11.07 -34.49 34.46
CA GLY L 74 11.57 -33.86 35.65
C GLY L 74 10.89 -32.54 35.92
N ARG L 75 11.45 -31.79 36.87
CA ARG L 75 10.91 -30.50 37.26
C ARG L 75 12.03 -29.46 37.20
N ILE L 76 11.64 -28.20 37.06
CA ILE L 76 12.59 -27.12 36.86
C ILE L 76 12.56 -26.18 38.06
N PHE L 77 13.62 -26.23 38.87
CA PHE L 77 13.78 -25.31 39.99
C PHE L 77 14.61 -24.13 39.51
N LEU L 78 13.93 -23.06 39.09
CA LEU L 78 14.66 -21.88 38.65
C LEU L 78 15.22 -21.10 39.83
N GLN L 79 16.53 -20.88 39.78
CA GLN L 79 17.23 -20.04 40.74
C GLN L 79 17.45 -18.67 40.13
N ASP L 80 18.11 -17.81 40.89
CA ASP L 80 18.35 -16.44 40.46
C ASP L 80 19.45 -16.40 39.40
N ILE L 81 19.49 -15.30 38.66
CA ILE L 81 20.59 -15.01 37.76
C ILE L 81 21.50 -14.00 38.44
N LYS L 82 22.71 -14.41 38.78
CA LYS L 82 23.63 -13.49 39.42
C LYS L 82 24.12 -12.44 38.43
N LYS L 83 24.56 -11.30 38.98
CA LYS L 83 25.07 -10.20 38.17
C LYS L 83 26.39 -10.60 37.50
N PRO L 84 26.77 -9.93 36.41
CA PRO L 84 28.01 -10.28 35.71
C PRO L 84 29.25 -10.03 36.56
N ASP L 85 30.35 -10.59 36.07
CA ASP L 85 31.60 -10.62 36.84
C ASP L 85 32.18 -9.22 37.00
N CYS L 86 32.55 -8.58 35.89
CA CYS L 86 33.18 -7.28 35.94
C CYS L 86 32.55 -6.34 34.93
N ASP L 87 32.59 -5.06 35.23
CA ASP L 87 31.95 -4.02 34.43
C ASP L 87 32.89 -3.39 33.42
N ASP L 88 34.05 -2.91 33.87
CA ASP L 88 34.98 -2.20 33.00
C ASP L 88 35.82 -3.23 32.25
N TRP L 89 35.70 -3.25 30.93
CA TRP L 89 36.45 -4.20 30.12
C TRP L 89 37.72 -3.60 29.53
N GLU L 90 37.70 -2.31 29.21
CA GLU L 90 38.84 -1.42 28.92
C GLU L 90 39.49 -1.68 27.57
N SER L 91 39.13 -2.77 26.89
CA SER L 91 39.72 -3.11 25.61
C SER L 91 38.83 -4.14 24.93
N GLY L 92 39.18 -4.50 23.71
CA GLY L 92 38.51 -5.59 23.03
C GLY L 92 39.21 -6.90 23.29
N LEU L 93 40.47 -6.80 23.72
CA LEU L 93 41.27 -7.99 23.99
C LEU L 93 40.86 -8.65 25.30
N ASN L 94 40.67 -7.86 26.35
CA ASN L 94 40.29 -8.38 27.65
C ASN L 94 38.91 -9.02 27.62
N ALA L 95 38.02 -8.51 26.76
CA ALA L 95 36.71 -9.12 26.59
C ALA L 95 36.81 -10.50 25.97
N MET L 96 37.70 -10.67 24.99
CA MET L 96 37.89 -11.99 24.40
C MET L 96 38.56 -12.94 25.38
N GLU L 97 39.42 -12.41 26.25
CA GLU L 97 40.03 -13.26 27.28
C GLU L 97 38.99 -13.74 28.27
N CYS L 98 38.06 -12.86 28.66
CA CYS L 98 37.01 -13.29 29.57
C CYS L 98 36.01 -14.21 28.88
N ALA L 99 35.81 -14.07 27.57
CA ALA L 99 34.95 -15.00 26.85
C ALA L 99 35.59 -16.38 26.76
N LEU L 100 36.91 -16.44 26.59
CA LEU L 100 37.62 -17.72 26.61
C LEU L 100 37.54 -18.39 27.98
N HIS L 101 37.74 -17.60 29.04
CA HIS L 101 37.65 -18.11 30.41
C HIS L 101 36.25 -18.64 30.72
N LEU L 102 35.23 -17.91 30.27
CA LEU L 102 33.85 -18.30 30.55
C LEU L 102 33.46 -19.55 29.79
N GLU L 103 33.86 -19.66 28.53
CA GLU L 103 33.50 -20.86 27.77
C GLU L 103 34.26 -22.09 28.26
N LYS L 104 35.49 -21.91 28.76
CA LYS L 104 36.16 -23.06 29.36
C LYS L 104 35.52 -23.49 30.68
N ASN L 105 34.97 -22.54 31.46
CA ASN L 105 34.23 -22.93 32.66
C ASN L 105 32.94 -23.67 32.32
N VAL L 106 32.25 -23.23 31.27
CA VAL L 106 31.05 -23.92 30.81
C VAL L 106 31.39 -25.33 30.33
N ASN L 107 32.55 -25.48 29.68
CA ASN L 107 33.00 -26.79 29.27
C ASN L 107 33.32 -27.69 30.46
N GLN L 108 33.90 -27.12 31.53
CA GLN L 108 34.13 -27.89 32.76
C GLN L 108 32.83 -28.39 33.34
N SER L 109 31.79 -27.55 33.35
CA SER L 109 30.52 -27.99 33.89
C SER L 109 29.89 -29.07 33.02
N LEU L 110 30.05 -28.99 31.70
CA LEU L 110 29.52 -30.04 30.83
C LEU L 110 30.25 -31.36 31.02
N LEU L 111 31.56 -31.31 31.27
CA LEU L 111 32.29 -32.56 31.48
C LEU L 111 31.94 -33.19 32.82
N GLU L 112 31.75 -32.37 33.85
CA GLU L 112 31.33 -32.92 35.14
C GLU L 112 29.92 -33.50 35.06
N LEU L 113 29.04 -32.86 34.30
CA LEU L 113 27.70 -33.40 34.11
C LEU L 113 27.74 -34.69 33.29
N HIS L 114 28.68 -34.82 32.36
CA HIS L 114 28.79 -36.06 31.61
C HIS L 114 29.31 -37.20 32.49
N LYS L 115 30.26 -36.89 33.38
CA LYS L 115 30.72 -37.91 34.34
C LYS L 115 29.59 -38.34 35.26
N LEU L 116 28.76 -37.39 35.69
CA LEU L 116 27.63 -37.72 36.55
C LEU L 116 26.57 -38.55 35.82
N ALA L 117 26.34 -38.25 34.53
CA ALA L 117 25.38 -39.03 33.76
C ALA L 117 25.90 -40.42 33.47
N THR L 118 27.21 -40.58 33.30
CA THR L 118 27.78 -41.90 33.10
C THR L 118 27.72 -42.72 34.38
N ASP L 119 27.91 -42.08 35.54
CA ASP L 119 27.89 -42.81 36.81
C ASP L 119 26.51 -43.36 37.18
N LYS L 120 25.44 -42.83 36.60
CA LYS L 120 24.09 -43.23 36.96
C LYS L 120 23.45 -44.18 35.95
N ASN L 121 24.18 -44.53 34.88
CA ASN L 121 23.71 -45.38 33.78
C ASN L 121 22.46 -44.81 33.12
N ASP L 122 22.62 -43.62 32.55
CA ASP L 122 21.57 -42.89 31.84
C ASP L 122 22.12 -42.58 30.46
N PRO L 123 21.89 -43.44 29.48
CA PRO L 123 22.55 -43.28 28.18
C PRO L 123 21.95 -42.20 27.30
N HIS L 124 20.67 -41.89 27.52
CA HIS L 124 20.04 -40.83 26.75
C HIS L 124 20.66 -39.48 27.07
N LEU L 125 20.93 -39.22 28.35
CA LEU L 125 21.55 -37.97 28.74
C LEU L 125 23.01 -37.92 28.28
N CYS L 126 23.69 -39.07 28.29
CA CYS L 126 25.05 -39.16 27.78
C CYS L 126 25.13 -38.82 26.30
N ASP L 127 24.25 -39.44 25.49
CA ASP L 127 24.24 -39.14 24.06
C ASP L 127 23.76 -37.73 23.78
N PHE L 128 22.90 -37.17 24.63
CA PHE L 128 22.45 -35.80 24.45
C PHE L 128 23.61 -34.82 24.65
N ILE L 129 24.38 -35.00 25.74
CA ILE L 129 25.53 -34.15 26.00
C ILE L 129 26.61 -34.34 24.94
N GLU L 130 26.79 -35.57 24.45
CA GLU L 130 27.77 -35.81 23.40
C GLU L 130 27.35 -35.17 22.09
N THR L 131 26.06 -35.16 21.78
CA THR L 131 25.61 -34.66 20.50
C THR L 131 25.57 -33.14 20.45
N HIS L 132 24.86 -32.52 21.39
CA HIS L 132 24.45 -31.14 21.14
C HIS L 132 25.39 -30.08 21.70
N TYR L 133 26.21 -30.41 22.69
CA TYR L 133 26.88 -29.36 23.45
C TYR L 133 28.40 -29.38 23.41
N LEU L 134 29.04 -30.55 23.49
CA LEU L 134 30.49 -30.58 23.63
C LEU L 134 31.19 -30.13 22.36
N ASN L 135 30.65 -30.50 21.20
CA ASN L 135 31.26 -30.11 19.92
C ASN L 135 31.16 -28.61 19.71
N GLU L 136 30.02 -28.02 20.05
CA GLU L 136 29.85 -26.58 19.90
C GLU L 136 30.74 -25.81 20.87
N GLN L 137 30.97 -26.35 22.06
CA GLN L 137 31.87 -25.70 23.00
C GLN L 137 33.32 -25.79 22.54
N VAL L 138 33.72 -26.92 21.94
CA VAL L 138 35.06 -27.05 21.41
C VAL L 138 35.28 -26.04 20.27
N LYS L 139 34.29 -25.91 19.38
CA LYS L 139 34.41 -24.93 18.30
C LYS L 139 34.44 -23.50 18.83
N ALA L 140 33.68 -23.21 19.89
CA ALA L 140 33.65 -21.86 20.44
C ALA L 140 34.97 -21.51 21.12
N ILE L 141 35.56 -22.46 21.85
CA ILE L 141 36.85 -22.23 22.50
C ILE L 141 37.93 -22.01 21.45
N LYS L 142 37.93 -22.82 20.39
CA LYS L 142 38.96 -22.68 19.36
C LYS L 142 38.83 -21.36 18.62
N GLU L 143 37.61 -20.92 18.34
CA GLU L 143 37.39 -19.66 17.65
C GLU L 143 37.84 -18.48 18.51
N LEU L 144 37.48 -18.50 19.81
CA LEU L 144 37.88 -17.40 20.68
C LEU L 144 39.38 -17.38 20.92
N GLY L 145 40.03 -18.54 20.96
CA GLY L 145 41.47 -18.56 21.09
C GLY L 145 42.16 -18.00 19.85
N ASP L 146 41.58 -18.24 18.68
CA ASP L 146 42.11 -17.65 17.46
C ASP L 146 41.95 -16.13 17.46
N HIS L 147 40.82 -15.63 17.96
CA HIS L 147 40.64 -14.18 18.02
C HIS L 147 41.59 -13.54 19.04
N VAL L 148 41.82 -14.22 20.17
CA VAL L 148 42.78 -13.74 21.16
C VAL L 148 44.19 -13.67 20.57
N THR L 149 44.57 -14.70 19.81
CA THR L 149 45.91 -14.72 19.24
C THR L 149 46.08 -13.65 18.17
N ASN L 150 45.06 -13.44 17.33
CA ASN L 150 45.15 -12.37 16.34
C ASN L 150 45.20 -11.00 17.00
N LEU L 151 44.43 -10.78 18.07
CA LEU L 151 44.50 -9.48 18.74
C LEU L 151 45.81 -9.28 19.49
N ARG L 152 46.41 -10.35 20.01
CA ARG L 152 47.69 -10.18 20.70
C ARG L 152 48.84 -9.99 19.73
N LYS L 153 48.78 -10.58 18.53
CA LYS L 153 49.89 -10.41 17.61
C LYS L 153 49.73 -9.22 16.69
N MET L 154 48.52 -8.67 16.56
CA MET L 154 48.41 -7.43 15.79
C MET L 154 48.94 -6.22 16.53
N GLY L 155 48.99 -6.26 17.86
CA GLY L 155 49.62 -5.19 18.61
C GLY L 155 48.75 -4.56 19.67
N ALA L 156 47.58 -5.14 19.92
CA ALA L 156 46.75 -4.70 21.01
C ALA L 156 47.33 -5.22 22.33
N PRO L 157 47.06 -4.55 23.47
CA PRO L 157 46.27 -3.35 23.79
C PRO L 157 47.02 -2.03 23.65
N GLU L 158 48.19 -2.05 23.03
CA GLU L 158 48.93 -0.81 22.80
C GLU L 158 48.23 0.06 21.77
N SER L 159 48.09 -0.43 20.54
CA SER L 159 47.53 0.36 19.46
C SER L 159 46.07 0.00 19.26
N GLY L 160 45.22 1.03 19.12
CA GLY L 160 43.82 0.79 18.79
C GLY L 160 43.56 0.57 17.31
N LEU L 161 44.55 0.91 16.47
CA LEU L 161 44.43 0.69 15.03
C LEU L 161 44.30 -0.79 14.70
N ALA L 162 44.94 -1.65 15.49
CA ALA L 162 44.73 -3.09 15.37
C ALA L 162 43.29 -3.47 15.68
N GLU L 163 42.71 -2.87 16.72
CA GLU L 163 41.31 -3.17 17.03
C GLU L 163 40.38 -2.67 15.95
N TYR L 164 40.70 -1.55 15.31
CA TYR L 164 39.85 -1.05 14.24
C TYR L 164 39.93 -1.95 13.01
N LEU L 165 41.12 -2.45 12.69
CA LEU L 165 41.23 -3.32 11.52
C LEU L 165 40.64 -4.70 11.80
N PHE L 166 40.76 -5.18 13.04
CA PHE L 166 40.12 -6.44 13.41
C PHE L 166 38.61 -6.30 13.45
N ASP L 167 38.11 -5.11 13.80
CA ASP L 167 36.70 -4.78 13.63
C ASP L 167 36.30 -4.91 12.16
N LYS L 168 36.96 -4.14 11.29
CA LYS L 168 36.44 -4.01 9.93
C LYS L 168 36.71 -5.22 9.05
N HIS L 169 37.62 -6.12 9.42
CA HIS L 169 37.93 -7.21 8.52
C HIS L 169 37.44 -8.57 8.99
N THR L 170 37.67 -8.94 10.25
CA THR L 170 37.30 -10.29 10.67
C THR L 170 35.80 -10.42 10.90
N LEU L 171 35.21 -9.47 11.60
CA LEU L 171 33.80 -9.58 11.99
C LEU L 171 32.87 -8.75 11.14
N GLY L 172 33.24 -8.47 9.89
CA GLY L 172 32.37 -7.75 8.99
C GLY L 172 31.41 -8.66 8.24
N THR M 1 -17.26 -2.91 38.50
CA THR M 1 -16.16 -2.11 38.00
C THR M 1 -15.43 -2.83 36.88
N SER M 2 -14.44 -2.15 36.29
CA SER M 2 -13.62 -2.75 35.27
C SER M 2 -12.41 -3.45 35.87
N GLN M 3 -11.60 -4.06 35.02
CA GLN M 3 -10.39 -4.75 35.45
C GLN M 3 -9.15 -4.34 34.69
N VAL M 4 -9.28 -3.69 33.54
CA VAL M 4 -8.15 -3.15 32.81
C VAL M 4 -7.96 -1.68 33.07
N ARG M 5 -8.89 -1.06 33.79
CA ARG M 5 -8.85 0.38 33.99
C ARG M 5 -7.72 0.75 34.94
N GLN M 6 -6.89 1.71 34.53
CA GLN M 6 -5.75 2.13 35.34
C GLN M 6 -5.37 3.54 34.94
N ASN M 7 -5.33 4.44 35.93
CA ASN M 7 -5.01 5.87 35.76
C ASN M 7 -5.90 6.50 34.69
N TYR M 8 -7.21 6.38 34.89
CA TYR M 8 -8.17 6.88 33.92
C TYR M 8 -9.28 7.57 34.68
N HIS M 9 -9.20 8.90 34.76
CA HIS M 9 -10.14 9.69 35.52
C HIS M 9 -11.48 9.74 34.79
N GLN M 10 -12.56 9.98 35.55
CA GLN M 10 -13.89 9.92 34.95
C GLN M 10 -14.16 11.09 34.02
N ASP M 11 -13.50 12.23 34.26
CA ASP M 11 -13.69 13.39 33.38
C ASP M 11 -13.09 13.13 32.01
N SER M 12 -12.06 12.28 31.95
CA SER M 12 -11.50 11.86 30.67
C SER M 12 -12.54 11.09 29.85
N GLU M 13 -13.23 10.15 30.47
CA GLU M 13 -14.26 9.38 29.76
C GLU M 13 -15.42 10.26 29.36
N ALA M 14 -15.73 11.26 30.19
CA ALA M 14 -16.74 12.24 29.86
C ALA M 14 -16.39 13.02 28.59
N ALA M 15 -15.17 13.53 28.52
CA ALA M 15 -14.77 14.32 27.35
C ALA M 15 -14.62 13.45 26.11
N ILE M 16 -14.24 12.18 26.29
CA ILE M 16 -14.20 11.25 25.17
C ILE M 16 -15.58 11.04 24.57
N ASN M 17 -16.59 10.86 25.43
CA ASN M 17 -17.93 10.63 24.90
C ASN M 17 -18.49 11.89 24.23
N ARG M 18 -18.14 13.06 24.77
CA ARG M 18 -18.47 14.33 24.11
C ARG M 18 -17.83 14.41 22.73
N GLN M 19 -16.57 14.00 22.61
CA GLN M 19 -15.87 14.08 21.34
C GLN M 19 -16.42 13.10 20.32
N ILE M 20 -16.87 11.92 20.77
CA ILE M 20 -17.46 10.94 19.87
C ILE M 20 -18.78 11.47 19.30
N ASN M 21 -19.57 12.13 20.16
CA ASN M 21 -20.79 12.78 19.69
C ASN M 21 -20.50 13.87 18.66
N LEU M 22 -19.45 14.67 18.91
CA LEU M 22 -19.10 15.74 17.97
C LEU M 22 -18.63 15.18 16.63
N GLU M 23 -17.89 14.06 16.65
CA GLU M 23 -17.40 13.49 15.40
C GLU M 23 -18.51 12.88 14.56
N LEU M 24 -19.46 12.21 15.21
CA LEU M 24 -20.59 11.68 14.45
C LEU M 24 -21.47 12.81 13.91
N TYR M 25 -21.59 13.91 14.67
CA TYR M 25 -22.25 15.11 14.17
C TYR M 25 -21.55 15.65 12.93
N ALA M 26 -20.22 15.66 12.94
CA ALA M 26 -19.49 16.18 11.78
C ALA M 26 -19.67 15.29 10.57
N SER M 27 -19.70 13.97 10.77
CA SER M 27 -19.94 13.05 9.66
C SER M 27 -21.32 13.25 9.06
N TYR M 28 -22.32 13.50 9.91
CA TYR M 28 -23.67 13.73 9.41
C TYR M 28 -23.76 15.05 8.64
N VAL M 29 -23.05 16.07 9.12
CA VAL M 29 -23.02 17.36 8.42
C VAL M 29 -22.36 17.22 7.05
N TYR M 30 -21.28 16.46 6.97
CA TYR M 30 -20.65 16.26 5.66
C TYR M 30 -21.50 15.40 4.74
N LEU M 31 -22.30 14.49 5.28
CA LEU M 31 -23.23 13.76 4.43
C LEU M 31 -24.27 14.68 3.81
N SER M 32 -24.80 15.62 4.61
CA SER M 32 -25.77 16.57 4.08
C SER M 32 -25.14 17.49 3.05
N MET M 33 -23.92 17.98 3.32
CA MET M 33 -23.21 18.81 2.35
C MET M 33 -22.89 18.04 1.07
N SER M 34 -22.65 16.74 1.17
CA SER M 34 -22.35 15.96 -0.03
C SER M 34 -23.56 15.78 -0.90
N TYR M 35 -24.67 15.30 -0.35
CA TYR M 35 -25.83 15.07 -1.18
C TYR M 35 -26.66 16.32 -1.41
N TYR M 36 -26.24 17.49 -0.90
CA TYR M 36 -26.84 18.72 -1.39
C TYR M 36 -26.43 19.02 -2.82
N PHE M 37 -25.16 18.77 -3.16
CA PHE M 37 -24.68 19.07 -4.50
C PHE M 37 -25.13 18.07 -5.56
N ASP M 38 -25.65 16.91 -5.16
CA ASP M 38 -26.05 15.88 -6.11
C ASP M 38 -27.39 16.21 -6.78
N ARG M 39 -28.08 17.24 -6.33
CA ARG M 39 -29.31 17.72 -6.94
C ARG M 39 -29.06 18.19 -8.37
N ASP M 40 -30.14 18.29 -9.14
CA ASP M 40 -30.01 18.71 -10.53
C ASP M 40 -29.71 20.20 -10.63
N ASP M 41 -30.31 21.01 -9.76
CA ASP M 41 -30.21 22.45 -9.88
C ASP M 41 -28.95 23.03 -9.26
N VAL M 42 -27.98 22.17 -8.92
CA VAL M 42 -26.64 22.62 -8.57
C VAL M 42 -25.64 21.94 -9.50
N ALA M 43 -25.64 20.60 -9.46
CA ALA M 43 -24.96 19.73 -10.44
C ALA M 43 -23.45 19.96 -10.48
N LEU M 44 -22.79 19.71 -9.37
CA LEU M 44 -21.34 19.76 -9.29
C LEU M 44 -20.88 18.40 -8.78
N LYS M 45 -20.68 17.46 -9.72
CA LYS M 45 -20.51 16.05 -9.34
C LYS M 45 -19.19 15.81 -8.63
N ASN M 46 -18.15 16.59 -8.95
CA ASN M 46 -16.89 16.37 -8.27
C ASN M 46 -16.85 17.04 -6.90
N PHE M 47 -17.64 18.08 -6.66
CA PHE M 47 -17.88 18.53 -5.29
C PHE M 47 -18.57 17.45 -4.46
N ALA M 48 -19.52 16.75 -5.05
CA ALA M 48 -20.18 15.67 -4.33
C ALA M 48 -19.23 14.50 -4.12
N LYS M 49 -18.33 14.28 -5.08
CA LYS M 49 -17.30 13.26 -4.92
C LYS M 49 -16.36 13.58 -3.77
N TYR M 50 -15.93 14.84 -3.68
CA TYR M 50 -15.10 15.27 -2.57
C TYR M 50 -15.81 15.25 -1.23
N PHE M 51 -17.00 15.84 -1.12
CA PHE M 51 -17.70 15.88 0.16
C PHE M 51 -18.34 14.58 0.56
N LEU M 52 -18.46 13.59 -0.34
CA LEU M 52 -18.85 12.27 0.14
C LEU M 52 -17.68 11.61 0.86
N HIS M 53 -16.46 11.92 0.42
CA HIS M 53 -15.28 11.68 1.24
C HIS M 53 -15.19 12.82 2.25
N GLN M 54 -14.22 12.75 3.16
CA GLN M 54 -14.11 13.60 4.36
C GLN M 54 -15.34 13.51 5.27
N SER M 55 -16.25 12.57 5.03
CA SER M 55 -17.23 12.10 5.98
C SER M 55 -16.86 10.72 6.47
N HIS M 56 -16.29 9.92 5.57
CA HIS M 56 -15.77 8.62 5.96
C HIS M 56 -14.53 8.78 6.85
N GLU M 57 -13.73 9.81 6.62
CA GLU M 57 -12.60 10.05 7.50
C GLU M 57 -13.04 10.47 8.89
N GLU M 58 -14.10 11.27 8.99
CA GLU M 58 -14.58 11.64 10.32
C GLU M 58 -15.32 10.47 10.97
N ARG M 59 -15.91 9.59 10.16
CA ARG M 59 -16.46 8.34 10.67
C ARG M 59 -15.37 7.47 11.26
N GLU M 60 -14.22 7.39 10.57
CA GLU M 60 -13.08 6.67 11.12
C GLU M 60 -12.52 7.36 12.36
N HIS M 61 -12.63 8.69 12.43
CA HIS M 61 -12.25 9.41 13.66
C HIS M 61 -13.10 8.96 14.83
N ALA M 62 -14.43 8.93 14.63
CA ALA M 62 -15.33 8.49 15.69
C ALA M 62 -15.07 7.04 16.08
N GLU M 63 -14.82 6.17 15.10
CA GLU M 63 -14.58 4.76 15.40
C GLU M 63 -13.23 4.56 16.08
N LYS M 64 -12.23 5.37 15.75
CA LYS M 64 -10.94 5.26 16.41
C LYS M 64 -11.02 5.76 17.86
N LEU M 65 -11.80 6.81 18.09
CA LEU M 65 -12.08 7.25 19.46
C LEU M 65 -12.79 6.17 20.27
N MET M 66 -13.77 5.49 19.67
CA MET M 66 -14.49 4.46 20.41
C MET M 66 -13.61 3.25 20.68
N LYS M 67 -12.72 2.92 19.74
CA LYS M 67 -11.76 1.84 20.00
C LYS M 67 -10.80 2.20 21.11
N LEU M 68 -10.36 3.47 21.14
CA LEU M 68 -9.50 3.96 22.22
C LEU M 68 -10.23 3.91 23.56
N GLN M 69 -11.51 4.26 23.57
CA GLN M 69 -12.26 4.29 24.82
C GLN M 69 -12.53 2.89 25.34
N ASN M 70 -12.77 1.94 24.45
CA ASN M 70 -12.89 0.56 24.92
C ASN M 70 -11.55 -0.05 25.30
N GLN M 71 -10.42 0.50 24.83
CA GLN M 71 -9.14 0.01 25.31
C GLN M 71 -8.91 0.40 26.76
N ARG M 72 -9.14 1.66 27.11
CA ARG M 72 -8.93 2.11 28.48
C ARG M 72 -10.07 1.69 29.41
N GLY M 73 -11.15 1.14 28.87
CA GLY M 73 -12.02 0.29 29.65
C GLY M 73 -13.22 0.94 30.29
N GLY M 74 -13.66 2.08 29.81
CA GLY M 74 -14.85 2.72 30.33
C GLY M 74 -16.13 2.16 29.74
N ARG M 75 -17.11 3.04 29.59
CA ARG M 75 -18.31 2.75 28.85
C ARG M 75 -18.41 3.74 27.71
N ILE M 76 -19.46 3.61 26.91
CA ILE M 76 -19.75 4.56 25.84
C ILE M 76 -21.18 5.01 26.01
N PHE M 77 -21.38 6.15 26.67
CA PHE M 77 -22.69 6.78 26.77
C PHE M 77 -22.82 7.80 25.64
N LEU M 78 -23.72 7.54 24.71
CA LEU M 78 -23.81 8.35 23.49
C LEU M 78 -25.20 8.95 23.39
N GLN M 79 -25.25 10.24 23.07
CA GLN M 79 -26.50 10.97 22.97
C GLN M 79 -27.03 10.92 21.54
N ASP M 80 -28.02 11.75 21.26
CA ASP M 80 -28.55 11.84 19.91
C ASP M 80 -27.55 12.56 19.01
N ILE M 81 -27.76 12.44 17.71
CA ILE M 81 -27.03 13.27 16.75
C ILE M 81 -28.00 14.32 16.22
N LYS M 82 -27.60 15.59 16.28
CA LYS M 82 -28.49 16.68 15.87
C LYS M 82 -28.38 16.99 14.38
N LYS M 83 -29.48 17.47 13.79
CA LYS M 83 -29.46 17.83 12.39
C LYS M 83 -28.45 18.96 12.18
N PRO M 84 -27.95 19.14 10.95
CA PRO M 84 -26.99 20.23 10.71
C PRO M 84 -27.57 21.63 10.86
N ASP M 85 -26.71 22.65 10.73
CA ASP M 85 -27.15 24.03 10.89
C ASP M 85 -28.01 24.48 9.72
N CYS M 86 -27.44 24.50 8.51
CA CYS M 86 -28.11 24.98 7.32
C CYS M 86 -28.19 23.84 6.31
N ASP M 87 -29.07 23.99 5.32
CA ASP M 87 -29.11 23.03 4.22
C ASP M 87 -28.78 23.69 2.89
N ASP M 88 -29.45 24.80 2.56
CA ASP M 88 -29.20 25.50 1.31
C ASP M 88 -27.97 26.38 1.49
N TRP M 89 -26.83 25.90 1.02
CA TRP M 89 -25.58 26.62 1.23
C TRP M 89 -25.36 27.75 0.25
N GLU M 90 -26.25 27.88 -0.76
CA GLU M 90 -26.42 29.01 -1.68
C GLU M 90 -25.31 29.12 -2.73
N SER M 91 -24.23 28.36 -2.58
CA SER M 91 -23.09 28.37 -3.49
C SER M 91 -22.22 27.16 -3.16
N GLY M 92 -21.01 27.15 -3.70
CA GLY M 92 -20.02 26.16 -3.33
C GLY M 92 -18.95 26.74 -2.45
N LEU M 93 -18.73 28.05 -2.56
CA LEU M 93 -17.78 28.75 -1.72
C LEU M 93 -18.24 28.81 -0.27
N ASN M 94 -19.51 29.14 -0.06
CA ASN M 94 -20.03 29.31 1.28
C ASN M 94 -20.08 27.98 2.02
N ALA M 95 -20.25 26.87 1.27
CA ALA M 95 -20.14 25.55 1.87
C ALA M 95 -18.71 25.26 2.32
N MET M 96 -17.72 25.74 1.56
CA MET M 96 -16.34 25.60 2.01
C MET M 96 -16.07 26.42 3.26
N GLU M 97 -16.70 27.59 3.39
CA GLU M 97 -16.53 28.37 4.62
C GLU M 97 -17.18 27.69 5.81
N CYS M 98 -18.34 27.07 5.60
CA CYS M 98 -18.98 26.36 6.70
C CYS M 98 -18.21 25.10 7.10
N ALA M 99 -17.59 24.42 6.13
CA ALA M 99 -16.73 23.29 6.46
C ALA M 99 -15.49 23.73 7.21
N LEU M 100 -14.94 24.89 6.82
CA LEU M 100 -13.81 25.49 7.55
C LEU M 100 -14.17 25.79 8.99
N HIS M 101 -15.35 26.38 9.20
CA HIS M 101 -15.82 26.72 10.53
C HIS M 101 -16.05 25.47 11.37
N LEU M 102 -16.53 24.39 10.74
CA LEU M 102 -16.75 23.14 11.46
C LEU M 102 -15.43 22.50 11.87
N GLU M 103 -14.43 22.52 10.98
CA GLU M 103 -13.14 21.95 11.32
C GLU M 103 -12.43 22.76 12.40
N LYS M 104 -12.63 24.08 12.43
CA LYS M 104 -12.07 24.86 13.53
C LYS M 104 -12.78 24.58 14.86
N ASN M 105 -14.10 24.30 14.84
CA ASN M 105 -14.75 23.85 16.07
C ASN M 105 -14.20 22.51 16.55
N VAL M 106 -13.95 21.58 15.63
CA VAL M 106 -13.41 20.28 16.02
C VAL M 106 -11.99 20.43 16.60
N ASN M 107 -11.19 21.32 16.02
CA ASN M 107 -9.85 21.58 16.55
C ASN M 107 -9.91 22.20 17.95
N GLN M 108 -10.86 23.12 18.17
CA GLN M 108 -11.00 23.75 19.48
C GLN M 108 -11.40 22.72 20.55
N SER M 109 -12.30 21.80 20.19
CA SER M 109 -12.69 20.76 21.13
C SER M 109 -11.53 19.80 21.41
N LEU M 110 -10.70 19.52 20.40
CA LEU M 110 -9.55 18.66 20.66
C LEU M 110 -8.52 19.35 21.55
N LEU M 111 -8.37 20.67 21.44
CA LEU M 111 -7.44 21.36 22.32
C LEU M 111 -7.95 21.38 23.75
N GLU M 112 -9.27 21.51 23.94
CA GLU M 112 -9.81 21.43 25.28
C GLU M 112 -9.68 20.03 25.87
N LEU M 113 -9.80 19.02 25.04
CA LEU M 113 -9.63 17.67 25.56
C LEU M 113 -8.17 17.38 25.89
N HIS M 114 -7.24 17.95 25.12
CA HIS M 114 -5.83 17.80 25.46
C HIS M 114 -5.47 18.52 26.75
N LYS M 115 -6.06 19.70 26.99
CA LYS M 115 -5.79 20.38 28.25
C LYS M 115 -6.39 19.62 29.43
N LEU M 116 -7.55 18.98 29.23
CA LEU M 116 -8.12 18.14 30.28
C LEU M 116 -7.25 16.92 30.56
N ALA M 117 -6.71 16.29 29.50
CA ALA M 117 -5.86 15.14 29.71
C ALA M 117 -4.52 15.52 30.34
N THR M 118 -4.04 16.73 30.08
CA THR M 118 -2.83 17.19 30.74
C THR M 118 -3.07 17.50 32.21
N ASP M 119 -4.25 18.04 32.55
CA ASP M 119 -4.54 18.35 33.94
C ASP M 119 -4.70 17.11 34.80
N LYS M 120 -5.08 15.97 34.22
CA LYS M 120 -5.36 14.77 34.98
C LYS M 120 -4.19 13.81 35.07
N ASN M 121 -3.03 14.17 34.51
CA ASN M 121 -1.83 13.34 34.43
C ASN M 121 -2.13 12.00 33.75
N ASP M 122 -2.55 12.08 32.50
CA ASP M 122 -2.79 10.92 31.64
C ASP M 122 -1.89 11.10 30.42
N PRO M 123 -0.72 10.48 30.41
CA PRO M 123 0.21 10.69 29.29
C PRO M 123 -0.21 9.93 28.05
N HIS M 124 -0.94 8.84 28.24
CA HIS M 124 -1.37 8.03 27.10
C HIS M 124 -2.40 8.75 26.26
N LEU M 125 -3.29 9.50 26.90
CA LEU M 125 -4.33 10.20 26.15
C LEU M 125 -3.75 11.43 25.43
N CYS M 126 -2.80 12.11 26.10
CA CYS M 126 -2.03 13.17 25.45
C CYS M 126 -1.28 12.65 24.24
N ASP M 127 -0.60 11.51 24.40
CA ASP M 127 0.12 10.90 23.29
C ASP M 127 -0.81 10.47 22.17
N PHE M 128 -2.01 10.01 22.51
CA PHE M 128 -2.97 9.60 21.49
C PHE M 128 -3.43 10.78 20.66
N ILE M 129 -3.70 11.92 21.31
CA ILE M 129 -4.16 13.09 20.57
C ILE M 129 -3.00 13.72 19.80
N GLU M 130 -1.79 13.66 20.35
CA GLU M 130 -0.63 14.16 19.62
C GLU M 130 -0.31 13.31 18.40
N THR M 131 -0.53 11.99 18.47
CA THR M 131 -0.18 11.12 17.37
C THR M 131 -1.24 11.12 16.28
N HIS M 132 -2.51 11.17 16.66
CA HIS M 132 -3.58 10.88 15.71
C HIS M 132 -4.32 12.10 15.20
N TYR M 133 -4.73 13.02 16.07
CA TYR M 133 -5.80 13.95 15.71
C TYR M 133 -5.38 15.39 15.48
N LEU M 134 -4.26 15.84 16.05
CA LEU M 134 -3.90 17.24 15.90
C LEU M 134 -3.37 17.55 14.51
N ASN M 135 -2.44 16.72 14.03
CA ASN M 135 -1.76 16.97 12.76
C ASN M 135 -2.73 16.90 11.59
N GLU M 136 -3.66 15.93 11.64
CA GLU M 136 -4.63 15.78 10.57
C GLU M 136 -5.57 16.97 10.49
N GLN M 137 -5.99 17.50 11.64
CA GLN M 137 -6.87 18.66 11.63
C GLN M 137 -6.15 19.93 11.18
N VAL M 138 -4.85 20.05 11.51
CA VAL M 138 -4.08 21.18 10.98
C VAL M 138 -3.98 21.10 9.47
N LYS M 139 -3.69 19.91 8.92
CA LYS M 139 -3.62 19.75 7.48
C LYS M 139 -4.98 20.01 6.81
N ALA M 140 -6.06 19.59 7.47
CA ALA M 140 -7.39 19.79 6.90
C ALA M 140 -7.78 21.27 6.89
N ILE M 141 -7.46 21.99 7.96
CA ILE M 141 -7.77 23.42 8.01
C ILE M 141 -6.94 24.19 6.98
N LYS M 142 -5.67 23.79 6.79
CA LYS M 142 -4.85 24.44 5.77
C LYS M 142 -5.38 24.15 4.36
N GLU M 143 -5.86 22.93 4.13
CA GLU M 143 -6.38 22.59 2.81
C GLU M 143 -7.67 23.34 2.51
N LEU M 144 -8.56 23.46 3.49
CA LEU M 144 -9.79 24.21 3.27
C LEU M 144 -9.51 25.70 3.15
N GLY M 145 -8.48 26.21 3.81
CA GLY M 145 -8.08 27.59 3.60
C GLY M 145 -7.56 27.83 2.19
N ASP M 146 -6.83 26.85 1.65
CA ASP M 146 -6.40 26.92 0.26
C ASP M 146 -7.59 26.96 -0.69
N HIS M 147 -8.59 26.12 -0.47
CA HIS M 147 -9.72 26.08 -1.40
C HIS M 147 -10.57 27.34 -1.31
N VAL M 148 -10.77 27.84 -0.09
CA VAL M 148 -11.49 29.10 0.09
C VAL M 148 -10.77 30.24 -0.59
N THR M 149 -9.44 30.26 -0.51
CA THR M 149 -8.70 31.36 -1.12
C THR M 149 -8.70 31.27 -2.64
N ASN M 150 -8.63 30.05 -3.19
CA ASN M 150 -8.74 29.89 -4.64
C ASN M 150 -10.10 30.35 -5.15
N LEU M 151 -11.18 29.94 -4.49
CA LEU M 151 -12.51 30.34 -4.96
C LEU M 151 -12.80 31.81 -4.69
N ARG M 152 -12.13 32.43 -3.73
CA ARG M 152 -12.29 33.87 -3.57
C ARG M 152 -11.52 34.65 -4.62
N LYS M 153 -10.30 34.21 -4.96
CA LYS M 153 -9.53 34.94 -5.95
C LYS M 153 -10.05 34.71 -7.36
N MET M 154 -10.75 33.61 -7.61
CA MET M 154 -11.30 33.39 -8.94
C MET M 154 -12.61 34.13 -9.19
N GLY M 155 -13.07 34.95 -8.26
CA GLY M 155 -14.23 35.79 -8.48
C GLY M 155 -15.57 35.17 -8.16
N ALA M 156 -15.60 34.00 -7.51
CA ALA M 156 -16.85 33.42 -7.06
C ALA M 156 -17.38 34.21 -5.86
N PRO M 157 -18.70 34.18 -5.60
CA PRO M 157 -19.85 33.54 -6.23
C PRO M 157 -20.52 34.38 -7.31
N GLU M 158 -19.76 35.26 -7.97
CA GLU M 158 -20.34 36.05 -9.04
C GLU M 158 -20.57 35.21 -10.29
N SER M 159 -19.51 34.65 -10.87
CA SER M 159 -19.58 33.82 -12.07
C SER M 159 -19.27 32.38 -11.70
N GLY M 160 -20.24 31.50 -11.92
CA GLY M 160 -20.07 30.08 -11.61
C GLY M 160 -19.10 29.34 -12.50
N LEU M 161 -18.58 30.00 -13.54
CA LEU M 161 -17.49 29.46 -14.34
C LEU M 161 -16.26 29.19 -13.47
N ALA M 162 -16.04 30.03 -12.46
CA ALA M 162 -14.98 29.79 -11.48
C ALA M 162 -15.24 28.50 -10.72
N GLU M 163 -16.49 28.27 -10.29
CA GLU M 163 -16.84 27.04 -9.59
C GLU M 163 -16.65 25.82 -10.49
N TYR M 164 -16.98 25.96 -11.77
CA TYR M 164 -16.88 24.84 -12.70
C TYR M 164 -15.44 24.46 -12.97
N LEU M 165 -14.58 25.46 -13.24
CA LEU M 165 -13.18 25.18 -13.47
C LEU M 165 -12.47 24.70 -12.22
N PHE M 166 -12.84 25.25 -11.06
CA PHE M 166 -12.27 24.76 -9.80
C PHE M 166 -12.71 23.35 -9.49
N ASP M 167 -13.94 22.99 -9.87
CA ASP M 167 -14.39 21.63 -9.61
C ASP M 167 -13.70 20.66 -10.54
N LYS M 168 -13.44 21.06 -11.78
CA LYS M 168 -12.84 20.13 -12.72
C LYS M 168 -11.34 19.97 -12.51
N HIS M 169 -10.63 21.03 -12.12
CA HIS M 169 -9.17 20.93 -12.08
C HIS M 169 -8.60 20.58 -10.72
N THR M 170 -9.04 21.25 -9.66
CA THR M 170 -8.42 21.01 -8.36
C THR M 170 -8.97 19.76 -7.70
N LEU M 171 -10.29 19.62 -7.62
CA LEU M 171 -10.91 18.48 -6.97
C LEU M 171 -11.28 17.37 -7.95
N GLY M 172 -10.54 17.24 -9.04
CA GLY M 172 -10.80 16.18 -10.00
C GLY M 172 -9.81 15.04 -9.89
N THR N 1 -39.41 24.96 -7.24
CA THR N 1 -39.70 23.66 -7.83
C THR N 1 -38.60 23.25 -8.80
N SER N 2 -38.63 21.99 -9.23
CA SER N 2 -37.57 21.46 -10.08
C SER N 2 -38.01 21.43 -11.54
N GLN N 3 -37.10 20.99 -12.39
CA GLN N 3 -37.37 20.82 -13.81
C GLN N 3 -37.25 19.38 -14.28
N VAL N 4 -37.09 18.43 -13.36
CA VAL N 4 -37.04 17.02 -13.71
C VAL N 4 -38.16 16.22 -13.05
N ARG N 5 -39.00 16.88 -12.27
CA ARG N 5 -40.10 16.21 -11.59
C ARG N 5 -41.16 15.80 -12.60
N GLN N 6 -41.60 14.55 -12.52
CA GLN N 6 -42.68 14.04 -13.36
C GLN N 6 -43.31 12.85 -12.68
N ASN N 7 -44.59 12.98 -12.33
CA ASN N 7 -45.38 11.96 -11.64
C ASN N 7 -44.70 11.54 -10.34
N TYR N 8 -44.52 12.53 -9.46
CA TYR N 8 -43.84 12.33 -8.18
C TYR N 8 -44.61 13.13 -7.13
N HIS N 9 -45.59 12.48 -6.50
CA HIS N 9 -46.43 13.14 -5.51
C HIS N 9 -45.63 13.37 -4.23
N GLN N 10 -45.85 14.53 -3.60
CA GLN N 10 -44.97 15.00 -2.53
C GLN N 10 -45.08 14.19 -1.25
N ASP N 11 -46.18 13.43 -1.08
CA ASP N 11 -46.27 12.53 0.06
C ASP N 11 -45.24 11.42 -0.03
N SER N 12 -44.88 11.01 -1.25
CA SER N 12 -43.78 10.07 -1.42
C SER N 12 -42.46 10.70 -0.99
N GLU N 13 -42.28 12.00 -1.22
CA GLU N 13 -41.07 12.69 -0.75
C GLU N 13 -40.98 12.67 0.77
N ALA N 14 -42.11 12.95 1.44
CA ALA N 14 -42.11 12.90 2.91
C ALA N 14 -41.86 11.48 3.41
N ALA N 15 -42.41 10.48 2.72
CA ALA N 15 -42.21 9.09 3.13
C ALA N 15 -40.76 8.65 2.95
N ILE N 16 -40.13 9.05 1.85
CA ILE N 16 -38.72 8.72 1.64
C ILE N 16 -37.84 9.42 2.66
N ASN N 17 -38.18 10.66 3.05
CA ASN N 17 -37.39 11.35 4.07
C ASN N 17 -37.48 10.67 5.44
N ARG N 18 -38.70 10.24 5.81
CA ARG N 18 -38.86 9.48 7.06
C ARG N 18 -38.12 8.15 6.99
N GLN N 19 -38.16 7.50 5.83
CA GLN N 19 -37.46 6.24 5.64
C GLN N 19 -35.95 6.41 5.81
N ILE N 20 -35.41 7.46 5.20
CA ILE N 20 -33.98 7.76 5.29
C ILE N 20 -33.56 7.96 6.74
N ASN N 21 -34.38 8.70 7.49
CA ASN N 21 -34.15 8.85 8.93
C ASN N 21 -34.14 7.50 9.64
N LEU N 22 -35.05 6.62 9.28
CA LEU N 22 -35.13 5.32 9.94
C LEU N 22 -33.96 4.42 9.58
N GLU N 23 -33.50 4.51 8.34
CA GLU N 23 -32.35 3.75 7.87
C GLU N 23 -31.09 4.16 8.64
N LEU N 24 -30.90 5.47 8.79
CA LEU N 24 -29.74 5.98 9.53
C LEU N 24 -29.80 5.60 11.00
N TYR N 25 -31.00 5.60 11.58
CA TYR N 25 -31.16 5.14 12.96
C TYR N 25 -30.83 3.66 13.10
N ALA N 26 -31.17 2.86 12.09
CA ALA N 26 -30.79 1.45 12.10
C ALA N 26 -29.28 1.28 12.04
N SER N 27 -28.62 2.09 11.21
CA SER N 27 -27.16 2.05 11.12
C SER N 27 -26.51 2.44 12.45
N TYR N 28 -27.10 3.41 13.13
CA TYR N 28 -26.52 3.86 14.39
C TYR N 28 -26.71 2.80 15.48
N VAL N 29 -27.85 2.10 15.47
CA VAL N 29 -28.09 1.02 16.41
C VAL N 29 -27.11 -0.13 16.19
N TYR N 30 -26.85 -0.48 14.92
CA TYR N 30 -25.86 -1.52 14.66
C TYR N 30 -24.44 -1.09 15.04
N LEU N 31 -24.13 0.21 14.93
CA LEU N 31 -22.83 0.69 15.38
C LEU N 31 -22.65 0.53 16.90
N SER N 32 -23.70 0.88 17.65
CA SER N 32 -23.65 0.72 19.11
C SER N 32 -23.55 -0.74 19.52
N MET N 33 -24.29 -1.62 18.83
CA MET N 33 -24.17 -3.05 19.08
C MET N 33 -22.78 -3.56 18.71
N SER N 34 -22.16 -2.96 17.70
CA SER N 34 -20.82 -3.42 17.29
C SER N 34 -19.80 -3.11 18.36
N TYR N 35 -19.73 -1.87 18.79
CA TYR N 35 -18.72 -1.53 19.79
C TYR N 35 -19.15 -1.86 21.22
N TYR N 36 -20.33 -2.46 21.42
CA TYR N 36 -20.61 -3.06 22.72
C TYR N 36 -19.77 -4.31 22.95
N PHE N 37 -19.69 -5.19 21.94
CA PHE N 37 -18.97 -6.44 22.10
C PHE N 37 -17.47 -6.28 22.06
N ASP N 38 -16.97 -5.09 21.78
CA ASP N 38 -15.54 -4.83 21.77
C ASP N 38 -14.95 -4.74 23.18
N ARG N 39 -15.81 -4.63 24.20
CA ARG N 39 -15.37 -4.37 25.57
C ARG N 39 -14.60 -5.54 26.15
N ASP N 40 -13.91 -5.27 27.25
CA ASP N 40 -13.10 -6.29 27.89
C ASP N 40 -13.95 -7.32 28.63
N ASP N 41 -15.06 -6.91 29.21
CA ASP N 41 -15.89 -7.79 30.02
C ASP N 41 -16.90 -8.57 29.19
N VAL N 42 -16.77 -8.57 27.88
CA VAL N 42 -17.52 -9.45 26.99
C VAL N 42 -16.59 -10.26 26.09
N ALA N 43 -15.69 -9.57 25.39
CA ALA N 43 -14.55 -10.15 24.65
C ALA N 43 -15.01 -11.08 23.53
N LEU N 44 -15.90 -10.58 22.68
CA LEU N 44 -16.33 -11.28 21.48
C LEU N 44 -15.93 -10.43 20.29
N LYS N 45 -15.14 -11.02 19.39
CA LYS N 45 -14.51 -10.27 18.31
C LYS N 45 -15.38 -10.23 17.05
N ASN N 46 -15.76 -11.41 16.56
CA ASN N 46 -16.43 -11.49 15.28
C ASN N 46 -17.85 -10.97 15.35
N PHE N 47 -18.46 -10.95 16.55
CA PHE N 47 -19.70 -10.21 16.75
C PHE N 47 -19.51 -8.73 16.43
N ALA N 48 -18.43 -8.13 16.95
CA ALA N 48 -18.18 -6.72 16.72
C ALA N 48 -17.92 -6.44 15.25
N LYS N 49 -17.14 -7.30 14.60
CA LYS N 49 -16.88 -7.13 13.16
C LYS N 49 -18.15 -7.32 12.35
N TYR N 50 -19.00 -8.26 12.74
CA TYR N 50 -20.25 -8.53 12.05
C TYR N 50 -21.20 -7.35 12.12
N PHE N 51 -21.39 -6.80 13.32
CA PHE N 51 -22.30 -5.66 13.42
C PHE N 51 -21.71 -4.40 12.82
N LEU N 52 -20.38 -4.27 12.80
CA LEU N 52 -19.78 -3.15 12.07
C LEU N 52 -20.02 -3.25 10.57
N HIS N 53 -19.92 -4.46 10.02
CA HIS N 53 -20.22 -4.66 8.60
C HIS N 53 -21.70 -4.41 8.31
N GLN N 54 -22.59 -4.80 9.23
CA GLN N 54 -24.01 -4.50 9.05
C GLN N 54 -24.28 -3.00 9.11
N SER N 55 -23.55 -2.29 9.97
CA SER N 55 -23.70 -0.85 10.08
C SER N 55 -23.27 -0.16 8.79
N HIS N 56 -22.18 -0.62 8.19
CA HIS N 56 -21.75 -0.07 6.91
C HIS N 56 -22.76 -0.37 5.80
N GLU N 57 -23.36 -1.56 5.82
CA GLU N 57 -24.34 -1.90 4.80
C GLU N 57 -25.60 -1.05 4.93
N GLU N 58 -26.02 -0.73 6.15
CA GLU N 58 -27.22 0.11 6.26
C GLU N 58 -26.90 1.57 5.99
N ARG N 59 -25.66 2.00 6.23
CA ARG N 59 -25.19 3.29 5.74
C ARG N 59 -25.31 3.37 4.21
N GLU N 60 -24.90 2.30 3.52
CA GLU N 60 -25.00 2.27 2.07
C GLU N 60 -26.45 2.24 1.60
N HIS N 61 -27.34 1.57 2.33
CA HIS N 61 -28.76 1.57 1.96
C HIS N 61 -29.37 2.96 2.11
N ALA N 62 -29.02 3.68 3.18
CA ALA N 62 -29.51 5.03 3.35
C ALA N 62 -29.00 5.96 2.25
N GLU N 63 -27.74 5.77 1.85
CA GLU N 63 -27.21 6.57 0.74
C GLU N 63 -27.89 6.23 -0.58
N LYS N 64 -28.31 4.96 -0.75
CA LYS N 64 -29.06 4.56 -1.94
C LYS N 64 -30.40 5.26 -1.99
N LEU N 65 -31.09 5.33 -0.84
CA LEU N 65 -32.35 6.07 -0.78
C LEU N 65 -32.15 7.56 -1.02
N MET N 66 -31.03 8.12 -0.58
CA MET N 66 -30.79 9.55 -0.82
C MET N 66 -30.53 9.83 -2.30
N LYS N 67 -29.84 8.92 -2.98
CA LYS N 67 -29.64 9.07 -4.41
C LYS N 67 -30.97 8.95 -5.16
N LEU N 68 -31.84 8.04 -4.72
CA LEU N 68 -33.16 7.92 -5.33
C LEU N 68 -34.01 9.15 -5.06
N GLN N 69 -33.80 9.79 -3.92
CA GLN N 69 -34.50 11.03 -3.63
C GLN N 69 -34.04 12.15 -4.55
N ASN N 70 -32.73 12.19 -4.83
CA ASN N 70 -32.23 13.26 -5.69
C ASN N 70 -32.53 13.03 -7.16
N GLN N 71 -32.70 11.78 -7.60
CA GLN N 71 -32.96 11.56 -9.02
C GLN N 71 -34.37 11.97 -9.42
N ARG N 72 -35.37 11.66 -8.59
CA ARG N 72 -36.75 11.94 -8.99
C ARG N 72 -37.13 13.40 -8.84
N GLY N 73 -36.30 14.22 -8.20
CA GLY N 73 -36.51 15.65 -8.21
C GLY N 73 -36.98 16.26 -6.92
N GLY N 74 -37.21 15.46 -5.89
CA GLY N 74 -37.58 16.00 -4.60
C GLY N 74 -36.37 16.41 -3.80
N ARG N 75 -36.63 16.93 -2.61
CA ARG N 75 -35.59 17.47 -1.75
C ARG N 75 -35.39 16.58 -0.55
N ILE N 76 -34.18 16.59 -0.01
CA ILE N 76 -33.84 15.84 1.19
C ILE N 76 -34.06 16.74 2.40
N PHE N 77 -34.97 16.35 3.28
CA PHE N 77 -35.16 17.03 4.54
C PHE N 77 -34.71 16.09 5.64
N LEU N 78 -33.78 16.55 6.47
CA LEU N 78 -33.13 15.70 7.45
C LEU N 78 -33.62 16.01 8.86
N GLN N 79 -33.96 14.96 9.59
CA GLN N 79 -34.34 15.00 10.98
C GLN N 79 -33.18 14.48 11.80
N ASP N 80 -33.35 14.47 13.12
CA ASP N 80 -32.26 14.03 13.99
C ASP N 80 -32.13 12.52 13.96
N ILE N 81 -31.05 12.02 14.56
CA ILE N 81 -30.86 10.60 14.77
C ILE N 81 -31.10 10.32 16.25
N LYS N 82 -32.01 9.40 16.54
CA LYS N 82 -32.28 9.06 17.93
C LYS N 82 -31.19 8.14 18.47
N LYS N 83 -31.00 8.18 19.79
CA LYS N 83 -30.08 7.26 20.45
C LYS N 83 -30.76 5.91 20.58
N PRO N 84 -29.98 4.83 20.56
CA PRO N 84 -30.57 3.49 20.61
C PRO N 84 -31.34 3.22 21.90
N ASP N 85 -32.40 2.42 21.77
CA ASP N 85 -33.37 2.26 22.85
C ASP N 85 -32.87 1.37 23.97
N CYS N 86 -31.83 0.57 23.72
CA CYS N 86 -31.26 -0.28 24.75
C CYS N 86 -29.75 -0.15 24.71
N ASP N 87 -29.10 -0.34 25.86
CA ASP N 87 -27.66 -0.17 25.97
C ASP N 87 -26.92 -1.42 26.43
N ASP N 88 -27.41 -2.10 27.46
CA ASP N 88 -26.76 -3.29 27.98
C ASP N 88 -27.43 -4.49 27.32
N TRP N 89 -26.63 -5.38 26.75
CA TRP N 89 -27.18 -6.47 25.97
C TRP N 89 -27.01 -7.83 26.65
N GLU N 90 -25.98 -7.99 27.49
CA GLU N 90 -25.81 -9.05 28.49
C GLU N 90 -25.64 -10.46 27.93
N SER N 91 -25.56 -10.61 26.60
CA SER N 91 -25.62 -11.91 25.95
C SER N 91 -25.66 -11.69 24.45
N GLY N 92 -25.52 -12.78 23.71
CA GLY N 92 -25.60 -12.69 22.26
C GLY N 92 -27.02 -12.88 21.81
N LEU N 93 -27.77 -13.72 22.54
CA LEU N 93 -29.13 -14.06 22.15
C LEU N 93 -30.07 -12.87 22.30
N ASN N 94 -29.84 -12.04 23.32
CA ASN N 94 -30.62 -10.82 23.49
C ASN N 94 -30.35 -9.83 22.36
N ALA N 95 -29.08 -9.70 21.96
CA ALA N 95 -28.73 -8.80 20.88
C ALA N 95 -29.27 -9.29 19.54
N MET N 96 -29.25 -10.60 19.32
CA MET N 96 -29.78 -11.13 18.07
C MET N 96 -31.29 -11.03 18.00
N GLU N 97 -32.00 -11.20 19.14
CA GLU N 97 -33.44 -10.98 19.13
C GLU N 97 -33.79 -9.52 18.89
N CYS N 98 -32.99 -8.60 19.43
CA CYS N 98 -33.21 -7.19 19.14
C CYS N 98 -32.91 -6.85 17.68
N ALA N 99 -31.91 -7.50 17.08
CA ALA N 99 -31.63 -7.28 15.67
C ALA N 99 -32.76 -7.83 14.80
N LEU N 100 -33.33 -8.97 15.19
CA LEU N 100 -34.48 -9.54 14.49
C LEU N 100 -35.68 -8.61 14.57
N HIS N 101 -35.93 -8.06 15.75
CA HIS N 101 -37.03 -7.10 15.93
C HIS N 101 -36.83 -5.85 15.10
N LEU N 102 -35.59 -5.36 15.01
CA LEU N 102 -35.31 -4.16 14.24
C LEU N 102 -35.47 -4.41 12.75
N GLU N 103 -35.03 -5.57 12.25
CA GLU N 103 -35.22 -5.84 10.84
C GLU N 103 -36.67 -6.11 10.50
N LYS N 104 -37.45 -6.64 11.43
CA LYS N 104 -38.89 -6.74 11.19
C LYS N 104 -39.56 -5.36 11.14
N ASN N 105 -39.09 -4.40 11.95
CA ASN N 105 -39.64 -3.04 11.86
C ASN N 105 -39.26 -2.36 10.56
N VAL N 106 -38.05 -2.61 10.06
CA VAL N 106 -37.64 -2.01 8.79
C VAL N 106 -38.42 -2.65 7.63
N ASN N 107 -38.69 -3.95 7.73
CA ASN N 107 -39.57 -4.62 6.77
C ASN N 107 -40.97 -4.01 6.78
N GLN N 108 -41.51 -3.76 7.98
CA GLN N 108 -42.84 -3.17 8.10
C GLN N 108 -42.88 -1.76 7.50
N SER N 109 -41.81 -0.99 7.68
CA SER N 109 -41.77 0.35 7.10
C SER N 109 -41.66 0.29 5.58
N LEU N 110 -40.91 -0.67 5.04
CA LEU N 110 -40.83 -0.79 3.59
C LEU N 110 -42.15 -1.26 2.98
N LEU N 111 -42.90 -2.08 3.70
CA LEU N 111 -44.23 -2.46 3.24
C LEU N 111 -45.19 -1.27 3.23
N GLU N 112 -45.12 -0.43 4.27
CA GLU N 112 -45.95 0.77 4.30
C GLU N 112 -45.60 1.72 3.16
N LEU N 113 -44.31 1.85 2.84
CA LEU N 113 -43.95 2.78 1.79
C LEU N 113 -44.30 2.22 0.41
N HIS N 114 -44.27 0.89 0.25
CA HIS N 114 -44.74 0.29 -1.00
C HIS N 114 -46.24 0.51 -1.19
N LYS N 115 -47.01 0.39 -0.12
CA LYS N 115 -48.44 0.68 -0.19
C LYS N 115 -48.71 2.14 -0.54
N LEU N 116 -47.96 3.06 0.06
CA LEU N 116 -48.14 4.48 -0.22
C LEU N 116 -47.67 4.84 -1.63
N ALA N 117 -46.71 4.10 -2.16
CA ALA N 117 -46.30 4.31 -3.55
C ALA N 117 -47.39 3.87 -4.52
N THR N 118 -47.88 2.63 -4.34
CA THR N 118 -48.87 2.08 -5.26
C THR N 118 -50.19 2.84 -5.19
N ASP N 119 -50.56 3.37 -4.01
CA ASP N 119 -51.80 4.13 -3.92
C ASP N 119 -51.73 5.47 -4.65
N LYS N 120 -50.56 6.10 -4.69
CA LYS N 120 -50.38 7.36 -5.38
C LYS N 120 -50.06 7.20 -6.86
N ASN N 121 -50.03 5.96 -7.36
CA ASN N 121 -49.84 5.61 -8.78
C ASN N 121 -48.51 6.11 -9.33
N ASP N 122 -47.42 5.54 -8.82
CA ASP N 122 -46.09 5.75 -9.39
C ASP N 122 -45.41 4.39 -9.50
N PRO N 123 -45.17 3.89 -10.72
CA PRO N 123 -44.56 2.56 -10.85
C PRO N 123 -43.07 2.56 -10.62
N HIS N 124 -42.39 3.68 -10.78
CA HIS N 124 -40.93 3.69 -10.61
C HIS N 124 -40.53 3.47 -9.16
N LEU N 125 -41.27 4.08 -8.22
CA LEU N 125 -40.94 3.90 -6.81
C LEU N 125 -41.25 2.48 -6.35
N CYS N 126 -42.38 1.93 -6.84
CA CYS N 126 -42.72 0.54 -6.58
C CYS N 126 -41.64 -0.40 -7.10
N ASP N 127 -41.13 -0.14 -8.30
CA ASP N 127 -40.12 -1.02 -8.87
C ASP N 127 -38.78 -0.87 -8.17
N PHE N 128 -38.45 0.33 -7.72
CA PHE N 128 -37.22 0.54 -6.97
C PHE N 128 -37.25 -0.24 -5.65
N ILE N 129 -38.37 -0.17 -4.92
CA ILE N 129 -38.47 -0.88 -3.65
C ILE N 129 -38.52 -2.39 -3.87
N GLU N 130 -39.23 -2.85 -4.91
CA GLU N 130 -39.27 -4.28 -5.20
C GLU N 130 -37.91 -4.80 -5.63
N THR N 131 -37.11 -3.99 -6.32
CA THR N 131 -35.81 -4.46 -6.77
C THR N 131 -34.81 -4.49 -5.63
N HIS N 132 -34.60 -3.36 -4.97
CA HIS N 132 -33.40 -3.24 -4.14
C HIS N 132 -33.57 -3.65 -2.69
N TYR N 133 -34.79 -3.65 -2.14
CA TYR N 133 -34.90 -3.64 -0.68
C TYR N 133 -35.63 -4.80 -0.06
N LEU N 134 -36.73 -5.29 -0.65
CA LEU N 134 -37.53 -6.30 0.03
C LEU N 134 -36.80 -7.64 0.11
N ASN N 135 -36.08 -8.00 -0.95
CA ASN N 135 -35.35 -9.27 -0.97
C ASN N 135 -34.21 -9.26 0.04
N GLU N 136 -33.54 -8.13 0.20
CA GLU N 136 -32.43 -8.04 1.14
C GLU N 136 -32.92 -8.09 2.57
N GLN N 137 -34.07 -7.46 2.85
CA GLN N 137 -34.64 -7.54 4.19
C GLN N 137 -35.11 -8.94 4.52
N VAL N 138 -35.68 -9.65 3.54
CA VAL N 138 -36.10 -11.02 3.78
C VAL N 138 -34.90 -11.94 4.02
N LYS N 139 -33.81 -11.73 3.27
CA LYS N 139 -32.58 -12.49 3.51
C LYS N 139 -32.01 -12.22 4.90
N ALA N 140 -31.98 -10.95 5.31
CA ALA N 140 -31.43 -10.61 6.61
C ALA N 140 -32.29 -11.15 7.75
N ILE N 141 -33.61 -11.16 7.58
CA ILE N 141 -34.49 -11.68 8.62
C ILE N 141 -34.34 -13.19 8.75
N LYS N 142 -34.20 -13.91 7.62
CA LYS N 142 -33.97 -15.35 7.68
C LYS N 142 -32.62 -15.66 8.32
N GLU N 143 -31.61 -14.84 8.04
CA GLU N 143 -30.28 -15.04 8.63
C GLU N 143 -30.32 -14.86 10.15
N LEU N 144 -30.90 -13.74 10.61
CA LEU N 144 -30.96 -13.47 12.04
C LEU N 144 -31.85 -14.48 12.77
N GLY N 145 -32.88 -15.00 12.10
CA GLY N 145 -33.69 -16.05 12.71
C GLY N 145 -32.93 -17.35 12.87
N ASP N 146 -32.09 -17.69 11.88
CA ASP N 146 -31.22 -18.86 12.01
C ASP N 146 -30.24 -18.72 13.15
N HIS N 147 -29.68 -17.52 13.32
CA HIS N 147 -28.70 -17.35 14.40
C HIS N 147 -29.38 -17.38 15.77
N VAL N 148 -30.60 -16.84 15.87
CA VAL N 148 -31.36 -16.94 17.13
C VAL N 148 -31.68 -18.40 17.44
N THR N 149 -32.00 -19.18 16.40
CA THR N 149 -32.33 -20.59 16.64
C THR N 149 -31.11 -21.39 17.09
N ASN N 150 -29.95 -21.13 16.47
CA ASN N 150 -28.74 -21.82 16.90
C ASN N 150 -28.32 -21.41 18.30
N LEU N 151 -28.51 -20.14 18.66
CA LEU N 151 -28.16 -19.74 20.03
C LEU N 151 -29.15 -20.27 21.05
N ARG N 152 -30.40 -20.50 20.67
CA ARG N 152 -31.34 -21.09 21.62
C ARG N 152 -31.12 -22.57 21.78
N LYS N 153 -30.66 -23.26 20.73
CA LYS N 153 -30.52 -24.71 20.87
C LYS N 153 -29.11 -25.13 21.28
N MET N 154 -28.12 -24.25 21.19
CA MET N 154 -26.80 -24.63 21.67
C MET N 154 -26.66 -24.50 23.18
N GLY N 155 -27.44 -23.63 23.82
CA GLY N 155 -27.45 -23.59 25.27
C GLY N 155 -27.32 -22.22 25.90
N ALA N 156 -27.28 -21.18 25.07
CA ALA N 156 -27.22 -19.81 25.57
C ALA N 156 -28.55 -19.43 26.22
N PRO N 157 -28.55 -18.46 27.14
CA PRO N 157 -27.48 -17.67 27.77
C PRO N 157 -26.97 -18.27 29.06
N GLU N 158 -27.17 -19.58 29.24
CA GLU N 158 -26.65 -20.24 30.43
C GLU N 158 -25.18 -20.61 30.27
N SER N 159 -24.87 -21.47 29.30
CA SER N 159 -23.50 -21.86 29.06
C SER N 159 -22.81 -20.81 28.19
N GLY N 160 -21.58 -20.46 28.56
CA GLY N 160 -20.79 -19.56 27.73
C GLY N 160 -20.07 -20.25 26.60
N LEU N 161 -19.95 -21.57 26.68
CA LEU N 161 -19.28 -22.34 25.63
C LEU N 161 -20.05 -22.27 24.32
N ALA N 162 -21.38 -22.21 24.40
CA ALA N 162 -22.19 -22.02 23.21
C ALA N 162 -21.92 -20.67 22.57
N GLU N 163 -21.77 -19.63 23.39
CA GLU N 163 -21.49 -18.30 22.88
C GLU N 163 -20.13 -18.24 22.20
N TYR N 164 -19.12 -18.82 22.85
CA TYR N 164 -17.76 -18.83 22.30
C TYR N 164 -17.69 -19.62 21.00
N LEU N 165 -18.26 -20.83 20.97
CA LEU N 165 -18.17 -21.65 19.78
C LEU N 165 -19.04 -21.11 18.65
N PHE N 166 -20.13 -20.41 18.96
CA PHE N 166 -20.85 -19.71 17.91
C PHE N 166 -20.05 -18.54 17.39
N ASP N 167 -19.22 -17.94 18.24
CA ASP N 167 -18.37 -16.86 17.76
C ASP N 167 -17.27 -17.38 16.83
N LYS N 168 -16.76 -18.58 17.11
CA LYS N 168 -15.58 -19.01 16.38
C LYS N 168 -15.88 -19.84 15.13
N HIS N 169 -17.03 -20.50 15.06
CA HIS N 169 -17.30 -21.34 13.90
C HIS N 169 -18.13 -20.64 12.83
N THR N 170 -19.29 -20.12 13.21
CA THR N 170 -20.22 -19.59 12.21
C THR N 170 -19.77 -18.22 11.69
N LEU N 171 -19.29 -17.36 12.58
CA LEU N 171 -18.88 -16.02 12.21
C LEU N 171 -17.40 -15.91 11.89
N GLY N 172 -16.79 -16.98 11.40
CA GLY N 172 -15.38 -16.97 11.07
C GLY N 172 -15.08 -16.36 9.71
N THR O 1 -18.53 -53.32 -65.88
CA THR O 1 -17.21 -52.70 -65.88
C THR O 1 -17.21 -51.43 -65.03
N SER O 2 -16.02 -50.91 -64.77
CA SER O 2 -15.87 -49.71 -63.96
C SER O 2 -15.54 -48.51 -64.84
N GLN O 3 -15.37 -47.36 -64.20
CA GLN O 3 -15.21 -46.11 -64.93
C GLN O 3 -13.81 -45.52 -64.84
N VAL O 4 -12.94 -46.03 -63.97
CA VAL O 4 -11.59 -45.51 -63.86
C VAL O 4 -10.56 -46.48 -64.40
N ARG O 5 -10.96 -47.68 -64.78
CA ARG O 5 -10.02 -48.71 -65.18
C ARG O 5 -9.46 -48.41 -66.56
N GLN O 6 -8.13 -48.37 -66.66
CA GLN O 6 -7.45 -48.06 -67.91
C GLN O 6 -6.03 -48.59 -67.81
N ASN O 7 -5.63 -49.39 -68.80
CA ASN O 7 -4.32 -50.05 -68.87
C ASN O 7 -4.07 -50.90 -67.62
N TYR O 8 -4.93 -51.90 -67.45
CA TYR O 8 -4.87 -52.74 -66.27
C TYR O 8 -5.43 -54.12 -66.65
N HIS O 9 -4.55 -55.09 -66.77
CA HIS O 9 -4.92 -56.40 -67.28
C HIS O 9 -5.27 -57.35 -66.14
N GLN O 10 -6.13 -58.32 -66.45
CA GLN O 10 -6.71 -59.19 -65.44
C GLN O 10 -5.70 -60.11 -64.76
N ASP O 11 -4.59 -60.41 -65.44
CA ASP O 11 -3.57 -61.24 -64.81
C ASP O 11 -2.86 -60.49 -63.69
N SER O 12 -2.64 -59.19 -63.87
CA SER O 12 -2.10 -58.38 -62.79
C SER O 12 -3.10 -58.27 -61.63
N GLU O 13 -4.38 -58.29 -61.95
CA GLU O 13 -5.42 -58.25 -60.92
C GLU O 13 -5.38 -59.52 -60.07
N ALA O 14 -5.28 -60.69 -60.72
CA ALA O 14 -5.17 -61.94 -59.99
C ALA O 14 -3.86 -62.01 -59.20
N ALA O 15 -2.79 -61.41 -59.73
CA ALA O 15 -1.52 -61.39 -59.02
C ALA O 15 -1.59 -60.54 -57.77
N ILE O 16 -2.26 -59.38 -57.85
CA ILE O 16 -2.45 -58.53 -56.67
C ILE O 16 -3.29 -59.26 -55.62
N ASN O 17 -4.30 -60.01 -56.06
CA ASN O 17 -5.14 -60.72 -55.10
C ASN O 17 -4.37 -61.83 -54.39
N ARG O 18 -3.56 -62.60 -55.14
CA ARG O 18 -2.71 -63.61 -54.52
C ARG O 18 -1.69 -62.99 -53.57
N GLN O 19 -1.20 -61.78 -53.90
CA GLN O 19 -0.24 -61.13 -53.03
C GLN O 19 -0.87 -60.64 -51.73
N ILE O 20 -2.11 -60.13 -51.80
CA ILE O 20 -2.83 -59.74 -50.59
C ILE O 20 -3.05 -60.94 -49.68
N ASN O 21 -3.39 -62.09 -50.27
CA ASN O 21 -3.57 -63.30 -49.49
C ASN O 21 -2.27 -63.75 -48.84
N LEU O 22 -1.15 -63.64 -49.56
CA LEU O 22 0.13 -64.03 -48.98
C LEU O 22 0.56 -63.09 -47.85
N GLU O 23 0.24 -61.79 -47.98
CA GLU O 23 0.59 -60.84 -46.93
C GLU O 23 -0.22 -61.10 -45.66
N LEU O 24 -1.51 -61.40 -45.79
CA LEU O 24 -2.30 -61.71 -44.61
C LEU O 24 -1.86 -63.03 -43.98
N TYR O 25 -1.42 -63.98 -44.81
CA TYR O 25 -0.83 -65.20 -44.28
C TYR O 25 0.44 -64.92 -43.49
N ALA O 26 1.28 -64.02 -43.99
CA ALA O 26 2.51 -63.68 -43.29
C ALA O 26 2.22 -62.99 -41.97
N SER O 27 1.21 -62.12 -41.95
CA SER O 27 0.78 -61.49 -40.70
C SER O 27 0.29 -62.53 -39.70
N TYR O 28 -0.40 -63.55 -40.17
CA TYR O 28 -0.91 -64.57 -39.26
C TYR O 28 0.23 -65.42 -38.70
N VAL O 29 1.24 -65.70 -39.54
CA VAL O 29 2.40 -66.48 -39.07
C VAL O 29 3.19 -65.68 -38.04
N TYR O 30 3.39 -64.38 -38.27
CA TYR O 30 4.09 -63.58 -37.27
C TYR O 30 3.27 -63.40 -36.00
N LEU O 31 1.94 -63.43 -36.10
CA LEU O 31 1.12 -63.40 -34.89
C LEU O 31 1.30 -64.66 -34.06
N SER O 32 1.33 -65.82 -34.73
CA SER O 32 1.52 -67.08 -34.01
C SER O 32 2.91 -67.17 -33.40
N MET O 33 3.93 -66.66 -34.11
CA MET O 33 5.27 -66.61 -33.53
C MET O 33 5.35 -65.63 -32.37
N SER O 34 4.57 -64.55 -32.42
CA SER O 34 4.63 -63.57 -31.34
C SER O 34 4.03 -64.11 -30.07
N TYR O 35 2.84 -64.69 -30.14
CA TYR O 35 2.26 -65.25 -28.95
C TYR O 35 2.68 -66.69 -28.68
N TYR O 36 3.64 -67.22 -29.43
CA TYR O 36 4.35 -68.39 -28.96
C TYR O 36 5.30 -68.05 -27.81
N PHE O 37 6.10 -67.00 -27.97
CA PHE O 37 7.15 -66.68 -27.00
C PHE O 37 6.63 -66.04 -25.73
N ASP O 38 5.31 -65.91 -25.56
CA ASP O 38 4.77 -65.32 -24.35
C ASP O 38 4.27 -66.38 -23.38
N ARG O 39 4.57 -67.64 -23.62
CA ARG O 39 4.18 -68.71 -22.73
C ARG O 39 5.04 -68.71 -21.46
N ASP O 40 4.68 -69.58 -20.53
CA ASP O 40 5.46 -69.67 -19.30
C ASP O 40 6.76 -70.42 -19.53
N ASP O 41 6.72 -71.50 -20.31
CA ASP O 41 7.86 -72.39 -20.49
C ASP O 41 8.85 -71.90 -21.55
N VAL O 42 8.70 -70.67 -22.03
CA VAL O 42 9.68 -70.06 -22.91
C VAL O 42 10.14 -68.76 -22.28
N ALA O 43 9.19 -67.84 -22.06
CA ALA O 43 9.36 -66.61 -21.29
C ALA O 43 10.43 -65.69 -21.90
N LEU O 44 10.14 -65.22 -23.10
CA LEU O 44 10.96 -64.22 -23.78
C LEU O 44 10.03 -63.07 -24.17
N LYS O 45 10.35 -61.86 -23.72
CA LYS O 45 9.40 -60.76 -23.84
C LYS O 45 9.65 -59.91 -25.09
N ASN O 46 10.89 -59.48 -25.30
CA ASN O 46 11.13 -58.59 -26.43
C ASN O 46 11.09 -59.31 -27.76
N PHE O 47 11.27 -60.64 -27.76
CA PHE O 47 10.93 -61.42 -28.94
C PHE O 47 9.46 -61.28 -29.28
N ALA O 48 8.59 -61.36 -28.27
CA ALA O 48 7.15 -61.24 -28.51
C ALA O 48 6.79 -59.86 -29.00
N LYS O 49 7.42 -58.82 -28.44
CA LYS O 49 7.21 -57.46 -28.92
C LYS O 49 7.65 -57.30 -30.37
N TYR O 50 8.80 -57.88 -30.72
CA TYR O 50 9.35 -57.73 -32.06
C TYR O 50 8.50 -58.45 -33.10
N PHE O 51 8.06 -59.66 -32.79
CA PHE O 51 7.24 -60.39 -33.76
C PHE O 51 5.84 -59.79 -33.88
N LEU O 52 5.29 -59.24 -32.79
CA LEU O 52 4.00 -58.54 -32.89
C LEU O 52 4.13 -57.28 -33.75
N HIS O 53 5.26 -56.59 -33.63
CA HIS O 53 5.48 -55.41 -34.47
C HIS O 53 5.61 -55.77 -35.94
N GLN O 54 6.32 -56.86 -36.24
CA GLN O 54 6.43 -57.31 -37.63
C GLN O 54 5.08 -57.73 -38.19
N SER O 55 4.23 -58.32 -37.34
CA SER O 55 2.88 -58.69 -37.79
C SER O 55 2.05 -57.47 -38.13
N HIS O 56 2.11 -56.43 -37.30
CA HIS O 56 1.34 -55.23 -37.59
C HIS O 56 1.85 -54.52 -38.85
N GLU O 57 3.17 -54.55 -39.09
CA GLU O 57 3.69 -53.90 -40.29
C GLU O 57 3.30 -54.65 -41.56
N GLU O 58 3.30 -55.99 -41.53
CA GLU O 58 2.87 -56.70 -42.72
C GLU O 58 1.37 -56.58 -42.93
N ARG O 59 0.61 -56.39 -41.85
CA ARG O 59 -0.81 -56.03 -41.97
C ARG O 59 -0.98 -54.70 -42.71
N GLU O 60 -0.14 -53.71 -42.37
CA GLU O 60 -0.19 -52.42 -43.08
C GLU O 60 0.17 -52.57 -44.55
N HIS O 61 1.12 -53.47 -44.85
CA HIS O 61 1.43 -53.79 -46.25
C HIS O 61 0.21 -54.33 -46.98
N ALA O 62 -0.53 -55.25 -46.34
CA ALA O 62 -1.70 -55.83 -46.98
C ALA O 62 -2.80 -54.78 -47.20
N GLU O 63 -2.95 -53.85 -46.25
CA GLU O 63 -3.93 -52.78 -46.43
C GLU O 63 -3.53 -51.84 -47.56
N LYS O 64 -2.23 -51.57 -47.71
CA LYS O 64 -1.78 -50.71 -48.79
C LYS O 64 -1.96 -51.39 -50.15
N LEU O 65 -1.81 -52.71 -50.20
CA LEU O 65 -2.10 -53.44 -51.43
C LEU O 65 -3.57 -53.39 -51.79
N MET O 66 -4.45 -53.51 -50.79
CA MET O 66 -5.88 -53.43 -51.09
C MET O 66 -6.27 -52.04 -51.56
N LYS O 67 -5.63 -51.00 -51.00
CA LYS O 67 -5.88 -49.65 -51.46
C LYS O 67 -5.38 -49.43 -52.88
N LEU O 68 -4.21 -50.00 -53.21
CA LEU O 68 -3.68 -49.90 -54.56
C LEU O 68 -4.57 -50.62 -55.56
N GLN O 69 -5.18 -51.72 -55.14
CA GLN O 69 -6.15 -52.38 -55.99
C GLN O 69 -7.38 -51.52 -56.20
N ASN O 70 -7.86 -50.86 -55.15
CA ASN O 70 -9.06 -50.06 -55.30
C ASN O 70 -8.84 -48.74 -56.03
N GLN O 71 -7.59 -48.30 -56.18
CA GLN O 71 -7.36 -47.08 -56.97
C GLN O 71 -7.56 -47.35 -58.47
N ARG O 72 -7.42 -48.59 -58.90
CA ARG O 72 -7.43 -48.93 -60.31
C ARG O 72 -8.72 -49.59 -60.77
N GLY O 73 -9.80 -49.44 -60.02
CA GLY O 73 -11.10 -49.92 -60.45
C GLY O 73 -11.27 -51.42 -60.47
N GLY O 74 -10.32 -52.18 -59.94
CA GLY O 74 -10.43 -53.62 -59.95
C GLY O 74 -11.35 -54.13 -58.87
N ARG O 75 -11.23 -55.43 -58.61
CA ARG O 75 -12.06 -56.12 -57.64
C ARG O 75 -11.17 -56.88 -56.68
N ILE O 76 -11.70 -57.20 -55.50
CA ILE O 76 -10.95 -57.97 -54.52
C ILE O 76 -11.70 -59.27 -54.26
N PHE O 77 -11.02 -60.39 -54.43
CA PHE O 77 -11.58 -61.72 -54.21
C PHE O 77 -10.75 -62.37 -53.10
N LEU O 78 -11.13 -62.12 -51.86
CA LEU O 78 -10.41 -62.62 -50.70
C LEU O 78 -10.56 -64.13 -50.59
N GLN O 79 -9.53 -64.78 -50.08
CA GLN O 79 -9.50 -66.22 -49.94
C GLN O 79 -9.18 -66.58 -48.49
N ASP O 80 -9.25 -67.87 -48.20
CA ASP O 80 -9.04 -68.38 -46.85
C ASP O 80 -7.56 -68.32 -46.45
N ILE O 81 -7.32 -67.77 -45.26
CA ILE O 81 -5.97 -67.68 -44.72
C ILE O 81 -5.67 -68.99 -44.02
N LYS O 82 -4.55 -69.61 -44.35
CA LYS O 82 -4.24 -70.90 -43.76
C LYS O 82 -3.55 -70.72 -42.43
N LYS O 83 -3.65 -71.76 -41.59
CA LYS O 83 -2.90 -71.79 -40.36
C LYS O 83 -1.42 -72.00 -40.67
N PRO O 84 -0.52 -71.53 -39.81
CA PRO O 84 0.92 -71.68 -40.09
C PRO O 84 1.41 -73.11 -40.10
N ASP O 85 2.66 -73.30 -40.53
CA ASP O 85 3.13 -74.64 -40.87
C ASP O 85 3.39 -75.48 -39.63
N CYS O 86 4.06 -74.90 -38.63
CA CYS O 86 4.43 -75.68 -37.45
C CYS O 86 4.19 -74.87 -36.19
N ASP O 87 4.01 -75.59 -35.08
CA ASP O 87 3.75 -74.96 -33.79
C ASP O 87 5.03 -74.88 -32.96
N ASP O 88 5.83 -75.95 -32.97
CA ASP O 88 7.03 -76.02 -32.15
C ASP O 88 8.15 -75.26 -32.87
N TRP O 89 8.33 -73.99 -32.50
CA TRP O 89 9.44 -73.22 -33.03
C TRP O 89 10.71 -73.45 -32.23
N GLU O 90 10.58 -73.80 -30.95
CA GLU O 90 11.54 -74.57 -30.15
C GLU O 90 12.78 -73.78 -29.70
N SER O 91 13.01 -72.59 -30.24
CA SER O 91 14.16 -71.77 -29.87
C SER O 91 14.01 -70.36 -30.38
N GLY O 92 15.07 -69.56 -30.29
CA GLY O 92 15.09 -68.27 -30.94
C GLY O 92 15.62 -68.37 -32.35
N LEU O 93 16.71 -69.15 -32.49
CA LEU O 93 17.40 -69.32 -33.77
C LEU O 93 16.50 -69.95 -34.83
N ASN O 94 15.70 -70.94 -34.44
CA ASN O 94 14.85 -71.64 -35.40
C ASN O 94 13.71 -70.75 -35.88
N ALA O 95 13.13 -69.96 -34.98
CA ALA O 95 12.07 -69.03 -35.39
C ALA O 95 12.62 -67.91 -36.25
N MET O 96 13.84 -67.46 -35.96
CA MET O 96 14.49 -66.48 -36.84
C MET O 96 14.77 -67.05 -38.22
N GLU O 97 15.19 -68.32 -38.30
CA GLU O 97 15.40 -68.96 -39.60
C GLU O 97 14.10 -69.09 -40.37
N CYS O 98 13.01 -69.42 -39.67
CA CYS O 98 11.73 -69.55 -40.35
C CYS O 98 11.20 -68.19 -40.82
N ALA O 99 11.45 -67.13 -40.06
CA ALA O 99 11.05 -65.80 -40.51
C ALA O 99 11.88 -65.36 -41.72
N LEU O 100 13.18 -65.72 -41.74
CA LEU O 100 14.01 -65.46 -42.90
C LEU O 100 13.50 -66.19 -44.13
N HIS O 101 13.14 -67.46 -43.98
CA HIS O 101 12.61 -68.25 -45.09
C HIS O 101 11.29 -67.68 -45.58
N LEU O 102 10.45 -67.19 -44.67
CA LEU O 102 9.17 -66.63 -45.07
C LEU O 102 9.34 -65.31 -45.81
N GLU O 103 10.27 -64.47 -45.36
CA GLU O 103 10.53 -63.22 -46.08
C GLU O 103 11.14 -63.47 -47.44
N LYS O 104 11.96 -64.52 -47.57
CA LYS O 104 12.48 -64.86 -48.88
C LYS O 104 11.39 -65.36 -49.82
N ASN O 105 10.40 -66.09 -49.29
CA ASN O 105 9.29 -66.51 -50.15
C ASN O 105 8.42 -65.33 -50.58
N VAL O 106 8.23 -64.35 -49.69
CA VAL O 106 7.46 -63.16 -50.06
C VAL O 106 8.21 -62.33 -51.10
N ASN O 107 9.54 -62.23 -50.97
CA ASN O 107 10.32 -61.53 -51.98
C ASN O 107 10.27 -62.25 -53.33
N GLN O 108 10.25 -63.58 -53.30
CA GLN O 108 10.11 -64.37 -54.53
C GLN O 108 8.77 -64.09 -55.22
N SER O 109 7.70 -63.99 -54.42
CA SER O 109 6.39 -63.70 -54.98
C SER O 109 6.31 -62.29 -55.56
N LEU O 110 6.93 -61.32 -54.89
CA LEU O 110 6.93 -59.96 -55.43
C LEU O 110 7.77 -59.84 -56.70
N LEU O 111 8.85 -60.62 -56.81
CA LEU O 111 9.60 -60.62 -58.07
C LEU O 111 8.80 -61.25 -59.19
N GLU O 112 8.05 -62.30 -58.89
CA GLU O 112 7.12 -62.88 -59.87
C GLU O 112 6.08 -61.85 -60.31
N LEU O 113 5.58 -61.05 -59.38
CA LEU O 113 4.55 -60.07 -59.73
C LEU O 113 5.13 -58.92 -60.53
N HIS O 114 6.37 -58.52 -60.25
CA HIS O 114 6.99 -57.48 -61.08
C HIS O 114 7.35 -57.99 -62.47
N LYS O 115 7.70 -59.27 -62.57
CA LYS O 115 7.92 -59.86 -63.89
C LYS O 115 6.63 -59.86 -64.71
N LEU O 116 5.52 -60.21 -64.06
CA LEU O 116 4.22 -60.14 -64.73
C LEU O 116 3.79 -58.69 -64.96
N ALA O 117 4.33 -57.74 -64.20
CA ALA O 117 3.97 -56.34 -64.40
C ALA O 117 4.68 -55.73 -65.60
N THR O 118 6.00 -55.92 -65.68
CA THR O 118 6.76 -55.38 -66.80
C THR O 118 6.52 -56.19 -68.07
N ASP O 119 6.00 -57.42 -67.95
CA ASP O 119 5.59 -58.16 -69.14
C ASP O 119 4.34 -57.55 -69.77
N LYS O 120 3.39 -57.09 -68.96
CA LYS O 120 2.11 -56.64 -69.47
C LYS O 120 2.02 -55.15 -69.74
N ASN O 121 3.17 -54.45 -69.76
CA ASN O 121 3.26 -53.01 -70.06
C ASN O 121 2.42 -52.17 -69.11
N ASP O 122 2.56 -52.46 -67.82
CA ASP O 122 1.90 -51.66 -66.78
C ASP O 122 2.97 -50.88 -66.03
N PRO O 123 3.18 -49.62 -66.35
CA PRO O 123 4.30 -48.88 -65.73
C PRO O 123 4.01 -48.44 -64.32
N HIS O 124 2.74 -48.20 -63.99
CA HIS O 124 2.40 -47.74 -62.64
C HIS O 124 2.63 -48.84 -61.61
N LEU O 125 2.31 -50.09 -61.97
CA LEU O 125 2.57 -51.19 -61.07
C LEU O 125 4.06 -51.44 -60.91
N CYS O 126 4.82 -51.26 -61.99
CA CYS O 126 6.28 -51.36 -61.93
C CYS O 126 6.86 -50.33 -60.98
N ASP O 127 6.43 -49.07 -61.11
CA ASP O 127 6.91 -48.03 -60.22
C ASP O 127 6.46 -48.25 -58.79
N PHE O 128 5.28 -48.84 -58.60
CA PHE O 128 4.78 -49.12 -57.25
C PHE O 128 5.64 -50.17 -56.56
N ILE O 129 5.98 -51.25 -57.26
CA ILE O 129 6.80 -52.30 -56.68
C ILE O 129 8.23 -51.81 -56.46
N GLU O 130 8.75 -51.04 -57.42
CA GLU O 130 10.08 -50.43 -57.25
C GLU O 130 10.14 -49.51 -56.05
N THR O 131 9.09 -48.73 -55.81
CA THR O 131 9.14 -47.76 -54.73
C THR O 131 8.92 -48.42 -53.37
N HIS O 132 7.82 -49.14 -53.19
CA HIS O 132 7.40 -49.45 -51.83
C HIS O 132 7.90 -50.77 -51.28
N TYR O 133 7.98 -51.84 -52.08
CA TYR O 133 8.06 -53.16 -51.48
C TYR O 133 9.41 -53.85 -51.55
N LEU O 134 10.21 -53.64 -52.60
CA LEU O 134 11.45 -54.41 -52.73
C LEU O 134 12.50 -53.95 -51.73
N ASN O 135 12.60 -52.64 -51.50
CA ASN O 135 13.62 -52.10 -50.61
C ASN O 135 13.36 -52.52 -49.17
N GLU O 136 12.10 -52.59 -48.78
CA GLU O 136 11.76 -52.99 -47.42
C GLU O 136 12.03 -54.48 -47.20
N GLN O 137 11.80 -55.30 -48.24
CA GLN O 137 12.15 -56.71 -48.15
C GLN O 137 13.66 -56.90 -48.07
N VAL O 138 14.42 -56.08 -48.79
CA VAL O 138 15.88 -56.20 -48.73
C VAL O 138 16.39 -55.83 -47.34
N LYS O 139 15.87 -54.75 -46.76
CA LYS O 139 16.28 -54.37 -45.40
C LYS O 139 15.88 -55.44 -44.38
N ALA O 140 14.69 -56.02 -44.52
CA ALA O 140 14.23 -56.99 -43.54
C ALA O 140 15.02 -58.31 -43.65
N ILE O 141 15.34 -58.73 -44.88
CA ILE O 141 16.12 -59.95 -45.06
C ILE O 141 17.54 -59.78 -44.54
N LYS O 142 18.11 -58.58 -44.74
CA LYS O 142 19.42 -58.29 -44.16
C LYS O 142 19.39 -58.33 -42.63
N GLU O 143 18.34 -57.75 -42.04
CA GLU O 143 18.23 -57.73 -40.58
C GLU O 143 18.05 -59.14 -40.01
N LEU O 144 17.19 -59.95 -40.63
CA LEU O 144 16.97 -61.30 -40.12
C LEU O 144 18.19 -62.18 -40.29
N GLY O 145 18.94 -61.98 -41.39
CA GLY O 145 20.21 -62.69 -41.53
C GLY O 145 21.22 -62.28 -40.47
N ASP O 146 21.23 -60.99 -40.10
CA ASP O 146 22.09 -60.53 -39.01
C ASP O 146 21.75 -61.21 -37.70
N HIS O 147 20.46 -61.34 -37.40
CA HIS O 147 20.09 -61.93 -36.11
C HIS O 147 20.36 -63.43 -36.08
N VAL O 148 20.16 -64.12 -37.21
CA VAL O 148 20.51 -65.54 -37.29
C VAL O 148 22.01 -65.72 -37.10
N THR O 149 22.80 -64.81 -37.68
CA THR O 149 24.25 -64.93 -37.57
C THR O 149 24.72 -64.66 -36.14
N ASN O 150 24.11 -63.67 -35.47
CA ASN O 150 24.47 -63.38 -34.09
C ASN O 150 24.10 -64.53 -33.16
N LEU O 151 22.97 -65.19 -33.39
CA LEU O 151 22.61 -66.31 -32.54
C LEU O 151 23.49 -67.53 -32.80
N ARG O 152 23.87 -67.78 -34.06
CA ARG O 152 24.78 -68.88 -34.32
C ARG O 152 26.18 -68.60 -33.81
N LYS O 153 26.56 -67.33 -33.71
CA LYS O 153 27.89 -66.99 -33.21
C LYS O 153 27.92 -67.00 -31.69
N MET O 154 26.82 -66.68 -31.03
CA MET O 154 26.83 -66.66 -29.57
C MET O 154 26.78 -68.06 -28.98
N GLY O 155 26.10 -69.00 -29.62
CA GLY O 155 26.11 -70.36 -29.12
C GLY O 155 24.73 -70.98 -28.97
N ALA O 156 23.73 -70.37 -29.58
CA ALA O 156 22.39 -70.94 -29.64
C ALA O 156 22.42 -72.21 -30.49
N PRO O 157 21.44 -73.12 -30.32
CA PRO O 157 20.25 -73.22 -29.46
C PRO O 157 20.50 -73.86 -28.11
N GLU O 158 21.73 -74.26 -27.84
CA GLU O 158 22.02 -75.02 -26.62
C GLU O 158 22.00 -74.12 -25.39
N SER O 159 22.91 -73.16 -25.33
CA SER O 159 23.04 -72.28 -24.19
C SER O 159 21.95 -71.22 -24.22
N GLY O 160 21.03 -71.26 -23.27
CA GLY O 160 19.99 -70.24 -23.17
C GLY O 160 20.49 -68.88 -22.77
N LEU O 161 21.71 -68.79 -22.23
CA LEU O 161 22.35 -67.52 -21.93
C LEU O 161 22.49 -66.67 -23.18
N ALA O 162 22.76 -67.31 -24.32
CA ALA O 162 22.80 -66.60 -25.59
C ALA O 162 21.46 -65.98 -25.93
N GLU O 163 20.37 -66.74 -25.73
CA GLU O 163 19.04 -66.19 -25.99
C GLU O 163 18.70 -65.06 -25.03
N TYR O 164 19.16 -65.14 -23.78
CA TYR O 164 18.81 -64.10 -22.82
C TYR O 164 19.56 -62.80 -23.11
N LEU O 165 20.86 -62.89 -23.40
CA LEU O 165 21.60 -61.67 -23.70
C LEU O 165 21.29 -61.15 -25.10
N PHE O 166 20.73 -61.98 -25.97
CA PHE O 166 20.24 -61.47 -27.24
C PHE O 166 18.85 -60.84 -27.07
N ASP O 167 18.09 -61.33 -26.10
CA ASP O 167 16.81 -60.74 -25.74
C ASP O 167 17.00 -59.33 -25.20
N LYS O 168 17.93 -59.16 -24.27
CA LYS O 168 17.98 -57.89 -23.56
C LYS O 168 18.70 -56.80 -24.36
N HIS O 169 19.87 -57.11 -24.90
CA HIS O 169 20.68 -56.06 -25.48
C HIS O 169 20.26 -55.65 -26.89
N THR O 170 20.05 -56.62 -27.78
CA THR O 170 19.80 -56.29 -29.18
C THR O 170 18.41 -55.70 -29.37
N LEU O 171 17.39 -56.39 -28.86
CA LEU O 171 16.01 -56.03 -29.13
C LEU O 171 15.38 -55.20 -28.01
N GLY O 172 16.15 -54.33 -27.39
CA GLY O 172 15.63 -53.49 -26.33
C GLY O 172 15.22 -52.11 -26.79
N THR P 1 51.59 -22.85 27.98
CA THR P 1 50.99 -23.95 27.25
C THR P 1 49.99 -23.43 26.22
N SER P 2 49.34 -24.36 25.51
CA SER P 2 48.33 -23.99 24.53
C SER P 2 47.08 -23.47 25.25
N GLN P 3 46.58 -22.34 24.79
CA GLN P 3 45.54 -21.62 25.52
C GLN P 3 44.16 -22.26 25.39
N VAL P 4 43.99 -23.21 24.47
CA VAL P 4 42.69 -23.80 24.21
C VAL P 4 42.61 -25.25 24.65
N ARG P 5 43.61 -25.73 25.38
CA ARG P 5 43.69 -27.15 25.70
C ARG P 5 42.97 -27.44 27.01
N GLN P 6 42.14 -28.46 27.01
CA GLN P 6 41.31 -28.78 28.18
C GLN P 6 40.88 -30.23 28.09
N ASN P 7 41.28 -31.03 29.08
CA ASN P 7 40.97 -32.46 29.19
C ASN P 7 41.42 -33.21 27.93
N TYR P 8 42.73 -33.21 27.73
CA TYR P 8 43.31 -33.81 26.53
C TYR P 8 44.69 -34.35 26.90
N HIS P 9 44.79 -35.66 27.07
CA HIS P 9 46.00 -36.31 27.54
C HIS P 9 47.00 -36.47 26.39
N GLN P 10 48.26 -36.67 26.76
CA GLN P 10 49.34 -36.78 25.77
C GLN P 10 49.21 -38.05 24.93
N ASP P 11 48.77 -39.14 25.56
CA ASP P 11 48.72 -40.42 24.86
C ASP P 11 47.64 -40.45 23.79
N SER P 12 46.55 -39.72 24.00
CA SER P 12 45.55 -39.58 22.95
C SER P 12 46.11 -38.81 21.77
N GLU P 13 46.97 -37.82 22.03
CA GLU P 13 47.63 -37.08 20.96
C GLU P 13 48.56 -37.98 20.15
N ALA P 14 49.31 -38.83 20.85
CA ALA P 14 50.17 -39.78 20.15
C ALA P 14 49.35 -40.78 19.32
N ALA P 15 48.21 -41.21 19.84
CA ALA P 15 47.37 -42.14 19.10
C ALA P 15 46.75 -41.49 17.87
N ILE P 16 46.40 -40.20 17.97
CA ILE P 16 45.88 -39.50 16.80
C ILE P 16 46.96 -39.33 15.74
N ASN P 17 48.21 -39.06 16.16
CA ASN P 17 49.30 -38.99 15.19
C ASN P 17 49.52 -40.32 14.47
N ARG P 18 49.50 -41.43 15.22
CA ARG P 18 49.64 -42.74 14.60
C ARG P 18 48.46 -43.05 13.68
N GLN P 19 47.26 -42.58 14.02
CA GLN P 19 46.12 -42.83 13.16
C GLN P 19 46.18 -42.01 11.88
N ILE P 20 46.65 -40.76 11.95
CA ILE P 20 46.82 -39.94 10.75
C ILE P 20 47.83 -40.58 9.81
N ASN P 21 48.92 -41.12 10.38
CA ASN P 21 49.92 -41.79 9.56
C ASN P 21 49.35 -43.05 8.90
N LEU P 22 48.53 -43.80 9.62
CA LEU P 22 47.91 -44.98 9.05
C LEU P 22 46.91 -44.63 7.94
N GLU P 23 46.17 -43.54 8.12
CA GLU P 23 45.22 -43.12 7.09
C GLU P 23 45.93 -42.68 5.81
N LEU P 24 47.06 -41.98 5.94
CA LEU P 24 47.80 -41.58 4.74
C LEU P 24 48.43 -42.78 4.06
N TYR P 25 48.89 -43.76 4.85
CA TYR P 25 49.33 -45.04 4.30
C TYR P 25 48.23 -45.71 3.49
N ALA P 26 47.00 -45.70 4.01
CA ALA P 26 45.89 -46.32 3.30
C ALA P 26 45.55 -45.58 2.02
N SER P 27 45.60 -44.25 2.05
CA SER P 27 45.34 -43.46 0.85
C SER P 27 46.38 -43.74 -0.22
N TYR P 28 47.63 -43.92 0.18
CA TYR P 28 48.68 -44.19 -0.79
C TYR P 28 48.56 -45.60 -1.38
N VAL P 29 48.12 -46.58 -0.56
CA VAL P 29 47.92 -47.93 -1.09
C VAL P 29 46.75 -47.96 -2.08
N TYR P 30 45.66 -47.25 -1.77
CA TYR P 30 44.56 -47.15 -2.72
C TYR P 30 44.93 -46.42 -4.00
N LEU P 31 45.83 -45.43 -3.92
CA LEU P 31 46.28 -44.76 -5.14
C LEU P 31 47.12 -45.69 -6.01
N SER P 32 48.00 -46.47 -5.38
CA SER P 32 48.80 -47.45 -6.12
C SER P 32 47.93 -48.49 -6.79
N MET P 33 46.85 -48.92 -6.11
CA MET P 33 45.90 -49.82 -6.74
C MET P 33 45.15 -49.15 -7.89
N SER P 34 44.83 -47.86 -7.75
CA SER P 34 44.06 -47.19 -8.79
C SER P 34 44.87 -46.98 -10.05
N TYR P 35 46.18 -46.82 -9.92
CA TYR P 35 47.01 -46.72 -11.12
C TYR P 35 47.71 -48.03 -11.47
N TYR P 36 47.42 -49.11 -10.76
CA TYR P 36 47.67 -50.43 -11.32
C TYR P 36 46.76 -50.70 -12.51
N PHE P 37 45.45 -50.61 -12.30
CA PHE P 37 44.46 -51.06 -13.27
C PHE P 37 44.28 -50.11 -14.45
N ASP P 38 45.08 -49.05 -14.55
CA ASP P 38 45.08 -48.21 -15.73
C ASP P 38 46.07 -48.71 -16.77
N ARG P 39 46.94 -49.66 -16.39
CA ARG P 39 47.91 -50.27 -17.29
C ARG P 39 47.22 -50.97 -18.45
N ASP P 40 47.95 -51.05 -19.57
CA ASP P 40 47.37 -51.60 -20.80
C ASP P 40 47.14 -53.09 -20.70
N ASP P 41 48.01 -53.82 -20.01
CA ASP P 41 47.91 -55.27 -19.97
C ASP P 41 46.90 -55.78 -18.94
N VAL P 42 46.13 -54.90 -18.30
CA VAL P 42 44.99 -55.31 -17.49
C VAL P 42 43.75 -54.59 -18.00
N ALA P 43 43.80 -53.25 -17.97
CA ALA P 43 42.88 -52.36 -18.69
C ALA P 43 41.43 -52.51 -18.23
N LEU P 44 41.21 -52.24 -16.95
CA LEU P 44 39.87 -52.13 -16.40
C LEU P 44 39.70 -50.69 -15.93
N LYS P 45 38.76 -49.96 -16.52
CA LYS P 45 38.67 -48.53 -16.29
C LYS P 45 37.93 -48.19 -15.01
N ASN P 46 36.79 -48.84 -14.78
CA ASN P 46 35.97 -48.45 -13.64
C ASN P 46 36.55 -48.94 -12.33
N PHE P 47 37.38 -49.98 -12.35
CA PHE P 47 38.25 -50.26 -11.20
C PHE P 47 39.12 -49.07 -10.86
N ALA P 48 39.76 -48.45 -11.87
CA ALA P 48 40.65 -47.33 -11.61
C ALA P 48 39.87 -46.13 -11.09
N LYS P 49 38.66 -45.91 -11.61
CA LYS P 49 37.82 -44.82 -11.12
C LYS P 49 37.39 -45.06 -9.67
N TYR P 50 36.97 -46.28 -9.35
CA TYR P 50 36.50 -46.62 -8.02
C TYR P 50 37.62 -46.51 -6.99
N PHE P 51 38.80 -47.03 -7.31
CA PHE P 51 39.90 -46.95 -6.36
C PHE P 51 40.45 -45.52 -6.23
N LEU P 52 40.39 -44.72 -7.29
CA LEU P 52 40.80 -43.33 -7.16
C LEU P 52 39.86 -42.56 -6.25
N HIS P 53 38.55 -42.87 -6.33
CA HIS P 53 37.58 -42.23 -5.44
C HIS P 53 37.79 -42.65 -4.00
N GLN P 54 38.12 -43.93 -3.77
CA GLN P 54 38.45 -44.38 -2.41
C GLN P 54 39.71 -43.69 -1.88
N SER P 55 40.70 -43.46 -2.74
CA SER P 55 41.91 -42.77 -2.32
C SER P 55 41.62 -41.32 -1.90
N HIS P 56 40.79 -40.63 -2.67
CA HIS P 56 40.42 -39.26 -2.28
C HIS P 56 39.62 -39.23 -0.98
N GLU P 57 38.75 -40.23 -0.77
CA GLU P 57 37.98 -40.25 0.47
C GLU P 57 38.87 -40.50 1.69
N GLU P 58 39.89 -41.35 1.54
CA GLU P 58 40.75 -41.58 2.70
C GLU P 58 41.68 -40.39 2.96
N ARG P 59 42.05 -39.66 1.91
CA ARG P 59 42.75 -38.39 2.12
C ARG P 59 41.89 -37.39 2.89
N GLU P 60 40.58 -37.35 2.60
CA GLU P 60 39.70 -36.46 3.35
C GLU P 60 39.52 -36.89 4.80
N HIS P 61 39.50 -38.22 5.05
CA HIS P 61 39.52 -38.71 6.43
C HIS P 61 40.73 -38.23 7.20
N ALA P 62 41.91 -38.31 6.58
CA ALA P 62 43.13 -37.87 7.24
C ALA P 62 43.09 -36.37 7.53
N GLU P 63 42.55 -35.58 6.60
CA GLU P 63 42.46 -34.14 6.85
C GLU P 63 41.46 -33.81 7.96
N LYS P 64 40.39 -34.60 8.09
CA LYS P 64 39.46 -34.37 9.19
C LYS P 64 40.09 -34.70 10.53
N LEU P 65 40.91 -35.76 10.59
CA LEU P 65 41.65 -36.06 11.81
C LEU P 65 42.61 -34.95 12.18
N MET P 66 43.29 -34.37 11.19
CA MET P 66 44.21 -33.29 11.49
C MET P 66 43.47 -32.04 11.95
N LYS P 67 42.26 -31.81 11.42
CA LYS P 67 41.44 -30.70 11.92
C LYS P 67 41.04 -30.91 13.38
N LEU P 68 40.67 -32.15 13.73
CA LEU P 68 40.36 -32.48 15.13
C LEU P 68 41.55 -32.25 16.03
N GLN P 69 42.74 -32.66 15.59
CA GLN P 69 43.94 -32.51 16.40
C GLN P 69 44.31 -31.05 16.57
N ASN P 70 44.06 -30.21 15.57
CA ASN P 70 44.31 -28.80 15.78
C ASN P 70 43.23 -28.13 16.61
N GLN P 71 42.02 -28.68 16.63
CA GLN P 71 40.99 -28.07 17.49
C GLN P 71 41.23 -28.38 18.95
N ARG P 72 41.61 -29.63 19.29
CA ARG P 72 41.81 -29.91 20.70
C ARG P 72 43.11 -29.34 21.25
N GLY P 73 43.97 -28.79 20.41
CA GLY P 73 45.07 -27.99 20.90
C GLY P 73 46.43 -28.62 20.83
N GLY P 74 46.52 -29.88 20.43
CA GLY P 74 47.79 -30.59 20.40
C GLY P 74 48.66 -30.19 19.23
N ARG P 75 49.59 -31.08 18.91
CA ARG P 75 50.62 -30.83 17.91
C ARG P 75 50.66 -31.99 16.93
N ILE P 76 50.45 -31.69 15.66
CA ILE P 76 50.52 -32.73 14.63
C ILE P 76 51.98 -33.05 14.36
N PHE P 77 52.36 -34.30 14.61
CA PHE P 77 53.73 -34.74 14.39
C PHE P 77 53.70 -35.80 13.30
N LEU P 78 53.88 -35.38 12.06
CA LEU P 78 53.82 -36.27 10.92
C LEU P 78 55.04 -37.17 10.86
N GLN P 79 54.91 -38.25 10.09
CA GLN P 79 55.97 -39.21 9.90
C GLN P 79 56.01 -39.63 8.44
N ASP P 80 56.88 -40.59 8.12
CA ASP P 80 56.98 -41.10 6.77
C ASP P 80 55.76 -41.91 6.41
N ILE P 81 55.56 -42.10 5.11
CA ILE P 81 54.52 -42.96 4.57
C ILE P 81 55.21 -44.07 3.81
N LYS P 82 55.16 -45.29 4.32
CA LYS P 82 55.91 -46.37 3.73
C LYS P 82 55.30 -46.81 2.40
N LYS P 83 56.12 -47.46 1.57
CA LYS P 83 55.63 -47.98 0.32
C LYS P 83 54.71 -49.16 0.60
N PRO P 84 53.78 -49.46 -0.31
CA PRO P 84 52.80 -50.53 -0.05
C PRO P 84 53.45 -51.90 0.00
N ASP P 85 52.71 -52.84 0.62
CA ASP P 85 53.24 -54.17 0.87
C ASP P 85 53.39 -54.97 -0.42
N CYS P 86 52.45 -54.80 -1.35
CA CYS P 86 52.57 -55.48 -2.64
C CYS P 86 52.04 -54.57 -3.73
N ASP P 87 52.88 -54.34 -4.74
CA ASP P 87 52.49 -53.58 -5.91
C ASP P 87 52.17 -54.50 -7.09
N ASP P 88 52.74 -55.70 -7.11
CA ASP P 88 52.49 -56.65 -8.19
C ASP P 88 51.14 -57.31 -7.92
N TRP P 89 50.10 -56.73 -8.52
CA TRP P 89 48.77 -57.29 -8.39
C TRP P 89 48.51 -58.27 -9.51
N GLU P 90 47.64 -59.25 -9.25
CA GLU P 90 47.41 -60.28 -10.24
C GLU P 90 46.04 -60.13 -10.92
N SER P 91 44.99 -59.93 -10.13
CA SER P 91 43.64 -59.99 -10.66
C SER P 91 42.75 -59.06 -9.84
N GLY P 92 41.45 -59.08 -10.12
CA GLY P 92 40.54 -58.20 -9.42
C GLY P 92 40.17 -58.71 -8.03
N LEU P 93 39.96 -60.03 -7.91
CA LEU P 93 39.60 -60.62 -6.64
C LEU P 93 40.70 -60.49 -5.60
N ASN P 94 41.95 -60.61 -6.05
CA ASN P 94 43.09 -60.47 -5.15
C ASN P 94 43.21 -59.04 -4.62
N ALA P 95 42.96 -58.06 -5.48
CA ALA P 95 43.03 -56.67 -5.05
C ALA P 95 41.88 -56.32 -4.12
N MET P 96 40.68 -56.87 -4.37
CA MET P 96 39.56 -56.64 -3.47
C MET P 96 39.78 -57.30 -2.11
N GLU P 97 40.38 -58.49 -2.08
CA GLU P 97 40.65 -59.14 -0.80
C GLU P 97 41.73 -58.39 -0.02
N CYS P 98 42.74 -57.87 -0.72
CA CYS P 98 43.74 -57.07 -0.03
C CYS P 98 43.16 -55.75 0.49
N ALA P 99 42.22 -55.15 -0.26
CA ALA P 99 41.57 -53.95 0.23
C ALA P 99 40.70 -54.23 1.45
N LEU P 100 40.04 -55.41 1.47
CA LEU P 100 39.25 -55.78 2.63
C LEU P 100 40.12 -56.00 3.85
N HIS P 101 41.28 -56.63 3.66
CA HIS P 101 42.22 -56.83 4.76
C HIS P 101 42.76 -55.51 5.28
N LEU P 102 42.99 -54.54 4.38
CA LEU P 102 43.43 -53.22 4.78
C LEU P 102 42.37 -52.48 5.58
N GLU P 103 41.11 -52.54 5.14
CA GLU P 103 40.04 -51.89 5.90
C GLU P 103 39.80 -52.54 7.24
N LYS P 104 39.98 -53.86 7.35
CA LYS P 104 39.87 -54.50 8.65
C LYS P 104 41.00 -54.11 9.58
N ASN P 105 42.20 -53.88 9.05
CA ASN P 105 43.29 -53.37 9.88
C ASN P 105 43.03 -51.95 10.36
N VAL P 106 42.44 -51.12 9.50
CA VAL P 106 42.11 -49.75 9.88
C VAL P 106 41.02 -49.73 10.95
N ASN P 107 40.01 -50.60 10.81
CA ASN P 107 38.95 -50.70 11.80
C ASN P 107 39.49 -51.21 13.13
N GLN P 108 40.44 -52.15 13.08
CA GLN P 108 41.09 -52.64 14.29
C GLN P 108 41.82 -51.53 15.01
N SER P 109 42.57 -50.71 14.28
CA SER P 109 43.31 -49.63 14.93
C SER P 109 42.40 -48.53 15.44
N LEU P 110 41.27 -48.28 14.77
CA LEU P 110 40.33 -47.30 15.28
C LEU P 110 39.64 -47.80 16.54
N LEU P 111 39.38 -49.10 16.65
CA LEU P 111 38.83 -49.62 17.91
C LEU P 111 39.85 -49.53 19.04
N GLU P 112 41.12 -49.79 18.74
CA GLU P 112 42.18 -49.61 19.74
C GLU P 112 42.27 -48.16 20.21
N LEU P 113 42.22 -47.22 19.26
CA LEU P 113 42.22 -45.80 19.61
C LEU P 113 40.97 -45.41 20.38
N HIS P 114 39.84 -46.06 20.10
CA HIS P 114 38.63 -45.79 20.85
C HIS P 114 38.75 -46.26 22.30
N LYS P 115 39.39 -47.41 22.50
CA LYS P 115 39.57 -47.89 23.87
C LYS P 115 40.56 -47.00 24.62
N LEU P 116 41.60 -46.53 23.94
CA LEU P 116 42.56 -45.63 24.56
C LEU P 116 41.95 -44.24 24.79
N ALA P 117 40.94 -43.89 24.02
CA ALA P 117 40.24 -42.62 24.26
C ALA P 117 39.20 -42.76 25.36
N THR P 118 38.67 -43.96 25.56
CA THR P 118 37.68 -44.16 26.60
C THR P 118 38.31 -44.27 27.98
N ASP P 119 39.43 -44.98 28.10
CA ASP P 119 40.00 -45.17 29.42
C ASP P 119 40.73 -43.93 29.94
N LYS P 120 40.82 -42.86 29.16
CA LYS P 120 41.38 -41.61 29.64
C LYS P 120 40.30 -40.55 29.92
N ASN P 121 39.03 -40.93 29.80
CA ASN P 121 37.86 -40.07 30.06
C ASN P 121 37.87 -38.82 29.18
N ASP P 122 38.00 -39.03 27.88
CA ASP P 122 37.80 -37.95 26.92
C ASP P 122 36.48 -38.20 26.22
N PRO P 123 35.40 -37.60 26.67
CA PRO P 123 34.08 -37.92 26.10
C PRO P 123 33.89 -37.34 24.71
N HIS P 124 34.55 -36.22 24.43
CA HIS P 124 34.47 -35.63 23.10
C HIS P 124 35.13 -36.51 22.05
N LEU P 125 36.27 -37.09 22.38
CA LEU P 125 36.96 -37.94 21.41
C LEU P 125 36.22 -39.26 21.24
N CYS P 126 35.59 -39.75 22.32
CA CYS P 126 34.72 -40.91 22.22
C CYS P 126 33.54 -40.64 21.29
N ASP P 127 32.92 -39.46 21.42
CA ASP P 127 31.82 -39.11 20.52
C ASP P 127 32.29 -38.90 19.10
N PHE P 128 33.50 -38.39 18.91
CA PHE P 128 34.04 -38.18 17.57
C PHE P 128 34.26 -39.51 16.86
N ILE P 129 34.83 -40.49 17.58
CA ILE P 129 35.03 -41.82 17.02
C ILE P 129 33.69 -42.53 16.78
N GLU P 130 32.73 -42.35 17.69
CA GLU P 130 31.42 -42.94 17.50
C GLU P 130 30.67 -42.33 16.33
N THR P 131 30.93 -41.06 16.02
CA THR P 131 30.13 -40.39 15.01
C THR P 131 30.74 -40.51 13.62
N HIS P 132 31.98 -40.06 13.46
CA HIS P 132 32.46 -39.80 12.11
C HIS P 132 33.09 -40.99 11.41
N TYR P 133 33.61 -41.98 12.13
CA TYR P 133 34.41 -42.99 11.45
C TYR P 133 33.84 -44.38 11.41
N LEU P 134 33.14 -44.83 12.46
CA LEU P 134 32.81 -46.25 12.55
C LEU P 134 31.73 -46.65 11.56
N ASN P 135 30.77 -45.76 11.29
CA ASN P 135 29.73 -46.05 10.32
C ASN P 135 30.31 -46.21 8.91
N GLU P 136 31.26 -45.34 8.55
CA GLU P 136 31.87 -45.37 7.24
C GLU P 136 32.73 -46.62 7.06
N GLN P 137 33.44 -47.04 8.11
CA GLN P 137 34.27 -48.24 8.01
C GLN P 137 33.42 -49.50 7.92
N VAL P 138 32.32 -49.56 8.68
CA VAL P 138 31.45 -50.73 8.61
C VAL P 138 30.78 -50.83 7.25
N LYS P 139 30.33 -49.70 6.69
CA LYS P 139 29.72 -49.73 5.36
C LYS P 139 30.74 -50.06 4.28
N ALA P 140 31.99 -49.61 4.43
CA ALA P 140 33.00 -49.94 3.44
C ALA P 140 33.37 -51.42 3.49
N ILE P 141 33.42 -52.00 4.69
CA ILE P 141 33.71 -53.42 4.80
C ILE P 141 32.55 -54.25 4.26
N LYS P 142 31.32 -53.78 4.44
CA LYS P 142 30.16 -54.46 3.87
C LYS P 142 30.19 -54.42 2.34
N GLU P 143 30.55 -53.27 1.77
CA GLU P 143 30.61 -53.15 0.32
C GLU P 143 31.73 -54.02 -0.27
N LEU P 144 32.89 -54.02 0.37
CA LEU P 144 33.97 -54.89 -0.10
C LEU P 144 33.63 -56.36 0.07
N GLY P 145 32.82 -56.70 1.08
CA GLY P 145 32.37 -58.07 1.20
C GLY P 145 31.45 -58.48 0.08
N ASP P 146 30.55 -57.58 -0.33
CA ASP P 146 29.68 -57.85 -1.46
C ASP P 146 30.47 -58.04 -2.75
N HIS P 147 31.49 -57.20 -2.96
CA HIS P 147 32.25 -57.32 -4.21
C HIS P 147 33.13 -58.57 -4.22
N VAL P 148 33.71 -58.94 -3.07
CA VAL P 148 34.51 -60.14 -3.00
C VAL P 148 33.65 -61.38 -3.22
N THR P 149 32.46 -61.41 -2.62
CA THR P 149 31.59 -62.57 -2.78
C THR P 149 31.05 -62.68 -4.21
N ASN P 150 30.77 -61.55 -4.85
CA ASN P 150 30.34 -61.61 -6.25
C ASN P 150 31.46 -62.07 -7.17
N LEU P 151 32.70 -61.65 -6.91
CA LEU P 151 33.78 -62.14 -7.76
C LEU P 151 34.18 -63.58 -7.44
N ARG P 152 33.77 -64.12 -6.29
CA ARG P 152 33.95 -65.55 -6.06
C ARG P 152 32.82 -66.35 -6.69
N LYS P 153 31.62 -65.78 -6.74
CA LYS P 153 30.51 -66.50 -7.36
C LYS P 153 30.62 -66.52 -8.87
N MET P 154 30.99 -65.39 -9.48
CA MET P 154 30.94 -65.27 -10.93
C MET P 154 32.04 -66.04 -11.64
N GLY P 155 33.09 -66.44 -10.93
CA GLY P 155 34.15 -67.23 -11.52
C GLY P 155 35.47 -66.54 -11.68
N ALA P 156 35.69 -65.40 -11.05
CA ALA P 156 37.03 -64.84 -11.00
C ALA P 156 37.86 -65.60 -9.96
N PRO P 157 39.18 -65.69 -10.13
CA PRO P 157 40.09 -65.19 -11.18
C PRO P 157 40.22 -66.12 -12.36
N GLU P 158 39.33 -67.11 -12.47
CA GLU P 158 39.44 -68.09 -13.55
C GLU P 158 39.09 -67.46 -14.89
N SER P 159 37.85 -67.01 -15.04
CA SER P 159 37.41 -66.41 -16.29
C SER P 159 37.45 -64.90 -16.16
N GLY P 160 38.16 -64.25 -17.09
CA GLY P 160 38.17 -62.79 -17.10
C GLY P 160 36.87 -62.17 -17.55
N LEU P 161 36.01 -62.96 -18.19
CA LEU P 161 34.69 -62.48 -18.60
C LEU P 161 33.85 -62.08 -17.40
N ALA P 162 34.03 -62.77 -16.27
CA ALA P 162 33.37 -62.37 -15.03
C ALA P 162 33.85 -61.00 -14.56
N GLU P 163 35.16 -60.75 -14.63
CA GLU P 163 35.67 -59.43 -14.24
C GLU P 163 35.23 -58.35 -15.20
N TYR P 164 35.06 -58.68 -16.47
CA TYR P 164 34.60 -57.67 -17.43
C TYR P 164 33.15 -57.30 -17.20
N LEU P 165 32.30 -58.30 -16.99
CA LEU P 165 30.89 -57.99 -16.75
C LEU P 165 30.66 -57.34 -15.39
N PHE P 166 31.48 -57.70 -14.40
CA PHE P 166 31.47 -56.97 -13.14
C PHE P 166 32.01 -55.56 -13.30
N ASP P 167 32.89 -55.35 -14.27
CA ASP P 167 33.43 -54.02 -14.50
C ASP P 167 32.35 -53.10 -15.08
N LYS P 168 31.63 -53.56 -16.09
CA LYS P 168 30.69 -52.66 -16.75
C LYS P 168 29.39 -52.47 -15.96
N HIS P 169 28.87 -53.54 -15.35
CA HIS P 169 27.54 -53.46 -14.75
C HIS P 169 27.54 -52.87 -13.34
N THR P 170 28.33 -53.42 -12.43
CA THR P 170 28.26 -53.00 -11.04
C THR P 170 28.85 -51.62 -10.83
N LEU P 171 30.11 -51.43 -11.22
CA LEU P 171 30.85 -50.22 -10.86
C LEU P 171 30.68 -49.10 -11.88
N GLY P 172 29.60 -49.10 -12.65
CA GLY P 172 29.37 -48.05 -13.62
C GLY P 172 28.92 -46.77 -12.98
N ARG Q 1 -28.08 94.81 70.69
CA ARG Q 1 -26.78 94.25 71.05
C ARG Q 1 -25.88 95.33 71.63
N LEU Q 2 -25.46 95.15 72.88
CA LEU Q 2 -24.56 96.05 73.56
C LEU Q 2 -23.14 95.50 73.52
N TYR Q 3 -22.23 96.20 74.19
CA TYR Q 3 -20.84 95.79 74.26
C TYR Q 3 -20.66 94.73 75.33
N TRP Q 4 -19.44 94.19 75.41
CA TRP Q 4 -19.18 93.02 76.24
C TRP Q 4 -19.20 93.35 77.72
N ASP Q 5 -18.47 94.39 78.12
CA ASP Q 5 -18.31 94.69 79.54
C ASP Q 5 -19.60 95.25 80.14
N ASP Q 6 -20.45 95.88 79.32
CA ASP Q 6 -21.76 96.30 79.78
C ASP Q 6 -22.62 95.11 80.21
N LEU Q 7 -22.69 94.08 79.36
CA LEU Q 7 -23.46 92.89 79.67
C LEU Q 7 -22.85 92.10 80.81
N LYS Q 8 -21.52 92.10 80.91
CA LYS Q 8 -20.85 91.44 82.03
C LYS Q 8 -21.15 92.15 83.35
N ARG Q 9 -21.24 93.49 83.33
CA ARG Q 9 -21.61 94.21 84.53
C ARG Q 9 -23.08 94.01 84.88
N LYS Q 10 -23.94 93.83 83.87
CA LYS Q 10 -25.34 93.49 84.14
C LYS Q 10 -25.46 92.13 84.80
N LEU Q 11 -24.67 91.16 84.33
CA LEU Q 11 -24.59 89.86 85.00
C LEU Q 11 -24.06 90.00 86.42
N SER Q 12 -23.01 90.81 86.61
CA SER Q 12 -22.38 90.92 87.92
C SER Q 12 -23.26 91.67 88.92
N GLU Q 13 -24.20 92.49 88.42
CA GLU Q 13 -25.12 93.15 89.35
C GLU Q 13 -26.43 92.39 89.53
N LYS Q 14 -26.78 91.48 88.61
CA LYS Q 14 -28.01 90.72 88.82
C LYS Q 14 -27.77 89.37 89.48
N LEU Q 15 -26.52 88.89 89.51
CA LEU Q 15 -26.22 87.71 90.32
C LEU Q 15 -26.27 88.03 91.80
N ASP Q 16 -25.94 89.26 92.19
CA ASP Q 16 -25.84 89.60 93.61
C ASP Q 16 -27.17 90.01 94.22
N SER Q 17 -28.14 90.43 93.40
CA SER Q 17 -29.41 90.95 93.90
C SER Q 17 -30.54 89.93 93.77
N THR Q 18 -30.21 88.64 93.67
CA THR Q 18 -31.21 87.58 93.57
C THR Q 18 -30.93 86.55 94.65
N ASP Q 19 -31.88 86.38 95.57
CA ASP Q 19 -31.76 85.42 96.66
C ASP Q 19 -31.94 84.01 96.10
N PHE Q 20 -31.03 83.11 96.47
CA PHE Q 20 -31.02 81.75 95.94
C PHE Q 20 -31.49 80.72 96.95
N THR Q 21 -31.27 80.96 98.24
CA THR Q 21 -31.64 79.99 99.26
C THR Q 21 -33.14 79.99 99.53
N SER Q 22 -33.86 81.02 99.06
CA SER Q 22 -35.30 81.09 99.27
C SER Q 22 -36.03 80.00 98.49
N THR Q 23 -35.65 79.76 97.24
CA THR Q 23 -36.27 78.71 96.46
C THR Q 23 -35.82 77.34 96.94
N ILE Q 24 -34.61 77.25 97.50
CA ILE Q 24 -34.13 76.00 98.09
C ILE Q 24 -34.95 75.65 99.33
N LYS Q 25 -35.34 76.66 100.11
CA LYS Q 25 -36.17 76.42 101.28
C LYS Q 25 -37.64 76.21 100.89
N LEU Q 26 -38.06 76.79 99.76
CA LEU Q 26 -39.46 76.67 99.36
C LEU Q 26 -39.75 75.37 98.64
N LEU Q 27 -38.75 74.78 97.98
CA LEU Q 27 -38.93 73.45 97.41
C LEU Q 27 -38.94 72.38 98.48
N ASN Q 28 -38.43 72.68 99.68
CA ASN Q 28 -38.34 71.74 100.77
C ASN Q 28 -39.56 71.78 101.69
N GLU Q 29 -40.68 72.32 101.21
CA GLU Q 29 -41.88 72.41 102.02
C GLU Q 29 -42.61 71.08 102.05
N ASN Q 30 -43.48 70.91 103.05
CA ASN Q 30 -44.01 69.59 103.43
C ASN Q 30 -44.96 69.01 102.41
N SER Q 31 -45.48 69.80 101.48
CA SER Q 31 -46.23 69.24 100.36
C SER Q 31 -45.33 68.81 99.21
N TYR Q 32 -44.05 69.18 99.24
CA TYR Q 32 -43.13 68.94 98.15
C TYR Q 32 -41.92 68.09 98.52
N VAL Q 33 -41.86 67.53 99.73
CA VAL Q 33 -40.69 66.76 100.14
C VAL Q 33 -40.70 65.39 99.46
N PRO Q 34 -41.81 64.58 99.43
CA PRO Q 34 -41.77 63.46 98.48
C PRO Q 34 -42.14 63.92 97.07
N ARG Q 35 -41.15 64.00 96.20
CA ARG Q 35 -41.34 64.45 94.83
C ARG Q 35 -40.96 63.36 93.83
N GLU Q 36 -41.06 62.11 94.27
CA GLU Q 36 -40.69 60.95 93.47
C GLU Q 36 -41.58 60.84 92.24
N ALA Q 37 -41.00 60.37 91.14
CA ALA Q 37 -41.63 60.44 89.82
C ALA Q 37 -42.86 59.54 89.73
N GLY Q 38 -43.96 60.11 89.23
CA GLY Q 38 -45.20 59.39 89.06
C GLY Q 38 -46.32 59.77 90.01
N SER Q 39 -45.99 60.22 91.22
CA SER Q 39 -47.01 60.47 92.24
C SER Q 39 -47.71 61.81 91.99
N GLN Q 40 -48.68 62.12 92.84
CA GLN Q 40 -49.47 63.33 92.72
C GLN Q 40 -48.66 64.57 93.11
N LYS Q 41 -47.78 64.43 94.09
CA LYS Q 41 -47.00 65.58 94.55
C LYS Q 41 -45.95 65.99 93.53
N ASP Q 42 -45.46 65.06 92.71
CA ASP Q 42 -44.59 65.44 91.60
C ASP Q 42 -45.38 66.20 90.54
N GLU Q 43 -46.65 65.85 90.34
CA GLU Q 43 -47.50 66.61 89.44
C GLU Q 43 -47.75 68.02 89.97
N ASN Q 44 -47.95 68.15 91.29
CA ASN Q 44 -48.11 69.47 91.90
C ASN Q 44 -46.82 70.28 91.81
N LEU Q 45 -45.68 69.63 91.97
CA LEU Q 45 -44.40 70.32 91.84
C LEU Q 45 -44.13 70.74 90.40
N ALA Q 46 -44.54 69.93 89.43
CA ALA Q 46 -44.42 70.31 88.03
C ALA Q 46 -45.34 71.47 87.69
N LEU Q 47 -46.54 71.49 88.28
CA LEU Q 47 -47.43 72.64 88.14
C LEU Q 47 -46.81 73.90 88.74
N TYR Q 48 -46.12 73.76 89.88
CA TYR Q 48 -45.49 74.95 90.48
C TYR Q 48 -44.28 75.40 89.68
N VAL Q 49 -43.55 74.46 89.07
CA VAL Q 49 -42.41 74.83 88.22
C VAL Q 49 -42.89 75.54 86.96
N GLU Q 50 -43.95 75.04 86.33
CA GLU Q 50 -44.55 75.72 85.18
C GLU Q 50 -45.11 77.08 85.58
N ASN Q 51 -45.68 77.19 86.78
CA ASN Q 51 -46.18 78.47 87.25
C ASN Q 51 -45.05 79.46 87.48
N GLN Q 52 -43.91 79.00 88.00
CA GLN Q 52 -42.74 79.87 88.17
C GLN Q 52 -42.15 80.30 86.84
N PHE Q 53 -42.19 79.42 85.84
CA PHE Q 53 -41.77 79.85 84.51
C PHE Q 53 -42.80 80.76 83.83
N ARG Q 54 -44.06 80.74 84.28
CA ARG Q 54 -45.05 81.63 83.68
C ARG Q 54 -45.14 82.99 84.39
N GLU Q 55 -44.67 83.07 85.65
CA GLU Q 55 -44.79 84.32 86.40
C GLU Q 55 -43.88 85.42 85.89
N PHE Q 56 -42.66 85.10 85.47
CA PHE Q 56 -41.65 86.11 85.18
C PHE Q 56 -41.62 86.54 83.73
N LYS Q 57 -42.77 86.47 83.04
CA LYS Q 57 -42.97 86.96 81.66
C LYS Q 57 -42.03 86.29 80.66
N LEU Q 58 -42.01 84.97 80.67
CA LEU Q 58 -41.14 84.22 79.78
C LEU Q 58 -41.84 83.96 78.46
N SER Q 59 -41.11 83.37 77.50
CA SER Q 59 -41.63 83.29 76.14
C SER Q 59 -42.60 82.13 75.97
N LYS Q 60 -42.14 80.89 76.11
CA LYS Q 60 -43.06 79.78 75.86
C LYS Q 60 -42.69 78.55 76.65
N VAL Q 61 -43.65 77.99 77.38
CA VAL Q 61 -43.45 76.79 78.17
C VAL Q 61 -44.44 75.72 77.71
N TRP Q 62 -44.06 74.46 77.92
CA TRP Q 62 -44.89 73.31 77.59
C TRP Q 62 -44.46 72.12 78.43
N ARG Q 63 -45.20 71.02 78.29
CA ARG Q 63 -44.92 69.77 78.98
C ARG Q 63 -44.31 68.75 78.01
N ASP Q 64 -43.70 67.73 78.57
CA ASP Q 64 -43.10 66.64 77.82
C ASP Q 64 -43.57 65.35 78.50
N GLN Q 65 -44.58 64.71 77.91
CA GLN Q 65 -45.28 63.58 78.50
C GLN Q 65 -44.68 62.27 78.02
N HIS Q 66 -44.42 61.35 78.95
CA HIS Q 66 -43.99 60.01 78.58
C HIS Q 66 -44.64 58.99 79.51
N PHE Q 67 -44.76 57.76 79.03
CA PHE Q 67 -45.30 56.64 79.79
C PHE Q 67 -44.18 55.63 80.04
N VAL Q 68 -43.87 55.39 81.32
CA VAL Q 68 -42.82 54.43 81.66
C VAL Q 68 -43.29 53.49 82.76
N LYS Q 69 -42.76 52.27 82.74
CA LYS Q 69 -42.96 51.30 83.80
C LYS Q 69 -41.78 51.42 84.76
N ILE Q 70 -42.05 51.78 86.01
CA ILE Q 70 -40.99 51.85 87.01
C ILE Q 70 -41.24 50.76 88.05
N GLN Q 71 -40.31 50.62 88.99
CA GLN Q 71 -40.37 49.56 89.99
C GLN Q 71 -40.44 50.21 91.37
N VAL Q 72 -41.59 50.08 92.02
CA VAL Q 72 -41.88 50.69 93.31
C VAL Q 72 -41.97 49.59 94.34
N LYS Q 73 -41.55 49.91 95.57
CA LYS Q 73 -41.66 48.97 96.69
C LYS Q 73 -43.12 48.63 96.98
N ASP Q 74 -43.34 47.43 97.49
CA ASP Q 74 -44.68 46.90 97.72
C ASP Q 74 -44.97 46.88 99.23
N SER Q 75 -46.22 46.55 99.58
CA SER Q 75 -46.58 46.39 100.98
C SER Q 75 -45.88 45.20 101.62
N ALA Q 76 -45.62 44.15 100.84
CA ALA Q 76 -44.74 43.08 101.29
C ALA Q 76 -43.31 43.62 101.31
N GLN Q 77 -42.81 43.93 102.50
CA GLN Q 77 -41.53 44.60 102.64
C GLN Q 77 -40.37 43.66 102.35
N ASN Q 78 -39.30 44.24 101.82
CA ASN Q 78 -38.07 43.49 101.57
C ASN Q 78 -37.43 43.10 102.88
N SER Q 79 -36.63 42.03 102.87
CA SER Q 79 -36.07 41.51 104.11
C SER Q 79 -34.64 41.03 103.92
N VAL Q 80 -33.77 41.44 104.83
CA VAL Q 80 -32.45 40.86 105.01
C VAL Q 80 -32.52 40.03 106.29
N ILE Q 81 -32.14 38.76 106.19
CA ILE Q 81 -32.37 37.76 107.23
C ILE Q 81 -31.07 37.00 107.48
N ILE Q 82 -30.70 36.84 108.75
CA ILE Q 82 -29.59 35.98 109.13
C ILE Q 82 -30.14 34.58 109.36
N VAL Q 83 -29.61 33.59 108.63
CA VAL Q 83 -30.08 32.22 108.69
C VAL Q 83 -28.98 31.34 109.28
N ASP Q 84 -29.34 30.51 110.24
CA ASP Q 84 -28.44 29.50 110.79
C ASP Q 84 -28.77 28.16 110.16
N LYS Q 85 -27.77 27.56 109.51
CA LYS Q 85 -28.01 26.36 108.69
C LYS Q 85 -28.22 25.11 109.54
N ASN Q 86 -27.42 24.93 110.59
CA ASN Q 86 -27.46 23.68 111.34
C ASN Q 86 -28.73 23.54 112.16
N GLY Q 87 -29.20 24.65 112.75
CA GLY Q 87 -30.48 24.62 113.44
C GLY Q 87 -31.68 24.69 112.53
N ARG Q 88 -31.48 24.97 111.25
CA ARG Q 88 -32.50 25.12 110.21
C ARG Q 88 -33.53 26.19 110.53
N LEU Q 89 -33.15 27.25 111.25
CA LEU Q 89 -34.05 28.36 111.52
C LEU Q 89 -33.54 29.65 110.88
N VAL Q 90 -34.38 30.69 110.87
CA VAL Q 90 -34.06 31.97 110.26
C VAL Q 90 -34.20 33.06 111.32
N TYR Q 91 -33.67 34.24 111.00
CA TYR Q 91 -33.73 35.39 111.91
C TYR Q 91 -33.63 36.67 111.10
N LEU Q 92 -34.72 37.44 111.08
CA LEU Q 92 -34.77 38.72 110.40
C LEU Q 92 -33.82 39.72 111.05
N VAL Q 93 -33.11 40.49 110.23
CA VAL Q 93 -32.18 41.47 110.77
C VAL Q 93 -32.49 42.86 110.21
N GLU Q 94 -33.18 42.94 109.06
CA GLU Q 94 -33.48 44.25 108.51
C GLU Q 94 -34.70 44.20 107.60
N ASN Q 95 -35.60 45.19 107.77
CA ASN Q 95 -36.54 45.59 106.74
C ASN Q 95 -36.11 46.95 106.22
N PRO Q 96 -35.62 47.06 104.99
CA PRO Q 96 -35.11 48.36 104.50
C PRO Q 96 -36.24 49.34 104.21
N GLY Q 97 -36.07 50.57 104.71
CA GLY Q 97 -37.04 51.62 104.44
C GLY Q 97 -37.02 52.10 103.01
N GLY Q 98 -35.87 51.95 102.34
CA GLY Q 98 -35.78 52.19 100.92
C GLY Q 98 -35.48 50.91 100.16
N TYR Q 99 -35.07 51.07 98.91
CA TYR Q 99 -34.70 49.95 98.07
C TYR Q 99 -33.73 50.40 97.00
N VAL Q 100 -33.12 49.42 96.33
CA VAL Q 100 -32.33 49.68 95.13
C VAL Q 100 -33.25 49.47 93.93
N ALA Q 101 -33.46 50.54 93.16
CA ALA Q 101 -34.42 50.49 92.07
C ALA Q 101 -33.89 49.66 90.90
N TYR Q 102 -34.82 49.25 90.03
CA TYR Q 102 -34.57 48.41 88.85
C TYR Q 102 -33.88 47.10 89.22
N SER Q 103 -34.30 46.49 90.32
CA SER Q 103 -33.75 45.24 90.81
C SER Q 103 -34.66 44.07 90.42
N LYS Q 104 -34.17 42.86 90.68
CA LYS Q 104 -34.95 41.67 90.42
C LYS Q 104 -35.74 41.28 91.68
N ALA Q 105 -37.05 41.10 91.52
CA ALA Q 105 -37.92 40.72 92.63
C ALA Q 105 -37.86 39.20 92.79
N ALA Q 106 -36.92 38.74 93.60
CA ALA Q 106 -36.74 37.32 93.86
C ALA Q 106 -36.17 37.14 95.26
N THR Q 107 -35.78 35.90 95.56
CA THR Q 107 -35.29 35.53 96.89
C THR Q 107 -34.05 34.68 96.72
N VAL Q 108 -32.95 35.06 97.38
CA VAL Q 108 -31.71 34.31 97.37
C VAL Q 108 -31.28 34.04 98.80
N THR Q 109 -30.37 33.07 98.96
CA THR Q 109 -29.79 32.73 100.25
C THR Q 109 -28.43 32.10 100.02
N GLY Q 110 -27.41 32.61 100.69
CA GLY Q 110 -26.08 32.04 100.50
C GLY Q 110 -25.05 32.65 101.43
N LYS Q 111 -23.82 32.17 101.26
CA LYS Q 111 -22.69 32.63 102.06
C LYS Q 111 -22.31 34.05 101.68
N LEU Q 112 -21.96 34.86 102.67
CA LEU Q 112 -21.70 36.28 102.48
C LEU Q 112 -20.20 36.51 102.34
N VAL Q 113 -19.81 37.07 101.20
CA VAL Q 113 -18.41 37.36 100.86
C VAL Q 113 -18.26 38.87 100.72
N HIS Q 114 -17.26 39.45 101.36
CA HIS Q 114 -17.09 40.90 101.36
C HIS Q 114 -16.03 41.35 100.37
N ALA Q 115 -16.35 42.42 99.65
CA ALA Q 115 -15.41 43.14 98.80
C ALA Q 115 -15.43 44.61 99.20
N ASN Q 116 -14.34 45.31 98.88
CA ASN Q 116 -14.19 46.72 99.23
C ASN Q 116 -15.23 47.60 98.55
N PHE Q 117 -15.15 47.70 97.22
CA PHE Q 117 -15.99 48.62 96.46
C PHE Q 117 -16.84 47.92 95.42
N GLY Q 118 -16.59 46.65 95.14
CA GLY Q 118 -17.25 45.98 94.03
C GLY Q 118 -16.62 46.25 92.69
N THR Q 119 -15.42 46.81 92.67
CA THR Q 119 -14.72 47.07 91.42
C THR Q 119 -14.07 45.80 90.89
N LYS Q 120 -13.47 45.90 89.71
CA LYS Q 120 -12.74 44.79 89.14
C LYS Q 120 -11.44 44.52 89.91
N LYS Q 121 -10.73 45.60 90.28
CA LYS Q 121 -9.44 45.47 90.95
C LYS Q 121 -9.59 44.96 92.37
N ASP Q 122 -10.76 45.16 92.98
CA ASP Q 122 -11.05 44.54 94.27
C ASP Q 122 -11.43 43.07 94.13
N PHE Q 123 -12.04 42.71 93.01
CA PHE Q 123 -12.40 41.32 92.76
C PHE Q 123 -11.18 40.49 92.37
N GLU Q 124 -10.14 41.13 91.83
CA GLU Q 124 -8.95 40.41 91.40
C GLU Q 124 -8.02 40.02 92.56
N ASP Q 125 -8.36 40.36 93.80
CA ASP Q 125 -7.55 40.00 94.95
C ASP Q 125 -8.32 39.25 96.03
N LEU Q 126 -9.28 38.40 95.65
CA LEU Q 126 -10.14 37.74 96.61
C LEU Q 126 -9.52 36.42 97.09
N TYR Q 127 -10.17 35.82 98.10
CA TYR Q 127 -9.71 34.56 98.68
C TYR Q 127 -10.73 33.44 98.55
N THR Q 128 -12.01 33.74 98.73
CA THR Q 128 -13.18 32.88 98.70
C THR Q 128 -13.75 32.81 97.28
N PRO Q 129 -14.13 31.63 96.81
CA PRO Q 129 -14.84 31.54 95.51
C PRO Q 129 -16.15 32.29 95.54
N VAL Q 130 -16.46 32.93 94.42
CA VAL Q 130 -17.54 33.90 94.37
C VAL Q 130 -18.88 33.23 94.03
N ASN Q 131 -18.86 32.10 93.33
CA ASN Q 131 -20.08 31.48 92.82
C ASN Q 131 -20.97 30.94 93.94
N GLY Q 132 -22.28 31.17 93.77
CA GLY Q 132 -23.26 30.75 94.76
C GLY Q 132 -23.24 31.54 96.05
N SER Q 133 -22.68 32.75 96.03
CA SER Q 133 -22.48 33.54 97.24
C SER Q 133 -23.04 34.95 97.06
N ILE Q 134 -23.54 35.52 98.15
CA ILE Q 134 -23.96 36.92 98.16
C ILE Q 134 -22.78 37.79 98.55
N VAL Q 135 -22.47 38.78 97.73
CA VAL Q 135 -21.29 39.63 97.92
C VAL Q 135 -21.75 40.95 98.51
N ILE Q 136 -21.33 41.21 99.74
CA ILE Q 136 -21.54 42.51 100.37
C ILE Q 136 -20.36 43.42 100.01
N VAL Q 137 -20.66 44.68 99.69
CA VAL Q 137 -19.67 45.68 99.33
C VAL Q 137 -20.00 46.97 100.07
N ARG Q 138 -19.09 47.93 99.97
CA ARG Q 138 -19.33 49.28 100.46
C ARG Q 138 -19.61 50.21 99.29
N ALA Q 139 -20.36 51.26 99.56
CA ALA Q 139 -20.61 52.27 98.54
C ALA Q 139 -19.44 53.23 98.44
N GLY Q 140 -19.26 53.79 97.26
CA GLY Q 140 -18.23 54.81 97.06
C GLY Q 140 -17.57 54.81 95.68
N LYS Q 141 -17.56 56.00 95.07
CA LYS Q 141 -16.75 56.42 93.91
C LYS Q 141 -17.17 55.77 92.59
N ILE Q 142 -18.09 54.81 92.62
CA ILE Q 142 -18.62 54.18 91.41
C ILE Q 142 -20.13 54.06 91.58
N THR Q 143 -20.81 53.68 90.49
CA THR Q 143 -22.25 53.48 90.55
C THR Q 143 -22.56 52.15 91.23
N PHE Q 144 -23.81 52.01 91.67
CA PHE Q 144 -24.23 50.75 92.28
C PHE Q 144 -24.45 49.68 91.23
N ALA Q 145 -24.77 50.08 89.99
CA ALA Q 145 -25.00 49.12 88.92
C ALA Q 145 -23.71 48.48 88.45
N GLU Q 146 -22.59 49.21 88.55
CA GLU Q 146 -21.29 48.58 88.29
C GLU Q 146 -20.96 47.53 89.34
N LYS Q 147 -21.33 47.79 90.60
CA LYS Q 147 -21.18 46.79 91.66
C LYS Q 147 -21.99 45.54 91.35
N VAL Q 148 -23.25 45.72 90.94
CA VAL Q 148 -24.13 44.61 90.62
C VAL Q 148 -23.63 43.83 89.40
N ALA Q 149 -23.25 44.53 88.33
CA ALA Q 149 -22.83 43.85 87.10
C ALA Q 149 -21.47 43.18 87.26
N ASN Q 150 -20.56 43.78 88.03
CA ASN Q 150 -19.27 43.14 88.26
C ASN Q 150 -19.39 41.97 89.21
N ALA Q 151 -20.32 42.01 90.18
CA ALA Q 151 -20.57 40.84 91.00
C ALA Q 151 -21.23 39.74 90.19
N GLU Q 152 -22.06 40.11 89.21
CA GLU Q 152 -22.64 39.13 88.31
C GLU Q 152 -21.60 38.53 87.37
N SER Q 153 -20.56 39.29 87.05
CA SER Q 153 -19.53 38.81 86.13
C SER Q 153 -18.68 37.70 86.72
N LEU Q 154 -18.61 37.60 88.05
CA LEU Q 154 -18.01 36.46 88.72
C LEU Q 154 -19.07 35.48 89.25
N ASN Q 155 -20.30 35.61 88.75
CA ASN Q 155 -21.41 34.67 88.98
C ASN Q 155 -21.81 34.57 90.46
N ALA Q 156 -21.83 35.70 91.15
CA ALA Q 156 -22.38 35.77 92.50
C ALA Q 156 -23.91 35.77 92.43
N ILE Q 157 -24.54 35.62 93.59
CA ILE Q 157 -26.01 35.56 93.66
C ILE Q 157 -26.62 36.67 94.50
N GLY Q 158 -25.84 37.66 94.92
CA GLY Q 158 -26.41 38.73 95.72
C GLY Q 158 -25.47 39.90 95.98
N VAL Q 159 -26.04 41.11 96.02
CA VAL Q 159 -25.29 42.34 96.23
C VAL Q 159 -25.88 43.07 97.43
N LEU Q 160 -25.04 43.38 98.41
CA LEU Q 160 -25.44 44.14 99.59
C LEU Q 160 -24.55 45.38 99.73
N ILE Q 161 -25.18 46.55 99.80
CA ILE Q 161 -24.48 47.83 99.75
C ILE Q 161 -24.91 48.65 100.96
N TYR Q 162 -23.96 48.97 101.84
CA TYR Q 162 -24.22 49.79 103.01
C TYR Q 162 -23.39 51.06 102.95
N MET Q 163 -23.49 51.86 104.00
CA MET Q 163 -22.78 53.12 104.13
C MET Q 163 -21.78 53.02 105.28
N ASP Q 164 -20.49 53.05 104.97
CA ASP Q 164 -19.46 53.00 105.99
C ASP Q 164 -19.34 54.35 106.71
N GLN Q 165 -18.86 54.29 107.95
CA GLN Q 165 -18.72 55.48 108.77
C GLN Q 165 -17.56 56.35 108.34
N THR Q 166 -16.46 55.76 107.86
CA THR Q 166 -15.28 56.52 107.51
C THR Q 166 -15.50 57.37 106.26
N LYS Q 167 -15.98 56.75 105.18
CA LYS Q 167 -16.21 57.50 103.95
C LYS Q 167 -17.46 58.37 104.07
N PHE Q 168 -18.51 57.85 104.71
CA PHE Q 168 -19.72 58.64 104.96
C PHE Q 168 -19.82 58.95 106.45
N PRO Q 169 -19.36 60.12 106.91
CA PRO Q 169 -19.46 60.44 108.35
C PRO Q 169 -20.89 60.79 108.75
N ILE Q 170 -21.75 59.78 108.86
CA ILE Q 170 -23.17 59.95 109.13
C ILE Q 170 -23.43 59.58 110.58
N VAL Q 171 -24.16 60.45 111.28
CA VAL Q 171 -24.56 60.17 112.66
C VAL Q 171 -25.55 59.01 112.70
N ASN Q 172 -26.48 58.97 111.74
CA ASN Q 172 -27.52 57.94 111.71
C ASN Q 172 -26.91 56.62 111.24
N ALA Q 173 -27.04 55.59 112.07
CA ALA Q 173 -26.58 54.26 111.71
C ALA Q 173 -27.68 53.39 111.12
N GLU Q 174 -28.95 53.75 111.31
CA GLU Q 174 -30.07 53.02 110.75
C GLU Q 174 -30.62 53.66 109.47
N LEU Q 175 -29.83 54.52 108.82
CA LEU Q 175 -30.30 55.20 107.63
C LEU Q 175 -30.26 54.27 106.43
N SER Q 176 -31.30 54.34 105.59
CA SER Q 176 -31.33 53.65 104.32
C SER Q 176 -31.36 54.68 103.19
N PHE Q 177 -30.69 54.36 102.09
CA PHE Q 177 -30.53 55.27 100.96
C PHE Q 177 -31.21 54.68 99.74
N PHE Q 178 -31.15 55.42 98.64
CA PHE Q 178 -31.85 55.06 97.41
C PHE Q 178 -30.89 55.19 96.24
N GLY Q 179 -31.05 54.32 95.25
CA GLY Q 179 -30.15 54.31 94.11
C GLY Q 179 -30.80 53.66 92.92
N HIS Q 180 -29.96 53.16 92.01
CA HIS Q 180 -30.41 52.50 90.80
C HIS Q 180 -29.53 51.28 90.53
N ALA Q 181 -30.00 50.43 89.61
CA ALA Q 181 -29.28 49.23 89.20
C ALA Q 181 -29.38 49.02 87.69
N HIS Q 182 -29.17 50.09 86.92
CA HIS Q 182 -29.14 49.98 85.46
C HIS Q 182 -27.72 50.24 84.95
N LEU Q 183 -27.16 49.25 84.25
CA LEU Q 183 -25.88 49.42 83.56
C LEU Q 183 -26.16 50.20 82.27
N GLY Q 184 -26.13 51.52 82.39
CA GLY Q 184 -26.43 52.42 81.29
C GLY Q 184 -27.67 53.24 81.59
N THR Q 185 -28.09 53.99 80.58
CA THR Q 185 -29.27 54.84 80.68
C THR Q 185 -30.33 54.39 79.69
N GLY Q 186 -31.47 55.07 79.73
CA GLY Q 186 -32.66 54.62 79.05
C GLY Q 186 -33.50 53.76 79.97
N ASP Q 187 -34.73 53.51 79.52
CA ASP Q 187 -35.65 52.68 80.29
C ASP Q 187 -35.25 51.21 80.12
N PRO Q 188 -34.87 50.50 81.19
CA PRO Q 188 -34.47 49.09 81.04
C PRO Q 188 -35.68 48.21 80.76
N TYR Q 189 -36.79 48.53 81.42
CA TYR Q 189 -38.05 47.81 81.21
C TYR Q 189 -38.76 48.40 79.99
N THR Q 190 -38.25 48.02 78.82
CA THR Q 190 -38.77 48.53 77.55
C THR Q 190 -39.25 47.37 76.68
N PRO Q 191 -40.49 46.89 76.90
CA PRO Q 191 -41.27 46.38 75.74
C PRO Q 191 -42.14 47.50 75.18
N GLY Q 192 -41.50 48.60 74.80
CA GLY Q 192 -42.16 49.86 74.56
C GLY Q 192 -42.88 50.02 73.23
N PHE Q 193 -43.57 48.97 72.78
CA PHE Q 193 -44.49 49.09 71.67
C PHE Q 193 -45.89 49.30 72.22
N PRO Q 194 -46.76 50.07 71.55
CA PRO Q 194 -48.08 50.36 72.11
C PRO Q 194 -48.98 49.13 72.19
N SER Q 195 -49.51 48.90 73.39
CA SER Q 195 -50.27 47.70 73.70
C SER Q 195 -51.40 48.00 74.67
N THR Q 199 -50.26 43.54 77.75
CA THR Q 199 -50.69 42.38 76.99
C THR Q 199 -49.78 41.19 77.28
N GLN Q 200 -49.04 40.74 76.27
CA GLN Q 200 -48.07 39.68 76.47
C GLN Q 200 -46.87 40.19 77.26
N PHE Q 201 -46.06 39.24 77.75
CA PHE Q 201 -44.96 39.54 78.67
C PHE Q 201 -43.63 39.11 78.04
N PRO Q 202 -42.97 39.98 77.30
CA PRO Q 202 -41.65 39.62 76.77
C PRO Q 202 -40.54 40.09 77.71
N PRO Q 203 -39.44 39.34 77.78
CA PRO Q 203 -38.24 39.87 78.45
C PRO Q 203 -37.59 40.97 77.63
N SER Q 204 -36.58 41.60 78.22
CA SER Q 204 -35.93 42.74 77.59
C SER Q 204 -35.00 42.31 76.45
N ARG Q 205 -34.01 41.47 76.76
CA ARG Q 205 -33.19 40.71 75.81
C ARG Q 205 -32.27 41.55 74.93
N SER Q 206 -32.30 42.87 75.04
CA SER Q 206 -31.40 43.73 74.27
C SER Q 206 -30.89 44.88 75.12
N SER Q 207 -30.74 44.64 76.42
CA SER Q 207 -30.24 45.68 77.34
C SER Q 207 -29.08 45.22 78.21
N GLY Q 208 -29.10 43.96 78.66
CA GLY Q 208 -28.12 43.51 79.62
C GLY Q 208 -28.54 43.67 81.06
N LEU Q 209 -29.72 43.18 81.43
CA LEU Q 209 -30.25 43.37 82.77
C LEU Q 209 -29.46 42.55 83.79
N PRO Q 210 -29.44 42.97 85.05
CA PRO Q 210 -28.90 42.12 86.11
C PRO Q 210 -29.80 40.90 86.33
N ASN Q 211 -29.17 39.77 86.61
CA ASN Q 211 -29.88 38.51 86.84
C ASN Q 211 -29.91 38.10 88.30
N ILE Q 212 -29.36 38.92 89.19
CA ILE Q 212 -29.32 38.61 90.62
C ILE Q 212 -29.86 39.81 91.41
N PRO Q 213 -30.50 39.59 92.57
CA PRO Q 213 -31.13 40.71 93.27
C PRO Q 213 -30.12 41.60 93.97
N VAL Q 214 -30.55 42.81 94.28
CA VAL Q 214 -29.78 43.79 95.03
C VAL Q 214 -30.74 44.58 95.93
N GLN Q 215 -30.35 44.78 97.18
CA GLN Q 215 -31.18 45.49 98.16
C GLN Q 215 -30.28 46.28 99.10
N THR Q 216 -30.68 47.51 99.38
CA THR Q 216 -29.90 48.38 100.25
C THR Q 216 -29.99 47.91 101.71
N ILE Q 217 -28.91 48.15 102.45
CA ILE Q 217 -28.81 47.76 103.85
C ILE Q 217 -28.25 48.93 104.64
N SER Q 218 -28.65 49.02 105.91
CA SER Q 218 -28.23 50.11 106.76
C SER Q 218 -26.92 49.77 107.48
N ARG Q 219 -26.34 50.77 108.15
CA ARG Q 219 -25.04 50.59 108.78
C ARG Q 219 -25.15 49.78 110.07
N ALA Q 220 -26.24 49.96 110.82
CA ALA Q 220 -26.45 49.15 112.02
C ALA Q 220 -26.74 47.70 111.65
N ALA Q 221 -27.49 47.48 110.57
CA ALA Q 221 -27.67 46.13 110.06
C ALA Q 221 -26.39 45.56 109.48
N ALA Q 222 -25.52 46.42 108.94
CA ALA Q 222 -24.19 45.96 108.51
C ALA Q 222 -23.35 45.52 109.69
N GLU Q 223 -23.43 46.25 110.81
CA GLU Q 223 -22.73 45.84 112.02
C GLU Q 223 -23.28 44.53 112.57
N LYS Q 224 -24.61 44.35 112.50
CA LYS Q 224 -25.21 43.10 112.92
C LYS Q 224 -24.85 41.93 112.00
N LEU Q 225 -24.61 42.21 110.71
CA LEU Q 225 -24.16 41.16 109.81
C LEU Q 225 -22.70 40.79 110.08
N PHE Q 226 -21.81 41.79 110.16
CA PHE Q 226 -20.40 41.49 110.36
C PHE Q 226 -20.07 41.05 111.78
N GLY Q 227 -21.00 41.21 112.73
CA GLY Q 227 -20.77 40.68 114.06
C GLY Q 227 -20.78 39.18 114.14
N ASN Q 228 -21.48 38.51 113.20
CA ASN Q 228 -21.54 37.06 113.13
C ASN Q 228 -20.64 36.49 112.05
N MET Q 229 -19.49 37.10 111.81
CA MET Q 229 -18.58 36.69 110.74
C MET Q 229 -17.14 36.63 111.26
N GLU Q 230 -16.22 36.27 110.36
CA GLU Q 230 -14.83 36.00 110.71
C GLU Q 230 -13.90 36.62 109.68
N GLY Q 231 -12.63 36.74 110.05
CA GLY Q 231 -11.59 37.19 109.13
C GLY Q 231 -11.39 38.69 109.08
N ASP Q 232 -10.15 39.15 109.18
CA ASP Q 232 -9.87 40.58 109.26
C ASP Q 232 -9.96 41.26 107.91
N CYS Q 233 -10.53 42.46 107.90
CA CYS Q 233 -10.52 43.29 106.71
C CYS Q 233 -9.17 44.00 106.59
N PRO Q 234 -8.65 44.13 105.37
CA PRO Q 234 -7.33 44.77 105.21
C PRO Q 234 -7.36 46.27 105.49
N SER Q 235 -6.19 46.80 105.85
CA SER Q 235 -6.04 48.22 106.09
C SER Q 235 -5.97 49.03 104.79
N ASP Q 236 -5.84 48.36 103.64
CA ASP Q 236 -5.83 49.04 102.36
C ASP Q 236 -7.20 49.57 101.96
N TRP Q 237 -8.27 49.13 102.64
CA TRP Q 237 -9.62 49.49 102.26
C TRP Q 237 -10.17 50.69 103.04
N LYS Q 238 -9.56 51.01 104.19
CA LYS Q 238 -9.97 52.11 105.07
C LYS Q 238 -11.43 51.97 105.53
N THR Q 239 -11.68 50.91 106.29
CA THR Q 239 -13.02 50.54 106.73
C THR Q 239 -13.11 50.56 108.25
N ASP Q 240 -14.28 50.20 108.75
CA ASP Q 240 -14.57 50.24 110.18
C ASP Q 240 -13.92 49.05 110.89
N SER Q 241 -13.93 49.12 112.23
CA SER Q 241 -13.30 48.12 113.07
C SER Q 241 -14.14 46.84 113.20
N THR Q 242 -15.44 46.91 112.91
CA THR Q 242 -16.31 45.75 113.01
C THR Q 242 -16.31 44.94 111.71
N CYS Q 243 -15.54 45.38 110.71
CA CYS Q 243 -15.52 44.74 109.40
C CYS Q 243 -14.99 43.31 109.47
N ARG Q 244 -15.62 42.42 108.71
CA ARG Q 244 -15.17 41.04 108.56
C ARG Q 244 -15.22 40.64 107.10
N MET Q 245 -14.69 39.45 106.81
CA MET Q 245 -14.59 38.97 105.43
C MET Q 245 -15.58 37.84 105.13
N VAL Q 246 -15.51 36.75 105.89
CA VAL Q 246 -16.19 35.50 105.56
C VAL Q 246 -17.06 35.12 106.76
N THR Q 247 -18.26 34.60 106.48
CA THR Q 247 -19.12 34.06 107.51
C THR Q 247 -18.56 32.75 108.07
N SER Q 248 -19.26 32.20 109.06
CA SER Q 248 -18.93 30.90 109.61
C SER Q 248 -19.52 29.81 108.72
N GLU Q 249 -19.42 28.56 109.17
CA GLU Q 249 -19.85 27.44 108.35
C GLU Q 249 -21.38 27.33 108.33
N SER Q 250 -22.04 27.65 109.43
CA SER Q 250 -23.47 27.43 109.57
C SER Q 250 -24.30 28.71 109.42
N LYS Q 251 -23.68 29.87 109.26
CA LYS Q 251 -24.40 31.12 109.17
C LYS Q 251 -24.33 31.68 107.75
N ASN Q 252 -25.48 32.06 107.21
CA ASN Q 252 -25.54 32.64 105.87
C ASN Q 252 -26.64 33.69 105.82
N VAL Q 253 -26.77 34.34 104.68
CA VAL Q 253 -27.62 35.52 104.53
C VAL Q 253 -28.74 35.21 103.53
N LYS Q 254 -29.97 35.50 103.94
CA LYS Q 254 -31.15 35.45 103.08
C LYS Q 254 -31.55 36.86 102.66
N LEU Q 255 -31.78 37.04 101.37
CA LEU Q 255 -32.14 38.33 100.80
C LEU Q 255 -33.42 38.16 100.00
N THR Q 256 -34.50 38.79 100.47
CA THR Q 256 -35.79 38.74 99.80
C THR Q 256 -36.13 40.13 99.31
N VAL Q 257 -36.27 40.28 97.99
CA VAL Q 257 -36.62 41.53 97.35
C VAL Q 257 -38.01 41.36 96.73
N SER Q 258 -38.93 42.26 97.06
CA SER Q 258 -40.32 42.16 96.67
C SER Q 258 -40.83 43.47 96.07
N ASN Q 259 -40.08 44.04 95.14
CA ASN Q 259 -40.46 45.30 94.50
C ASN Q 259 -41.21 45.02 93.21
N VAL Q 260 -42.32 45.74 93.01
CA VAL Q 260 -43.25 45.42 91.93
C VAL Q 260 -43.29 46.56 90.92
N LEU Q 261 -44.12 46.40 89.90
CA LEU Q 261 -44.19 47.32 88.78
C LEU Q 261 -45.23 48.41 89.02
N LYS Q 262 -45.08 49.51 88.25
CA LYS Q 262 -46.10 50.56 88.22
C LYS Q 262 -45.99 51.31 86.90
N GLU Q 263 -47.11 51.44 86.20
CA GLU Q 263 -47.21 52.25 84.99
C GLU Q 263 -47.45 53.71 85.38
N ILE Q 264 -46.47 54.58 85.13
CA ILE Q 264 -46.60 55.99 85.50
C ILE Q 264 -46.45 56.85 84.24
N LYS Q 265 -46.96 58.08 84.38
CA LYS Q 265 -46.75 59.16 83.44
C LYS Q 265 -45.73 60.12 84.04
N ILE Q 266 -44.74 60.51 83.25
CA ILE Q 266 -43.77 61.52 83.65
C ILE Q 266 -43.95 62.76 82.78
N LEU Q 267 -43.74 63.92 83.38
CA LEU Q 267 -43.96 65.21 82.73
C LEU Q 267 -42.72 66.06 82.96
N ASN Q 268 -41.92 66.23 81.90
CA ASN Q 268 -40.74 67.10 81.95
C ASN Q 268 -41.16 68.49 81.52
N ILE Q 269 -40.89 69.50 82.33
CA ILE Q 269 -41.32 70.85 82.02
C ILE Q 269 -40.26 71.52 81.17
N PHE Q 270 -40.65 72.01 79.98
CA PHE Q 270 -39.73 72.67 79.07
C PHE Q 270 -40.15 74.13 78.95
N GLY Q 271 -39.18 75.04 78.96
CA GLY Q 271 -39.48 76.45 78.79
C GLY Q 271 -38.40 77.20 78.06
N VAL Q 272 -38.75 77.89 76.98
CA VAL Q 272 -37.79 78.62 76.18
C VAL Q 272 -38.00 80.12 76.39
N ILE Q 273 -36.88 80.84 76.44
CA ILE Q 273 -36.81 82.28 76.30
C ILE Q 273 -36.21 82.56 74.93
N LYS Q 274 -36.82 83.49 74.18
CA LYS Q 274 -36.48 83.72 72.79
C LYS Q 274 -35.09 84.36 72.64
N GLY Q 275 -34.58 84.29 71.41
CA GLY Q 275 -33.41 85.04 70.99
C GLY Q 275 -33.83 86.17 70.08
N PHE Q 276 -32.85 86.72 69.37
CA PHE Q 276 -33.14 87.84 68.48
C PHE Q 276 -32.48 87.68 67.12
N VAL Q 277 -31.47 86.81 67.04
CA VAL Q 277 -30.66 86.64 65.83
C VAL Q 277 -30.75 85.22 65.30
N GLU Q 278 -30.46 84.23 66.15
CA GLU Q 278 -30.29 82.85 65.71
C GLU Q 278 -31.43 81.99 66.22
N PRO Q 279 -32.39 81.60 65.39
CA PRO Q 279 -33.60 80.93 65.90
C PRO Q 279 -33.46 79.44 66.17
N ASP Q 280 -32.31 78.82 65.87
CA ASP Q 280 -32.29 77.37 65.80
C ASP Q 280 -31.31 76.65 66.72
N HIS Q 281 -30.39 77.35 67.39
CA HIS Q 281 -29.42 76.69 68.25
C HIS Q 281 -29.66 77.06 69.70
N TYR Q 282 -29.14 76.23 70.61
CA TYR Q 282 -29.21 76.50 72.04
C TYR Q 282 -28.20 75.68 72.82
N VAL Q 283 -27.82 76.24 73.97
CA VAL Q 283 -27.15 75.54 75.06
C VAL Q 283 -28.21 74.92 75.96
N VAL Q 284 -28.09 73.62 76.23
CA VAL Q 284 -29.07 72.92 77.06
C VAL Q 284 -28.83 73.30 78.50
N VAL Q 285 -29.87 73.80 79.17
CA VAL Q 285 -29.85 74.07 80.59
C VAL Q 285 -30.94 73.18 81.20
N GLY Q 286 -30.52 72.05 81.76
CA GLY Q 286 -31.46 71.12 82.35
C GLY Q 286 -31.10 70.84 83.79
N ALA Q 287 -32.09 70.39 84.55
CA ALA Q 287 -31.92 70.14 85.97
C ALA Q 287 -32.88 69.07 86.44
N GLN Q 288 -32.36 68.15 87.26
CA GLN Q 288 -33.17 67.12 87.88
C GLN Q 288 -34.12 67.76 88.90
N ARG Q 289 -35.38 67.31 88.87
CA ARG Q 289 -36.44 67.85 89.71
C ARG Q 289 -36.97 66.85 90.72
N ASP Q 290 -36.94 65.56 90.42
CA ASP Q 290 -37.44 64.57 91.34
C ASP Q 290 -36.33 64.00 92.22
N ALA Q 291 -36.74 63.52 93.40
CA ALA Q 291 -35.82 62.93 94.37
C ALA Q 291 -36.59 61.94 95.22
N TRP Q 292 -35.88 60.94 95.75
CA TRP Q 292 -36.52 59.98 96.64
C TRP Q 292 -36.86 60.61 97.99
N GLY Q 293 -35.85 61.17 98.66
CA GLY Q 293 -36.07 61.90 99.88
C GLY Q 293 -36.45 63.33 99.59
N PRO Q 294 -36.01 64.26 100.44
CA PRO Q 294 -36.29 65.68 100.19
C PRO Q 294 -35.50 66.21 99.00
N GLY Q 295 -34.23 65.83 98.92
CA GLY Q 295 -33.38 66.20 97.80
C GLY Q 295 -32.83 67.60 97.67
N ALA Q 296 -32.29 68.16 98.76
CA ALA Q 296 -31.84 69.54 98.71
C ALA Q 296 -30.68 69.68 97.72
N ALA Q 297 -29.57 68.98 97.99
CA ALA Q 297 -28.41 69.05 97.13
C ALA Q 297 -28.60 68.27 95.83
N LYS Q 298 -29.59 67.36 95.78
CA LYS Q 298 -29.87 66.60 94.57
C LYS Q 298 -31.02 67.04 93.68
N SER Q 299 -31.96 67.81 94.22
CA SER Q 299 -33.17 68.19 93.51
C SER Q 299 -33.50 69.64 93.79
N GLY Q 300 -33.32 70.12 95.02
CA GLY Q 300 -33.67 71.49 95.34
C GLY Q 300 -32.72 72.50 94.72
N VAL Q 301 -31.41 72.20 94.76
CA VAL Q 301 -30.39 73.07 94.17
C VAL Q 301 -30.59 73.18 92.66
N GLY Q 302 -30.90 72.06 92.00
CA GLY Q 302 -31.03 72.06 90.55
C GLY Q 302 -32.21 72.88 90.05
N THR Q 303 -33.42 72.58 90.54
CA THR Q 303 -34.61 73.31 90.11
C THR Q 303 -34.57 74.76 90.62
N ALA Q 304 -34.00 74.98 91.81
CA ALA Q 304 -33.91 76.33 92.36
C ALA Q 304 -32.99 77.21 91.54
N LEU Q 305 -31.77 76.73 91.24
CA LEU Q 305 -30.86 77.50 90.39
C LEU Q 305 -31.36 77.58 88.96
N LEU Q 306 -32.15 76.59 88.51
CA LEU Q 306 -32.80 76.66 87.20
C LEU Q 306 -33.74 77.85 87.13
N LEU Q 307 -34.63 77.97 88.12
CA LEU Q 307 -35.59 79.07 88.15
C LEU Q 307 -34.90 80.42 88.36
N LYS Q 308 -33.84 80.46 89.18
CA LYS Q 308 -33.17 81.73 89.41
C LYS Q 308 -32.33 82.16 88.21
N LEU Q 309 -31.72 81.21 87.48
CA LEU Q 309 -31.06 81.57 86.23
C LEU Q 309 -32.07 82.02 85.17
N ALA Q 310 -33.27 81.41 85.16
CA ALA Q 310 -34.32 81.88 84.26
C ALA Q 310 -34.74 83.31 84.60
N GLN Q 311 -34.85 83.62 85.90
CA GLN Q 311 -35.23 84.97 86.34
C GLN Q 311 -34.14 85.98 86.01
N MET Q 312 -32.88 85.62 86.22
CA MET Q 312 -31.79 86.56 85.94
C MET Q 312 -31.60 86.77 84.44
N PHE Q 313 -31.78 85.72 83.64
CA PHE Q 313 -31.68 85.88 82.19
C PHE Q 313 -32.86 86.69 81.65
N SER Q 314 -34.05 86.53 82.24
CA SER Q 314 -35.19 87.36 81.89
C SER Q 314 -34.94 88.82 82.26
N ASP Q 315 -34.32 89.06 83.42
CA ASP Q 315 -34.03 90.42 83.85
C ASP Q 315 -32.95 91.07 82.99
N MET Q 316 -32.04 90.28 82.44
CA MET Q 316 -31.08 90.87 81.51
C MET Q 316 -31.67 91.10 80.12
N VAL Q 317 -32.47 90.15 79.60
CA VAL Q 317 -32.97 90.28 78.24
C VAL Q 317 -34.06 91.34 78.15
N LEU Q 318 -35.06 91.27 79.04
CA LEU Q 318 -36.24 92.10 78.89
C LEU Q 318 -36.03 93.54 79.34
N LYS Q 319 -35.09 93.76 80.27
CA LYS Q 319 -34.90 95.09 80.85
C LYS Q 319 -33.73 95.84 80.23
N ASP Q 320 -32.53 95.28 80.31
CA ASP Q 320 -31.31 96.03 80.02
C ASP Q 320 -30.72 95.74 78.64
N GLY Q 321 -31.48 95.17 77.72
CA GLY Q 321 -31.04 95.06 76.35
C GLY Q 321 -30.03 93.97 76.06
N PHE Q 322 -29.85 93.01 76.98
CA PHE Q 322 -28.97 91.87 76.72
C PHE Q 322 -29.57 90.96 75.66
N GLN Q 323 -29.01 91.02 74.44
CA GLN Q 323 -29.49 90.19 73.34
C GLN Q 323 -28.48 89.10 73.05
N PRO Q 324 -28.78 87.83 73.36
CA PRO Q 324 -27.94 86.75 72.86
C PRO Q 324 -28.11 86.58 71.37
N SER Q 325 -27.21 85.80 70.76
CA SER Q 325 -27.38 85.40 69.38
C SER Q 325 -28.59 84.47 69.26
N ARG Q 326 -28.67 83.49 70.16
CA ARG Q 326 -29.65 82.41 70.07
C ARG Q 326 -30.49 82.32 71.34
N SER Q 327 -31.53 81.50 71.27
CA SER Q 327 -32.49 81.35 72.35
C SER Q 327 -31.92 80.49 73.48
N ILE Q 328 -32.62 80.49 74.61
CA ILE Q 328 -32.19 79.76 75.81
C ILE Q 328 -33.33 78.82 76.24
N ILE Q 329 -32.97 77.58 76.56
CA ILE Q 329 -33.94 76.58 77.00
C ILE Q 329 -33.74 76.33 78.49
N PHE Q 330 -34.79 75.86 79.15
CA PHE Q 330 -34.76 75.45 80.55
C PHE Q 330 -35.60 74.20 80.71
N ALA Q 331 -35.00 73.13 81.21
CA ALA Q 331 -35.63 71.82 81.31
C ALA Q 331 -35.65 71.37 82.76
N SER Q 332 -36.85 71.10 83.27
CA SER Q 332 -37.04 70.50 84.58
C SER Q 332 -37.41 69.04 84.38
N TRP Q 333 -36.52 68.14 84.83
CA TRP Q 333 -36.56 66.74 84.42
C TRP Q 333 -37.21 65.85 85.46
N SER Q 334 -38.04 64.92 85.00
CA SER Q 334 -38.48 63.79 85.81
C SER Q 334 -37.68 62.55 85.42
N ALA Q 335 -37.92 61.46 86.18
CA ALA Q 335 -37.18 60.20 86.09
C ALA Q 335 -35.67 60.43 86.22
N GLY Q 336 -35.29 61.32 87.14
CA GLY Q 336 -33.91 61.70 87.31
C GLY Q 336 -33.14 60.80 88.27
N ASP Q 337 -33.85 60.21 89.24
CA ASP Q 337 -33.22 59.33 90.21
C ASP Q 337 -32.71 58.04 89.59
N PHE Q 338 -33.39 57.54 88.56
CA PHE Q 338 -33.14 56.23 88.00
C PHE Q 338 -32.01 56.23 86.98
N GLY Q 339 -31.24 57.31 86.89
CA GLY Q 339 -30.15 57.41 85.94
C GLY Q 339 -30.43 58.43 84.86
N SER Q 340 -31.28 59.41 85.17
CA SER Q 340 -31.79 60.43 84.24
C SER Q 340 -32.42 59.78 83.01
N VAL Q 341 -33.45 58.97 83.25
CA VAL Q 341 -34.05 58.14 82.21
C VAL Q 341 -34.90 58.99 81.26
N GLY Q 342 -35.61 59.99 81.80
CA GLY Q 342 -36.43 60.87 81.00
C GLY Q 342 -35.66 61.69 79.99
N ALA Q 343 -34.46 62.13 80.37
CA ALA Q 343 -33.59 62.83 79.42
C ALA Q 343 -33.05 61.90 78.34
N THR Q 344 -32.84 60.62 78.68
CA THR Q 344 -32.40 59.67 77.66
C THR Q 344 -33.53 59.35 76.70
N GLU Q 345 -34.77 59.22 77.21
CA GLU Q 345 -35.96 59.14 76.36
C GLU Q 345 -36.14 60.37 75.49
N TRP Q 346 -35.78 61.55 76.01
CA TRP Q 346 -35.71 62.77 75.20
C TRP Q 346 -34.64 62.65 74.12
N LEU Q 347 -33.58 61.89 74.39
CA LEU Q 347 -32.55 61.64 73.39
C LEU Q 347 -32.83 60.43 72.50
N GLU Q 348 -33.88 59.64 72.79
CA GLU Q 348 -34.13 58.44 71.99
C GLU Q 348 -34.72 58.75 70.61
N GLY Q 349 -35.59 59.76 70.50
CA GLY Q 349 -36.09 60.14 69.20
C GLY Q 349 -35.23 61.18 68.52
N TYR Q 350 -34.28 61.75 69.25
CA TYR Q 350 -33.40 62.81 68.75
C TYR Q 350 -31.94 62.38 68.81
N LEU Q 351 -31.66 61.16 68.35
CA LEU Q 351 -30.34 60.56 68.51
C LEU Q 351 -29.33 61.20 67.56
N SER Q 352 -29.67 61.29 66.28
CA SER Q 352 -28.80 61.89 65.28
C SER Q 352 -29.41 63.12 64.63
N SER Q 353 -30.27 63.85 65.36
CA SER Q 353 -30.89 65.06 64.84
C SER Q 353 -30.91 66.19 65.86
N LEU Q 354 -29.97 66.19 66.81
CA LEU Q 354 -29.98 67.16 67.89
C LEU Q 354 -28.61 67.78 68.15
N HIS Q 355 -27.52 67.13 67.73
CA HIS Q 355 -26.18 67.66 67.95
C HIS Q 355 -25.89 68.91 67.12
N LEU Q 356 -26.65 69.13 66.04
CA LEU Q 356 -26.47 70.31 65.22
C LEU Q 356 -26.93 71.56 65.95
N LYS Q 357 -27.89 71.40 66.87
CA LYS Q 357 -28.56 72.53 67.52
C LYS Q 357 -28.28 72.62 69.00
N ALA Q 358 -28.57 71.56 69.75
CA ALA Q 358 -28.32 71.50 71.18
C ALA Q 358 -26.84 71.22 71.40
N PHE Q 359 -26.04 72.27 71.52
CA PHE Q 359 -24.60 72.07 71.37
C PHE Q 359 -23.81 72.15 72.67
N THR Q 360 -24.46 72.40 73.81
CA THR Q 360 -23.76 72.40 75.09
C THR Q 360 -24.74 72.04 76.20
N TYR Q 361 -24.37 71.05 77.02
CA TYR Q 361 -25.14 70.72 78.22
C TYR Q 361 -24.40 71.20 79.46
N ILE Q 362 -25.14 71.75 80.41
CA ILE Q 362 -24.60 72.18 81.69
C ILE Q 362 -25.26 71.35 82.78
N ASN Q 363 -24.46 70.82 83.71
CA ASN Q 363 -24.96 69.91 84.73
C ASN Q 363 -25.03 70.67 86.05
N LEU Q 364 -26.20 71.20 86.37
CA LEU Q 364 -26.46 71.81 87.66
C LEU Q 364 -26.87 70.80 88.72
N ASP Q 365 -26.97 69.52 88.36
CA ASP Q 365 -27.31 68.48 89.31
C ASP Q 365 -26.06 68.04 90.05
N LYS Q 366 -26.16 68.02 91.39
CA LYS Q 366 -25.05 67.73 92.31
C LYS Q 366 -23.87 68.66 92.09
N ALA Q 367 -24.18 69.92 91.76
CA ALA Q 367 -23.13 70.93 91.55
C ALA Q 367 -22.78 71.65 92.84
N VAL Q 368 -23.74 71.80 93.76
CA VAL Q 368 -23.51 72.43 95.05
C VAL Q 368 -23.59 71.32 96.09
N LEU Q 369 -22.42 70.84 96.52
CA LEU Q 369 -22.34 69.77 97.50
C LEU Q 369 -21.43 70.10 98.67
N GLY Q 370 -20.43 70.94 98.47
CA GLY Q 370 -19.52 71.31 99.53
C GLY Q 370 -19.02 72.72 99.33
N THR Q 371 -17.87 73.00 99.91
CA THR Q 371 -17.38 74.37 99.92
C THR Q 371 -16.04 74.56 99.24
N SER Q 372 -15.07 73.67 99.50
CA SER Q 372 -13.67 73.96 99.18
C SER Q 372 -13.34 73.74 97.71
N ASN Q 373 -13.48 72.51 97.23
CA ASN Q 373 -12.93 72.10 95.94
C ASN Q 373 -13.93 72.29 94.81
N PHE Q 374 -13.39 72.66 93.65
CA PHE Q 374 -14.12 72.88 92.41
C PHE Q 374 -13.60 71.90 91.36
N LYS Q 375 -14.32 70.80 91.15
CA LYS Q 375 -13.86 69.76 90.23
C LYS Q 375 -14.79 69.69 89.02
N VAL Q 376 -14.21 69.61 87.83
CA VAL Q 376 -14.96 69.64 86.58
C VAL Q 376 -14.71 68.33 85.85
N SER Q 377 -15.79 67.68 85.41
CA SER Q 377 -15.73 66.58 84.45
C SER Q 377 -16.53 67.00 83.23
N ALA Q 378 -15.86 67.13 82.09
CA ALA Q 378 -16.50 67.78 80.96
C ALA Q 378 -15.94 67.24 79.65
N SER Q 379 -16.60 67.66 78.56
CA SER Q 379 -16.01 67.53 77.25
C SER Q 379 -14.82 68.48 77.14
N PRO Q 380 -13.75 68.07 76.43
CA PRO Q 380 -12.55 68.92 76.37
C PRO Q 380 -12.73 70.21 75.57
N LEU Q 381 -13.76 70.29 74.71
CA LEU Q 381 -14.01 71.47 73.88
C LEU Q 381 -14.18 72.73 74.70
N LEU Q 382 -14.84 72.62 75.86
CA LEU Q 382 -15.08 73.77 76.69
C LEU Q 382 -13.92 74.11 77.62
N TYR Q 383 -12.81 73.33 77.60
CA TYR Q 383 -11.77 73.45 78.62
C TYR Q 383 -11.14 74.84 78.66
N THR Q 384 -10.76 75.37 77.48
CA THR Q 384 -10.30 76.75 77.38
C THR Q 384 -11.35 77.72 77.93
N LEU Q 385 -12.61 77.49 77.56
CA LEU Q 385 -13.73 78.23 78.14
C LEU Q 385 -13.69 78.03 79.65
N ILE Q 386 -13.72 76.77 80.11
CA ILE Q 386 -13.58 76.51 81.54
C ILE Q 386 -12.36 77.19 82.16
N GLU Q 387 -11.26 77.26 81.41
CA GLU Q 387 -10.14 78.10 81.79
C GLU Q 387 -10.56 79.55 81.83
N LYS Q 388 -11.26 80.02 80.80
CA LYS Q 388 -11.84 81.36 80.82
C LYS Q 388 -12.99 81.48 81.79
N THR Q 389 -13.51 80.37 82.33
CA THR Q 389 -14.42 80.44 83.45
C THR Q 389 -13.69 80.71 84.75
N MET Q 390 -12.48 80.16 84.91
CA MET Q 390 -11.78 80.28 86.19
C MET Q 390 -10.85 81.49 86.26
N GLN Q 391 -10.64 82.19 85.15
CA GLN Q 391 -9.78 83.37 85.18
C GLN Q 391 -10.52 84.66 85.52
N ASN Q 392 -11.85 84.63 85.67
CA ASN Q 392 -12.59 85.84 86.02
C ASN Q 392 -13.71 85.59 87.01
N VAL Q 393 -13.59 84.54 87.84
CA VAL Q 393 -14.58 84.24 88.87
C VAL Q 393 -13.85 84.12 90.21
N LYS Q 394 -14.27 84.94 91.18
CA LYS Q 394 -13.72 84.88 92.52
C LYS Q 394 -14.36 83.76 93.32
N HIS Q 395 -13.57 83.12 94.17
CA HIS Q 395 -14.08 82.08 95.03
C HIS Q 395 -14.90 82.71 96.16
N PRO Q 396 -15.98 82.03 96.62
CA PRO Q 396 -16.79 82.57 97.72
C PRO Q 396 -16.06 82.77 99.04
N VAL Q 397 -15.43 81.72 99.56
CA VAL Q 397 -14.77 81.79 100.86
C VAL Q 397 -13.33 82.26 100.72
N THR Q 398 -12.62 81.78 99.70
CA THR Q 398 -11.21 82.12 99.52
C THR Q 398 -11.05 83.56 99.04
N GLY Q 399 -11.72 83.92 97.94
CA GLY Q 399 -11.59 85.24 97.36
C GLY Q 399 -10.66 85.34 96.18
N GLN Q 400 -9.78 84.37 95.99
CA GLN Q 400 -8.91 84.33 94.82
C GLN Q 400 -9.66 83.75 93.63
N PHE Q 401 -9.04 83.87 92.45
CA PHE Q 401 -9.60 83.22 91.27
C PHE Q 401 -9.44 81.71 91.36
N LEU Q 402 -10.33 80.99 90.67
CA LEU Q 402 -10.28 79.54 90.65
C LEU Q 402 -9.14 79.00 89.82
N TYR Q 403 -8.56 79.82 88.94
CA TYR Q 403 -7.46 79.41 88.07
C TYR Q 403 -6.14 79.62 88.82
N GLN Q 404 -5.74 78.59 89.58
CA GLN Q 404 -4.49 78.63 90.33
C GLN Q 404 -3.52 77.51 89.97
N ASP Q 405 -3.97 76.50 89.24
CA ASP Q 405 -3.11 75.43 88.75
C ASP Q 405 -3.39 75.24 87.27
N SER Q 406 -2.40 75.56 86.44
CA SER Q 406 -2.56 75.51 84.99
C SER Q 406 -2.44 74.10 84.43
N ASN Q 407 -2.21 73.09 85.27
CA ASN Q 407 -2.19 71.69 84.86
C ASN Q 407 -3.49 71.02 85.29
N TRP Q 408 -4.60 71.75 85.20
CA TRP Q 408 -5.88 71.25 85.68
C TRP Q 408 -6.59 70.40 84.63
N ALA Q 409 -6.27 70.60 83.35
CA ALA Q 409 -7.00 69.92 82.28
C ALA Q 409 -6.52 68.49 82.05
N SER Q 410 -5.32 68.15 82.51
CA SER Q 410 -4.78 66.82 82.31
C SER Q 410 -5.18 65.83 83.41
N LYS Q 411 -5.81 66.32 84.49
CA LYS Q 411 -6.23 65.47 85.60
C LYS Q 411 -7.74 65.48 85.79
N VAL Q 412 -8.48 65.55 84.70
CA VAL Q 412 -9.94 65.60 84.74
C VAL Q 412 -10.48 64.20 85.01
N GLU Q 413 -11.33 64.07 86.03
CA GLU Q 413 -12.00 62.81 86.33
C GLU Q 413 -13.00 62.49 85.22
N LYS Q 414 -13.21 61.19 84.98
CA LYS Q 414 -14.19 60.79 83.98
C LYS Q 414 -15.60 60.96 84.52
N LEU Q 415 -16.54 61.19 83.60
CA LEU Q 415 -17.94 61.21 83.97
C LEU Q 415 -18.44 59.81 84.30
N THR Q 416 -19.06 59.67 85.45
CA THR Q 416 -19.60 58.40 85.91
C THR Q 416 -21.01 58.21 85.36
N LEU Q 417 -21.53 56.99 85.51
CA LEU Q 417 -22.77 56.62 84.85
C LEU Q 417 -23.99 57.17 85.60
N ASP Q 418 -23.84 57.50 86.88
CA ASP Q 418 -24.94 58.05 87.67
C ASP Q 418 -25.10 59.55 87.54
N ASN Q 419 -24.21 60.22 86.80
CA ASN Q 419 -24.26 61.67 86.64
C ASN Q 419 -25.13 62.01 85.44
N ALA Q 420 -25.50 63.30 85.32
CA ALA Q 420 -26.44 63.71 84.29
C ALA Q 420 -25.78 64.20 83.02
N ALA Q 421 -24.49 64.54 83.05
CA ALA Q 421 -23.80 65.01 81.86
C ALA Q 421 -23.34 63.88 80.96
N PHE Q 422 -22.94 62.76 81.54
CA PHE Q 422 -22.52 61.55 80.84
C PHE Q 422 -23.54 60.96 79.85
N PRO Q 423 -24.87 60.92 80.12
CA PRO Q 423 -25.78 60.47 79.04
C PRO Q 423 -25.79 61.36 77.81
N PHE Q 424 -25.79 62.68 78.00
CA PHE Q 424 -25.73 63.59 76.87
C PHE Q 424 -24.39 63.50 76.16
N LEU Q 425 -23.32 63.20 76.91
CA LEU Q 425 -21.99 63.14 76.31
C LEU Q 425 -21.81 61.86 75.49
N ALA Q 426 -22.18 60.70 76.05
CA ALA Q 426 -21.83 59.42 75.45
C ALA Q 426 -23.03 58.64 74.90
N TYR Q 427 -24.20 59.26 74.78
CA TYR Q 427 -25.37 58.57 74.25
C TYR Q 427 -25.77 59.06 72.86
N SER Q 428 -25.84 60.38 72.66
CA SER Q 428 -26.29 60.95 71.39
C SER Q 428 -25.25 61.84 70.73
N GLY Q 429 -24.27 62.34 71.48
CA GLY Q 429 -23.29 63.24 70.90
C GLY Q 429 -23.52 64.71 71.17
N ILE Q 430 -23.81 65.07 72.41
CA ILE Q 430 -23.97 66.47 72.82
C ILE Q 430 -22.86 66.80 73.81
N PRO Q 431 -22.10 67.87 73.59
CA PRO Q 431 -21.07 68.27 74.56
C PRO Q 431 -21.67 68.70 75.88
N ALA Q 432 -20.95 68.41 76.96
CA ALA Q 432 -21.49 68.60 78.29
C ALA Q 432 -20.39 69.02 79.25
N VAL Q 433 -20.82 69.61 80.37
CA VAL Q 433 -19.93 70.01 81.46
C VAL Q 433 -20.64 69.66 82.78
N SER Q 434 -19.88 69.15 83.75
CA SER Q 434 -20.38 68.84 85.07
C SER Q 434 -19.39 69.35 86.10
N PHE Q 435 -19.71 70.49 86.71
CA PHE Q 435 -18.88 71.08 87.75
C PHE Q 435 -19.48 70.72 89.09
N CYS Q 436 -18.62 70.49 90.08
CA CYS Q 436 -19.07 70.13 91.41
C CYS Q 436 -18.25 70.88 92.46
N PHE Q 437 -18.96 71.56 93.34
CA PHE Q 437 -18.43 72.15 94.57
C PHE Q 437 -18.47 70.90 95.44
N CYS Q 438 -17.30 70.38 95.80
CA CYS Q 438 -17.24 69.29 96.78
C CYS Q 438 -15.81 69.19 97.30
N GLU Q 439 -15.55 68.10 98.03
CA GLU Q 439 -14.26 67.87 98.66
C GLU Q 439 -13.74 66.50 98.24
N ASP Q 440 -12.74 65.99 98.95
CA ASP Q 440 -12.31 64.61 98.80
C ASP Q 440 -13.40 63.62 99.19
N THR Q 441 -14.32 64.03 100.07
CA THR Q 441 -15.52 63.29 100.39
C THR Q 441 -16.73 64.00 99.77
N ASP Q 442 -17.57 63.25 99.05
CA ASP Q 442 -18.76 63.81 98.44
C ASP Q 442 -19.84 64.09 99.49
N TYR Q 443 -20.99 64.55 99.02
CA TYR Q 443 -22.12 64.79 99.89
C TYR Q 443 -22.70 63.46 100.36
N PRO Q 444 -22.68 63.15 101.66
CA PRO Q 444 -23.04 61.80 102.11
C PRO Q 444 -24.53 61.51 102.16
N TYR Q 445 -25.40 62.53 102.06
CA TYR Q 445 -26.83 62.34 102.20
C TYR Q 445 -27.54 62.32 100.85
N LEU Q 446 -26.84 61.89 99.80
CA LEU Q 446 -27.44 61.79 98.48
C LEU Q 446 -28.35 60.56 98.42
N GLY Q 447 -29.60 60.76 98.01
CA GLY Q 447 -30.55 59.67 97.94
C GLY Q 447 -31.07 59.19 99.27
N THR Q 448 -30.99 60.01 100.31
CA THR Q 448 -31.44 59.62 101.65
C THR Q 448 -32.65 60.46 102.05
N THR Q 449 -33.16 60.20 103.25
CA THR Q 449 -34.29 60.93 103.80
C THR Q 449 -33.88 62.20 104.54
N MET Q 450 -32.59 62.38 104.81
CA MET Q 450 -32.11 63.57 105.50
C MET Q 450 -31.42 64.54 104.55
N ASP Q 451 -31.88 64.63 103.31
CA ASP Q 451 -31.33 65.57 102.32
C ASP Q 451 -32.15 66.86 102.35
N THR Q 452 -32.17 67.49 103.52
CA THR Q 452 -33.03 68.63 103.81
C THR Q 452 -32.27 69.93 103.65
N TYR Q 453 -33.02 71.04 103.74
CA TYR Q 453 -32.46 72.38 103.66
C TYR Q 453 -31.58 72.71 104.86
N LYS Q 454 -31.91 72.15 106.03
CA LYS Q 454 -31.19 72.46 107.26
C LYS Q 454 -29.76 71.94 107.21
N GLU Q 455 -29.56 70.74 106.67
CA GLU Q 455 -28.22 70.16 106.59
C GLU Q 455 -27.34 70.92 105.60
N LEU Q 456 -27.92 71.36 104.48
CA LEU Q 456 -27.14 72.08 103.48
C LEU Q 456 -26.85 73.51 103.93
N ILE Q 457 -27.76 74.11 104.70
CA ILE Q 457 -27.50 75.46 105.20
C ILE Q 457 -26.58 75.43 106.42
N GLU Q 458 -26.49 74.29 107.12
CA GLU Q 458 -25.60 74.21 108.27
C GLU Q 458 -24.19 73.81 107.88
N ARG Q 459 -24.05 72.86 106.94
CA ARG Q 459 -22.72 72.47 106.47
C ARG Q 459 -22.09 73.56 105.63
N ILE Q 460 -22.90 74.32 104.91
CA ILE Q 460 -22.44 75.46 104.13
C ILE Q 460 -23.19 76.70 104.62
N PRO Q 461 -22.57 77.53 105.46
CA PRO Q 461 -23.22 78.79 105.86
C PRO Q 461 -23.30 79.79 104.73
N GLU Q 462 -22.43 79.69 103.73
CA GLU Q 462 -22.39 80.60 102.59
C GLU Q 462 -23.10 79.99 101.37
N LEU Q 463 -24.21 79.29 101.61
CA LEU Q 463 -24.96 78.64 100.54
C LEU Q 463 -25.49 79.65 99.52
N ASN Q 464 -25.82 80.87 99.98
CA ASN Q 464 -26.13 81.96 99.06
C ASN Q 464 -24.95 82.26 98.15
N LYS Q 465 -23.74 82.37 98.70
CA LYS Q 465 -22.60 82.77 97.90
C LYS Q 465 -22.03 81.60 97.09
N VAL Q 466 -22.17 80.38 97.61
CA VAL Q 466 -21.77 79.19 96.84
C VAL Q 466 -22.72 78.97 95.66
N ALA Q 467 -24.03 79.15 95.88
CA ALA Q 467 -24.98 79.12 94.78
C ALA Q 467 -24.79 80.31 93.85
N ARG Q 468 -24.27 81.43 94.36
CA ARG Q 468 -23.94 82.56 93.49
C ARG Q 468 -22.76 82.21 92.59
N ALA Q 469 -21.78 81.47 93.12
CA ALA Q 469 -20.65 81.04 92.28
C ALA Q 469 -21.10 80.04 91.23
N ALA Q 470 -22.02 79.13 91.60
CA ALA Q 470 -22.55 78.18 90.62
C ALA Q 470 -23.38 78.87 89.55
N ALA Q 471 -24.22 79.83 89.94
CA ALA Q 471 -24.99 80.60 88.97
C ALA Q 471 -24.09 81.52 88.15
N GLU Q 472 -22.95 81.95 88.71
CA GLU Q 472 -22.01 82.78 87.97
C GLU Q 472 -21.30 81.97 86.90
N VAL Q 473 -20.86 80.76 87.21
CA VAL Q 473 -20.19 79.96 86.19
C VAL Q 473 -21.20 79.45 85.16
N ALA Q 474 -22.46 79.23 85.57
CA ALA Q 474 -23.48 78.83 84.60
C ALA Q 474 -23.86 79.98 83.68
N GLY Q 475 -24.02 81.19 84.23
CA GLY Q 475 -24.29 82.35 83.40
C GLY Q 475 -23.12 82.74 82.54
N GLN Q 476 -21.89 82.44 82.98
CA GLN Q 476 -20.72 82.67 82.15
C GLN Q 476 -20.70 81.69 80.98
N PHE Q 477 -21.07 80.43 81.22
CA PHE Q 477 -21.27 79.46 80.13
C PHE Q 477 -22.29 79.96 79.12
N VAL Q 478 -23.43 80.45 79.63
CA VAL Q 478 -24.53 80.89 78.76
C VAL Q 478 -24.13 82.10 77.93
N ILE Q 479 -23.52 83.10 78.56
CA ILE Q 479 -23.17 84.32 77.82
C ILE Q 479 -21.99 84.08 76.87
N LYS Q 480 -20.96 83.34 77.29
CA LYS Q 480 -19.83 83.05 76.42
C LYS Q 480 -20.20 82.12 75.26
N LEU Q 481 -21.29 81.35 75.39
CA LEU Q 481 -21.65 80.50 74.27
C LEU Q 481 -22.85 80.99 73.47
N THR Q 482 -23.57 82.02 73.94
CA THR Q 482 -24.70 82.56 73.20
C THR Q 482 -24.50 84.02 72.78
N HIS Q 483 -23.36 84.62 73.12
CA HIS Q 483 -23.14 86.00 72.70
C HIS Q 483 -21.96 86.11 71.74
N ASP Q 484 -20.93 85.30 71.96
CA ASP Q 484 -19.69 85.43 71.21
C ASP Q 484 -19.86 84.98 69.78
N VAL Q 485 -19.23 85.71 68.85
CA VAL Q 485 -19.34 85.38 67.43
C VAL Q 485 -18.51 84.15 67.08
N GLU Q 486 -17.47 83.85 67.86
CA GLU Q 486 -16.76 82.59 67.76
C GLU Q 486 -17.22 81.68 68.89
N LEU Q 487 -17.16 80.37 68.64
CA LEU Q 487 -17.54 79.41 69.66
C LEU Q 487 -16.33 79.05 70.52
N ASN Q 488 -16.60 78.80 71.79
CA ASN Q 488 -15.57 78.34 72.73
C ASN Q 488 -15.55 76.82 72.80
N LEU Q 489 -15.45 76.17 71.64
CA LEU Q 489 -15.29 74.73 71.55
C LEU Q 489 -13.87 74.47 71.05
N ASP Q 490 -12.97 74.13 71.98
CA ASP Q 490 -11.54 73.98 71.67
C ASP Q 490 -11.31 72.57 71.16
N TYR Q 491 -11.16 72.43 69.84
CA TYR Q 491 -10.89 71.13 69.24
C TYR Q 491 -9.40 70.80 69.19
N GLU Q 492 -8.54 71.65 69.75
CA GLU Q 492 -7.12 71.34 69.79
C GLU Q 492 -6.76 70.55 71.05
N ARG Q 493 -7.72 70.35 71.95
CA ARG Q 493 -7.52 69.39 73.04
C ARG Q 493 -7.54 67.96 72.50
N TYR Q 494 -8.29 67.75 71.42
CA TYR Q 494 -8.37 66.44 70.80
C TYR Q 494 -7.08 66.04 70.11
N ASN Q 495 -6.28 67.02 69.70
CA ASN Q 495 -4.89 66.76 69.30
C ASN Q 495 -4.13 66.10 70.43
N SER Q 496 -4.29 66.61 71.65
CA SER Q 496 -3.62 66.02 72.81
C SER Q 496 -4.21 64.66 73.17
N GLN Q 497 -5.52 64.47 72.93
CA GLN Q 497 -6.15 63.17 73.20
C GLN Q 497 -5.62 62.09 72.26
N LEU Q 498 -5.61 62.38 70.96
CA LEU Q 498 -5.07 61.42 70.00
C LEU Q 498 -3.55 61.27 70.14
N LEU Q 499 -2.88 62.32 70.62
CA LEU Q 499 -1.46 62.21 70.92
C LEU Q 499 -1.21 61.31 72.11
N SER Q 500 -2.10 61.31 73.10
CA SER Q 500 -1.98 60.38 74.22
C SER Q 500 -2.27 58.95 73.78
N PHE Q 501 -3.20 58.78 72.83
CA PHE Q 501 -3.42 57.44 72.28
C PHE Q 501 -2.21 56.95 71.48
N VAL Q 502 -1.58 57.85 70.71
CA VAL Q 502 -0.36 57.50 69.98
C VAL Q 502 0.79 57.20 70.94
N ARG Q 503 0.88 57.93 72.06
CA ARG Q 503 1.86 57.61 73.08
C ARG Q 503 1.59 56.28 73.76
N ASP Q 504 0.32 55.93 73.98
CA ASP Q 504 -0.02 54.60 74.48
C ASP Q 504 0.34 53.52 73.47
N LEU Q 505 0.29 53.85 72.18
CA LEU Q 505 0.64 52.92 71.12
C LEU Q 505 2.15 52.72 70.99
N ASN Q 506 2.93 53.82 71.07
CA ASN Q 506 4.38 53.75 70.90
C ASN Q 506 5.06 52.97 72.02
N GLN Q 507 4.46 52.92 73.21
CA GLN Q 507 5.03 52.14 74.30
C GLN Q 507 4.87 50.65 74.09
N TYR Q 508 3.88 50.24 73.29
CA TYR Q 508 3.54 48.84 73.09
C TYR Q 508 3.64 48.42 71.62
N ARG Q 509 4.34 49.22 70.80
CA ARG Q 509 4.64 48.82 69.42
C ARG Q 509 5.47 47.54 69.30
N ALA Q 510 6.13 47.09 70.37
CA ALA Q 510 6.76 45.77 70.34
C ALA Q 510 5.74 44.66 70.16
N ASP Q 511 4.57 44.80 70.79
CA ASP Q 511 3.48 43.85 70.60
C ASP Q 511 2.91 43.93 69.19
N ILE Q 512 3.01 45.08 68.52
CA ILE Q 512 2.49 45.21 67.17
C ILE Q 512 3.51 44.70 66.16
N LYS Q 513 4.80 44.81 66.48
CA LYS Q 513 5.83 44.33 65.57
C LYS Q 513 6.18 42.85 65.78
N GLU Q 514 5.77 42.24 66.89
CA GLU Q 514 5.74 40.78 66.90
C GLU Q 514 4.62 40.24 66.03
N MET Q 515 3.56 41.02 65.82
CA MET Q 515 2.50 40.68 64.88
C MET Q 515 2.92 40.86 63.43
N GLY Q 516 3.91 41.71 63.16
CA GLY Q 516 4.41 41.92 61.82
C GLY Q 516 3.51 42.75 60.94
N LEU Q 517 2.89 43.80 61.50
CA LEU Q 517 2.00 44.67 60.75
C LEU Q 517 2.42 46.12 60.91
N SER Q 518 2.13 46.92 59.88
CA SER Q 518 2.48 48.34 59.85
C SER Q 518 1.26 49.16 60.23
N LEU Q 519 1.50 50.27 60.93
CA LEU Q 519 0.45 51.14 61.46
C LEU Q 519 0.31 52.43 60.66
N GLN Q 520 0.43 52.35 59.33
CA GLN Q 520 0.58 53.55 58.50
C GLN Q 520 -0.70 54.37 58.42
N TRP Q 521 -1.87 53.71 58.37
CA TRP Q 521 -3.11 54.44 58.12
C TRP Q 521 -3.56 55.22 59.35
N LEU Q 522 -3.20 54.75 60.55
CA LEU Q 522 -3.52 55.49 61.77
C LEU Q 522 -2.71 56.78 61.86
N TYR Q 523 -1.42 56.71 61.54
CA TYR Q 523 -0.61 57.93 61.53
C TYR Q 523 -0.97 58.84 60.37
N SER Q 524 -1.49 58.27 59.27
CA SER Q 524 -2.03 59.08 58.19
C SER Q 524 -3.29 59.83 58.64
N ALA Q 525 -4.15 59.17 59.41
CA ALA Q 525 -5.33 59.82 59.95
C ALA Q 525 -4.96 60.87 60.98
N ARG Q 526 -3.91 60.62 61.77
CA ARG Q 526 -3.40 61.61 62.72
C ARG Q 526 -2.84 62.84 62.00
N GLY Q 527 -2.10 62.63 60.91
CA GLY Q 527 -1.61 63.75 60.12
C GLY Q 527 -2.73 64.54 59.48
N ASP Q 528 -3.77 63.83 58.98
CA ASP Q 528 -4.95 64.51 58.45
C ASP Q 528 -5.67 65.31 59.53
N PHE Q 529 -5.71 64.77 60.75
CA PHE Q 529 -6.36 65.46 61.87
C PHE Q 529 -5.61 66.72 62.27
N PHE Q 530 -4.27 66.63 62.34
CA PHE Q 530 -3.48 67.79 62.73
C PHE Q 530 -3.46 68.86 61.64
N ARG Q 531 -3.41 68.43 60.37
CA ARG Q 531 -3.53 69.39 59.27
C ARG Q 531 -4.92 70.00 59.21
N ALA Q 532 -5.94 69.25 59.62
CA ALA Q 532 -7.29 69.80 59.69
C ALA Q 532 -7.40 70.87 60.77
N THR Q 533 -6.76 70.63 61.92
CA THR Q 533 -6.74 71.64 62.98
C THR Q 533 -5.96 72.88 62.57
N SER Q 534 -4.81 72.69 61.92
CA SER Q 534 -4.00 73.83 61.48
C SER Q 534 -4.71 74.63 60.39
N ARG Q 535 -5.36 73.95 59.45
CA ARG Q 535 -6.06 74.62 58.36
C ARG Q 535 -7.35 75.28 58.83
N LEU Q 536 -8.06 74.70 59.80
CA LEU Q 536 -9.24 75.38 60.33
C LEU Q 536 -8.85 76.54 61.23
N THR Q 537 -7.67 76.47 61.86
CA THR Q 537 -7.14 77.64 62.57
C THR Q 537 -6.76 78.75 61.59
N THR Q 538 -6.19 78.37 60.44
CA THR Q 538 -5.91 79.35 59.39
C THR Q 538 -7.20 79.94 58.83
N ASP Q 539 -8.25 79.14 58.73
CA ASP Q 539 -9.56 79.64 58.34
C ASP Q 539 -10.16 80.57 59.41
N PHE Q 540 -9.86 80.30 60.69
CA PHE Q 540 -10.22 81.24 61.74
C PHE Q 540 -9.43 82.54 61.62
N GLY Q 541 -8.22 82.47 61.06
CA GLY Q 541 -7.51 83.67 60.66
C GLY Q 541 -8.14 84.41 59.50
N ASN Q 542 -9.04 83.75 58.74
CA ASN Q 542 -9.80 84.39 57.67
C ASN Q 542 -11.29 84.43 57.99
N ALA Q 543 -11.64 84.73 59.24
CA ALA Q 543 -13.04 84.78 59.65
C ALA Q 543 -13.36 86.16 60.19
N GLU Q 544 -14.49 86.69 59.75
CA GLU Q 544 -14.95 88.01 60.17
C GLU Q 544 -15.86 87.85 61.40
N LYS Q 545 -16.58 88.89 61.79
CA LYS Q 545 -17.30 88.90 63.06
C LYS Q 545 -18.82 88.81 62.89
N THR Q 546 -19.42 89.67 62.07
CA THR Q 546 -20.87 89.87 62.07
C THR Q 546 -21.45 89.59 60.69
N ASP Q 547 -21.06 88.46 60.11
CA ASP Q 547 -21.58 88.03 58.82
C ASP Q 547 -22.49 86.83 59.04
N ARG Q 548 -22.99 86.27 57.94
CA ARG Q 548 -23.95 85.17 58.02
C ARG Q 548 -23.58 83.96 57.18
N PHE Q 549 -22.61 84.07 56.27
CA PHE Q 549 -22.47 83.02 55.26
C PHE Q 549 -21.37 82.02 55.61
N VAL Q 550 -20.26 82.47 56.19
CA VAL Q 550 -19.13 81.58 56.43
C VAL Q 550 -18.88 81.32 57.91
N MET Q 551 -19.21 82.26 58.79
CA MET Q 551 -18.88 82.14 60.20
C MET Q 551 -19.70 81.08 60.92
N LYS Q 552 -21.01 81.06 60.70
CA LYS Q 552 -21.86 80.04 61.28
C LYS Q 552 -21.61 78.66 60.68
N LYS Q 553 -21.13 78.58 59.43
CA LYS Q 553 -20.73 77.30 58.86
C LYS Q 553 -19.47 76.77 59.54
N LEU Q 554 -18.49 77.64 59.79
CA LEU Q 554 -17.30 77.24 60.54
C LEU Q 554 -17.66 76.84 61.96
N ASN Q 555 -18.58 77.56 62.58
CA ASN Q 555 -19.09 77.23 63.91
C ASN Q 555 -19.80 75.89 63.96
N ASP Q 556 -20.59 75.56 62.93
CA ASP Q 556 -21.21 74.23 62.87
C ASP Q 556 -20.18 73.13 62.63
N ARG Q 557 -19.13 73.42 61.85
CA ARG Q 557 -18.07 72.43 61.67
C ARG Q 557 -17.32 72.17 62.96
N VAL Q 558 -17.21 73.18 63.82
CA VAL Q 558 -16.59 72.97 65.14
C VAL Q 558 -17.60 72.31 66.09
N MET Q 559 -18.91 72.51 65.87
CA MET Q 559 -19.91 71.79 66.65
C MET Q 559 -19.90 70.29 66.35
N ARG Q 560 -19.69 69.93 65.09
CA ARG Q 560 -19.81 68.52 64.69
C ARG Q 560 -18.62 67.65 65.11
N VAL Q 561 -17.62 68.21 65.79
CA VAL Q 561 -16.45 67.44 66.18
C VAL Q 561 -16.81 66.42 67.25
N GLU Q 562 -17.76 66.75 68.12
CA GLU Q 562 -18.24 65.82 69.14
C GLU Q 562 -19.01 64.67 68.52
N TYR Q 563 -19.73 64.92 67.42
CA TYR Q 563 -20.58 63.89 66.84
C TYR Q 563 -19.79 62.86 66.04
N HIS Q 564 -18.67 63.25 65.44
CA HIS Q 564 -17.93 62.35 64.57
C HIS Q 564 -16.80 61.61 65.30
N PHE Q 565 -16.86 61.50 66.62
CA PHE Q 565 -16.06 60.55 67.36
C PHE Q 565 -16.85 59.31 67.76
N LEU Q 566 -18.15 59.31 67.52
CA LEU Q 566 -18.99 58.14 67.79
C LEU Q 566 -18.65 57.04 66.79
N SER Q 567 -18.50 55.82 67.30
CA SER Q 567 -18.08 54.70 66.46
C SER Q 567 -19.25 54.24 65.58
N PRO Q 568 -19.07 54.16 64.26
CA PRO Q 568 -20.19 53.74 63.39
C PRO Q 568 -20.30 52.22 63.27
N TYR Q 569 -19.42 51.50 63.95
CA TYR Q 569 -19.20 50.08 63.70
C TYR Q 569 -19.82 49.17 64.75
N VAL Q 570 -20.49 49.76 65.76
CA VAL Q 570 -21.20 49.00 66.78
C VAL Q 570 -22.64 49.49 66.85
N SER Q 571 -23.49 48.65 67.44
CA SER Q 571 -24.92 48.94 67.44
C SER Q 571 -25.29 49.86 68.60
N PRO Q 572 -26.20 50.81 68.39
CA PRO Q 572 -26.74 51.57 69.52
C PRO Q 572 -27.61 50.74 70.45
N LYS Q 573 -28.18 49.63 69.97
CA LYS Q 573 -29.01 48.79 70.84
C LYS Q 573 -28.16 47.81 71.63
N GLU Q 574 -27.06 47.33 71.04
CA GLU Q 574 -26.16 46.43 71.76
C GLU Q 574 -25.35 47.17 72.82
N SER Q 575 -24.54 48.14 72.40
CA SER Q 575 -23.74 48.95 73.31
C SER Q 575 -24.10 50.41 73.06
N PRO Q 576 -24.91 51.02 73.94
CA PRO Q 576 -25.36 52.41 73.69
C PRO Q 576 -24.29 53.46 73.88
N PHE Q 577 -23.10 53.10 74.37
CA PHE Q 577 -22.02 54.06 74.61
C PHE Q 577 -21.03 53.95 73.47
N ARG Q 578 -21.17 54.81 72.47
CA ARG Q 578 -20.39 54.72 71.25
C ARG Q 578 -19.26 55.75 71.18
N HIS Q 579 -19.17 56.66 72.14
CA HIS Q 579 -18.12 57.67 72.15
C HIS Q 579 -16.83 57.02 72.63
N VAL Q 580 -15.80 57.05 71.78
CA VAL Q 580 -14.60 56.25 72.02
C VAL Q 580 -13.72 56.83 73.12
N PHE Q 581 -13.90 58.10 73.49
CA PHE Q 581 -13.03 58.71 74.48
C PHE Q 581 -13.58 58.58 75.90
N TRP Q 582 -14.86 58.87 76.09
CA TRP Q 582 -15.46 58.88 77.42
C TRP Q 582 -16.42 57.73 77.67
N GLY Q 583 -16.91 57.07 76.63
CA GLY Q 583 -17.86 55.98 76.78
C GLY Q 583 -17.18 54.66 77.06
N SER Q 584 -18.00 53.60 77.07
CA SER Q 584 -17.52 52.27 77.42
C SER Q 584 -17.99 51.28 76.36
N GLY Q 585 -17.45 50.06 76.44
CA GLY Q 585 -17.72 49.04 75.45
C GLY Q 585 -16.41 48.48 74.92
N SER Q 586 -16.46 47.36 74.21
CA SER Q 586 -15.23 46.74 73.72
C SER Q 586 -14.59 47.52 72.58
N HIS Q 587 -15.39 48.30 71.84
CA HIS Q 587 -14.89 49.05 70.69
C HIS Q 587 -14.13 50.32 71.08
N THR Q 588 -14.19 50.75 72.33
CA THR Q 588 -13.54 51.96 72.76
C THR Q 588 -12.03 51.76 72.84
N LEU Q 589 -11.32 52.87 72.94
CA LEU Q 589 -9.86 52.88 73.02
C LEU Q 589 -9.30 52.40 74.37
N PRO Q 590 -9.90 52.71 75.54
CA PRO Q 590 -9.41 52.04 76.77
C PRO Q 590 -9.64 50.53 76.78
N ALA Q 591 -10.68 50.02 76.13
CA ALA Q 591 -10.84 48.56 76.05
C ALA Q 591 -9.79 47.95 75.14
N LEU Q 592 -9.38 48.68 74.10
CA LEU Q 592 -8.25 48.28 73.27
C LEU Q 592 -6.97 48.24 74.09
N LEU Q 593 -6.78 49.24 74.97
CA LEU Q 593 -5.59 49.24 75.82
C LEU Q 593 -5.64 48.12 76.86
N GLU Q 594 -6.84 47.74 77.31
CA GLU Q 594 -6.98 46.61 78.23
C GLU Q 594 -6.66 45.29 77.53
N ASN Q 595 -7.14 45.12 76.29
CA ASN Q 595 -6.84 43.89 75.57
C ASN Q 595 -5.37 43.84 75.14
N LEU Q 596 -4.74 45.01 74.99
CA LEU Q 596 -3.30 45.07 74.76
C LEU Q 596 -2.51 44.80 76.04
N LYS Q 597 -3.07 45.16 77.20
CA LYS Q 597 -2.51 44.75 78.48
C LYS Q 597 -2.59 43.25 78.67
N LEU Q 598 -3.66 42.62 78.19
CA LEU Q 598 -3.85 41.18 78.34
C LEU Q 598 -2.86 40.34 77.52
N ARG Q 599 -2.10 40.95 76.61
CA ARG Q 599 -1.18 40.19 75.76
C ARG Q 599 0.05 39.72 76.53
N LYS Q 600 0.43 40.43 77.60
CA LYS Q 600 1.71 40.22 78.26
C LYS Q 600 1.84 38.87 78.96
N GLN Q 601 0.74 38.17 79.18
CA GLN Q 601 0.75 36.84 79.76
C GLN Q 601 0.12 35.82 78.81
N ASN Q 602 0.20 34.55 79.21
CA ASN Q 602 -0.41 33.46 78.44
C ASN Q 602 -1.77 33.06 78.97
N ASN Q 603 -2.52 33.98 79.56
CA ASN Q 603 -3.87 33.69 80.03
C ASN Q 603 -4.85 33.78 78.87
N GLY Q 604 -5.95 33.03 78.98
CA GLY Q 604 -6.99 32.96 77.98
C GLY Q 604 -7.88 34.17 77.83
N ALA Q 605 -7.64 35.24 78.60
CA ALA Q 605 -8.43 36.45 78.43
C ALA Q 605 -8.07 37.19 77.15
N PHE Q 606 -6.84 37.02 76.66
CA PHE Q 606 -6.42 37.66 75.42
C PHE Q 606 -6.97 36.93 74.20
N ASN Q 607 -7.71 37.65 73.37
CA ASN Q 607 -8.15 37.16 72.07
C ASN Q 607 -7.38 37.94 71.00
N GLU Q 608 -6.69 37.22 70.12
CA GLU Q 608 -5.89 37.86 69.09
C GLU Q 608 -6.76 38.53 68.03
N THR Q 609 -7.69 37.78 67.44
CA THR Q 609 -8.46 38.26 66.31
C THR Q 609 -9.44 39.36 66.72
N LEU Q 610 -9.96 39.28 67.96
CA LEU Q 610 -10.84 40.35 68.44
C LEU Q 610 -10.06 41.63 68.69
N PHE Q 611 -8.81 41.51 69.15
CA PHE Q 611 -7.95 42.69 69.30
C PHE Q 611 -7.58 43.28 67.95
N ARG Q 612 -7.37 42.43 66.93
CA ARG Q 612 -7.09 42.94 65.59
C ARG Q 612 -8.32 43.62 64.99
N ASN Q 613 -9.51 43.09 65.32
CA ASN Q 613 -10.76 43.73 64.92
C ASN Q 613 -10.90 45.09 65.59
N GLN Q 614 -10.58 45.18 66.89
CA GLN Q 614 -10.65 46.46 67.61
C GLN Q 614 -9.67 47.47 67.05
N LEU Q 615 -8.45 47.03 66.74
CA LEU Q 615 -7.44 47.92 66.15
C LEU Q 615 -7.87 48.41 64.77
N ALA Q 616 -8.42 47.51 63.94
CA ALA Q 616 -8.85 47.88 62.60
C ALA Q 616 -10.03 48.86 62.63
N LEU Q 617 -11.04 48.57 63.46
CA LEU Q 617 -12.20 49.46 63.52
C LEU Q 617 -11.87 50.79 64.18
N ALA Q 618 -10.92 50.81 65.13
CA ALA Q 618 -10.52 52.07 65.74
C ALA Q 618 -9.69 52.91 64.76
N THR Q 619 -8.84 52.25 63.95
CA THR Q 619 -8.10 52.97 62.92
C THR Q 619 -9.03 53.54 61.87
N TRP Q 620 -10.08 52.78 61.49
CA TRP Q 620 -11.03 53.30 60.52
C TRP Q 620 -11.93 54.39 61.13
N THR Q 621 -12.17 54.32 62.44
CA THR Q 621 -12.93 55.37 63.11
C THR Q 621 -12.16 56.67 63.17
N ILE Q 622 -10.86 56.59 63.47
CA ILE Q 622 -10.02 57.78 63.48
C ILE Q 622 -9.80 58.31 62.05
N GLN Q 623 -9.79 57.42 61.06
CA GLN Q 623 -9.76 57.86 59.66
C GLN Q 623 -11.05 58.59 59.28
N GLY Q 624 -12.20 58.08 59.72
CA GLY Q 624 -13.46 58.75 59.45
C GLY Q 624 -13.58 60.08 60.16
N ALA Q 625 -13.06 60.17 61.39
CA ALA Q 625 -13.06 61.44 62.10
C ALA Q 625 -12.12 62.45 61.45
N ALA Q 626 -11.00 61.98 60.90
CA ALA Q 626 -10.07 62.86 60.20
C ALA Q 626 -10.67 63.37 58.89
N ASN Q 627 -11.41 62.52 58.19
CA ASN Q 627 -12.11 62.94 56.98
C ASN Q 627 -13.39 63.73 57.29
N ALA Q 628 -13.85 63.70 58.54
CA ALA Q 628 -15.02 64.46 58.94
C ALA Q 628 -14.67 65.88 59.38
N LEU Q 629 -13.64 66.04 60.20
CA LEU Q 629 -13.23 67.39 60.61
C LEU Q 629 -12.59 68.18 59.49
N SER Q 630 -11.81 67.53 58.62
CA SER Q 630 -11.15 68.25 57.53
C SER Q 630 -12.12 68.69 56.44
N GLY Q 631 -13.28 68.06 56.33
CA GLY Q 631 -14.35 68.56 55.48
C GLY Q 631 -14.23 68.20 54.01
N ASP Q 632 -13.84 69.18 53.20
CA ASP Q 632 -13.77 69.01 51.75
C ASP Q 632 -12.67 68.04 51.37
N VAL Q 633 -12.83 67.42 50.19
CA VAL Q 633 -11.77 66.58 49.62
C VAL Q 633 -10.59 67.39 49.14
N TRP Q 634 -10.76 68.71 48.95
CA TRP Q 634 -9.61 69.58 48.72
C TRP Q 634 -8.78 69.74 49.99
N ASP Q 635 -9.40 69.57 51.16
CA ASP Q 635 -8.73 69.71 52.44
C ASP Q 635 -8.53 68.30 53.02
N ILE Q 636 -7.43 67.67 52.63
CA ILE Q 636 -7.06 66.37 53.18
C ILE Q 636 -5.64 66.42 53.72
N THR R 1 33.57 11.58 32.60
CA THR R 1 32.30 11.99 32.00
C THR R 1 32.33 11.78 30.49
N SER R 2 31.15 11.78 29.88
CA SER R 2 31.04 11.56 28.45
C SER R 2 31.20 12.87 27.70
N GLN R 3 30.92 12.81 26.40
CA GLN R 3 30.95 14.00 25.56
C GLN R 3 29.65 14.24 24.81
N VAL R 4 28.67 13.36 24.95
CA VAL R 4 27.39 13.51 24.27
C VAL R 4 26.24 13.75 25.24
N ARG R 5 26.50 13.74 26.54
CA ARG R 5 25.46 14.02 27.53
C ARG R 5 25.04 15.48 27.43
N GLN R 6 23.83 15.72 26.92
CA GLN R 6 23.29 17.07 26.92
C GLN R 6 21.91 17.03 27.54
N ASN R 7 21.78 17.68 28.70
CA ASN R 7 20.54 17.83 29.45
C ASN R 7 19.95 16.45 29.80
N TYR R 8 20.70 15.73 30.65
CA TYR R 8 20.35 14.36 31.02
C TYR R 8 20.71 14.19 32.50
N HIS R 9 19.72 13.96 33.34
CA HIS R 9 19.94 13.94 34.78
C HIS R 9 20.23 12.53 35.25
N GLN R 10 20.94 12.43 36.39
CA GLN R 10 21.44 11.14 36.85
C GLN R 10 20.34 10.25 37.42
N ASP R 11 19.32 10.87 38.02
CA ASP R 11 18.22 10.10 38.59
C ASP R 11 17.40 9.43 37.50
N SER R 12 17.33 10.06 36.33
CA SER R 12 16.72 9.43 35.17
C SER R 12 17.48 8.19 34.77
N GLU R 13 18.83 8.25 34.83
CA GLU R 13 19.65 7.08 34.54
C GLU R 13 19.39 5.95 35.54
N ALA R 14 19.22 6.31 36.81
CA ALA R 14 18.92 5.29 37.83
C ALA R 14 17.56 4.65 37.59
N ALA R 15 16.56 5.45 37.20
CA ALA R 15 15.24 4.90 36.94
C ALA R 15 15.22 4.03 35.68
N ILE R 16 16.01 4.41 34.66
CA ILE R 16 16.12 3.59 33.47
C ILE R 16 16.78 2.26 33.79
N ASN R 17 17.79 2.27 34.68
CA ASN R 17 18.41 1.02 35.12
C ASN R 17 17.43 0.10 35.82
N ARG R 18 16.61 0.67 36.72
CA ARG R 18 15.60 -0.13 37.40
C ARG R 18 14.53 -0.64 36.43
N GLN R 19 14.20 0.14 35.41
CA GLN R 19 13.20 -0.32 34.45
C GLN R 19 13.76 -1.42 33.55
N ILE R 20 15.07 -1.39 33.26
CA ILE R 20 15.71 -2.50 32.54
C ILE R 20 15.66 -3.77 33.37
N ASN R 21 15.90 -3.64 34.68
CA ASN R 21 15.81 -4.80 35.56
C ASN R 21 14.38 -5.35 35.62
N LEU R 22 13.39 -4.45 35.57
CA LEU R 22 11.99 -4.89 35.55
C LEU R 22 11.65 -5.66 34.27
N GLU R 23 12.06 -5.13 33.11
CA GLU R 23 11.75 -5.79 31.84
C GLU R 23 12.44 -7.15 31.73
N LEU R 24 13.67 -7.25 32.22
CA LEU R 24 14.37 -8.54 32.19
C LEU R 24 13.74 -9.54 33.16
N TYR R 25 13.31 -9.07 34.33
CA TYR R 25 12.60 -9.93 35.27
C TYR R 25 11.31 -10.46 34.66
N ALA R 26 10.61 -9.60 33.93
CA ALA R 26 9.38 -10.03 33.26
C ALA R 26 9.68 -11.05 32.19
N SER R 27 10.79 -10.89 31.45
CA SER R 27 11.17 -11.87 30.45
C SER R 27 11.48 -13.22 31.08
N TYR R 28 12.11 -13.22 32.26
CA TYR R 28 12.41 -14.48 32.92
C TYR R 28 11.14 -15.15 33.44
N VAL R 29 10.17 -14.36 33.93
CA VAL R 29 8.91 -14.92 34.38
C VAL R 29 8.11 -15.50 33.22
N TYR R 30 8.13 -14.83 32.06
CA TYR R 30 7.45 -15.40 30.90
C TYR R 30 8.14 -16.65 30.39
N LEU R 31 9.47 -16.73 30.51
CA LEU R 31 10.16 -17.99 30.20
C LEU R 31 9.70 -19.12 31.12
N SER R 32 9.51 -18.79 32.41
CA SER R 32 9.05 -19.80 33.36
C SER R 32 7.63 -20.26 33.06
N MET R 33 6.73 -19.32 32.74
CA MET R 33 5.37 -19.68 32.34
C MET R 33 5.36 -20.51 31.07
N SER R 34 6.23 -20.17 30.12
CA SER R 34 6.20 -20.83 28.82
C SER R 34 6.67 -22.26 28.92
N TYR R 35 7.81 -22.51 29.56
CA TYR R 35 8.22 -23.89 29.75
C TYR R 35 7.55 -24.57 30.94
N TYR R 36 6.65 -23.90 31.64
CA TYR R 36 5.80 -24.63 32.57
C TYR R 36 4.69 -25.39 31.87
N PHE R 37 4.01 -24.76 30.92
CA PHE R 37 2.95 -25.42 30.18
C PHE R 37 3.46 -26.45 29.19
N ASP R 38 4.77 -26.55 29.00
CA ASP R 38 5.36 -27.58 28.17
C ASP R 38 5.38 -28.95 28.85
N ARG R 39 5.10 -29.01 30.16
CA ARG R 39 5.10 -30.26 30.89
C ARG R 39 3.98 -31.19 30.43
N ASP R 40 4.16 -32.48 30.70
CA ASP R 40 3.19 -33.46 30.23
C ASP R 40 1.89 -33.40 31.01
N ASP R 41 1.95 -33.14 32.31
CA ASP R 41 0.74 -33.19 33.12
C ASP R 41 -0.02 -31.88 33.13
N VAL R 42 0.24 -30.98 32.18
CA VAL R 42 -0.69 -29.91 31.86
C VAL R 42 -0.97 -29.99 30.37
N ALA R 43 0.10 -29.95 29.55
CA ALA R 43 0.09 -30.22 28.12
C ALA R 43 -0.83 -29.29 27.33
N LEU R 44 -0.49 -28.00 27.36
CA LEU R 44 -1.17 -26.97 26.56
C LEU R 44 -0.07 -26.28 25.78
N LYS R 45 0.06 -26.61 24.50
CA LYS R 45 1.27 -26.23 23.77
C LYS R 45 1.19 -24.82 23.18
N ASN R 46 0.01 -24.35 22.78
CA ASN R 46 -0.05 -23.01 22.21
C ASN R 46 0.05 -21.93 23.27
N PHE R 47 -0.31 -22.25 24.52
CA PHE R 47 0.10 -21.42 25.64
C PHE R 47 1.61 -21.26 25.70
N ALA R 48 2.36 -22.35 25.48
CA ALA R 48 3.81 -22.28 25.54
C ALA R 48 4.37 -21.43 24.40
N LYS R 49 3.80 -21.57 23.20
CA LYS R 49 4.20 -20.72 22.08
C LYS R 49 3.90 -19.26 22.35
N TYR R 50 2.73 -18.97 22.90
CA TYR R 50 2.31 -17.61 23.19
C TYR R 50 3.22 -16.95 24.23
N PHE R 51 3.47 -17.64 25.34
CA PHE R 51 4.31 -17.05 26.38
C PHE R 51 5.77 -16.96 25.95
N LEU R 52 6.24 -17.85 25.07
CA LEU R 52 7.60 -17.73 24.58
C LEU R 52 7.75 -16.54 23.64
N HIS R 53 6.74 -16.30 22.80
CA HIS R 53 6.73 -15.11 21.97
C HIS R 53 6.69 -13.85 22.82
N GLN R 54 5.93 -13.88 23.92
CA GLN R 54 5.88 -12.73 24.81
C GLN R 54 7.21 -12.52 25.53
N SER R 55 7.92 -13.60 25.84
CA SER R 55 9.23 -13.45 26.48
C SER R 55 10.23 -12.81 25.53
N HIS R 56 10.18 -13.21 24.25
CA HIS R 56 11.04 -12.56 23.26
C HIS R 56 10.68 -11.09 23.08
N GLU R 57 9.39 -10.75 23.17
CA GLU R 57 9.01 -9.35 23.06
C GLU R 57 9.48 -8.54 24.26
N GLU R 58 9.48 -9.13 25.46
CA GLU R 58 10.03 -8.43 26.62
C GLU R 58 11.54 -8.25 26.50
N ARG R 59 12.22 -9.24 25.90
CA ARG R 59 13.66 -9.09 25.67
C ARG R 59 13.97 -7.99 24.67
N GLU R 60 13.12 -7.86 23.64
CA GLU R 60 13.24 -6.74 22.70
C GLU R 60 13.02 -5.40 23.40
N HIS R 61 12.06 -5.35 24.34
CA HIS R 61 11.82 -4.13 25.11
C HIS R 61 13.05 -3.75 25.94
N ALA R 62 13.67 -4.74 26.57
CA ALA R 62 14.87 -4.48 27.38
C ALA R 62 16.04 -4.01 26.51
N GLU R 63 16.20 -4.59 25.33
CA GLU R 63 17.26 -4.16 24.43
C GLU R 63 17.03 -2.74 23.92
N LYS R 64 15.77 -2.36 23.69
CA LYS R 64 15.50 -0.99 23.27
C LYS R 64 15.79 0.00 24.38
N LEU R 65 15.49 -0.37 25.63
CA LEU R 65 15.87 0.51 26.75
C LEU R 65 17.38 0.64 26.91
N MET R 66 18.11 -0.44 26.68
CA MET R 66 19.57 -0.34 26.80
C MET R 66 20.17 0.50 25.68
N LYS R 67 19.58 0.43 24.48
CA LYS R 67 19.98 1.33 23.40
C LYS R 67 19.69 2.78 23.74
N LEU R 68 18.54 3.04 24.37
CA LEU R 68 18.22 4.42 24.77
C LEU R 68 19.16 4.92 25.85
N GLN R 69 19.61 4.03 26.73
CA GLN R 69 20.55 4.46 27.75
C GLN R 69 21.92 4.76 27.14
N ASN R 70 22.33 3.97 26.15
CA ASN R 70 23.63 4.22 25.54
C ASN R 70 23.62 5.40 24.58
N GLN R 71 22.44 5.81 24.08
CA GLN R 71 22.40 6.95 23.18
C GLN R 71 22.67 8.26 23.92
N ARG R 72 22.12 8.40 25.13
CA ARG R 72 22.24 9.66 25.84
C ARG R 72 23.47 9.74 26.70
N GLY R 73 24.41 8.81 26.55
CA GLY R 73 25.67 8.93 27.24
C GLY R 73 25.65 8.56 28.70
N GLY R 74 24.55 8.01 29.21
CA GLY R 74 24.56 7.41 30.51
C GLY R 74 25.21 6.05 30.49
N ARG R 75 25.63 5.62 31.66
CA ARG R 75 26.26 4.32 31.83
C ARG R 75 25.18 3.28 32.05
N ILE R 76 25.56 2.00 31.99
CA ILE R 76 24.64 0.92 32.31
C ILE R 76 25.21 0.15 33.50
N PHE R 77 24.43 0.05 34.56
CA PHE R 77 24.85 -0.64 35.78
C PHE R 77 23.79 -1.70 36.09
N LEU R 78 24.15 -2.96 35.85
CA LEU R 78 23.17 -4.03 35.92
C LEU R 78 22.92 -4.46 37.35
N GLN R 79 21.97 -5.38 37.51
CA GLN R 79 21.63 -6.00 38.79
C GLN R 79 21.39 -7.48 38.57
N ASP R 80 21.01 -8.16 39.65
CA ASP R 80 20.62 -9.56 39.57
C ASP R 80 19.14 -9.70 39.25
N ILE R 81 18.76 -10.81 38.62
CA ILE R 81 17.39 -11.09 38.23
C ILE R 81 16.83 -12.08 39.24
N LYS R 82 15.68 -11.74 39.82
CA LYS R 82 15.11 -12.57 40.86
C LYS R 82 14.45 -13.79 40.25
N LYS R 83 14.20 -14.79 41.09
CA LYS R 83 13.45 -15.95 40.65
C LYS R 83 11.99 -15.55 40.50
N PRO R 84 11.23 -16.25 39.65
CA PRO R 84 9.80 -15.95 39.51
C PRO R 84 9.04 -16.27 40.78
N ASP R 85 7.93 -15.57 40.96
CA ASP R 85 7.21 -15.56 42.22
C ASP R 85 6.41 -16.83 42.47
N CYS R 86 5.90 -17.48 41.43
CA CYS R 86 5.13 -18.70 41.61
C CYS R 86 5.63 -19.75 40.63
N ASP R 87 6.05 -20.90 41.17
CA ASP R 87 6.58 -21.98 40.37
C ASP R 87 5.55 -23.03 39.99
N ASP R 88 4.35 -22.96 40.55
CA ASP R 88 3.29 -23.92 40.27
C ASP R 88 2.02 -23.12 40.05
N TRP R 89 1.73 -22.79 38.78
CA TRP R 89 0.63 -21.91 38.46
C TRP R 89 -0.73 -22.58 38.63
N GLU R 90 -0.77 -23.92 38.62
CA GLU R 90 -1.85 -24.78 39.12
C GLU R 90 -3.08 -24.79 38.20
N SER R 91 -3.13 -23.89 37.22
CA SER R 91 -4.20 -23.80 36.23
C SER R 91 -3.73 -22.81 35.16
N GLY R 92 -4.52 -22.69 34.10
CA GLY R 92 -4.21 -21.74 33.06
C GLY R 92 -4.75 -20.35 33.37
N LEU R 93 -5.93 -20.31 33.99
CA LEU R 93 -6.59 -19.06 34.32
C LEU R 93 -5.80 -18.26 35.34
N ASN R 94 -5.22 -18.93 36.33
CA ASN R 94 -4.37 -18.25 37.29
C ASN R 94 -3.11 -17.71 36.64
N ALA R 95 -2.58 -18.43 35.63
CA ALA R 95 -1.41 -17.96 34.90
C ALA R 95 -1.72 -16.71 34.09
N MET R 96 -2.89 -16.67 33.44
CA MET R 96 -3.27 -15.47 32.71
C MET R 96 -3.54 -14.29 33.65
N GLU R 97 -4.09 -14.57 34.84
CA GLU R 97 -4.28 -13.48 35.80
C GLU R 97 -2.96 -12.93 36.31
N CYS R 98 -1.96 -13.81 36.53
CA CYS R 98 -0.65 -13.33 36.94
C CYS R 98 0.04 -12.56 35.83
N ALA R 99 -0.20 -12.94 34.57
CA ALA R 99 0.33 -12.17 33.45
C ALA R 99 -0.30 -10.77 33.40
N LEU R 100 -1.62 -10.69 33.64
CA LEU R 100 -2.30 -9.40 33.67
C LEU R 100 -1.76 -8.52 34.79
N HIS R 101 -1.51 -9.12 35.96
CA HIS R 101 -0.98 -8.37 37.09
C HIS R 101 0.44 -7.87 36.81
N LEU R 102 1.26 -8.69 36.14
CA LEU R 102 2.62 -8.29 35.82
C LEU R 102 2.64 -7.15 34.80
N GLU R 103 1.78 -7.23 33.78
CA GLU R 103 1.73 -6.15 32.78
C GLU R 103 1.17 -4.86 33.38
N LYS R 104 0.26 -4.95 34.34
CA LYS R 104 -0.19 -3.72 34.99
C LYS R 104 0.88 -3.12 35.88
N ASN R 105 1.72 -3.96 36.52
CA ASN R 105 2.83 -3.40 37.28
C ASN R 105 3.85 -2.72 36.36
N VAL R 106 4.07 -3.27 35.17
CA VAL R 106 4.97 -2.62 34.22
C VAL R 106 4.39 -1.29 33.75
N ASN R 107 3.06 -1.24 33.57
CA ASN R 107 2.40 0.03 33.25
C ASN R 107 2.57 1.04 34.38
N GLN R 108 2.47 0.58 35.63
CA GLN R 108 2.62 1.47 36.78
C GLN R 108 4.03 2.03 36.87
N SER R 109 5.03 1.20 36.59
CA SER R 109 6.41 1.67 36.60
C SER R 109 6.69 2.65 35.48
N LEU R 110 6.11 2.42 34.30
CA LEU R 110 6.32 3.37 33.21
C LEU R 110 5.60 4.69 33.46
N LEU R 111 4.46 4.67 34.15
CA LEU R 111 3.83 5.93 34.54
C LEU R 111 4.67 6.69 35.55
N GLU R 112 5.30 5.97 36.49
CA GLU R 112 6.21 6.62 37.44
C GLU R 112 7.42 7.21 36.73
N LEU R 113 7.91 6.52 35.69
CA LEU R 113 9.06 7.05 34.96
C LEU R 113 8.69 8.24 34.11
N HIS R 114 7.47 8.26 33.55
CA HIS R 114 7.04 9.45 32.83
C HIS R 114 6.84 10.64 33.76
N LYS R 115 6.40 10.38 35.00
CA LYS R 115 6.34 11.45 36.00
C LYS R 115 7.72 12.00 36.31
N LEU R 116 8.71 11.10 36.43
CA LEU R 116 10.08 11.54 36.69
C LEU R 116 10.64 12.37 35.53
N ALA R 117 10.40 11.92 34.29
CA ALA R 117 10.91 12.67 33.15
C ALA R 117 10.14 13.96 32.93
N THR R 118 8.90 14.03 33.42
CA THR R 118 8.19 15.30 33.43
C THR R 118 8.83 16.28 34.40
N ASP R 119 9.24 15.78 35.57
CA ASP R 119 9.82 16.68 36.56
C ASP R 119 11.22 17.18 36.20
N LYS R 120 12.03 16.37 35.52
CA LYS R 120 13.45 16.67 35.35
C LYS R 120 13.76 17.42 34.06
N ASN R 121 12.74 17.86 33.32
CA ASN R 121 12.88 18.57 32.03
C ASN R 121 13.71 17.79 31.02
N ASP R 122 13.26 16.58 30.71
CA ASP R 122 13.92 15.71 29.75
C ASP R 122 12.89 15.37 28.68
N PRO R 123 12.67 16.26 27.71
CA PRO R 123 11.57 16.05 26.76
C PRO R 123 11.83 14.94 25.77
N HIS R 124 13.10 14.62 25.49
CA HIS R 124 13.40 13.46 24.66
C HIS R 124 12.98 12.17 25.33
N LEU R 125 13.14 12.10 26.65
CA LEU R 125 12.75 10.88 27.36
C LEU R 125 11.24 10.75 27.42
N CYS R 126 10.53 11.88 27.58
CA CYS R 126 9.07 11.87 27.50
C CYS R 126 8.60 11.43 26.13
N ASP R 127 9.27 11.91 25.07
CA ASP R 127 8.92 11.49 23.72
C ASP R 127 9.16 10.01 23.51
N PHE R 128 10.27 9.49 24.04
CA PHE R 128 10.60 8.08 23.89
C PHE R 128 9.59 7.19 24.60
N ILE R 129 9.22 7.55 25.83
CA ILE R 129 8.25 6.76 26.59
C ILE R 129 6.87 6.83 25.96
N GLU R 130 6.44 8.02 25.53
CA GLU R 130 5.13 8.16 24.91
C GLU R 130 5.07 7.46 23.55
N THR R 131 6.20 7.35 22.85
CA THR R 131 6.17 6.68 21.57
C THR R 131 6.17 5.17 21.71
N HIS R 132 7.19 4.60 22.36
CA HIS R 132 7.49 3.20 22.14
C HIS R 132 6.89 2.24 23.16
N TYR R 133 6.41 2.71 24.30
CA TYR R 133 6.15 1.79 25.41
C TYR R 133 4.75 1.81 25.97
N LEU R 134 4.11 2.98 26.06
CA LEU R 134 2.83 3.06 26.76
C LEU R 134 1.72 2.37 25.96
N ASN R 135 1.71 2.59 24.64
CA ASN R 135 0.68 2.01 23.79
C ASN R 135 0.81 0.50 23.74
N GLU R 136 2.03 -0.02 23.81
CA GLU R 136 2.22 -1.47 23.81
C GLU R 136 1.71 -2.10 25.09
N GLN R 137 1.94 -1.45 26.24
CA GLN R 137 1.41 -1.97 27.49
C GLN R 137 -0.11 -1.89 27.54
N VAL R 138 -0.69 -0.86 26.93
CA VAL R 138 -2.15 -0.76 26.86
C VAL R 138 -2.73 -1.89 26.02
N LYS R 139 -2.11 -2.18 24.85
CA LYS R 139 -2.56 -3.29 24.02
C LYS R 139 -2.39 -4.63 24.72
N ALA R 140 -1.31 -4.80 25.47
CA ALA R 140 -1.07 -6.08 26.15
C ALA R 140 -2.06 -6.30 27.28
N ILE R 141 -2.37 -5.24 28.04
CA ILE R 141 -3.33 -5.36 29.13
C ILE R 141 -4.73 -5.65 28.60
N LYS R 142 -5.12 -4.96 27.52
CA LYS R 142 -6.43 -5.21 26.92
C LYS R 142 -6.55 -6.63 26.38
N GLU R 143 -5.48 -7.13 25.75
CA GLU R 143 -5.50 -8.47 25.18
C GLU R 143 -5.59 -9.53 26.27
N LEU R 144 -4.82 -9.37 27.34
CA LEU R 144 -4.85 -10.37 28.41
C LEU R 144 -6.16 -10.31 29.20
N GLY R 145 -6.77 -9.12 29.33
CA GLY R 145 -8.07 -9.05 29.95
C GLY R 145 -9.14 -9.72 29.11
N ASP R 146 -9.02 -9.62 27.78
CA ASP R 146 -9.92 -10.35 26.90
C ASP R 146 -9.77 -11.87 27.05
N HIS R 147 -8.54 -12.36 27.17
CA HIS R 147 -8.35 -13.80 27.35
C HIS R 147 -8.92 -14.28 28.67
N VAL R 148 -8.68 -13.53 29.76
CA VAL R 148 -9.22 -13.91 31.07
C VAL R 148 -10.74 -13.90 31.06
N THR R 149 -11.34 -12.93 30.38
CA THR R 149 -12.80 -12.86 30.37
C THR R 149 -13.41 -13.97 29.54
N ASN R 150 -12.77 -14.34 28.42
CA ASN R 150 -13.25 -15.47 27.64
C ASN R 150 -13.12 -16.78 28.41
N LEU R 151 -12.04 -16.96 29.16
CA LEU R 151 -11.92 -18.18 29.95
C LEU R 151 -12.89 -18.22 31.12
N ARG R 152 -13.23 -17.06 31.68
CA ARG R 152 -14.20 -17.05 32.78
C ARG R 152 -15.61 -17.31 32.28
N LYS R 153 -15.95 -16.79 31.10
CA LYS R 153 -17.25 -17.14 30.52
C LYS R 153 -17.31 -18.62 30.13
N MET R 154 -16.20 -19.16 29.63
CA MET R 154 -16.23 -20.55 29.19
C MET R 154 -16.18 -21.56 30.33
N GLY R 155 -15.99 -21.13 31.56
CA GLY R 155 -16.09 -22.03 32.70
C GLY R 155 -14.80 -22.56 33.27
N ALA R 156 -13.67 -21.92 33.00
CA ALA R 156 -12.43 -22.26 33.66
C ALA R 156 -12.50 -21.87 35.13
N PRO R 157 -11.76 -22.54 36.02
CA PRO R 157 -10.81 -23.67 35.90
C PRO R 157 -11.44 -25.04 36.05
N GLU R 158 -12.76 -25.10 36.25
CA GLU R 158 -13.42 -26.39 36.48
C GLU R 158 -13.41 -27.25 35.22
N SER R 159 -14.04 -26.77 34.15
CA SER R 159 -14.18 -27.57 32.94
C SER R 159 -12.95 -27.36 32.07
N GLY R 160 -12.04 -28.34 32.07
CA GLY R 160 -10.82 -28.25 31.29
C GLY R 160 -11.04 -28.30 29.78
N LEU R 161 -12.20 -28.78 29.34
CA LEU R 161 -12.60 -28.72 27.94
C LEU R 161 -12.61 -27.29 27.43
N ALA R 162 -12.94 -26.33 28.29
CA ALA R 162 -12.86 -24.92 27.91
C ALA R 162 -11.42 -24.49 27.66
N GLU R 163 -10.49 -24.96 28.48
CA GLU R 163 -9.08 -24.66 28.22
C GLU R 163 -8.59 -25.33 26.95
N TYR R 164 -9.12 -26.51 26.63
CA TYR R 164 -8.71 -27.17 25.39
C TYR R 164 -9.22 -26.43 24.16
N LEU R 165 -10.47 -26.00 24.18
CA LEU R 165 -11.01 -25.29 23.03
C LEU R 165 -10.43 -23.90 22.92
N PHE R 166 -10.07 -23.29 24.05
CA PHE R 166 -9.34 -22.02 24.01
C PHE R 166 -7.93 -22.21 23.50
N ASP R 167 -7.33 -23.37 23.79
CA ASP R 167 -6.02 -23.71 23.27
C ASP R 167 -6.05 -23.86 21.76
N LYS R 168 -7.10 -24.49 21.22
CA LYS R 168 -7.11 -24.77 19.79
C LYS R 168 -7.61 -23.58 18.97
N HIS R 169 -8.77 -23.02 19.30
CA HIS R 169 -9.39 -22.06 18.40
C HIS R 169 -8.77 -20.67 18.47
N THR R 170 -8.39 -20.21 19.65
CA THR R 170 -8.01 -18.80 19.79
C THR R 170 -6.53 -18.60 19.50
N LEU R 171 -5.67 -19.44 20.05
CA LEU R 171 -4.24 -19.21 19.96
C LEU R 171 -3.57 -20.04 18.87
N GLY R 172 -4.23 -20.22 17.73
CA GLY R 172 -3.61 -20.89 16.60
C GLY R 172 -3.12 -19.89 15.57
N THR S 1 3.92 -81.32 -18.85
CA THR S 1 2.83 -80.54 -18.28
C THR S 1 3.24 -79.08 -18.09
N SER S 2 2.26 -78.24 -17.77
CA SER S 2 2.53 -76.83 -17.55
C SER S 2 3.00 -76.59 -16.13
N GLN S 3 3.42 -75.36 -15.85
CA GLN S 3 3.91 -75.00 -14.54
C GLN S 3 2.94 -74.11 -13.77
N VAL S 4 2.37 -73.12 -14.44
CA VAL S 4 1.50 -72.13 -13.80
C VAL S 4 0.04 -72.51 -13.94
N ARG S 5 -0.26 -73.74 -14.33
CA ARG S 5 -1.65 -74.14 -14.52
C ARG S 5 -2.27 -74.53 -13.19
N GLN S 6 -3.43 -73.96 -12.90
CA GLN S 6 -4.12 -74.23 -11.64
C GLN S 6 -5.61 -73.97 -11.83
N ASN S 7 -6.41 -75.03 -11.75
CA ASN S 7 -7.87 -75.00 -11.88
C ASN S 7 -8.29 -74.36 -13.20
N TYR S 8 -7.92 -75.03 -14.29
CA TYR S 8 -8.21 -74.57 -15.63
C TYR S 8 -8.53 -75.81 -16.45
N HIS S 9 -9.82 -76.14 -16.55
CA HIS S 9 -10.26 -77.32 -17.26
C HIS S 9 -10.06 -77.15 -18.75
N GLN S 10 -9.78 -78.25 -19.45
CA GLN S 10 -9.29 -78.17 -20.82
C GLN S 10 -10.41 -78.02 -21.86
N ASP S 11 -11.66 -78.27 -21.49
CA ASP S 11 -12.76 -77.89 -22.38
C ASP S 11 -12.84 -76.39 -22.52
N SER S 12 -12.48 -75.66 -21.47
CA SER S 12 -12.36 -74.20 -21.58
C SER S 12 -11.22 -73.81 -22.50
N GLU S 13 -10.15 -74.61 -22.53
CA GLU S 13 -9.05 -74.36 -23.48
C GLU S 13 -9.53 -74.48 -24.92
N ALA S 14 -10.33 -75.52 -25.20
CA ALA S 14 -10.91 -75.66 -26.52
C ALA S 14 -11.86 -74.52 -26.85
N ALA S 15 -12.64 -74.09 -25.86
CA ALA S 15 -13.61 -73.00 -26.08
C ALA S 15 -12.91 -71.68 -26.37
N ILE S 16 -11.83 -71.39 -25.65
CA ILE S 16 -11.09 -70.15 -25.89
C ILE S 16 -10.40 -70.18 -27.25
N ASN S 17 -9.92 -71.36 -27.69
CA ASN S 17 -9.31 -71.43 -29.01
C ASN S 17 -10.34 -71.19 -30.13
N ARG S 18 -11.52 -71.79 -30.01
CA ARG S 18 -12.56 -71.53 -31.01
C ARG S 18 -13.06 -70.09 -30.95
N GLN S 19 -13.02 -69.47 -29.77
CA GLN S 19 -13.42 -68.07 -29.67
C GLN S 19 -12.40 -67.14 -30.31
N ILE S 20 -11.11 -67.47 -30.21
CA ILE S 20 -10.07 -66.71 -30.90
C ILE S 20 -10.28 -66.78 -32.41
N ASN S 21 -10.58 -67.99 -32.91
CA ASN S 21 -10.92 -68.18 -34.32
C ASN S 21 -12.09 -67.31 -34.76
N LEU S 22 -13.14 -67.26 -33.94
CA LEU S 22 -14.34 -66.50 -34.30
C LEU S 22 -14.07 -65.00 -34.31
N GLU S 23 -13.29 -64.51 -33.35
CA GLU S 23 -12.98 -63.08 -33.31
C GLU S 23 -12.13 -62.67 -34.50
N LEU S 24 -11.16 -63.51 -34.88
CA LEU S 24 -10.33 -63.18 -36.04
C LEU S 24 -11.13 -63.25 -37.33
N TYR S 25 -12.08 -64.17 -37.42
CA TYR S 25 -12.98 -64.20 -38.57
C TYR S 25 -13.82 -62.94 -38.66
N ALA S 26 -14.27 -62.43 -37.51
CA ALA S 26 -15.00 -61.17 -37.49
C ALA S 26 -14.12 -60.02 -37.95
N SER S 27 -12.85 -60.00 -37.53
CA SER S 27 -11.91 -58.98 -37.97
C SER S 27 -11.70 -59.00 -39.47
N TYR S 28 -11.63 -60.20 -40.04
CA TYR S 28 -11.44 -60.33 -41.48
C TYR S 28 -12.65 -59.84 -42.26
N VAL S 29 -13.86 -60.16 -41.77
CA VAL S 29 -15.08 -59.71 -42.44
C VAL S 29 -15.21 -58.19 -42.37
N TYR S 30 -14.88 -57.59 -41.21
CA TYR S 30 -14.89 -56.14 -41.11
C TYR S 30 -13.84 -55.48 -42.01
N LEU S 31 -12.69 -56.13 -42.24
CA LEU S 31 -11.74 -55.58 -43.20
C LEU S 31 -12.31 -55.60 -44.62
N SER S 32 -12.97 -56.70 -44.98
CA SER S 32 -13.58 -56.79 -46.31
C SER S 32 -14.68 -55.75 -46.50
N MET S 33 -15.45 -55.49 -45.45
CA MET S 33 -16.45 -54.43 -45.52
C MET S 33 -15.81 -53.06 -45.65
N SER S 34 -14.69 -52.84 -44.94
CA SER S 34 -14.08 -51.51 -44.94
C SER S 34 -13.43 -51.22 -46.28
N TYR S 35 -13.00 -52.23 -47.00
CA TYR S 35 -12.55 -51.98 -48.36
C TYR S 35 -13.59 -52.27 -49.42
N TYR S 36 -14.82 -52.60 -49.03
CA TYR S 36 -15.92 -52.49 -49.99
C TYR S 36 -16.30 -51.04 -50.22
N PHE S 37 -16.31 -50.24 -49.16
CA PHE S 37 -16.72 -48.84 -49.25
C PHE S 37 -15.58 -47.91 -49.64
N ASP S 38 -14.45 -48.45 -50.07
CA ASP S 38 -13.33 -47.64 -50.53
C ASP S 38 -13.31 -47.51 -52.05
N ARG S 39 -14.13 -48.29 -52.75
CA ARG S 39 -14.13 -48.36 -54.20
C ARG S 39 -14.62 -47.07 -54.84
N ASP S 40 -14.55 -47.04 -56.18
CA ASP S 40 -14.92 -45.83 -56.90
C ASP S 40 -16.43 -45.75 -57.13
N ASP S 41 -17.09 -46.89 -57.27
CA ASP S 41 -18.52 -46.91 -57.57
C ASP S 41 -19.39 -46.92 -56.30
N VAL S 42 -18.81 -46.59 -55.16
CA VAL S 42 -19.55 -46.44 -53.90
C VAL S 42 -19.22 -45.09 -53.29
N ALA S 43 -17.93 -44.86 -53.01
CA ALA S 43 -17.37 -43.59 -52.53
C ALA S 43 -18.01 -43.13 -51.22
N LEU S 44 -17.81 -43.93 -50.18
CA LEU S 44 -18.28 -43.60 -48.83
C LEU S 44 -17.06 -43.68 -47.91
N LYS S 45 -16.51 -42.53 -47.54
CA LYS S 45 -15.20 -42.50 -46.90
C LYS S 45 -15.28 -42.88 -45.42
N ASN S 46 -16.15 -42.21 -44.67
CA ASN S 46 -16.16 -42.42 -43.24
C ASN S 46 -16.80 -43.74 -42.87
N PHE S 47 -17.56 -44.36 -43.78
CA PHE S 47 -17.91 -45.77 -43.61
C PHE S 47 -16.67 -46.64 -43.61
N ALA S 48 -15.73 -46.37 -44.53
CA ALA S 48 -14.51 -47.15 -44.59
C ALA S 48 -13.67 -46.95 -43.33
N LYS S 49 -13.60 -45.71 -42.84
CA LYS S 49 -12.90 -45.46 -41.58
C LYS S 49 -13.57 -46.18 -40.41
N TYR S 50 -14.91 -46.21 -40.40
CA TYR S 50 -15.64 -46.82 -39.30
C TYR S 50 -15.45 -48.33 -39.25
N PHE S 51 -15.61 -48.98 -40.40
CA PHE S 51 -15.42 -50.42 -40.43
C PHE S 51 -13.96 -50.82 -40.24
N LEU S 52 -13.00 -49.98 -40.66
CA LEU S 52 -11.60 -50.29 -40.41
C LEU S 52 -11.26 -50.18 -38.93
N HIS S 53 -11.83 -49.17 -38.27
CA HIS S 53 -11.65 -48.98 -36.85
C HIS S 53 -12.18 -50.16 -36.10
N GLN S 54 -13.38 -50.60 -36.44
CA GLN S 54 -13.99 -51.75 -35.80
C GLN S 54 -13.20 -53.03 -36.06
N SER S 55 -12.61 -53.17 -37.26
CA SER S 55 -11.76 -54.32 -37.55
C SER S 55 -10.53 -54.36 -36.64
N HIS S 56 -9.88 -53.21 -36.45
CA HIS S 56 -8.72 -53.17 -35.56
C HIS S 56 -9.10 -53.45 -34.11
N GLU S 57 -10.25 -52.95 -33.66
CA GLU S 57 -10.61 -53.19 -32.27
C GLU S 57 -11.02 -54.64 -32.04
N GLU S 58 -11.59 -55.31 -33.04
CA GLU S 58 -11.87 -56.73 -32.84
C GLU S 58 -10.58 -57.55 -32.93
N ARG S 59 -9.60 -57.08 -33.70
CA ARG S 59 -8.27 -57.69 -33.65
C ARG S 59 -7.65 -57.59 -32.26
N GLU S 60 -7.86 -56.44 -31.59
CA GLU S 60 -7.38 -56.27 -30.23
C GLU S 60 -8.11 -57.20 -29.27
N HIS S 61 -9.41 -57.43 -29.50
CA HIS S 61 -10.15 -58.41 -28.72
C HIS S 61 -9.56 -59.81 -28.85
N ALA S 62 -9.22 -60.22 -30.07
CA ALA S 62 -8.65 -61.54 -30.28
C ALA S 62 -7.27 -61.67 -29.63
N GLU S 63 -6.45 -60.63 -29.71
CA GLU S 63 -5.15 -60.66 -29.04
C GLU S 63 -5.29 -60.68 -27.51
N LYS S 64 -6.33 -60.05 -26.97
CA LYS S 64 -6.52 -60.10 -25.53
C LYS S 64 -6.99 -61.47 -25.07
N LEU S 65 -7.78 -62.15 -25.90
CA LEU S 65 -8.09 -63.56 -25.65
C LEU S 65 -6.83 -64.41 -25.65
N MET S 66 -5.92 -64.16 -26.59
CA MET S 66 -4.68 -64.94 -26.63
C MET S 66 -3.80 -64.66 -25.42
N LYS S 67 -3.81 -63.42 -24.92
CA LYS S 67 -3.04 -63.10 -23.73
C LYS S 67 -3.61 -63.78 -22.49
N LEU S 68 -4.94 -63.80 -22.37
CA LEU S 68 -5.57 -64.52 -21.25
C LEU S 68 -5.35 -66.01 -21.37
N GLN S 69 -5.21 -66.52 -22.60
CA GLN S 69 -4.86 -67.93 -22.77
C GLN S 69 -3.46 -68.21 -22.28
N ASN S 70 -2.51 -67.34 -22.61
CA ASN S 70 -1.13 -67.60 -22.21
C ASN S 70 -0.90 -67.37 -20.72
N GLN S 71 -1.74 -66.56 -20.05
CA GLN S 71 -1.52 -66.36 -18.62
C GLN S 71 -1.89 -67.59 -17.82
N ARG S 72 -2.89 -68.33 -18.27
CA ARG S 72 -3.34 -69.50 -17.52
C ARG S 72 -2.60 -70.78 -17.91
N GLY S 73 -1.44 -70.65 -18.54
CA GLY S 73 -0.60 -71.80 -18.82
C GLY S 73 -1.12 -72.74 -19.89
N GLY S 74 -2.16 -72.37 -20.62
CA GLY S 74 -2.72 -73.24 -21.63
C GLY S 74 -1.90 -73.28 -22.91
N ARG S 75 -2.55 -73.67 -24.00
CA ARG S 75 -1.90 -73.82 -25.29
C ARG S 75 -2.77 -73.17 -26.36
N ILE S 76 -2.24 -72.15 -27.01
CA ILE S 76 -2.90 -71.57 -28.17
C ILE S 76 -2.77 -72.54 -29.34
N PHE S 77 -3.90 -72.97 -29.88
CA PHE S 77 -3.91 -73.77 -31.10
C PHE S 77 -4.79 -73.05 -32.12
N LEU S 78 -4.16 -72.39 -33.08
CA LEU S 78 -4.89 -71.58 -34.04
C LEU S 78 -5.61 -72.45 -35.07
N GLN S 79 -6.41 -71.79 -35.90
CA GLN S 79 -7.22 -72.44 -36.91
C GLN S 79 -7.11 -71.65 -38.20
N ASP S 80 -7.87 -72.09 -39.21
CA ASP S 80 -7.98 -71.32 -40.44
C ASP S 80 -8.86 -70.11 -40.23
N ILE S 81 -8.78 -69.17 -41.16
CA ILE S 81 -9.69 -68.04 -41.20
C ILE S 81 -10.52 -68.15 -42.47
N LYS S 82 -11.82 -68.34 -42.32
CA LYS S 82 -12.66 -68.53 -43.48
C LYS S 82 -12.92 -67.19 -44.16
N LYS S 83 -13.14 -67.25 -45.47
CA LYS S 83 -13.50 -66.05 -46.21
C LYS S 83 -14.94 -65.66 -45.85
N PRO S 84 -15.32 -64.39 -46.01
CA PRO S 84 -16.65 -63.95 -45.58
C PRO S 84 -17.79 -64.59 -46.36
N ASP S 85 -19.00 -64.31 -45.88
CA ASP S 85 -20.19 -64.97 -46.42
C ASP S 85 -20.59 -64.41 -47.78
N CYS S 86 -20.51 -63.10 -47.96
CA CYS S 86 -20.87 -62.49 -49.24
C CYS S 86 -20.07 -61.20 -49.41
N ASP S 87 -20.06 -60.70 -50.64
CA ASP S 87 -19.38 -59.45 -50.99
C ASP S 87 -20.31 -58.42 -51.62
N ASP S 88 -21.38 -58.86 -52.26
CA ASP S 88 -22.31 -57.92 -52.88
C ASP S 88 -23.18 -57.31 -51.79
N TRP S 89 -22.68 -56.26 -51.14
CA TRP S 89 -23.43 -55.59 -50.09
C TRP S 89 -24.47 -54.63 -50.67
N GLU S 90 -24.14 -53.99 -51.81
CA GLU S 90 -25.05 -53.34 -52.75
C GLU S 90 -25.61 -52.01 -52.22
N SER S 91 -25.34 -51.68 -50.96
CA SER S 91 -25.92 -50.48 -50.38
C SER S 91 -25.11 -50.02 -49.18
N GLY S 92 -25.66 -49.09 -48.40
CA GLY S 92 -25.08 -48.80 -47.11
C GLY S 92 -25.80 -49.51 -45.98
N LEU S 93 -27.08 -49.81 -46.18
CA LEU S 93 -27.89 -50.38 -45.11
C LEU S 93 -27.61 -51.86 -44.91
N ASN S 94 -27.44 -52.59 -46.01
CA ASN S 94 -27.35 -54.04 -45.96
C ASN S 94 -26.06 -54.48 -45.28
N ALA S 95 -24.98 -53.70 -45.44
CA ALA S 95 -23.73 -54.01 -44.75
C ALA S 95 -23.88 -53.81 -43.25
N MET S 96 -24.60 -52.77 -42.83
CA MET S 96 -24.87 -52.54 -41.41
C MET S 96 -25.71 -53.68 -40.82
N GLU S 97 -26.69 -54.17 -41.57
CA GLU S 97 -27.50 -55.26 -41.06
C GLU S 97 -26.71 -56.57 -40.96
N CYS S 98 -25.82 -56.83 -41.92
CA CYS S 98 -25.01 -58.04 -41.81
C CYS S 98 -23.97 -57.92 -40.70
N ALA S 99 -23.48 -56.70 -40.45
CA ALA S 99 -22.59 -56.48 -39.31
C ALA S 99 -23.32 -56.70 -37.98
N LEU S 100 -24.57 -56.25 -37.90
CA LEU S 100 -25.35 -56.45 -36.68
C LEU S 100 -25.66 -57.92 -36.44
N HIS S 101 -25.94 -58.65 -37.52
CA HIS S 101 -26.17 -60.09 -37.42
C HIS S 101 -24.90 -60.82 -36.96
N LEU S 102 -23.74 -60.39 -37.49
CA LEU S 102 -22.46 -60.92 -37.05
C LEU S 102 -22.21 -60.67 -35.57
N GLU S 103 -22.50 -59.45 -35.10
CA GLU S 103 -22.27 -59.12 -33.70
C GLU S 103 -23.19 -59.90 -32.78
N LYS S 104 -24.44 -60.13 -33.20
CA LYS S 104 -25.35 -60.92 -32.38
C LYS S 104 -24.90 -62.37 -32.29
N ASN S 105 -24.34 -62.91 -33.38
CA ASN S 105 -23.84 -64.29 -33.30
C ASN S 105 -22.60 -64.41 -32.43
N VAL S 106 -21.72 -63.41 -32.47
CA VAL S 106 -20.55 -63.41 -31.59
C VAL S 106 -20.96 -63.29 -30.13
N ASN S 107 -21.96 -62.46 -29.85
CA ASN S 107 -22.44 -62.33 -28.48
C ASN S 107 -23.10 -63.62 -27.99
N GLN S 108 -23.79 -64.33 -28.90
CA GLN S 108 -24.35 -65.63 -28.58
C GLN S 108 -23.25 -66.64 -28.22
N SER S 109 -22.15 -66.62 -28.98
CA SER S 109 -21.03 -67.53 -28.68
C SER S 109 -20.38 -67.20 -27.35
N LEU S 110 -20.28 -65.91 -27.02
CA LEU S 110 -19.69 -65.53 -25.73
C LEU S 110 -20.57 -65.94 -24.56
N LEU S 111 -21.89 -65.83 -24.71
CA LEU S 111 -22.77 -66.28 -23.62
C LEU S 111 -22.72 -67.79 -23.45
N GLU S 112 -22.61 -68.53 -24.56
CA GLU S 112 -22.45 -69.98 -24.44
C GLU S 112 -21.13 -70.34 -23.78
N LEU S 113 -20.07 -69.59 -24.08
CA LEU S 113 -18.78 -69.86 -23.46
C LEU S 113 -18.80 -69.51 -21.98
N HIS S 114 -19.57 -68.49 -21.60
CA HIS S 114 -19.72 -68.15 -20.19
C HIS S 114 -20.47 -69.23 -19.43
N LYS S 115 -21.53 -69.78 -20.03
CA LYS S 115 -22.24 -70.91 -19.41
C LYS S 115 -21.32 -72.12 -19.29
N LEU S 116 -20.48 -72.35 -20.31
CA LEU S 116 -19.54 -73.46 -20.27
C LEU S 116 -18.49 -73.27 -19.18
N ALA S 117 -18.06 -72.03 -18.96
CA ALA S 117 -17.10 -71.78 -17.88
C ALA S 117 -17.75 -71.93 -16.52
N THR S 118 -18.99 -71.48 -16.37
CA THR S 118 -19.67 -71.57 -15.07
C THR S 118 -20.02 -73.02 -14.73
N ASP S 119 -20.20 -73.86 -15.74
CA ASP S 119 -20.39 -75.28 -15.44
C ASP S 119 -19.11 -75.95 -14.93
N LYS S 120 -17.93 -75.38 -15.19
CA LYS S 120 -16.68 -76.02 -14.84
C LYS S 120 -16.00 -75.40 -13.63
N ASN S 121 -16.61 -74.37 -13.03
CA ASN S 121 -16.10 -73.65 -11.84
C ASN S 121 -14.72 -73.04 -12.10
N ASP S 122 -14.70 -72.07 -13.02
CA ASP S 122 -13.51 -71.26 -13.31
C ASP S 122 -13.92 -69.80 -13.12
N PRO S 123 -13.87 -69.27 -11.90
CA PRO S 123 -14.40 -67.93 -11.67
C PRO S 123 -13.53 -66.82 -12.22
N HIS S 124 -12.23 -67.06 -12.39
CA HIS S 124 -11.38 -66.05 -13.02
C HIS S 124 -11.76 -65.83 -14.48
N LEU S 125 -12.04 -66.91 -15.20
CA LEU S 125 -12.50 -66.78 -16.58
C LEU S 125 -13.88 -66.12 -16.64
N CYS S 126 -14.73 -66.41 -15.65
CA CYS S 126 -16.03 -65.76 -15.57
C CYS S 126 -15.90 -64.26 -15.37
N ASP S 127 -14.99 -63.84 -14.48
CA ASP S 127 -14.75 -62.42 -14.27
C ASP S 127 -14.15 -61.75 -15.49
N PHE S 128 -13.28 -62.45 -16.20
CA PHE S 128 -12.67 -61.90 -17.41
C PHE S 128 -13.71 -61.66 -18.49
N ILE S 129 -14.60 -62.63 -18.69
CA ILE S 129 -15.64 -62.49 -19.71
C ILE S 129 -16.65 -61.44 -19.32
N GLU S 130 -17.08 -61.42 -18.05
CA GLU S 130 -18.03 -60.41 -17.60
C GLU S 130 -17.45 -59.00 -17.61
N THR S 131 -16.12 -58.87 -17.51
CA THR S 131 -15.55 -57.53 -17.52
C THR S 131 -15.22 -57.03 -18.92
N HIS S 132 -14.41 -57.76 -19.67
CA HIS S 132 -13.80 -57.18 -20.86
C HIS S 132 -14.65 -57.24 -22.12
N TYR S 133 -15.63 -58.14 -22.20
CA TYR S 133 -16.27 -58.40 -23.49
C TYR S 133 -17.75 -58.07 -23.55
N LEU S 134 -18.52 -58.37 -22.50
CA LEU S 134 -19.98 -58.31 -22.60
C LEU S 134 -20.50 -56.87 -22.70
N ASN S 135 -19.93 -55.98 -21.90
CA ASN S 135 -20.33 -54.57 -21.94
C ASN S 135 -20.01 -53.97 -23.31
N GLU S 136 -18.85 -54.34 -23.87
CA GLU S 136 -18.46 -53.87 -25.19
C GLU S 136 -19.42 -54.35 -26.26
N GLN S 137 -19.87 -55.61 -26.16
CA GLN S 137 -20.79 -56.14 -27.16
C GLN S 137 -22.17 -55.52 -27.07
N VAL S 138 -22.65 -55.27 -25.85
CA VAL S 138 -23.96 -54.63 -25.72
C VAL S 138 -23.92 -53.20 -26.22
N LYS S 139 -22.83 -52.47 -25.94
CA LYS S 139 -22.71 -51.11 -26.47
C LYS S 139 -22.57 -51.09 -27.98
N ALA S 140 -21.90 -52.10 -28.55
CA ALA S 140 -21.74 -52.16 -30.00
C ALA S 140 -23.05 -52.51 -30.69
N ILE S 141 -23.82 -53.44 -30.13
CA ILE S 141 -25.11 -53.77 -30.72
C ILE S 141 -26.08 -52.60 -30.57
N LYS S 142 -25.99 -51.86 -29.47
CA LYS S 142 -26.81 -50.66 -29.30
C LYS S 142 -26.46 -49.59 -30.33
N GLU S 143 -25.17 -49.38 -30.58
CA GLU S 143 -24.77 -48.35 -31.55
C GLU S 143 -25.13 -48.77 -32.97
N LEU S 144 -24.97 -50.05 -33.30
CA LEU S 144 -25.39 -50.53 -34.62
C LEU S 144 -26.90 -50.49 -34.79
N GLY S 145 -27.66 -50.72 -33.73
CA GLY S 145 -29.10 -50.59 -33.82
C GLY S 145 -29.52 -49.16 -34.04
N ASP S 146 -28.81 -48.22 -33.41
CA ASP S 146 -29.04 -46.80 -33.68
C ASP S 146 -28.78 -46.45 -35.14
N HIS S 147 -27.66 -46.93 -35.68
CA HIS S 147 -27.34 -46.58 -37.07
C HIS S 147 -28.30 -47.23 -38.06
N VAL S 148 -28.67 -48.49 -37.81
CA VAL S 148 -29.60 -49.21 -38.70
C VAL S 148 -30.97 -48.56 -38.70
N THR S 149 -31.51 -48.25 -37.52
CA THR S 149 -32.86 -47.71 -37.50
C THR S 149 -32.89 -46.25 -37.96
N ASN S 150 -31.77 -45.53 -37.77
CA ASN S 150 -31.62 -44.24 -38.41
C ASN S 150 -31.70 -44.36 -39.93
N LEU S 151 -30.90 -45.26 -40.53
CA LEU S 151 -30.92 -45.43 -41.97
C LEU S 151 -32.24 -45.97 -42.51
N ARG S 152 -33.01 -46.67 -41.68
CA ARG S 152 -34.39 -46.99 -42.07
C ARG S 152 -35.24 -45.74 -42.14
N LYS S 153 -35.22 -44.92 -41.09
CA LYS S 153 -36.08 -43.74 -41.09
C LYS S 153 -35.52 -42.58 -41.90
N MET S 154 -34.36 -42.74 -42.53
CA MET S 154 -33.88 -41.71 -43.43
C MET S 154 -34.59 -41.77 -44.78
N GLY S 155 -34.60 -42.94 -45.41
CA GLY S 155 -35.04 -43.06 -46.77
C GLY S 155 -34.09 -43.92 -47.57
N ALA S 156 -33.10 -44.47 -46.88
CA ALA S 156 -32.24 -45.48 -47.48
C ALA S 156 -33.01 -46.80 -47.58
N PRO S 157 -32.62 -47.71 -48.48
CA PRO S 157 -31.56 -47.75 -49.50
C PRO S 157 -31.99 -47.22 -50.85
N GLU S 158 -33.13 -46.54 -50.91
CA GLU S 158 -33.56 -45.99 -52.19
C GLU S 158 -32.87 -44.65 -52.46
N SER S 159 -33.13 -43.66 -51.61
CA SER S 159 -32.53 -42.35 -51.81
C SER S 159 -31.11 -42.35 -51.26
N GLY S 160 -30.14 -42.17 -52.15
CA GLY S 160 -28.75 -42.13 -51.73
C GLY S 160 -28.35 -40.86 -51.01
N LEU S 161 -29.17 -39.81 -51.13
CA LEU S 161 -28.96 -38.58 -50.37
C LEU S 161 -29.03 -38.86 -48.88
N ALA S 162 -29.87 -39.81 -48.49
CA ALA S 162 -29.95 -40.25 -47.10
C ALA S 162 -28.62 -40.83 -46.64
N GLU S 163 -28.03 -41.71 -47.44
CA GLU S 163 -26.74 -42.30 -47.06
C GLU S 163 -25.62 -41.28 -47.08
N TYR S 164 -25.69 -40.29 -47.97
CA TYR S 164 -24.64 -39.27 -48.02
C TYR S 164 -24.71 -38.37 -46.79
N LEU S 165 -25.92 -37.93 -46.42
CA LEU S 165 -26.06 -37.08 -45.25
C LEU S 165 -25.83 -37.86 -43.96
N PHE S 166 -26.10 -39.17 -43.96
CA PHE S 166 -25.72 -39.99 -42.82
C PHE S 166 -24.22 -40.16 -42.75
N ASP S 167 -23.53 -40.13 -43.89
CA ASP S 167 -22.09 -40.20 -43.88
C ASP S 167 -21.49 -38.93 -43.29
N LYS S 168 -21.95 -37.77 -43.74
CA LYS S 168 -21.25 -36.55 -43.36
C LYS S 168 -21.64 -36.06 -41.96
N HIS S 169 -22.84 -36.39 -41.48
CA HIS S 169 -23.29 -35.82 -40.23
C HIS S 169 -23.14 -36.76 -39.04
N THR S 170 -23.32 -38.06 -39.25
CA THR S 170 -23.22 -39.00 -38.13
C THR S 170 -21.80 -39.47 -37.92
N LEU S 171 -21.19 -40.03 -38.96
CA LEU S 171 -19.92 -40.72 -38.80
C LEU S 171 -18.73 -39.89 -39.24
N GLY S 172 -18.89 -38.59 -39.44
CA GLY S 172 -17.77 -37.74 -39.76
C GLY S 172 -16.93 -37.46 -38.53
N THR T 1 -41.64 -56.31 -31.50
CA THR T 1 -40.49 -56.70 -30.68
C THR T 1 -39.28 -55.83 -31.01
N SER T 2 -38.23 -55.98 -30.22
CA SER T 2 -37.00 -55.24 -30.47
C SER T 2 -36.16 -55.93 -31.54
N GLN T 3 -35.06 -55.28 -31.91
CA GLN T 3 -34.06 -55.92 -32.75
C GLN T 3 -32.75 -56.15 -32.02
N VAL T 4 -32.54 -55.50 -30.89
CA VAL T 4 -31.33 -55.70 -30.11
C VAL T 4 -31.57 -56.60 -28.91
N ARG T 5 -32.70 -57.29 -28.87
CA ARG T 5 -33.05 -58.13 -27.73
C ARG T 5 -32.36 -59.47 -27.85
N GLN T 6 -31.59 -59.84 -26.82
CA GLN T 6 -30.87 -61.11 -26.84
C GLN T 6 -30.57 -61.52 -25.41
N ASN T 7 -31.14 -62.67 -25.01
CA ASN T 7 -30.99 -63.27 -23.68
C ASN T 7 -31.41 -62.29 -22.59
N TYR T 8 -32.71 -61.96 -22.60
CA TYR T 8 -33.23 -60.98 -21.66
C TYR T 8 -34.70 -61.30 -21.41
N HIS T 9 -34.97 -62.04 -20.34
CA HIS T 9 -36.35 -62.35 -19.98
C HIS T 9 -37.03 -61.11 -19.40
N GLN T 10 -38.33 -61.00 -19.65
CA GLN T 10 -39.03 -59.74 -19.40
C GLN T 10 -39.34 -59.50 -17.93
N ASP T 11 -39.25 -60.52 -17.08
CA ASP T 11 -39.46 -60.28 -15.65
C ASP T 11 -38.30 -59.51 -15.05
N SER T 12 -37.10 -59.67 -15.62
CA SER T 12 -35.98 -58.81 -15.27
C SER T 12 -36.28 -57.35 -15.64
N GLU T 13 -36.94 -57.14 -16.77
CA GLU T 13 -37.35 -55.80 -17.17
C GLU T 13 -38.36 -55.22 -16.21
N ALA T 14 -39.28 -56.04 -15.72
CA ALA T 14 -40.24 -55.57 -14.71
C ALA T 14 -39.56 -55.22 -13.40
N ALA T 15 -38.57 -56.03 -13.00
CA ALA T 15 -37.84 -55.73 -11.77
C ALA T 15 -36.99 -54.48 -11.90
N ILE T 16 -36.44 -54.23 -13.09
CA ILE T 16 -35.72 -52.99 -13.35
C ILE T 16 -36.66 -51.79 -13.28
N ASN T 17 -37.89 -51.93 -13.79
CA ASN T 17 -38.87 -50.85 -13.68
C ASN T 17 -39.21 -50.54 -12.22
N ARG T 18 -39.40 -51.58 -11.41
CA ARG T 18 -39.65 -51.38 -9.98
C ARG T 18 -38.46 -50.74 -9.30
N GLN T 19 -37.25 -51.11 -9.71
CA GLN T 19 -36.04 -50.57 -9.08
C GLN T 19 -35.83 -49.11 -9.47
N ILE T 20 -36.19 -48.73 -10.69
CA ILE T 20 -36.18 -47.32 -11.11
C ILE T 20 -37.17 -46.52 -10.25
N ASN T 21 -38.38 -47.05 -10.06
CA ASN T 21 -39.37 -46.37 -9.23
C ASN T 21 -38.88 -46.20 -7.79
N LEU T 22 -38.22 -47.23 -7.26
CA LEU T 22 -37.70 -47.17 -5.90
C LEU T 22 -36.57 -46.16 -5.78
N GLU T 23 -35.70 -46.08 -6.78
CA GLU T 23 -34.62 -45.10 -6.76
C GLU T 23 -35.14 -43.67 -6.82
N LEU T 24 -36.17 -43.43 -7.64
CA LEU T 24 -36.73 -42.08 -7.69
C LEU T 24 -37.44 -41.72 -6.40
N TYR T 25 -38.13 -42.68 -5.78
CA TYR T 25 -38.74 -42.45 -4.47
C TYR T 25 -37.68 -42.12 -3.42
N ALA T 26 -36.54 -42.81 -3.48
CA ALA T 26 -35.47 -42.55 -2.52
C ALA T 26 -34.87 -41.17 -2.71
N SER T 27 -34.66 -40.76 -3.96
CA SER T 27 -34.14 -39.42 -4.22
C SER T 27 -35.11 -38.34 -3.79
N TYR T 28 -36.41 -38.60 -3.95
CA TYR T 28 -37.42 -37.64 -3.52
C TYR T 28 -37.45 -37.51 -2.00
N VAL T 29 -37.26 -38.63 -1.29
CA VAL T 29 -37.17 -38.60 0.16
C VAL T 29 -35.95 -37.80 0.63
N TYR T 30 -34.80 -38.00 -0.02
CA TYR T 30 -33.63 -37.20 0.33
C TYR T 30 -33.82 -35.72 0.04
N LEU T 31 -34.57 -35.37 -1.01
CA LEU T 31 -34.87 -33.96 -1.25
C LEU T 31 -35.75 -33.39 -0.15
N SER T 32 -36.72 -34.17 0.31
CA SER T 32 -37.57 -33.74 1.42
C SER T 32 -36.78 -33.53 2.70
N MET T 33 -35.84 -34.45 2.99
CA MET T 33 -34.97 -34.27 4.14
C MET T 33 -34.07 -33.04 3.99
N SER T 34 -33.60 -32.78 2.76
CA SER T 34 -32.68 -31.68 2.54
C SER T 34 -33.35 -30.34 2.75
N TYR T 35 -34.55 -30.15 2.21
CA TYR T 35 -35.26 -28.92 2.45
C TYR T 35 -36.16 -28.99 3.67
N TYR T 36 -35.97 -29.99 4.53
CA TYR T 36 -36.42 -29.86 5.91
C TYR T 36 -35.43 -29.05 6.73
N PHE T 37 -34.14 -29.31 6.56
CA PHE T 37 -33.09 -28.68 7.36
C PHE T 37 -32.68 -27.31 6.86
N ASP T 38 -33.53 -26.65 6.08
CA ASP T 38 -33.26 -25.30 5.62
C ASP T 38 -34.09 -24.27 6.36
N ARG T 39 -35.09 -24.72 7.13
CA ARG T 39 -36.05 -23.86 7.82
C ARG T 39 -35.36 -23.01 8.90
N ASP T 40 -36.14 -22.08 9.44
CA ASP T 40 -35.59 -21.20 10.47
C ASP T 40 -35.44 -21.92 11.80
N ASP T 41 -36.39 -22.80 12.12
CA ASP T 41 -36.46 -23.38 13.46
C ASP T 41 -35.57 -24.59 13.64
N VAL T 42 -34.78 -24.96 12.63
CA VAL T 42 -33.81 -26.04 12.79
C VAL T 42 -32.41 -25.50 12.49
N ALA T 43 -32.22 -25.03 11.25
CA ALA T 43 -31.05 -24.27 10.80
C ALA T 43 -29.75 -25.04 10.99
N LEU T 44 -29.63 -26.14 10.26
CA LEU T 44 -28.39 -26.92 10.16
C LEU T 44 -28.08 -27.03 8.67
N LYS T 45 -27.21 -26.16 8.16
CA LYS T 45 -27.14 -25.98 6.72
C LYS T 45 -26.32 -27.04 6.02
N ASN T 46 -25.30 -27.59 6.68
CA ASN T 46 -24.50 -28.61 6.02
C ASN T 46 -25.24 -29.94 5.95
N PHE T 47 -26.19 -30.17 6.85
CA PHE T 47 -27.13 -31.28 6.66
C PHE T 47 -27.93 -31.12 5.38
N ALA T 48 -28.37 -29.90 5.08
CA ALA T 48 -29.12 -29.65 3.85
C ALA T 48 -28.25 -29.87 2.62
N LYS T 49 -26.99 -29.40 2.66
CA LYS T 49 -26.05 -29.65 1.58
C LYS T 49 -25.83 -31.15 1.37
N TYR T 50 -25.65 -31.89 2.47
CA TYR T 50 -25.34 -33.32 2.38
C TYR T 50 -26.51 -34.10 1.82
N PHE T 51 -27.72 -33.84 2.31
CA PHE T 51 -28.88 -34.57 1.79
C PHE T 51 -29.21 -34.16 0.37
N LEU T 52 -28.91 -32.92 -0.03
CA LEU T 52 -29.14 -32.49 -1.40
C LEU T 52 -28.22 -33.23 -2.36
N HIS T 53 -26.95 -33.36 -1.96
CA HIS T 53 -25.98 -34.12 -2.72
C HIS T 53 -26.42 -35.54 -2.86
N GLN T 54 -26.86 -36.16 -1.78
CA GLN T 54 -27.32 -37.54 -1.83
C GLN T 54 -28.53 -37.71 -2.72
N SER T 55 -29.43 -36.72 -2.75
CA SER T 55 -30.57 -36.77 -3.66
C SER T 55 -30.12 -36.77 -5.11
N HIS T 56 -29.13 -35.93 -5.43
CA HIS T 56 -28.64 -35.90 -6.81
C HIS T 56 -27.94 -37.21 -7.19
N GLU T 57 -27.22 -37.82 -6.25
CA GLU T 57 -26.55 -39.08 -6.57
C GLU T 57 -27.54 -40.23 -6.77
N GLU T 58 -28.64 -40.24 -6.00
CA GLU T 58 -29.62 -41.28 -6.24
C GLU T 58 -30.41 -41.05 -7.53
N ARG T 59 -30.57 -39.78 -7.90
CA ARG T 59 -31.09 -39.46 -9.24
C ARG T 59 -30.20 -40.02 -10.33
N GLU T 60 -28.88 -39.90 -10.17
CA GLU T 60 -27.94 -40.45 -11.14
C GLU T 60 -27.99 -41.97 -11.19
N HIS T 61 -28.20 -42.61 -10.03
CA HIS T 61 -28.42 -44.06 -10.00
C HIS T 61 -29.62 -44.46 -10.85
N ALA T 62 -30.75 -43.75 -10.67
CA ALA T 62 -31.94 -44.06 -11.44
C ALA T 62 -31.74 -43.81 -12.94
N GLU T 63 -30.98 -42.76 -13.28
CA GLU T 63 -30.68 -42.50 -14.69
C GLU T 63 -29.86 -43.62 -15.31
N LYS T 64 -28.87 -44.15 -14.57
CA LYS T 64 -28.10 -45.25 -15.13
C LYS T 64 -28.92 -46.53 -15.25
N LEU T 65 -29.91 -46.72 -14.35
CA LEU T 65 -30.82 -47.85 -14.52
C LEU T 65 -31.67 -47.71 -15.78
N MET T 66 -32.16 -46.50 -16.06
CA MET T 66 -32.98 -46.33 -17.26
C MET T 66 -32.15 -46.48 -18.52
N LYS T 67 -30.89 -46.06 -18.48
CA LYS T 67 -29.99 -46.28 -19.62
C LYS T 67 -29.71 -47.76 -19.84
N LEU T 68 -29.51 -48.51 -18.76
CA LEU T 68 -29.29 -49.96 -18.89
C LEU T 68 -30.55 -50.65 -19.36
N GLN T 69 -31.71 -50.09 -19.04
CA GLN T 69 -32.95 -50.62 -19.60
C GLN T 69 -33.03 -50.36 -21.09
N ASN T 70 -32.60 -49.19 -21.54
CA ASN T 70 -32.65 -48.88 -22.96
C ASN T 70 -31.64 -49.69 -23.78
N GLN T 71 -30.53 -50.10 -23.17
CA GLN T 71 -29.53 -50.84 -23.93
C GLN T 71 -30.02 -52.26 -24.26
N ARG T 72 -30.68 -52.91 -23.32
CA ARG T 72 -31.01 -54.32 -23.48
C ARG T 72 -32.34 -54.57 -24.17
N GLY T 73 -32.82 -53.64 -24.99
CA GLY T 73 -33.95 -53.90 -25.85
C GLY T 73 -35.32 -53.80 -25.21
N GLY T 74 -35.40 -53.60 -23.90
CA GLY T 74 -36.67 -53.52 -23.23
C GLY T 74 -37.29 -52.14 -23.33
N ARG T 75 -38.23 -51.87 -22.42
CA ARG T 75 -39.03 -50.67 -22.45
C ARG T 75 -39.11 -50.05 -21.07
N ILE T 76 -38.81 -48.76 -20.98
CA ILE T 76 -39.00 -48.01 -19.75
C ILE T 76 -40.49 -47.83 -19.50
N PHE T 77 -40.94 -48.24 -18.33
CA PHE T 77 -42.34 -48.11 -17.94
C PHE T 77 -42.38 -47.42 -16.59
N LEU T 78 -42.89 -46.19 -16.56
CA LEU T 78 -42.83 -45.35 -15.36
C LEU T 78 -44.11 -45.41 -14.57
N GLN T 79 -44.00 -45.13 -13.27
CA GLN T 79 -45.11 -45.09 -12.35
C GLN T 79 -45.04 -43.81 -11.52
N ASP T 80 -45.92 -43.71 -10.52
CA ASP T 80 -45.97 -42.55 -9.66
C ASP T 80 -44.78 -42.55 -8.71
N ILE T 81 -44.58 -41.41 -8.05
CA ILE T 81 -43.59 -41.29 -7.00
C ILE T 81 -44.34 -41.02 -5.70
N LYS T 82 -44.35 -42.00 -4.80
CA LYS T 82 -45.15 -41.91 -3.59
C LYS T 82 -44.61 -40.91 -2.57
N PRO T 84 -43.47 -39.29 0.31
CA PRO T 84 -42.75 -39.68 1.53
C PRO T 84 -43.69 -40.26 2.59
N ASP T 85 -43.15 -41.06 3.50
CA ASP T 85 -43.94 -41.79 4.49
C ASP T 85 -43.65 -41.33 5.91
N CYS T 86 -42.56 -40.62 6.14
CA CYS T 86 -42.07 -40.26 7.46
C CYS T 86 -42.50 -38.87 7.91
N ASP T 87 -42.06 -37.83 7.19
CA ASP T 87 -42.59 -36.46 7.24
C ASP T 87 -42.36 -35.70 8.55
N ASP T 88 -41.80 -36.35 9.57
CA ASP T 88 -41.72 -35.78 10.92
C ASP T 88 -40.38 -36.22 11.50
N TRP T 89 -39.60 -35.26 12.01
CA TRP T 89 -38.20 -35.55 12.26
C TRP T 89 -37.82 -35.33 13.72
N GLU T 90 -38.10 -34.13 14.25
CA GLU T 90 -38.07 -33.77 15.67
C GLU T 90 -36.64 -33.68 16.22
N SER T 91 -35.63 -34.07 15.45
CA SER T 91 -34.25 -34.07 15.93
C SER T 91 -33.32 -34.04 14.74
N GLY T 92 -32.05 -34.33 14.99
CA GLY T 92 -31.06 -34.41 13.94
C GLY T 92 -30.60 -35.83 13.69
N LEU T 93 -30.69 -36.67 14.71
CA LEU T 93 -30.25 -38.06 14.57
C LEU T 93 -31.30 -38.90 13.84
N ASN T 94 -32.58 -38.59 14.06
CA ASN T 94 -33.66 -39.38 13.48
C ASN T 94 -33.66 -39.31 11.96
N ALA T 95 -33.17 -38.19 11.40
CA ALA T 95 -32.96 -38.10 9.96
C ALA T 95 -31.95 -39.14 9.48
N MET T 96 -30.84 -39.28 10.19
CA MET T 96 -29.82 -40.25 9.80
C MET T 96 -30.31 -41.68 9.97
N GLU T 97 -31.11 -41.94 11.00
CA GLU T 97 -31.64 -43.29 11.17
C GLU T 97 -32.66 -43.63 10.09
N CYS T 98 -33.48 -42.65 9.69
CA CYS T 98 -34.41 -42.90 8.60
C CYS T 98 -33.67 -43.10 7.27
N ALA T 99 -32.56 -42.39 7.07
CA ALA T 99 -31.76 -42.60 5.87
C ALA T 99 -31.09 -43.99 5.88
N LEU T 100 -30.66 -44.45 7.07
CA LEU T 100 -30.09 -45.78 7.18
C LEU T 100 -31.12 -46.85 6.84
N HIS T 101 -32.35 -46.67 7.33
CA HIS T 101 -33.41 -47.64 7.05
C HIS T 101 -33.78 -47.66 5.57
N LEU T 102 -33.84 -46.47 4.95
CA LEU T 102 -34.12 -46.36 3.52
C LEU T 102 -33.04 -47.03 2.67
N GLU T 103 -31.77 -46.80 3.01
CA GLU T 103 -30.68 -47.38 2.24
C GLU T 103 -30.63 -48.90 2.41
N LYS T 104 -30.95 -49.40 3.60
CA LYS T 104 -30.96 -50.85 3.77
C LYS T 104 -32.12 -51.50 3.01
N ASN T 105 -33.26 -50.80 2.89
CA ASN T 105 -34.34 -51.36 2.10
C ASN T 105 -34.01 -51.35 0.61
N VAL T 106 -33.35 -50.30 0.11
CA VAL T 106 -32.95 -50.27 -1.30
C VAL T 106 -31.91 -51.35 -1.59
N ASN T 107 -30.98 -51.58 -0.67
CA ASN T 107 -30.00 -52.64 -0.85
C ASN T 107 -30.66 -54.03 -0.81
N GLN T 108 -31.70 -54.19 0.01
CA GLN T 108 -32.46 -55.44 0.02
C GLN T 108 -33.16 -55.68 -1.31
N SER T 109 -33.72 -54.63 -1.90
CA SER T 109 -34.36 -54.76 -3.21
C SER T 109 -33.35 -55.12 -4.28
N LEU T 110 -32.14 -54.56 -4.21
CA LEU T 110 -31.11 -54.91 -5.19
C LEU T 110 -30.64 -56.35 -5.03
N LEU T 111 -30.56 -56.87 -3.80
CA LEU T 111 -30.19 -58.27 -3.62
C LEU T 111 -31.26 -59.21 -4.16
N GLU T 112 -32.53 -58.84 -4.00
CA GLU T 112 -33.59 -59.67 -4.56
C GLU T 112 -33.58 -59.64 -6.08
N LEU T 113 -33.26 -58.47 -6.66
CA LEU T 113 -33.17 -58.39 -8.12
C LEU T 113 -31.97 -59.17 -8.64
N HIS T 114 -30.89 -59.24 -7.85
CA HIS T 114 -29.75 -60.06 -8.24
C HIS T 114 -30.09 -61.54 -8.20
N LYS T 115 -30.89 -61.96 -7.21
CA LYS T 115 -31.35 -63.36 -7.20
C LYS T 115 -32.23 -63.67 -8.40
N LEU T 116 -33.08 -62.71 -8.80
CA LEU T 116 -33.89 -62.89 -10.01
C LEU T 116 -33.01 -62.98 -11.26
N ALA T 117 -31.99 -62.13 -11.37
CA ALA T 117 -31.13 -62.16 -12.53
C ALA T 117 -30.18 -63.35 -12.52
N THR T 118 -30.05 -64.04 -11.38
CA THR T 118 -29.36 -65.32 -11.38
C THR T 118 -30.32 -66.46 -11.72
N ASP T 119 -31.61 -66.28 -11.48
CA ASP T 119 -32.57 -67.31 -11.85
C ASP T 119 -32.77 -67.40 -13.35
N LYS T 120 -32.77 -66.28 -14.06
CA LYS T 120 -33.14 -66.24 -15.47
C LYS T 120 -31.95 -66.22 -16.42
N ASN T 121 -30.73 -66.42 -15.91
CA ASN T 121 -29.49 -66.53 -16.68
C ASN T 121 -29.23 -65.29 -17.54
N ASP T 122 -29.03 -64.17 -16.87
CA ASP T 122 -28.66 -62.90 -17.50
C ASP T 122 -27.33 -62.48 -16.90
N PRO T 123 -26.22 -62.94 -17.45
CA PRO T 123 -24.92 -62.65 -16.81
C PRO T 123 -24.49 -61.21 -16.95
N HIS T 124 -24.96 -60.51 -17.98
CA HIS T 124 -24.64 -59.09 -18.11
C HIS T 124 -25.28 -58.27 -17.01
N LEU T 125 -26.54 -58.58 -16.67
CA LEU T 125 -27.20 -57.87 -15.58
C LEU T 125 -26.57 -58.23 -14.24
N CYS T 126 -26.13 -59.48 -14.09
CA CYS T 126 -25.36 -59.90 -12.93
C CYS T 126 -24.11 -59.04 -12.76
N ASP T 127 -23.32 -58.89 -13.83
CA ASP T 127 -22.10 -58.10 -13.74
C ASP T 127 -22.38 -56.62 -13.55
N PHE T 128 -23.50 -56.14 -14.10
CA PHE T 128 -23.90 -54.75 -13.92
C PHE T 128 -24.18 -54.45 -12.45
N ILE T 129 -24.94 -55.32 -11.79
CA ILE T 129 -25.25 -55.10 -10.38
C ILE T 129 -24.01 -55.31 -9.51
N GLU T 130 -23.19 -56.32 -9.84
CA GLU T 130 -21.97 -56.57 -9.08
C GLU T 130 -20.99 -55.42 -9.19
N THR T 131 -20.96 -54.73 -10.33
CA THR T 131 -19.99 -53.65 -10.50
C THR T 131 -20.50 -52.32 -9.98
N HIS T 132 -21.68 -51.90 -10.40
CA HIS T 132 -22.06 -50.52 -10.17
C HIS T 132 -22.74 -50.25 -8.83
N TYR T 133 -23.58 -51.15 -8.33
CA TYR T 133 -24.53 -50.73 -7.30
C TYR T 133 -24.37 -51.35 -5.92
N LEU T 134 -23.64 -52.45 -5.76
CA LEU T 134 -23.58 -53.02 -4.42
C LEU T 134 -22.56 -52.30 -3.56
N ASN T 135 -21.40 -51.96 -4.14
CA ASN T 135 -20.32 -51.35 -3.37
C ASN T 135 -20.68 -49.95 -2.91
N GLU T 136 -21.43 -49.21 -3.73
CA GLU T 136 -21.87 -47.87 -3.34
C GLU T 136 -22.84 -47.93 -2.18
N GLN T 137 -23.76 -48.88 -2.20
CA GLN T 137 -24.74 -49.05 -1.15
C GLN T 137 -24.06 -49.44 0.17
N VAL T 138 -23.07 -50.31 0.08
CA VAL T 138 -22.33 -50.76 1.25
C VAL T 138 -21.53 -49.61 1.85
N LYS T 139 -20.98 -48.75 0.99
CA LYS T 139 -20.20 -47.60 1.44
C LYS T 139 -21.09 -46.56 2.09
N ALA T 140 -22.31 -46.41 1.57
CA ALA T 140 -23.26 -45.45 2.11
C ALA T 140 -23.86 -45.93 3.43
N ILE T 141 -24.14 -47.24 3.54
CA ILE T 141 -24.63 -47.80 4.80
C ILE T 141 -23.58 -47.67 5.90
N LYS T 142 -22.32 -47.99 5.57
CA LYS T 142 -21.25 -47.86 6.55
C LYS T 142 -21.05 -46.41 6.99
N GLU T 143 -21.16 -45.48 6.06
CA GLU T 143 -20.99 -44.07 6.38
C GLU T 143 -22.13 -43.55 7.26
N LEU T 144 -23.37 -43.91 6.93
CA LEU T 144 -24.48 -43.45 7.76
C LEU T 144 -24.50 -44.14 9.13
N GLY T 145 -23.96 -45.35 9.21
CA GLY T 145 -23.78 -45.96 10.52
C GLY T 145 -22.75 -45.24 11.36
N ASP T 146 -21.69 -44.75 10.72
CA ASP T 146 -20.72 -43.93 11.43
C ASP T 146 -21.32 -42.61 11.90
N HIS T 147 -22.21 -42.02 11.08
CA HIS T 147 -22.87 -40.79 11.49
C HIS T 147 -23.79 -41.02 12.69
N VAL T 148 -24.56 -42.11 12.66
CA VAL T 148 -25.44 -42.45 13.78
C VAL T 148 -24.64 -42.72 15.04
N THR T 149 -23.50 -43.39 14.91
CA THR T 149 -22.67 -43.69 16.07
C THR T 149 -22.08 -42.43 16.68
N ASN T 150 -21.58 -41.51 15.84
CA ASN T 150 -21.04 -40.27 16.36
C ASN T 150 -22.12 -39.40 17.00
N LEU T 151 -23.32 -39.36 16.40
CA LEU T 151 -24.36 -38.53 17.02
C LEU T 151 -24.95 -39.17 18.27
N ARG T 152 -24.80 -40.48 18.45
CA ARG T 152 -25.22 -41.05 19.72
C ARG T 152 -24.17 -40.87 20.80
N LYS T 153 -22.89 -40.92 20.45
CA LYS T 153 -21.89 -40.79 21.50
C LYS T 153 -21.56 -39.33 21.84
N MET T 154 -21.82 -38.40 20.93
CA MET T 154 -21.53 -37.00 21.25
C MET T 154 -22.53 -36.41 22.23
N GLY T 155 -23.72 -36.98 22.35
CA GLY T 155 -24.66 -36.54 23.37
C GLY T 155 -26.06 -36.27 22.86
N ALA T 156 -26.24 -36.29 21.55
CA ALA T 156 -27.54 -36.05 20.94
C ALA T 156 -28.44 -37.26 21.15
N PRO T 157 -29.78 -37.10 21.08
CA PRO T 157 -30.66 -35.94 20.84
C PRO T 157 -30.97 -35.10 22.06
N GLU T 158 -30.12 -35.16 23.09
CA GLU T 158 -30.32 -34.30 24.24
C GLU T 158 -29.71 -32.92 24.02
N SER T 159 -28.39 -32.87 23.84
CA SER T 159 -27.68 -31.61 23.70
C SER T 159 -27.68 -31.18 22.23
N GLY T 160 -28.03 -29.92 22.00
CA GLY T 160 -27.94 -29.37 20.65
C GLY T 160 -26.52 -29.02 20.24
N LEU T 161 -25.62 -28.85 21.21
CA LEU T 161 -24.23 -28.56 20.92
C LEU T 161 -23.56 -29.70 20.17
N ALA T 162 -23.99 -30.94 20.42
CA ALA T 162 -23.45 -32.08 19.69
C ALA T 162 -23.84 -32.04 18.23
N GLU T 163 -25.11 -31.71 17.94
CA GLU T 163 -25.53 -31.57 16.55
C GLU T 163 -24.85 -30.40 15.87
N TYR T 164 -24.59 -29.32 16.61
CA TYR T 164 -23.92 -28.16 16.03
C TYR T 164 -22.46 -28.48 15.68
N LEU T 165 -21.73 -29.11 16.59
CA LEU T 165 -20.33 -29.41 16.32
C LEU T 165 -20.16 -30.52 15.31
N PHE T 166 -21.04 -31.53 15.33
CA PHE T 166 -21.05 -32.52 14.26
C PHE T 166 -21.42 -31.90 12.92
N ASP T 167 -22.24 -30.85 12.94
CA ASP T 167 -22.58 -30.16 11.72
C ASP T 167 -21.40 -29.40 11.16
N LYS T 168 -20.61 -28.79 12.04
CA LYS T 168 -19.54 -27.93 11.57
C LYS T 168 -18.18 -28.61 11.45
N HIS T 169 -18.04 -29.86 11.88
CA HIS T 169 -16.75 -30.54 11.74
C HIS T 169 -16.77 -31.68 10.74
N THR T 170 -17.73 -32.59 10.83
CA THR T 170 -17.74 -33.76 9.95
C THR T 170 -18.19 -33.38 8.55
N LEU T 171 -19.38 -32.78 8.44
CA LEU T 171 -19.98 -32.53 7.14
C LEU T 171 -19.67 -31.15 6.58
N GLY T 172 -18.53 -30.58 6.96
CA GLY T 172 -18.12 -29.30 6.43
C GLY T 172 -17.63 -29.40 4.99
N THR U 1 14.31 13.30 -76.76
CA THR U 1 13.17 12.93 -75.93
C THR U 1 13.50 11.77 -75.01
N SER U 2 12.53 11.37 -74.21
CA SER U 2 12.71 10.27 -73.26
C SER U 2 12.29 8.94 -73.91
N GLN U 3 12.15 7.92 -73.09
CA GLN U 3 11.80 6.58 -73.55
C GLN U 3 10.51 6.06 -72.97
N VAL U 4 10.27 6.27 -71.67
CA VAL U 4 9.09 5.71 -71.01
C VAL U 4 7.85 6.57 -71.19
N ARG U 5 7.96 7.71 -71.85
CA ARG U 5 6.83 8.62 -71.98
C ARG U 5 5.82 8.10 -72.98
N GLN U 6 4.58 7.95 -72.52
CA GLN U 6 3.48 7.51 -73.38
C GLN U 6 2.20 8.20 -72.92
N ASN U 7 1.55 8.89 -73.87
CA ASN U 7 0.31 9.64 -73.66
C ASN U 7 0.50 10.69 -72.56
N TYR U 8 1.34 11.66 -72.86
CA TYR U 8 1.68 12.68 -71.87
C TYR U 8 1.89 14.00 -72.59
N HIS U 9 0.86 14.85 -72.58
CA HIS U 9 0.94 16.15 -73.22
C HIS U 9 1.82 17.08 -72.40
N GLN U 10 2.43 18.06 -73.06
CA GLN U 10 3.45 18.88 -72.41
C GLN U 10 2.87 19.99 -71.56
N ASP U 11 1.64 20.43 -71.85
CA ASP U 11 1.04 21.48 -71.05
C ASP U 11 0.63 20.96 -69.68
N SER U 12 0.32 19.66 -69.59
CA SER U 12 0.16 19.00 -68.30
C SER U 12 1.46 19.08 -67.50
N GLU U 13 2.60 18.90 -68.16
CA GLU U 13 3.89 18.98 -67.48
C GLU U 13 4.18 20.38 -66.98
N ALA U 14 3.81 21.40 -67.77
CA ALA U 14 3.97 22.78 -67.32
C ALA U 14 3.08 23.08 -66.12
N ALA U 15 1.86 22.51 -66.11
CA ALA U 15 0.98 22.69 -64.97
C ALA U 15 1.52 21.99 -63.72
N ILE U 16 2.11 20.81 -63.88
CA ILE U 16 2.71 20.12 -62.75
C ILE U 16 3.90 20.90 -62.19
N ASN U 17 4.67 21.55 -63.07
CA ASN U 17 5.77 22.39 -62.60
C ASN U 17 5.28 23.58 -61.80
N ARG U 18 4.21 24.24 -62.28
CA ARG U 18 3.62 25.34 -61.52
C ARG U 18 3.08 24.87 -60.18
N GLN U 19 2.49 23.67 -60.14
CA GLN U 19 1.92 23.18 -58.90
C GLN U 19 3.00 22.79 -57.90
N ILE U 20 4.15 22.27 -58.37
CA ILE U 20 5.28 22.01 -57.49
C ILE U 20 5.81 23.30 -56.89
N ASN U 21 5.92 24.35 -57.72
CA ASN U 21 6.32 25.66 -57.22
C ASN U 21 5.36 26.17 -56.15
N LEU U 22 4.05 25.97 -56.37
CA LEU U 22 3.07 26.47 -55.41
C LEU U 22 3.07 25.67 -54.11
N GLU U 23 3.30 24.37 -54.19
CA GLU U 23 3.38 23.55 -52.98
C GLU U 23 4.61 23.92 -52.14
N LEU U 24 5.73 24.23 -52.80
CA LEU U 24 6.91 24.64 -52.02
C LEU U 24 6.71 26.02 -51.42
N TYR U 25 6.01 26.91 -52.14
CA TYR U 25 5.60 28.19 -51.56
C TYR U 25 4.73 27.99 -50.33
N ALA U 26 3.84 27.01 -50.38
CA ALA U 26 2.97 26.72 -49.25
C ALA U 26 3.75 26.25 -48.04
N SER U 27 4.72 25.36 -48.26
CA SER U 27 5.57 24.90 -47.16
C SER U 27 6.37 26.03 -46.55
N TYR U 28 6.82 26.98 -47.37
CA TYR U 28 7.61 28.09 -46.85
C TYR U 28 6.74 29.05 -46.04
N VAL U 29 5.49 29.30 -46.49
CA VAL U 29 4.59 30.16 -45.75
C VAL U 29 4.21 29.53 -44.41
N TYR U 30 3.96 28.22 -44.40
CA TYR U 30 3.68 27.56 -43.12
C TYR U 30 4.88 27.55 -42.19
N LEU U 31 6.10 27.50 -42.72
CA LEU U 31 7.28 27.64 -41.86
C LEU U 31 7.35 29.03 -41.24
N SER U 32 7.02 30.07 -42.02
CA SER U 32 7.02 31.43 -41.49
C SER U 32 5.98 31.59 -40.39
N MET U 33 4.75 31.11 -40.63
CA MET U 33 3.73 31.09 -39.59
C MET U 33 4.13 30.26 -38.39
N SER U 34 4.89 29.18 -38.63
CA SER U 34 5.27 28.28 -37.55
C SER U 34 6.24 28.93 -36.59
N TYR U 35 7.28 29.57 -37.10
CA TYR U 35 8.23 30.19 -36.19
C TYR U 35 7.91 31.64 -35.87
N TYR U 36 6.78 32.17 -36.36
CA TYR U 36 6.29 33.41 -35.79
C TYR U 36 5.82 33.23 -34.35
N PHE U 37 5.18 32.11 -34.06
CA PHE U 37 4.60 31.87 -32.73
C PHE U 37 5.61 31.38 -31.71
N ASP U 38 6.82 31.04 -32.14
CA ASP U 38 7.86 30.60 -31.23
C ASP U 38 8.54 31.77 -30.54
N ARG U 39 8.21 33.00 -30.94
CA ARG U 39 8.85 34.20 -30.46
C ARG U 39 8.52 34.47 -28.99
N ASP U 40 9.17 35.50 -28.45
CA ASP U 40 9.04 35.79 -27.03
C ASP U 40 7.73 36.49 -26.70
N ASP U 41 7.27 37.40 -27.56
CA ASP U 41 6.10 38.19 -27.23
C ASP U 41 4.79 37.57 -27.72
N VAL U 42 4.80 36.30 -28.08
CA VAL U 42 3.56 35.60 -28.41
C VAL U 42 3.45 34.34 -27.56
N ALA U 43 4.46 33.48 -27.69
CA ALA U 43 4.72 32.34 -26.79
C ALA U 43 3.55 31.36 -26.73
N LEU U 44 3.27 30.74 -27.87
CA LEU U 44 2.20 29.75 -27.98
C LEU U 44 2.80 28.52 -28.64
N LYS U 45 3.00 27.45 -27.86
CA LYS U 45 3.78 26.30 -28.30
C LYS U 45 3.07 25.52 -29.40
N ASN U 46 1.81 25.16 -29.17
CA ASN U 46 1.17 24.18 -30.03
C ASN U 46 0.77 24.78 -31.38
N PHE U 47 0.63 26.10 -31.47
CA PHE U 47 0.54 26.74 -32.79
C PHE U 47 1.78 26.48 -33.61
N ALA U 48 2.97 26.65 -32.99
CA ALA U 48 4.22 26.40 -33.69
C ALA U 48 4.35 24.94 -34.09
N LYS U 49 3.96 24.03 -33.19
CA LYS U 49 4.08 22.61 -33.51
C LYS U 49 3.07 22.20 -34.59
N TYR U 50 1.88 22.80 -34.58
CA TYR U 50 0.86 22.46 -35.58
C TYR U 50 1.22 22.98 -36.95
N PHE U 51 1.65 24.25 -37.05
CA PHE U 51 2.06 24.77 -38.35
C PHE U 51 3.32 24.11 -38.87
N LEU U 52 4.21 23.66 -37.97
CA LEU U 52 5.38 22.90 -38.41
C LEU U 52 4.97 21.56 -39.00
N HIS U 53 4.01 20.89 -38.37
CA HIS U 53 3.50 19.63 -38.91
C HIS U 53 2.83 19.84 -40.27
N GLN U 54 2.10 20.96 -40.42
CA GLN U 54 1.51 21.28 -41.72
C GLN U 54 2.56 21.55 -42.78
N SER U 55 3.66 22.20 -42.40
CA SER U 55 4.71 22.49 -43.37
C SER U 55 5.38 21.20 -43.84
N HIS U 56 5.57 20.24 -42.94
CA HIS U 56 6.13 18.97 -43.37
C HIS U 56 5.16 18.17 -44.24
N GLU U 57 3.85 18.31 -43.99
CA GLU U 57 2.88 17.65 -44.88
C GLU U 57 2.89 18.26 -46.28
N GLU U 58 3.01 19.58 -46.38
CA GLU U 58 3.08 20.21 -47.70
C GLU U 58 4.39 19.86 -48.42
N ARG U 59 5.49 19.72 -47.67
CA ARG U 59 6.75 19.28 -48.25
C ARG U 59 6.64 17.86 -48.83
N GLU U 60 5.98 16.96 -48.10
CA GLU U 60 5.79 15.61 -48.62
C GLU U 60 4.84 15.60 -49.82
N HIS U 61 3.88 16.53 -49.87
CA HIS U 61 3.04 16.66 -51.06
C HIS U 61 3.87 17.09 -52.27
N ALA U 62 4.80 18.01 -52.06
CA ALA U 62 5.69 18.44 -53.15
C ALA U 62 6.58 17.29 -53.61
N GLU U 63 7.06 16.46 -52.69
CA GLU U 63 7.86 15.29 -53.09
C GLU U 63 7.02 14.27 -53.85
N LYS U 64 5.74 14.12 -53.51
CA LYS U 64 4.91 13.19 -54.25
C LYS U 64 4.62 13.70 -55.65
N LEU U 65 4.47 15.02 -55.81
CA LEU U 65 4.34 15.56 -57.17
C LEU U 65 5.61 15.39 -57.99
N MET U 66 6.78 15.51 -57.34
CA MET U 66 8.01 15.31 -58.11
C MET U 66 8.21 13.86 -58.50
N LYS U 67 7.78 12.92 -57.66
CA LYS U 67 7.81 11.52 -58.06
C LYS U 67 6.82 11.25 -59.19
N LEU U 68 5.68 11.94 -59.20
CA LEU U 68 4.73 11.79 -60.29
C LEU U 68 5.29 12.36 -61.59
N GLN U 69 6.05 13.45 -61.50
CA GLN U 69 6.66 14.01 -62.69
C GLN U 69 7.74 13.09 -63.23
N ASN U 70 8.45 12.41 -62.35
CA ASN U 70 9.49 11.50 -62.83
C ASN U 70 8.96 10.13 -63.24
N GLN U 71 7.74 9.76 -62.83
CA GLN U 71 7.22 8.48 -63.30
C GLN U 71 6.70 8.56 -64.72
N ARG U 72 6.07 9.66 -65.09
CA ARG U 72 5.55 9.78 -66.45
C ARG U 72 6.63 10.08 -67.47
N GLY U 73 7.80 10.51 -67.03
CA GLY U 73 8.91 10.69 -67.95
C GLY U 73 9.12 12.09 -68.45
N GLY U 74 8.60 13.10 -67.76
CA GLY U 74 8.84 14.47 -68.13
C GLY U 74 10.18 14.97 -67.59
N ARG U 75 10.22 16.27 -67.35
CA ARG U 75 11.38 16.93 -66.79
C ARG U 75 10.94 17.78 -65.60
N ILE U 76 11.88 18.16 -64.76
CA ILE U 76 11.60 19.04 -63.65
C ILE U 76 12.26 20.39 -63.93
N PHE U 77 11.50 21.46 -63.77
CA PHE U 77 12.02 22.81 -63.95
C PHE U 77 11.67 23.60 -62.71
N LEU U 78 12.62 23.71 -61.78
CA LEU U 78 12.38 24.40 -60.54
C LEU U 78 12.53 25.91 -60.72
N GLN U 79 11.67 26.66 -60.04
CA GLN U 79 11.69 28.11 -60.13
C GLN U 79 12.04 28.69 -58.77
N ASP U 80 11.93 30.00 -58.64
CA ASP U 80 12.17 30.63 -57.35
C ASP U 80 11.01 30.38 -56.41
N ILE U 81 11.21 30.75 -55.15
CA ILE U 81 10.17 30.71 -54.14
C ILE U 81 10.05 32.11 -53.56
N LYS U 82 8.92 32.76 -53.81
CA LYS U 82 8.69 34.11 -53.32
C LYS U 82 8.57 34.11 -51.80
N LYS U 83 8.99 35.22 -51.20
CA LYS U 83 8.81 35.37 -49.77
C LYS U 83 7.34 35.57 -49.46
N PRO U 84 6.89 35.17 -48.26
CA PRO U 84 5.49 35.37 -47.90
C PRO U 84 5.15 36.85 -47.77
N ASP U 85 3.86 37.15 -47.94
CA ASP U 85 3.45 38.53 -48.18
C ASP U 85 3.43 39.37 -46.91
N CYS U 86 3.28 38.74 -45.74
CA CYS U 86 3.13 39.50 -44.50
C CYS U 86 3.56 38.64 -43.33
N ASP U 87 4.29 39.24 -42.39
CA ASP U 87 4.80 38.50 -41.23
C ASP U 87 4.03 38.83 -39.97
N ASP U 88 3.57 40.07 -39.83
CA ASP U 88 2.92 40.51 -38.61
C ASP U 88 1.50 39.95 -38.58
N TRP U 89 1.37 38.69 -38.18
CA TRP U 89 0.05 38.08 -38.07
C TRP U 89 -0.72 38.59 -36.86
N GLU U 90 -0.01 38.87 -35.76
CA GLU U 90 -0.44 39.59 -34.55
C GLU U 90 -1.39 38.77 -33.66
N SER U 91 -1.88 37.64 -34.13
CA SER U 91 -2.84 36.88 -33.34
C SER U 91 -2.80 35.43 -33.77
N GLY U 92 -3.78 34.66 -33.29
CA GLY U 92 -3.93 33.29 -33.71
C GLY U 92 -5.06 33.12 -34.70
N LEU U 93 -6.04 34.02 -34.64
CA LEU U 93 -7.17 33.95 -35.56
C LEU U 93 -6.77 34.43 -36.95
N ASN U 94 -5.96 35.49 -37.02
CA ASN U 94 -5.53 36.04 -38.30
C ASN U 94 -4.69 35.04 -39.08
N ALA U 95 -3.82 34.31 -38.38
CA ALA U 95 -2.99 33.31 -39.03
C ALA U 95 -3.82 32.15 -39.54
N MET U 96 -4.84 31.74 -38.78
CA MET U 96 -5.73 30.68 -39.23
C MET U 96 -6.53 31.10 -40.45
N GLU U 97 -7.00 32.36 -40.48
CA GLU U 97 -7.75 32.82 -41.65
C GLU U 97 -6.87 32.90 -42.88
N CYS U 98 -5.63 33.34 -42.72
CA CYS U 98 -4.74 33.41 -43.88
C CYS U 98 -4.30 32.02 -44.34
N ALA U 99 -4.18 31.07 -43.43
CA ALA U 99 -3.89 29.70 -43.84
C ALA U 99 -5.07 29.09 -44.56
N LEU U 100 -6.29 29.44 -44.13
CA LEU U 100 -7.49 29.01 -44.83
C LEU U 100 -7.55 29.59 -46.23
N HIS U 101 -7.17 30.85 -46.37
CA HIS U 101 -7.18 31.49 -47.69
C HIS U 101 -6.11 30.88 -48.60
N LEU U 102 -4.96 30.53 -48.01
CA LEU U 102 -3.92 29.83 -48.76
C LEU U 102 -4.38 28.47 -49.25
N GLU U 103 -5.03 27.69 -48.39
CA GLU U 103 -5.52 26.39 -48.81
C GLU U 103 -6.64 26.50 -49.82
N LYS U 104 -7.44 27.57 -49.76
CA LYS U 104 -8.45 27.75 -50.80
C LYS U 104 -7.81 28.09 -52.15
N ASN U 105 -6.71 28.84 -52.14
CA ASN U 105 -5.98 29.06 -53.39
C ASN U 105 -5.40 27.77 -53.95
N VAL U 106 -4.88 26.91 -53.07
CA VAL U 106 -4.35 25.62 -53.49
C VAL U 106 -5.45 24.73 -54.07
N ASN U 107 -6.63 24.75 -53.44
CA ASN U 107 -7.77 23.98 -53.94
C ASN U 107 -8.23 24.48 -55.30
N GLN U 108 -8.23 25.80 -55.49
CA GLN U 108 -8.56 26.38 -56.79
C GLN U 108 -7.58 25.94 -57.87
N SER U 109 -6.30 25.90 -57.52
CA SER U 109 -5.29 25.44 -58.46
C SER U 109 -5.49 23.97 -58.83
N LEU U 110 -5.85 23.14 -57.86
CA LEU U 110 -6.05 21.73 -58.18
C LEU U 110 -7.33 21.49 -58.97
N LEU U 111 -8.37 22.31 -58.78
CA LEU U 111 -9.54 22.22 -59.63
C LEU U 111 -9.21 22.59 -61.07
N GLU U 112 -8.42 23.65 -61.25
CA GLU U 112 -8.03 24.02 -62.62
C GLU U 112 -7.13 22.97 -63.25
N LEU U 113 -6.31 22.30 -62.44
CA LEU U 113 -5.42 21.28 -63.00
C LEU U 113 -6.20 20.02 -63.36
N HIS U 114 -7.22 19.67 -62.58
CA HIS U 114 -8.05 18.55 -62.98
C HIS U 114 -8.90 18.87 -64.20
N LYS U 115 -9.31 20.13 -64.36
CA LYS U 115 -9.94 20.56 -65.61
C LYS U 115 -9.00 20.39 -66.79
N LEU U 116 -7.73 20.77 -66.62
CA LEU U 116 -6.75 20.66 -67.69
C LEU U 116 -6.47 19.20 -68.03
N ALA U 117 -6.41 18.33 -67.02
CA ALA U 117 -6.18 16.92 -67.28
C ALA U 117 -7.42 16.25 -67.88
N THR U 118 -8.60 16.80 -67.62
CA THR U 118 -9.79 16.31 -68.30
C THR U 118 -9.76 16.68 -69.78
N ASP U 119 -9.34 17.90 -70.10
CA ASP U 119 -9.40 18.33 -71.49
C ASP U 119 -8.25 17.77 -72.34
N LYS U 120 -7.25 17.15 -71.74
CA LYS U 120 -6.11 16.64 -72.51
C LYS U 120 -6.08 15.12 -72.60
N ASN U 121 -7.16 14.44 -72.18
CA ASN U 121 -7.35 12.99 -72.35
C ASN U 121 -6.25 12.19 -71.68
N ASP U 122 -6.19 12.30 -70.35
CA ASP U 122 -5.27 11.51 -69.54
C ASP U 122 -6.08 10.93 -68.38
N PRO U 123 -6.15 9.62 -68.25
CA PRO U 123 -6.85 9.04 -67.10
C PRO U 123 -5.96 8.87 -65.89
N HIS U 124 -4.65 8.68 -66.11
CA HIS U 124 -3.75 8.45 -64.99
C HIS U 124 -3.59 9.69 -64.13
N LEU U 125 -3.54 10.86 -64.76
CA LEU U 125 -3.38 12.09 -64.00
C LEU U 125 -4.67 12.44 -63.28
N CYS U 126 -5.82 12.18 -63.91
CA CYS U 126 -7.10 12.40 -63.25
C CYS U 126 -7.26 11.47 -62.05
N ASP U 127 -6.82 10.21 -62.19
CA ASP U 127 -6.84 9.28 -61.07
C ASP U 127 -5.91 9.73 -59.95
N PHE U 128 -4.74 10.25 -60.32
CA PHE U 128 -3.76 10.68 -59.33
C PHE U 128 -4.29 11.85 -58.50
N ILE U 129 -4.90 12.84 -59.18
CA ILE U 129 -5.44 14.00 -58.49
C ILE U 129 -6.64 13.62 -57.64
N GLU U 130 -7.53 12.75 -58.18
CA GLU U 130 -8.69 12.32 -57.41
C GLU U 130 -8.29 11.52 -56.18
N THR U 131 -7.21 10.74 -56.26
CA THR U 131 -6.80 9.95 -55.11
C THR U 131 -6.11 10.80 -54.06
N HIS U 132 -4.99 11.43 -54.41
CA HIS U 132 -4.10 11.88 -53.35
C HIS U 132 -4.39 13.27 -52.83
N TYR U 133 -4.99 14.16 -53.61
CA TYR U 133 -4.94 15.56 -53.22
C TYR U 133 -6.27 16.20 -52.89
N LEU U 134 -7.36 15.85 -53.57
CA LEU U 134 -8.60 16.60 -53.40
C LEU U 134 -9.26 16.32 -52.05
N ASN U 135 -9.27 15.06 -51.62
CA ASN U 135 -9.90 14.71 -50.35
C ASN U 135 -9.13 15.31 -49.18
N GLU U 136 -7.81 15.36 -49.29
CA GLU U 136 -7.00 15.94 -48.22
C GLU U 136 -7.15 17.45 -48.16
N GLN U 137 -7.30 18.08 -49.32
CA GLN U 137 -7.54 19.51 -49.40
C GLN U 137 -8.88 19.88 -48.76
N VAL U 138 -9.91 19.08 -49.04
CA VAL U 138 -11.23 19.34 -48.48
C VAL U 138 -11.23 19.14 -46.97
N LYS U 139 -10.53 18.11 -46.48
CA LYS U 139 -10.43 17.91 -45.04
C LYS U 139 -9.64 19.03 -44.36
N ALA U 140 -8.61 19.55 -45.05
CA ALA U 140 -7.83 20.64 -44.47
C ALA U 140 -8.63 21.93 -44.40
N ILE U 141 -9.45 22.19 -45.42
CA ILE U 141 -10.29 23.39 -45.40
C ILE U 141 -11.37 23.26 -44.33
N LYS U 142 -11.92 22.06 -44.14
CA LYS U 142 -12.90 21.83 -43.07
C LYS U 142 -12.28 22.05 -41.69
N GLU U 143 -11.06 21.54 -41.49
CA GLU U 143 -10.39 21.70 -40.21
C GLU U 143 -10.06 23.16 -39.91
N LEU U 144 -9.53 23.89 -40.91
CA LEU U 144 -9.23 25.29 -40.67
C LEU U 144 -10.49 26.12 -40.50
N GLY U 145 -11.60 25.73 -41.14
CA GLY U 145 -12.85 26.42 -40.91
C GLY U 145 -13.37 26.22 -39.50
N ASP U 146 -13.21 25.00 -38.96
CA ASP U 146 -13.52 24.73 -37.56
C ASP U 146 -12.72 25.63 -36.63
N HIS U 147 -11.42 25.73 -36.86
CA HIS U 147 -10.60 26.50 -35.92
C HIS U 147 -10.85 28.00 -36.04
N VAL U 148 -11.12 28.49 -37.25
CA VAL U 148 -11.46 29.89 -37.43
C VAL U 148 -12.78 30.23 -36.75
N THR U 149 -13.77 29.35 -36.86
CA THR U 149 -15.07 29.64 -36.27
C THR U 149 -15.00 29.57 -34.75
N ASN U 150 -14.25 28.61 -34.21
CA ASN U 150 -14.12 28.52 -32.76
C ASN U 150 -13.33 29.69 -32.19
N LEU U 151 -12.32 30.19 -32.92
CA LEU U 151 -11.63 31.36 -32.41
C LEU U 151 -12.45 32.63 -32.61
N ARG U 152 -13.41 32.63 -33.53
CA ARG U 152 -14.29 33.79 -33.61
C ARG U 152 -15.35 33.79 -32.53
N LYS U 153 -15.77 32.60 -32.07
CA LYS U 153 -16.83 32.58 -31.07
C LYS U 153 -16.30 32.50 -29.65
N MET U 154 -15.03 32.14 -29.46
CA MET U 154 -14.50 32.10 -28.11
C MET U 154 -14.09 33.46 -27.58
N GLY U 155 -14.11 34.51 -28.40
CA GLY U 155 -13.84 35.86 -27.94
C GLY U 155 -12.62 36.52 -28.54
N ALA U 156 -11.78 35.81 -29.28
CA ALA U 156 -10.62 36.39 -29.93
C ALA U 156 -11.06 37.35 -31.04
N PRO U 157 -10.23 38.36 -31.36
CA PRO U 157 -8.91 38.78 -30.87
C PRO U 157 -8.92 39.84 -29.78
N GLU U 158 -10.05 40.06 -29.13
CA GLU U 158 -10.11 41.00 -28.01
C GLU U 158 -9.96 40.32 -26.66
N SER U 159 -9.48 39.08 -26.64
CA SER U 159 -9.34 38.34 -25.39
C SER U 159 -8.30 37.25 -25.59
N GLY U 160 -7.16 37.36 -24.90
CA GLY U 160 -6.12 36.36 -25.03
C GLY U 160 -6.39 35.07 -24.28
N LEU U 161 -7.39 35.08 -23.40
CA LEU U 161 -7.73 33.87 -22.66
C LEU U 161 -8.28 32.79 -23.59
N ALA U 162 -9.03 33.22 -24.61
CA ALA U 162 -9.54 32.27 -25.60
C ALA U 162 -8.40 31.67 -26.41
N GLU U 163 -7.43 32.48 -26.81
CA GLU U 163 -6.28 31.98 -27.54
C GLU U 163 -5.44 31.03 -26.70
N TYR U 164 -5.29 31.33 -25.41
CA TYR U 164 -4.51 30.45 -24.53
C TYR U 164 -5.22 29.12 -24.30
N LEU U 165 -6.54 29.15 -24.11
CA LEU U 165 -7.25 27.89 -23.90
C LEU U 165 -7.35 27.10 -25.19
N PHE U 166 -7.42 27.76 -26.34
CA PHE U 166 -7.37 27.07 -27.61
C PHE U 166 -5.99 26.48 -27.87
N ASP U 167 -4.94 27.14 -27.37
CA ASP U 167 -3.60 26.57 -27.39
C ASP U 167 -3.55 25.28 -26.56
N LYS U 168 -4.10 25.33 -25.34
CA LYS U 168 -3.86 24.22 -24.43
C LYS U 168 -4.84 23.06 -24.60
N HIS U 169 -6.02 23.28 -25.20
CA HIS U 169 -6.98 22.20 -25.32
C HIS U 169 -7.02 21.58 -26.71
N THR U 170 -7.28 22.38 -27.74
CA THR U 170 -7.59 21.82 -29.06
C THR U 170 -6.37 21.22 -29.73
N LEU U 171 -5.23 21.90 -29.64
CA LEU U 171 -4.03 21.45 -30.34
C LEU U 171 -3.08 20.69 -29.44
N GLY U 172 -3.60 19.90 -28.51
CA GLY U 172 -2.78 19.04 -27.68
C GLY U 172 -2.81 17.60 -28.15
N THR V 1 10.99 47.78 -27.89
CA THR V 1 11.98 46.74 -28.15
C THR V 1 11.54 45.42 -27.56
N SER V 2 12.29 44.36 -27.89
CA SER V 2 12.01 43.06 -27.32
C SER V 2 12.47 43.00 -25.87
N GLN V 3 11.95 42.03 -25.13
CA GLN V 3 12.20 41.94 -23.70
C GLN V 3 13.45 41.15 -23.35
N VAL V 4 13.88 40.22 -24.20
CA VAL V 4 14.94 39.31 -23.85
C VAL V 4 16.20 39.58 -24.66
N ARG V 5 16.41 40.81 -25.12
CA ARG V 5 17.66 41.16 -25.76
C ARG V 5 18.72 41.46 -24.70
N GLN V 6 19.84 40.75 -24.76
CA GLN V 6 20.95 40.98 -23.85
C GLN V 6 22.25 40.65 -24.57
N ASN V 7 23.13 41.65 -24.69
CA ASN V 7 24.42 41.54 -25.36
C ASN V 7 24.27 41.04 -26.80
N TYR V 8 23.62 41.85 -27.62
CA TYR V 8 23.25 41.41 -28.96
C TYR V 8 23.22 42.63 -29.87
N HIS V 9 23.75 42.49 -31.07
CA HIS V 9 23.83 43.60 -32.01
C HIS V 9 23.21 43.20 -33.35
N GLN V 10 22.73 44.21 -34.08
CA GLN V 10 21.89 43.98 -35.25
C GLN V 10 22.69 43.49 -36.46
N ASP V 11 24.01 43.68 -36.46
CA ASP V 11 24.84 43.08 -37.51
C ASP V 11 24.76 41.56 -37.45
N SER V 12 24.72 41.01 -36.22
CA SER V 12 24.51 39.58 -36.06
C SER V 12 23.12 39.16 -36.52
N GLU V 13 22.12 40.04 -36.35
CA GLU V 13 20.77 39.76 -36.83
C GLU V 13 20.74 39.62 -38.35
N ALA V 14 21.40 40.54 -39.05
CA ALA V 14 21.47 40.44 -40.51
C ALA V 14 22.29 39.24 -40.97
N ALA V 15 23.37 38.92 -40.23
CA ALA V 15 24.20 37.78 -40.57
C ALA V 15 23.43 36.47 -40.43
N ILE V 16 22.65 36.32 -39.36
CA ILE V 16 21.87 35.10 -39.17
C ILE V 16 20.76 35.02 -40.20
N ASN V 17 20.17 36.15 -40.62
CA ASN V 17 19.17 36.09 -41.68
C ASN V 17 19.76 35.61 -43.01
N ARG V 18 20.94 36.13 -43.36
CA ARG V 18 21.60 35.69 -44.59
C ARG V 18 22.01 34.24 -44.52
N GLN V 19 22.44 33.77 -43.34
CA GLN V 19 22.85 32.38 -43.21
C GLN V 19 21.66 31.42 -43.25
N ILE V 20 20.49 31.86 -42.76
CA ILE V 20 19.28 31.05 -42.91
C ILE V 20 18.89 30.93 -44.37
N ASN V 21 19.01 32.04 -45.11
CA ASN V 21 18.77 32.01 -46.56
C ASN V 21 19.73 31.04 -47.25
N LEU V 22 20.98 31.01 -46.82
CA LEU V 22 21.96 30.11 -47.41
C LEU V 22 21.65 28.65 -47.12
N GLU V 23 21.28 28.32 -45.88
CA GLU V 23 20.98 26.93 -45.53
C GLU V 23 19.73 26.43 -46.25
N LEU V 24 18.72 27.29 -46.40
CA LEU V 24 17.52 26.87 -47.14
C LEU V 24 17.80 26.73 -48.62
N TYR V 25 18.65 27.60 -49.17
CA TYR V 25 19.05 27.47 -50.57
C TYR V 25 19.82 26.19 -50.81
N ALA V 26 20.65 25.81 -49.85
CA ALA V 26 21.37 24.54 -49.95
C ALA V 26 20.40 23.36 -49.92
N SER V 27 19.39 23.40 -49.04
CA SER V 27 18.40 22.32 -49.00
C SER V 27 17.62 22.22 -50.32
N TYR V 28 17.32 23.36 -50.94
CA TYR V 28 16.60 23.34 -52.20
C TYR V 28 17.46 22.76 -53.33
N VAL V 29 18.76 23.11 -53.35
CA VAL V 29 19.67 22.57 -54.35
C VAL V 29 19.83 21.06 -54.19
N TYR V 30 19.95 20.58 -52.94
CA TYR V 30 20.01 19.14 -52.71
C TYR V 30 18.72 18.44 -53.11
N LEU V 31 17.57 19.10 -52.95
CA LEU V 31 16.32 18.53 -53.45
C LEU V 31 16.35 18.36 -54.96
N SER V 32 16.87 19.37 -55.66
CA SER V 32 17.02 19.29 -57.12
C SER V 32 17.95 18.16 -57.53
N MET V 33 19.07 18.00 -56.82
CA MET V 33 20.00 16.93 -57.13
C MET V 33 19.39 15.56 -56.85
N SER V 34 18.63 15.44 -55.76
CA SER V 34 18.07 14.15 -55.39
C SER V 34 16.97 13.73 -56.33
N TYR V 35 16.28 14.66 -56.96
CA TYR V 35 15.34 14.23 -57.97
C TYR V 35 15.89 14.29 -59.39
N TYR V 36 17.13 14.71 -59.57
CA TYR V 36 17.75 14.47 -60.87
C TYR V 36 18.06 13.00 -61.06
N PHE V 37 18.62 12.35 -60.04
CA PHE V 37 19.03 10.95 -60.12
C PHE V 37 17.88 9.97 -59.95
N ASP V 38 16.63 10.44 -59.99
CA ASP V 38 15.47 9.57 -59.90
C ASP V 38 14.81 9.37 -61.25
N ARG V 39 15.30 10.06 -62.28
CA ARG V 39 14.71 10.03 -63.60
C ARG V 39 14.92 8.67 -64.29
N ASP V 40 14.36 8.56 -65.49
CA ASP V 40 14.47 7.30 -66.20
C ASP V 40 15.83 7.14 -66.88
N ASP V 41 16.44 8.22 -67.32
CA ASP V 41 17.68 8.11 -68.08
C ASP V 41 18.94 8.21 -67.23
N VAL V 42 18.83 8.07 -65.91
CA VAL V 42 20.01 8.02 -65.06
C VAL V 42 19.95 6.77 -64.19
N ALA V 43 18.84 6.63 -63.46
CA ALA V 43 18.45 5.40 -62.75
C ALA V 43 19.46 5.01 -61.66
N LEU V 44 19.69 5.92 -60.73
CA LEU V 44 20.61 5.70 -59.61
C LEU V 44 19.86 6.09 -58.34
N LYS V 45 19.15 5.13 -57.74
CA LYS V 45 18.19 5.47 -56.69
C LYS V 45 18.84 5.76 -55.34
N ASN V 46 20.01 5.16 -55.06
CA ASN V 46 20.62 5.45 -53.77
C ASN V 46 21.28 6.81 -53.75
N PHE V 47 21.66 7.34 -54.92
CA PHE V 47 22.01 8.76 -55.01
C PHE V 47 20.84 9.65 -54.63
N ALA V 48 19.62 9.28 -55.06
CA ALA V 48 18.43 10.03 -54.69
C ALA V 48 18.21 10.02 -53.19
N LYS V 49 18.37 8.85 -52.56
CA LYS V 49 18.23 8.76 -51.12
C LYS V 49 19.32 9.54 -50.39
N TYR V 50 20.54 9.52 -50.92
CA TYR V 50 21.66 10.21 -50.27
C TYR V 50 21.49 11.72 -50.30
N PHE V 51 21.21 12.28 -51.48
CA PHE V 51 21.03 13.72 -51.55
C PHE V 51 19.73 14.17 -50.87
N LEU V 52 18.71 13.32 -50.83
CA LEU V 52 17.50 13.66 -50.09
C LEU V 52 17.76 13.73 -48.60
N HIS V 53 18.53 12.76 -48.07
CA HIS V 53 18.91 12.77 -46.67
C HIS V 53 19.74 14.00 -46.32
N GLN V 54 20.65 14.38 -47.21
CA GLN V 54 21.40 15.62 -46.98
C GLN V 54 20.51 16.86 -47.05
N SER V 55 19.47 16.84 -47.87
CA SER V 55 18.54 17.96 -47.93
C SER V 55 17.79 18.12 -46.61
N HIS V 56 17.33 17.00 -46.05
CA HIS V 56 16.66 17.03 -44.76
C HIS V 56 17.59 17.50 -43.65
N GLU V 57 18.86 17.12 -43.70
CA GLU V 57 19.80 17.55 -42.67
C GLU V 57 20.10 19.04 -42.78
N GLU V 58 20.23 19.57 -43.99
CA GLU V 58 20.45 21.02 -44.11
C GLU V 58 19.21 21.81 -43.73
N ARG V 59 18.02 21.25 -43.95
CA ARG V 59 16.80 21.90 -43.49
C ARG V 59 16.75 21.94 -41.97
N GLU V 60 17.23 20.88 -41.31
CA GLU V 60 17.30 20.89 -39.85
C GLU V 60 18.29 21.92 -39.35
N HIS V 61 19.39 22.12 -40.08
CA HIS V 61 20.35 23.17 -39.73
C HIS V 61 19.72 24.55 -39.80
N ALA V 62 18.90 24.79 -40.83
CA ALA V 62 18.22 26.07 -40.94
C ALA V 62 17.18 26.27 -39.85
N GLU V 63 16.48 25.18 -39.47
CA GLU V 63 15.53 25.28 -38.36
C GLU V 63 16.22 25.58 -37.04
N LYS V 64 17.41 25.02 -36.82
CA LYS V 64 18.12 25.33 -35.59
C LYS V 64 18.64 26.76 -35.57
N LEU V 65 19.02 27.30 -36.74
CA LEU V 65 19.35 28.72 -36.81
C LEU V 65 18.15 29.61 -36.48
N MET V 66 16.97 29.25 -36.97
CA MET V 66 15.79 30.06 -36.65
C MET V 66 15.44 29.95 -35.17
N LYS V 67 15.69 28.79 -34.57
CA LYS V 67 15.53 28.63 -33.13
C LYS V 67 16.48 29.54 -32.35
N LEU V 68 17.73 29.64 -32.81
CA LEU V 68 18.70 30.54 -32.18
C LEU V 68 18.26 31.99 -32.30
N GLN V 69 17.78 32.37 -33.49
CA GLN V 69 17.33 33.73 -33.73
C GLN V 69 16.15 34.10 -32.85
N ASN V 70 15.25 33.15 -32.60
CA ASN V 70 14.17 33.46 -31.68
C ASN V 70 14.61 33.44 -30.22
N GLN V 71 15.62 32.64 -29.87
CA GLN V 71 16.01 32.58 -28.47
C GLN V 71 16.78 33.82 -28.03
N ARG V 72 17.57 34.41 -28.92
CA ARG V 72 18.28 35.61 -28.45
C ARG V 72 17.41 36.85 -28.42
N GLY V 73 16.31 36.89 -29.16
CA GLY V 73 15.41 38.02 -29.10
C GLY V 73 15.28 38.82 -30.36
N GLY V 74 15.94 38.41 -31.44
CA GLY V 74 15.84 39.13 -32.69
C GLY V 74 14.58 38.77 -33.46
N ARG V 75 14.58 39.17 -34.73
CA ARG V 75 13.42 39.03 -35.60
C ARG V 75 13.83 38.26 -36.84
N ILE V 76 13.12 37.18 -37.13
CA ILE V 76 13.35 36.43 -38.35
C ILE V 76 12.78 37.22 -39.51
N PHE V 77 13.60 37.45 -40.54
CA PHE V 77 13.21 38.24 -41.70
C PHE V 77 13.60 37.44 -42.93
N LEU V 78 12.62 36.78 -43.54
CA LEU V 78 12.89 35.83 -44.60
C LEU V 78 13.15 36.53 -45.93
N GLN V 79 13.94 35.88 -46.77
CA GLN V 79 14.25 36.38 -48.10
C GLN V 79 13.77 35.37 -49.11
N ASP V 80 13.94 35.71 -50.38
CA ASP V 80 13.59 34.81 -51.46
C ASP V 80 14.65 33.73 -51.61
N ILE V 81 14.26 32.64 -52.26
CA ILE V 81 15.15 31.54 -52.56
C ILE V 81 15.37 31.54 -54.07
N LYS V 82 16.58 31.85 -54.50
CA LYS V 82 16.85 31.83 -55.92
C LYS V 82 16.96 30.38 -56.40
N LYS V 83 16.68 30.19 -57.69
CA LYS V 83 16.65 28.85 -58.25
C LYS V 83 18.06 28.27 -58.30
N PRO V 84 18.19 26.94 -58.22
CA PRO V 84 19.52 26.31 -58.33
C PRO V 84 20.12 26.57 -59.71
N ASP V 85 21.44 26.74 -59.75
CA ASP V 85 22.08 27.24 -60.96
C ASP V 85 22.10 26.19 -62.06
N CYS V 86 22.79 25.07 -61.85
CA CYS V 86 22.90 24.03 -62.84
C CYS V 86 21.88 22.93 -62.54
N ASP V 87 21.40 22.27 -63.59
CA ASP V 87 20.59 21.07 -63.41
C ASP V 87 20.99 19.93 -64.33
N ASP V 88 21.63 20.21 -65.47
CA ASP V 88 22.11 19.17 -66.38
C ASP V 88 23.50 18.77 -65.88
N TRP V 89 23.53 17.77 -65.01
CA TRP V 89 24.78 17.42 -64.33
C TRP V 89 25.66 16.48 -65.12
N GLU V 90 25.09 15.79 -66.11
CA GLU V 90 25.77 15.02 -67.17
C GLU V 90 26.40 13.72 -66.65
N SER V 91 26.49 13.54 -65.33
CA SER V 91 27.28 12.46 -64.77
C SER V 91 26.93 12.34 -63.29
N GLY V 92 27.68 11.51 -62.59
CA GLY V 92 27.56 11.40 -61.15
C GLY V 92 28.70 12.10 -60.45
N LEU V 93 29.83 12.22 -61.14
CA LEU V 93 30.99 12.86 -60.55
C LEU V 93 30.81 14.37 -60.44
N ASN V 94 30.15 14.96 -61.45
CA ASN V 94 29.98 16.41 -61.46
C ASN V 94 29.02 16.86 -60.37
N ALA V 95 28.04 16.02 -60.02
CA ALA V 95 27.12 16.34 -58.93
C ALA V 95 27.84 16.32 -57.60
N MET V 96 28.75 15.37 -57.40
CA MET V 96 29.57 15.35 -56.20
C MET V 96 30.48 16.57 -56.12
N GLU V 97 31.03 16.99 -57.27
CA GLU V 97 31.85 18.20 -57.30
C GLU V 97 31.05 19.45 -56.93
N CYS V 98 29.83 19.56 -57.44
CA CYS V 98 29.01 20.72 -57.10
C CYS V 98 28.52 20.67 -55.66
N ALA V 99 28.31 19.47 -55.12
CA ALA V 99 27.95 19.34 -53.71
C ALA V 99 29.11 19.77 -52.81
N LEU V 100 30.34 19.38 -53.18
CA LEU V 100 31.52 19.79 -52.44
C LEU V 100 31.71 21.31 -52.51
N HIS V 101 31.46 21.90 -53.68
CA HIS V 101 31.59 23.33 -53.83
C HIS V 101 30.54 24.08 -53.03
N LEU V 102 29.33 23.52 -52.94
CA LEU V 102 28.27 24.13 -52.14
C LEU V 102 28.62 24.08 -50.66
N GLU V 103 29.11 22.94 -50.18
CA GLU V 103 29.47 22.83 -48.77
C GLU V 103 30.66 23.72 -48.42
N LYS V 104 31.61 23.92 -49.34
CA LYS V 104 32.70 24.84 -49.06
C LYS V 104 32.25 26.29 -49.07
N ASN V 105 31.27 26.66 -49.90
CA ASN V 105 30.69 28.00 -49.81
C ASN V 105 29.99 28.21 -48.47
N VAL V 106 29.27 27.20 -48.00
CA VAL V 106 28.61 27.29 -46.69
C VAL V 106 29.63 27.46 -45.58
N ASN V 107 30.74 26.74 -45.68
CA ASN V 107 31.78 26.84 -44.65
C ASN V 107 32.47 28.20 -44.69
N GLN V 108 32.63 28.77 -45.89
CA GLN V 108 33.21 30.11 -46.02
C GLN V 108 32.32 31.16 -45.38
N SER V 109 31.00 31.06 -45.61
CA SER V 109 30.07 32.00 -45.02
C SER V 109 30.02 31.86 -43.51
N LEU V 110 30.15 30.63 -42.99
CA LEU V 110 30.16 30.45 -41.54
C LEU V 110 31.43 31.00 -40.90
N LEU V 111 32.58 30.86 -41.57
CA LEU V 111 33.81 31.44 -41.03
C LEU V 111 33.73 32.96 -40.98
N GLU V 112 33.17 33.57 -42.04
CA GLU V 112 33.01 35.02 -42.03
C GLU V 112 32.01 35.46 -40.96
N LEU V 113 30.97 34.66 -40.73
CA LEU V 113 30.00 34.98 -39.71
C LEU V 113 30.59 34.85 -38.32
N HIS V 114 31.48 33.87 -38.11
CA HIS V 114 32.12 33.73 -36.81
C HIS V 114 33.07 34.87 -36.53
N LYS V 115 33.83 35.31 -37.54
CA LYS V 115 34.70 36.47 -37.34
C LYS V 115 33.89 37.72 -37.04
N LEU V 116 32.77 37.91 -37.74
CA LEU V 116 31.91 39.06 -37.48
C LEU V 116 31.23 38.95 -36.11
N ALA V 117 31.01 37.73 -35.62
CA ALA V 117 30.41 37.59 -34.30
C ALA V 117 31.41 37.85 -33.20
N THR V 118 32.64 37.37 -33.36
CA THR V 118 33.66 37.59 -32.34
C THR V 118 34.09 39.05 -32.29
N ASP V 119 34.01 39.75 -33.43
CA ASP V 119 34.37 41.17 -33.41
C ASP V 119 33.37 42.03 -32.65
N LYS V 120 32.15 41.55 -32.44
CA LYS V 120 31.12 42.32 -31.76
C LYS V 120 30.93 41.93 -30.31
N ASN V 121 31.78 41.06 -29.78
CA ASN V 121 31.72 40.56 -28.39
C ASN V 121 30.39 39.89 -28.08
N ASP V 122 30.15 38.76 -28.75
CA ASP V 122 28.93 37.96 -28.57
C ASP V 122 29.37 36.52 -28.32
N PRO V 123 29.75 36.19 -27.09
CA PRO V 123 30.38 34.89 -26.86
C PRO V 123 29.42 33.72 -26.90
N HIS V 124 28.14 33.96 -26.60
CA HIS V 124 27.15 32.90 -26.75
C HIS V 124 27.00 32.47 -28.20
N LEU V 125 27.05 33.43 -29.13
CA LEU V 125 26.94 33.11 -30.54
C LEU V 125 28.18 32.37 -31.03
N CYS V 126 29.37 32.77 -30.55
CA CYS V 126 30.60 32.07 -30.89
C CYS V 126 30.58 30.65 -30.38
N ASP V 127 30.06 30.43 -29.18
CA ASP V 127 29.96 29.06 -28.67
C ASP V 127 28.94 28.24 -29.43
N PHE V 128 27.85 28.87 -29.86
CA PHE V 128 26.83 28.17 -30.63
C PHE V 128 27.39 27.71 -31.98
N ILE V 129 28.14 28.57 -32.65
CA ILE V 129 28.71 28.22 -33.94
C ILE V 129 29.80 27.18 -33.79
N GLU V 130 30.66 27.32 -32.76
CA GLU V 130 31.70 26.34 -32.53
C GLU V 130 31.13 24.98 -32.14
N THR V 131 29.96 24.94 -31.50
CA THR V 131 29.40 23.67 -31.09
C THR V 131 28.66 22.98 -32.23
N HIS V 132 27.68 23.66 -32.82
CA HIS V 132 26.71 22.93 -33.63
C HIS V 132 27.08 22.79 -35.10
N TYR V 133 27.91 23.66 -35.68
CA TYR V 133 27.99 23.69 -37.13
C TYR V 133 29.33 23.30 -37.71
N LEU V 134 30.44 23.64 -37.07
CA LEU V 134 31.74 23.55 -37.74
C LEU V 134 32.20 22.11 -37.90
N ASN V 135 32.03 21.28 -36.86
CA ASN V 135 32.49 19.90 -36.92
C ASN V 135 31.71 19.09 -37.95
N GLU V 136 30.41 19.34 -38.06
CA GLU V 136 29.60 18.64 -39.04
C GLU V 136 29.96 19.07 -40.45
N GLN V 137 30.31 20.34 -40.64
CA GLN V 137 30.82 20.81 -41.93
C GLN V 137 32.12 20.13 -42.31
N VAL V 138 33.04 19.98 -41.36
CA VAL V 138 34.33 19.38 -41.69
C VAL V 138 34.16 17.90 -42.00
N LYS V 139 33.29 17.22 -41.26
CA LYS V 139 33.02 15.81 -41.56
C LYS V 139 32.32 15.64 -42.91
N ALA V 140 31.44 16.58 -43.28
CA ALA V 140 30.76 16.49 -44.56
C ALA V 140 31.72 16.75 -45.72
N ILE V 141 32.62 17.72 -45.55
CA ILE V 141 33.59 18.00 -46.61
C ILE V 141 34.57 16.85 -46.77
N LYS V 142 34.99 16.24 -45.65
CA LYS V 142 35.84 15.06 -45.71
C LYS V 142 35.14 13.89 -46.41
N GLU V 143 33.87 13.66 -46.08
CA GLU V 143 33.09 12.58 -46.69
C GLU V 143 32.94 12.79 -48.19
N LEU V 144 32.57 14.01 -48.61
CA LEU V 144 32.40 14.26 -50.03
C LEU V 144 33.71 14.23 -50.78
N GLY V 145 34.82 14.64 -50.15
CA GLY V 145 36.12 14.49 -50.78
C GLY V 145 36.50 13.03 -50.97
N ASP V 146 36.15 12.19 -50.00
CA ASP V 146 36.35 10.75 -50.13
C ASP V 146 35.57 10.17 -51.32
N HIS V 147 34.30 10.57 -51.46
CA HIS V 147 33.50 10.02 -52.55
C HIS V 147 33.96 10.54 -53.92
N VAL V 148 34.41 11.79 -53.98
CA VAL V 148 34.96 12.34 -55.23
C VAL V 148 36.22 11.57 -55.63
N THR V 149 37.10 11.30 -54.67
CA THR V 149 38.33 10.61 -55.03
C THR V 149 38.07 9.16 -55.40
N ASN V 150 37.08 8.50 -54.78
CA ASN V 150 36.75 7.15 -55.20
C ASN V 150 36.12 7.11 -56.59
N LEU V 151 35.32 8.13 -56.95
CA LEU V 151 34.80 8.15 -58.31
C LEU V 151 35.88 8.44 -59.34
N ARG V 152 36.86 9.26 -59.00
CA ARG V 152 37.94 9.53 -59.96
C ARG V 152 38.90 8.34 -60.07
N LYS V 153 39.04 7.56 -59.00
CA LYS V 153 39.90 6.37 -59.10
C LYS V 153 39.19 5.20 -59.74
N MET V 154 37.87 5.13 -59.67
CA MET V 154 37.21 4.02 -60.33
C MET V 154 37.01 4.25 -61.82
N GLY V 155 37.25 5.46 -62.32
CA GLY V 155 37.20 5.73 -63.74
C GLY V 155 36.02 6.55 -64.20
N ALA V 156 35.21 7.08 -63.29
CA ALA V 156 34.07 7.89 -63.68
C ALA V 156 34.55 9.24 -64.21
N PRO V 157 33.83 9.85 -65.16
CA PRO V 157 32.60 9.44 -65.85
C PRO V 157 32.83 8.63 -67.11
N GLU V 158 34.01 8.02 -67.27
CA GLU V 158 34.31 7.32 -68.51
C GLU V 158 33.58 5.99 -68.62
N SER V 159 33.13 5.43 -67.50
CA SER V 159 32.46 4.15 -67.50
C SER V 159 31.29 4.19 -66.53
N GLY V 160 30.11 3.77 -66.99
CA GLY V 160 28.97 3.67 -66.11
C GLY V 160 29.08 2.54 -65.09
N LEU V 161 29.97 1.58 -65.34
CA LEU V 161 30.19 0.49 -64.40
C LEU V 161 30.72 0.99 -63.07
N ALA V 162 31.57 2.02 -63.10
CA ALA V 162 32.10 2.61 -61.88
C ALA V 162 31.00 3.25 -61.04
N GLU V 163 30.11 4.02 -61.70
CA GLU V 163 29.01 4.63 -60.97
C GLU V 163 28.01 3.59 -60.47
N TYR V 164 27.85 2.49 -61.18
CA TYR V 164 26.95 1.44 -60.71
C TYR V 164 27.52 0.74 -59.47
N LEU V 165 28.81 0.43 -59.48
CA LEU V 165 29.41 -0.23 -58.33
C LEU V 165 29.46 0.71 -57.13
N PHE V 166 29.74 1.99 -57.37
CA PHE V 166 29.71 2.97 -56.28
C PHE V 166 28.29 3.19 -55.77
N ASP V 167 27.30 3.01 -56.64
CA ASP V 167 25.91 3.09 -56.23
C ASP V 167 25.55 1.95 -55.29
N LYS V 168 25.89 0.73 -55.66
CA LYS V 168 25.37 -0.40 -54.90
C LYS V 168 26.29 -0.82 -53.76
N HIS V 169 27.53 -0.33 -53.71
CA HIS V 169 28.44 -0.73 -52.65
C HIS V 169 28.67 0.35 -51.59
N THR V 170 29.01 1.57 -51.99
CA THR V 170 29.37 2.59 -51.00
C THR V 170 28.13 3.11 -50.28
N LEU V 171 27.09 3.44 -51.03
CA LEU V 171 25.91 4.07 -50.45
C LEU V 171 24.80 3.07 -50.12
N GLY V 172 25.15 1.85 -49.74
CA GLY V 172 24.17 0.89 -49.29
C GLY V 172 24.02 0.94 -47.78
N THR W 1 25.86 -27.18 -80.60
CA THR W 1 25.42 -28.26 -79.74
C THR W 1 25.33 -27.80 -78.29
N SER W 2 24.82 -28.66 -77.41
CA SER W 2 24.69 -28.31 -76.01
C SER W 2 25.88 -28.80 -75.21
N GLN W 3 26.19 -28.07 -74.15
CA GLN W 3 27.30 -28.42 -73.28
C GLN W 3 27.00 -29.66 -72.44
N VAL W 4 25.81 -29.75 -71.85
CA VAL W 4 25.50 -30.74 -70.84
C VAL W 4 24.73 -31.92 -71.40
N ARG W 5 24.52 -31.96 -72.72
CA ARG W 5 23.64 -32.97 -73.31
C ARG W 5 24.36 -34.31 -73.38
N GLN W 6 23.72 -35.34 -72.84
CA GLN W 6 24.29 -36.69 -72.85
C GLN W 6 23.16 -37.69 -72.75
N ASN W 7 23.08 -38.59 -73.73
CA ASN W 7 22.06 -39.63 -73.86
C ASN W 7 20.66 -39.01 -73.87
N TYR W 8 20.38 -38.27 -74.94
CA TYR W 8 19.12 -37.55 -75.05
C TYR W 8 18.75 -37.45 -76.53
N HIS W 9 17.92 -38.37 -76.99
CA HIS W 9 17.46 -38.32 -78.38
C HIS W 9 16.39 -37.25 -78.52
N GLN W 10 16.27 -36.72 -79.74
CA GLN W 10 15.48 -35.51 -79.95
C GLN W 10 13.98 -35.79 -80.15
N ASP W 11 13.61 -37.04 -80.45
CA ASP W 11 12.20 -37.38 -80.47
C ASP W 11 11.59 -37.29 -79.08
N SER W 12 12.37 -37.61 -78.06
CA SER W 12 11.96 -37.37 -76.69
C SER W 12 11.73 -35.89 -76.43
N GLU W 13 12.57 -35.03 -77.00
CA GLU W 13 12.41 -33.59 -76.84
C GLU W 13 11.12 -33.09 -77.49
N ALA W 14 10.79 -33.64 -78.67
CA ALA W 14 9.52 -33.28 -79.30
C ALA W 14 8.33 -33.78 -78.48
N ALA W 15 8.46 -34.98 -77.89
CA ALA W 15 7.41 -35.50 -77.02
C ALA W 15 7.20 -34.63 -75.79
N ILE W 16 8.29 -34.16 -75.19
CA ILE W 16 8.20 -33.28 -74.03
C ILE W 16 7.57 -31.95 -74.41
N ASN W 17 7.87 -31.44 -75.61
CA ASN W 17 7.24 -30.20 -76.07
C ASN W 17 5.73 -30.35 -76.25
N ARG W 18 5.30 -31.46 -76.85
CA ARG W 18 3.87 -31.70 -77.00
C ARG W 18 3.20 -31.89 -75.65
N GLN W 19 3.89 -32.53 -74.70
CA GLN W 19 3.32 -32.70 -73.38
C GLN W 19 3.22 -31.40 -72.61
N ILE W 20 4.18 -30.49 -72.78
CA ILE W 20 4.09 -29.15 -72.20
C ILE W 20 2.88 -28.40 -72.74
N ASN W 21 2.67 -28.47 -74.05
CA ASN W 21 1.50 -27.82 -74.64
C ASN W 21 0.20 -28.43 -74.13
N LEU W 22 0.19 -29.75 -73.88
CA LEU W 22 -1.02 -30.38 -73.37
C LEU W 22 -1.27 -30.01 -71.90
N GLU W 23 -0.21 -29.86 -71.10
CA GLU W 23 -0.37 -29.42 -69.72
C GLU W 23 -0.90 -28.00 -69.66
N LEU W 24 -0.41 -27.13 -70.54
CA LEU W 24 -0.89 -25.74 -70.53
C LEU W 24 -2.33 -25.65 -71.03
N TYR W 25 -2.71 -26.49 -72.00
CA TYR W 25 -4.10 -26.59 -72.42
C TYR W 25 -5.00 -27.04 -71.27
N ALA W 26 -4.52 -28.00 -70.49
CA ALA W 26 -5.30 -28.50 -69.35
C ALA W 26 -5.49 -27.42 -68.30
N SER W 27 -4.44 -26.63 -68.04
CA SER W 27 -4.56 -25.53 -67.08
C SER W 27 -5.54 -24.47 -67.57
N TYR W 28 -5.57 -24.24 -68.87
CA TYR W 28 -6.50 -23.24 -69.41
C TYR W 28 -7.94 -23.72 -69.30
N VAL W 29 -8.18 -25.01 -69.54
CA VAL W 29 -9.54 -25.56 -69.43
C VAL W 29 -10.01 -25.54 -67.97
N TYR W 30 -9.12 -25.87 -67.03
CA TYR W 30 -9.51 -25.77 -65.62
C TYR W 30 -9.79 -24.35 -65.19
N LEU W 31 -9.06 -23.36 -65.73
CA LEU W 31 -9.40 -21.97 -65.41
C LEU W 31 -10.76 -21.59 -65.97
N SER W 32 -11.09 -22.08 -67.18
CA SER W 32 -12.40 -21.79 -67.75
C SER W 32 -13.53 -22.42 -66.95
N MET W 33 -13.33 -23.66 -66.50
CA MET W 33 -14.31 -24.30 -65.62
C MET W 33 -14.42 -23.58 -64.28
N SER W 34 -13.29 -23.04 -63.79
CA SER W 34 -13.32 -22.37 -62.49
C SER W 34 -14.09 -21.07 -62.55
N TYR W 35 -13.79 -20.24 -63.53
CA TYR W 35 -14.56 -19.00 -63.64
C TYR W 35 -15.85 -19.17 -64.43
N TYR W 36 -16.28 -20.40 -64.71
CA TYR W 36 -17.69 -20.60 -65.03
C TYR W 36 -18.56 -20.54 -63.78
N PHE W 37 -18.13 -21.16 -62.69
CA PHE W 37 -18.94 -21.27 -61.50
C PHE W 37 -18.86 -20.04 -60.59
N ASP W 38 -18.38 -18.91 -61.09
CA ASP W 38 -18.47 -17.66 -60.36
C ASP W 38 -19.65 -16.82 -60.84
N ARG W 39 -20.24 -17.19 -61.98
CA ARG W 39 -21.36 -16.48 -62.57
C ARG W 39 -22.60 -16.51 -61.67
N ASP W 40 -23.54 -15.63 -61.98
CA ASP W 40 -24.69 -15.48 -61.11
C ASP W 40 -25.76 -16.54 -61.36
N ASP W 41 -25.72 -17.23 -62.49
CA ASP W 41 -26.78 -18.19 -62.77
C ASP W 41 -26.50 -19.58 -62.23
N VAL W 42 -25.36 -19.79 -61.58
CA VAL W 42 -25.06 -21.08 -60.96
C VAL W 42 -24.75 -20.87 -59.48
N ALA W 43 -23.72 -20.06 -59.22
CA ALA W 43 -23.30 -19.61 -57.88
C ALA W 43 -23.00 -20.78 -56.95
N LEU W 44 -21.96 -21.53 -57.29
CA LEU W 44 -21.45 -22.61 -56.45
C LEU W 44 -19.96 -22.35 -56.27
N LYS W 45 -19.59 -21.77 -55.13
CA LYS W 45 -18.28 -21.14 -55.04
C LYS W 45 -17.16 -22.12 -54.74
N ASN W 46 -17.46 -23.22 -54.04
CA ASN W 46 -16.40 -24.18 -53.75
C ASN W 46 -16.02 -24.98 -54.98
N PHE W 47 -16.93 -25.14 -55.94
CA PHE W 47 -16.56 -25.62 -57.26
C PHE W 47 -15.49 -24.75 -57.89
N ALA W 48 -15.68 -23.43 -57.83
CA ALA W 48 -14.71 -22.52 -58.43
C ALA W 48 -13.38 -22.57 -57.71
N LYS W 49 -13.41 -22.70 -56.38
CA LYS W 49 -12.16 -22.79 -55.63
C LYS W 49 -11.41 -24.09 -55.94
N TYR W 50 -12.15 -25.20 -56.09
CA TYR W 50 -11.54 -26.48 -56.40
C TYR W 50 -10.93 -26.51 -57.80
N PHE W 51 -11.67 -26.00 -58.80
CA PHE W 51 -11.12 -25.97 -60.15
C PHE W 51 -9.98 -24.97 -60.28
N LEU W 52 -9.98 -23.88 -59.50
CA LEU W 52 -8.86 -22.95 -59.55
C LEU W 52 -7.60 -23.57 -58.95
N HIS W 53 -7.76 -24.35 -57.88
CA HIS W 53 -6.61 -25.05 -57.31
C HIS W 53 -6.07 -26.10 -58.27
N GLN W 54 -6.96 -26.80 -59.00
CA GLN W 54 -6.49 -27.72 -60.03
C GLN W 54 -5.76 -26.99 -61.16
N SER W 55 -6.20 -25.76 -61.48
CA SER W 55 -5.51 -24.98 -62.50
C SER W 55 -4.10 -24.63 -62.06
N HIS W 56 -3.93 -24.26 -60.79
CA HIS W 56 -2.58 -23.96 -60.31
C HIS W 56 -1.70 -25.20 -60.27
N GLU W 57 -2.29 -26.36 -59.98
CA GLU W 57 -1.50 -27.59 -59.99
C GLU W 57 -1.04 -27.96 -61.39
N GLU W 58 -1.91 -27.77 -62.39
CA GLU W 58 -1.49 -28.06 -63.75
C GLU W 58 -0.44 -27.06 -64.26
N ARG W 59 -0.53 -25.81 -63.79
CA ARG W 59 0.52 -24.83 -64.10
C ARG W 59 1.86 -25.25 -63.51
N GLU W 60 1.83 -25.80 -62.29
CA GLU W 60 3.06 -26.32 -61.68
C GLU W 60 3.61 -27.51 -62.46
N HIS W 61 2.71 -28.37 -62.97
CA HIS W 61 3.13 -29.48 -63.83
C HIS W 61 3.84 -28.99 -65.07
N ALA W 62 3.31 -27.94 -65.70
CA ALA W 62 3.92 -27.41 -66.92
C ALA W 62 5.28 -26.78 -66.63
N GLU W 63 5.39 -26.06 -65.51
CA GLU W 63 6.67 -25.45 -65.16
C GLU W 63 7.72 -26.51 -64.81
N LYS W 64 7.30 -27.60 -64.17
CA LYS W 64 8.20 -28.71 -63.90
C LYS W 64 8.69 -29.36 -65.18
N LEU W 65 7.81 -29.50 -66.17
CA LEU W 65 8.25 -30.09 -67.44
C LEU W 65 9.19 -29.18 -68.20
N MET W 66 8.97 -27.87 -68.13
CA MET W 66 9.91 -26.98 -68.83
C MET W 66 11.26 -26.94 -68.15
N LYS W 67 11.29 -27.07 -66.82
CA LYS W 67 12.57 -27.22 -66.12
C LYS W 67 13.27 -28.53 -66.51
N LEU W 68 12.49 -29.60 -66.68
CA LEU W 68 13.08 -30.88 -67.11
C LEU W 68 13.62 -30.79 -68.53
N GLN W 69 12.98 -29.97 -69.37
CA GLN W 69 13.50 -29.73 -70.70
C GLN W 69 14.81 -28.95 -70.63
N ASN W 70 14.90 -27.98 -69.72
CA ASN W 70 16.13 -27.21 -69.59
C ASN W 70 17.26 -28.02 -68.99
N GLN W 71 16.97 -29.02 -68.16
CA GLN W 71 18.06 -29.75 -67.50
C GLN W 71 18.81 -30.66 -68.46
N ARG W 72 18.10 -31.27 -69.40
CA ARG W 72 18.72 -32.27 -70.26
C ARG W 72 19.22 -31.69 -71.56
N GLY W 73 19.52 -30.40 -71.61
CA GLY W 73 20.16 -29.82 -72.77
C GLY W 73 19.30 -29.72 -74.01
N GLY W 74 17.99 -29.61 -73.86
CA GLY W 74 17.11 -29.44 -75.00
C GLY W 74 16.72 -27.99 -75.19
N ARG W 75 15.69 -27.80 -76.01
CA ARG W 75 15.12 -26.50 -76.28
C ARG W 75 13.61 -26.60 -76.16
N ILE W 76 12.95 -25.44 -76.18
CA ILE W 76 11.51 -25.36 -75.92
C ILE W 76 10.82 -24.77 -77.14
N PHE W 77 9.86 -25.49 -77.68
CA PHE W 77 9.06 -25.02 -78.82
C PHE W 77 7.62 -24.83 -78.33
N LEU W 78 7.33 -23.64 -77.83
CA LEU W 78 6.00 -23.35 -77.34
C LEU W 78 5.03 -23.13 -78.49
N GLN W 79 3.98 -23.93 -78.51
CA GLN W 79 2.93 -23.77 -79.51
C GLN W 79 1.72 -23.09 -78.88
N ASP W 80 0.64 -22.96 -79.64
CA ASP W 80 -0.52 -22.23 -79.15
C ASP W 80 -1.29 -23.05 -78.12
N ILE W 81 -2.01 -22.35 -77.26
CA ILE W 81 -2.94 -22.95 -76.31
C ILE W 81 -4.33 -22.84 -76.92
N LYS W 82 -4.85 -23.95 -77.41
CA LYS W 82 -6.15 -23.97 -78.06
C LYS W 82 -7.26 -23.71 -77.06
N LYS W 83 -8.36 -23.14 -77.55
CA LYS W 83 -9.48 -22.82 -76.68
C LYS W 83 -10.20 -24.10 -76.27
N PRO W 84 -10.92 -24.10 -75.11
CA PRO W 84 -11.49 -25.35 -74.58
C PRO W 84 -12.57 -26.03 -75.41
N ASP W 85 -13.06 -27.16 -74.89
CA ASP W 85 -13.90 -28.07 -75.66
C ASP W 85 -15.27 -27.47 -75.95
N CYS W 86 -16.06 -27.22 -74.91
CA CYS W 86 -17.42 -26.72 -75.06
C CYS W 86 -17.73 -25.74 -73.94
N ASP W 87 -18.71 -24.87 -74.21
CA ASP W 87 -18.88 -23.67 -73.41
C ASP W 87 -19.68 -23.94 -72.13
N ASP W 88 -20.94 -24.33 -72.28
CA ASP W 88 -21.86 -24.41 -71.14
C ASP W 88 -21.81 -25.82 -70.57
N TRP W 89 -21.16 -25.97 -69.43
CA TRP W 89 -21.07 -27.27 -68.78
C TRP W 89 -22.38 -27.68 -68.12
N GLU W 90 -23.24 -26.70 -67.80
CA GLU W 90 -24.67 -26.80 -67.50
C GLU W 90 -24.96 -27.38 -66.11
N SER W 91 -23.96 -27.94 -65.43
CA SER W 91 -24.21 -28.57 -64.13
C SER W 91 -22.88 -28.74 -63.42
N GLY W 92 -22.90 -29.53 -62.35
CA GLY W 92 -21.67 -29.90 -61.68
C GLY W 92 -21.20 -31.25 -62.16
N LEU W 93 -22.16 -32.16 -62.36
CA LEU W 93 -21.85 -33.52 -62.76
C LEU W 93 -21.22 -33.58 -64.14
N ASN W 94 -21.75 -32.80 -65.08
CA ASN W 94 -21.22 -32.81 -66.44
C ASN W 94 -19.84 -32.18 -66.50
N ALA W 95 -19.60 -31.16 -65.69
CA ALA W 95 -18.27 -30.54 -65.60
C ALA W 95 -17.26 -31.50 -64.99
N MET W 96 -17.67 -32.23 -63.95
CA MET W 96 -16.80 -33.25 -63.36
C MET W 96 -16.47 -34.37 -64.35
N GLU W 97 -17.45 -34.79 -65.14
CA GLU W 97 -17.18 -35.87 -66.09
C GLU W 97 -16.26 -35.39 -67.23
N CYS W 98 -16.44 -34.14 -67.66
CA CYS W 98 -15.54 -33.59 -68.67
C CYS W 98 -14.13 -33.42 -68.12
N ALA W 99 -13.99 -33.07 -66.85
CA ALA W 99 -12.67 -33.01 -66.23
C ALA W 99 -12.05 -34.40 -66.14
N LEU W 100 -12.88 -35.40 -65.86
CA LEU W 100 -12.42 -36.79 -65.84
C LEU W 100 -11.91 -37.24 -67.20
N HIS W 101 -12.63 -36.89 -68.27
CA HIS W 101 -12.22 -37.28 -69.61
C HIS W 101 -10.94 -36.56 -70.02
N LEU W 102 -10.81 -35.28 -69.64
CA LEU W 102 -9.57 -34.53 -69.86
C LEU W 102 -8.38 -35.18 -69.16
N GLU W 103 -8.55 -35.57 -67.90
CA GLU W 103 -7.46 -36.20 -67.17
C GLU W 103 -7.09 -37.56 -67.73
N LYS W 104 -8.06 -38.32 -68.22
CA LYS W 104 -7.71 -39.61 -68.80
C LYS W 104 -7.01 -39.46 -70.15
N ASN W 105 -7.31 -38.39 -70.90
CA ASN W 105 -6.52 -38.13 -72.10
C ASN W 105 -5.09 -37.72 -71.76
N VAL W 106 -4.92 -36.93 -70.69
CA VAL W 106 -3.58 -36.60 -70.21
C VAL W 106 -2.82 -37.86 -69.81
N ASN W 107 -3.51 -38.79 -69.15
CA ASN W 107 -2.86 -40.03 -68.72
C ASN W 107 -2.50 -40.92 -69.90
N GLN W 108 -3.34 -40.92 -70.94
CA GLN W 108 -3.02 -41.66 -72.16
C GLN W 108 -1.77 -41.10 -72.84
N SER W 109 -1.66 -39.77 -72.90
CA SER W 109 -0.44 -39.15 -73.45
C SER W 109 0.79 -39.49 -72.61
N LEU W 110 0.65 -39.53 -71.29
CA LEU W 110 1.77 -39.89 -70.44
C LEU W 110 2.20 -41.34 -70.61
N LEU W 111 1.24 -42.26 -70.81
CA LEU W 111 1.62 -43.65 -71.06
C LEU W 111 2.35 -43.80 -72.38
N GLU W 112 1.90 -43.06 -73.41
CA GLU W 112 2.61 -43.08 -74.69
C GLU W 112 4.01 -42.51 -74.56
N LEU W 113 4.18 -41.47 -73.74
CA LEU W 113 5.49 -40.88 -73.57
C LEU W 113 6.42 -41.80 -72.78
N HIS W 114 5.88 -42.53 -71.80
CA HIS W 114 6.68 -43.50 -71.08
C HIS W 114 7.13 -44.66 -71.96
N LYS W 115 6.24 -45.12 -72.85
CA LYS W 115 6.62 -46.18 -73.78
C LYS W 115 7.68 -45.68 -74.78
N LEU W 116 7.56 -44.42 -75.19
CA LEU W 116 8.55 -43.83 -76.09
C LEU W 116 9.91 -43.69 -75.42
N ALA W 117 9.92 -43.29 -74.14
CA ALA W 117 11.21 -43.20 -73.45
C ALA W 117 11.75 -44.57 -73.09
N THR W 118 10.89 -45.58 -72.96
CA THR W 118 11.36 -46.93 -72.77
C THR W 118 12.04 -47.45 -74.04
N ASP W 119 11.49 -47.13 -75.21
CA ASP W 119 12.04 -47.65 -76.44
C ASP W 119 13.35 -46.97 -76.86
N LYS W 120 13.64 -45.79 -76.33
CA LYS W 120 14.81 -45.03 -76.74
C LYS W 120 15.94 -45.07 -75.73
N ASN W 121 15.80 -45.87 -74.67
CA ASN W 121 16.84 -46.12 -73.67
C ASN W 121 17.29 -44.83 -72.99
N ASP W 122 16.36 -44.23 -72.25
CA ASP W 122 16.59 -42.99 -71.52
C ASP W 122 16.05 -43.21 -70.11
N PRO W 123 16.83 -43.85 -69.23
CA PRO W 123 16.28 -44.25 -67.94
C PRO W 123 16.03 -43.10 -66.98
N HIS W 124 16.71 -41.98 -67.16
CA HIS W 124 16.41 -40.82 -66.32
C HIS W 124 15.04 -40.26 -66.65
N LEU W 125 14.68 -40.23 -67.93
CA LEU W 125 13.37 -39.73 -68.31
C LEU W 125 12.27 -40.70 -67.90
N CYS W 126 12.53 -42.01 -68.05
CA CYS W 126 11.61 -43.03 -67.57
C CYS W 126 11.39 -42.91 -66.07
N ASP W 127 12.46 -42.67 -65.31
CA ASP W 127 12.32 -42.49 -63.86
C ASP W 127 11.59 -41.21 -63.51
N PHE W 128 11.78 -40.16 -64.31
CA PHE W 128 11.10 -38.90 -64.05
C PHE W 128 9.60 -39.05 -64.23
N ILE W 129 9.19 -39.71 -65.32
CA ILE W 129 7.77 -39.93 -65.57
C ILE W 129 7.18 -40.91 -64.56
N GLU W 130 7.95 -41.93 -64.16
CA GLU W 130 7.44 -42.88 -63.19
C GLU W 130 7.33 -42.28 -61.80
N THR W 131 8.18 -41.31 -61.47
CA THR W 131 8.13 -40.69 -60.16
C THR W 131 7.03 -39.63 -60.09
N HIS W 132 7.12 -38.60 -60.92
CA HIS W 132 6.35 -37.41 -60.63
C HIS W 132 4.94 -37.41 -61.17
N TYR W 133 4.68 -38.05 -62.31
CA TYR W 133 3.41 -37.81 -62.99
C TYR W 133 2.47 -38.99 -63.08
N LEU W 134 2.90 -40.20 -62.77
CA LEU W 134 1.97 -41.31 -62.87
C LEU W 134 1.08 -41.39 -61.64
N ASN W 135 1.69 -41.30 -60.45
CA ASN W 135 0.94 -41.48 -59.21
C ASN W 135 -0.05 -40.33 -58.99
N GLU W 136 0.35 -39.11 -59.39
CA GLU W 136 -0.53 -37.96 -59.28
C GLU W 136 -1.76 -38.10 -60.18
N GLN W 137 -1.56 -38.55 -61.43
CA GLN W 137 -2.69 -38.72 -62.31
C GLN W 137 -3.59 -39.87 -61.88
N VAL W 138 -3.03 -40.93 -61.31
CA VAL W 138 -3.88 -42.03 -60.83
C VAL W 138 -4.73 -41.57 -59.65
N LYS W 139 -4.14 -40.79 -58.73
CA LYS W 139 -4.91 -40.26 -57.61
C LYS W 139 -5.97 -39.26 -58.08
N ALA W 140 -5.66 -38.46 -59.10
CA ALA W 140 -6.63 -37.48 -59.58
C ALA W 140 -7.79 -38.16 -60.29
N ILE W 141 -7.52 -39.23 -61.04
CA ILE W 141 -8.58 -39.98 -61.70
C ILE W 141 -9.46 -40.68 -60.67
N LYS W 142 -8.85 -41.25 -59.62
CA LYS W 142 -9.62 -41.86 -58.54
C LYS W 142 -10.52 -40.85 -57.82
N GLU W 143 -9.97 -39.66 -57.53
CA GLU W 143 -10.74 -38.63 -56.86
C GLU W 143 -11.89 -38.14 -57.71
N LEU W 144 -11.66 -37.92 -59.01
CA LEU W 144 -12.74 -37.44 -59.86
C LEU W 144 -13.79 -38.52 -60.09
N GLY W 145 -13.40 -39.79 -60.13
CA GLY W 145 -14.38 -40.85 -60.22
C GLY W 145 -15.24 -40.95 -58.99
N ASP W 146 -14.65 -40.71 -57.81
CA ASP W 146 -15.42 -40.66 -56.58
C ASP W 146 -16.43 -39.52 -56.61
N HIS W 147 -16.03 -38.33 -57.07
CA HIS W 147 -16.96 -37.21 -57.09
C HIS W 147 -18.08 -37.41 -58.11
N VAL W 148 -17.76 -38.02 -59.26
CA VAL W 148 -18.79 -38.30 -60.27
C VAL W 148 -19.79 -39.31 -59.73
N THR W 149 -19.31 -40.36 -59.06
CA THR W 149 -20.22 -41.38 -58.55
C THR W 149 -21.07 -40.83 -57.41
N ASN W 150 -20.51 -39.93 -56.60
CA ASN W 150 -21.30 -39.31 -55.54
C ASN W 150 -22.37 -38.38 -56.10
N LEU W 151 -22.07 -37.64 -57.17
CA LEU W 151 -23.13 -36.82 -57.77
C LEU W 151 -24.14 -37.67 -58.54
N ARG W 152 -23.77 -38.89 -58.92
CA ARG W 152 -24.78 -39.78 -59.48
C ARG W 152 -25.73 -40.28 -58.40
N LYS W 153 -25.17 -40.80 -57.30
CA LYS W 153 -26.02 -41.41 -56.29
C LYS W 153 -26.76 -40.38 -55.44
N MET W 154 -26.32 -39.13 -55.43
CA MET W 154 -27.06 -38.14 -54.67
C MET W 154 -28.27 -37.58 -55.42
N GLY W 155 -28.40 -37.88 -56.70
CA GLY W 155 -29.56 -37.50 -57.46
C GLY W 155 -29.40 -36.37 -58.46
N ALA W 156 -28.18 -35.93 -58.72
CA ALA W 156 -27.96 -34.92 -59.73
C ALA W 156 -28.14 -35.54 -61.13
N PRO W 157 -28.56 -34.74 -62.13
CA PRO W 157 -28.95 -33.32 -62.14
C PRO W 157 -30.44 -33.10 -62.00
N GLU W 158 -31.18 -34.12 -61.57
CA GLU W 158 -32.63 -33.95 -61.42
C GLU W 158 -32.97 -33.25 -60.12
N SER W 159 -32.01 -33.16 -59.19
CA SER W 159 -32.20 -32.45 -57.93
C SER W 159 -30.97 -31.58 -57.68
N GLY W 160 -31.17 -30.25 -57.74
CA GLY W 160 -30.07 -29.33 -57.47
C GLY W 160 -29.67 -29.29 -56.01
N LEU W 161 -30.50 -29.81 -55.12
CA LEU W 161 -30.15 -29.93 -53.72
C LEU W 161 -28.95 -30.86 -53.54
N ALA W 162 -28.78 -31.83 -54.43
CA ALA W 162 -27.60 -32.68 -54.39
C ALA W 162 -26.34 -31.90 -54.71
N GLU W 163 -26.39 -31.04 -55.75
CA GLU W 163 -25.26 -30.18 -56.04
C GLU W 163 -24.98 -29.20 -54.91
N TYR W 164 -26.02 -28.75 -54.22
CA TYR W 164 -25.80 -27.80 -53.12
C TYR W 164 -25.17 -28.48 -51.91
N LEU W 165 -25.64 -29.66 -51.56
CA LEU W 165 -25.06 -30.36 -50.42
C LEU W 165 -23.69 -30.92 -50.75
N PHE W 166 -23.41 -31.18 -52.02
CA PHE W 166 -22.05 -31.54 -52.40
C PHE W 166 -21.16 -30.30 -52.44
N ASP W 167 -21.75 -29.13 -52.67
CA ASP W 167 -21.01 -27.88 -52.58
C ASP W 167 -20.61 -27.58 -51.15
N LYS W 168 -21.48 -27.89 -50.19
CA LYS W 168 -21.22 -27.43 -48.84
C LYS W 168 -20.71 -28.51 -47.90
N HIS W 169 -20.47 -29.73 -48.37
CA HIS W 169 -19.89 -30.74 -47.50
C HIS W 169 -18.55 -31.29 -47.98
N THR W 170 -18.49 -31.75 -49.23
CA THR W 170 -17.27 -32.42 -49.68
C THR W 170 -16.17 -31.41 -49.99
N LEU W 171 -16.51 -30.33 -50.68
CA LEU W 171 -15.50 -29.41 -51.16
C LEU W 171 -15.29 -28.21 -50.25
N GLY W 172 -15.48 -28.38 -48.95
CA GLY W 172 -15.24 -27.32 -47.99
C GLY W 172 -14.29 -27.75 -46.88
N THR X 1 29.48 -69.33 -50.26
CA THR X 1 28.21 -68.69 -50.59
C THR X 1 27.70 -67.88 -49.42
N SER X 2 26.65 -67.12 -49.68
CA SER X 2 26.05 -66.26 -48.67
C SER X 2 24.78 -66.90 -48.13
N GLN X 3 24.06 -66.18 -47.29
CA GLN X 3 22.80 -66.60 -46.70
C GLN X 3 21.62 -65.80 -47.22
N VAL X 4 21.79 -64.49 -47.38
CA VAL X 4 20.70 -63.60 -47.77
C VAL X 4 20.75 -63.28 -49.26
N ARG X 5 21.71 -63.85 -49.99
CA ARG X 5 21.86 -63.54 -51.41
C ARG X 5 20.78 -64.27 -52.21
N GLN X 6 19.77 -63.53 -52.65
CA GLN X 6 18.73 -64.07 -53.51
C GLN X 6 18.63 -63.22 -54.76
N ASN X 7 18.80 -63.86 -55.92
CA ASN X 7 18.67 -63.25 -57.24
C ASN X 7 19.63 -62.08 -57.41
N TYR X 8 20.92 -62.39 -57.41
CA TYR X 8 21.95 -61.36 -57.50
C TYR X 8 23.10 -61.92 -58.32
N HIS X 9 23.09 -61.63 -59.62
CA HIS X 9 24.05 -62.18 -60.54
C HIS X 9 25.41 -61.50 -60.38
N GLN X 10 26.48 -62.31 -60.44
CA GLN X 10 27.80 -61.87 -59.98
C GLN X 10 28.46 -60.85 -60.91
N ASP X 11 28.04 -60.76 -62.17
CA ASP X 11 28.61 -59.75 -63.04
C ASP X 11 28.15 -58.36 -62.62
N SER X 12 26.94 -58.26 -62.07
CA SER X 12 26.50 -57.03 -61.44
C SER X 12 27.36 -56.69 -60.23
N GLU X 13 27.80 -57.71 -59.49
CA GLU X 13 28.67 -57.48 -58.34
C GLU X 13 30.01 -56.92 -58.76
N ALA X 14 30.57 -57.44 -59.86
CA ALA X 14 31.80 -56.87 -60.39
C ALA X 14 31.60 -55.46 -60.91
N ALA X 15 30.43 -55.20 -61.51
CA ALA X 15 30.13 -53.84 -61.97
C ALA X 15 30.04 -52.86 -60.81
N ILE X 16 29.46 -53.29 -59.68
CA ILE X 16 29.37 -52.41 -58.52
C ILE X 16 30.75 -52.17 -57.91
N ASN X 17 31.61 -53.19 -57.93
CA ASN X 17 32.99 -53.01 -57.43
C ASN X 17 33.75 -51.98 -58.26
N ARG X 18 33.61 -52.07 -59.60
CA ARG X 18 34.24 -51.07 -60.46
C ARG X 18 33.67 -49.69 -60.25
N GLN X 19 32.36 -49.60 -59.99
CA GLN X 19 31.75 -48.29 -59.77
C GLN X 19 32.20 -47.68 -58.44
N ILE X 20 32.45 -48.52 -57.42
CA ILE X 20 32.96 -48.03 -56.14
C ILE X 20 34.38 -47.49 -56.31
N ASN X 21 35.22 -48.21 -57.06
CA ASN X 21 36.57 -47.73 -57.32
C ASN X 21 36.56 -46.41 -58.08
N LEU X 22 35.65 -46.28 -59.04
CA LEU X 22 35.54 -45.03 -59.80
C LEU X 22 35.06 -43.88 -58.92
N GLU X 23 34.15 -44.15 -57.97
CA GLU X 23 33.65 -43.09 -57.10
C GLU X 23 34.73 -42.63 -56.11
N LEU X 24 35.53 -43.55 -55.58
CA LEU X 24 36.61 -43.14 -54.69
C LEU X 24 37.69 -42.36 -55.43
N TYR X 25 37.97 -42.77 -56.68
CA TYR X 25 38.83 -41.98 -57.55
C TYR X 25 38.31 -40.57 -57.75
N ALA X 26 36.99 -40.43 -57.94
CA ALA X 26 36.40 -39.12 -58.16
C ALA X 26 36.52 -38.23 -56.93
N SER X 27 36.31 -38.80 -55.74
CA SER X 27 36.48 -38.02 -54.52
C SER X 27 37.92 -37.59 -54.31
N TYR X 28 38.87 -38.44 -54.71
CA TYR X 28 40.29 -38.09 -54.58
C TYR X 28 40.66 -36.96 -55.55
N VAL X 29 40.11 -37.00 -56.76
CA VAL X 29 40.34 -35.94 -57.73
C VAL X 29 39.77 -34.62 -57.25
N TYR X 30 38.57 -34.64 -56.66
CA TYR X 30 38.01 -33.40 -56.10
C TYR X 30 38.82 -32.89 -54.91
N LEU X 31 39.39 -33.79 -54.11
CA LEU X 31 40.26 -33.36 -53.02
C LEU X 31 41.50 -32.65 -53.53
N SER X 32 42.11 -33.18 -54.59
CA SER X 32 43.28 -32.52 -55.15
C SER X 32 42.91 -31.19 -55.80
N MET X 33 41.73 -31.11 -56.41
CA MET X 33 41.27 -29.84 -56.96
C MET X 33 40.98 -28.83 -55.88
N SER X 34 40.55 -29.29 -54.71
CA SER X 34 40.33 -28.35 -53.60
C SER X 34 41.65 -27.83 -53.07
N TYR X 35 42.63 -28.70 -52.87
CA TYR X 35 43.91 -28.25 -52.38
C TYR X 35 44.87 -27.83 -53.47
N TYR X 36 44.37 -27.55 -54.68
CA TYR X 36 45.13 -26.69 -55.57
C TYR X 36 44.83 -25.22 -55.31
N PHE X 37 43.56 -24.86 -55.16
CA PHE X 37 43.15 -23.47 -55.06
C PHE X 37 43.35 -22.88 -53.67
N ASP X 38 44.01 -23.58 -52.75
CA ASP X 38 44.29 -23.03 -51.44
C ASP X 38 45.70 -22.47 -51.35
N ARG X 39 46.49 -22.62 -52.40
CA ARG X 39 47.88 -22.18 -52.43
C ARG X 39 47.98 -20.66 -52.41
N ASP X 40 49.21 -20.16 -52.34
CA ASP X 40 49.40 -18.71 -52.29
C ASP X 40 49.24 -18.08 -53.67
N ASP X 41 49.73 -18.74 -54.72
CA ASP X 41 49.75 -18.17 -56.06
C ASP X 41 48.41 -18.22 -56.77
N VAL X 42 47.36 -18.72 -56.11
CA VAL X 42 46.02 -18.68 -56.68
C VAL X 42 45.10 -17.90 -55.75
N ALA X 43 44.94 -18.41 -54.53
CA ALA X 43 44.24 -17.75 -53.42
C ALA X 43 42.77 -17.44 -53.75
N LEU X 44 41.99 -18.50 -53.95
CA LEU X 44 40.55 -18.40 -54.16
C LEU X 44 39.91 -19.39 -53.20
N LYS X 45 39.44 -18.91 -52.06
CA LYS X 45 39.14 -19.81 -50.95
C LYS X 45 37.81 -20.54 -51.13
N ASN X 46 36.81 -19.87 -51.71
CA ASN X 46 35.51 -20.52 -51.87
C ASN X 46 35.55 -21.61 -52.92
N PHE X 47 36.50 -21.54 -53.86
CA PHE X 47 36.73 -22.69 -54.74
C PHE X 47 37.21 -23.90 -53.96
N ALA X 48 38.13 -23.69 -53.01
CA ALA X 48 38.61 -24.79 -52.17
C ALA X 48 37.47 -25.36 -51.33
N LYS X 49 36.61 -24.50 -50.80
CA LYS X 49 35.47 -24.96 -50.01
C LYS X 49 34.49 -25.74 -50.87
N TYR X 50 34.25 -25.29 -52.09
CA TYR X 50 33.30 -25.93 -52.99
C TYR X 50 33.80 -27.31 -53.42
N PHE X 51 35.07 -27.40 -53.82
CA PHE X 51 35.59 -28.69 -54.24
C PHE X 51 35.77 -29.63 -53.05
N LEU X 52 36.00 -29.10 -51.84
CA LEU X 52 36.07 -29.97 -50.67
C LEU X 52 34.70 -30.56 -50.36
N HIS X 53 33.65 -29.75 -50.48
CA HIS X 53 32.30 -30.24 -50.22
C HIS X 53 31.86 -31.25 -51.28
N GLN X 54 32.26 -31.04 -52.54
CA GLN X 54 31.94 -32.03 -53.57
C GLN X 54 32.73 -33.32 -53.38
N SER X 55 33.95 -33.22 -52.84
CA SER X 55 34.70 -34.42 -52.48
C SER X 55 33.97 -35.21 -51.40
N HIS X 56 33.46 -34.51 -50.39
CA HIS X 56 32.68 -35.17 -49.33
C HIS X 56 31.43 -35.83 -49.90
N GLU X 57 30.77 -35.18 -50.88
CA GLU X 57 29.55 -35.75 -51.42
C GLU X 57 29.82 -37.00 -52.25
N GLU X 58 30.92 -37.01 -53.03
CA GLU X 58 31.21 -38.22 -53.80
C GLU X 58 31.72 -39.34 -52.90
N ARG X 59 32.40 -38.99 -51.80
CA ARG X 59 32.74 -39.98 -50.78
C ARG X 59 31.49 -40.64 -50.19
N GLU X 60 30.46 -39.83 -49.92
CA GLU X 60 29.22 -40.39 -49.40
C GLU X 60 28.48 -41.22 -50.43
N HIS X 61 28.61 -40.87 -51.72
CA HIS X 61 28.05 -41.72 -52.78
C HIS X 61 28.73 -43.08 -52.82
N ALA X 62 30.05 -43.10 -52.64
CA ALA X 62 30.78 -44.37 -52.61
C ALA X 62 30.38 -45.21 -51.40
N GLU X 63 30.16 -44.55 -50.25
CA GLU X 63 29.72 -45.28 -49.07
C GLU X 63 28.31 -45.85 -49.25
N LYS X 64 27.45 -45.12 -49.97
CA LYS X 64 26.10 -45.63 -50.21
C LYS X 64 26.14 -46.82 -51.17
N LEU X 65 27.06 -46.81 -52.14
CA LEU X 65 27.27 -47.99 -52.97
C LEU X 65 27.75 -49.18 -52.16
N MET X 66 28.65 -48.96 -51.21
CA MET X 66 29.14 -50.09 -50.42
C MET X 66 28.06 -50.63 -49.49
N LYS X 67 27.19 -49.76 -48.98
CA LYS X 67 26.03 -50.21 -48.23
C LYS X 67 25.09 -51.04 -49.10
N LEU X 68 24.89 -50.61 -50.35
CA LEU X 68 24.08 -51.39 -51.29
C LEU X 68 24.74 -52.74 -51.57
N GLN X 69 26.06 -52.79 -51.59
CA GLN X 69 26.74 -54.03 -51.91
C GLN X 69 26.62 -55.03 -50.77
N ASN X 70 26.79 -54.58 -49.53
CA ASN X 70 26.60 -55.49 -48.41
C ASN X 70 25.13 -55.81 -48.17
N GLN X 71 24.23 -54.98 -48.67
CA GLN X 71 22.83 -55.13 -48.31
C GLN X 71 22.16 -56.22 -49.13
N ARG X 72 22.75 -56.58 -50.27
CA ARG X 72 22.30 -57.70 -51.08
C ARG X 72 23.12 -58.94 -50.86
N GLY X 73 24.21 -58.85 -50.12
CA GLY X 73 25.02 -60.01 -49.83
C GLY X 73 26.20 -60.24 -50.74
N GLY X 74 26.83 -59.19 -51.24
CA GLY X 74 28.01 -59.33 -52.04
C GLY X 74 29.27 -59.23 -51.23
N ARG X 75 30.39 -59.29 -51.94
CA ARG X 75 31.72 -59.24 -51.34
C ARG X 75 32.46 -58.05 -51.91
N ILE X 76 32.83 -57.10 -51.05
CA ILE X 76 33.55 -55.92 -51.49
C ILE X 76 34.98 -56.30 -51.83
N PHE X 77 35.41 -55.94 -53.04
CA PHE X 77 36.73 -56.31 -53.54
C PHE X 77 37.41 -55.04 -54.05
N LEU X 78 38.12 -54.38 -53.16
CA LEU X 78 38.68 -53.06 -53.40
C LEU X 78 39.91 -53.12 -54.30
N GLN X 79 40.22 -51.99 -54.92
CA GLN X 79 41.39 -51.85 -55.76
C GLN X 79 42.08 -50.53 -55.45
N ASP X 80 43.18 -50.29 -56.17
CA ASP X 80 43.98 -49.09 -55.96
C ASP X 80 43.25 -47.87 -56.49
N ILE X 81 43.73 -46.70 -56.09
CA ILE X 81 43.23 -45.42 -56.58
C ILE X 81 44.38 -44.70 -57.27
N LYS X 82 44.22 -44.44 -58.56
CA LYS X 82 45.28 -43.79 -59.32
C LYS X 82 45.33 -42.29 -58.99
N LYS X 83 46.44 -41.67 -59.36
CA LYS X 83 46.61 -40.24 -59.13
C LYS X 83 45.69 -39.47 -60.09
N PRO X 84 45.37 -38.20 -59.78
CA PRO X 84 44.46 -37.44 -60.65
C PRO X 84 44.98 -37.08 -62.03
N ASP X 85 44.18 -36.27 -62.74
CA ASP X 85 44.42 -35.93 -64.14
C ASP X 85 45.75 -35.19 -64.32
N CYS X 86 45.84 -33.97 -63.82
CA CYS X 86 47.05 -33.17 -63.96
C CYS X 86 47.26 -32.33 -62.71
N ASP X 87 48.46 -31.75 -62.61
CA ASP X 87 48.86 -30.99 -61.44
C ASP X 87 48.67 -29.49 -61.65
N ASP X 88 49.19 -28.96 -62.75
CA ASP X 88 49.01 -27.56 -63.11
C ASP X 88 47.62 -27.42 -63.72
N TRP X 89 46.75 -26.68 -63.04
CA TRP X 89 45.42 -26.42 -63.59
C TRP X 89 45.32 -25.06 -64.26
N GLU X 90 46.15 -24.11 -63.85
CA GLU X 90 46.52 -22.88 -64.57
C GLU X 90 45.40 -21.82 -64.60
N SER X 91 44.18 -22.20 -64.20
CA SER X 91 43.03 -21.31 -64.25
C SER X 91 41.84 -21.91 -63.51
N GLY X 92 40.74 -21.16 -63.38
CA GLY X 92 39.54 -21.73 -62.82
C GLY X 92 38.65 -22.38 -63.85
N LEU X 93 38.63 -21.84 -65.06
CA LEU X 93 37.76 -22.35 -66.11
C LEU X 93 38.17 -23.75 -66.55
N ASN X 94 39.48 -24.02 -66.61
CA ASN X 94 39.94 -25.35 -66.98
C ASN X 94 39.61 -26.37 -65.90
N ALA X 95 39.64 -25.96 -64.63
CA ALA X 95 39.29 -26.86 -63.54
C ALA X 95 37.80 -27.17 -63.55
N MET X 96 36.96 -26.17 -63.82
CA MET X 96 35.52 -26.43 -63.90
C MET X 96 35.17 -27.29 -65.11
N GLU X 97 35.88 -27.12 -66.23
CA GLU X 97 35.65 -27.97 -67.39
C GLU X 97 36.07 -29.41 -67.13
N CYS X 98 37.18 -29.60 -66.41
CA CYS X 98 37.59 -30.96 -66.05
C CYS X 98 36.63 -31.59 -65.04
N ALA X 99 36.04 -30.79 -64.16
CA ALA X 99 35.03 -31.33 -63.25
C ALA X 99 33.76 -31.71 -63.99
N LEU X 100 33.38 -30.92 -64.99
CA LEU X 100 32.25 -31.27 -65.85
C LEU X 100 32.50 -32.58 -66.59
N HIS X 101 33.70 -32.74 -67.14
CA HIS X 101 34.01 -33.97 -67.86
C HIS X 101 34.11 -35.17 -66.92
N LEU X 102 34.53 -34.95 -65.66
CA LEU X 102 34.53 -36.04 -64.70
C LEU X 102 33.11 -36.48 -64.35
N GLU X 103 32.20 -35.52 -64.15
CA GLU X 103 30.82 -35.89 -63.86
C GLU X 103 30.15 -36.54 -65.05
N LYS X 104 30.54 -36.16 -66.27
CA LYS X 104 30.01 -36.86 -67.44
C LYS X 104 30.56 -38.28 -67.56
N ASN X 105 31.82 -38.51 -67.16
CA ASN X 105 32.34 -39.88 -67.13
C ASN X 105 31.60 -40.74 -66.12
N VAL X 106 31.28 -40.15 -64.95
CA VAL X 106 30.52 -40.88 -63.94
C VAL X 106 29.12 -41.19 -64.45
N ASN X 107 28.49 -40.24 -65.15
CA ASN X 107 27.16 -40.44 -65.71
C ASN X 107 27.16 -41.54 -66.76
N GLN X 108 28.20 -41.58 -67.60
CA GLN X 108 28.32 -42.61 -68.62
C GLN X 108 28.47 -43.99 -67.98
N SER X 109 29.26 -44.07 -66.90
CA SER X 109 29.43 -45.34 -66.22
C SER X 109 28.13 -45.80 -65.56
N LEU X 110 27.36 -44.87 -65.00
CA LEU X 110 26.09 -45.27 -64.39
C LEU X 110 25.07 -45.71 -65.43
N LEU X 111 25.07 -45.11 -66.62
CA LEU X 111 24.18 -45.56 -67.68
C LEU X 111 24.56 -46.97 -68.15
N GLU X 112 25.86 -47.23 -68.25
CA GLU X 112 26.30 -48.58 -68.64
C GLU X 112 25.93 -49.60 -67.57
N LEU X 113 25.99 -49.21 -66.30
CA LEU X 113 25.66 -50.16 -65.25
C LEU X 113 24.15 -50.41 -65.18
N HIS X 114 23.34 -49.39 -65.46
CA HIS X 114 21.90 -49.61 -65.51
C HIS X 114 21.50 -50.49 -66.67
N LYS X 115 22.15 -50.32 -67.83
CA LYS X 115 21.86 -51.20 -68.96
C LYS X 115 22.28 -52.64 -68.66
N LEU X 116 23.42 -52.80 -68.00
CA LEU X 116 23.86 -54.14 -67.61
C LEU X 116 22.92 -54.78 -66.58
N ALA X 117 22.38 -53.97 -65.66
CA ALA X 117 21.48 -54.51 -64.66
C ALA X 117 20.13 -54.86 -65.26
N THR X 118 19.63 -54.08 -66.21
CA THR X 118 18.39 -54.41 -66.88
C THR X 118 18.55 -55.65 -67.75
N ASP X 119 19.75 -55.87 -68.30
CA ASP X 119 19.98 -57.06 -69.11
C ASP X 119 20.14 -58.34 -68.28
N LYS X 120 20.06 -58.27 -66.96
CA LYS X 120 20.20 -59.45 -66.11
C LYS X 120 18.97 -59.73 -65.26
N ASN X 121 17.89 -58.97 -65.45
CA ASN X 121 16.61 -59.11 -64.73
C ASN X 121 16.80 -58.96 -63.22
N ASP X 122 17.16 -57.74 -62.82
CA ASP X 122 17.32 -57.39 -61.41
C ASP X 122 16.67 -56.04 -61.18
N PRO X 123 15.44 -56.01 -60.67
CA PRO X 123 14.71 -54.73 -60.60
C PRO X 123 15.06 -53.89 -59.40
N HIS X 124 15.56 -54.51 -58.33
CA HIS X 124 15.91 -53.76 -57.13
C HIS X 124 17.11 -52.86 -57.39
N LEU X 125 18.10 -53.36 -58.12
CA LEU X 125 19.25 -52.55 -58.49
C LEU X 125 18.86 -51.45 -59.46
N CYS X 126 17.91 -51.74 -60.37
CA CYS X 126 17.39 -50.71 -61.27
C CYS X 126 16.71 -49.59 -60.51
N ASP X 127 15.88 -49.93 -59.52
CA ASP X 127 15.24 -48.89 -58.72
C ASP X 127 16.24 -48.13 -57.87
N PHE X 128 17.28 -48.80 -57.37
CA PHE X 128 18.28 -48.11 -56.55
C PHE X 128 19.02 -47.06 -57.38
N ILE X 129 19.40 -47.43 -58.60
CA ILE X 129 20.10 -46.49 -59.48
C ILE X 129 19.17 -45.36 -59.90
N GLU X 130 17.93 -45.69 -60.25
CA GLU X 130 16.99 -44.65 -60.69
C GLU X 130 16.54 -43.75 -59.55
N THR X 131 16.66 -44.20 -58.31
CA THR X 131 16.25 -43.40 -57.17
C THR X 131 17.35 -42.50 -56.66
N HIS X 132 18.57 -43.04 -56.52
CA HIS X 132 19.58 -42.34 -55.75
C HIS X 132 20.65 -41.65 -56.58
N TYR X 133 20.84 -41.99 -57.85
CA TYR X 133 22.05 -41.54 -58.54
C TYR X 133 21.80 -40.74 -59.81
N LEU X 134 20.70 -40.96 -60.51
CA LEU X 134 20.53 -40.33 -61.82
C LEU X 134 20.17 -38.85 -61.67
N ASN X 135 19.24 -38.54 -60.79
CA ASN X 135 18.80 -37.16 -60.60
C ASN X 135 19.92 -36.31 -60.05
N GLU X 136 20.75 -36.88 -59.17
CA GLU X 136 21.86 -36.14 -58.59
C GLU X 136 22.94 -35.85 -59.61
N GLN X 137 23.22 -36.81 -60.51
CA GLN X 137 24.24 -36.57 -61.52
C GLN X 137 23.77 -35.59 -62.57
N VAL X 138 22.48 -35.63 -62.93
CA VAL X 138 21.98 -34.67 -63.91
C VAL X 138 21.96 -33.26 -63.33
N LYS X 139 21.61 -33.13 -62.04
CA LYS X 139 21.69 -31.82 -61.40
C LYS X 139 23.13 -31.33 -61.26
N ALA X 140 24.08 -32.24 -61.02
CA ALA X 140 25.48 -31.83 -60.91
C ALA X 140 26.03 -31.38 -62.25
N ILE X 141 25.65 -32.06 -63.34
CA ILE X 141 26.13 -31.67 -64.66
C ILE X 141 25.49 -30.35 -65.09
N LYS X 142 24.22 -30.12 -64.73
CA LYS X 142 23.58 -28.84 -65.01
C LYS X 142 24.23 -27.71 -64.24
N GLU X 143 24.56 -27.95 -62.96
CA GLU X 143 25.27 -26.98 -62.13
C GLU X 143 26.62 -26.61 -62.73
N LEU X 144 27.43 -27.61 -63.07
CA LEU X 144 28.74 -27.35 -63.64
C LEU X 144 28.65 -26.68 -65.01
N GLY X 145 27.62 -26.99 -65.80
CA GLY X 145 27.45 -26.30 -67.06
C GLY X 145 27.11 -24.83 -66.87
N ASP X 146 26.31 -24.52 -65.84
CA ASP X 146 26.02 -23.13 -65.49
C ASP X 146 27.29 -22.38 -65.11
N HIS X 147 28.15 -23.00 -64.29
CA HIS X 147 29.34 -22.30 -63.83
C HIS X 147 30.36 -22.15 -64.95
N VAL X 148 30.44 -23.13 -65.86
CA VAL X 148 31.36 -23.03 -66.98
C VAL X 148 30.94 -21.94 -67.95
N THR X 149 29.64 -21.85 -68.25
CA THR X 149 29.18 -20.80 -69.16
C THR X 149 29.29 -19.41 -68.52
N ASN X 150 29.08 -19.32 -67.20
CA ASN X 150 29.26 -18.03 -66.54
C ASN X 150 30.72 -17.59 -66.53
N LEU X 151 31.66 -18.52 -66.33
CA LEU X 151 33.06 -18.12 -66.39
C LEU X 151 33.51 -17.77 -67.80
N ARG X 152 32.99 -18.47 -68.81
CA ARG X 152 33.34 -18.13 -70.19
C ARG X 152 32.74 -16.79 -70.61
N LYS X 153 31.62 -16.38 -70.02
CA LYS X 153 31.03 -15.13 -70.47
C LYS X 153 31.34 -13.96 -69.56
N MET X 154 31.95 -14.20 -68.39
CA MET X 154 32.43 -13.07 -67.61
C MET X 154 33.80 -12.58 -68.06
N GLY X 155 34.50 -13.37 -68.87
CA GLY X 155 35.76 -12.91 -69.42
C GLY X 155 36.96 -13.75 -69.00
N ALA X 156 36.72 -14.78 -68.19
CA ALA X 156 37.80 -15.65 -67.76
C ALA X 156 38.29 -16.50 -68.93
N PRO X 157 39.55 -16.96 -68.91
CA PRO X 157 40.67 -16.79 -67.97
C PRO X 157 41.55 -15.60 -68.28
N GLU X 158 41.11 -14.75 -69.21
CA GLU X 158 41.87 -13.56 -69.54
C GLU X 158 41.87 -12.56 -68.39
N SER X 159 40.69 -12.05 -68.04
CA SER X 159 40.55 -11.06 -66.99
C SER X 159 40.28 -11.77 -65.67
N GLY X 160 41.33 -11.89 -64.83
CA GLY X 160 41.19 -12.56 -63.54
C GLY X 160 40.25 -11.86 -62.57
N LEU X 161 39.94 -10.59 -62.83
CA LEU X 161 38.87 -9.89 -62.11
C LEU X 161 37.55 -10.61 -62.20
N ALA X 162 37.27 -11.25 -63.35
CA ALA X 162 36.07 -12.06 -63.49
C ALA X 162 36.10 -13.28 -62.59
N GLU X 163 37.27 -13.91 -62.47
CA GLU X 163 37.42 -15.04 -61.57
C GLU X 163 37.21 -14.62 -60.12
N TYR X 164 37.67 -13.42 -59.77
CA TYR X 164 37.52 -12.93 -58.41
C TYR X 164 36.07 -12.61 -58.09
N LEU X 165 35.36 -11.97 -59.02
CA LEU X 165 33.96 -11.63 -58.77
C LEU X 165 33.08 -12.88 -58.75
N PHE X 166 33.37 -13.86 -59.61
CA PHE X 166 32.64 -15.12 -59.57
C PHE X 166 32.94 -15.89 -58.29
N ASP X 167 34.16 -15.73 -57.76
CA ASP X 167 34.49 -16.30 -56.47
C ASP X 167 33.65 -15.67 -55.36
N LYS X 168 33.54 -14.34 -55.36
CA LYS X 168 32.90 -13.67 -54.24
C LYS X 168 31.38 -13.71 -54.30
N HIS X 169 30.79 -13.85 -55.49
CA HIS X 169 29.33 -13.75 -55.53
C HIS X 169 28.64 -15.09 -55.65
N THR X 170 29.06 -15.96 -56.57
CA THR X 170 28.29 -17.16 -56.84
C THR X 170 28.47 -18.21 -55.75
N LEU X 171 29.68 -18.69 -55.56
CA LEU X 171 29.91 -19.81 -54.67
C LEU X 171 30.05 -19.42 -53.22
N GLY X 172 30.08 -18.13 -52.92
CA GLY X 172 30.21 -17.68 -51.55
C GLY X 172 28.94 -17.83 -50.75
N THR Y 1 51.85 26.94 -0.66
CA THR Y 1 51.45 27.05 -2.05
C THR Y 1 50.58 25.88 -2.48
N SER Y 2 50.25 25.84 -3.76
CA SER Y 2 49.58 24.70 -4.35
C SER Y 2 50.51 24.03 -5.35
N GLN Y 3 50.07 22.90 -5.90
CA GLN Y 3 50.89 22.13 -6.83
C GLN Y 3 50.23 21.85 -8.17
N VAL Y 4 48.91 21.83 -8.25
CA VAL Y 4 48.23 21.56 -9.50
C VAL Y 4 47.83 22.84 -10.22
N ARG Y 5 48.27 23.99 -9.71
CA ARG Y 5 47.91 25.27 -10.30
C ARG Y 5 48.80 25.54 -11.50
N GLN Y 6 48.22 25.50 -12.70
CA GLN Y 6 48.97 25.71 -13.92
C GLN Y 6 48.15 26.58 -14.84
N ASN Y 7 48.70 27.74 -15.19
CA ASN Y 7 48.05 28.79 -15.99
C ASN Y 7 46.70 29.18 -15.38
N TYR Y 8 46.77 29.77 -14.19
CA TYR Y 8 45.56 30.14 -13.47
C TYR Y 8 45.88 31.41 -12.69
N HIS Y 9 45.30 32.52 -13.10
CA HIS Y 9 45.58 33.80 -12.48
C HIS Y 9 44.53 34.08 -11.42
N GLN Y 10 44.96 34.71 -10.32
CA GLN Y 10 44.16 34.80 -9.11
C GLN Y 10 42.94 35.70 -9.24
N ASP Y 11 42.92 36.59 -10.23
CA ASP Y 11 41.75 37.44 -10.43
C ASP Y 11 40.58 36.63 -10.97
N SER Y 12 40.87 35.56 -11.72
CA SER Y 12 39.83 34.61 -12.10
C SER Y 12 39.25 33.92 -10.88
N GLU Y 13 40.10 33.60 -9.91
CA GLU Y 13 39.64 32.95 -8.68
C GLU Y 13 38.75 33.88 -7.87
N ALA Y 14 39.10 35.16 -7.82
CA ALA Y 14 38.23 36.14 -7.15
C ALA Y 14 36.89 36.28 -7.87
N ALA Y 15 36.91 36.25 -9.20
CA ALA Y 15 35.66 36.33 -9.96
C ALA Y 15 34.78 35.11 -9.73
N ILE Y 16 35.41 33.93 -9.62
CA ILE Y 16 34.65 32.71 -9.32
C ILE Y 16 34.04 32.80 -7.93
N ASN Y 17 34.76 33.38 -6.96
CA ASN Y 17 34.22 33.55 -5.62
C ASN Y 17 33.00 34.47 -5.60
N ARG Y 18 33.08 35.59 -6.34
CA ARG Y 18 31.93 36.48 -6.47
C ARG Y 18 30.75 35.77 -7.13
N GLN Y 19 31.03 34.92 -8.12
CA GLN Y 19 29.96 34.24 -8.84
C GLN Y 19 29.31 33.17 -7.97
N ILE Y 20 30.09 32.47 -7.15
CA ILE Y 20 29.54 31.50 -6.20
C ILE Y 20 28.61 32.18 -5.20
N ASN Y 21 29.04 33.35 -4.69
CA ASN Y 21 28.19 34.15 -3.81
C ASN Y 21 26.88 34.53 -4.50
N LEU Y 22 26.95 34.95 -5.76
CA LEU Y 22 25.75 35.36 -6.48
C LEU Y 22 24.83 34.17 -6.72
N GLU Y 23 25.39 32.99 -6.99
CA GLU Y 23 24.55 31.82 -7.24
C GLU Y 23 23.83 31.36 -5.99
N LEU Y 24 24.52 31.37 -4.83
CA LEU Y 24 23.84 31.01 -3.59
C LEU Y 24 22.80 32.05 -3.22
N TYR Y 25 23.06 33.32 -3.54
CA TYR Y 25 22.04 34.36 -3.38
C TYR Y 25 20.81 34.08 -4.25
N ALA Y 26 21.04 33.64 -5.49
CA ALA Y 26 19.93 33.35 -6.38
C ALA Y 26 19.12 32.16 -5.90
N SER Y 27 19.80 31.15 -5.35
CA SER Y 27 19.10 30.02 -4.74
C SER Y 27 18.24 30.46 -3.57
N TYR Y 28 18.75 31.40 -2.77
CA TYR Y 28 17.99 31.87 -1.62
C TYR Y 28 16.79 32.70 -2.04
N VAL Y 29 16.93 33.50 -3.10
CA VAL Y 29 15.81 34.28 -3.63
C VAL Y 29 14.72 33.36 -4.17
N TYR Y 30 15.12 32.33 -4.92
CA TYR Y 30 14.13 31.38 -5.43
C TYR Y 30 13.46 30.58 -4.33
N LEU Y 31 14.16 30.33 -3.21
CA LEU Y 31 13.51 29.63 -2.11
C LEU Y 31 12.47 30.51 -1.42
N SER Y 32 12.79 31.80 -1.23
CA SER Y 32 11.81 32.72 -0.64
C SER Y 32 10.60 32.89 -1.56
N MET Y 33 10.83 32.91 -2.87
CA MET Y 33 9.71 32.94 -3.81
C MET Y 33 8.88 31.66 -3.75
N SER Y 34 9.54 30.51 -3.55
CA SER Y 34 8.80 29.26 -3.52
C SER Y 34 7.92 29.14 -2.30
N TYR Y 35 8.41 29.57 -1.14
CA TYR Y 35 7.57 29.50 0.05
C TYR Y 35 6.82 30.80 0.31
N TYR Y 36 6.81 31.73 -0.65
CA TYR Y 36 5.73 32.71 -0.68
C TYR Y 36 4.46 32.09 -1.22
N PHE Y 37 4.58 31.17 -2.17
CA PHE Y 37 3.42 30.56 -2.82
C PHE Y 37 2.99 29.27 -2.18
N ASP Y 38 3.27 29.10 -0.90
CA ASP Y 38 2.68 28.00 -0.15
C ASP Y 38 1.78 28.52 0.96
N ARG Y 39 1.67 29.83 1.11
CA ARG Y 39 0.79 30.45 2.09
C ARG Y 39 -0.67 30.18 1.76
N ASP Y 40 -1.52 30.32 2.77
CA ASP Y 40 -2.94 30.09 2.58
C ASP Y 40 -3.59 31.19 1.77
N ASP Y 41 -3.18 32.44 1.95
CA ASP Y 41 -3.82 33.55 1.26
C ASP Y 41 -3.19 33.88 -0.08
N VAL Y 42 -2.45 32.94 -0.68
CA VAL Y 42 -2.15 32.98 -2.11
C VAL Y 42 -2.58 31.65 -2.72
N ALA Y 43 -1.98 30.55 -2.22
CA ALA Y 43 -2.41 29.17 -2.44
C ALA Y 43 -2.33 28.76 -3.92
N LEU Y 44 -1.13 28.78 -4.46
CA LEU Y 44 -0.85 28.30 -5.81
C LEU Y 44 0.26 27.26 -5.72
N LYS Y 45 -0.08 26.00 -5.95
CA LYS Y 45 0.83 24.91 -5.61
C LYS Y 45 1.96 24.75 -6.63
N ASN Y 46 1.61 24.69 -7.92
CA ASN Y 46 2.61 24.37 -8.92
C ASN Y 46 3.60 25.50 -9.12
N PHE Y 47 3.24 26.73 -8.76
CA PHE Y 47 4.22 27.79 -8.61
C PHE Y 47 5.28 27.43 -7.57
N ALA Y 48 4.86 26.90 -6.42
CA ALA Y 48 5.82 26.54 -5.39
C ALA Y 48 6.70 25.38 -5.85
N LYS Y 49 6.12 24.43 -6.59
CA LYS Y 49 6.91 23.37 -7.19
C LYS Y 49 7.97 23.91 -8.15
N TYR Y 50 7.56 24.84 -9.02
CA TYR Y 50 8.45 25.39 -10.04
C TYR Y 50 9.60 26.17 -9.41
N PHE Y 51 9.30 27.06 -8.47
CA PHE Y 51 10.36 27.86 -7.87
C PHE Y 51 11.26 27.03 -6.98
N LEU Y 52 10.74 25.98 -6.33
CA LEU Y 52 11.61 25.13 -5.53
C LEU Y 52 12.55 24.31 -6.40
N HIS Y 53 12.09 23.89 -7.57
CA HIS Y 53 12.98 23.16 -8.47
C HIS Y 53 14.04 24.07 -9.08
N GLN Y 54 13.68 25.32 -9.40
CA GLN Y 54 14.69 26.28 -9.85
C GLN Y 54 15.72 26.58 -8.77
N SER Y 55 15.28 26.59 -7.50
CA SER Y 55 16.22 26.72 -6.40
C SER Y 55 17.20 25.56 -6.35
N HIS Y 56 16.70 24.33 -6.55
CA HIS Y 56 17.57 23.15 -6.63
C HIS Y 56 18.59 23.27 -7.76
N GLU Y 57 18.16 23.74 -8.93
CA GLU Y 57 19.07 23.80 -10.08
C GLU Y 57 20.14 24.87 -9.89
N GLU Y 58 19.80 26.01 -9.31
CA GLU Y 58 20.83 27.03 -9.14
C GLU Y 58 21.76 26.68 -7.97
N ARG Y 59 21.28 25.92 -6.98
CA ARG Y 59 22.17 25.34 -5.99
C ARG Y 59 23.18 24.38 -6.63
N GLU Y 60 22.72 23.58 -7.58
CA GLU Y 60 23.64 22.70 -8.30
C GLU Y 60 24.65 23.48 -9.15
N HIS Y 61 24.22 24.61 -9.71
CA HIS Y 61 25.15 25.51 -10.40
C HIS Y 61 26.25 26.00 -9.47
N ALA Y 62 25.88 26.43 -8.27
CA ALA Y 62 26.86 26.91 -7.30
C ALA Y 62 27.83 25.80 -6.88
N GLU Y 63 27.30 24.60 -6.68
CA GLU Y 63 28.18 23.48 -6.33
C GLU Y 63 29.13 23.12 -7.48
N LYS Y 64 28.69 23.29 -8.72
CA LYS Y 64 29.58 23.02 -9.84
C LYS Y 64 30.67 24.09 -9.97
N LEU Y 65 30.35 25.34 -9.64
CA LEU Y 65 31.40 26.36 -9.59
C LEU Y 65 32.44 26.08 -8.52
N MET Y 66 32.00 25.64 -7.34
CA MET Y 66 32.96 25.32 -6.29
C MET Y 66 33.80 24.10 -6.67
N LYS Y 67 33.22 23.16 -7.40
CA LYS Y 67 33.97 22.03 -7.93
C LYS Y 67 35.02 22.48 -8.94
N LEU Y 68 34.66 23.46 -9.78
CA LEU Y 68 35.62 24.00 -10.75
C LEU Y 68 36.74 24.74 -10.05
N GLN Y 69 36.43 25.39 -8.93
CA GLN Y 69 37.49 26.08 -8.20
C GLN Y 69 38.41 25.08 -7.52
N ASN Y 70 37.87 23.94 -7.09
CA ASN Y 70 38.76 22.95 -6.48
C ASN Y 70 39.55 22.15 -7.50
N GLN Y 71 39.12 22.10 -8.77
CA GLN Y 71 39.90 21.34 -9.74
C GLN Y 71 41.15 22.07 -10.17
N ARG Y 72 41.15 23.39 -10.12
CA ARG Y 72 42.28 24.18 -10.61
C ARG Y 72 43.14 24.74 -9.50
N GLY Y 73 43.16 24.08 -8.34
CA GLY Y 73 44.10 24.42 -7.29
C GLY Y 73 43.83 25.73 -6.58
N GLY Y 74 42.63 26.27 -6.66
CA GLY Y 74 42.33 27.51 -5.99
C GLY Y 74 42.01 27.31 -4.53
N ARG Y 75 41.42 28.35 -3.94
CA ARG Y 75 41.02 28.36 -2.54
C ARG Y 75 39.65 29.01 -2.45
N ILE Y 76 38.65 28.24 -2.04
CA ILE Y 76 37.29 28.75 -1.90
C ILE Y 76 37.23 29.61 -0.65
N PHE Y 77 36.79 30.86 -0.81
CA PHE Y 77 36.71 31.82 0.28
C PHE Y 77 35.30 32.39 0.28
N LEU Y 78 34.43 31.84 1.12
CA LEU Y 78 33.03 32.17 1.06
C LEU Y 78 32.76 33.55 1.64
N GLN Y 79 31.52 34.01 1.44
CA GLN Y 79 31.09 35.32 1.93
C GLN Y 79 29.67 35.17 2.47
N ASP Y 80 29.14 36.25 3.02
CA ASP Y 80 27.78 36.26 3.53
C ASP Y 80 26.79 36.24 2.37
N ILE Y 81 25.59 35.75 2.66
CA ILE Y 81 24.50 35.72 1.69
C ILE Y 81 23.47 36.74 2.16
N LYS Y 82 23.08 37.63 1.27
CA LYS Y 82 22.15 38.67 1.68
C LYS Y 82 20.72 38.14 1.69
N LYS Y 83 19.86 38.83 2.43
CA LYS Y 83 18.44 38.52 2.39
C LYS Y 83 17.86 39.08 1.09
N PRO Y 84 16.74 38.54 0.61
CA PRO Y 84 16.17 39.04 -0.64
C PRO Y 84 15.69 40.48 -0.52
N ASP Y 85 15.83 41.21 -1.63
CA ASP Y 85 15.56 42.63 -1.63
C ASP Y 85 14.08 42.97 -1.80
N CYS Y 86 13.20 41.97 -1.82
CA CYS Y 86 11.79 42.21 -2.04
C CYS Y 86 10.96 41.07 -1.45
N ASP Y 87 9.89 41.43 -0.74
CA ASP Y 87 8.93 40.49 -0.17
C ASP Y 87 7.48 40.91 -0.38
N ASP Y 88 7.24 42.04 -1.05
CA ASP Y 88 5.89 42.47 -1.37
C ASP Y 88 5.60 42.13 -2.83
N TRP Y 89 4.85 41.05 -3.05
CA TRP Y 89 4.76 40.46 -4.38
C TRP Y 89 3.46 40.75 -5.10
N GLU Y 90 2.33 40.63 -4.39
CA GLU Y 90 0.98 41.05 -4.78
C GLU Y 90 0.35 40.16 -5.86
N SER Y 91 1.13 39.29 -6.48
CA SER Y 91 0.65 38.48 -7.60
C SER Y 91 1.66 37.36 -7.85
N GLY Y 92 1.48 36.69 -8.98
CA GLY Y 92 2.46 35.74 -9.45
C GLY Y 92 3.22 36.30 -10.62
N LEU Y 93 2.62 37.28 -11.30
CA LEU Y 93 3.27 37.94 -12.44
C LEU Y 93 4.48 38.73 -11.98
N ASN Y 94 4.37 39.41 -10.84
CA ASN Y 94 5.45 40.25 -10.35
C ASN Y 94 6.63 39.40 -9.89
N ALA Y 95 6.35 38.18 -9.41
CA ALA Y 95 7.43 37.27 -9.08
C ALA Y 95 8.16 36.79 -10.33
N MET Y 96 7.43 36.62 -11.43
CA MET Y 96 8.07 36.29 -12.70
C MET Y 96 8.92 37.44 -13.21
N GLU Y 97 8.46 38.68 -13.01
CA GLU Y 97 9.26 39.84 -13.38
C GLU Y 97 10.54 39.92 -12.58
N CYS Y 98 10.46 39.67 -11.26
CA CYS Y 98 11.65 39.68 -10.42
C CYS Y 98 12.60 38.54 -10.78
N ALA Y 99 12.06 37.37 -11.17
CA ALA Y 99 12.90 36.26 -11.57
C ALA Y 99 13.63 36.54 -12.87
N LEU Y 100 12.95 37.18 -13.82
CA LEU Y 100 13.59 37.53 -15.09
C LEU Y 100 14.68 38.59 -14.88
N HIS Y 101 14.39 39.58 -14.01
CA HIS Y 101 15.38 40.59 -13.65
C HIS Y 101 16.61 39.98 -13.01
N LEU Y 102 16.40 38.98 -12.14
CA LEU Y 102 17.51 38.30 -11.47
C LEU Y 102 18.34 37.48 -12.45
N GLU Y 103 17.69 36.76 -13.35
CA GLU Y 103 18.43 35.98 -14.34
C GLU Y 103 19.22 36.85 -15.30
N LYS Y 104 18.69 38.03 -15.64
CA LYS Y 104 19.46 38.94 -16.47
C LYS Y 104 20.67 39.52 -15.72
N ASN Y 105 20.53 39.76 -14.41
CA ASN Y 105 21.69 40.18 -13.63
C ASN Y 105 22.75 39.08 -13.55
N VAL Y 106 22.33 37.83 -13.39
CA VAL Y 106 23.29 36.73 -13.30
C VAL Y 106 23.98 36.49 -14.64
N ASN Y 107 23.25 36.64 -15.74
CA ASN Y 107 23.86 36.52 -17.06
C ASN Y 107 24.84 37.65 -17.32
N GLN Y 108 24.54 38.86 -16.83
CA GLN Y 108 25.48 39.99 -16.91
C GLN Y 108 26.77 39.68 -16.18
N SER Y 109 26.65 39.11 -14.97
CA SER Y 109 27.84 38.78 -14.20
C SER Y 109 28.65 37.67 -14.85
N LEU Y 110 27.98 36.70 -15.48
CA LEU Y 110 28.73 35.64 -16.17
C LEU Y 110 29.42 36.16 -17.42
N LEU Y 111 28.81 37.09 -18.14
CA LEU Y 111 29.49 37.68 -19.30
C LEU Y 111 30.71 38.48 -18.89
N GLU Y 112 30.62 39.19 -17.77
CA GLU Y 112 31.78 39.94 -17.31
C GLU Y 112 32.87 39.01 -16.78
N LEU Y 113 32.47 37.87 -16.19
CA LEU Y 113 33.43 36.85 -15.79
C LEU Y 113 34.12 36.25 -17.00
N HIS Y 114 33.39 36.05 -18.10
CA HIS Y 114 34.01 35.56 -19.32
C HIS Y 114 34.96 36.59 -19.92
N LYS Y 115 34.64 37.88 -19.81
CA LYS Y 115 35.56 38.90 -20.32
C LYS Y 115 36.85 38.93 -19.50
N LEU Y 116 36.74 38.75 -18.18
CA LEU Y 116 37.94 38.61 -17.36
C LEU Y 116 38.71 37.33 -17.69
N ALA Y 117 37.99 36.25 -18.00
CA ALA Y 117 38.66 34.98 -18.31
C ALA Y 117 39.31 35.01 -19.68
N THR Y 118 38.88 35.90 -20.56
CA THR Y 118 39.53 36.00 -21.87
C THR Y 118 40.71 36.97 -21.83
N ASP Y 119 40.59 38.07 -21.07
CA ASP Y 119 41.70 39.03 -21.00
C ASP Y 119 42.90 38.47 -20.25
N LYS Y 120 42.70 37.46 -19.41
CA LYS Y 120 43.79 36.89 -18.61
C LYS Y 120 44.39 35.63 -19.24
N ASN Y 121 44.00 35.28 -20.46
CA ASN Y 121 44.52 34.14 -21.22
C ASN Y 121 44.32 32.82 -20.46
N ASP Y 122 43.04 32.46 -20.27
CA ASP Y 122 42.67 31.19 -19.65
C ASP Y 122 41.63 30.54 -20.55
N PRO Y 123 42.04 29.65 -21.43
CA PRO Y 123 41.08 29.08 -22.40
C PRO Y 123 40.18 28.03 -21.78
N HIS Y 124 40.68 27.35 -20.74
CA HIS Y 124 39.86 26.35 -20.07
C HIS Y 124 38.67 26.97 -19.38
N LEU Y 125 38.88 28.11 -18.70
CA LEU Y 125 37.78 28.78 -18.03
C LEU Y 125 36.79 29.37 -19.03
N CYS Y 126 37.31 29.86 -20.15
CA CYS Y 126 36.46 30.37 -21.23
C CYS Y 126 35.57 29.28 -21.79
N ASP Y 127 36.15 28.10 -22.07
CA ASP Y 127 35.33 27.01 -22.59
C ASP Y 127 34.38 26.45 -21.54
N PHE Y 128 34.76 26.54 -20.25
CA PHE Y 128 33.87 26.09 -19.19
C PHE Y 128 32.63 26.95 -19.12
N ILE Y 129 32.81 28.27 -19.18
CA ILE Y 129 31.67 29.18 -19.15
C ILE Y 129 30.85 29.06 -20.44
N GLU Y 130 31.51 28.86 -21.58
CA GLU Y 130 30.79 28.69 -22.83
C GLU Y 130 30.01 27.38 -22.87
N THR Y 131 30.47 26.36 -22.17
CA THR Y 131 29.81 25.06 -22.22
C THR Y 131 28.67 24.97 -21.22
N HIS Y 132 28.95 25.21 -19.94
CA HIS Y 132 27.97 24.85 -18.93
C HIS Y 132 26.94 25.92 -18.63
N TYR Y 133 27.27 27.20 -18.74
CA TYR Y 133 26.43 28.23 -18.13
C TYR Y 133 25.69 29.12 -19.11
N LEU Y 134 26.27 29.48 -20.25
CA LEU Y 134 25.68 30.51 -21.10
C LEU Y 134 24.41 30.02 -21.80
N ASN Y 135 24.43 28.80 -22.32
CA ASN Y 135 23.29 28.27 -23.07
C ASN Y 135 22.09 28.06 -22.14
N GLU Y 136 22.35 27.59 -20.92
CA GLU Y 136 21.27 27.38 -19.96
C GLU Y 136 20.65 28.70 -19.54
N GLN Y 137 21.47 29.76 -19.40
CA GLN Y 137 20.91 31.06 -19.03
C GLN Y 137 20.10 31.67 -20.17
N VAL Y 138 20.51 31.44 -21.41
CA VAL Y 138 19.73 31.93 -22.55
C VAL Y 138 18.37 31.22 -22.61
N LYS Y 139 18.37 29.90 -22.42
CA LYS Y 139 17.10 29.16 -22.41
C LYS Y 139 16.22 29.59 -21.26
N ALA Y 140 16.82 29.91 -20.11
CA ALA Y 140 16.04 30.33 -18.95
C ALA Y 140 15.42 31.71 -19.15
N ILE Y 141 16.17 32.65 -19.74
CA ILE Y 141 15.63 33.98 -20.00
C ILE Y 141 14.50 33.90 -21.01
N LYS Y 142 14.65 33.05 -22.03
CA LYS Y 142 13.58 32.87 -23.01
C LYS Y 142 12.33 32.26 -22.38
N GLU Y 143 12.51 31.28 -21.50
CA GLU Y 143 11.38 30.64 -20.84
C GLU Y 143 10.63 31.61 -19.92
N LEU Y 144 11.35 32.39 -19.13
CA LEU Y 144 10.69 33.32 -18.23
C LEU Y 144 10.03 34.47 -18.98
N GLY Y 145 10.61 34.89 -20.11
CA GLY Y 145 9.92 35.84 -20.97
C GLY Y 145 8.63 35.29 -21.53
N ASP Y 146 8.61 34.00 -21.86
CA ASP Y 146 7.37 33.37 -22.32
C ASP Y 146 6.32 33.34 -21.22
N HIS Y 147 6.72 33.03 -19.99
CA HIS Y 147 5.76 32.99 -18.89
C HIS Y 147 5.19 34.37 -18.60
N VAL Y 148 6.04 35.41 -18.62
CA VAL Y 148 5.58 36.77 -18.41
C VAL Y 148 4.62 37.19 -19.51
N THR Y 149 4.92 36.82 -20.76
CA THR Y 149 4.07 37.23 -21.87
C THR Y 149 2.72 36.51 -21.84
N ASN Y 150 2.71 35.23 -21.47
CA ASN Y 150 1.45 34.51 -21.34
C ASN Y 150 0.59 35.10 -20.23
N LEU Y 151 1.18 35.37 -19.07
CA LEU Y 151 0.38 35.95 -17.98
C LEU Y 151 -0.04 37.38 -18.28
N ARG Y 152 0.70 38.09 -19.14
CA ARG Y 152 0.31 39.45 -19.47
C ARG Y 152 -0.83 39.47 -20.49
N LYS Y 153 -0.80 38.58 -21.48
CA LYS Y 153 -1.91 38.53 -22.41
C LYS Y 153 -3.14 37.86 -21.81
N MET Y 154 -2.97 37.09 -20.74
CA MET Y 154 -4.15 36.52 -20.09
C MET Y 154 -4.82 37.48 -19.10
N GLY Y 155 -4.27 38.66 -18.89
CA GLY Y 155 -4.92 39.68 -18.10
C GLY Y 155 -4.55 39.76 -16.63
N ALA Y 156 -3.38 39.28 -16.24
CA ALA Y 156 -2.92 39.46 -14.88
C ALA Y 156 -2.57 40.93 -14.63
N PRO Y 157 -2.69 41.42 -13.39
CA PRO Y 157 -3.19 40.81 -12.14
C PRO Y 157 -4.66 41.09 -11.89
N GLU Y 158 -5.38 41.56 -12.91
CA GLU Y 158 -6.77 41.96 -12.72
C GLU Y 158 -7.66 40.76 -12.43
N SER Y 159 -7.57 39.71 -13.25
CA SER Y 159 -8.43 38.55 -13.12
C SER Y 159 -7.61 37.37 -12.63
N GLY Y 160 -7.91 36.90 -11.42
CA GLY Y 160 -7.20 35.77 -10.85
C GLY Y 160 -7.43 34.46 -11.57
N LEU Y 161 -8.48 34.40 -12.41
CA LEU Y 161 -8.71 33.25 -13.28
C LEU Y 161 -7.53 32.99 -14.21
N ALA Y 162 -6.84 34.07 -14.62
CA ALA Y 162 -5.63 33.92 -15.43
C ALA Y 162 -4.54 33.18 -14.66
N GLU Y 163 -4.31 33.57 -13.40
CA GLU Y 163 -3.30 32.88 -12.61
C GLU Y 163 -3.70 31.46 -12.28
N TYR Y 164 -5.01 31.20 -12.13
CA TYR Y 164 -5.43 29.84 -11.81
C TYR Y 164 -5.30 28.91 -13.01
N LEU Y 165 -5.66 29.38 -14.20
CA LEU Y 165 -5.51 28.54 -15.38
C LEU Y 165 -4.05 28.40 -15.77
N PHE Y 166 -3.23 29.40 -15.47
CA PHE Y 166 -1.81 29.26 -15.71
C PHE Y 166 -1.17 28.34 -14.68
N ASP Y 167 -1.77 28.24 -13.50
CA ASP Y 167 -1.38 27.24 -12.53
C ASP Y 167 -1.65 25.83 -13.08
N LYS Y 168 -2.89 25.55 -13.44
CA LYS Y 168 -3.26 24.15 -13.64
C LYS Y 168 -2.89 23.59 -15.01
N HIS Y 169 -2.54 24.44 -15.98
CA HIS Y 169 -2.24 23.94 -17.32
C HIS Y 169 -0.75 23.87 -17.63
N THR Y 170 -0.06 25.00 -17.53
CA THR Y 170 1.30 25.08 -18.07
C THR Y 170 2.30 24.37 -17.16
N LEU Y 171 2.21 24.61 -15.86
CA LEU Y 171 3.20 24.11 -14.92
C LEU Y 171 2.75 22.82 -14.23
N GLY Y 172 2.02 21.96 -14.92
CA GLY Y 172 1.56 20.71 -14.34
C GLY Y 172 2.65 19.66 -14.21
N THR Z 1 -46.65 -21.38 15.56
CA THR Z 1 -46.26 -20.12 14.93
C THR Z 1 -44.78 -20.10 14.60
N SER Z 2 -44.36 -19.07 13.87
CA SER Z 2 -42.96 -18.89 13.52
C SER Z 2 -42.41 -17.62 14.17
N GLN Z 3 -41.16 -17.29 13.85
CA GLN Z 3 -40.55 -16.06 14.31
C GLN Z 3 -40.00 -15.19 13.20
N VAL Z 4 -40.12 -15.62 11.94
CA VAL Z 4 -39.70 -14.82 10.81
C VAL Z 4 -40.84 -14.50 9.87
N ARG Z 5 -42.03 -15.02 10.13
CA ARG Z 5 -43.15 -14.90 9.20
C ARG Z 5 -43.85 -13.56 9.40
N GLN Z 6 -43.61 -12.63 8.48
CA GLN Z 6 -44.28 -11.33 8.50
C GLN Z 6 -44.92 -11.11 7.14
N ASN Z 7 -46.25 -10.93 7.14
CA ASN Z 7 -47.06 -10.65 5.94
C ASN Z 7 -46.91 -11.77 4.91
N TYR Z 8 -47.40 -12.96 5.27
CA TYR Z 8 -47.34 -14.12 4.39
C TYR Z 8 -48.55 -15.00 4.73
N HIS Z 9 -49.58 -14.91 3.90
CA HIS Z 9 -50.86 -15.53 4.16
C HIS Z 9 -50.78 -17.05 3.92
N GLN Z 10 -51.79 -17.77 4.40
CA GLN Z 10 -51.77 -19.23 4.33
C GLN Z 10 -52.15 -19.74 2.94
N ASP Z 11 -53.06 -19.06 2.26
CA ASP Z 11 -53.46 -19.48 0.92
C ASP Z 11 -52.33 -19.31 -0.07
N SER Z 12 -51.45 -18.33 0.18
CA SER Z 12 -50.22 -18.20 -0.60
C SER Z 12 -49.32 -19.42 -0.38
N GLU Z 13 -49.27 -19.93 0.84
CA GLU Z 13 -48.45 -21.10 1.12
C GLU Z 13 -48.99 -22.33 0.38
N ALA Z 14 -50.31 -22.47 0.36
CA ALA Z 14 -50.90 -23.58 -0.38
C ALA Z 14 -50.69 -23.44 -1.89
N ALA Z 15 -50.74 -22.21 -2.40
CA ALA Z 15 -50.49 -21.98 -3.82
C ALA Z 15 -49.06 -22.31 -4.21
N ILE Z 16 -48.09 -21.90 -3.39
CA ILE Z 16 -46.69 -22.18 -3.70
C ILE Z 16 -46.41 -23.68 -3.60
N ASN Z 17 -47.07 -24.37 -2.66
CA ASN Z 17 -46.87 -25.82 -2.56
C ASN Z 17 -47.43 -26.56 -3.78
N ARG Z 18 -48.61 -26.12 -4.26
CA ARG Z 18 -49.13 -26.69 -5.51
C ARG Z 18 -48.22 -26.37 -6.70
N GLN Z 19 -47.59 -25.20 -6.70
CA GLN Z 19 -46.71 -24.85 -7.80
C GLN Z 19 -45.44 -25.69 -7.78
N ILE Z 20 -44.93 -26.02 -6.59
CA ILE Z 20 -43.79 -26.93 -6.47
C ILE Z 20 -44.14 -28.30 -7.01
N ASN Z 21 -45.34 -28.78 -6.70
CA ASN Z 21 -45.80 -30.05 -7.26
C ASN Z 21 -45.88 -30.00 -8.77
N LEU Z 22 -46.30 -28.86 -9.32
CA LEU Z 22 -46.38 -28.71 -10.77
C LEU Z 22 -45.00 -28.75 -11.42
N GLU Z 23 -44.02 -28.07 -10.82
CA GLU Z 23 -42.67 -28.04 -11.38
C GLU Z 23 -42.02 -29.41 -11.35
N LEU Z 24 -42.22 -30.17 -10.27
CA LEU Z 24 -41.65 -31.52 -10.24
C LEU Z 24 -42.37 -32.46 -11.20
N TYR Z 25 -43.67 -32.24 -11.41
CA TYR Z 25 -44.41 -33.03 -12.40
C TYR Z 25 -43.86 -32.76 -13.80
N ALA Z 26 -43.55 -31.51 -14.08
CA ALA Z 26 -42.90 -31.16 -15.35
C ALA Z 26 -41.55 -31.84 -15.48
N SER Z 27 -40.76 -31.87 -14.40
CA SER Z 27 -39.45 -32.52 -14.44
C SER Z 27 -39.56 -34.00 -14.73
N TYR Z 28 -40.56 -34.67 -14.16
CA TYR Z 28 -40.75 -36.09 -14.40
C TYR Z 28 -41.18 -36.35 -15.85
N VAL Z 29 -42.06 -35.50 -16.38
CA VAL Z 29 -42.49 -35.64 -17.78
C VAL Z 29 -41.33 -35.42 -18.73
N TYR Z 30 -40.49 -34.42 -18.46
CA TYR Z 30 -39.33 -34.18 -19.33
C TYR Z 30 -38.31 -35.32 -19.26
N LEU Z 31 -38.16 -35.95 -18.10
CA LEU Z 31 -37.33 -37.16 -18.02
C LEU Z 31 -37.88 -38.27 -18.90
N SER Z 32 -39.21 -38.45 -18.89
CA SER Z 32 -39.81 -39.49 -19.72
C SER Z 32 -39.64 -39.19 -21.21
N MET Z 33 -39.80 -37.93 -21.61
CA MET Z 33 -39.58 -37.58 -23.01
C MET Z 33 -38.11 -37.70 -23.40
N SER Z 34 -37.20 -37.44 -22.47
CA SER Z 34 -35.79 -37.57 -22.78
C SER Z 34 -35.35 -39.01 -22.89
N TYR Z 35 -36.07 -39.92 -22.26
CA TYR Z 35 -35.75 -41.32 -22.45
C TYR Z 35 -36.72 -42.06 -23.35
N TYR Z 36 -37.61 -41.37 -24.04
CA TYR Z 36 -38.23 -41.99 -25.20
C TYR Z 36 -37.36 -41.84 -26.44
N PHE Z 37 -36.69 -40.71 -26.60
CA PHE Z 37 -35.85 -40.47 -27.76
C PHE Z 37 -34.45 -41.06 -27.62
N ASP Z 38 -34.23 -41.97 -26.70
CA ASP Z 38 -32.94 -42.66 -26.61
C ASP Z 38 -33.08 -44.14 -26.93
N ARG Z 39 -34.30 -44.62 -27.17
CA ARG Z 39 -34.52 -46.00 -27.59
C ARG Z 39 -33.94 -46.27 -28.97
N ASP Z 40 -33.76 -47.55 -29.27
CA ASP Z 40 -33.13 -47.93 -30.52
C ASP Z 40 -34.02 -47.63 -31.73
N ASP Z 41 -35.33 -47.74 -31.57
CA ASP Z 41 -36.21 -47.57 -32.70
C ASP Z 41 -36.41 -46.11 -33.08
N VAL Z 42 -36.00 -45.17 -32.24
CA VAL Z 42 -36.12 -43.75 -32.56
C VAL Z 42 -34.73 -43.17 -32.74
N ALA Z 43 -33.92 -43.22 -31.68
CA ALA Z 43 -32.47 -42.95 -31.70
C ALA Z 43 -32.15 -41.54 -32.20
N LEU Z 44 -32.70 -40.56 -31.52
CA LEU Z 44 -32.44 -39.15 -31.81
C LEU Z 44 -31.81 -38.55 -30.56
N LYS Z 45 -30.47 -38.59 -30.51
CA LYS Z 45 -29.79 -38.39 -29.23
C LYS Z 45 -29.77 -36.94 -28.78
N ASN Z 46 -29.72 -35.98 -29.70
CA ASN Z 46 -29.69 -34.59 -29.27
C ASN Z 46 -31.05 -34.10 -28.81
N PHE Z 47 -32.14 -34.64 -29.36
CA PHE Z 47 -33.46 -34.55 -28.74
C PHE Z 47 -33.41 -35.00 -27.28
N ALA Z 48 -32.80 -36.16 -27.03
CA ALA Z 48 -32.78 -36.74 -25.69
C ALA Z 48 -32.02 -35.86 -24.72
N LYS Z 49 -30.85 -35.37 -25.14
CA LYS Z 49 -30.07 -34.51 -24.28
C LYS Z 49 -30.74 -33.14 -24.09
N TYR Z 50 -31.47 -32.66 -25.10
CA TYR Z 50 -32.20 -31.40 -24.96
C TYR Z 50 -33.31 -31.51 -23.92
N PHE Z 51 -34.14 -32.55 -24.01
CA PHE Z 51 -35.18 -32.74 -23.01
C PHE Z 51 -34.61 -33.04 -21.63
N LEU Z 52 -33.45 -33.71 -21.57
CA LEU Z 52 -32.84 -33.98 -20.27
C LEU Z 52 -32.34 -32.69 -19.61
N HIS Z 53 -31.77 -31.78 -20.42
CA HIS Z 53 -31.33 -30.49 -19.90
C HIS Z 53 -32.52 -29.66 -19.44
N GLN Z 54 -33.64 -29.75 -20.17
CA GLN Z 54 -34.85 -29.07 -19.71
C GLN Z 54 -35.38 -29.66 -18.41
N SER Z 55 -35.22 -30.98 -18.21
CA SER Z 55 -35.63 -31.60 -16.96
C SER Z 55 -34.81 -31.10 -15.79
N HIS Z 56 -33.49 -31.01 -15.97
CA HIS Z 56 -32.64 -30.49 -14.92
C HIS Z 56 -32.94 -29.02 -14.62
N GLU Z 57 -33.32 -28.25 -15.64
CA GLU Z 57 -33.65 -26.84 -15.38
C GLU Z 57 -34.99 -26.70 -14.65
N GLU Z 58 -35.95 -27.59 -14.92
CA GLU Z 58 -37.18 -27.56 -14.14
C GLU Z 58 -36.94 -28.02 -12.70
N ARG Z 59 -35.99 -28.94 -12.51
CA ARG Z 59 -35.56 -29.30 -11.17
C ARG Z 59 -34.96 -28.11 -10.42
N GLU Z 60 -34.14 -27.31 -11.12
CA GLU Z 60 -33.62 -26.08 -10.55
C GLU Z 60 -34.73 -25.12 -10.16
N HIS Z 61 -35.77 -25.02 -10.99
CA HIS Z 61 -36.90 -24.15 -10.69
C HIS Z 61 -37.66 -24.61 -9.45
N ALA Z 62 -37.85 -25.92 -9.30
CA ALA Z 62 -38.54 -26.43 -8.12
C ALA Z 62 -37.73 -26.22 -6.85
N GLU Z 63 -36.40 -26.37 -6.95
CA GLU Z 63 -35.56 -26.11 -5.79
C GLU Z 63 -35.56 -24.64 -5.42
N LYS Z 64 -35.65 -23.74 -6.41
CA LYS Z 64 -35.73 -22.32 -6.09
C LYS Z 64 -37.05 -21.97 -5.42
N LEU Z 65 -38.15 -22.61 -5.83
CA LEU Z 65 -39.42 -22.39 -5.14
C LEU Z 65 -39.39 -22.91 -3.71
N MET Z 66 -38.74 -24.05 -3.47
CA MET Z 66 -38.66 -24.55 -2.10
C MET Z 66 -37.78 -23.66 -1.22
N LYS Z 67 -36.73 -23.06 -1.80
CA LYS Z 67 -35.96 -22.07 -1.05
C LYS Z 67 -36.81 -20.84 -0.74
N LEU Z 68 -37.61 -20.39 -1.69
CA LEU Z 68 -38.48 -19.23 -1.46
C LEU Z 68 -39.55 -19.55 -0.42
N GLN Z 69 -39.96 -20.80 -0.32
CA GLN Z 69 -40.97 -21.16 0.67
C GLN Z 69 -40.36 -21.24 2.07
N ASN Z 70 -39.14 -21.79 2.18
CA ASN Z 70 -38.48 -21.77 3.49
C ASN Z 70 -38.04 -20.36 3.89
N GLN Z 71 -37.87 -19.47 2.93
CA GLN Z 71 -37.32 -18.16 3.24
C GLN Z 71 -38.37 -17.25 3.85
N ARG Z 72 -39.64 -17.54 3.65
CA ARG Z 72 -40.70 -16.75 4.27
C ARG Z 72 -41.31 -17.43 5.49
N GLY Z 73 -40.87 -18.64 5.80
CA GLY Z 73 -41.34 -19.30 7.00
C GLY Z 73 -42.63 -20.08 6.86
N GLY Z 74 -42.81 -20.82 5.78
CA GLY Z 74 -43.95 -21.69 5.63
C GLY Z 74 -43.61 -23.11 6.03
N ARG Z 75 -44.29 -24.05 5.37
CA ARG Z 75 -44.04 -25.48 5.54
C ARG Z 75 -44.11 -26.13 4.17
N ILE Z 76 -43.03 -26.76 3.75
CA ILE Z 76 -43.05 -27.51 2.50
C ILE Z 76 -43.86 -28.78 2.71
N PHE Z 77 -44.93 -28.93 1.93
CA PHE Z 77 -45.86 -30.03 2.09
C PHE Z 77 -45.93 -30.74 0.73
N LEU Z 78 -45.22 -31.85 0.59
CA LEU Z 78 -45.10 -32.52 -0.68
C LEU Z 78 -46.34 -33.35 -1.00
N GLN Z 79 -46.39 -33.82 -2.24
CA GLN Z 79 -47.48 -34.68 -2.70
C GLN Z 79 -46.91 -35.79 -3.57
N ASP Z 80 -47.79 -36.68 -4.00
CA ASP Z 80 -47.43 -37.66 -5.00
C ASP Z 80 -47.21 -36.98 -6.33
N ILE Z 81 -46.30 -37.52 -7.13
CA ILE Z 81 -46.06 -37.04 -8.48
C ILE Z 81 -46.75 -38.00 -9.43
N LYS Z 82 -47.58 -37.46 -10.31
CA LYS Z 82 -48.31 -38.30 -11.24
C LYS Z 82 -47.40 -38.75 -12.36
N LYS Z 83 -47.69 -39.94 -12.90
CA LYS Z 83 -47.03 -40.38 -14.12
C LYS Z 83 -47.49 -39.51 -15.28
N PRO Z 84 -46.72 -39.43 -16.35
CA PRO Z 84 -47.19 -38.72 -17.54
C PRO Z 84 -48.37 -39.42 -18.21
N ASP Z 85 -49.03 -38.73 -19.14
CA ASP Z 85 -50.21 -39.30 -19.78
C ASP Z 85 -49.86 -40.47 -20.70
N CYS Z 86 -48.94 -40.27 -21.63
CA CYS Z 86 -48.53 -41.35 -22.52
C CYS Z 86 -47.02 -41.33 -22.67
N ASP Z 87 -46.49 -42.45 -23.16
CA ASP Z 87 -45.08 -42.56 -23.52
C ASP Z 87 -44.91 -42.73 -25.03
N ASP Z 88 -45.93 -43.25 -25.69
CA ASP Z 88 -45.95 -43.36 -27.14
C ASP Z 88 -46.15 -41.97 -27.74
N TRP Z 89 -45.05 -41.29 -28.06
CA TRP Z 89 -45.15 -39.97 -28.65
C TRP Z 89 -45.12 -40.02 -30.18
N GLU Z 90 -44.73 -41.17 -30.75
CA GLU Z 90 -45.04 -41.62 -32.12
C GLU Z 90 -44.26 -40.87 -33.21
N SER Z 91 -43.57 -39.79 -32.85
CA SER Z 91 -42.84 -38.97 -33.82
C SER Z 91 -41.87 -38.10 -33.05
N GLY Z 92 -41.33 -37.10 -33.74
CA GLY Z 92 -40.57 -36.07 -33.07
C GLY Z 92 -41.40 -34.82 -32.86
N LEU Z 93 -42.37 -34.60 -33.75
CA LEU Z 93 -43.15 -33.37 -33.73
C LEU Z 93 -44.19 -33.39 -32.61
N ASN Z 94 -44.79 -34.56 -32.35
CA ASN Z 94 -45.87 -34.65 -31.38
C ASN Z 94 -45.36 -34.42 -29.96
N ALA Z 95 -44.12 -34.85 -29.69
CA ALA Z 95 -43.53 -34.61 -28.39
C ALA Z 95 -43.21 -33.14 -28.19
N MET Z 96 -42.77 -32.45 -29.25
CA MET Z 96 -42.57 -31.01 -29.19
C MET Z 96 -43.88 -30.27 -28.93
N GLU Z 97 -44.97 -30.74 -29.54
CA GLU Z 97 -46.27 -30.09 -29.31
C GLU Z 97 -46.77 -30.33 -27.88
N CYS Z 98 -46.58 -31.54 -27.36
CA CYS Z 98 -47.00 -31.79 -25.98
C CYS Z 98 -46.12 -31.07 -24.97
N ALA Z 99 -44.84 -30.85 -25.30
CA ALA Z 99 -44.00 -30.04 -24.42
C ALA Z 99 -44.43 -28.59 -24.43
N LEU Z 100 -44.80 -28.06 -25.60
CA LEU Z 100 -45.37 -26.73 -25.71
C LEU Z 100 -46.64 -26.60 -24.86
N HIS Z 101 -47.50 -27.62 -24.90
CA HIS Z 101 -48.74 -27.59 -24.14
C HIS Z 101 -48.47 -27.64 -22.63
N LEU Z 102 -47.44 -28.40 -22.22
CA LEU Z 102 -47.05 -28.45 -20.82
C LEU Z 102 -46.53 -27.10 -20.33
N GLU Z 103 -45.71 -26.44 -21.14
CA GLU Z 103 -45.20 -25.12 -20.74
C GLU Z 103 -46.29 -24.07 -20.68
N LYS Z 104 -47.29 -24.16 -21.57
CA LYS Z 104 -48.38 -23.20 -21.49
C LYS Z 104 -49.29 -23.47 -20.28
N ASN Z 105 -49.45 -24.73 -19.88
CA ASN Z 105 -50.16 -25.02 -18.64
C ASN Z 105 -49.44 -24.44 -17.43
N VAL Z 106 -48.11 -24.56 -17.40
CA VAL Z 106 -47.34 -23.99 -16.30
C VAL Z 106 -47.45 -22.47 -16.29
N ASN Z 107 -47.49 -21.85 -17.48
CA ASN Z 107 -47.63 -20.40 -17.56
C ASN Z 107 -49.00 -19.94 -17.05
N GLN Z 108 -50.07 -20.68 -17.39
CA GLN Z 108 -51.40 -20.35 -16.89
C GLN Z 108 -51.48 -20.48 -15.38
N SER Z 109 -50.85 -21.52 -14.83
CA SER Z 109 -50.85 -21.70 -13.39
C SER Z 109 -50.08 -20.59 -12.68
N LEU Z 110 -48.98 -20.13 -13.28
CA LEU Z 110 -48.26 -18.99 -12.69
C LEU Z 110 -49.05 -17.70 -12.78
N LEU Z 111 -49.83 -17.50 -13.84
CA LEU Z 111 -50.62 -16.28 -13.91
C LEU Z 111 -51.75 -16.28 -12.89
N GLU Z 112 -52.35 -17.44 -12.64
CA GLU Z 112 -53.35 -17.52 -11.57
C GLU Z 112 -52.72 -17.32 -10.20
N LEU Z 113 -51.49 -17.79 -10.02
CA LEU Z 113 -50.81 -17.57 -8.74
C LEU Z 113 -50.41 -16.11 -8.58
N HIS Z 114 -50.11 -15.41 -9.66
CA HIS Z 114 -49.85 -13.98 -9.57
C HIS Z 114 -51.11 -13.19 -9.27
N LYS Z 115 -52.25 -13.65 -9.80
CA LYS Z 115 -53.54 -13.11 -9.38
C LYS Z 115 -53.77 -13.25 -7.88
N LEU Z 116 -53.46 -14.43 -7.33
CA LEU Z 116 -53.63 -14.65 -5.91
C LEU Z 116 -52.66 -13.83 -5.08
N ALA Z 117 -51.43 -13.64 -5.56
CA ALA Z 117 -50.47 -12.85 -4.80
C ALA Z 117 -50.69 -11.35 -4.99
N THR Z 118 -51.51 -10.95 -5.96
CA THR Z 118 -51.96 -9.56 -6.00
C THR Z 118 -53.13 -9.36 -5.06
N ASP Z 119 -54.00 -10.38 -4.93
CA ASP Z 119 -55.19 -10.24 -4.10
C ASP Z 119 -54.88 -10.18 -2.61
N LYS Z 120 -53.74 -10.67 -2.17
CA LYS Z 120 -53.47 -10.77 -0.74
C LYS Z 120 -52.39 -9.81 -0.26
N ASN Z 121 -51.98 -8.86 -1.11
CA ASN Z 121 -51.02 -7.80 -0.79
C ASN Z 121 -49.68 -8.36 -0.31
N ASP Z 122 -49.02 -9.09 -1.20
CA ASP Z 122 -47.68 -9.61 -0.97
C ASP Z 122 -46.78 -9.06 -2.05
N PRO Z 123 -46.14 -7.91 -1.84
CA PRO Z 123 -45.25 -7.37 -2.87
C PRO Z 123 -43.99 -8.18 -3.05
N HIS Z 124 -43.53 -8.88 -2.02
CA HIS Z 124 -42.35 -9.73 -2.15
C HIS Z 124 -42.59 -10.87 -3.13
N LEU Z 125 -43.76 -11.52 -3.05
CA LEU Z 125 -44.01 -12.62 -3.97
C LEU Z 125 -44.28 -12.12 -5.38
N CYS Z 126 -44.90 -10.94 -5.51
CA CYS Z 126 -45.06 -10.31 -6.81
C CYS Z 126 -43.71 -10.02 -7.44
N ASP Z 127 -42.76 -9.53 -6.64
CA ASP Z 127 -41.41 -9.29 -7.14
C ASP Z 127 -40.69 -10.58 -7.49
N PHE Z 128 -40.92 -11.65 -6.73
CA PHE Z 128 -40.25 -12.91 -7.02
C PHE Z 128 -40.74 -13.51 -8.34
N ILE Z 129 -42.04 -13.41 -8.60
CA ILE Z 129 -42.59 -13.93 -9.86
C ILE Z 129 -42.17 -13.04 -11.03
N GLU Z 130 -42.17 -11.71 -10.83
CA GLU Z 130 -41.67 -10.80 -11.84
C GLU Z 130 -40.19 -11.03 -12.15
N THR Z 131 -39.41 -11.42 -11.16
CA THR Z 131 -37.98 -11.57 -11.35
C THR Z 131 -37.63 -12.87 -12.05
N HIS Z 132 -38.12 -14.00 -11.52
CA HIS Z 132 -37.49 -15.26 -11.87
C HIS Z 132 -38.23 -16.06 -12.93
N TYR Z 133 -39.56 -16.03 -12.98
CA TYR Z 133 -40.26 -17.09 -13.70
C TYR Z 133 -40.88 -16.70 -15.02
N LEU Z 134 -41.50 -15.52 -15.12
CA LEU Z 134 -42.32 -15.19 -16.30
C LEU Z 134 -41.47 -15.04 -17.55
N ASN Z 135 -40.32 -14.34 -17.43
CA ASN Z 135 -39.47 -14.05 -18.57
C ASN Z 135 -38.92 -15.32 -19.20
N GLU Z 136 -38.44 -16.25 -18.37
CA GLU Z 136 -37.83 -17.45 -18.93
C GLU Z 136 -38.89 -18.41 -19.45
N GLN Z 137 -40.11 -18.35 -18.91
CA GLN Z 137 -41.22 -19.09 -19.50
C GLN Z 137 -41.56 -18.55 -20.89
N VAL Z 138 -41.57 -17.23 -21.05
CA VAL Z 138 -41.87 -16.65 -22.36
C VAL Z 138 -40.78 -16.99 -23.37
N LYS Z 139 -39.51 -16.96 -22.93
CA LYS Z 139 -38.42 -17.33 -23.84
C LYS Z 139 -38.47 -18.80 -24.22
N ALA Z 140 -38.84 -19.68 -23.28
CA ALA Z 140 -38.95 -21.10 -23.60
C ALA Z 140 -40.12 -21.38 -24.52
N ILE Z 141 -41.23 -20.67 -24.35
CA ILE Z 141 -42.38 -20.88 -25.23
C ILE Z 141 -42.08 -20.37 -26.63
N LYS Z 142 -41.36 -19.25 -26.75
CA LYS Z 142 -40.95 -18.75 -28.06
C LYS Z 142 -40.00 -19.72 -28.74
N GLU Z 143 -39.07 -20.31 -27.97
CA GLU Z 143 -38.17 -21.32 -28.52
C GLU Z 143 -38.92 -22.56 -29.03
N LEU Z 144 -39.85 -23.08 -28.22
CA LEU Z 144 -40.57 -24.27 -28.65
C LEU Z 144 -41.50 -23.99 -29.82
N GLY Z 145 -42.03 -22.77 -29.91
CA GLY Z 145 -42.82 -22.40 -31.08
C GLY Z 145 -41.98 -22.32 -32.34
N ASP Z 146 -40.75 -21.83 -32.20
CA ASP Z 146 -39.80 -21.85 -33.33
C ASP Z 146 -39.50 -23.28 -33.77
N HIS Z 147 -39.32 -24.20 -32.83
CA HIS Z 147 -38.98 -25.56 -33.22
C HIS Z 147 -40.17 -26.27 -33.86
N VAL Z 148 -41.37 -26.06 -33.32
CA VAL Z 148 -42.59 -26.63 -33.92
C VAL Z 148 -42.79 -26.09 -35.33
N THR Z 149 -42.54 -24.79 -35.53
CA THR Z 149 -42.70 -24.20 -36.86
C THR Z 149 -41.69 -24.77 -37.85
N ASN Z 150 -40.45 -24.95 -37.42
CA ASN Z 150 -39.42 -25.51 -38.29
C ASN Z 150 -39.74 -26.95 -38.67
N LEU Z 151 -40.18 -27.77 -37.71
CA LEU Z 151 -40.50 -29.15 -38.07
C LEU Z 151 -41.77 -29.26 -38.88
N ARG Z 152 -42.70 -28.31 -38.75
CA ARG Z 152 -43.89 -28.38 -39.59
C ARG Z 152 -43.60 -27.95 -41.02
N LYS Z 153 -42.69 -26.99 -41.21
CA LYS Z 153 -42.30 -26.66 -42.58
C LYS Z 153 -41.49 -27.77 -43.21
N MET Z 154 -40.57 -28.38 -42.44
CA MET Z 154 -39.65 -29.34 -43.02
C MET Z 154 -40.28 -30.68 -43.38
N GLY Z 155 -41.49 -30.96 -42.94
CA GLY Z 155 -42.24 -32.10 -43.45
C GLY Z 155 -42.56 -33.21 -42.47
N ALA Z 156 -42.21 -33.09 -41.19
CA ALA Z 156 -42.54 -34.11 -40.22
C ALA Z 156 -44.05 -34.08 -39.95
N PRO Z 157 -44.67 -35.24 -39.67
CA PRO Z 157 -44.18 -36.61 -39.47
C PRO Z 157 -43.93 -37.45 -40.73
N GLU Z 158 -44.29 -36.93 -41.90
CA GLU Z 158 -44.26 -37.73 -43.13
C GLU Z 158 -42.87 -37.98 -43.67
N SER Z 159 -41.82 -37.44 -43.06
CA SER Z 159 -40.47 -37.66 -43.52
C SER Z 159 -39.52 -37.56 -42.34
N GLY Z 160 -38.81 -38.65 -42.05
CA GLY Z 160 -37.84 -38.62 -40.98
C GLY Z 160 -36.58 -37.85 -41.28
N LEU Z 161 -36.34 -37.55 -42.57
CA LEU Z 161 -35.17 -36.78 -42.98
C LEU Z 161 -35.21 -35.38 -42.38
N ALA Z 162 -36.42 -34.83 -42.23
CA ALA Z 162 -36.61 -33.56 -41.55
C ALA Z 162 -36.16 -33.65 -40.09
N GLU Z 163 -36.59 -34.70 -39.39
CA GLU Z 163 -36.19 -34.90 -38.00
C GLU Z 163 -34.69 -35.10 -37.86
N TYR Z 164 -34.06 -35.76 -38.84
CA TYR Z 164 -32.63 -36.00 -38.76
C TYR Z 164 -31.83 -34.72 -38.97
N LEU Z 165 -32.20 -33.93 -39.99
CA LEU Z 165 -31.47 -32.70 -40.24
C LEU Z 165 -31.79 -31.64 -39.20
N PHE Z 166 -32.92 -31.76 -38.52
CA PHE Z 166 -33.17 -30.90 -37.36
C PHE Z 166 -32.43 -31.42 -36.14
N ASP Z 167 -32.17 -32.72 -36.09
CA ASP Z 167 -31.42 -33.31 -34.99
C ASP Z 167 -29.96 -32.88 -35.03
N LYS Z 168 -29.40 -32.77 -36.23
CA LYS Z 168 -27.98 -32.43 -36.33
C LYS Z 168 -27.74 -30.93 -36.22
N HIS Z 169 -28.41 -30.12 -37.03
CA HIS Z 169 -28.04 -28.72 -37.15
C HIS Z 169 -28.56 -27.85 -36.00
N THR Z 170 -29.86 -27.87 -35.75
CA THR Z 170 -30.44 -26.90 -34.84
C THR Z 170 -30.12 -27.25 -33.38
N LEU Z 171 -30.28 -28.52 -33.01
CA LEU Z 171 -30.06 -28.92 -31.62
C LEU Z 171 -28.72 -29.59 -31.40
N GLY Z 172 -27.70 -29.23 -32.15
CA GLY Z 172 -26.39 -29.81 -31.99
C GLY Z 172 -25.66 -29.36 -30.73
#